data_3E76
#
_entry.id   3E76
#
_cell.length_a   135.676
_cell.length_b   260.954
_cell.length_c   287.872
_cell.angle_alpha   90.00
_cell.angle_beta   90.00
_cell.angle_gamma   90.00
#
_symmetry.space_group_name_H-M   'P 21 21 21'
#
loop_
_entity.id
_entity.type
_entity.pdbx_description
1 polymer '60 kDa chaperonin'
2 non-polymer 'PHOSPHOTHIOPHOSPHORIC ACID-ADENYLATE ESTER'
3 non-polymer 'THALLIUM (I) ION'
4 non-polymer 'MAGNESIUM ION'
#
_entity_poly.entity_id   1
_entity_poly.type   'polypeptide(L)'
_entity_poly.pdbx_seq_one_letter_code
;AAKDVKFGNDARVKMLRGVNVLADAVKVTLGPKGRNVVLDKSFGAPTITKDGVSVAREIELEDKFENMGAQMVKEVASKA
NDAAGDGTTTATVLAQAIITEGLKAVAAGMNPMDLKRGIDKAVTAAVEELKALSVPCSDSKAIAQVGTISANSDETVGKL
IAEAMDKVGKEGVITVEDGTGLQDELDVVEGMQFDRGYLSPYFINKPETGAVELESPFILLADKKISNIREMLPVLEAVA
KAGKPLLIIAEDVEGEALATLVVNTMRGIVKVAAVKAPGFGDRRKAMLQDIATLTGGTVISEEIGMELEKATLEDLGQAK
RVVINKDTTTIIDGVGEEAAIQGRVAQIRQQIEEATSDYDREKLQERVAKLAGGVAVIKVGAATEVEMKEKKARVEDALH
ATRAAVEEGVVAGGGVALIRVASKLADLRGQNEDQNVGIKVALRAMEAPLRQIVLNCGEEPSVVANTVKGGDGNYGYNAA
TEEYGNMIDMGILDPTKVTRSALQYAASVAGLMITTECMVTDLPKNDAADLGAAGGMGGMGGMGGMM
;
_entity_poly.pdbx_strand_id   A,B,C,D,E,F,G,H,I,J,K,L,M,N
#
loop_
_chem_comp.id
_chem_comp.type
_chem_comp.name
_chem_comp.formula
AGS non-polymer 'PHOSPHOTHIOPHOSPHORIC ACID-ADENYLATE ESTER' 'C10 H16 N5 O12 P3 S'
MG non-polymer 'MAGNESIUM ION' 'Mg 2'
TL non-polymer 'THALLIUM (I) ION' 'Tl 1'
#
# COMPACT_ATOMS: atom_id res chain seq x y z
N ALA A 1 -22.77 18.54 20.47
CA ALA A 1 -21.59 17.62 20.40
C ALA A 1 -22.02 16.18 20.17
N ALA A 2 -21.42 15.55 19.16
CA ALA A 2 -21.69 14.16 18.83
C ALA A 2 -21.22 13.24 19.95
N LYS A 3 -22.02 12.23 20.26
CA LYS A 3 -21.77 11.34 21.40
C LYS A 3 -21.60 9.87 20.99
N ASP A 4 -20.86 9.14 21.82
CA ASP A 4 -20.63 7.71 21.63
C ASP A 4 -21.35 6.99 22.76
N VAL A 5 -22.10 5.94 22.43
CA VAL A 5 -22.89 5.21 23.41
C VAL A 5 -22.61 3.72 23.39
N LYS A 6 -22.24 3.17 24.54
CA LYS A 6 -22.00 1.74 24.69
C LYS A 6 -22.93 1.12 25.72
N PHE A 7 -23.37 -0.11 25.43
CA PHE A 7 -24.35 -0.78 26.26
C PHE A 7 -23.84 -2.07 26.89
N GLY A 8 -24.35 -2.34 28.08
CA GLY A 8 -24.20 -3.63 28.74
C GLY A 8 -22.78 -4.10 28.95
N ASN A 9 -22.54 -5.35 28.58
CA ASN A 9 -21.26 -6.03 28.83
C ASN A 9 -20.11 -5.28 28.19
N ASP A 10 -20.33 -4.81 26.96
CA ASP A 10 -19.38 -3.97 26.23
C ASP A 10 -19.02 -2.71 27.01
N ALA A 11 -20.01 -2.12 27.68
CA ALA A 11 -19.83 -0.88 28.42
C ALA A 11 -19.09 -1.09 29.73
N ARG A 12 -19.35 -2.23 30.37
CA ARG A 12 -18.76 -2.50 31.68
C ARG A 12 -17.28 -2.84 31.61
N VAL A 13 -16.90 -3.64 30.62
CA VAL A 13 -15.51 -4.09 30.48
C VAL A 13 -14.57 -2.90 30.33
N LYS A 14 -15.11 -1.80 29.82
CA LYS A 14 -14.35 -0.56 29.66
C LYS A 14 -14.19 0.14 31.00
N MET A 15 -15.16 -0.02 31.89
CA MET A 15 -15.04 0.52 33.24
C MET A 15 -14.01 -0.27 34.04
N LEU A 16 -14.13 -1.59 34.02
CA LEU A 16 -13.23 -2.47 34.75
C LEU A 16 -11.78 -2.22 34.32
N ARG A 17 -11.56 -2.19 33.01
CA ARG A 17 -10.27 -1.87 32.42
C ARG A 17 -9.78 -0.50 32.92
N GLY A 18 -10.71 0.44 33.05
CA GLY A 18 -10.42 1.79 33.51
C GLY A 18 -10.08 1.88 34.98
N VAL A 19 -10.86 1.21 35.82
CA VAL A 19 -10.58 1.21 37.26
C VAL A 19 -9.31 0.43 37.60
N ASN A 20 -9.05 -0.63 36.84
CA ASN A 20 -7.86 -1.46 37.05
C ASN A 20 -6.57 -0.69 36.85
N VAL A 21 -6.59 0.31 35.97
CA VAL A 21 -5.42 1.18 35.80
C VAL A 21 -5.21 2.04 37.04
N LEU A 22 -6.25 2.76 37.47
CA LEU A 22 -6.15 3.59 38.66
C LEU A 22 -5.83 2.77 39.91
N ALA A 23 -6.46 1.60 40.04
CA ALA A 23 -6.24 0.76 41.21
C ALA A 23 -4.81 0.25 41.28
N ASP A 24 -4.34 -0.35 40.19
CA ASP A 24 -3.01 -0.94 40.14
C ASP A 24 -1.91 0.11 40.32
N ALA A 25 -2.20 1.35 39.96
CA ALA A 25 -1.27 2.44 40.12
C ALA A 25 -1.20 2.90 41.57
N VAL A 26 -2.27 2.62 42.32
CA VAL A 26 -2.36 3.08 43.69
C VAL A 26 -2.05 1.96 44.68
N LYS A 27 -2.57 0.76 44.40
CA LYS A 27 -2.42 -0.38 45.32
C LYS A 27 -0.95 -0.78 45.59
N VAL A 28 -0.04 -0.31 44.74
CA VAL A 28 1.39 -0.63 44.90
C VAL A 28 2.03 0.18 46.03
N THR A 29 1.33 1.22 46.47
CA THR A 29 1.85 2.11 47.48
C THR A 29 1.24 1.85 48.86
N LEU A 30 0.64 0.68 49.03
CA LEU A 30 -0.01 0.33 50.29
C LEU A 30 0.99 -0.22 51.31
N GLY A 31 0.75 0.11 52.57
CA GLY A 31 1.59 -0.41 53.65
C GLY A 31 2.91 0.31 53.79
N PRO A 32 3.79 -0.22 54.67
CA PRO A 32 5.11 0.34 54.85
C PRO A 32 6.14 -0.35 53.94
N LYS A 33 5.75 -1.50 53.40
CA LYS A 33 6.57 -2.17 52.39
C LYS A 33 6.13 -1.72 50.99
N GLY A 34 5.48 -0.56 50.93
CA GLY A 34 5.02 0.04 49.68
C GLY A 34 6.10 0.46 48.70
N ARG A 35 5.70 0.59 47.43
CA ARG A 35 6.60 0.95 46.35
C ARG A 35 6.41 2.42 45.96
N ASN A 36 7.42 2.98 45.31
CA ASN A 36 7.37 4.34 44.81
C ASN A 36 6.68 4.43 43.46
N VAL A 37 5.85 5.46 43.29
CA VAL A 37 5.25 5.77 42.00
C VAL A 37 5.79 7.12 41.54
N VAL A 38 6.34 7.16 40.32
CA VAL A 38 6.91 8.39 39.78
C VAL A 38 5.93 9.10 38.87
N LEU A 39 5.70 10.37 39.15
CA LEU A 39 4.77 11.19 38.39
C LEU A 39 5.51 12.29 37.63
N ASP A 40 5.29 12.36 36.32
CA ASP A 40 6.00 13.30 35.47
C ASP A 40 5.40 14.69 35.56
N LYS A 41 6.27 15.69 35.48
CA LYS A 41 5.90 17.09 35.37
C LYS A 41 6.59 17.70 34.15
N SER A 42 5.92 18.66 33.51
CA SER A 42 6.51 19.34 32.35
C SER A 42 7.74 20.16 32.74
N PHE A 43 7.66 20.84 33.88
CA PHE A 43 8.77 21.66 34.38
C PHE A 43 9.76 20.84 35.24
N GLY A 44 10.94 20.60 34.69
CA GLY A 44 12.06 19.98 35.40
C GLY A 44 11.88 18.53 35.86
N ALA A 45 12.31 18.27 37.10
CA ALA A 45 12.39 16.94 37.68
C ALA A 45 11.03 16.29 37.97
N PRO A 46 10.92 14.95 37.81
CA PRO A 46 9.69 14.24 38.12
C PRO A 46 9.52 14.10 39.62
N THR A 47 8.27 13.90 40.05
CA THR A 47 7.93 13.73 41.47
C THR A 47 7.86 12.24 41.81
N ILE A 48 8.66 11.84 42.78
CA ILE A 48 8.64 10.47 43.32
C ILE A 48 7.87 10.50 44.63
N THR A 49 6.76 9.76 44.70
CA THR A 49 5.92 9.78 45.90
C THR A 49 5.28 8.44 46.18
N LYS A 50 4.85 8.26 47.42
CA LYS A 50 4.11 7.07 47.85
C LYS A 50 2.66 7.41 48.19
N ASP A 51 2.37 8.72 48.24
CA ASP A 51 1.04 9.23 48.60
C ASP A 51 -0.02 8.85 47.58
N GLY A 52 -0.90 7.92 47.98
CA GLY A 52 -1.97 7.39 47.14
C GLY A 52 -2.93 8.42 46.56
N VAL A 53 -3.01 9.59 47.20
CA VAL A 53 -3.87 10.68 46.75
C VAL A 53 -3.21 11.37 45.55
N SER A 54 -1.92 11.66 45.67
CA SER A 54 -1.18 12.34 44.63
C SER A 54 -1.14 11.51 43.35
N VAL A 55 -1.05 10.19 43.52
CA VAL A 55 -1.04 9.27 42.39
C VAL A 55 -2.41 9.19 41.73
N ALA A 56 -3.45 9.06 42.56
CA ALA A 56 -4.82 8.99 42.06
C ALA A 56 -5.18 10.23 41.24
N ARG A 57 -4.87 11.41 41.79
CA ARG A 57 -5.17 12.68 41.13
C ARG A 57 -4.64 12.77 39.71
N GLU A 58 -3.49 12.15 39.46
CA GLU A 58 -2.81 12.26 38.19
C GLU A 58 -3.39 11.35 37.10
N ILE A 59 -4.06 10.28 37.50
CA ILE A 59 -4.58 9.31 36.54
C ILE A 59 -5.75 9.86 35.74
N GLU A 60 -5.63 9.78 34.41
CA GLU A 60 -6.69 10.18 33.46
C GLU A 60 -6.40 9.51 32.13
N LEU A 61 -7.26 8.58 31.73
CA LEU A 61 -6.98 7.71 30.58
C LEU A 61 -7.38 8.27 29.21
N GLU A 62 -6.84 7.66 28.16
CA GLU A 62 -7.12 8.12 26.79
C GLU A 62 -8.51 7.70 26.34
N ASP A 63 -8.79 6.40 26.41
CA ASP A 63 -10.10 5.87 26.02
C ASP A 63 -11.16 6.46 26.91
N LYS A 64 -12.05 7.25 26.32
CA LYS A 64 -13.04 8.03 27.07
C LYS A 64 -13.83 7.19 28.08
N PHE A 65 -14.21 5.99 27.67
CA PHE A 65 -14.96 5.06 28.52
C PHE A 65 -14.10 4.56 29.67
N GLU A 66 -12.86 4.16 29.35
CA GLU A 66 -11.91 3.76 30.38
C GLU A 66 -11.68 4.89 31.37
N ASN A 67 -11.52 6.10 30.84
CA ASN A 67 -11.33 7.28 31.66
C ASN A 67 -12.45 7.46 32.66
N MET A 68 -13.68 7.27 32.21
CA MET A 68 -14.85 7.37 33.06
C MET A 68 -14.76 6.42 34.26
N GLY A 69 -14.50 5.14 33.97
CA GLY A 69 -14.32 4.13 35.01
C GLY A 69 -13.32 4.61 36.05
N ALA A 70 -12.11 4.89 35.59
CA ALA A 70 -11.02 5.39 36.44
C ALA A 70 -11.45 6.63 37.24
N GLN A 71 -12.09 7.58 36.58
CA GLN A 71 -12.47 8.84 37.22
C GLN A 71 -13.59 8.65 38.22
N MET A 72 -14.32 7.53 38.11
CA MET A 72 -15.38 7.19 39.04
C MET A 72 -14.86 6.76 40.41
N VAL A 73 -13.90 5.83 40.41
CA VAL A 73 -13.29 5.34 41.65
C VAL A 73 -12.34 6.38 42.27
N LYS A 74 -11.87 7.31 41.45
CA LYS A 74 -11.03 8.41 41.90
C LYS A 74 -11.85 9.32 42.82
N GLU A 75 -13.13 9.49 42.50
CA GLU A 75 -14.08 10.31 43.27
C GLU A 75 -14.27 9.82 44.70
N VAL A 76 -13.89 8.57 44.92
CA VAL A 76 -14.06 7.93 46.21
C VAL A 76 -12.83 8.17 47.05
N ALA A 77 -11.69 7.87 46.45
CA ALA A 77 -10.40 8.11 47.07
C ALA A 77 -10.35 9.53 47.65
N SER A 78 -10.75 10.51 46.84
CA SER A 78 -10.73 11.92 47.26
C SER A 78 -11.74 12.21 48.35
N LYS A 79 -12.84 11.47 48.36
CA LYS A 79 -13.90 11.66 49.35
C LYS A 79 -13.59 10.98 50.68
N ALA A 80 -12.87 9.86 50.62
CA ALA A 80 -12.36 9.21 51.82
C ALA A 80 -11.36 10.16 52.51
N ASN A 81 -10.56 10.83 51.69
CA ASN A 81 -9.60 11.85 52.13
C ASN A 81 -10.31 13.03 52.81
N ASP A 82 -11.51 13.35 52.33
CA ASP A 82 -12.30 14.46 52.86
C ASP A 82 -12.91 14.09 54.22
N ALA A 83 -13.19 12.81 54.40
CA ALA A 83 -13.82 12.33 55.63
C ALA A 83 -12.83 12.13 56.77
N ALA A 84 -11.67 11.56 56.46
CA ALA A 84 -10.66 11.23 57.48
C ALA A 84 -9.27 11.83 57.23
N GLY A 85 -8.82 11.79 55.97
CA GLY A 85 -7.48 12.26 55.60
C GLY A 85 -6.52 11.08 55.43
N ASP A 86 -6.97 9.93 55.90
CA ASP A 86 -6.20 8.71 55.84
C ASP A 86 -7.04 7.69 55.09
N GLY A 87 -6.40 6.62 54.62
CA GLY A 87 -7.11 5.46 54.08
C GLY A 87 -7.62 5.60 52.65
N THR A 88 -6.96 6.45 51.88
CA THR A 88 -7.33 6.66 50.49
C THR A 88 -6.90 5.49 49.61
N THR A 89 -5.72 4.95 49.89
CA THR A 89 -5.22 3.77 49.20
C THR A 89 -6.03 2.55 49.61
N THR A 90 -6.36 2.47 50.91
CA THR A 90 -7.14 1.37 51.44
C THR A 90 -8.56 1.37 50.85
N ALA A 91 -9.10 2.56 50.58
CA ALA A 91 -10.40 2.66 49.94
C ALA A 91 -10.33 2.08 48.55
N THR A 92 -9.32 2.49 47.79
CA THR A 92 -9.21 2.14 46.39
C THR A 92 -8.98 0.64 46.19
N VAL A 93 -8.23 0.02 47.10
CA VAL A 93 -7.96 -1.42 46.98
C VAL A 93 -9.21 -2.21 47.25
N LEU A 94 -10.08 -1.67 48.11
CA LEU A 94 -11.37 -2.26 48.42
C LEU A 94 -12.31 -2.13 47.22
N ALA A 95 -12.47 -0.90 46.74
CA ALA A 95 -13.35 -0.60 45.62
C ALA A 95 -13.07 -1.54 44.46
N GLN A 96 -11.80 -1.73 44.13
CA GLN A 96 -11.41 -2.61 43.03
C GLN A 96 -11.91 -4.01 43.28
N ALA A 97 -11.68 -4.50 44.50
CA ALA A 97 -12.01 -5.88 44.88
C ALA A 97 -13.51 -6.17 44.88
N ILE A 98 -14.32 -5.15 45.14
CA ILE A 98 -15.77 -5.28 45.06
C ILE A 98 -16.20 -5.24 43.59
N ILE A 99 -15.62 -4.33 42.81
CA ILE A 99 -15.99 -4.17 41.41
C ILE A 99 -15.60 -5.41 40.59
N THR A 100 -14.35 -5.84 40.75
CA THR A 100 -13.84 -6.95 39.94
C THR A 100 -14.66 -8.21 40.18
N GLU A 101 -14.93 -8.50 41.44
CA GLU A 101 -15.69 -9.69 41.82
C GLU A 101 -17.18 -9.50 41.56
N GLY A 102 -17.64 -8.25 41.67
CA GLY A 102 -19.03 -7.90 41.43
C GLY A 102 -19.40 -8.11 40.00
N LEU A 103 -18.63 -7.49 39.10
CA LEU A 103 -18.87 -7.60 37.67
C LEU A 103 -18.80 -9.05 37.17
N LYS A 104 -17.95 -9.85 37.80
CA LYS A 104 -17.85 -11.28 37.49
C LYS A 104 -19.20 -11.96 37.65
N ALA A 105 -19.93 -11.58 38.70
CA ALA A 105 -21.25 -12.12 39.00
C ALA A 105 -22.29 -11.62 38.00
N VAL A 106 -22.17 -10.35 37.61
CA VAL A 106 -23.11 -9.75 36.67
C VAL A 106 -22.98 -10.44 35.33
N ALA A 107 -21.73 -10.69 34.93
CA ALA A 107 -21.43 -11.38 33.68
C ALA A 107 -21.83 -12.85 33.70
N ALA A 108 -21.86 -13.42 34.91
CA ALA A 108 -22.33 -14.79 35.09
C ALA A 108 -23.85 -14.88 34.90
N GLY A 109 -24.52 -13.75 35.08
CA GLY A 109 -25.95 -13.65 34.83
C GLY A 109 -26.76 -13.46 36.11
N MET A 110 -26.31 -12.55 36.97
CA MET A 110 -27.00 -12.28 38.23
C MET A 110 -27.48 -10.85 38.28
N ASN A 111 -28.53 -10.62 39.06
CA ASN A 111 -29.19 -9.32 39.12
C ASN A 111 -28.33 -8.29 39.82
N PRO A 112 -27.93 -7.22 39.11
CA PRO A 112 -27.08 -6.18 39.69
C PRO A 112 -27.74 -5.50 40.88
N MET A 113 -29.03 -5.23 40.78
CA MET A 113 -29.75 -4.59 41.88
C MET A 113 -29.78 -5.45 43.16
N ASP A 114 -29.81 -6.77 43.00
CA ASP A 114 -29.73 -7.69 44.13
C ASP A 114 -28.30 -7.79 44.65
N LEU A 115 -27.32 -7.61 43.76
CA LEU A 115 -25.92 -7.65 44.13
C LEU A 115 -25.53 -6.41 44.93
N LYS A 116 -26.11 -5.27 44.57
CA LYS A 116 -25.86 -4.03 45.29
C LYS A 116 -26.39 -4.13 46.71
N ARG A 117 -27.64 -4.55 46.85
CA ARG A 117 -28.29 -4.69 48.15
C ARG A 117 -27.58 -5.69 49.06
N GLY A 118 -27.00 -6.74 48.46
CA GLY A 118 -26.20 -7.72 49.18
C GLY A 118 -24.93 -7.12 49.76
N ILE A 119 -24.27 -6.31 48.95
CA ILE A 119 -23.07 -5.61 49.37
C ILE A 119 -23.37 -4.62 50.48
N ASP A 120 -24.37 -3.76 50.26
CA ASP A 120 -24.70 -2.71 51.22
C ASP A 120 -25.15 -3.23 52.58
N LYS A 121 -25.85 -4.38 52.57
CA LYS A 121 -26.27 -5.02 53.82
C LYS A 121 -25.07 -5.60 54.53
N ALA A 122 -24.15 -6.19 53.76
CA ALA A 122 -22.91 -6.72 54.31
C ALA A 122 -22.06 -5.60 54.90
N VAL A 123 -22.12 -4.44 54.27
CA VAL A 123 -21.37 -3.28 54.73
C VAL A 123 -21.98 -2.67 56.00
N THR A 124 -23.30 -2.48 56.01
CA THR A 124 -24.01 -1.92 57.18
C THR A 124 -23.78 -2.82 58.40
N ALA A 125 -23.67 -4.11 58.17
CA ALA A 125 -23.36 -5.09 59.21
C ALA A 125 -21.89 -5.03 59.62
N ALA A 126 -21.02 -4.72 58.66
CA ALA A 126 -19.58 -4.64 58.91
C ALA A 126 -19.24 -3.40 59.72
N VAL A 127 -19.90 -2.30 59.44
CA VAL A 127 -19.73 -1.07 60.20
C VAL A 127 -20.21 -1.29 61.64
N GLU A 128 -21.28 -2.06 61.78
CA GLU A 128 -21.84 -2.38 63.09
C GLU A 128 -20.91 -3.30 63.89
N GLU A 129 -20.30 -4.26 63.19
CA GLU A 129 -19.34 -5.19 63.79
C GLU A 129 -18.03 -4.49 64.13
N LEU A 130 -17.70 -3.47 63.33
CA LEU A 130 -16.46 -2.71 63.50
C LEU A 130 -16.51 -1.89 64.79
N LYS A 131 -17.68 -1.32 65.10
CA LYS A 131 -17.86 -0.52 66.30
C LYS A 131 -17.63 -1.35 67.55
N ALA A 132 -17.95 -2.65 67.46
CA ALA A 132 -17.74 -3.59 68.57
C ALA A 132 -16.27 -3.96 68.75
N LEU A 133 -15.51 -3.96 67.65
CA LEU A 133 -14.10 -4.30 67.66
C LEU A 133 -13.21 -3.10 68.04
N SER A 134 -13.80 -1.92 68.03
CA SER A 134 -13.10 -0.68 68.32
C SER A 134 -12.70 -0.55 69.81
N VAL A 135 -11.48 -0.09 70.05
CA VAL A 135 -11.00 0.19 71.40
C VAL A 135 -10.92 1.70 71.59
N PRO A 136 -11.81 2.28 72.40
CA PRO A 136 -11.93 3.74 72.52
C PRO A 136 -10.74 4.39 73.16
N CYS A 137 -10.52 5.67 72.83
CA CYS A 137 -9.51 6.49 73.48
C CYS A 137 -10.20 7.59 74.28
N SER A 138 -10.29 7.38 75.59
CA SER A 138 -11.00 8.29 76.47
C SER A 138 -10.06 9.23 77.23
N ASP A 139 -9.23 8.66 78.11
CA ASP A 139 -8.30 9.43 78.95
C ASP A 139 -7.13 10.00 78.14
N SER A 140 -6.57 11.11 78.61
CA SER A 140 -5.50 11.82 77.89
C SER A 140 -4.14 11.11 77.90
N LYS A 141 -4.09 9.93 78.54
CA LYS A 141 -2.88 9.10 78.58
C LYS A 141 -2.82 8.18 77.37
N ALA A 142 -3.98 7.64 76.99
CA ALA A 142 -4.11 6.79 75.81
C ALA A 142 -4.20 7.61 74.53
N ILE A 143 -4.59 8.88 74.67
CA ILE A 143 -4.61 9.82 73.56
C ILE A 143 -3.18 10.15 73.13
N ALA A 144 -2.28 10.22 74.11
CA ALA A 144 -0.86 10.50 73.87
C ALA A 144 -0.17 9.38 73.09
N GLN A 145 -0.63 8.15 73.31
CA GLN A 145 -0.07 6.98 72.64
C GLN A 145 -0.34 6.99 71.13
N VAL A 146 -1.51 7.50 70.72
CA VAL A 146 -1.90 7.54 69.31
C VAL A 146 -1.11 8.60 68.54
N GLY A 147 -0.93 9.77 69.16
CA GLY A 147 -0.14 10.84 68.57
C GLY A 147 1.34 10.55 68.47
N THR A 148 1.83 9.62 69.30
CA THR A 148 3.24 9.25 69.31
C THR A 148 3.60 8.33 68.14
N ILE A 149 2.80 7.27 67.94
CA ILE A 149 3.11 6.26 66.91
C ILE A 149 2.78 6.76 65.50
N SER A 150 1.85 7.71 65.40
CA SER A 150 1.47 8.32 64.14
C SER A 150 2.53 9.28 63.61
N ALA A 151 3.36 9.80 64.52
CA ALA A 151 4.43 10.71 64.17
C ALA A 151 5.81 10.04 64.23
N ASN A 152 5.85 8.76 63.88
CA ASN A 152 7.07 7.96 63.85
C ASN A 152 7.83 7.92 65.19
N SER A 153 7.15 7.37 66.21
CA SER A 153 7.72 7.17 67.56
C SER A 153 8.27 8.44 68.24
N ASP A 154 7.67 9.59 67.96
CA ASP A 154 8.09 10.86 68.53
C ASP A 154 7.19 11.23 69.71
N GLU A 155 7.78 11.26 70.90
CA GLU A 155 7.04 11.52 72.13
C GLU A 155 6.71 13.00 72.35
N THR A 156 7.48 13.88 71.73
CA THR A 156 7.29 15.32 71.86
C THR A 156 5.99 15.75 71.17
N VAL A 157 5.65 15.06 70.08
CA VAL A 157 4.44 15.34 69.32
C VAL A 157 3.18 14.98 70.11
N GLY A 158 3.17 13.76 70.65
CA GLY A 158 2.03 13.25 71.43
C GLY A 158 1.76 14.00 72.72
N LYS A 159 2.81 14.57 73.31
CA LYS A 159 2.70 15.36 74.54
C LYS A 159 1.98 16.69 74.28
N LEU A 160 2.24 17.30 73.12
CA LEU A 160 1.63 18.58 72.74
C LEU A 160 0.14 18.46 72.47
N ILE A 161 -0.25 17.39 71.77
CA ILE A 161 -1.65 17.15 71.44
C ILE A 161 -2.47 16.95 72.71
N ALA A 162 -1.95 16.13 73.61
CA ALA A 162 -2.62 15.84 74.88
C ALA A 162 -2.82 17.12 75.70
N GLU A 163 -1.82 18.01 75.68
CA GLU A 163 -1.90 19.29 76.42
C GLU A 163 -2.87 20.25 75.75
N ALA A 164 -2.98 20.14 74.43
CA ALA A 164 -3.90 20.98 73.65
C ALA A 164 -5.34 20.54 73.86
N MET A 165 -5.55 19.24 73.94
CA MET A 165 -6.89 18.69 74.16
C MET A 165 -7.34 18.84 75.61
N ASP A 166 -6.40 19.07 76.51
CA ASP A 166 -6.71 19.28 77.92
C ASP A 166 -7.14 20.72 78.18
N LYS A 167 -6.91 21.59 77.20
CA LYS A 167 -7.25 23.01 77.32
C LYS A 167 -8.61 23.35 76.72
N VAL A 168 -8.85 22.93 75.47
CA VAL A 168 -10.09 23.25 74.76
C VAL A 168 -11.11 22.12 74.77
N GLY A 169 -10.67 20.93 75.12
CA GLY A 169 -11.55 19.76 75.20
C GLY A 169 -11.43 18.87 73.99
N LYS A 170 -12.24 17.81 73.98
CA LYS A 170 -12.22 16.83 72.89
C LYS A 170 -12.96 17.36 71.66
N GLU A 171 -13.92 18.25 71.91
CA GLU A 171 -14.70 18.89 70.86
C GLU A 171 -14.05 20.20 70.39
N GLY A 172 -13.08 20.67 71.17
CA GLY A 172 -12.43 21.96 70.94
C GLY A 172 -11.65 22.05 69.64
N VAL A 173 -11.32 23.28 69.24
CA VAL A 173 -10.62 23.54 67.97
C VAL A 173 -9.11 23.66 68.18
N ILE A 174 -8.34 22.84 67.47
CA ILE A 174 -6.87 22.84 67.59
C ILE A 174 -6.21 23.11 66.24
N THR A 175 -5.31 24.09 66.22
CA THR A 175 -4.61 24.47 64.98
C THR A 175 -3.10 24.56 65.18
N VAL A 176 -2.36 24.23 64.12
CA VAL A 176 -0.91 24.28 64.13
C VAL A 176 -0.39 25.34 63.15
N GLU A 177 0.56 26.14 63.62
CA GLU A 177 1.25 27.12 62.79
C GLU A 177 2.75 27.15 63.06
N ASP A 178 3.48 27.92 62.25
CA ASP A 178 4.94 28.04 62.36
C ASP A 178 5.39 28.58 63.72
N GLY A 179 6.51 28.07 64.21
CA GLY A 179 7.05 28.47 65.52
C GLY A 179 7.88 29.74 65.48
N THR A 180 8.09 30.32 66.66
CA THR A 180 8.83 31.58 66.79
C THR A 180 10.31 31.33 67.06
N GLY A 181 10.61 30.23 67.74
CA GLY A 181 11.99 29.95 68.14
C GLY A 181 12.28 28.49 68.39
N LEU A 182 12.81 28.19 69.58
CA LEU A 182 13.39 26.88 69.88
C LEU A 182 12.51 25.98 70.74
N GLN A 183 11.44 26.52 71.31
CA GLN A 183 10.56 25.72 72.15
C GLN A 183 9.13 25.74 71.65
N ASP A 184 8.44 24.62 71.84
CA ASP A 184 7.04 24.47 71.43
C ASP A 184 6.15 25.31 72.34
N GLU A 185 5.36 26.18 71.73
CA GLU A 185 4.48 27.09 72.47
C GLU A 185 3.01 26.69 72.32
N LEU A 186 2.21 27.02 73.33
CA LEU A 186 0.80 26.66 73.36
C LEU A 186 -0.03 27.74 74.07
N ASP A 187 -0.81 28.47 73.29
CA ASP A 187 -1.72 29.49 73.83
C ASP A 187 -3.15 29.20 73.37
N VAL A 188 -4.11 29.69 74.13
CA VAL A 188 -5.51 29.62 73.74
C VAL A 188 -5.99 31.04 73.45
N VAL A 189 -6.24 31.32 72.18
CA VAL A 189 -6.66 32.66 71.76
C VAL A 189 -8.11 32.66 71.28
N GLU A 190 -8.72 33.85 71.32
CA GLU A 190 -10.15 34.02 70.97
C GLU A 190 -10.38 33.80 69.48
N GLY A 191 -11.02 32.67 69.14
CA GLY A 191 -11.27 32.30 67.76
C GLY A 191 -12.50 31.43 67.59
N MET A 192 -12.77 31.02 66.34
CA MET A 192 -13.96 30.24 66.02
C MET A 192 -13.78 29.39 64.76
N GLN A 193 -14.46 28.26 64.70
CA GLN A 193 -14.44 27.41 63.50
C GLN A 193 -15.86 26.98 63.13
N PHE A 194 -16.22 27.14 61.86
CA PHE A 194 -17.53 26.74 61.36
C PHE A 194 -17.45 25.85 60.11
N ASP A 195 -18.59 25.27 59.74
CA ASP A 195 -18.65 24.31 58.63
C ASP A 195 -18.76 24.90 57.21
N ARG A 196 -17.90 25.89 56.89
CA ARG A 196 -17.85 26.45 55.53
C ARG A 196 -16.44 26.40 54.93
N GLY A 197 -16.38 26.37 53.60
CA GLY A 197 -15.11 26.28 52.88
C GLY A 197 -14.97 27.24 51.70
N TYR A 198 -13.86 27.13 50.98
CA TYR A 198 -13.52 28.02 49.86
C TYR A 198 -14.52 27.91 48.72
N LEU A 199 -14.90 29.06 48.17
CA LEU A 199 -15.92 29.11 47.12
C LEU A 199 -15.42 28.74 45.73
N SER A 200 -14.11 28.81 45.54
CA SER A 200 -13.45 28.19 44.39
C SER A 200 -12.03 27.84 44.80
N PRO A 201 -11.65 26.55 44.61
CA PRO A 201 -10.34 26.04 45.04
C PRO A 201 -9.19 26.90 44.53
N TYR A 202 -9.49 27.80 43.58
CA TYR A 202 -8.51 28.71 43.03
C TYR A 202 -8.02 29.75 44.06
N PHE A 203 -8.68 29.79 45.23
CA PHE A 203 -8.24 30.67 46.30
C PHE A 203 -7.03 30.10 47.05
N ILE A 204 -6.77 28.80 46.88
CA ILE A 204 -5.71 28.08 47.60
C ILE A 204 -4.29 28.62 47.38
N ASN A 205 -3.61 28.93 48.49
CA ASN A 205 -2.22 29.37 48.45
C ASN A 205 -1.24 28.45 49.21
N LYS A 206 -1.71 27.24 49.54
CA LYS A 206 -0.85 26.19 50.11
C LYS A 206 -1.19 24.84 49.46
N PRO A 207 -0.64 24.58 48.26
CA PRO A 207 -0.97 23.35 47.51
C PRO A 207 -0.62 22.06 48.26
N GLU A 208 0.39 22.13 49.12
CA GLU A 208 0.94 20.95 49.79
C GLU A 208 0.00 20.31 50.82
N THR A 209 -1.04 21.04 51.22
CA THR A 209 -2.15 20.48 52.00
C THR A 209 -3.43 20.59 51.19
N GLY A 210 -3.77 21.82 50.81
CA GLY A 210 -4.97 22.13 50.02
C GLY A 210 -5.85 23.15 50.71
N ALA A 211 -5.30 24.35 50.94
CA ALA A 211 -5.99 25.37 51.73
C ALA A 211 -5.53 26.79 51.47
N VAL A 212 -6.47 27.73 51.61
CA VAL A 212 -6.14 29.15 51.67
C VAL A 212 -5.60 29.40 53.05
N GLU A 213 -4.66 30.34 53.16
CA GLU A 213 -4.08 30.72 54.44
C GLU A 213 -3.64 32.18 54.37
N LEU A 214 -4.28 33.03 55.18
CA LEU A 214 -3.99 34.46 55.12
C LEU A 214 -3.34 34.95 56.40
N GLU A 215 -2.19 35.60 56.29
CA GLU A 215 -1.49 36.11 57.46
C GLU A 215 -1.96 37.50 57.79
N SER A 216 -2.28 37.73 59.06
CA SER A 216 -2.93 38.95 59.56
C SER A 216 -3.90 39.61 58.56
N PRO A 217 -4.95 38.88 58.17
CA PRO A 217 -5.83 39.43 57.15
C PRO A 217 -6.88 40.38 57.73
N PHE A 218 -7.64 40.99 56.81
CA PHE A 218 -8.84 41.74 57.14
C PHE A 218 -10.07 40.89 56.77
N ILE A 219 -11.17 41.08 57.50
CA ILE A 219 -12.41 40.36 57.22
C ILE A 219 -13.56 41.32 56.91
N LEU A 220 -14.24 41.10 55.80
CA LEU A 220 -15.50 41.78 55.51
C LEU A 220 -16.66 40.90 55.91
N LEU A 221 -17.68 41.52 56.50
CA LEU A 221 -18.81 40.74 56.96
C LEU A 221 -20.10 41.31 56.39
N ALA A 222 -20.56 40.69 55.30
CA ALA A 222 -21.67 41.21 54.53
C ALA A 222 -22.88 40.29 54.61
N ASP A 223 -24.01 40.87 54.99
CA ASP A 223 -25.25 40.13 55.18
C ASP A 223 -26.14 40.23 53.95
N LYS A 224 -25.67 39.60 52.87
CA LYS A 224 -26.39 39.53 51.59
C LYS A 224 -25.67 38.59 50.63
N LYS A 225 -26.19 38.50 49.40
CA LYS A 225 -25.49 37.80 48.33
C LYS A 225 -24.83 38.83 47.42
N ILE A 226 -23.51 38.79 47.36
CA ILE A 226 -22.74 39.64 46.47
C ILE A 226 -22.73 39.00 45.09
N SER A 227 -23.18 39.74 44.08
CA SER A 227 -23.26 39.21 42.72
C SER A 227 -22.54 40.10 41.71
N ASN A 228 -22.32 41.36 42.10
CA ASN A 228 -21.58 42.33 41.28
C ASN A 228 -20.34 42.81 42.01
N ILE A 229 -19.37 43.33 41.26
CA ILE A 229 -18.17 43.90 41.87
C ILE A 229 -18.20 45.44 41.85
N ARG A 230 -19.32 45.98 41.37
CA ARG A 230 -19.58 47.42 41.41
C ARG A 230 -19.92 47.87 42.84
N GLU A 231 -20.07 46.90 43.74
CA GLU A 231 -20.38 47.16 45.16
C GLU A 231 -19.12 47.00 46.01
N MET A 232 -18.17 46.23 45.49
CA MET A 232 -16.92 45.94 46.18
C MET A 232 -15.83 46.99 45.88
N LEU A 233 -16.14 47.91 44.98
CA LEU A 233 -15.26 49.04 44.62
C LEU A 233 -14.30 49.49 45.74
N PRO A 234 -14.82 50.12 46.82
CA PRO A 234 -13.93 50.83 47.73
C PRO A 234 -13.26 49.94 48.75
N VAL A 235 -13.89 48.80 49.05
CA VAL A 235 -13.33 47.86 50.01
C VAL A 235 -12.01 47.31 49.47
N LEU A 236 -12.07 46.67 48.30
CA LEU A 236 -10.88 46.15 47.62
C LEU A 236 -9.81 47.21 47.39
N GLU A 237 -10.22 48.39 46.92
CA GLU A 237 -9.29 49.50 46.62
C GLU A 237 -8.75 50.19 47.88
N ALA A 238 -9.34 49.89 49.02
CA ALA A 238 -8.85 50.37 50.33
C ALA A 238 -8.14 49.26 51.12
N VAL A 239 -8.46 48.01 50.81
CA VAL A 239 -7.79 46.86 51.41
C VAL A 239 -6.34 46.76 50.95
N ALA A 240 -6.12 46.95 49.65
CA ALA A 240 -4.78 46.89 49.08
C ALA A 240 -3.90 48.06 49.56
N LYS A 241 -4.52 49.14 50.04
CA LYS A 241 -3.78 50.31 50.54
C LYS A 241 -2.99 49.93 51.80
N ALA A 242 -3.67 49.30 52.75
CA ALA A 242 -3.00 48.62 53.84
C ALA A 242 -2.73 47.19 53.36
N GLY A 243 -1.74 47.07 52.47
CA GLY A 243 -1.44 45.84 51.72
C GLY A 243 -1.47 44.53 52.47
N LYS A 244 -2.69 44.02 52.66
CA LYS A 244 -2.92 42.81 53.43
C LYS A 244 -4.10 42.02 52.84
N PRO A 245 -4.08 40.68 53.00
CA PRO A 245 -5.11 39.80 52.41
C PRO A 245 -6.50 40.06 52.96
N LEU A 246 -7.52 39.74 52.16
CA LEU A 246 -8.92 39.98 52.55
C LEU A 246 -9.74 38.70 52.60
N LEU A 247 -10.67 38.65 53.56
CA LEU A 247 -11.59 37.52 53.70
C LEU A 247 -13.03 37.97 53.60
N ILE A 248 -13.75 37.37 52.65
CA ILE A 248 -15.15 37.70 52.40
C ILE A 248 -16.06 36.66 53.04
N ILE A 249 -16.96 37.12 53.89
CA ILE A 249 -18.04 36.29 54.42
C ILE A 249 -19.38 36.96 54.13
N ALA A 250 -20.15 36.30 53.27
CA ALA A 250 -21.46 36.76 52.84
C ALA A 250 -22.30 35.54 52.50
N GLU A 251 -23.61 35.75 52.35
CA GLU A 251 -24.56 34.67 52.11
C GLU A 251 -24.02 33.70 51.05
N ASP A 252 -23.65 34.26 49.90
CA ASP A 252 -22.91 33.55 48.85
C ASP A 252 -22.18 34.59 48.02
N VAL A 253 -21.14 34.16 47.31
CA VAL A 253 -20.43 35.03 46.37
C VAL A 253 -20.49 34.37 44.98
N GLU A 254 -21.22 35.01 44.07
CA GLU A 254 -21.66 34.39 42.82
C GLU A 254 -20.92 34.89 41.58
N GLY A 255 -20.96 34.06 40.52
CA GLY A 255 -20.44 34.37 39.19
C GLY A 255 -19.63 35.64 39.05
N GLU A 256 -20.26 36.71 38.56
CA GLU A 256 -19.58 37.97 38.29
C GLU A 256 -18.61 38.39 39.40
N ALA A 257 -19.17 38.66 40.58
CA ALA A 257 -18.38 39.10 41.71
C ALA A 257 -17.33 38.07 42.11
N LEU A 258 -17.71 36.79 42.06
CA LEU A 258 -16.79 35.70 42.39
C LEU A 258 -15.70 35.58 41.33
N ALA A 259 -16.09 35.33 40.09
CA ALA A 259 -15.14 35.11 38.99
C ALA A 259 -14.05 36.17 38.97
N THR A 260 -14.44 37.43 39.14
CA THR A 260 -13.49 38.53 39.19
C THR A 260 -12.59 38.48 40.42
N LEU A 261 -13.16 38.14 41.58
CA LEU A 261 -12.36 37.92 42.79
C LEU A 261 -11.37 36.77 42.59
N VAL A 262 -11.83 35.69 41.97
CA VAL A 262 -11.01 34.50 41.71
C VAL A 262 -9.79 34.87 40.87
N VAL A 263 -10.03 35.48 39.71
CA VAL A 263 -8.97 35.82 38.77
C VAL A 263 -8.09 36.99 39.27
N ASN A 264 -8.72 38.00 39.86
CA ASN A 264 -8.01 39.21 40.34
C ASN A 264 -6.92 38.92 41.37
N THR A 265 -7.23 38.03 42.32
CA THR A 265 -6.32 37.74 43.43
C THR A 265 -5.47 36.50 43.19
N MET A 266 -5.72 35.84 42.06
CA MET A 266 -4.88 34.77 41.58
C MET A 266 -3.83 35.40 40.66
N ARG A 267 -4.15 36.58 40.15
CA ARG A 267 -3.23 37.36 39.32
C ARG A 267 -2.10 37.95 40.16
N GLY A 268 -2.27 37.91 41.47
CA GLY A 268 -1.21 38.31 42.40
C GLY A 268 -1.60 39.44 43.34
N ILE A 269 -2.47 40.31 42.86
CA ILE A 269 -2.92 41.49 43.61
C ILE A 269 -3.78 41.11 44.81
N VAL A 270 -3.74 41.95 45.84
CA VAL A 270 -4.63 41.89 47.03
C VAL A 270 -4.73 40.56 47.83
N LYS A 271 -4.94 39.43 47.14
CA LYS A 271 -4.98 38.10 47.78
C LYS A 271 -6.23 37.91 48.66
N VAL A 272 -7.34 37.51 48.05
CA VAL A 272 -8.63 37.41 48.76
C VAL A 272 -9.21 36.00 48.69
N ALA A 273 -10.12 35.70 49.60
CA ALA A 273 -10.92 34.48 49.59
C ALA A 273 -12.33 34.74 50.13
N ALA A 274 -13.32 33.97 49.64
CA ALA A 274 -14.72 34.15 50.07
C ALA A 274 -15.38 32.85 50.54
N VAL A 275 -16.13 32.95 51.64
CA VAL A 275 -16.89 31.82 52.23
C VAL A 275 -18.34 32.19 52.55
N LYS A 276 -19.23 31.20 52.41
CA LYS A 276 -20.64 31.36 52.77
C LYS A 276 -20.75 31.51 54.28
N ALA A 277 -21.78 32.23 54.74
CA ALA A 277 -22.05 32.35 56.18
C ALA A 277 -22.53 31.03 56.80
N PRO A 278 -22.03 30.72 58.01
CA PRO A 278 -22.49 29.53 58.72
C PRO A 278 -23.97 29.65 59.08
N GLY A 279 -24.60 28.53 59.43
CA GLY A 279 -26.02 28.48 59.71
C GLY A 279 -26.82 28.62 58.43
N PHE A 280 -28.14 28.80 58.55
CA PHE A 280 -29.00 29.00 57.39
C PHE A 280 -30.25 29.79 57.74
N GLY A 281 -30.79 30.47 56.74
CA GLY A 281 -32.03 31.24 56.90
C GLY A 281 -31.98 32.34 57.95
N ASP A 282 -32.64 32.08 59.08
CA ASP A 282 -32.83 33.10 60.12
C ASP A 282 -31.74 33.12 61.18
N ARG A 283 -31.20 31.95 61.53
CA ARG A 283 -30.08 31.91 62.46
C ARG A 283 -28.74 32.27 61.79
N ARG A 284 -28.72 32.29 60.45
CA ARG A 284 -27.53 32.69 59.68
C ARG A 284 -27.14 34.13 59.97
N LYS A 285 -28.13 35.02 59.87
CA LYS A 285 -27.94 36.46 60.09
C LYS A 285 -27.50 36.76 61.52
N ALA A 286 -27.71 35.81 62.41
CA ALA A 286 -27.25 35.89 63.79
C ALA A 286 -25.82 35.31 63.94
N MET A 287 -25.60 34.13 63.37
CA MET A 287 -24.29 33.44 63.41
C MET A 287 -23.19 34.27 62.80
N LEU A 288 -23.57 35.18 61.93
CA LEU A 288 -22.66 36.11 61.30
C LEU A 288 -22.23 37.19 62.30
N GLN A 289 -23.18 37.75 63.03
CA GLN A 289 -22.92 38.84 63.97
C GLN A 289 -21.86 38.50 65.02
N ASP A 290 -21.75 37.21 65.35
CA ASP A 290 -20.75 36.71 66.28
C ASP A 290 -19.35 36.97 65.76
N ILE A 291 -19.01 36.35 64.63
CA ILE A 291 -17.72 36.52 63.98
C ILE A 291 -17.40 38.01 63.79
N ALA A 292 -18.44 38.83 63.69
CA ALA A 292 -18.27 40.27 63.58
C ALA A 292 -17.76 40.88 64.88
N THR A 293 -18.34 40.44 66.00
CA THR A 293 -17.88 40.87 67.32
C THR A 293 -16.55 40.20 67.68
N LEU A 294 -16.42 38.93 67.30
CA LEU A 294 -15.22 38.13 67.58
C LEU A 294 -13.98 38.70 66.91
N THR A 295 -14.15 39.21 65.68
CA THR A 295 -13.05 39.78 64.91
C THR A 295 -13.06 41.31 64.88
N GLY A 296 -14.09 41.91 65.48
CA GLY A 296 -14.17 43.37 65.63
C GLY A 296 -14.54 44.13 64.39
N GLY A 297 -15.30 43.49 63.51
CA GLY A 297 -15.81 44.15 62.32
C GLY A 297 -17.22 44.66 62.60
N THR A 298 -17.89 45.06 61.54
CA THR A 298 -19.29 45.47 61.60
C THR A 298 -20.03 44.76 60.48
N VAL A 299 -21.15 44.12 60.82
CA VAL A 299 -21.97 43.43 59.82
C VAL A 299 -22.54 44.43 58.80
N ILE A 300 -22.74 43.99 57.56
CA ILE A 300 -23.35 44.85 56.55
C ILE A 300 -24.64 44.27 55.99
N SER A 301 -25.76 44.71 56.58
CA SER A 301 -27.09 44.18 56.27
C SER A 301 -27.95 45.20 55.53
N GLU A 302 -28.90 44.68 54.74
CA GLU A 302 -29.85 45.49 53.98
C GLU A 302 -30.95 46.08 54.84
N GLU A 303 -31.24 45.41 55.97
CA GLU A 303 -32.32 45.79 56.89
C GLU A 303 -32.23 47.25 57.32
N ILE A 304 -31.03 47.67 57.74
CA ILE A 304 -30.77 49.06 58.13
C ILE A 304 -30.41 49.92 56.90
N GLY A 305 -29.94 49.26 55.84
CA GLY A 305 -29.74 49.89 54.54
C GLY A 305 -28.31 50.26 54.23
N MET A 306 -27.36 49.47 54.76
CA MET A 306 -25.94 49.69 54.52
C MET A 306 -25.51 48.97 53.25
N GLU A 307 -25.07 49.74 52.25
CA GLU A 307 -24.55 49.14 51.02
C GLU A 307 -23.04 48.90 51.17
N LEU A 308 -22.56 47.83 50.53
CA LEU A 308 -21.17 47.37 50.65
C LEU A 308 -20.14 48.41 50.25
N GLU A 309 -20.59 49.43 49.53
CA GLU A 309 -19.74 50.56 49.15
C GLU A 309 -19.37 51.41 50.38
N LYS A 310 -20.36 51.68 51.24
CA LYS A 310 -20.18 52.51 52.43
C LYS A 310 -19.49 51.71 53.56
N ALA A 311 -18.29 51.21 53.25
CA ALA A 311 -17.50 50.37 54.16
C ALA A 311 -16.06 50.89 54.29
N THR A 312 -15.56 50.84 55.52
CA THR A 312 -14.23 51.35 55.85
C THR A 312 -13.42 50.29 56.60
N LEU A 313 -12.27 50.71 57.13
CA LEU A 313 -11.43 49.84 57.94
C LEU A 313 -12.11 49.48 59.25
N GLU A 314 -12.81 50.44 59.85
CA GLU A 314 -13.60 50.20 61.07
C GLU A 314 -14.70 49.16 60.81
N ASP A 315 -15.37 49.29 59.66
CA ASP A 315 -16.41 48.36 59.22
C ASP A 315 -15.83 46.99 58.89
N LEU A 316 -14.50 46.91 58.87
CA LEU A 316 -13.81 45.68 58.52
C LEU A 316 -13.24 45.00 59.77
N GLY A 317 -13.20 43.67 59.74
CA GLY A 317 -12.72 42.88 60.88
C GLY A 317 -11.28 42.42 60.73
N GLN A 318 -10.63 42.13 61.86
CA GLN A 318 -9.22 41.74 61.88
C GLN A 318 -8.95 40.47 62.70
N ALA A 319 -8.26 39.52 62.08
CA ALA A 319 -7.82 38.29 62.75
C ALA A 319 -6.29 38.15 62.67
N LYS A 320 -5.77 36.95 62.90
CA LYS A 320 -4.33 36.73 62.80
C LYS A 320 -3.99 35.58 61.86
N ARG A 321 -5.02 34.86 61.42
CA ARG A 321 -4.84 33.71 60.52
C ARG A 321 -6.20 33.08 60.23
N VAL A 322 -6.41 32.62 59.00
CA VAL A 322 -7.70 32.06 58.60
C VAL A 322 -7.63 30.87 57.65
N VAL A 323 -7.01 29.78 58.09
CA VAL A 323 -6.95 28.55 57.29
C VAL A 323 -8.36 28.17 56.85
N ILE A 324 -8.52 27.91 55.55
CA ILE A 324 -9.81 27.49 54.96
C ILE A 324 -9.69 26.20 54.13
N ASN A 325 -10.32 25.12 54.62
CA ASN A 325 -10.34 23.83 53.90
C ASN A 325 -11.54 23.75 52.96
N LYS A 326 -11.70 22.59 52.32
CA LYS A 326 -12.81 22.36 51.39
C LYS A 326 -14.17 22.75 52.01
N ASP A 327 -14.41 22.29 53.23
CA ASP A 327 -15.59 22.71 54.02
C ASP A 327 -15.24 23.00 55.49
N THR A 328 -14.04 23.54 55.73
CA THR A 328 -13.53 23.80 57.09
C THR A 328 -12.73 25.12 57.19
N THR A 329 -13.43 26.22 57.45
CA THR A 329 -12.80 27.52 57.70
C THR A 329 -12.49 27.68 59.19
N THR A 330 -11.43 28.40 59.52
CA THR A 330 -11.06 28.63 60.93
C THR A 330 -10.37 29.97 61.20
N ILE A 331 -11.12 30.91 61.79
CA ILE A 331 -10.57 32.20 62.22
C ILE A 331 -9.67 32.00 63.43
N ILE A 332 -8.44 32.50 63.37
CA ILE A 332 -7.51 32.40 64.50
C ILE A 332 -7.09 33.77 65.02
N ASP A 333 -7.41 34.02 66.29
CA ASP A 333 -6.98 35.22 67.01
C ASP A 333 -7.51 36.52 66.38
N GLY A 334 -8.75 36.87 66.70
CA GLY A 334 -9.33 38.13 66.25
C GLY A 334 -9.03 39.24 67.24
N VAL A 335 -9.21 40.49 66.79
CA VAL A 335 -8.92 41.67 67.62
C VAL A 335 -10.13 42.07 68.49
N GLY A 336 -11.30 41.55 68.13
CA GLY A 336 -12.53 41.82 68.88
C GLY A 336 -12.23 41.88 70.36
N GLU A 337 -12.56 43.02 70.98
CA GLU A 337 -12.27 43.25 72.40
C GLU A 337 -12.83 42.17 73.32
N GLU A 338 -12.07 41.84 74.36
CA GLU A 338 -12.47 40.84 75.35
C GLU A 338 -13.79 41.22 76.03
N ALA A 339 -13.97 42.51 76.29
CA ALA A 339 -15.15 43.03 76.96
C ALA A 339 -16.43 42.79 76.16
N ALA A 340 -16.42 43.18 74.88
CA ALA A 340 -17.60 43.03 74.03
C ALA A 340 -17.85 41.59 73.57
N ILE A 341 -17.20 40.63 74.24
CA ILE A 341 -17.44 39.21 73.97
C ILE A 341 -18.11 38.52 75.15
N GLN A 342 -17.60 38.73 76.36
CA GLN A 342 -18.29 38.26 77.57
C GLN A 342 -19.67 38.94 77.71
N GLY A 343 -19.75 40.19 77.27
CA GLY A 343 -21.00 40.93 77.22
C GLY A 343 -21.91 40.38 76.14
N ARG A 344 -21.30 39.84 75.08
CA ARG A 344 -22.01 39.14 74.01
C ARG A 344 -22.41 37.73 74.46
N VAL A 345 -21.48 37.05 75.12
CA VAL A 345 -21.76 35.78 75.77
C VAL A 345 -22.94 35.95 76.72
N ALA A 346 -22.95 37.05 77.47
CA ALA A 346 -24.05 37.38 78.36
C ALA A 346 -25.38 37.49 77.62
N GLN A 347 -25.34 38.04 76.41
CA GLN A 347 -26.54 38.21 75.61
C GLN A 347 -27.08 36.87 75.10
N ILE A 348 -26.18 35.96 74.73
CA ILE A 348 -26.56 34.62 74.27
C ILE A 348 -27.00 33.71 75.42
N ARG A 349 -26.20 33.67 76.48
CA ARG A 349 -26.53 32.89 77.67
C ARG A 349 -27.84 33.41 78.29
N GLN A 350 -28.24 34.61 77.87
CA GLN A 350 -29.54 35.18 78.23
C GLN A 350 -30.64 34.63 77.32
N GLN A 351 -30.34 34.48 76.04
CA GLN A 351 -31.29 33.88 75.09
C GLN A 351 -31.54 32.41 75.45
N ILE A 352 -30.58 31.79 76.13
CA ILE A 352 -30.71 30.43 76.65
C ILE A 352 -31.84 30.37 77.68
N GLU A 353 -31.80 31.30 78.65
CA GLU A 353 -32.80 31.38 79.72
C GLU A 353 -34.20 31.57 79.14
N GLU A 354 -34.27 32.35 78.06
CA GLU A 354 -35.54 32.71 77.41
C GLU A 354 -36.02 31.66 76.40
N ALA A 355 -35.10 30.84 75.89
CA ALA A 355 -35.38 29.84 74.84
C ALA A 355 -36.65 29.03 75.05
N THR A 356 -37.42 28.85 73.97
CA THR A 356 -38.71 28.13 74.01
C THR A 356 -38.54 26.63 73.78
N SER A 357 -37.78 26.27 72.75
CA SER A 357 -37.68 24.89 72.27
C SER A 357 -36.40 24.19 72.71
N ASP A 358 -36.37 22.87 72.51
CA ASP A 358 -35.17 22.07 72.70
C ASP A 358 -34.12 22.49 71.67
N TYR A 359 -34.54 22.58 70.40
CA TYR A 359 -33.65 22.92 69.28
C TYR A 359 -33.12 24.35 69.34
N ASP A 360 -33.96 25.30 69.75
CA ASP A 360 -33.51 26.69 69.93
C ASP A 360 -32.33 26.75 70.90
N ARG A 361 -32.44 26.01 72.00
CA ARG A 361 -31.41 25.96 73.04
C ARG A 361 -30.11 25.36 72.51
N GLU A 362 -30.20 24.17 71.92
CA GLU A 362 -29.03 23.45 71.40
C GLU A 362 -28.27 24.24 70.33
N LYS A 363 -28.99 25.00 69.52
CA LYS A 363 -28.35 25.85 68.54
C LYS A 363 -28.01 27.22 69.14
N LEU A 364 -28.10 27.33 70.45
CA LEU A 364 -27.51 28.46 71.15
C LEU A 364 -26.24 27.99 71.85
N GLN A 365 -26.31 26.79 72.44
CA GLN A 365 -25.14 26.16 73.05
C GLN A 365 -24.04 25.96 72.00
N GLU A 366 -24.44 25.45 70.84
CA GLU A 366 -23.53 25.32 69.70
C GLU A 366 -22.87 26.63 69.32
N ARG A 367 -23.59 27.73 69.56
CA ARG A 367 -23.14 29.05 69.13
C ARG A 367 -22.18 29.73 70.12
N VAL A 368 -22.26 29.35 71.39
CA VAL A 368 -21.33 29.87 72.40
C VAL A 368 -20.12 28.96 72.60
N ALA A 369 -20.32 27.67 72.40
CA ALA A 369 -19.22 26.71 72.47
C ALA A 369 -18.30 26.87 71.26
N LYS A 370 -18.83 27.51 70.22
CA LYS A 370 -18.01 27.99 69.11
C LYS A 370 -17.23 29.24 69.55
N LEU A 371 -17.90 30.09 70.33
CA LEU A 371 -17.42 31.44 70.61
C LEU A 371 -16.51 31.55 71.83
N ALA A 372 -17.00 31.13 72.99
CA ALA A 372 -16.32 31.38 74.26
C ALA A 372 -15.15 30.44 74.51
N GLY A 373 -15.14 29.30 73.81
CA GLY A 373 -14.09 28.29 73.94
C GLY A 373 -12.96 28.45 72.94
N GLY A 374 -12.61 29.70 72.64
CA GLY A 374 -11.53 30.11 71.74
C GLY A 374 -10.98 29.10 70.76
N VAL A 375 -9.69 29.23 70.47
CA VAL A 375 -8.97 28.28 69.63
C VAL A 375 -7.63 27.93 70.27
N ALA A 376 -7.36 26.63 70.37
CA ALA A 376 -6.07 26.15 70.82
C ALA A 376 -5.12 26.19 69.66
N VAL A 377 -3.96 26.83 69.85
CA VAL A 377 -2.96 26.90 68.80
C VAL A 377 -1.57 26.50 69.31
N ILE A 378 -0.91 25.64 68.54
CA ILE A 378 0.43 25.17 68.87
C ILE A 378 1.42 25.65 67.84
N LYS A 379 2.42 26.41 68.28
CA LYS A 379 3.54 26.81 67.43
C LYS A 379 4.65 25.77 67.56
N VAL A 380 5.02 25.15 66.45
CA VAL A 380 6.00 24.07 66.48
C VAL A 380 7.42 24.63 66.47
N GLY A 381 8.23 24.18 67.42
CA GLY A 381 9.62 24.64 67.55
C GLY A 381 10.62 23.55 67.25
N ALA A 382 11.75 23.96 66.65
CA ALA A 382 12.82 23.02 66.30
C ALA A 382 14.17 23.75 66.38
N ALA A 383 15.16 23.21 65.66
CA ALA A 383 16.50 23.80 65.61
C ALA A 383 16.72 24.59 64.32
N THR A 384 16.44 23.96 63.18
CA THR A 384 16.57 24.59 61.86
C THR A 384 15.26 24.54 61.09
N GLU A 385 15.13 25.42 60.09
CA GLU A 385 13.91 25.56 59.32
C GLU A 385 13.55 24.31 58.53
N VAL A 386 14.55 23.46 58.30
CA VAL A 386 14.35 22.16 57.67
C VAL A 386 13.57 21.28 58.65
N GLU A 387 14.01 21.26 59.90
CA GLU A 387 13.43 20.42 60.96
C GLU A 387 12.00 20.84 61.32
N MET A 388 11.77 22.15 61.32
CA MET A 388 10.50 22.74 61.74
C MET A 388 9.36 22.39 60.78
N LYS A 389 9.55 22.67 59.49
CA LYS A 389 8.56 22.32 58.47
C LYS A 389 8.48 20.81 58.25
N GLU A 390 9.34 20.07 58.95
CA GLU A 390 9.33 18.62 58.90
C GLU A 390 8.56 18.04 60.11
N LYS A 391 8.37 18.87 61.14
CA LYS A 391 7.64 18.49 62.35
C LYS A 391 6.22 19.03 62.31
N LYS A 392 6.10 20.27 61.85
CA LYS A 392 4.81 20.90 61.59
C LYS A 392 3.94 19.98 60.74
N ALA A 393 4.58 19.32 59.78
CA ALA A 393 3.93 18.36 58.91
C ALA A 393 3.60 17.06 59.65
N ARG A 394 4.46 16.68 60.59
CA ARG A 394 4.25 15.46 61.39
C ARG A 394 3.16 15.64 62.43
N VAL A 395 3.08 16.83 63.02
CA VAL A 395 2.09 17.14 64.05
C VAL A 395 0.69 17.27 63.46
N GLU A 396 0.59 17.95 62.33
CA GLU A 396 -0.67 18.11 61.60
C GLU A 396 -1.28 16.75 61.26
N ASP A 397 -0.46 15.87 60.69
CA ASP A 397 -0.87 14.52 60.36
C ASP A 397 -1.26 13.72 61.61
N ALA A 398 -0.45 13.82 62.66
CA ALA A 398 -0.73 13.15 63.93
C ALA A 398 -2.00 13.68 64.58
N LEU A 399 -2.29 14.96 64.40
CA LEU A 399 -3.55 15.53 64.87
C LEU A 399 -4.71 14.79 64.21
N HIS A 400 -4.70 14.72 62.88
CA HIS A 400 -5.79 14.14 62.10
C HIS A 400 -6.12 12.71 62.51
N ALA A 401 -5.09 11.95 62.86
CA ALA A 401 -5.26 10.58 63.35
C ALA A 401 -5.84 10.56 64.77
N THR A 402 -5.38 11.48 65.60
CA THR A 402 -5.83 11.58 66.99
C THR A 402 -7.28 12.04 67.05
N ARG A 403 -7.65 12.95 66.16
CA ARG A 403 -9.03 13.40 66.03
C ARG A 403 -9.99 12.24 65.80
N ALA A 404 -9.61 11.34 64.90
CA ALA A 404 -10.42 10.18 64.55
C ALA A 404 -10.36 9.13 65.65
N ALA A 405 -9.27 9.15 66.41
CA ALA A 405 -9.10 8.22 67.53
C ALA A 405 -10.02 8.56 68.70
N VAL A 406 -10.48 9.80 68.75
CA VAL A 406 -11.38 10.23 69.81
C VAL A 406 -12.83 10.02 69.40
N GLU A 407 -13.14 10.32 68.14
CA GLU A 407 -14.53 10.30 67.66
C GLU A 407 -15.11 8.90 67.60
N GLU A 408 -14.35 7.95 67.04
CA GLU A 408 -14.85 6.60 66.84
C GLU A 408 -13.96 5.53 67.47
N GLY A 409 -12.72 5.88 67.71
CA GLY A 409 -11.77 4.97 68.34
C GLY A 409 -10.74 4.41 67.38
N VAL A 410 -10.01 3.40 67.83
CA VAL A 410 -8.98 2.75 67.01
C VAL A 410 -9.16 1.24 66.96
N VAL A 411 -9.11 0.69 65.76
CA VAL A 411 -9.18 -0.77 65.57
C VAL A 411 -7.79 -1.32 65.28
N ALA A 412 -7.69 -2.63 65.17
CA ALA A 412 -6.42 -3.29 64.92
C ALA A 412 -5.98 -3.06 63.48
N GLY A 413 -4.76 -2.56 63.31
CA GLY A 413 -4.24 -2.21 61.98
C GLY A 413 -3.86 -3.40 61.14
N GLY A 414 -3.08 -3.17 60.08
CA GLY A 414 -2.58 -4.23 59.21
C GLY A 414 -3.64 -4.84 58.31
N GLY A 415 -4.78 -4.16 58.26
CA GLY A 415 -5.94 -4.63 57.52
C GLY A 415 -6.61 -5.83 58.15
N VAL A 416 -6.27 -6.10 59.41
CA VAL A 416 -6.79 -7.28 60.12
C VAL A 416 -8.17 -6.99 60.63
N ALA A 417 -8.48 -5.72 60.87
CA ALA A 417 -9.77 -5.32 61.39
C ALA A 417 -10.87 -5.81 60.46
N LEU A 418 -10.67 -5.57 59.16
CA LEU A 418 -11.63 -5.97 58.15
C LEU A 418 -11.66 -7.47 57.98
N ILE A 419 -10.49 -8.11 58.02
CA ILE A 419 -10.41 -9.54 57.83
C ILE A 419 -10.99 -10.31 59.03
N ARG A 420 -11.04 -9.62 60.17
CA ARG A 420 -11.63 -10.16 61.39
C ARG A 420 -13.15 -10.05 61.30
N VAL A 421 -13.62 -8.96 60.72
CA VAL A 421 -15.04 -8.75 60.47
C VAL A 421 -15.55 -9.78 59.47
N ALA A 422 -14.72 -10.10 58.48
CA ALA A 422 -15.07 -11.05 57.43
C ALA A 422 -15.45 -12.43 57.96
N SER A 423 -14.67 -12.93 58.91
CA SER A 423 -14.93 -14.25 59.49
C SER A 423 -16.16 -14.25 60.41
N LYS A 424 -16.50 -13.07 60.94
CA LYS A 424 -17.62 -12.93 61.86
C LYS A 424 -18.95 -12.67 61.15
N LEU A 425 -18.91 -12.50 59.82
CA LEU A 425 -20.13 -12.29 59.05
C LEU A 425 -20.35 -13.41 58.03
N ALA A 426 -19.73 -14.56 58.26
CA ALA A 426 -19.84 -15.70 57.35
C ALA A 426 -21.23 -16.33 57.32
N ASP A 427 -21.99 -16.11 58.39
CA ASP A 427 -23.35 -16.64 58.50
C ASP A 427 -24.41 -15.69 57.92
N LEU A 428 -23.97 -14.51 57.46
CA LEU A 428 -24.90 -13.50 56.97
C LEU A 428 -25.46 -13.91 55.63
N ARG A 429 -26.78 -13.78 55.50
CA ARG A 429 -27.48 -14.13 54.28
C ARG A 429 -28.43 -13.02 53.84
N GLY A 430 -28.83 -13.03 52.57
CA GLY A 430 -29.76 -12.04 52.03
C GLY A 430 -31.17 -12.59 51.89
N GLN A 431 -31.85 -12.26 50.79
CA GLN A 431 -33.21 -12.71 50.53
C GLN A 431 -33.30 -13.78 49.44
N ASN A 432 -32.46 -13.63 48.42
CA ASN A 432 -32.32 -14.63 47.36
C ASN A 432 -30.86 -14.96 47.10
N GLU A 433 -30.63 -15.95 46.25
CA GLU A 433 -29.27 -16.42 45.93
C GLU A 433 -28.36 -15.31 45.42
N ASP A 434 -28.92 -14.42 44.60
CA ASP A 434 -28.16 -13.31 44.02
C ASP A 434 -27.68 -12.33 45.09
N GLN A 435 -28.49 -12.11 46.11
CA GLN A 435 -28.09 -11.26 47.23
C GLN A 435 -27.02 -11.94 48.07
N ASN A 436 -27.11 -13.27 48.19
CA ASN A 436 -26.17 -14.08 48.96
C ASN A 436 -24.74 -13.99 48.42
N VAL A 437 -24.61 -13.93 47.10
CA VAL A 437 -23.32 -13.79 46.45
C VAL A 437 -22.79 -12.37 46.66
N GLY A 438 -23.71 -11.40 46.62
CA GLY A 438 -23.37 -10.00 46.87
C GLY A 438 -22.68 -9.76 48.20
N ILE A 439 -23.09 -10.51 49.21
CA ILE A 439 -22.45 -10.47 50.52
C ILE A 439 -21.05 -11.10 50.42
N LYS A 440 -20.96 -12.28 49.82
CA LYS A 440 -19.68 -12.99 49.73
C LYS A 440 -18.65 -12.23 48.91
N VAL A 441 -19.15 -11.41 47.99
CA VAL A 441 -18.28 -10.52 47.22
C VAL A 441 -17.66 -9.48 48.16
N ALA A 442 -18.49 -8.91 49.03
CA ALA A 442 -18.04 -7.88 49.95
C ALA A 442 -17.09 -8.44 51.00
N LEU A 443 -17.34 -9.67 51.44
CA LEU A 443 -16.51 -10.31 52.47
C LEU A 443 -15.13 -10.71 51.94
N ARG A 444 -15.08 -11.13 50.68
CA ARG A 444 -13.81 -11.47 50.05
C ARG A 444 -13.05 -10.21 49.62
N ALA A 445 -13.73 -9.08 49.61
CA ALA A 445 -13.11 -7.81 49.28
C ALA A 445 -12.39 -7.25 50.50
N MET A 446 -12.86 -7.64 51.69
CA MET A 446 -12.29 -7.15 52.94
C MET A 446 -10.92 -7.77 53.21
N GLU A 447 -10.66 -8.89 52.55
CA GLU A 447 -9.38 -9.58 52.66
C GLU A 447 -8.29 -8.86 51.86
N ALA A 448 -8.70 -8.13 50.83
CA ALA A 448 -7.75 -7.55 49.87
C ALA A 448 -6.75 -6.55 50.45
N PRO A 449 -7.20 -5.63 51.34
CA PRO A 449 -6.23 -4.69 51.92
C PRO A 449 -5.03 -5.39 52.56
N LEU A 450 -5.28 -6.39 53.41
CA LEU A 450 -4.20 -7.16 54.02
C LEU A 450 -3.36 -7.86 52.95
N ARG A 451 -4.04 -8.58 52.06
CA ARG A 451 -3.40 -9.31 50.98
C ARG A 451 -2.48 -8.41 50.13
N GLN A 452 -2.87 -7.15 49.96
CA GLN A 452 -2.08 -6.22 49.17
C GLN A 452 -0.83 -5.75 49.91
N ILE A 453 -0.93 -5.63 51.24
CA ILE A 453 0.22 -5.25 52.05
C ILE A 453 1.25 -6.35 52.05
N VAL A 454 0.78 -7.58 52.15
CA VAL A 454 1.66 -8.74 52.10
C VAL A 454 2.35 -8.89 50.73
N LEU A 455 1.63 -8.54 49.67
CA LEU A 455 2.17 -8.62 48.32
C LEU A 455 3.34 -7.67 48.12
N ASN A 456 3.25 -6.47 48.70
CA ASN A 456 4.32 -5.49 48.67
C ASN A 456 5.53 -5.92 49.51
N CYS A 457 5.25 -6.70 50.55
CA CYS A 457 6.28 -7.21 51.46
C CYS A 457 7.01 -8.40 50.86
N GLY A 458 6.55 -8.85 49.70
CA GLY A 458 7.20 -9.92 48.96
C GLY A 458 6.74 -11.32 49.34
N GLU A 459 6.13 -11.46 50.51
CA GLU A 459 5.60 -12.75 50.96
C GLU A 459 4.30 -13.08 50.24
N GLU A 460 3.95 -14.37 50.19
CA GLU A 460 2.72 -14.83 49.53
C GLU A 460 1.49 -14.44 50.35
N PRO A 461 0.58 -13.64 49.76
CA PRO A 461 -0.57 -13.09 50.50
C PRO A 461 -1.51 -14.19 50.97
N SER A 462 -1.69 -15.22 50.15
CA SER A 462 -2.55 -16.36 50.45
C SER A 462 -2.15 -17.07 51.75
N VAL A 463 -0.85 -17.25 51.95
CA VAL A 463 -0.30 -17.92 53.14
C VAL A 463 -0.51 -17.07 54.40
N VAL A 464 -0.22 -15.79 54.31
CA VAL A 464 -0.32 -14.88 55.45
C VAL A 464 -1.77 -14.67 55.89
N ALA A 465 -2.63 -14.41 54.91
CA ALA A 465 -4.06 -14.22 55.18
C ALA A 465 -4.70 -15.46 55.79
N ASN A 466 -4.25 -16.63 55.37
CA ASN A 466 -4.72 -17.89 55.91
C ASN A 466 -4.28 -18.10 57.37
N THR A 467 -3.11 -17.57 57.71
CA THR A 467 -2.60 -17.70 59.08
C THR A 467 -3.29 -16.70 60.00
N VAL A 468 -3.59 -15.52 59.50
CA VAL A 468 -4.27 -14.51 60.30
C VAL A 468 -5.70 -14.93 60.62
N LYS A 469 -6.35 -15.60 59.68
CA LYS A 469 -7.72 -16.06 59.86
C LYS A 469 -7.84 -17.19 60.89
N GLY A 470 -6.81 -18.03 60.97
CA GLY A 470 -6.77 -19.17 61.89
C GLY A 470 -6.71 -18.75 63.35
N GLY A 471 -5.86 -17.76 63.63
CA GLY A 471 -5.78 -17.13 64.95
C GLY A 471 -6.91 -16.13 65.13
N ASP A 472 -7.17 -15.75 66.37
CA ASP A 472 -8.30 -14.88 66.69
C ASP A 472 -7.88 -13.60 67.38
N GLY A 473 -8.76 -12.60 67.33
CA GLY A 473 -8.53 -11.34 68.00
C GLY A 473 -7.74 -10.31 67.22
N ASN A 474 -6.83 -9.64 67.93
CA ASN A 474 -6.01 -8.57 67.35
C ASN A 474 -4.66 -9.10 66.85
N TYR A 475 -4.67 -10.38 66.50
CA TYR A 475 -3.50 -11.09 66.01
C TYR A 475 -3.37 -10.87 64.52
N GLY A 476 -2.25 -10.30 64.10
CA GLY A 476 -2.05 -9.99 62.68
C GLY A 476 -0.61 -10.09 62.21
N TYR A 477 -0.35 -9.53 61.03
CA TYR A 477 0.98 -9.58 60.43
C TYR A 477 1.62 -8.22 60.37
N ASN A 478 2.82 -8.11 60.94
CA ASN A 478 3.63 -6.91 60.85
C ASN A 478 4.53 -7.00 59.61
N ALA A 479 4.21 -6.21 58.59
CA ALA A 479 4.96 -6.22 57.32
C ALA A 479 6.35 -5.58 57.43
N ALA A 480 6.51 -4.64 58.37
CA ALA A 480 7.80 -3.98 58.57
C ALA A 480 8.86 -4.93 59.14
N THR A 481 8.46 -5.75 60.12
CA THR A 481 9.39 -6.64 60.80
C THR A 481 9.30 -8.09 60.33
N GLU A 482 8.30 -8.37 59.48
CA GLU A 482 8.01 -9.74 59.00
C GLU A 482 7.69 -10.70 60.15
N GLU A 483 7.09 -10.16 61.21
CA GLU A 483 6.76 -10.91 62.41
C GLU A 483 5.24 -10.89 62.66
N TYR A 484 4.71 -12.00 63.16
CA TYR A 484 3.32 -12.04 63.60
C TYR A 484 3.21 -11.58 65.05
N GLY A 485 2.00 -11.25 65.48
CA GLY A 485 1.75 -10.91 66.88
C GLY A 485 0.55 -10.01 67.10
N ASN A 486 0.39 -9.56 68.35
CA ASN A 486 -0.67 -8.63 68.68
C ASN A 486 -0.38 -7.27 68.08
N MET A 487 -1.32 -6.76 67.28
CA MET A 487 -1.13 -5.52 66.54
C MET A 487 -1.11 -4.30 67.45
N ILE A 488 -2.04 -4.27 68.40
CA ILE A 488 -2.13 -3.16 69.34
C ILE A 488 -0.84 -3.03 70.15
N ASP A 489 -0.32 -4.16 70.62
CA ASP A 489 0.94 -4.19 71.37
C ASP A 489 2.14 -3.76 70.52
N MET A 490 2.06 -3.97 69.21
CA MET A 490 3.13 -3.61 68.29
C MET A 490 3.00 -2.19 67.77
N GLY A 491 1.95 -1.49 68.20
CA GLY A 491 1.73 -0.10 67.80
C GLY A 491 1.14 0.09 66.42
N ILE A 492 0.78 -1.01 65.76
CA ILE A 492 0.12 -0.97 64.46
C ILE A 492 -1.38 -0.85 64.64
N LEU A 493 -1.92 0.34 64.41
CA LEU A 493 -3.35 0.56 64.57
C LEU A 493 -3.90 1.61 63.61
N ASP A 494 -5.16 1.44 63.25
CA ASP A 494 -5.89 2.36 62.37
C ASP A 494 -7.08 2.93 63.09
N PRO A 495 -7.29 4.25 63.00
CA PRO A 495 -8.48 4.86 63.57
C PRO A 495 -9.73 4.25 62.96
N THR A 496 -10.68 3.88 63.80
CA THR A 496 -11.89 3.19 63.35
C THR A 496 -12.56 4.00 62.23
N LYS A 497 -12.59 5.32 62.41
CA LYS A 497 -13.22 6.24 61.48
C LYS A 497 -12.70 6.08 60.05
N VAL A 498 -11.38 5.97 59.91
CA VAL A 498 -10.78 5.84 58.59
C VAL A 498 -11.12 4.52 57.91
N THR A 499 -11.17 3.44 58.68
CA THR A 499 -11.51 2.13 58.12
C THR A 499 -12.99 2.05 57.76
N ARG A 500 -13.82 2.73 58.53
CA ARG A 500 -15.25 2.80 58.26
C ARG A 500 -15.50 3.59 56.98
N SER A 501 -14.79 4.70 56.84
CA SER A 501 -14.90 5.55 55.67
C SER A 501 -14.39 4.81 54.43
N ALA A 502 -13.26 4.16 54.57
CA ALA A 502 -12.66 3.43 53.45
C ALA A 502 -13.57 2.34 52.92
N LEU A 503 -14.30 1.66 53.80
CA LEU A 503 -15.17 0.58 53.37
C LEU A 503 -16.47 1.11 52.80
N GLN A 504 -17.10 2.04 53.50
CA GLN A 504 -18.39 2.57 53.07
C GLN A 504 -18.33 3.23 51.69
N TYR A 505 -17.35 4.11 51.50
CA TYR A 505 -17.22 4.85 50.25
C TYR A 505 -16.93 3.90 49.10
N ALA A 506 -16.01 2.95 49.32
CA ALA A 506 -15.63 1.99 48.30
C ALA A 506 -16.80 1.12 47.87
N ALA A 507 -17.71 0.82 48.79
CA ALA A 507 -18.92 0.06 48.49
C ALA A 507 -19.93 0.91 47.73
N SER A 508 -20.03 2.19 48.12
CA SER A 508 -21.00 3.12 47.53
C SER A 508 -20.79 3.23 46.03
N VAL A 509 -19.55 3.44 45.62
CA VAL A 509 -19.23 3.57 44.20
C VAL A 509 -19.39 2.24 43.45
N ALA A 510 -18.88 1.15 44.05
CA ALA A 510 -18.98 -0.17 43.44
C ALA A 510 -20.44 -0.52 43.19
N GLY A 511 -21.30 -0.15 44.13
CA GLY A 511 -22.73 -0.37 44.02
C GLY A 511 -23.30 0.35 42.81
N LEU A 512 -22.90 1.60 42.63
CA LEU A 512 -23.35 2.37 41.50
C LEU A 512 -22.80 1.81 40.20
N MET A 513 -21.55 1.35 40.24
CA MET A 513 -20.90 0.85 39.04
C MET A 513 -21.38 -0.51 38.60
N ILE A 514 -21.84 -1.32 39.55
CA ILE A 514 -22.37 -2.63 39.24
C ILE A 514 -23.74 -2.52 38.55
N THR A 515 -24.49 -1.49 38.92
CA THR A 515 -25.80 -1.25 38.35
C THR A 515 -25.74 -0.40 37.08
N THR A 516 -24.57 -0.31 36.46
CA THR A 516 -24.43 0.45 35.23
C THR A 516 -24.69 -0.40 33.99
N GLU A 517 -25.54 0.12 33.11
CA GLU A 517 -25.89 -0.55 31.86
C GLU A 517 -25.56 0.25 30.61
N CYS A 518 -25.54 1.58 30.75
CA CYS A 518 -25.32 2.44 29.59
C CYS A 518 -24.34 3.56 29.91
N MET A 519 -23.43 3.81 28.97
CA MET A 519 -22.45 4.88 29.12
C MET A 519 -22.46 5.82 27.93
N VAL A 520 -22.51 7.12 28.22
CA VAL A 520 -22.55 8.16 27.20
C VAL A 520 -21.40 9.14 27.36
N THR A 521 -20.54 9.21 26.36
CA THR A 521 -19.38 10.11 26.38
C THR A 521 -19.15 10.77 25.03
N ASP A 522 -18.24 11.75 25.02
CA ASP A 522 -17.87 12.48 23.80
C ASP A 522 -17.11 11.59 22.81
N LEU A 523 -17.27 11.89 21.53
CA LEU A 523 -16.67 11.11 20.46
C LEU A 523 -15.19 11.48 20.27
N PRO A 524 -14.32 10.46 20.13
CA PRO A 524 -12.88 10.67 19.91
C PRO A 524 -12.57 11.37 18.58
N ALA B 1 -5.38 16.57 31.10
CA ALA B 1 -4.39 15.97 30.16
C ALA B 1 -4.37 14.45 30.25
N ALA B 2 -4.55 13.78 29.11
CA ALA B 2 -4.51 12.32 29.03
C ALA B 2 -3.13 11.79 29.40
N LYS B 3 -3.09 10.69 30.15
CA LYS B 3 -1.84 10.14 30.67
C LYS B 3 -1.57 8.72 30.19
N ASP B 4 -0.30 8.35 30.18
CA ASP B 4 0.14 7.01 29.83
C ASP B 4 0.71 6.38 31.08
N VAL B 5 0.33 5.14 31.36
CA VAL B 5 0.77 4.48 32.58
C VAL B 5 1.40 3.11 32.29
N LYS B 6 2.63 2.92 32.77
CA LYS B 6 3.32 1.63 32.63
C LYS B 6 3.63 1.02 33.98
N PHE B 7 3.53 -0.30 34.05
CA PHE B 7 3.71 -1.03 35.30
C PHE B 7 4.88 -2.00 35.30
N GLY B 8 5.49 -2.15 36.46
CA GLY B 8 6.46 -3.21 36.74
C GLY B 8 7.64 -3.28 35.80
N ASN B 9 7.91 -4.50 35.33
CA ASN B 9 9.09 -4.79 34.52
C ASN B 9 9.13 -3.91 33.28
N ASP B 10 7.98 -3.77 32.63
CA ASP B 10 7.80 -2.89 31.49
C ASP B 10 8.22 -1.45 31.81
N ALA B 11 7.89 -1.00 33.02
CA ALA B 11 8.15 0.38 33.43
C ALA B 11 9.62 0.61 33.77
N ARG B 12 10.25 -0.41 34.33
CA ARG B 12 11.63 -0.28 34.78
C ARG B 12 12.63 -0.26 33.62
N VAL B 13 12.42 -1.12 32.63
CA VAL B 13 13.34 -1.21 31.49
C VAL B 13 13.44 0.12 30.76
N LYS B 14 12.39 0.93 30.86
CA LYS B 14 12.38 2.24 30.24
C LYS B 14 13.22 3.22 31.05
N MET B 15 13.30 3.02 32.37
CA MET B 15 14.17 3.84 33.19
C MET B 15 15.62 3.50 32.94
N LEU B 16 15.94 2.20 32.95
CA LEU B 16 17.31 1.74 32.73
C LEU B 16 17.85 2.24 31.40
N ARG B 17 17.03 2.06 30.35
CA ARG B 17 17.33 2.55 29.01
C ARG B 17 17.58 4.07 29.05
N GLY B 18 16.80 4.75 29.88
CA GLY B 18 16.89 6.20 30.03
C GLY B 18 18.12 6.65 30.77
N VAL B 19 18.43 5.99 31.88
CA VAL B 19 19.63 6.34 32.65
C VAL B 19 20.91 5.97 31.91
N ASN B 20 20.86 4.88 31.16
CA ASN B 20 22.01 4.43 30.38
C ASN B 20 22.45 5.43 29.32
N VAL B 21 21.51 6.20 28.78
CA VAL B 21 21.86 7.27 27.86
C VAL B 21 22.60 8.39 28.59
N LEU B 22 22.04 8.89 29.69
CA LEU B 22 22.69 9.96 30.44
C LEU B 22 24.04 9.50 30.99
N ALA B 23 24.11 8.28 31.50
CA ALA B 23 25.35 7.78 32.10
C ALA B 23 26.45 7.64 31.05
N ASP B 24 26.16 6.93 29.97
CA ASP B 24 27.15 6.69 28.91
C ASP B 24 27.64 7.99 28.26
N ALA B 25 26.80 9.03 28.28
CA ALA B 25 27.18 10.34 27.76
C ALA B 25 28.10 11.07 28.72
N VAL B 26 28.06 10.69 30.00
CA VAL B 26 28.83 11.38 31.01
C VAL B 26 30.07 10.57 31.39
N LYS B 27 29.92 9.26 31.51
CA LYS B 27 31.02 8.41 31.99
C LYS B 27 32.26 8.42 31.08
N VAL B 28 32.09 8.90 29.85
CA VAL B 28 33.19 8.99 28.89
C VAL B 28 34.15 10.13 29.22
N THR B 29 33.71 11.02 30.10
CA THR B 29 34.48 12.21 30.43
C THR B 29 35.17 12.08 31.78
N LEU B 30 35.29 10.84 32.27
CA LEU B 30 35.87 10.62 33.58
C LEU B 30 37.37 10.56 33.51
N GLY B 31 38.03 11.06 34.56
CA GLY B 31 39.48 10.96 34.66
C GLY B 31 40.20 12.00 33.82
N PRO B 32 41.53 11.88 33.73
CA PRO B 32 42.32 12.77 32.90
C PRO B 32 42.51 12.19 31.50
N LYS B 33 42.25 10.90 31.35
CA LYS B 33 42.27 10.25 30.04
C LYS B 33 40.88 10.31 29.42
N GLY B 34 40.08 11.26 29.91
CA GLY B 34 38.71 11.46 29.46
C GLY B 34 38.55 11.90 28.03
N ARG B 35 37.36 11.69 27.50
CA ARG B 35 37.04 12.04 26.12
C ARG B 35 36.18 13.31 26.07
N ASN B 36 36.18 13.95 24.89
CA ASN B 36 35.38 15.14 24.67
C ASN B 36 33.95 14.79 24.26
N VAL B 37 32.99 15.54 24.80
CA VAL B 37 31.60 15.43 24.39
C VAL B 37 31.21 16.74 23.75
N VAL B 38 30.66 16.67 22.53
CA VAL B 38 30.27 17.86 21.79
C VAL B 38 28.78 18.12 21.91
N LEU B 39 28.43 19.33 22.35
CA LEU B 39 27.05 19.74 22.56
C LEU B 39 26.65 20.80 21.55
N ASP B 40 25.54 20.56 20.84
CA ASP B 40 25.09 21.46 19.80
C ASP B 40 24.33 22.66 20.35
N LYS B 41 24.54 23.79 19.70
CA LYS B 41 23.80 25.03 19.97
C LYS B 41 23.19 25.52 18.67
N SER B 42 22.02 26.14 18.77
CA SER B 42 21.35 26.70 17.59
C SER B 42 22.16 27.86 16.97
N PHE B 43 22.72 28.70 17.83
CA PHE B 43 23.51 29.85 17.37
C PHE B 43 24.99 29.49 17.19
N GLY B 44 25.42 29.44 15.93
CA GLY B 44 26.83 29.25 15.57
C GLY B 44 27.49 27.92 15.94
N ALA B 45 28.72 28.02 16.45
CA ALA B 45 29.60 26.88 16.71
C ALA B 45 29.14 26.00 17.88
N PRO B 46 29.37 24.68 17.79
CA PRO B 46 29.06 23.76 18.88
C PRO B 46 30.05 23.89 20.02
N THR B 47 29.62 23.49 21.22
CA THR B 47 30.48 23.52 22.41
C THR B 47 31.13 22.17 22.62
N ILE B 48 32.46 22.18 22.69
CA ILE B 48 33.23 20.98 22.99
C ILE B 48 33.67 21.09 24.45
N THR B 49 33.26 20.13 25.28
CA THR B 49 33.57 20.17 26.70
C THR B 49 33.77 18.79 27.31
N LYS B 50 34.46 18.76 28.45
CA LYS B 50 34.66 17.55 29.24
C LYS B 50 33.86 17.61 30.54
N ASP B 51 33.31 18.78 30.86
CA ASP B 51 32.56 19.03 32.09
C ASP B 51 31.29 18.18 32.19
N GLY B 52 31.31 17.18 33.06
CA GLY B 52 30.20 16.25 33.23
C GLY B 52 28.87 16.88 33.60
N VAL B 53 28.92 18.09 34.16
CA VAL B 53 27.71 18.83 34.53
C VAL B 53 27.05 19.40 33.29
N SER B 54 27.86 20.03 32.44
CA SER B 54 27.37 20.65 31.20
C SER B 54 26.75 19.62 30.26
N VAL B 55 27.32 18.41 30.24
CA VAL B 55 26.82 17.30 29.44
C VAL B 55 25.51 16.75 30.01
N ALA B 56 25.49 16.55 31.33
CA ALA B 56 24.27 16.07 32.01
C ALA B 56 23.09 17.00 31.78
N ARG B 57 23.30 18.30 32.00
CA ARG B 57 22.25 19.31 31.82
C ARG B 57 21.56 19.23 30.46
N GLU B 58 22.32 18.89 29.43
CA GLU B 58 21.82 18.90 28.06
C GLU B 58 20.95 17.68 27.70
N ILE B 59 21.14 16.57 28.42
CA ILE B 59 20.41 15.34 28.13
C ILE B 59 18.92 15.43 28.48
N GLU B 60 18.08 15.10 27.50
CA GLU B 60 16.63 15.04 27.65
C GLU B 60 16.09 14.20 26.51
N LEU B 61 15.56 13.03 26.81
CA LEU B 61 15.19 12.07 25.78
C LEU B 61 13.79 12.25 25.18
N GLU B 62 13.55 11.58 24.05
CA GLU B 62 12.26 11.67 23.35
C GLU B 62 11.19 10.84 24.03
N ASP B 63 11.47 9.55 24.25
CA ASP B 63 10.53 8.66 24.94
C ASP B 63 10.29 9.15 26.36
N LYS B 64 9.06 9.57 26.64
CA LYS B 64 8.73 10.23 27.90
C LYS B 64 9.21 9.43 29.12
N PHE B 65 9.05 8.11 29.06
CA PHE B 65 9.47 7.22 30.15
C PHE B 65 10.99 7.17 30.27
N GLU B 66 11.67 7.03 29.14
CA GLU B 66 13.12 7.09 29.11
C GLU B 66 13.62 8.42 29.67
N ASN B 67 12.97 9.50 29.23
CA ASN B 67 13.31 10.84 29.71
C ASN B 67 13.26 10.92 31.23
N MET B 68 12.20 10.37 31.80
CA MET B 68 12.04 10.35 33.24
C MET B 68 13.26 9.71 33.91
N GLY B 69 13.61 8.50 33.46
CA GLY B 69 14.77 7.78 33.99
C GLY B 69 15.99 8.68 33.99
N ALA B 70 16.34 9.15 32.80
CA ALA B 70 17.46 10.06 32.62
C ALA B 70 17.38 11.29 33.52
N GLN B 71 16.22 11.91 33.60
CA GLN B 71 16.05 13.13 34.39
C GLN B 71 16.13 12.88 35.88
N MET B 72 15.92 11.63 36.27
CA MET B 72 16.01 11.24 37.67
C MET B 72 17.45 11.23 38.17
N VAL B 73 18.34 10.57 37.42
CA VAL B 73 19.77 10.51 37.80
C VAL B 73 20.49 11.84 37.57
N LYS B 74 19.91 12.67 36.71
CA LYS B 74 20.41 14.01 36.45
C LYS B 74 20.29 14.86 37.71
N GLU B 75 19.19 14.66 38.43
CA GLU B 75 18.89 15.35 39.70
C GLU B 75 19.92 15.12 40.78
N VAL B 76 20.71 14.06 40.61
CA VAL B 76 21.72 13.66 41.56
C VAL B 76 23.03 14.37 41.23
N ALA B 77 23.42 14.24 39.96
CA ALA B 77 24.60 14.91 39.43
C ALA B 77 24.62 16.37 39.84
N SER B 78 23.50 17.07 39.63
CA SER B 78 23.38 18.49 39.97
C SER B 78 23.42 18.74 41.47
N LYS B 79 22.93 17.78 42.25
CA LYS B 79 22.92 17.89 43.71
C LYS B 79 24.28 17.57 44.36
N ALA B 80 25.04 16.68 43.72
CA ALA B 80 26.41 16.43 44.12
C ALA B 80 27.24 17.69 43.90
N ASN B 81 26.95 18.38 42.80
CA ASN B 81 27.55 19.66 42.44
C ASN B 81 27.23 20.74 43.46
N ASP B 82 26.02 20.67 44.04
CA ASP B 82 25.59 21.65 45.04
C ASP B 82 26.28 21.42 46.39
N ALA B 83 26.62 20.17 46.67
CA ALA B 83 27.24 19.79 47.94
C ALA B 83 28.74 20.09 47.98
N ALA B 84 29.43 19.76 46.88
CA ALA B 84 30.89 19.89 46.81
C ALA B 84 31.40 20.74 45.63
N GLY B 85 30.80 20.54 44.46
CA GLY B 85 31.24 21.22 43.23
C GLY B 85 32.10 20.30 42.36
N ASP B 86 32.49 19.19 42.94
CA ASP B 86 33.32 18.22 42.28
C ASP B 86 32.57 16.90 42.33
N GLY B 87 32.97 15.94 41.49
CA GLY B 87 32.51 14.56 41.61
C GLY B 87 31.14 14.28 41.05
N THR B 88 30.73 15.08 40.06
CA THR B 88 29.43 14.93 39.41
C THR B 88 29.42 13.76 38.44
N THR B 89 30.54 13.57 37.74
CA THR B 89 30.72 12.43 36.86
C THR B 89 30.87 11.15 37.69
N THR B 90 31.61 11.26 38.80
CA THR B 90 31.84 10.13 39.70
C THR B 90 30.53 9.68 40.35
N ALA B 91 29.64 10.62 40.60
CA ALA B 91 28.32 10.29 41.14
C ALA B 91 27.54 9.48 40.12
N THR B 92 27.55 9.96 38.88
CA THR B 92 26.73 9.38 37.81
C THR B 92 27.19 7.98 37.42
N VAL B 93 28.50 7.75 37.47
CA VAL B 93 29.00 6.41 37.13
C VAL B 93 28.64 5.40 38.21
N LEU B 94 28.53 5.89 39.45
CA LEU B 94 28.14 5.06 40.60
C LEU B 94 26.67 4.74 40.50
N ALA B 95 25.84 5.77 40.35
CA ALA B 95 24.40 5.63 40.25
C ALA B 95 24.01 4.58 39.22
N GLN B 96 24.63 4.64 38.04
CA GLN B 96 24.38 3.68 36.97
C GLN B 96 24.69 2.26 37.44
N ALA B 97 25.85 2.09 38.06
CA ALA B 97 26.33 0.78 38.50
C ALA B 97 25.48 0.14 39.60
N ILE B 98 24.84 0.98 40.42
CA ILE B 98 23.90 0.50 41.44
C ILE B 98 22.55 0.14 40.79
N ILE B 99 22.08 0.99 39.89
CA ILE B 99 20.81 0.77 39.20
C ILE B 99 20.86 -0.46 38.29
N THR B 100 21.87 -0.55 37.44
CA THR B 100 21.98 -1.65 36.48
C THR B 100 22.02 -3.00 37.20
N GLU B 101 22.85 -3.09 38.24
CA GLU B 101 23.00 -4.33 39.00
C GLU B 101 21.84 -4.54 39.96
N GLY B 102 21.26 -3.44 40.43
CA GLY B 102 20.09 -3.48 41.29
C GLY B 102 18.89 -4.07 40.57
N LEU B 103 18.55 -3.47 39.43
CA LEU B 103 17.41 -3.92 38.63
C LEU B 103 17.55 -5.37 38.18
N LYS B 104 18.79 -5.81 37.97
CA LYS B 104 19.07 -7.20 37.63
C LYS B 104 18.54 -8.15 38.70
N ALA B 105 18.70 -7.74 39.96
CA ALA B 105 18.23 -8.53 41.10
C ALA B 105 16.71 -8.51 41.21
N VAL B 106 16.12 -7.35 40.93
CA VAL B 106 14.67 -7.19 41.01
C VAL B 106 14.02 -8.08 39.97
N ALA B 107 14.59 -8.09 38.77
CA ALA B 107 14.09 -8.93 37.67
C ALA B 107 14.32 -10.42 37.92
N ALA B 108 15.33 -10.75 38.72
CA ALA B 108 15.60 -12.11 39.12
C ALA B 108 14.54 -12.60 40.10
N GLY B 109 13.90 -11.65 40.80
CA GLY B 109 12.78 -11.94 41.68
C GLY B 109 13.09 -11.70 43.14
N MET B 110 13.71 -10.56 43.42
CA MET B 110 14.10 -10.21 44.78
C MET B 110 13.38 -8.96 45.25
N ASN B 111 13.19 -8.84 46.56
CA ASN B 111 12.43 -7.75 47.15
C ASN B 111 13.17 -6.43 47.04
N PRO B 112 12.59 -5.46 46.29
CA PRO B 112 13.23 -4.15 46.11
C PRO B 112 13.46 -3.44 47.43
N MET B 113 12.50 -3.53 48.34
CA MET B 113 12.60 -2.86 49.63
C MET B 113 13.74 -3.41 50.48
N ASP B 114 14.02 -4.71 50.34
CA ASP B 114 15.16 -5.33 51.01
C ASP B 114 16.46 -4.96 50.29
N LEU B 115 16.40 -4.77 48.97
CA LEU B 115 17.57 -4.39 48.19
C LEU B 115 17.99 -2.96 48.50
N LYS B 116 17.01 -2.08 48.72
CA LYS B 116 17.31 -0.70 49.09
C LYS B 116 18.02 -0.64 50.44
N ARG B 117 17.45 -1.32 51.44
CA ARG B 117 18.01 -1.34 52.79
C ARG B 117 19.41 -1.93 52.83
N GLY B 118 19.66 -2.92 51.96
CA GLY B 118 20.99 -3.52 51.81
C GLY B 118 22.02 -2.53 51.29
N ILE B 119 21.60 -1.76 50.28
CA ILE B 119 22.44 -0.71 49.70
C ILE B 119 22.73 0.38 50.72
N ASP B 120 21.69 0.91 51.35
CA ASP B 120 21.84 2.02 52.30
C ASP B 120 22.69 1.66 53.53
N LYS B 121 22.60 0.41 53.99
CA LYS B 121 23.41 -0.05 55.10
C LYS B 121 24.86 -0.19 54.66
N ALA B 122 25.08 -0.68 53.44
CA ALA B 122 26.41 -0.76 52.87
C ALA B 122 27.04 0.62 52.71
N VAL B 123 26.21 1.60 52.37
CA VAL B 123 26.64 2.97 52.18
C VAL B 123 26.97 3.67 53.51
N THR B 124 26.09 3.53 54.50
CA THR B 124 26.30 4.12 55.83
C THR B 124 27.58 3.57 56.46
N ALA B 125 27.89 2.31 56.16
CA ALA B 125 29.13 1.66 56.60
C ALA B 125 30.32 2.13 55.77
N ALA B 126 30.09 2.45 54.51
CA ALA B 126 31.14 2.92 53.62
C ALA B 126 31.56 4.33 53.95
N VAL B 127 30.60 5.18 54.31
CA VAL B 127 30.88 6.54 54.76
C VAL B 127 31.67 6.51 56.07
N GLU B 128 31.32 5.55 56.93
CA GLU B 128 31.99 5.36 58.20
C GLU B 128 33.42 4.87 57.99
N GLU B 129 33.61 3.97 57.02
CA GLU B 129 34.93 3.44 56.69
C GLU B 129 35.79 4.49 56.00
N LEU B 130 35.13 5.39 55.28
CA LEU B 130 35.79 6.44 54.51
C LEU B 130 36.42 7.47 55.43
N LYS B 131 35.73 7.79 56.52
CA LYS B 131 36.24 8.73 57.51
C LYS B 131 37.54 8.23 58.14
N ALA B 132 37.66 6.91 58.27
CA ALA B 132 38.86 6.28 58.82
C ALA B 132 40.04 6.31 57.84
N LEU B 133 39.72 6.28 56.54
CA LEU B 133 40.73 6.30 55.49
C LEU B 133 41.20 7.72 55.17
N SER B 134 40.47 8.71 55.66
CA SER B 134 40.73 10.12 55.38
C SER B 134 41.97 10.65 56.09
N VAL B 135 42.79 11.41 55.37
CA VAL B 135 43.96 12.06 55.93
C VAL B 135 43.67 13.56 56.07
N PRO B 136 43.51 14.04 57.30
CA PRO B 136 43.08 15.42 57.54
C PRO B 136 44.10 16.47 57.12
N CYS B 137 43.61 17.66 56.79
CA CYS B 137 44.46 18.82 56.52
C CYS B 137 44.27 19.86 57.61
N SER B 138 45.19 19.88 58.57
CA SER B 138 45.11 20.75 59.75
C SER B 138 45.95 22.03 59.59
N ASP B 139 47.26 21.86 59.55
CA ASP B 139 48.21 22.98 59.46
C ASP B 139 48.19 23.64 58.08
N SER B 140 48.54 24.92 58.03
CA SER B 140 48.49 25.71 56.80
C SER B 140 49.59 25.37 55.77
N LYS B 141 50.43 24.39 56.10
CA LYS B 141 51.48 23.88 55.19
C LYS B 141 50.93 22.77 54.30
N ALA B 142 50.10 21.91 54.88
CA ALA B 142 49.44 20.83 54.14
C ALA B 142 48.22 21.34 53.37
N ILE B 143 47.69 22.48 53.79
CA ILE B 143 46.59 23.17 53.12
C ILE B 143 47.08 23.77 51.79
N ALA B 144 48.34 24.22 51.79
CA ALA B 144 48.97 24.77 50.59
C ALA B 144 49.20 23.72 49.52
N GLN B 145 49.43 22.48 49.94
CA GLN B 145 49.66 21.35 49.02
C GLN B 145 48.43 21.01 48.18
N VAL B 146 47.25 21.12 48.80
CA VAL B 146 45.98 20.79 48.13
C VAL B 146 45.62 21.84 47.08
N GLY B 147 45.82 23.11 47.43
CA GLY B 147 45.56 24.23 46.51
C GLY B 147 46.50 24.28 45.32
N THR B 148 47.68 23.68 45.48
CA THR B 148 48.70 23.66 44.41
C THR B 148 48.38 22.64 43.32
N ILE B 149 48.08 21.41 43.73
CA ILE B 149 47.84 20.32 42.77
C ILE B 149 46.47 20.44 42.09
N SER B 150 45.53 21.10 42.75
CA SER B 150 44.20 21.33 42.22
C SER B 150 44.18 22.41 41.13
N ALA B 151 45.20 23.28 41.15
CA ALA B 151 45.33 24.34 40.16
C ALA B 151 46.45 24.06 39.15
N ASN B 152 46.63 22.77 38.83
CA ASN B 152 47.63 22.29 37.86
C ASN B 152 49.07 22.70 38.21
N SER B 153 49.54 22.20 39.37
CA SER B 153 50.92 22.42 39.86
C SER B 153 51.37 23.89 39.96
N ASP B 154 50.42 24.78 40.26
CA ASP B 154 50.72 26.21 40.39
C ASP B 154 50.88 26.57 41.86
N GLU B 155 52.08 26.99 42.24
CA GLU B 155 52.41 27.29 43.63
C GLU B 155 51.90 28.66 44.09
N THR B 156 51.67 29.57 43.13
CA THR B 156 51.19 30.92 43.44
C THR B 156 49.74 30.87 43.94
N VAL B 157 48.97 29.92 43.44
CA VAL B 157 47.57 29.74 43.83
C VAL B 157 47.47 29.25 45.27
N GLY B 158 48.21 28.19 45.59
CA GLY B 158 48.21 27.59 46.92
C GLY B 158 48.71 28.50 48.03
N LYS B 159 49.62 29.41 47.68
CA LYS B 159 50.18 30.38 48.62
C LYS B 159 49.13 31.41 49.04
N LEU B 160 48.28 31.81 48.10
CA LEU B 160 47.25 32.81 48.36
C LEU B 160 46.14 32.29 49.27
N ILE B 161 45.73 31.04 49.03
CA ILE B 161 44.68 30.41 49.83
C ILE B 161 45.13 30.28 51.28
N ALA B 162 46.37 29.80 51.49
CA ALA B 162 46.93 29.63 52.83
C ALA B 162 47.03 30.96 53.60
N GLU B 163 47.37 32.04 52.91
CA GLU B 163 47.42 33.38 53.50
C GLU B 163 46.03 33.92 53.80
N ALA B 164 45.06 33.54 52.97
CA ALA B 164 43.67 33.96 53.16
C ALA B 164 43.05 33.25 54.36
N MET B 165 43.36 31.97 54.51
CA MET B 165 42.84 31.17 55.62
C MET B 165 43.55 31.48 56.93
N ASP B 166 44.72 32.11 56.84
CA ASP B 166 45.46 32.51 58.03
C ASP B 166 44.92 33.83 58.59
N LYS B 167 44.09 34.51 57.79
CA LYS B 167 43.51 35.81 58.18
C LYS B 167 42.13 35.68 58.80
N VAL B 168 41.22 34.99 58.13
CA VAL B 168 39.83 34.85 58.59
C VAL B 168 39.55 33.54 59.31
N GLY B 169 40.46 32.57 59.16
CA GLY B 169 40.31 31.27 59.81
C GLY B 169 39.81 30.20 58.85
N LYS B 170 39.61 29.00 59.38
CA LYS B 170 39.13 27.86 58.60
C LYS B 170 37.64 27.94 58.35
N GLU B 171 36.93 28.60 59.26
CA GLU B 171 35.49 28.82 59.14
C GLU B 171 35.17 30.13 58.42
N GLY B 172 36.19 30.97 58.26
CA GLY B 172 36.04 32.31 57.67
C GLY B 172 35.59 32.34 56.23
N VAL B 173 35.15 33.50 55.77
CA VAL B 173 34.61 33.65 54.41
C VAL B 173 35.66 34.17 53.45
N ILE B 174 35.89 33.44 52.36
CA ILE B 174 36.90 33.81 51.36
C ILE B 174 36.27 33.95 49.97
N THR B 175 36.54 35.09 49.32
CA THR B 175 35.98 35.38 48.00
C THR B 175 37.05 35.87 47.03
N VAL B 176 36.87 35.52 45.76
CA VAL B 176 37.77 35.92 44.69
C VAL B 176 37.08 36.86 43.70
N GLU B 177 37.77 37.94 43.34
CA GLU B 177 37.29 38.87 42.32
C GLU B 177 38.43 39.32 41.40
N ASP B 178 38.08 40.07 40.35
CA ASP B 178 39.04 40.55 39.36
C ASP B 178 40.11 41.46 39.96
N GLY B 179 41.34 41.34 39.44
CA GLY B 179 42.46 42.11 39.96
C GLY B 179 42.57 43.50 39.38
N THR B 180 43.36 44.33 40.04
CA THR B 180 43.56 45.73 39.64
C THR B 180 44.75 45.90 38.71
N GLY B 181 45.78 45.08 38.90
CA GLY B 181 47.02 45.21 38.15
C GLY B 181 47.83 43.94 38.01
N LEU B 182 49.10 44.03 38.43
CA LEU B 182 50.08 42.99 38.14
C LEU B 182 50.43 42.08 39.34
N GLN B 183 49.99 42.45 40.53
CA GLN B 183 50.27 41.64 41.70
C GLN B 183 49.00 41.21 42.42
N ASP B 184 49.06 40.01 43.01
CA ASP B 184 47.94 39.47 43.76
C ASP B 184 47.75 40.22 45.07
N GLU B 185 46.55 40.75 45.28
CA GLU B 185 46.23 41.53 46.47
C GLU B 185 45.33 40.77 47.44
N LEU B 186 45.45 41.10 48.72
CA LEU B 186 44.68 40.43 49.77
C LEU B 186 44.34 41.39 50.91
N ASP B 187 43.06 41.76 50.98
CA ASP B 187 42.55 42.61 52.07
C ASP B 187 41.41 41.90 52.79
N VAL B 188 41.20 42.28 54.05
CA VAL B 188 40.05 41.81 54.82
C VAL B 188 39.10 42.99 55.05
N VAL B 189 37.95 42.94 54.38
CA VAL B 189 36.96 44.01 54.46
C VAL B 189 35.71 43.58 55.22
N GLU B 190 35.00 44.56 55.76
CA GLU B 190 33.80 44.31 56.57
C GLU B 190 32.66 43.75 55.72
N GLY B 191 32.38 42.46 55.91
CA GLY B 191 31.34 41.76 55.15
C GLY B 191 30.71 40.61 55.91
N MET B 192 29.78 39.92 55.25
CA MET B 192 29.03 38.82 55.87
C MET B 192 28.52 37.81 54.83
N GLN B 193 28.39 36.55 55.25
CA GLN B 193 27.80 35.52 54.40
C GLN B 193 26.78 34.68 55.17
N PHE B 194 25.59 34.52 54.59
CA PHE B 194 24.53 33.71 55.20
C PHE B 194 24.04 32.60 54.26
N ASP B 195 23.44 31.55 54.80
CA ASP B 195 23.22 30.30 54.05
C ASP B 195 22.03 30.26 53.07
N ARG B 196 21.53 31.43 52.67
CA ARG B 196 20.37 31.53 51.78
C ARG B 196 20.77 31.79 50.33
N GLY B 197 19.88 31.47 49.38
CA GLY B 197 20.17 31.65 47.97
C GLY B 197 19.27 32.67 47.29
N TYR B 198 19.27 32.66 45.95
CA TYR B 198 18.36 33.50 45.15
C TYR B 198 16.94 32.95 45.18
N LEU B 199 15.97 33.80 44.87
CA LEU B 199 14.56 33.36 44.87
C LEU B 199 14.03 33.06 43.48
N SER B 200 14.79 33.45 42.46
CA SER B 200 14.53 33.03 41.09
C SER B 200 15.87 32.90 40.37
N PRO B 201 16.12 31.71 39.76
CA PRO B 201 17.32 31.51 38.95
C PRO B 201 17.27 32.33 37.65
N TYR B 202 16.79 33.56 37.77
CA TYR B 202 16.61 34.48 36.67
C TYR B 202 17.37 35.79 36.93
N PHE B 203 17.85 35.96 38.15
CA PHE B 203 18.71 37.09 38.48
C PHE B 203 20.16 36.82 38.06
N ILE B 204 20.49 35.53 37.91
CA ILE B 204 21.83 35.10 37.51
C ILE B 204 22.37 35.86 36.28
N ASN B 205 23.10 36.94 36.53
CA ASN B 205 23.59 37.80 35.46
C ASN B 205 24.86 37.27 34.79
N LYS B 206 25.56 36.35 35.45
CA LYS B 206 26.70 35.65 34.85
C LYS B 206 26.59 34.12 34.94
N PRO B 207 25.98 33.49 33.90
CA PRO B 207 25.81 32.03 33.83
C PRO B 207 27.15 31.29 33.76
N GLU B 208 28.25 32.04 33.67
CA GLU B 208 29.59 31.46 33.70
C GLU B 208 29.82 30.72 35.03
N THR B 209 29.25 31.25 36.10
CA THR B 209 29.32 30.60 37.41
C THR B 209 27.96 30.08 37.84
N GLY B 210 26.92 30.89 37.63
CA GLY B 210 25.56 30.57 38.05
C GLY B 210 25.15 31.37 39.26
N ALA B 211 25.55 32.64 39.30
CA ALA B 211 25.39 33.52 40.46
C ALA B 211 24.95 34.94 40.07
N VAL B 212 24.80 35.79 41.08
CA VAL B 212 24.39 37.18 40.88
C VAL B 212 25.42 38.13 41.51
N GLU B 213 26.17 38.80 40.64
CA GLU B 213 27.11 39.84 41.07
C GLU B 213 26.47 41.20 40.87
N LEU B 214 26.42 42.00 41.93
CA LEU B 214 25.91 43.36 41.83
C LEU B 214 26.96 44.37 42.24
N GLU B 215 27.28 45.27 41.33
CA GLU B 215 28.41 46.19 41.47
C GLU B 215 28.01 47.46 42.21
N SER B 216 28.57 47.63 43.40
CA SER B 216 28.23 48.72 44.33
C SER B 216 26.71 48.90 44.48
N PRO B 217 26.02 47.89 45.07
CA PRO B 217 24.56 47.88 45.17
C PRO B 217 23.99 48.39 46.49
N PHE B 218 22.68 48.70 46.49
CA PHE B 218 21.94 49.06 47.70
C PHE B 218 21.27 47.83 48.29
N ILE B 219 21.03 47.84 49.60
CA ILE B 219 20.45 46.69 50.28
C ILE B 219 19.24 47.08 51.13
N LEU B 220 18.08 46.56 50.79
CA LEU B 220 16.84 46.81 51.53
C LEU B 220 16.61 45.75 52.62
N LEU B 221 16.22 46.23 53.80
CA LEU B 221 16.08 45.39 54.98
C LEU B 221 14.69 45.51 55.59
N ALA B 222 13.84 44.51 55.35
CA ALA B 222 12.45 44.55 55.80
C ALA B 222 12.00 43.25 56.48
N ASP B 223 11.56 43.38 57.73
CA ASP B 223 11.12 42.24 58.52
C ASP B 223 9.68 41.84 58.16
N LYS B 224 9.47 41.52 56.88
CA LYS B 224 8.15 41.18 56.36
C LYS B 224 8.21 40.44 55.03
N LYS B 225 7.08 39.88 54.63
CA LYS B 225 6.91 39.31 53.30
C LYS B 225 6.43 40.42 52.36
N ILE B 226 6.75 40.29 51.06
CA ILE B 226 6.27 41.24 50.06
C ILE B 226 5.56 40.52 48.93
N SER B 227 4.26 40.79 48.80
CA SER B 227 3.43 40.14 47.80
C SER B 227 3.03 41.12 46.70
N ASN B 228 2.61 42.32 47.10
CA ASN B 228 2.33 43.42 46.18
C ASN B 228 3.56 44.30 45.97
N ILE B 229 3.82 44.71 44.73
CA ILE B 229 5.01 45.52 44.43
C ILE B 229 4.76 47.02 44.69
N ARG B 230 3.51 47.36 44.98
CA ARG B 230 3.10 48.74 45.26
C ARG B 230 3.90 49.40 46.38
N GLU B 231 4.17 48.65 47.46
CA GLU B 231 4.92 49.15 48.62
C GLU B 231 6.33 49.60 48.26
N MET B 232 6.87 49.01 47.20
CA MET B 232 8.23 49.28 46.74
C MET B 232 8.35 50.64 46.04
N LEU B 233 7.23 51.11 45.47
CA LEU B 233 7.20 52.35 44.66
C LEU B 233 8.15 53.50 45.06
N PRO B 234 8.05 54.01 46.32
CA PRO B 234 8.79 55.23 46.65
C PRO B 234 10.30 55.02 46.75
N VAL B 235 10.75 53.78 46.68
CA VAL B 235 12.17 53.46 46.71
C VAL B 235 12.68 52.73 45.46
N LEU B 236 11.82 51.93 44.84
CA LEU B 236 12.22 51.08 43.69
C LEU B 236 12.49 51.88 42.39
N GLU B 237 11.64 52.85 42.09
CA GLU B 237 11.85 53.73 40.95
C GLU B 237 12.83 54.86 41.31
N ALA B 238 12.84 55.23 42.58
CA ALA B 238 13.69 56.31 43.09
C ALA B 238 15.16 55.92 43.21
N VAL B 239 15.42 54.62 43.40
CA VAL B 239 16.79 54.11 43.50
C VAL B 239 17.53 54.22 42.16
N ALA B 240 16.80 54.02 41.06
CA ALA B 240 17.38 54.09 39.72
C ALA B 240 17.71 55.51 39.28
N LYS B 241 17.44 56.48 40.15
CA LYS B 241 17.93 57.85 39.97
C LYS B 241 19.42 57.93 40.32
N ALA B 242 19.90 56.93 41.05
CA ALA B 242 21.33 56.75 41.31
C ALA B 242 21.98 55.85 40.26
N GLY B 243 21.24 54.82 39.85
CA GLY B 243 21.68 53.88 38.81
C GLY B 243 22.28 52.60 39.36
N LYS B 244 22.49 52.56 40.67
CA LYS B 244 23.09 51.43 41.35
C LYS B 244 22.08 50.30 41.54
N PRO B 245 22.50 49.05 41.32
CA PRO B 245 21.67 47.87 41.57
C PRO B 245 21.10 47.80 43.00
N LEU B 246 20.13 46.92 43.21
CA LEU B 246 19.48 46.80 44.51
C LEU B 246 19.28 45.35 44.94
N LEU B 247 19.62 45.09 46.19
CA LEU B 247 19.40 43.79 46.82
C LEU B 247 18.25 43.89 47.81
N ILE B 248 17.33 42.93 47.75
CA ILE B 248 16.18 42.90 48.64
C ILE B 248 16.35 41.77 49.64
N ILE B 249 16.60 42.12 50.89
CA ILE B 249 16.55 41.13 51.95
C ILE B 249 15.27 41.33 52.77
N ALA B 250 14.40 40.32 52.71
CA ALA B 250 13.14 40.35 53.44
C ALA B 250 12.86 38.95 53.96
N GLU B 251 11.75 38.79 54.68
CA GLU B 251 11.32 37.47 55.13
C GLU B 251 11.14 36.57 53.91
N ASP B 252 10.49 37.11 52.87
CA ASP B 252 10.40 36.46 51.56
C ASP B 252 9.96 37.45 50.48
N VAL B 253 9.90 36.98 49.24
CA VAL B 253 9.34 37.73 48.12
C VAL B 253 8.41 36.79 47.35
N GLU B 254 7.18 37.26 47.08
CA GLU B 254 6.10 36.39 46.61
C GLU B 254 5.45 36.76 45.28
N GLY B 255 4.77 35.76 44.69
CA GLY B 255 3.86 35.91 43.54
C GLY B 255 4.10 37.03 42.55
N GLU B 256 3.38 38.13 42.73
CA GLU B 256 3.51 39.31 41.88
C GLU B 256 4.86 39.97 42.09
N ALA B 257 5.12 40.41 43.33
CA ALA B 257 6.36 41.10 43.68
C ALA B 257 7.62 40.39 43.20
N LEU B 258 7.60 39.06 43.19
CA LEU B 258 8.72 38.27 42.68
C LEU B 258 8.70 38.28 41.16
N ALA B 259 7.59 37.83 40.57
CA ALA B 259 7.47 37.76 39.12
C ALA B 259 7.75 39.10 38.44
N THR B 260 7.25 40.19 39.04
CA THR B 260 7.44 41.55 38.49
C THR B 260 8.89 42.01 38.60
N LEU B 261 9.61 41.54 39.61
CA LEU B 261 11.05 41.80 39.73
C LEU B 261 11.87 40.92 38.80
N VAL B 262 11.30 39.80 38.37
CA VAL B 262 11.94 38.90 37.40
C VAL B 262 11.88 39.47 35.97
N VAL B 263 10.70 39.97 35.59
CA VAL B 263 10.51 40.60 34.29
C VAL B 263 11.10 42.03 34.30
N ASN B 264 11.77 42.38 35.40
CA ASN B 264 12.50 43.65 35.49
C ASN B 264 14.01 43.46 35.69
N THR B 265 14.53 42.36 35.15
CA THR B 265 15.98 42.17 34.99
C THR B 265 16.27 41.74 33.55
N MET B 266 15.54 40.74 33.06
CA MET B 266 15.73 40.27 31.69
C MET B 266 15.07 41.18 30.65
N ARG B 267 14.20 42.08 31.12
CA ARG B 267 13.74 43.21 30.30
C ARG B 267 14.80 44.32 30.36
N GLY B 268 15.42 44.49 31.52
CA GLY B 268 16.60 45.34 31.66
C GLY B 268 16.36 46.72 32.24
N ILE B 269 15.81 46.77 33.46
CA ILE B 269 15.66 48.02 34.19
C ILE B 269 16.13 47.82 35.64
N VAL B 270 16.89 48.80 36.16
CA VAL B 270 17.38 48.82 37.55
C VAL B 270 18.53 47.83 37.84
N LYS B 271 18.31 46.55 37.52
CA LYS B 271 19.21 45.43 37.86
C LYS B 271 19.01 45.07 39.35
N VAL B 272 18.07 44.15 39.61
CA VAL B 272 17.64 43.87 40.99
C VAL B 272 17.94 42.43 41.42
N ALA B 273 17.82 42.19 42.72
CA ALA B 273 17.97 40.85 43.29
C ALA B 273 17.23 40.77 44.63
N ALA B 274 16.70 39.58 44.94
CA ALA B 274 15.93 39.35 46.17
C ALA B 274 16.23 38.01 46.82
N VAL B 275 16.55 38.04 48.12
CA VAL B 275 16.84 36.84 48.90
C VAL B 275 16.01 36.79 50.19
N LYS B 276 15.92 35.59 50.78
CA LYS B 276 15.30 35.39 52.10
C LYS B 276 16.17 35.99 53.21
N ALA B 277 15.52 36.40 54.30
CA ALA B 277 16.23 36.79 55.52
C ALA B 277 16.73 35.53 56.21
N PRO B 278 17.98 35.54 56.71
CA PRO B 278 18.52 34.37 57.40
C PRO B 278 17.86 34.14 58.76
N GLY B 279 17.64 32.87 59.11
CA GLY B 279 16.99 32.50 60.38
C GLY B 279 15.48 32.45 60.32
N PHE B 280 14.85 32.31 61.49
CA PHE B 280 13.38 32.29 61.59
C PHE B 280 12.83 32.75 62.93
N GLY B 281 11.66 33.37 62.88
CA GLY B 281 10.92 33.76 64.07
C GLY B 281 11.51 34.91 64.87
N ASP B 282 12.00 34.59 66.06
CA ASP B 282 12.56 35.59 66.97
C ASP B 282 14.04 35.90 66.72
N ARG B 283 14.77 34.93 66.15
CA ARG B 283 16.18 35.16 65.81
C ARG B 283 16.34 35.83 64.43
N ARG B 284 15.28 35.74 63.62
CA ARG B 284 15.25 36.40 62.30
C ARG B 284 15.28 37.92 62.46
N LYS B 285 14.51 38.41 63.43
CA LYS B 285 14.40 39.85 63.72
C LYS B 285 15.73 40.48 64.13
N ALA B 286 16.60 39.67 64.75
CA ALA B 286 17.90 40.15 65.18
C ALA B 286 18.95 39.95 64.10
N MET B 287 18.86 38.83 63.37
CA MET B 287 19.87 38.51 62.36
C MET B 287 19.89 39.50 61.20
N LEU B 288 18.77 40.17 60.95
CA LEU B 288 18.74 41.25 59.98
C LEU B 288 19.36 42.52 60.52
N GLN B 289 19.28 42.71 61.84
CA GLN B 289 19.84 43.89 62.49
C GLN B 289 21.37 43.83 62.49
N ASP B 290 21.91 42.62 62.40
CA ASP B 290 23.34 42.42 62.17
C ASP B 290 23.75 42.95 60.79
N ILE B 291 22.94 42.66 59.77
CA ILE B 291 23.21 43.13 58.41
C ILE B 291 23.06 44.65 58.30
N ALA B 292 21.99 45.17 58.88
CA ALA B 292 21.71 46.60 58.87
C ALA B 292 22.91 47.43 59.36
N THR B 293 23.48 47.02 60.50
CA THR B 293 24.62 47.69 61.09
C THR B 293 25.88 47.53 60.24
N LEU B 294 26.06 46.34 59.67
CA LEU B 294 27.20 46.02 58.81
C LEU B 294 27.18 46.87 57.56
N THR B 295 26.00 46.97 56.94
CA THR B 295 25.84 47.68 55.68
C THR B 295 25.49 49.15 55.89
N GLY B 296 25.27 49.53 57.15
CA GLY B 296 24.96 50.91 57.50
C GLY B 296 23.54 51.34 57.16
N GLY B 297 22.66 50.36 57.02
CA GLY B 297 21.25 50.62 56.75
C GLY B 297 20.42 50.66 58.02
N THR B 298 19.11 50.48 57.86
CA THR B 298 18.16 50.41 58.97
C THR B 298 17.03 49.44 58.63
N VAL B 299 16.54 48.73 59.64
CA VAL B 299 15.48 47.74 59.44
C VAL B 299 14.09 48.39 59.47
N ILE B 300 13.39 48.33 58.35
CA ILE B 300 12.02 48.80 58.26
C ILE B 300 11.08 47.66 58.61
N SER B 301 10.61 47.66 59.85
CA SER B 301 9.74 46.61 60.34
C SER B 301 8.33 47.13 60.60
N GLU B 302 7.36 46.24 60.52
CA GLU B 302 5.97 46.58 60.86
C GLU B 302 5.78 46.72 62.37
N GLU B 303 6.82 46.37 63.13
CA GLU B 303 6.79 46.37 64.60
C GLU B 303 6.76 47.77 65.20
N ILE B 304 7.64 48.66 64.69
CA ILE B 304 7.76 50.03 65.19
C ILE B 304 6.74 50.97 64.52
N GLY B 305 6.15 50.53 63.41
CA GLY B 305 5.10 51.28 62.73
C GLY B 305 5.57 52.02 61.48
N MET B 306 6.54 51.43 60.80
CA MET B 306 7.06 51.98 59.54
C MET B 306 6.82 50.98 58.41
N GLU B 307 6.49 51.50 57.22
CA GLU B 307 6.26 50.65 56.05
C GLU B 307 7.32 50.88 54.96
N LEU B 308 7.22 50.10 53.88
CA LEU B 308 8.10 50.28 52.72
C LEU B 308 7.81 51.56 51.94
N GLU B 309 6.74 52.27 52.33
CA GLU B 309 6.38 53.56 51.76
C GLU B 309 7.39 54.65 52.10
N LYS B 310 7.23 55.27 53.27
CA LYS B 310 8.05 56.43 53.67
C LYS B 310 9.33 56.05 54.46
N ALA B 311 10.35 55.65 53.71
CA ALA B 311 11.71 55.46 54.22
C ALA B 311 12.65 55.73 53.05
N THR B 312 13.29 56.91 53.07
CA THR B 312 14.04 57.43 51.92
C THR B 312 15.30 56.65 51.52
N LEU B 313 16.07 57.23 50.60
CA LEU B 313 17.19 56.56 49.93
C LEU B 313 18.27 56.00 50.86
N GLU B 314 18.55 56.68 51.97
CA GLU B 314 19.69 56.33 52.81
C GLU B 314 19.41 55.24 53.86
N ASP B 315 18.14 54.94 54.10
CA ASP B 315 17.77 53.81 54.98
C ASP B 315 18.21 52.47 54.38
N LEU B 316 18.68 52.52 53.13
CA LEU B 316 19.17 51.34 52.41
C LEU B 316 20.71 51.26 52.50
N GLY B 317 21.19 50.17 53.12
CA GLY B 317 22.61 49.96 53.34
C GLY B 317 23.43 49.88 52.06
N GLN B 318 24.64 50.45 52.10
CA GLN B 318 25.54 50.48 50.95
C GLN B 318 26.72 49.51 51.07
N ALA B 319 26.69 48.46 50.24
CA ALA B 319 27.84 47.57 50.06
C ALA B 319 28.54 47.93 48.76
N LYS B 320 29.75 47.43 48.57
CA LYS B 320 30.47 47.65 47.32
C LYS B 320 30.55 46.38 46.47
N ARG B 321 29.74 45.38 46.85
CA ARG B 321 29.60 44.14 46.09
C ARG B 321 28.76 43.13 46.87
N VAL B 322 27.87 42.41 46.18
CA VAL B 322 27.17 41.25 46.75
C VAL B 322 27.10 40.09 45.78
N VAL B 323 27.25 38.86 46.28
CA VAL B 323 27.25 37.67 45.44
C VAL B 323 26.25 36.65 45.98
N ILE B 324 25.35 36.19 45.11
CA ILE B 324 24.28 35.27 45.50
C ILE B 324 24.31 33.96 44.69
N ASN B 325 24.58 32.85 45.39
CA ASN B 325 24.55 31.50 44.80
C ASN B 325 23.15 30.90 44.87
N LYS B 326 23.06 29.61 44.55
CA LYS B 326 21.84 28.83 44.74
C LYS B 326 21.50 28.74 46.23
N ASP B 327 22.54 28.79 47.06
CA ASP B 327 22.40 28.57 48.50
C ASP B 327 23.40 29.37 49.35
N THR B 328 24.05 30.38 48.77
CA THR B 328 25.11 31.12 49.45
C THR B 328 25.13 32.62 49.11
N THR B 329 24.39 33.42 49.87
CA THR B 329 24.38 34.86 49.69
C THR B 329 25.52 35.52 50.48
N THR B 330 26.38 36.27 49.80
CA THR B 330 27.54 36.90 50.44
C THR B 330 27.78 38.39 50.11
N ILE B 331 27.77 39.20 51.16
CA ILE B 331 28.07 40.63 51.07
C ILE B 331 29.58 40.82 51.03
N ILE B 332 30.04 41.86 50.33
CA ILE B 332 31.45 42.23 50.33
C ILE B 332 31.63 43.75 50.52
N ASP B 333 32.22 44.12 51.65
CA ASP B 333 32.49 45.51 52.03
C ASP B 333 31.27 46.42 51.96
N GLY B 334 30.73 46.71 53.13
CA GLY B 334 29.61 47.65 53.26
C GLY B 334 30.01 48.88 54.04
N VAL B 335 29.67 50.06 53.51
CA VAL B 335 30.05 51.34 54.12
C VAL B 335 29.27 51.57 55.42
N GLY B 336 29.12 50.49 56.19
CA GLY B 336 28.56 50.55 57.52
C GLY B 336 29.53 51.24 58.44
N GLU B 337 29.00 52.09 59.31
CA GLU B 337 29.81 52.88 60.22
C GLU B 337 30.65 51.94 61.09
N GLU B 338 31.95 51.94 60.81
CA GLU B 338 32.90 50.98 61.39
C GLU B 338 32.85 50.96 62.92
N ALA B 339 32.68 52.13 63.53
CA ALA B 339 32.68 52.28 64.98
C ALA B 339 31.43 51.70 65.68
N ALA B 340 30.38 51.43 64.89
CA ALA B 340 29.14 50.87 65.44
C ALA B 340 29.00 49.36 65.21
N ILE B 341 29.79 48.83 64.28
CA ILE B 341 29.91 47.39 64.07
C ILE B 341 30.82 46.81 65.15
N GLN B 342 31.84 47.58 65.52
CA GLN B 342 32.79 47.20 66.55
C GLN B 342 32.12 47.22 67.94
N GLY B 343 31.38 48.28 68.23
CA GLY B 343 30.62 48.41 69.48
C GLY B 343 29.52 47.37 69.62
N ARG B 344 29.07 46.82 68.50
CA ARG B 344 28.04 45.78 68.50
C ARG B 344 28.59 44.45 69.00
N VAL B 345 29.83 44.15 68.64
CA VAL B 345 30.50 42.90 69.03
C VAL B 345 30.44 42.67 70.54
N ALA B 346 30.80 43.68 71.32
CA ALA B 346 30.76 43.61 72.78
C ALA B 346 29.34 43.53 73.34
N GLN B 347 28.36 44.00 72.57
CA GLN B 347 26.96 43.91 72.96
C GLN B 347 26.37 42.52 72.66
N ILE B 348 26.93 41.85 71.65
CA ILE B 348 26.56 40.46 71.37
C ILE B 348 27.35 39.51 72.28
N ARG B 349 28.57 39.91 72.64
CA ARG B 349 29.41 39.15 73.59
C ARG B 349 28.87 39.21 75.03
N GLN B 350 28.23 40.33 75.38
CA GLN B 350 27.63 40.50 76.69
C GLN B 350 26.36 39.65 76.83
N GLN B 351 25.80 39.24 75.69
CA GLN B 351 24.65 38.34 75.68
C GLN B 351 25.06 36.87 75.75
N ILE B 352 26.30 36.58 75.38
CA ILE B 352 26.86 35.24 75.52
C ILE B 352 26.85 34.84 76.99
N GLU B 353 27.27 35.77 77.85
CA GLU B 353 27.25 35.55 79.29
C GLU B 353 25.83 35.30 79.79
N GLU B 354 24.90 36.15 79.35
CA GLU B 354 23.52 36.10 79.83
C GLU B 354 22.76 34.94 79.20
N ALA B 355 23.19 33.72 79.51
CA ALA B 355 22.52 32.53 79.02
C ALA B 355 22.88 31.30 79.85
N THR B 356 21.87 30.68 80.45
CA THR B 356 22.05 29.38 81.10
C THR B 356 21.37 28.31 80.25
N SER B 357 21.66 28.36 78.95
CA SER B 357 21.12 27.42 77.98
C SER B 357 22.22 27.00 76.99
N ASP B 358 22.21 25.72 76.62
CA ASP B 358 23.23 25.14 75.74
C ASP B 358 23.02 25.45 74.25
N TYR B 359 21.87 26.05 73.92
CA TYR B 359 21.55 26.43 72.54
C TYR B 359 21.66 27.94 72.31
N ASP B 360 21.41 28.73 73.37
CA ASP B 360 21.59 30.19 73.31
C ASP B 360 23.06 30.55 73.05
N ARG B 361 23.97 29.79 73.66
CA ARG B 361 25.41 30.03 73.57
C ARG B 361 25.97 29.91 72.16
N GLU B 362 25.70 28.78 71.51
CA GLU B 362 26.21 28.51 70.17
C GLU B 362 25.69 29.51 69.13
N LYS B 363 24.36 29.69 69.09
CA LYS B 363 23.71 30.46 68.04
C LYS B 363 23.93 31.97 68.13
N LEU B 364 24.51 32.42 69.24
CA LEU B 364 24.97 33.80 69.36
C LEU B 364 26.43 33.91 68.91
N GLN B 365 27.17 32.82 69.03
CA GLN B 365 28.57 32.78 68.59
C GLN B 365 28.70 32.42 67.10
N GLU B 366 27.56 32.10 66.49
CA GLU B 366 27.48 31.96 65.04
C GLU B 366 27.13 33.30 64.42
N ARG B 367 27.18 34.36 65.24
CA ARG B 367 26.89 35.70 64.77
C ARG B 367 28.13 36.59 64.87
N VAL B 368 28.90 36.42 65.93
CA VAL B 368 30.12 37.21 66.15
C VAL B 368 31.15 36.98 65.03
N ALA B 369 31.38 35.71 64.69
CA ALA B 369 32.33 35.35 63.63
C ALA B 369 31.83 35.74 62.24
N LYS B 370 30.53 36.08 62.15
CA LYS B 370 29.94 36.60 60.91
C LYS B 370 30.19 38.10 60.75
N LEU B 371 30.44 38.78 61.87
CA LEU B 371 30.72 40.20 61.83
C LEU B 371 32.21 40.49 62.01
N ALA B 372 32.81 39.96 63.08
CA ALA B 372 34.24 40.13 63.33
C ALA B 372 35.10 39.48 62.26
N GLY B 373 34.69 38.29 61.81
CA GLY B 373 35.39 37.54 60.77
C GLY B 373 35.26 38.16 59.39
N GLY B 374 34.25 39.00 59.20
CA GLY B 374 34.03 39.73 57.97
C GLY B 374 34.12 38.87 56.73
N VAL B 375 34.83 39.37 55.72
CA VAL B 375 35.09 38.62 54.48
C VAL B 375 36.52 38.89 53.94
N ALA B 376 37.28 37.82 53.75
CA ALA B 376 38.58 37.88 53.10
C ALA B 376 38.40 37.92 51.59
N VAL B 377 39.07 38.86 50.94
CA VAL B 377 38.89 39.08 49.51
C VAL B 377 40.22 39.01 48.74
N ILE B 378 40.32 38.02 47.85
CA ILE B 378 41.52 37.83 47.03
C ILE B 378 41.33 38.41 45.63
N LYS B 379 42.33 39.16 45.17
CA LYS B 379 42.34 39.65 43.80
C LYS B 379 43.40 38.90 43.00
N VAL B 380 43.01 38.43 41.81
CA VAL B 380 43.92 37.71 40.93
C VAL B 380 44.82 38.70 40.20
N GLY B 381 46.03 38.29 39.86
CA GLY B 381 47.01 39.17 39.23
C GLY B 381 47.79 38.54 38.10
N ALA B 382 47.77 39.20 36.95
CA ALA B 382 48.52 38.81 35.75
C ALA B 382 48.35 39.90 34.70
N ALA B 383 49.38 40.09 33.87
CA ALA B 383 49.32 41.05 32.77
C ALA B 383 48.48 40.51 31.62
N THR B 384 47.99 41.43 30.78
CA THR B 384 47.25 41.13 29.53
C THR B 384 45.84 40.51 29.69
N GLU B 385 45.25 40.69 30.86
CA GLU B 385 43.82 40.38 31.11
C GLU B 385 43.36 38.94 30.83
N VAL B 386 43.65 38.44 29.63
CA VAL B 386 43.27 37.08 29.23
C VAL B 386 44.05 36.04 30.06
N GLU B 387 45.21 36.44 30.59
CA GLU B 387 46.01 35.62 31.50
C GLU B 387 45.52 35.72 32.95
N MET B 388 44.60 36.65 33.19
CA MET B 388 44.05 36.89 34.53
C MET B 388 42.77 36.09 34.75
N LYS B 389 41.85 36.15 33.79
CA LYS B 389 40.59 35.40 33.86
C LYS B 389 40.83 33.89 33.83
N GLU B 390 41.88 33.48 33.09
CA GLU B 390 42.29 32.08 33.02
C GLU B 390 42.84 31.62 34.37
N LYS B 391 43.48 32.55 35.08
CA LYS B 391 44.00 32.28 36.42
C LYS B 391 42.86 32.32 37.45
N LYS B 392 41.96 33.29 37.32
CA LYS B 392 40.80 33.44 38.19
C LYS B 392 40.01 32.15 38.27
N ALA B 393 39.84 31.50 37.12
CA ALA B 393 39.12 30.23 37.02
C ALA B 393 39.90 29.04 37.58
N ARG B 394 41.19 29.26 37.85
CA ARG B 394 42.04 28.25 38.49
C ARG B 394 42.19 28.52 39.98
N VAL B 395 41.94 29.76 40.38
CA VAL B 395 41.98 30.14 41.80
C VAL B 395 40.67 29.76 42.50
N GLU B 396 39.54 30.14 41.89
CA GLU B 396 38.20 29.78 42.37
C GLU B 396 37.93 28.27 42.30
N ASP B 397 38.80 27.56 41.58
CA ASP B 397 38.71 26.11 41.40
C ASP B 397 39.45 25.38 42.52
N ALA B 398 40.63 25.90 42.86
CA ALA B 398 41.45 25.33 43.94
C ALA B 398 40.86 25.66 45.31
N LEU B 399 40.10 26.75 45.39
CA LEU B 399 39.40 27.09 46.61
C LEU B 399 38.43 25.98 47.02
N HIS B 400 37.44 25.71 46.17
CA HIS B 400 36.37 24.72 46.45
C HIS B 400 36.89 23.37 46.92
N ALA B 401 38.03 22.96 46.36
CA ALA B 401 38.68 21.71 46.75
C ALA B 401 39.34 21.83 48.11
N THR B 402 39.93 22.99 48.38
CA THR B 402 40.60 23.25 49.65
C THR B 402 39.58 23.35 50.80
N ARG B 403 38.42 23.94 50.51
CA ARG B 403 37.32 24.02 51.46
C ARG B 403 36.92 22.64 51.96
N ALA B 404 36.77 21.71 51.02
CA ALA B 404 36.39 20.34 51.35
C ALA B 404 37.54 19.56 52.00
N ALA B 405 38.77 19.99 51.71
CA ALA B 405 39.95 19.37 52.28
C ALA B 405 40.09 19.71 53.76
N VAL B 406 39.46 20.79 54.19
CA VAL B 406 39.51 21.19 55.59
C VAL B 406 38.36 20.55 56.38
N GLU B 407 37.18 20.52 55.78
CA GLU B 407 35.97 20.08 56.48
C GLU B 407 35.99 18.58 56.82
N GLU B 408 36.35 17.75 55.85
CA GLU B 408 36.33 16.30 56.02
C GLU B 408 37.66 15.63 55.73
N GLY B 409 38.50 16.30 54.95
CA GLY B 409 39.83 15.80 54.65
C GLY B 409 39.97 15.36 53.21
N VAL B 410 41.06 14.64 52.93
CA VAL B 410 41.33 14.11 51.59
C VAL B 410 41.65 12.62 51.61
N VAL B 411 40.99 11.87 50.73
CA VAL B 411 41.25 10.44 50.59
C VAL B 411 42.09 10.17 49.35
N ALA B 412 42.47 8.93 49.16
CA ALA B 412 43.31 8.56 48.04
C ALA B 412 42.51 8.60 46.76
N GLY B 413 43.00 9.33 45.76
CA GLY B 413 42.31 9.51 44.49
C GLY B 413 42.30 8.30 43.58
N GLY B 414 41.94 8.52 42.31
CA GLY B 414 41.96 7.47 41.28
C GLY B 414 40.85 6.46 41.44
N GLY B 415 39.89 6.81 42.29
CA GLY B 415 38.77 5.95 42.64
C GLY B 415 39.18 4.77 43.50
N VAL B 416 40.38 4.84 44.08
CA VAL B 416 40.91 3.75 44.88
C VAL B 416 40.34 3.77 46.29
N ALA B 417 39.91 4.95 46.73
CA ALA B 417 39.32 5.12 48.05
C ALA B 417 38.11 4.20 48.20
N LEU B 418 37.23 4.23 47.20
CA LEU B 418 36.02 3.40 47.21
C LEU B 418 36.34 1.92 47.04
N ILE B 419 37.29 1.62 46.16
CA ILE B 419 37.66 0.23 45.90
C ILE B 419 38.39 -0.38 47.11
N ARG B 420 38.97 0.48 47.93
CA ARG B 420 39.64 0.07 49.17
C ARG B 420 38.59 -0.21 50.24
N VAL B 421 37.54 0.61 50.25
CA VAL B 421 36.40 0.44 51.13
C VAL B 421 35.68 -0.87 50.79
N ALA B 422 35.58 -1.16 49.49
CA ALA B 422 34.91 -2.36 48.99
C ALA B 422 35.49 -3.65 49.58
N SER B 423 36.81 -3.77 49.62
CA SER B 423 37.46 -4.97 50.14
C SER B 423 37.33 -5.08 51.66
N LYS B 424 37.12 -3.94 52.31
CA LYS B 424 37.02 -3.88 53.78
C LYS B 424 35.60 -4.10 54.30
N LEU B 425 34.64 -4.19 53.40
CA LEU B 425 33.26 -4.45 53.76
C LEU B 425 32.73 -5.77 53.20
N ALA B 426 33.64 -6.66 52.83
CA ALA B 426 33.28 -7.96 52.24
C ALA B 426 32.59 -8.90 53.22
N ASP B 427 32.79 -8.66 54.51
CA ASP B 427 32.17 -9.45 55.56
C ASP B 427 30.81 -8.91 56.02
N LEU B 428 30.40 -7.78 55.44
CA LEU B 428 29.15 -7.15 55.83
C LEU B 428 27.96 -7.94 55.31
N ARG B 429 27.00 -8.17 56.21
CA ARG B 429 25.79 -8.92 55.89
C ARG B 429 24.53 -8.18 56.37
N GLY B 430 23.38 -8.54 55.82
CA GLY B 430 22.11 -7.93 56.19
C GLY B 430 21.29 -8.82 57.10
N GLN B 431 19.97 -8.87 56.85
CA GLN B 431 19.06 -9.68 57.66
C GLN B 431 18.57 -10.93 56.93
N ASN B 432 18.32 -10.78 55.63
CA ASN B 432 17.98 -11.91 54.78
C ASN B 432 18.83 -11.92 53.49
N GLU B 433 18.67 -12.99 52.71
CA GLU B 433 19.44 -13.19 51.48
C GLU B 433 19.30 -12.00 50.51
N ASP B 434 18.09 -11.47 50.41
CA ASP B 434 17.81 -10.34 49.52
C ASP B 434 18.57 -9.09 49.93
N GLN B 435 18.73 -8.88 51.23
CA GLN B 435 19.51 -7.75 51.75
C GLN B 435 21.00 -7.96 51.49
N ASN B 436 21.42 -9.22 51.57
CA ASN B 436 22.82 -9.60 51.35
C ASN B 436 23.31 -9.25 49.94
N VAL B 437 22.43 -9.44 48.96
CA VAL B 437 22.75 -9.13 47.56
C VAL B 437 22.78 -7.61 47.38
N GLY B 438 21.88 -6.93 48.08
CA GLY B 438 21.82 -5.47 48.06
C GLY B 438 23.14 -4.82 48.46
N ILE B 439 23.83 -5.44 49.41
CA ILE B 439 25.15 -4.99 49.81
C ILE B 439 26.18 -5.25 48.71
N LYS B 440 26.18 -6.47 48.18
CA LYS B 440 27.13 -6.87 47.13
C LYS B 440 26.96 -6.06 45.85
N VAL B 441 25.73 -5.57 45.62
CA VAL B 441 25.45 -4.67 44.51
C VAL B 441 26.19 -3.35 44.72
N ALA B 442 26.10 -2.82 45.94
CA ALA B 442 26.75 -1.56 46.28
C ALA B 442 28.29 -1.66 46.27
N LEU B 443 28.81 -2.79 46.71
CA LEU B 443 30.26 -2.99 46.75
C LEU B 443 30.88 -3.16 45.36
N ARG B 444 30.14 -3.80 44.47
CA ARG B 444 30.59 -3.95 43.07
C ARG B 444 30.37 -2.65 42.28
N ALA B 445 29.58 -1.75 42.83
CA ALA B 445 29.36 -0.45 42.22
C ALA B 445 30.50 0.50 42.54
N MET B 446 31.17 0.26 43.67
CA MET B 446 32.28 1.11 44.11
C MET B 446 33.53 0.89 43.26
N GLU B 447 33.57 -0.26 42.55
CA GLU B 447 34.66 -0.57 41.65
C GLU B 447 34.56 0.21 40.35
N ALA B 448 33.35 0.60 39.98
CA ALA B 448 33.09 1.20 38.67
C ALA B 448 33.83 2.51 38.37
N PRO B 449 33.89 3.45 39.34
CA PRO B 449 34.63 4.69 39.06
C PRO B 449 36.06 4.45 38.56
N LEU B 450 36.83 3.64 39.28
CA LEU B 450 38.18 3.26 38.86
C LEU B 450 38.16 2.58 37.49
N ARG B 451 37.29 1.57 37.35
CA ARG B 451 37.17 0.80 36.12
C ARG B 451 36.85 1.68 34.93
N GLN B 452 36.10 2.76 35.16
CA GLN B 452 35.76 3.70 34.09
C GLN B 452 36.94 4.58 33.67
N ILE B 453 37.78 4.95 34.64
CA ILE B 453 38.97 5.76 34.36
C ILE B 453 39.96 4.96 33.54
N VAL B 454 40.12 3.69 33.89
CA VAL B 454 41.01 2.79 33.16
C VAL B 454 40.51 2.53 31.73
N LEU B 455 39.18 2.48 31.56
CA LEU B 455 38.59 2.25 30.26
C LEU B 455 38.91 3.40 29.30
N ASN B 456 38.88 4.63 29.84
CA ASN B 456 39.23 5.82 29.07
C ASN B 456 40.73 5.85 28.73
N CYS B 457 41.54 5.25 29.59
CA CYS B 457 42.98 5.19 29.42
C CYS B 457 43.39 4.12 28.41
N GLY B 458 42.40 3.37 27.94
CA GLY B 458 42.64 2.34 26.91
C GLY B 458 43.04 0.98 27.43
N GLU B 459 43.53 0.93 28.67
CA GLU B 459 43.90 -0.32 29.33
C GLU B 459 42.66 -1.09 29.79
N GLU B 460 42.80 -2.41 29.96
CA GLU B 460 41.70 -3.26 30.40
C GLU B 460 41.39 -3.02 31.87
N PRO B 461 40.15 -2.58 32.18
CA PRO B 461 39.78 -2.22 33.54
C PRO B 461 39.86 -3.39 34.51
N SER B 462 39.50 -4.58 34.03
CA SER B 462 39.52 -5.80 34.82
C SER B 462 40.91 -6.13 35.37
N VAL B 463 41.93 -5.96 34.53
CA VAL B 463 43.32 -6.22 34.91
C VAL B 463 43.82 -5.23 35.96
N VAL B 464 43.54 -3.95 35.74
CA VAL B 464 44.02 -2.88 36.64
C VAL B 464 43.33 -2.93 38.00
N ALA B 465 42.01 -3.09 38.00
CA ALA B 465 41.24 -3.19 39.23
C ALA B 465 41.66 -4.40 40.06
N ASN B 466 42.00 -5.49 39.38
CA ASN B 466 42.47 -6.69 40.05
C ASN B 466 43.85 -6.51 40.70
N THR B 467 44.68 -5.65 40.11
CA THR B 467 46.03 -5.38 40.63
C THR B 467 45.95 -4.42 41.82
N VAL B 468 45.04 -3.46 41.75
CA VAL B 468 44.85 -2.49 42.84
C VAL B 468 44.30 -3.19 44.10
N LYS B 469 43.42 -4.16 43.90
CA LYS B 469 42.83 -4.89 45.02
C LYS B 469 43.83 -5.80 45.74
N GLY B 470 44.78 -6.35 44.98
CA GLY B 470 45.82 -7.23 45.54
C GLY B 470 46.77 -6.52 46.47
N GLY B 471 47.20 -5.33 46.08
CA GLY B 471 47.98 -4.46 46.95
C GLY B 471 47.08 -3.76 47.96
N ASP B 472 47.68 -3.19 49.01
CA ASP B 472 46.93 -2.58 50.09
C ASP B 472 47.29 -1.11 50.31
N GLY B 473 46.37 -0.38 50.95
CA GLY B 473 46.60 1.02 51.33
C GLY B 473 46.24 2.03 50.26
N ASN B 474 47.09 3.04 50.09
CA ASN B 474 46.86 4.11 49.12
C ASN B 474 47.53 3.83 47.77
N TYR B 475 47.69 2.54 47.48
CA TYR B 475 48.31 2.07 46.25
C TYR B 475 47.26 2.00 45.16
N GLY B 476 47.49 2.72 44.07
CA GLY B 476 46.53 2.77 42.98
C GLY B 476 47.16 2.94 41.61
N TYR B 477 46.31 3.30 40.64
CA TYR B 477 46.75 3.44 39.26
C TYR B 477 46.71 4.91 38.83
N ASN B 478 47.84 5.38 38.32
CA ASN B 478 47.91 6.70 37.70
C ASN B 478 47.63 6.60 36.20
N ALA B 479 46.46 7.09 35.78
CA ALA B 479 46.03 6.99 34.39
C ALA B 479 46.79 7.94 33.47
N ALA B 480 47.24 9.07 34.02
CA ALA B 480 48.00 10.05 33.25
C ALA B 480 49.37 9.52 32.81
N THR B 481 50.07 8.84 33.72
CA THR B 481 51.41 8.35 33.45
C THR B 481 51.46 6.84 33.14
N GLU B 482 50.33 6.17 33.29
CA GLU B 482 50.22 4.71 33.11
C GLU B 482 51.13 3.94 34.07
N GLU B 483 51.34 4.53 35.25
CA GLU B 483 52.22 3.96 36.28
C GLU B 483 51.42 3.67 37.56
N TYR B 484 51.78 2.60 38.25
CA TYR B 484 51.22 2.30 39.56
C TYR B 484 52.02 3.01 40.63
N GLY B 485 51.46 3.10 41.83
CA GLY B 485 52.20 3.65 42.98
C GLY B 485 51.32 4.27 44.05
N ASN B 486 51.97 4.87 45.04
CA ASN B 486 51.26 5.60 46.10
C ASN B 486 50.59 6.85 45.54
N MET B 487 49.27 6.93 45.71
CA MET B 487 48.48 8.00 45.14
C MET B 487 48.79 9.35 45.79
N ILE B 488 48.89 9.34 47.12
CA ILE B 488 49.16 10.56 47.88
C ILE B 488 50.49 11.16 47.45
N ASP B 489 51.50 10.30 47.29
CA ASP B 489 52.85 10.73 46.89
C ASP B 489 52.87 11.27 45.47
N MET B 490 51.95 10.78 44.64
CA MET B 490 51.86 11.21 43.25
C MET B 490 50.96 12.43 43.05
N GLY B 491 50.39 12.93 44.15
CA GLY B 491 49.54 14.12 44.10
C GLY B 491 48.11 13.88 43.64
N ILE B 492 47.77 12.61 43.42
CA ILE B 492 46.42 12.23 43.02
C ILE B 492 45.56 12.02 44.24
N LEU B 493 44.70 12.98 44.53
CA LEU B 493 43.84 12.87 45.70
C LEU B 493 42.49 13.56 45.51
N ASP B 494 41.48 13.02 46.19
CA ASP B 494 40.13 13.55 46.17
C ASP B 494 39.71 13.96 47.57
N PRO B 495 39.09 15.14 47.70
CA PRO B 495 38.56 15.54 48.99
C PRO B 495 37.52 14.53 49.49
N THR B 496 37.64 14.12 50.74
CA THR B 496 36.76 13.09 51.29
C THR B 496 35.30 13.48 51.08
N LYS B 497 35.01 14.77 51.26
CA LYS B 497 33.65 15.31 51.15
C LYS B 497 33.01 15.01 49.80
N VAL B 498 33.77 15.19 48.72
CA VAL B 498 33.26 14.94 47.36
C VAL B 498 32.97 13.46 47.10
N THR B 499 33.81 12.58 47.60
CA THR B 499 33.61 11.15 47.42
C THR B 499 32.44 10.65 48.28
N ARG B 500 32.27 11.24 49.46
CA ARG B 500 31.14 10.93 50.33
C ARG B 500 29.82 11.36 49.69
N SER B 501 29.83 12.57 49.12
CA SER B 501 28.65 13.09 48.43
C SER B 501 28.33 12.27 47.20
N ALA B 502 29.35 11.96 46.41
CA ALA B 502 29.14 11.20 45.20
C ALA B 502 28.54 9.83 45.48
N LEU B 503 28.93 9.18 46.57
CA LEU B 503 28.41 7.86 46.87
C LEU B 503 26.99 7.92 47.44
N GLN B 504 26.81 8.79 48.44
CA GLN B 504 25.53 8.90 49.14
C GLN B 504 24.39 9.28 48.20
N TYR B 505 24.60 10.31 47.38
CA TYR B 505 23.58 10.79 46.48
C TYR B 505 23.23 9.74 45.44
N ALA B 506 24.25 9.10 44.87
CA ALA B 506 24.05 8.06 43.87
C ALA B 506 23.29 6.86 44.40
N ALA B 507 23.47 6.55 45.68
CA ALA B 507 22.72 5.48 46.33
C ALA B 507 21.28 5.90 46.63
N SER B 508 21.10 7.18 46.99
CA SER B 508 19.79 7.73 47.34
C SER B 508 18.82 7.57 46.19
N VAL B 509 19.25 7.96 44.99
CA VAL B 509 18.39 7.88 43.81
C VAL B 509 18.17 6.44 43.35
N ALA B 510 19.23 5.64 43.34
CA ALA B 510 19.13 4.24 42.93
C ALA B 510 18.15 3.51 43.84
N GLY B 511 18.17 3.84 45.12
CA GLY B 511 17.25 3.27 46.09
C GLY B 511 15.81 3.58 45.75
N LEU B 512 15.55 4.83 45.37
CA LEU B 512 14.22 5.25 44.98
C LEU B 512 13.81 4.59 43.67
N MET B 513 14.76 4.45 42.74
CA MET B 513 14.48 3.88 41.42
C MET B 513 14.30 2.37 41.43
N ILE B 514 14.93 1.69 42.36
CA ILE B 514 14.76 0.25 42.48
C ILE B 514 13.38 -0.08 43.04
N THR B 515 12.86 0.79 43.89
CA THR B 515 11.55 0.58 44.50
C THR B 515 10.41 1.14 43.64
N THR B 516 10.68 1.39 42.35
CA THR B 516 9.66 1.92 41.44
C THR B 516 8.87 0.80 40.76
N GLU B 517 7.55 0.91 40.82
CA GLU B 517 6.66 -0.07 40.22
C GLU B 517 5.74 0.53 39.17
N CYS B 518 5.42 1.82 39.32
CA CYS B 518 4.49 2.47 38.42
C CYS B 518 4.97 3.83 37.95
N MET B 519 4.81 4.09 36.66
CA MET B 519 5.21 5.37 36.09
C MET B 519 4.06 6.03 35.33
N VAL B 520 3.83 7.30 35.62
CA VAL B 520 2.77 8.07 35.01
C VAL B 520 3.31 9.32 34.32
N THR B 521 3.13 9.39 33.01
CA THR B 521 3.60 10.53 32.20
C THR B 521 2.57 10.96 31.15
N ASP B 522 2.84 12.11 30.53
CA ASP B 522 1.96 12.64 29.49
C ASP B 522 2.01 11.79 28.23
N LEU B 523 0.90 11.81 27.47
CA LEU B 523 0.75 10.99 26.27
C LEU B 523 1.46 11.64 25.07
N PRO B 524 2.22 10.84 24.28
CA PRO B 524 2.92 11.35 23.08
C PRO B 524 1.96 11.83 21.99
N ALA C 1 13.72 20.65 25.41
CA ALA C 1 13.86 20.14 24.02
C ALA C 1 14.43 18.73 23.99
N ALA C 2 13.73 17.83 23.29
CA ALA C 2 14.16 16.45 23.11
C ALA C 2 15.46 16.36 22.31
N LYS C 3 16.36 15.49 22.75
CA LYS C 3 17.69 15.39 22.16
C LYS C 3 17.99 14.01 21.57
N ASP C 4 18.90 13.99 20.61
CA ASP C 4 19.35 12.77 19.97
C ASP C 4 20.81 12.57 20.37
N VAL C 5 21.18 11.35 20.76
CA VAL C 5 22.53 11.08 21.22
C VAL C 5 23.15 9.89 20.49
N LYS C 6 24.32 10.11 19.91
CA LYS C 6 25.06 9.05 19.24
C LYS C 6 26.43 8.82 19.88
N PHE C 7 26.83 7.55 19.94
CA PHE C 7 28.06 7.17 20.62
C PHE C 7 29.11 6.54 19.70
N GLY C 8 30.37 6.78 20.04
CA GLY C 8 31.51 6.10 19.45
C GLY C 8 31.61 6.15 17.94
N ASN C 9 31.82 4.98 17.34
CA ASN C 9 32.09 4.85 15.92
C ASN C 9 30.96 5.44 15.10
N ASP C 10 29.74 5.15 15.51
CA ASP C 10 28.52 5.71 14.90
C ASP C 10 28.55 7.24 14.89
N ALA C 11 29.07 7.83 15.97
CA ALA C 11 29.08 9.27 16.15
C ALA C 11 30.17 9.93 15.32
N ARG C 12 31.29 9.23 15.18
CA ARG C 12 32.44 9.79 14.48
C ARG C 12 32.25 9.83 12.97
N VAL C 13 31.67 8.77 12.39
CA VAL C 13 31.47 8.70 10.94
C VAL C 13 30.58 9.83 10.43
N LYS C 14 29.73 10.36 11.31
CA LYS C 14 28.86 11.49 10.99
C LYS C 14 29.65 12.78 10.97
N MET C 15 30.69 12.87 11.80
CA MET C 15 31.56 14.04 11.75
C MET C 15 32.41 14.01 10.50
N LEU C 16 33.03 12.87 10.21
CA LEU C 16 33.89 12.73 9.03
C LEU C 16 33.13 13.07 7.76
N ARG C 17 31.94 12.49 7.64
CA ARG C 17 31.02 12.77 6.54
C ARG C 17 30.70 14.28 6.47
N GLY C 18 30.58 14.90 7.64
CA GLY C 18 30.28 16.32 7.75
C GLY C 18 31.44 17.21 7.36
N VAL C 19 32.63 16.90 7.86
CA VAL C 19 33.82 17.70 7.52
C VAL C 19 34.19 17.53 6.06
N ASN C 20 34.00 16.32 5.53
CA ASN C 20 34.32 16.02 4.14
C ASN C 20 33.52 16.88 3.15
N VAL C 21 32.31 17.27 3.54
CA VAL C 21 31.52 18.17 2.72
C VAL C 21 32.16 19.55 2.73
N LEU C 22 32.42 20.10 3.91
CA LEU C 22 33.02 21.43 3.99
C LEU C 22 34.40 21.47 3.35
N ALA C 23 35.20 20.43 3.57
CA ALA C 23 36.56 20.37 3.02
C ALA C 23 36.56 20.31 1.50
N ASP C 24 35.81 19.36 0.94
CA ASP C 24 35.77 19.18 -0.51
C ASP C 24 35.21 20.40 -1.22
N ALA C 25 34.37 21.17 -0.53
CA ALA C 25 33.82 22.39 -1.11
C ALA C 25 34.82 23.54 -1.08
N VAL C 26 35.82 23.43 -0.22
CA VAL C 26 36.81 24.48 -0.07
C VAL C 26 38.12 24.10 -0.76
N LYS C 27 38.54 22.85 -0.64
CA LYS C 27 39.83 22.41 -1.17
C LYS C 27 39.96 22.57 -2.71
N VAL C 28 38.83 22.71 -3.38
CA VAL C 28 38.82 22.89 -4.85
C VAL C 28 39.28 24.29 -5.26
N THR C 29 39.34 25.21 -4.30
CA THR C 29 39.68 26.59 -4.57
C THR C 29 41.11 26.92 -4.14
N LEU C 30 41.91 25.89 -3.96
CA LEU C 30 43.29 26.07 -3.53
C LEU C 30 44.22 26.39 -4.70
N GLY C 31 45.20 27.25 -4.44
CA GLY C 31 46.21 27.55 -5.45
C GLY C 31 45.74 28.53 -6.50
N PRO C 32 46.55 28.74 -7.55
CA PRO C 32 46.18 29.62 -8.64
C PRO C 32 45.50 28.84 -9.77
N LYS C 33 45.65 27.52 -9.75
CA LYS C 33 44.93 26.66 -10.69
C LYS C 33 43.60 26.21 -10.06
N GLY C 34 43.15 26.98 -9.08
CA GLY C 34 41.89 26.75 -8.38
C GLY C 34 40.63 26.86 -9.21
N ARG C 35 39.57 26.24 -8.70
CA ARG C 35 38.27 26.20 -9.37
C ARG C 35 37.30 27.18 -8.73
N ASN C 36 36.25 27.54 -9.48
CA ASN C 36 35.22 28.42 -8.98
C ASN C 36 34.15 27.65 -8.22
N VAL C 37 33.69 28.22 -7.11
CA VAL C 37 32.57 27.67 -6.37
C VAL C 37 31.42 28.68 -6.42
N VAL C 38 30.25 28.23 -6.86
CA VAL C 38 29.08 29.11 -7.02
C VAL C 38 28.15 28.99 -5.82
N LEU C 39 27.86 30.14 -5.22
CA LEU C 39 27.02 30.22 -4.04
C LEU C 39 25.71 30.92 -4.36
N ASP C 40 24.59 30.27 -4.05
CA ASP C 40 23.28 30.80 -4.38
C ASP C 40 22.81 31.85 -3.38
N LYS C 41 22.13 32.86 -3.91
CA LYS C 41 21.45 33.87 -3.11
C LYS C 41 19.98 33.92 -3.51
N SER C 42 19.11 34.22 -2.55
CA SER C 42 17.68 34.34 -2.83
C SER C 42 17.39 35.50 -3.76
N PHE C 43 18.07 36.63 -3.56
CA PHE C 43 17.87 37.83 -4.37
C PHE C 43 18.79 37.82 -5.61
N GLY C 44 18.19 37.64 -6.78
CA GLY C 44 18.88 37.75 -8.07
C GLY C 44 19.98 36.74 -8.38
N ALA C 45 21.08 37.24 -8.94
CA ALA C 45 22.18 36.43 -9.46
C ALA C 45 23.00 35.72 -8.38
N PRO C 46 23.52 34.52 -8.69
CA PRO C 46 24.38 33.78 -7.78
C PRO C 46 25.78 34.39 -7.72
N THR C 47 26.49 34.15 -6.61
CA THR C 47 27.85 34.65 -6.43
C THR C 47 28.84 33.57 -6.85
N ILE C 48 29.73 33.92 -7.77
CA ILE C 48 30.81 33.05 -8.21
C ILE C 48 32.08 33.56 -7.54
N THR C 49 32.72 32.72 -6.73
CA THR C 49 33.90 33.12 -5.99
C THR C 49 34.90 31.98 -5.82
N LYS C 50 36.15 32.36 -5.54
CA LYS C 50 37.23 31.42 -5.22
C LYS C 50 37.65 31.54 -3.75
N ASP C 51 37.15 32.56 -3.07
CA ASP C 51 37.48 32.87 -1.67
C ASP C 51 37.01 31.76 -0.71
N GLY C 52 37.98 31.01 -0.18
CA GLY C 52 37.71 29.88 0.71
C GLY C 52 36.91 30.21 1.96
N VAL C 53 36.96 31.47 2.37
CA VAL C 53 36.22 31.95 3.54
C VAL C 53 34.73 32.07 3.21
N SER C 54 34.44 32.69 2.06
CA SER C 54 33.06 32.90 1.62
C SER C 54 32.35 31.57 1.39
N VAL C 55 33.10 30.58 0.90
CA VAL C 55 32.55 29.24 0.66
C VAL C 55 32.31 28.52 1.98
N ALA C 56 33.29 28.59 2.88
CA ALA C 56 33.17 27.96 4.19
C ALA C 56 31.96 28.49 4.95
N ARG C 57 31.80 29.81 4.99
CA ARG C 57 30.70 30.46 5.71
C ARG C 57 29.33 29.94 5.30
N GLU C 58 29.18 29.59 4.03
CA GLU C 58 27.89 29.18 3.48
C GLU C 58 27.49 27.74 3.80
N ILE C 59 28.47 26.89 4.08
CA ILE C 59 28.20 25.47 4.37
C ILE C 59 27.49 25.25 5.71
N GLU C 60 26.37 24.53 5.66
CA GLU C 60 25.60 24.13 6.83
C GLU C 60 24.71 22.98 6.40
N LEU C 61 24.97 21.80 6.96
CA LEU C 61 24.31 20.58 6.48
C LEU C 61 22.95 20.27 7.11
N GLU C 62 22.21 19.35 6.48
CA GLU C 62 20.88 18.96 6.97
C GLU C 62 20.96 18.03 8.18
N ASP C 63 21.67 16.92 8.04
CA ASP C 63 21.85 15.98 9.14
C ASP C 63 22.56 16.70 10.27
N LYS C 64 21.86 16.84 11.40
CA LYS C 64 22.35 17.62 12.53
C LYS C 64 23.78 17.23 12.98
N PHE C 65 24.07 15.93 12.98
CA PHE C 65 25.39 15.42 13.36
C PHE C 65 26.45 15.78 12.33
N GLU C 66 26.12 15.59 11.06
CA GLU C 66 26.99 16.01 9.96
C GLU C 66 27.27 17.52 10.03
N ASN C 67 26.21 18.30 10.26
CA ASN C 67 26.33 19.73 10.41
C ASN C 67 27.36 20.10 11.47
N MET C 68 27.30 19.40 12.61
CA MET C 68 28.21 19.66 13.72
C MET C 68 29.65 19.49 13.26
N GLY C 69 29.93 18.36 12.62
CA GLY C 69 31.26 18.08 12.08
C GLY C 69 31.74 19.23 11.21
N ALA C 70 30.95 19.54 10.18
CA ALA C 70 31.24 20.64 9.27
C ALA C 70 31.44 21.97 10.01
N GLN C 71 30.54 22.28 10.94
CA GLN C 71 30.61 23.54 11.67
C GLN C 71 31.81 23.62 12.62
N MET C 72 32.36 22.47 12.97
CA MET C 72 33.53 22.42 13.84
C MET C 72 34.79 22.86 13.12
N VAL C 73 35.02 22.33 11.92
CA VAL C 73 36.22 22.69 11.13
C VAL C 73 36.09 24.08 10.51
N LYS C 74 34.84 24.55 10.42
CA LYS C 74 34.53 25.90 9.94
C LYS C 74 35.06 26.92 10.95
N GLU C 75 34.96 26.58 12.23
CA GLU C 75 35.45 27.42 13.32
C GLU C 75 36.96 27.69 13.28
N VAL C 76 37.66 26.85 12.54
CA VAL C 76 39.10 26.94 12.42
C VAL C 76 39.46 27.87 11.27
N ALA C 77 38.87 27.59 10.11
CA ALA C 77 39.02 28.42 8.92
C ALA C 77 38.85 29.90 9.26
N SER C 78 37.76 30.22 9.98
CA SER C 78 37.47 31.60 10.38
C SER C 78 38.49 32.16 11.38
N LYS C 79 39.05 31.28 12.21
CA LYS C 79 40.03 31.68 13.22
C LYS C 79 41.43 31.85 12.63
N ALA C 80 41.74 31.07 11.61
CA ALA C 80 42.97 31.26 10.84
C ALA C 80 42.92 32.62 10.15
N ASN C 81 41.73 32.97 9.65
CA ASN C 81 41.45 34.26 9.04
C ASN C 81 41.64 35.40 10.04
N ASP C 82 41.32 35.14 11.30
CA ASP C 82 41.43 36.15 12.36
C ASP C 82 42.90 36.39 12.75
N ALA C 83 43.71 35.35 12.62
CA ALA C 83 45.12 35.42 13.00
C ALA C 83 45.99 36.09 11.94
N ALA C 84 45.76 35.74 10.67
CA ALA C 84 46.59 36.23 9.55
C ALA C 84 45.81 36.93 8.43
N GLY C 85 44.65 36.37 8.06
CA GLY C 85 43.84 36.87 6.94
C GLY C 85 44.04 36.03 5.69
N ASP C 86 45.07 35.20 5.73
CA ASP C 86 45.43 34.35 4.62
C ASP C 86 45.43 32.92 5.14
N GLY C 87 45.40 31.95 4.24
CA GLY C 87 45.62 30.56 4.59
C GLY C 87 44.43 29.82 5.18
N THR C 88 43.24 30.28 4.85
CA THR C 88 42.00 29.67 5.37
C THR C 88 41.69 28.36 4.66
N THR C 89 41.97 28.33 3.36
CA THR C 89 41.82 27.11 2.56
C THR C 89 42.91 26.11 2.91
N THR C 90 44.13 26.63 3.13
CA THR C 90 45.28 25.80 3.52
C THR C 90 45.08 25.17 4.90
N ALA C 91 44.39 25.89 5.79
CA ALA C 91 44.04 25.34 7.09
C ALA C 91 43.09 24.16 6.93
N THR C 92 42.04 24.37 6.14
CA THR C 92 40.96 23.41 5.99
C THR C 92 41.44 22.12 5.31
N VAL C 93 42.36 22.24 4.35
CA VAL C 93 42.87 21.05 3.66
C VAL C 93 43.72 20.21 4.59
N LEU C 94 44.37 20.90 5.54
CA LEU C 94 45.19 20.26 6.57
C LEU C 94 44.30 19.55 7.58
N ALA C 95 43.35 20.29 8.14
CA ALA C 95 42.41 19.76 9.12
C ALA C 95 41.78 18.46 8.63
N GLN C 96 41.33 18.44 7.38
CA GLN C 96 40.72 17.25 6.80
C GLN C 96 41.71 16.09 6.82
N ALA C 97 42.93 16.35 6.37
CA ALA C 97 43.96 15.31 6.25
C ALA C 97 44.40 14.71 7.58
N ILE C 98 44.33 15.49 8.65
CA ILE C 98 44.61 15.00 10.00
C ILE C 98 43.42 14.19 10.53
N ILE C 99 42.21 14.68 10.30
CA ILE C 99 40.99 14.03 10.76
C ILE C 99 40.78 12.69 10.05
N THR C 100 40.84 12.70 8.74
CA THR C 100 40.59 11.49 7.95
C THR C 100 41.55 10.38 8.32
N GLU C 101 42.84 10.71 8.40
CA GLU C 101 43.87 9.74 8.74
C GLU C 101 43.86 9.42 10.23
N GLY C 102 43.47 10.41 11.04
CA GLY C 102 43.36 10.24 12.49
C GLY C 102 42.29 9.23 12.87
N LEU C 103 41.09 9.48 12.38
CA LEU C 103 39.95 8.61 12.64
C LEU C 103 40.19 7.18 12.16
N LYS C 104 40.94 7.04 11.07
CA LYS C 104 41.33 5.73 10.55
C LYS C 104 42.06 4.92 11.61
N ALA C 105 42.92 5.61 12.38
CA ALA C 105 43.70 4.98 13.44
C ALA C 105 42.83 4.64 14.63
N VAL C 106 41.87 5.52 14.93
CA VAL C 106 40.96 5.30 16.06
C VAL C 106 40.09 4.08 15.80
N ALA C 107 39.60 3.98 14.57
CA ALA C 107 38.78 2.85 14.13
C ALA C 107 39.59 1.54 14.07
N ALA C 108 40.89 1.66 13.85
CA ALA C 108 41.79 0.51 13.86
C ALA C 108 41.98 -0.03 15.27
N GLY C 109 41.75 0.84 16.26
CA GLY C 109 41.78 0.46 17.67
C GLY C 109 42.94 1.05 18.43
N MET C 110 43.16 2.35 18.23
CA MET C 110 44.26 3.06 18.88
C MET C 110 43.72 4.16 19.80
N ASN C 111 44.50 4.48 20.83
CA ASN C 111 44.08 5.44 21.84
C ASN C 111 44.04 6.85 21.29
N PRO C 112 42.86 7.48 21.27
CA PRO C 112 42.70 8.84 20.75
C PRO C 112 43.55 9.85 21.51
N MET C 113 43.61 9.71 22.83
CA MET C 113 44.40 10.62 23.65
C MET C 113 45.89 10.55 23.36
N ASP C 114 46.39 9.36 23.00
CA ASP C 114 47.78 9.20 22.56
C ASP C 114 47.98 9.73 21.14
N LEU C 115 46.93 9.64 20.32
CA LEU C 115 46.97 10.15 18.95
C LEU C 115 47.01 11.66 18.94
N LYS C 116 46.27 12.28 19.85
CA LYS C 116 46.28 13.74 19.96
C LYS C 116 47.66 14.24 20.35
N ARG C 117 48.22 13.65 21.40
CA ARG C 117 49.54 14.05 21.90
C ARG C 117 50.63 13.86 20.85
N GLY C 118 50.48 12.81 20.03
CA GLY C 118 51.40 12.55 18.92
C GLY C 118 51.37 13.66 17.89
N ILE C 119 50.16 14.09 17.54
CA ILE C 119 49.94 15.17 16.58
C ILE C 119 50.51 16.49 17.11
N ASP C 120 50.14 16.84 18.33
CA ASP C 120 50.53 18.12 18.93
C ASP C 120 52.04 18.24 19.12
N LYS C 121 52.71 17.14 19.43
CA LYS C 121 54.16 17.13 19.56
C LYS C 121 54.81 17.28 18.20
N ALA C 122 54.24 16.63 17.19
CA ALA C 122 54.68 16.78 15.81
C ALA C 122 54.50 18.21 15.32
N VAL C 123 53.43 18.85 15.76
CA VAL C 123 53.14 20.23 15.39
C VAL C 123 54.09 21.23 16.08
N THR C 124 54.26 21.07 17.39
CA THR C 124 55.17 21.94 18.15
C THR C 124 56.60 21.87 17.61
N ALA C 125 56.98 20.69 17.12
CA ALA C 125 58.26 20.49 16.46
C ALA C 125 58.28 21.09 15.06
N ALA C 126 57.13 21.09 14.40
CA ALA C 126 57.01 21.62 13.05
C ALA C 126 57.07 23.14 13.03
N VAL C 127 56.43 23.76 14.02
CA VAL C 127 56.49 25.21 14.20
C VAL C 127 57.93 25.64 14.50
N GLU C 128 58.63 24.82 15.29
CA GLU C 128 60.01 25.08 15.64
C GLU C 128 60.93 24.93 14.43
N GLU C 129 60.64 23.94 13.59
CA GLU C 129 61.41 23.69 12.36
C GLU C 129 61.12 24.76 11.31
N LEU C 130 59.90 25.28 11.36
CA LEU C 130 59.44 26.30 10.42
C LEU C 130 60.14 27.64 10.62
N LYS C 131 60.39 27.99 11.89
CA LYS C 131 61.12 29.21 12.24
C LYS C 131 62.54 29.20 11.69
N ALA C 132 63.13 28.01 11.60
CA ALA C 132 64.47 27.84 11.07
C ALA C 132 64.51 27.97 9.54
N LEU C 133 63.40 27.58 8.90
CA LEU C 133 63.27 27.65 7.44
C LEU C 133 62.87 29.04 6.95
N SER C 134 62.43 29.87 7.88
CA SER C 134 61.97 31.23 7.57
C SER C 134 63.10 32.17 7.16
N VAL C 135 62.86 32.96 6.13
CA VAL C 135 63.79 34.00 5.67
C VAL C 135 63.23 35.36 6.06
N PRO C 136 63.85 36.04 7.04
CA PRO C 136 63.30 37.28 7.59
C PRO C 136 63.30 38.44 6.60
N CYS C 137 62.37 39.37 6.80
CA CYS C 137 62.34 40.64 6.06
C CYS C 137 62.65 41.81 7.01
N SER C 138 63.92 42.25 6.99
CA SER C 138 64.41 43.28 7.90
C SER C 138 64.43 44.67 7.24
N ASP C 139 65.28 44.84 6.23
CA ASP C 139 65.45 46.13 5.54
C ASP C 139 64.24 46.46 4.65
N SER C 140 64.02 47.76 4.42
CA SER C 140 62.85 48.24 3.67
C SER C 140 62.92 48.00 2.15
N LYS C 141 64.00 47.36 1.70
CA LYS C 141 64.17 46.96 0.29
C LYS C 141 63.55 45.57 0.03
N ALA C 142 63.72 44.67 0.98
CA ALA C 142 63.12 43.32 0.92
C ALA C 142 61.64 43.34 1.33
N ILE C 143 61.25 44.38 2.08
CA ILE C 143 59.85 44.61 2.45
C ILE C 143 59.03 45.03 1.23
N ALA C 144 59.67 45.79 0.33
CA ALA C 144 59.05 46.23 -0.92
C ALA C 144 58.76 45.07 -1.88
N GLN C 145 59.62 44.05 -1.85
CA GLN C 145 59.46 42.85 -2.68
C GLN C 145 58.21 42.03 -2.35
N VAL C 146 57.86 41.97 -1.07
CA VAL C 146 56.70 41.21 -0.59
C VAL C 146 55.40 41.88 -0.98
N GLY C 147 55.35 43.21 -0.84
CA GLY C 147 54.18 44.00 -1.20
C GLY C 147 53.92 44.07 -2.70
N THR C 148 54.95 43.83 -3.49
CA THR C 148 54.86 43.87 -4.96
C THR C 148 54.20 42.60 -5.52
N ILE C 149 54.69 41.43 -5.10
CA ILE C 149 54.21 40.14 -5.62
C ILE C 149 52.85 39.74 -5.07
N SER C 150 52.51 40.26 -3.88
CA SER C 150 51.20 40.04 -3.25
C SER C 150 50.07 40.85 -3.92
N ALA C 151 50.44 41.93 -4.61
CA ALA C 151 49.48 42.78 -5.32
C ALA C 151 49.56 42.59 -6.85
N ASN C 152 49.86 41.36 -7.26
CA ASN C 152 49.96 40.97 -8.68
C ASN C 152 50.99 41.79 -9.49
N SER C 153 52.26 41.67 -9.08
CA SER C 153 53.40 42.33 -9.75
C SER C 153 53.28 43.86 -9.93
N ASP C 154 52.62 44.52 -8.98
CA ASP C 154 52.44 45.97 -9.01
C ASP C 154 53.47 46.65 -8.11
N GLU C 155 54.36 47.42 -8.71
CA GLU C 155 55.46 48.08 -8.00
C GLU C 155 55.04 49.34 -7.25
N THR C 156 53.93 49.95 -7.67
CA THR C 156 53.40 51.16 -7.04
C THR C 156 52.86 50.85 -5.64
N VAL C 157 52.33 49.65 -5.47
CA VAL C 157 51.78 49.21 -4.19
C VAL C 157 52.90 49.01 -3.16
N GLY C 158 53.93 48.27 -3.55
CA GLY C 158 55.06 47.95 -2.67
C GLY C 158 55.86 49.17 -2.24
N LYS C 159 55.88 50.18 -3.10
CA LYS C 159 56.60 51.43 -2.84
C LYS C 159 55.91 52.22 -1.71
N LEU C 160 54.58 52.19 -1.71
CA LEU C 160 53.79 52.93 -0.73
C LEU C 160 53.92 52.35 0.68
N ILE C 161 53.90 51.02 0.76
CA ILE C 161 54.01 50.31 2.03
C ILE C 161 55.37 50.59 2.67
N ALA C 162 56.43 50.51 1.88
CA ALA C 162 57.79 50.76 2.35
C ALA C 162 57.97 52.18 2.88
N GLU C 163 57.33 53.14 2.22
CA GLU C 163 57.36 54.55 2.65
C GLU C 163 56.53 54.78 3.90
N ALA C 164 55.46 54.01 4.04
CA ALA C 164 54.58 54.08 5.22
C ALA C 164 55.26 53.49 6.45
N MET C 165 55.98 52.39 6.25
CA MET C 165 56.69 51.72 7.33
C MET C 165 57.98 52.46 7.73
N ASP C 166 58.46 53.33 6.84
CA ASP C 166 59.64 54.14 7.11
C ASP C 166 59.27 55.37 7.95
N LYS C 167 57.97 55.64 8.07
CA LYS C 167 57.47 56.80 8.82
C LYS C 167 57.08 56.46 10.26
N VAL C 168 56.25 55.43 10.43
CA VAL C 168 55.75 55.03 11.75
C VAL C 168 56.50 53.86 12.37
N GLY C 169 57.28 53.15 11.54
CA GLY C 169 58.06 52.02 12.02
C GLY C 169 57.41 50.69 11.69
N LYS C 170 58.05 49.61 12.13
CA LYS C 170 57.56 48.26 11.89
C LYS C 170 56.41 47.90 12.83
N GLU C 171 56.39 48.54 14.00
CA GLU C 171 55.35 48.34 15.00
C GLU C 171 54.21 49.35 14.82
N GLY C 172 54.47 50.36 13.98
CA GLY C 172 53.54 51.47 13.77
C GLY C 172 52.22 51.09 13.12
N VAL C 173 51.23 51.98 13.22
CA VAL C 173 49.89 51.71 12.71
C VAL C 173 49.70 52.28 11.31
N ILE C 174 49.31 51.43 10.37
CA ILE C 174 49.11 51.83 8.97
C ILE C 174 47.68 51.53 8.49
N THR C 175 47.02 52.54 7.94
CA THR C 175 45.64 52.41 7.46
C THR C 175 45.46 52.95 6.05
N VAL C 176 44.56 52.32 5.31
CA VAL C 176 44.24 52.72 3.94
C VAL C 176 42.81 53.23 3.83
N GLU C 177 42.63 54.36 3.16
CA GLU C 177 41.32 54.90 2.86
C GLU C 177 41.23 55.43 1.41
N ASP C 178 40.04 55.84 1.01
CA ASP C 178 39.77 56.33 -0.35
C ASP C 178 40.59 57.59 -0.68
N GLY C 179 41.03 57.67 -1.93
CA GLY C 179 41.84 58.80 -2.39
C GLY C 179 41.05 60.03 -2.78
N THR C 180 41.76 61.17 -2.87
CA THR C 180 41.15 62.45 -3.19
C THR C 180 41.19 62.73 -4.70
N GLY C 181 42.23 62.25 -5.37
CA GLY C 181 42.42 62.54 -6.78
C GLY C 181 43.25 61.52 -7.54
N LEU C 182 44.31 62.01 -8.18
CA LEU C 182 45.07 61.21 -9.15
C LEU C 182 46.41 60.69 -8.65
N GLN C 183 46.87 61.16 -7.50
CA GLN C 183 48.14 60.70 -6.96
C GLN C 183 47.99 60.13 -5.56
N ASP C 184 48.82 59.12 -5.28
CA ASP C 184 48.82 58.47 -3.97
C ASP C 184 49.39 59.41 -2.92
N GLU C 185 48.61 59.63 -1.85
CA GLU C 185 49.00 60.53 -0.77
C GLU C 185 49.37 59.78 0.50
N LEU C 186 50.25 60.37 1.31
CA LEU C 186 50.73 59.76 2.53
C LEU C 186 51.00 60.81 3.61
N ASP C 187 50.13 60.85 4.62
CA ASP C 187 50.31 61.74 5.77
C ASP C 187 50.34 60.94 7.07
N VAL C 188 50.99 61.49 8.09
CA VAL C 188 50.97 60.91 9.43
C VAL C 188 50.16 61.81 10.35
N VAL C 189 48.98 61.35 10.72
CA VAL C 189 48.07 62.13 11.57
C VAL C 189 47.96 61.55 12.97
N GLU C 190 47.58 62.40 13.93
CA GLU C 190 47.47 62.03 15.33
C GLU C 190 46.34 61.03 15.57
N GLY C 191 46.71 59.78 15.83
CA GLY C 191 45.74 58.70 16.04
C GLY C 191 46.26 57.60 16.96
N MET C 192 45.42 56.57 17.18
CA MET C 192 45.75 55.48 18.08
C MET C 192 45.02 54.19 17.70
N GLN C 193 45.63 53.04 17.99
CA GLN C 193 45.00 51.73 17.79
C GLN C 193 45.19 50.84 19.03
N PHE C 194 44.07 50.26 19.50
CA PHE C 194 44.11 49.36 20.65
C PHE C 194 43.45 48.00 20.36
N ASP C 195 43.80 46.99 21.16
CA ASP C 195 43.36 45.60 20.95
C ASP C 195 41.97 45.25 21.48
N ARG C 196 40.94 45.92 20.96
CA ARG C 196 39.54 45.59 21.26
C ARG C 196 38.72 45.61 19.99
N GLY C 197 37.88 44.59 19.80
CA GLY C 197 37.03 44.48 18.62
C GLY C 197 35.63 45.03 18.85
N TYR C 198 34.76 44.83 17.87
CA TYR C 198 33.36 45.26 17.96
C TYR C 198 32.59 44.44 19.00
N LEU C 199 31.49 44.98 19.50
CA LEU C 199 30.69 44.29 20.52
C LEU C 199 29.60 43.38 19.94
N SER C 200 29.28 43.55 18.67
CA SER C 200 28.33 42.69 17.96
C SER C 200 28.56 42.68 16.45
N PRO C 201 28.71 41.48 15.86
CA PRO C 201 28.98 41.31 14.42
C PRO C 201 27.85 41.79 13.50
N TYR C 202 26.82 42.39 14.09
CA TYR C 202 25.73 42.99 13.31
C TYR C 202 25.97 44.48 13.10
N PHE C 203 27.03 45.01 13.72
CA PHE C 203 27.44 46.40 13.54
C PHE C 203 28.09 46.66 12.18
N ILE C 204 28.72 45.63 11.61
CA ILE C 204 29.41 45.70 10.33
C ILE C 204 28.57 46.37 9.24
N ASN C 205 29.08 47.44 8.66
CA ASN C 205 28.43 48.10 7.53
C ASN C 205 29.21 47.96 6.22
N LYS C 206 30.29 47.18 6.26
CA LYS C 206 31.01 46.75 5.06
C LYS C 206 31.32 45.24 5.16
N PRO C 207 30.35 44.39 4.77
CA PRO C 207 30.44 42.93 4.92
C PRO C 207 31.65 42.28 4.25
N GLU C 208 32.01 42.78 3.07
CA GLU C 208 33.15 42.24 2.30
C GLU C 208 34.49 42.38 3.03
N THR C 209 34.65 43.47 3.79
CA THR C 209 35.82 43.63 4.65
C THR C 209 35.62 42.82 5.94
N GLY C 210 34.37 42.64 6.34
CA GLY C 210 34.02 41.95 7.57
C GLY C 210 34.23 42.82 8.80
N ALA C 211 34.18 44.13 8.61
CA ALA C 211 34.49 45.10 9.66
C ALA C 211 33.54 46.31 9.68
N VAL C 212 33.29 46.84 10.87
CA VAL C 212 32.46 48.03 11.08
C VAL C 212 33.26 49.27 10.68
N GLU C 213 32.57 50.30 10.22
CA GLU C 213 33.22 51.52 9.73
C GLU C 213 32.30 52.73 9.89
N LEU C 214 32.79 53.76 10.58
CA LEU C 214 32.03 54.99 10.75
C LEU C 214 32.87 56.24 10.51
N GLU C 215 32.42 57.08 9.58
CA GLU C 215 33.16 58.27 9.17
C GLU C 215 32.72 59.54 9.85
N SER C 216 33.70 60.37 10.20
CA SER C 216 33.52 61.61 10.96
C SER C 216 32.54 61.45 12.15
N PRO C 217 32.89 60.55 13.11
CA PRO C 217 32.01 60.28 14.25
C PRO C 217 32.42 60.96 15.56
N PHE C 218 31.47 61.03 16.50
CA PHE C 218 31.75 61.44 17.88
C PHE C 218 32.14 60.22 18.70
N ILE C 219 32.84 60.43 19.81
CA ILE C 219 33.24 59.32 20.69
C ILE C 219 32.93 59.61 22.15
N LEU C 220 32.35 58.61 22.81
CA LEU C 220 32.03 58.69 24.24
C LEU C 220 33.15 58.10 25.08
N LEU C 221 33.61 58.87 26.05
CA LEU C 221 34.73 58.48 26.90
C LEU C 221 34.30 58.45 28.36
N ALA C 222 33.93 57.26 28.84
CA ALA C 222 33.45 57.09 30.21
C ALA C 222 33.85 55.74 30.80
N ASP C 223 34.57 55.77 31.91
CA ASP C 223 34.98 54.54 32.59
C ASP C 223 33.88 54.04 33.53
N LYS C 224 32.85 53.43 32.93
CA LYS C 224 31.78 52.76 33.67
C LYS C 224 30.93 51.85 32.77
N LYS C 225 30.17 50.95 33.39
CA LYS C 225 29.33 49.99 32.68
C LYS C 225 27.93 50.56 32.43
N ILE C 226 27.41 50.29 31.23
CA ILE C 226 26.09 50.79 30.81
C ILE C 226 25.14 49.61 30.58
N SER C 227 24.31 49.34 31.57
CA SER C 227 23.32 48.25 31.47
C SER C 227 22.03 48.76 30.84
N ASN C 228 21.48 49.82 31.43
CA ASN C 228 20.23 50.40 30.96
C ASN C 228 20.52 51.65 30.13
N ILE C 229 19.82 51.78 29.01
CA ILE C 229 20.07 52.87 28.05
C ILE C 229 19.39 54.21 28.46
N ARG C 230 18.88 54.24 29.68
CA ARG C 230 18.25 55.42 30.26
C ARG C 230 19.28 56.53 30.53
N GLU C 231 20.54 56.15 30.71
CA GLU C 231 21.64 57.08 30.97
C GLU C 231 22.11 57.81 29.71
N MET C 232 21.78 57.23 28.56
CA MET C 232 22.32 57.66 27.26
C MET C 232 21.54 58.77 26.57
N LEU C 233 20.29 58.96 26.98
CA LEU C 233 19.35 59.89 26.33
C LEU C 233 19.80 61.37 26.27
N PRO C 234 20.24 61.96 27.40
CA PRO C 234 20.74 63.34 27.33
C PRO C 234 22.04 63.51 26.50
N VAL C 235 22.45 62.46 25.81
CA VAL C 235 23.60 62.48 24.90
C VAL C 235 23.17 62.01 23.50
N LEU C 236 22.37 60.94 23.47
CA LEU C 236 21.93 60.30 22.21
C LEU C 236 20.92 61.13 21.42
N GLU C 237 20.15 61.97 22.12
CA GLU C 237 19.11 62.80 21.49
C GLU C 237 19.65 63.79 20.46
N ALA C 238 20.88 64.26 20.66
CA ALA C 238 21.55 65.13 19.70
C ALA C 238 22.60 64.36 18.88
N VAL C 239 22.15 63.28 18.25
CA VAL C 239 23.00 62.48 17.34
C VAL C 239 22.41 62.50 15.93
N ALA C 240 21.08 62.38 15.85
CA ALA C 240 20.36 62.59 14.60
C ALA C 240 20.35 64.08 14.24
N LYS C 241 20.29 64.92 15.29
CA LYS C 241 20.47 66.37 15.16
C LYS C 241 21.92 66.76 15.47
N ALA C 242 22.84 66.16 14.73
CA ALA C 242 24.27 66.46 14.79
C ALA C 242 24.95 66.17 13.45
N GLY C 243 24.20 65.53 12.55
CA GLY C 243 24.65 65.25 11.19
C GLY C 243 25.48 63.98 11.02
N LYS C 244 26.05 63.51 12.12
CA LYS C 244 27.06 62.45 12.08
C LYS C 244 26.90 61.44 13.25
N PRO C 245 27.36 60.19 13.05
CA PRO C 245 27.19 59.07 14.00
C PRO C 245 27.96 59.19 15.33
N LEU C 246 28.16 58.06 16.01
CA LEU C 246 28.73 58.03 17.36
C LEU C 246 29.43 56.69 17.68
N LEU C 247 30.51 56.75 18.47
CA LEU C 247 31.21 55.56 18.96
C LEU C 247 31.32 55.56 20.48
N ILE C 248 31.03 54.41 21.09
CA ILE C 248 31.10 54.27 22.54
C ILE C 248 32.30 53.42 22.95
N ILE C 249 33.18 54.00 23.75
CA ILE C 249 34.30 53.25 24.34
C ILE C 249 34.23 53.36 25.87
N ALA C 250 33.39 52.51 26.46
CA ALA C 250 33.17 52.46 27.91
C ALA C 250 33.65 51.13 28.50
N GLU C 251 33.50 50.96 29.81
CA GLU C 251 33.89 49.72 30.47
C GLU C 251 33.25 48.53 29.77
N ASP C 252 31.95 48.64 29.51
CA ASP C 252 31.23 47.71 28.64
C ASP C 252 29.81 48.21 28.39
N VAL C 253 29.18 47.66 27.35
CA VAL C 253 27.78 47.90 27.04
C VAL C 253 27.04 46.57 27.19
N GLU C 254 25.98 46.55 28.00
CA GLU C 254 25.30 45.29 28.35
C GLU C 254 23.79 45.28 28.12
N GLY C 255 23.27 44.07 27.89
CA GLY C 255 21.83 43.79 27.90
C GLY C 255 20.91 44.73 27.15
N GLU C 256 20.22 45.58 27.92
CA GLU C 256 19.23 46.50 27.37
C GLU C 256 19.88 47.66 26.59
N ALA C 257 21.04 48.12 27.07
CA ALA C 257 21.80 49.16 26.37
C ALA C 257 22.36 48.63 25.06
N LEU C 258 22.68 47.33 25.04
CA LEU C 258 23.19 46.65 23.85
C LEU C 258 22.12 46.52 22.78
N ALA C 259 21.02 45.86 23.13
CA ALA C 259 19.93 45.56 22.19
C ALA C 259 19.33 46.78 21.50
N THR C 260 19.48 47.95 22.13
CA THR C 260 19.03 49.22 21.54
C THR C 260 20.02 49.68 20.48
N LEU C 261 21.31 49.44 20.74
CA LEU C 261 22.38 49.83 19.82
C LEU C 261 22.70 48.74 18.77
N VAL C 262 22.06 47.59 18.91
CA VAL C 262 22.22 46.48 17.97
C VAL C 262 21.28 46.64 16.76
N VAL C 263 20.00 46.90 17.04
CA VAL C 263 18.97 46.96 16.01
C VAL C 263 18.90 48.35 15.33
N ASN C 264 19.42 49.37 15.99
CA ASN C 264 19.42 50.74 15.42
C ASN C 264 20.47 50.98 14.34
N THR C 265 21.44 50.07 14.21
CA THR C 265 22.38 50.07 13.09
C THR C 265 21.91 49.12 11.99
N MET C 266 21.34 47.99 12.42
CA MET C 266 20.88 46.93 11.53
C MET C 266 19.69 47.39 10.69
N ARG C 267 18.78 48.14 11.30
CA ARG C 267 17.66 48.77 10.60
C ARG C 267 18.03 50.16 10.09
N GLY C 268 19.19 50.65 10.52
CA GLY C 268 19.75 51.92 10.04
C GLY C 268 19.10 53.18 10.59
N ILE C 269 18.36 53.04 11.68
CA ILE C 269 17.76 54.19 12.35
C ILE C 269 18.75 54.72 13.40
N VAL C 270 19.60 55.65 12.98
CA VAL C 270 20.70 56.18 13.79
C VAL C 270 21.78 55.13 14.07
N LYS C 271 22.85 55.19 13.28
CA LYS C 271 23.98 54.25 13.39
C LYS C 271 24.99 54.69 14.44
N VAL C 272 25.11 53.87 15.50
CA VAL C 272 26.04 54.10 16.60
C VAL C 272 26.81 52.81 16.86
N ALA C 273 28.14 52.90 16.88
CA ALA C 273 28.99 51.74 17.20
C ALA C 273 29.48 51.78 18.65
N ALA C 274 29.65 50.60 19.24
CA ALA C 274 30.08 50.49 20.62
C ALA C 274 31.13 49.39 20.81
N VAL C 275 32.15 49.69 21.61
CA VAL C 275 33.26 48.76 21.86
C VAL C 275 33.75 48.77 23.31
N LYS C 276 34.63 47.83 23.64
CA LYS C 276 35.27 47.77 24.95
C LYS C 276 36.34 48.86 25.13
N ALA C 277 36.61 49.20 26.39
CA ALA C 277 37.72 50.08 26.74
C ALA C 277 39.04 49.30 26.72
N PRO C 278 40.16 49.98 26.42
CA PRO C 278 41.43 49.26 26.35
C PRO C 278 42.02 48.97 27.74
N GLY C 279 42.36 47.71 27.98
CA GLY C 279 43.06 47.30 29.20
C GLY C 279 42.21 46.85 30.37
N PHE C 280 42.88 46.48 31.46
CA PHE C 280 42.22 46.01 32.68
C PHE C 280 42.70 46.78 33.92
N GLY C 281 41.77 47.04 34.84
CA GLY C 281 42.07 47.66 36.13
C GLY C 281 42.90 48.93 36.08
N ASP C 282 44.20 48.77 36.33
CA ASP C 282 45.16 49.88 36.36
C ASP C 282 45.32 50.57 35.02
N ARG C 283 45.58 49.76 33.98
CA ARG C 283 45.76 50.30 32.64
C ARG C 283 44.44 50.71 31.96
N ARG C 284 43.32 50.17 32.46
CA ARG C 284 42.00 50.51 31.93
C ARG C 284 41.67 51.98 32.17
N LYS C 285 41.90 52.45 33.40
CA LYS C 285 41.59 53.81 33.81
C LYS C 285 42.51 54.86 33.21
N ALA C 286 43.74 54.46 32.88
CA ALA C 286 44.77 55.39 32.38
C ALA C 286 44.88 55.40 30.85
N MET C 287 44.66 54.25 30.21
CA MET C 287 44.67 54.18 28.75
C MET C 287 43.46 54.86 28.13
N LEU C 288 42.33 54.82 28.84
CA LEU C 288 41.14 55.55 28.43
C LEU C 288 41.40 57.05 28.51
N GLN C 289 42.20 57.46 29.49
CA GLN C 289 42.62 58.85 29.66
C GLN C 289 43.57 59.28 28.53
N ASP C 290 44.40 58.34 28.08
CA ASP C 290 45.32 58.57 26.97
C ASP C 290 44.58 58.65 25.62
N ILE C 291 43.25 58.71 25.69
CA ILE C 291 42.39 58.93 24.53
C ILE C 291 41.58 60.21 24.73
N ALA C 292 41.29 60.52 25.99
CA ALA C 292 40.54 61.72 26.36
C ALA C 292 41.17 62.97 25.75
N THR C 293 42.48 63.07 25.86
CA THR C 293 43.22 64.23 25.36
C THR C 293 43.66 64.03 23.89
N LEU C 294 43.07 63.05 23.23
CA LEU C 294 43.37 62.77 21.83
C LEU C 294 42.18 63.09 20.91
N THR C 295 40.99 63.18 21.49
CA THR C 295 39.78 63.45 20.73
C THR C 295 39.06 64.73 21.19
N GLY C 296 39.60 65.36 22.22
CA GLY C 296 39.03 66.59 22.77
C GLY C 296 37.80 66.31 23.62
N GLY C 297 37.78 65.13 24.24
CA GLY C 297 36.71 64.75 25.16
C GLY C 297 37.17 64.84 26.60
N THR C 298 36.45 64.16 27.49
CA THR C 298 36.79 64.13 28.93
C THR C 298 36.39 62.79 29.55
N VAL C 299 37.22 62.30 30.47
CA VAL C 299 36.96 61.05 31.20
C VAL C 299 35.85 61.26 32.23
N ILE C 300 34.77 60.49 32.08
CA ILE C 300 33.62 60.55 32.96
C ILE C 300 33.55 59.29 33.83
N SER C 301 33.97 59.43 35.09
CA SER C 301 33.99 58.31 36.03
C SER C 301 33.19 58.62 37.29
N GLU C 302 33.01 57.61 38.14
CA GLU C 302 32.30 57.76 39.41
C GLU C 302 33.21 58.13 40.58
N GLU C 303 34.40 58.64 40.26
CA GLU C 303 35.35 59.13 41.28
C GLU C 303 35.22 60.65 41.45
N ILE C 304 34.86 61.34 40.36
CA ILE C 304 34.82 62.80 40.29
C ILE C 304 33.47 63.34 40.78
N GLY C 305 32.41 63.04 40.03
CA GLY C 305 31.06 63.54 40.29
C GLY C 305 30.29 63.76 39.00
N MET C 306 30.65 62.98 37.98
CA MET C 306 30.05 63.09 36.66
C MET C 306 29.54 61.74 36.18
N GLU C 307 28.23 61.68 35.89
CA GLU C 307 27.61 60.51 35.27
C GLU C 307 27.37 60.82 33.78
N LEU C 308 26.61 59.98 33.09
CA LEU C 308 26.35 60.19 31.66
C LEU C 308 25.33 61.30 31.36
N GLU C 309 24.73 61.85 32.41
CA GLU C 309 23.73 62.91 32.28
C GLU C 309 24.36 64.31 32.20
N LYS C 310 25.49 64.49 32.87
CA LYS C 310 26.21 65.78 32.91
C LYS C 310 26.81 66.14 31.53
N ALA C 311 27.10 65.11 30.74
CA ALA C 311 27.62 65.27 29.39
C ALA C 311 26.50 65.47 28.38
N THR C 312 26.75 66.31 27.37
CA THR C 312 25.78 66.58 26.30
C THR C 312 26.39 66.37 24.91
N LEU C 313 27.16 67.36 24.44
CA LEU C 313 27.81 67.32 23.12
C LEU C 313 29.29 67.73 23.17
N GLU C 314 29.62 68.62 24.10
CA GLU C 314 30.97 69.18 24.25
C GLU C 314 31.97 68.18 24.82
N ASP C 315 31.53 67.44 25.84
CA ASP C 315 32.39 66.48 26.56
C ASP C 315 32.71 65.23 25.72
N LEU C 316 32.14 65.15 24.52
CA LEU C 316 32.39 64.07 23.56
C LEU C 316 33.66 64.35 22.74
N GLY C 317 34.13 63.33 22.03
CA GLY C 317 35.34 63.44 21.22
C GLY C 317 35.11 63.18 19.74
N GLN C 318 35.29 64.22 18.94
CA GLN C 318 35.09 64.13 17.50
C GLN C 318 36.27 63.46 16.79
N ALA C 319 35.96 62.68 15.78
CA ALA C 319 36.97 62.01 14.95
C ALA C 319 36.66 62.22 13.47
N LYS C 320 37.56 61.76 12.61
CA LYS C 320 37.33 61.83 11.17
C LYS C 320 37.33 60.46 10.49
N ARG C 321 37.58 59.41 11.27
CA ARG C 321 37.40 58.01 10.82
C ARG C 321 37.76 56.98 11.89
N VAL C 322 36.92 55.96 12.04
CA VAL C 322 37.18 54.83 12.94
C VAL C 322 36.91 53.47 12.27
N VAL C 323 37.97 52.66 12.18
CA VAL C 323 37.87 51.31 11.64
C VAL C 323 37.85 50.32 12.80
N ILE C 324 36.83 49.46 12.83
CA ILE C 324 36.61 48.52 13.93
C ILE C 324 36.59 47.05 13.44
N ASN C 325 37.72 46.36 13.58
CA ASN C 325 37.81 44.96 13.19
C ASN C 325 37.27 44.05 14.28
N LYS C 326 37.40 42.73 14.07
CA LYS C 326 36.99 41.76 15.08
C LYS C 326 37.87 41.82 16.34
N ASP C 327 39.09 42.32 16.16
CA ASP C 327 40.08 42.34 17.25
C ASP C 327 40.60 43.74 17.59
N THR C 328 40.61 44.65 16.63
CA THR C 328 41.20 45.98 16.84
C THR C 328 40.32 47.14 16.40
N THR C 329 40.19 48.13 17.29
CA THR C 329 39.61 49.42 16.95
C THR C 329 40.76 50.32 16.56
N THR C 330 40.51 51.26 15.66
CA THR C 330 41.51 52.25 15.28
C THR C 330 40.88 53.62 14.95
N ILE C 331 41.23 54.61 15.77
CA ILE C 331 40.75 55.99 15.60
C ILE C 331 41.71 56.75 14.69
N ILE C 332 41.16 57.37 13.65
CA ILE C 332 41.98 58.11 12.68
C ILE C 332 41.64 59.61 12.68
N ASP C 333 42.69 60.42 12.77
CA ASP C 333 42.61 61.88 12.67
C ASP C 333 41.45 62.48 13.45
N GLY C 334 41.42 62.19 14.75
CA GLY C 334 40.46 62.82 15.66
C GLY C 334 40.93 64.23 15.98
N VAL C 335 40.06 65.03 16.60
CA VAL C 335 40.40 66.41 16.91
C VAL C 335 41.41 66.43 18.07
N GLY C 336 42.64 66.04 17.74
CA GLY C 336 43.72 66.00 18.72
C GLY C 336 44.40 67.33 18.81
N GLU C 337 44.23 68.00 19.94
CA GLU C 337 44.92 69.26 20.22
C GLU C 337 46.42 69.00 20.42
N GLU C 338 47.22 69.38 19.42
CA GLU C 338 48.67 69.22 19.46
C GLU C 338 49.30 70.02 20.62
N ALA C 339 48.65 71.12 20.99
CA ALA C 339 49.05 71.93 22.13
C ALA C 339 48.74 71.26 23.49
N ALA C 340 47.91 70.22 23.45
CA ALA C 340 47.49 69.51 24.67
C ALA C 340 47.98 68.05 24.76
N ILE C 341 48.73 67.61 23.75
CA ILE C 341 49.27 66.23 23.72
C ILE C 341 50.72 66.15 24.18
N GLN C 342 51.53 67.13 23.77
CA GLN C 342 52.93 67.26 24.24
C GLN C 342 53.01 67.57 25.74
N GLY C 343 52.11 68.44 26.21
CA GLY C 343 51.99 68.78 27.63
C GLY C 343 51.43 67.64 28.47
N ARG C 344 51.17 66.50 27.83
CA ARG C 344 50.74 65.28 28.50
C ARG C 344 51.90 64.29 28.56
N VAL C 345 52.77 64.33 27.56
CA VAL C 345 53.96 63.47 27.49
C VAL C 345 54.96 63.80 28.61
N ALA C 346 54.92 65.04 29.10
CA ALA C 346 55.78 65.49 30.22
C ALA C 346 55.40 64.87 31.57
N GLN C 347 54.22 64.26 31.64
CA GLN C 347 53.75 63.55 32.83
C GLN C 347 53.95 62.04 32.70
N ILE C 348 54.12 61.57 31.46
CA ILE C 348 54.37 60.16 31.17
C ILE C 348 55.88 59.87 31.19
N ARG C 349 56.66 60.73 30.54
CA ARG C 349 58.10 60.53 30.41
C ARG C 349 58.86 60.72 31.73
N GLN C 350 58.19 61.27 32.73
CA GLN C 350 58.75 61.42 34.07
C GLN C 350 58.52 60.16 34.92
N GLN C 351 57.51 59.38 34.58
CA GLN C 351 57.19 58.14 35.28
C GLN C 351 58.10 56.99 34.85
N ILE C 352 58.64 57.09 33.64
CA ILE C 352 59.59 56.11 33.11
C ILE C 352 60.94 56.29 33.81
N GLU C 353 61.39 57.54 33.90
CA GLU C 353 62.62 57.91 34.61
C GLU C 353 62.61 57.31 36.03
N GLU C 354 61.55 57.60 36.77
CA GLU C 354 61.37 57.07 38.12
C GLU C 354 60.58 55.76 38.06
N ALA C 355 61.26 54.69 37.66
CA ALA C 355 60.65 53.36 37.59
C ALA C 355 61.26 52.40 38.61
N THR C 356 60.53 52.16 39.69
CA THR C 356 60.96 51.22 40.74
C THR C 356 60.54 49.77 40.40
N SER C 357 59.82 49.62 39.31
CA SER C 357 59.37 48.30 38.84
C SER C 357 59.89 48.02 37.43
N ASP C 358 60.15 46.73 37.16
CA ASP C 358 60.69 46.29 35.87
C ASP C 358 59.62 46.26 34.78
N TYR C 359 58.37 46.02 35.17
CA TYR C 359 57.22 45.94 34.27
C TYR C 359 56.71 47.32 33.84
N ASP C 360 56.83 48.31 34.73
CA ASP C 360 56.43 49.69 34.46
C ASP C 360 57.21 50.31 33.30
N ARG C 361 58.53 50.12 33.29
CA ARG C 361 59.41 50.65 32.24
C ARG C 361 59.13 50.00 30.87
N GLU C 362 58.85 48.71 30.87
CA GLU C 362 58.53 47.96 29.64
C GLU C 362 57.17 48.31 29.05
N LYS C 363 56.32 48.94 29.85
CA LYS C 363 54.94 49.23 29.47
C LYS C 363 54.60 50.73 29.35
N LEU C 364 55.34 51.58 30.06
CA LEU C 364 55.12 53.02 29.97
C LEU C 364 55.71 53.62 28.69
N GLN C 365 56.64 52.89 28.08
CA GLN C 365 57.15 53.24 26.74
C GLN C 365 56.33 52.56 25.64
N GLU C 366 55.33 51.79 26.07
CA GLU C 366 54.36 51.16 25.16
C GLU C 366 53.09 52.02 25.05
N ARG C 367 53.07 53.13 25.80
CA ARG C 367 51.98 54.12 25.74
C ARG C 367 52.30 55.26 24.78
N VAL C 368 53.59 55.57 24.63
CA VAL C 368 54.05 56.56 23.65
C VAL C 368 54.11 55.98 22.23
N ALA C 369 54.12 54.65 22.14
CA ALA C 369 54.10 53.96 20.86
C ALA C 369 52.73 54.06 20.21
N LYS C 370 51.68 53.82 21.00
CA LYS C 370 50.28 53.91 20.55
C LYS C 370 49.85 55.36 20.32
N LEU C 371 50.24 56.25 21.24
CA LEU C 371 49.76 57.62 21.28
C LEU C 371 50.48 58.58 20.33
N ALA C 372 51.79 58.74 20.53
CA ALA C 372 52.60 59.68 19.75
C ALA C 372 53.33 59.04 18.56
N GLY C 373 53.19 57.72 18.42
CA GLY C 373 53.78 56.96 17.31
C GLY C 373 53.19 57.33 15.96
N GLY C 374 51.88 57.53 15.96
CA GLY C 374 51.18 58.02 14.77
C GLY C 374 50.40 56.99 13.98
N VAL C 375 49.66 57.46 12.98
CA VAL C 375 48.90 56.61 12.07
C VAL C 375 49.22 56.96 10.60
N ALA C 376 49.93 56.05 9.94
CA ALA C 376 50.29 56.20 8.53
C ALA C 376 49.06 55.97 7.64
N VAL C 377 48.54 57.07 7.10
CA VAL C 377 47.30 57.04 6.33
C VAL C 377 47.54 57.08 4.82
N ILE C 378 47.41 55.92 4.19
CA ILE C 378 47.58 55.82 2.72
C ILE C 378 46.28 56.21 2.03
N LYS C 379 46.34 57.26 1.22
CA LYS C 379 45.21 57.67 0.40
C LYS C 379 45.45 57.15 -1.02
N VAL C 380 44.62 56.20 -1.44
CA VAL C 380 44.81 55.50 -2.72
C VAL C 380 44.25 56.32 -3.89
N GLY C 381 45.08 56.54 -4.90
CA GLY C 381 44.74 57.44 -6.01
C GLY C 381 45.03 56.94 -7.41
N ALA C 382 44.20 56.01 -7.88
CA ALA C 382 44.10 55.66 -9.29
C ALA C 382 42.77 56.23 -9.77
N ALA C 383 42.82 57.29 -10.58
CA ALA C 383 41.67 58.17 -10.78
C ALA C 383 40.61 57.76 -11.82
N THR C 384 39.74 56.84 -11.39
CA THR C 384 38.49 56.46 -12.04
C THR C 384 37.82 55.51 -11.06
N GLU C 385 36.62 55.88 -10.59
CA GLU C 385 35.99 55.18 -9.46
C GLU C 385 35.84 53.67 -9.64
N VAL C 386 35.91 53.20 -10.88
CA VAL C 386 35.87 51.76 -11.17
C VAL C 386 37.25 51.14 -10.96
N GLU C 387 38.30 51.87 -11.34
CA GLU C 387 39.70 51.43 -11.19
C GLU C 387 40.29 51.80 -9.82
N MET C 388 39.53 52.57 -9.04
CA MET C 388 39.98 53.04 -7.72
C MET C 388 39.71 52.01 -6.62
N LYS C 389 38.48 51.50 -6.59
CA LYS C 389 38.09 50.45 -5.63
C LYS C 389 38.58 49.07 -6.06
N GLU C 390 39.40 49.05 -7.11
CA GLU C 390 39.98 47.82 -7.65
C GLU C 390 41.40 47.63 -7.13
N LYS C 391 42.13 48.75 -6.98
CA LYS C 391 43.47 48.75 -6.40
C LYS C 391 43.45 49.01 -4.90
N LYS C 392 42.35 49.57 -4.41
CA LYS C 392 42.16 49.83 -2.98
C LYS C 392 42.31 48.56 -2.16
N ALA C 393 41.76 47.46 -2.68
CA ALA C 393 41.82 46.17 -2.01
C ALA C 393 43.22 45.56 -2.08
N ARG C 394 43.84 45.63 -3.26
CA ARG C 394 45.13 45.00 -3.51
C ARG C 394 46.29 45.61 -2.71
N VAL C 395 46.02 46.75 -2.05
CA VAL C 395 46.97 47.32 -1.08
C VAL C 395 46.80 46.60 0.25
N GLU C 396 45.55 46.48 0.72
CA GLU C 396 45.23 45.76 1.96
C GLU C 396 45.62 44.27 1.88
N ASP C 397 45.31 43.62 0.77
CA ASP C 397 45.69 42.21 0.52
C ASP C 397 47.21 42.03 0.50
N ALA C 398 47.94 43.12 0.28
CA ALA C 398 49.40 43.12 0.30
C ALA C 398 49.93 43.56 1.67
N LEU C 399 49.30 44.56 2.26
CA LEU C 399 49.69 45.04 3.59
C LEU C 399 49.58 43.92 4.61
N HIS C 400 48.43 43.25 4.65
CA HIS C 400 48.22 42.12 5.57
C HIS C 400 49.31 41.06 5.41
N ALA C 401 49.74 40.84 4.17
CA ALA C 401 50.83 39.91 3.87
C ALA C 401 52.18 40.47 4.32
N THR C 402 52.37 41.77 4.13
CA THR C 402 53.61 42.46 4.52
C THR C 402 53.75 42.53 6.04
N ARG C 403 52.63 42.73 6.73
CA ARG C 403 52.60 42.71 8.19
C ARG C 403 53.14 41.40 8.76
N ALA C 404 52.68 40.29 8.18
CA ALA C 404 53.11 38.96 8.61
C ALA C 404 54.53 38.65 8.16
N ALA C 405 54.95 39.31 7.09
CA ALA C 405 56.31 39.15 6.56
C ALA C 405 57.35 39.79 7.47
N VAL C 406 56.91 40.74 8.30
CA VAL C 406 57.80 41.43 9.23
C VAL C 406 57.84 40.69 10.57
N GLU C 407 56.69 40.24 11.03
CA GLU C 407 56.57 39.65 12.36
C GLU C 407 57.29 38.31 12.49
N GLU C 408 57.09 37.42 11.52
CA GLU C 408 57.67 36.08 11.59
C GLU C 408 58.52 35.73 10.38
N GLY C 409 58.29 36.43 9.27
CA GLY C 409 59.06 36.23 8.05
C GLY C 409 58.28 35.53 6.95
N VAL C 410 58.99 35.08 5.93
CA VAL C 410 58.39 34.38 4.79
C VAL C 410 59.08 33.06 4.50
N VAL C 411 58.29 32.01 4.35
CA VAL C 411 58.81 30.70 3.97
C VAL C 411 58.56 30.44 2.50
N ALA C 412 59.08 29.31 2.01
CA ALA C 412 58.91 28.93 0.62
C ALA C 412 57.47 28.50 0.34
N GLY C 413 56.84 29.12 -0.65
CA GLY C 413 55.43 28.86 -0.98
C GLY C 413 55.18 27.52 -1.65
N GLY C 414 54.00 27.38 -2.26
CA GLY C 414 53.64 26.18 -3.02
C GLY C 414 53.40 24.97 -2.13
N GLY C 415 53.25 25.25 -0.84
CA GLY C 415 53.05 24.22 0.16
C GLY C 415 54.29 23.38 0.37
N VAL C 416 55.43 23.88 -0.11
CA VAL C 416 56.69 23.14 0.00
C VAL C 416 57.32 23.30 1.38
N ALA C 417 56.98 24.39 2.05
CA ALA C 417 57.49 24.66 3.39
C ALA C 417 57.13 23.52 4.32
N LEU C 418 55.86 23.11 4.30
CA LEU C 418 55.37 22.03 5.14
C LEU C 418 55.93 20.69 4.71
N ILE C 419 56.01 20.46 3.41
CA ILE C 419 56.49 19.19 2.89
C ILE C 419 58.01 19.03 3.14
N ARG C 420 58.69 20.16 3.32
CA ARG C 420 60.11 20.19 3.64
C ARG C 420 60.30 19.87 5.12
N VAL C 421 59.39 20.39 5.94
CA VAL C 421 59.37 20.10 7.36
C VAL C 421 59.09 18.61 7.58
N ALA C 422 58.21 18.06 6.75
CA ALA C 422 57.81 16.65 6.84
C ALA C 422 58.99 15.69 6.75
N SER C 423 59.88 15.92 5.80
CA SER C 423 61.04 15.04 5.62
C SER C 423 62.07 15.23 6.74
N LYS C 424 62.04 16.39 7.39
CA LYS C 424 63.01 16.71 8.45
C LYS C 424 62.56 16.25 9.83
N LEU C 425 61.33 15.73 9.93
CA LEU C 425 60.81 15.22 11.19
C LEU C 425 60.50 13.72 11.12
N ALA C 426 61.10 13.03 10.15
CA ALA C 426 60.88 11.60 9.94
C ALA C 426 61.44 10.72 11.07
N ASP C 427 62.41 11.26 11.80
CA ASP C 427 63.02 10.57 12.93
C ASP C 427 62.30 10.82 14.26
N LEU C 428 61.27 11.67 14.24
CA LEU C 428 60.55 12.03 15.46
C LEU C 428 59.70 10.87 15.93
N ARG C 429 59.82 10.58 17.23
CA ARG C 429 59.06 9.51 17.87
C ARG C 429 58.38 9.98 19.16
N GLY C 430 57.37 9.23 19.60
CA GLY C 430 56.64 9.57 20.81
C GLY C 430 57.05 8.71 21.98
N GLN C 431 56.08 8.27 22.79
CA GLN C 431 56.34 7.43 23.96
C GLN C 431 55.91 5.97 23.77
N ASN C 432 54.77 5.78 23.10
CA ASN C 432 54.31 4.46 22.71
C ASN C 432 53.93 4.40 21.22
N GLU C 433 53.62 3.19 20.74
CA GLU C 433 53.29 2.97 19.32
C GLU C 433 52.15 3.86 18.84
N ASP C 434 51.14 4.04 19.69
CA ASP C 434 49.98 4.85 19.36
C ASP C 434 50.34 6.33 19.14
N GLN C 435 51.29 6.82 19.92
CA GLN C 435 51.79 8.19 19.74
C GLN C 435 52.60 8.31 18.47
N ASN C 436 53.34 7.25 18.14
CA ASN C 436 54.18 7.19 16.94
C ASN C 436 53.39 7.34 15.64
N VAL C 437 52.20 6.74 15.61
CA VAL C 437 51.31 6.84 14.46
C VAL C 437 50.72 8.24 14.38
N GLY C 438 50.42 8.81 15.55
CA GLY C 438 49.91 10.18 15.66
C GLY C 438 50.79 11.21 14.99
N ILE C 439 52.11 10.99 15.09
CA ILE C 439 53.09 11.84 14.42
C ILE C 439 53.03 11.63 12.91
N LYS C 440 53.03 10.36 12.49
CA LYS C 440 53.02 10.01 11.07
C LYS C 440 51.74 10.49 10.37
N VAL C 441 50.66 10.59 11.14
CA VAL C 441 49.42 11.15 10.65
C VAL C 441 49.61 12.63 10.32
N ALA C 442 50.26 13.35 11.23
CA ALA C 442 50.51 14.78 11.06
C ALA C 442 51.49 15.09 9.93
N LEU C 443 52.48 14.22 9.76
CA LEU C 443 53.50 14.42 8.71
C LEU C 443 52.95 14.13 7.31
N ARG C 444 52.04 13.17 7.21
CA ARG C 444 51.38 12.86 5.94
C ARG C 444 50.27 13.86 5.63
N ALA C 445 49.87 14.63 6.64
CA ALA C 445 48.88 15.68 6.46
C ALA C 445 49.51 16.94 5.89
N MET C 446 50.82 17.12 6.14
CA MET C 446 51.56 18.28 5.67
C MET C 446 51.82 18.22 4.18
N GLU C 447 51.73 17.02 3.61
CA GLU C 447 51.87 16.82 2.17
C GLU C 447 50.62 17.26 1.41
N ALA C 448 49.48 17.23 2.07
CA ALA C 448 48.19 17.47 1.42
C ALA C 448 48.02 18.84 0.73
N PRO C 449 48.46 19.95 1.38
CA PRO C 449 48.33 21.25 0.73
C PRO C 449 48.96 21.31 -0.66
N LEU C 450 50.20 20.85 -0.78
CA LEU C 450 50.87 20.76 -2.07
C LEU C 450 50.09 19.84 -3.01
N ARG C 451 49.78 18.63 -2.53
CA ARG C 451 49.06 17.63 -3.32
C ARG C 451 47.74 18.16 -3.89
N GLN C 452 47.08 19.03 -3.11
CA GLN C 452 45.80 19.60 -3.53
C GLN C 452 45.97 20.63 -4.63
N ILE C 453 47.05 21.41 -4.56
CA ILE C 453 47.34 22.42 -5.58
C ILE C 453 47.63 21.74 -6.91
N VAL C 454 48.40 20.66 -6.85
CA VAL C 454 48.74 19.89 -8.04
C VAL C 454 47.50 19.24 -8.65
N LEU C 455 46.56 18.82 -7.79
CA LEU C 455 45.32 18.19 -8.25
C LEU C 455 44.47 19.16 -9.06
N ASN C 456 44.44 20.42 -8.63
CA ASN C 456 43.74 21.48 -9.34
C ASN C 456 44.42 21.84 -10.67
N CYS C 457 45.74 21.65 -10.71
CA CYS C 457 46.55 21.91 -11.91
C CYS C 457 46.43 20.80 -12.95
N GLY C 458 45.72 19.73 -12.58
CA GLY C 458 45.47 18.63 -13.50
C GLY C 458 46.53 17.55 -13.49
N GLU C 459 47.73 17.90 -13.02
CA GLU C 459 48.83 16.93 -12.92
C GLU C 459 48.64 15.97 -11.74
N GLU C 460 49.27 14.79 -11.82
CA GLU C 460 49.15 13.79 -10.76
C GLU C 460 49.94 14.23 -9.52
N PRO C 461 49.24 14.39 -8.38
CA PRO C 461 49.85 14.92 -7.16
C PRO C 461 50.97 14.04 -6.62
N SER C 462 50.77 12.72 -6.74
CA SER C 462 51.74 11.72 -6.30
C SER C 462 53.10 11.87 -6.97
N VAL C 463 53.09 12.14 -8.28
CA VAL C 463 54.31 12.32 -9.06
C VAL C 463 55.05 13.59 -8.66
N VAL C 464 54.32 14.69 -8.54
CA VAL C 464 54.90 15.99 -8.23
C VAL C 464 55.46 16.04 -6.80
N ALA C 465 54.67 15.58 -5.84
CA ALA C 465 55.11 15.53 -4.45
C ALA C 465 56.36 14.66 -4.27
N ASN C 466 56.44 13.58 -5.03
CA ASN C 466 57.60 12.69 -5.00
C ASN C 466 58.85 13.35 -5.56
N THR C 467 58.68 14.24 -6.53
CA THR C 467 59.81 14.95 -7.14
C THR C 467 60.30 16.07 -6.22
N VAL C 468 59.36 16.73 -5.55
CA VAL C 468 59.71 17.82 -4.63
C VAL C 468 60.47 17.28 -3.42
N LYS C 469 60.09 16.10 -2.95
CA LYS C 469 60.76 15.47 -1.80
C LYS C 469 62.19 15.01 -2.10
N GLY C 470 62.44 14.59 -3.35
CA GLY C 470 63.75 14.16 -3.80
C GLY C 470 64.79 15.26 -3.80
N GLY C 471 64.40 16.43 -4.34
CA GLY C 471 65.23 17.63 -4.27
C GLY C 471 65.16 18.27 -2.91
N ASP C 472 66.11 19.15 -2.61
CA ASP C 472 66.22 19.76 -1.29
C ASP C 472 66.13 21.28 -1.32
N GLY C 473 65.76 21.87 -0.19
CA GLY C 473 65.72 23.32 -0.02
C GLY C 473 64.40 23.96 -0.40
N ASN C 474 64.50 25.10 -1.09
CA ASN C 474 63.33 25.86 -1.52
C ASN C 474 62.91 25.51 -2.95
N TYR C 475 63.21 24.27 -3.33
CA TYR C 475 62.87 23.72 -4.63
C TYR C 475 61.46 23.17 -4.60
N GLY C 476 60.60 23.70 -5.46
CA GLY C 476 59.19 23.29 -5.48
C GLY C 476 58.54 23.32 -6.85
N TYR C 477 57.21 23.25 -6.86
CA TYR C 477 56.46 23.22 -8.10
C TYR C 477 55.63 24.48 -8.28
N ASN C 478 55.82 25.12 -9.44
CA ASN C 478 55.03 26.27 -9.83
C ASN C 478 53.82 25.79 -10.64
N ALA C 479 52.64 25.87 -10.04
CA ALA C 479 51.41 25.40 -10.67
C ALA C 479 50.93 26.30 -11.80
N ALA C 480 51.25 27.59 -11.72
CA ALA C 480 50.87 28.56 -12.74
C ALA C 480 51.58 28.32 -14.07
N THR C 481 52.87 28.03 -14.00
CA THR C 481 53.70 27.87 -15.20
C THR C 481 53.99 26.39 -15.53
N GLU C 482 53.60 25.50 -14.63
CA GLU C 482 53.86 24.05 -14.75
C GLU C 482 55.36 23.76 -14.80
N GLU C 483 56.15 24.59 -14.13
CA GLU C 483 57.60 24.50 -14.10
C GLU C 483 58.11 24.28 -12.68
N TYR C 484 59.18 23.49 -12.56
CA TYR C 484 59.86 23.33 -11.27
C TYR C 484 60.91 24.43 -11.11
N GLY C 485 61.38 24.62 -9.88
CA GLY C 485 62.46 25.56 -9.61
C GLY C 485 62.46 26.15 -8.21
N ASN C 486 63.35 27.10 -7.98
CA ASN C 486 63.44 27.79 -6.70
C ASN C 486 62.22 28.68 -6.52
N MET C 487 61.49 28.46 -5.43
CA MET C 487 60.25 29.16 -5.17
C MET C 487 60.47 30.63 -4.86
N ILE C 488 61.46 30.92 -4.03
CA ILE C 488 61.78 32.29 -3.67
C ILE C 488 62.15 33.13 -4.90
N ASP C 489 62.96 32.55 -5.78
CA ASP C 489 63.38 33.21 -7.02
C ASP C 489 62.21 33.43 -7.99
N MET C 490 61.20 32.57 -7.89
CA MET C 490 60.00 32.64 -8.73
C MET C 490 58.91 33.53 -8.14
N GLY C 491 59.17 34.07 -6.96
CA GLY C 491 58.23 34.98 -6.30
C GLY C 491 57.07 34.30 -5.60
N ILE C 492 57.11 32.98 -5.56
CA ILE C 492 56.10 32.19 -4.85
C ILE C 492 56.50 32.02 -3.39
N LEU C 493 55.84 32.74 -2.49
CA LEU C 493 56.18 32.66 -1.09
C LEU C 493 55.00 32.92 -0.19
N ASP C 494 55.01 32.29 0.98
CA ASP C 494 53.96 32.45 1.98
C ASP C 494 54.56 33.01 3.26
N PRO C 495 53.89 34.01 3.86
CA PRO C 495 54.34 34.52 5.15
C PRO C 495 54.36 33.39 6.19
N THR C 496 55.46 33.28 6.93
CA THR C 496 55.63 32.20 7.90
C THR C 496 54.44 32.14 8.87
N LYS C 497 53.97 33.33 9.28
CA LYS C 497 52.85 33.46 10.22
C LYS C 497 51.59 32.74 9.75
N VAL C 498 51.25 32.89 8.46
CA VAL C 498 50.05 32.27 7.92
C VAL C 498 50.14 30.74 7.89
N THR C 499 51.32 30.21 7.54
CA THR C 499 51.53 28.77 7.50
C THR C 499 51.56 28.17 8.91
N ARG C 500 52.11 28.91 9.86
CA ARG C 500 52.12 28.49 11.26
C ARG C 500 50.71 28.45 11.82
N SER C 501 49.92 29.48 11.51
CA SER C 501 48.53 29.55 11.92
C SER C 501 47.70 28.44 11.27
N ALA C 502 47.89 28.25 9.96
CA ALA C 502 47.14 27.22 9.25
C ALA C 502 47.37 25.83 9.82
N LEU C 503 48.60 25.53 10.23
CA LEU C 503 48.91 24.21 10.76
C LEU C 503 48.41 24.04 12.19
N GLN C 504 48.72 25.02 13.05
CA GLN C 504 48.38 24.93 14.47
C GLN C 504 46.88 24.79 14.69
N TYR C 505 46.11 25.67 14.05
CA TYR C 505 44.66 25.68 14.22
C TYR C 505 44.06 24.38 13.72
N ALA C 506 44.49 23.93 12.54
CA ALA C 506 43.99 22.70 11.94
C ALA C 506 44.26 21.48 12.81
N ALA C 507 45.40 21.51 13.51
CA ALA C 507 45.74 20.44 14.44
C ALA C 507 44.91 20.52 15.74
N SER C 508 44.65 21.75 16.18
CA SER C 508 43.90 21.99 17.41
C SER C 508 42.50 21.36 17.34
N VAL C 509 41.79 21.62 16.24
CA VAL C 509 40.46 21.07 16.06
C VAL C 509 40.47 19.55 15.84
N ALA C 510 41.38 19.07 15.00
CA ALA C 510 41.50 17.64 14.71
C ALA C 510 41.74 16.88 16.00
N GLY C 511 42.55 17.45 16.88
CA GLY C 511 42.84 16.87 18.19
C GLY C 511 41.58 16.71 19.02
N LEU C 512 40.75 17.75 19.03
CA LEU C 512 39.49 17.73 19.77
C LEU C 512 38.53 16.75 19.15
N MET C 513 38.52 16.69 17.83
CA MET C 513 37.59 15.82 17.12
C MET C 513 37.95 14.35 17.17
N ILE C 514 39.25 14.05 17.30
CA ILE C 514 39.68 12.67 17.41
C ILE C 514 39.33 12.08 18.79
N THR C 515 39.31 12.95 19.80
CA THR C 515 38.98 12.54 21.15
C THR C 515 37.49 12.61 21.44
N THR C 516 36.68 12.67 20.40
CA THR C 516 35.23 12.73 20.56
C THR C 516 34.61 11.32 20.61
N GLU C 517 33.80 11.10 21.63
CA GLU C 517 33.09 9.83 21.82
C GLU C 517 31.58 9.96 21.84
N CYS C 518 31.07 11.13 22.21
CA CYS C 518 29.64 11.30 22.33
C CYS C 518 29.19 12.62 21.74
N MET C 519 28.09 12.57 20.99
CA MET C 519 27.51 13.77 20.38
C MET C 519 26.05 13.95 20.75
N VAL C 520 25.70 15.17 21.17
CA VAL C 520 24.34 15.48 21.60
C VAL C 520 23.80 16.67 20.81
N THR C 521 22.73 16.42 20.06
CA THR C 521 22.09 17.46 19.24
C THR C 521 20.57 17.39 19.29
N ASP C 522 19.92 18.42 18.74
CA ASP C 522 18.46 18.49 18.70
C ASP C 522 17.86 17.45 17.76
N LEU C 523 16.64 17.02 18.07
CA LEU C 523 15.95 15.97 17.32
C LEU C 523 15.33 16.53 16.04
N PRO C 524 15.50 15.80 14.91
CA PRO C 524 14.93 16.22 13.61
C PRO C 524 13.40 16.21 13.60
N ALA D 1 20.45 28.10 7.65
CA ALA D 1 19.71 27.35 6.58
C ALA D 1 20.51 26.15 6.07
N ALA D 2 19.86 24.99 6.08
CA ALA D 2 20.44 23.74 5.58
C ALA D 2 20.71 23.81 4.08
N LYS D 3 21.87 23.31 3.66
CA LYS D 3 22.32 23.43 2.28
C LYS D 3 22.51 22.08 1.61
N ASP D 4 22.39 22.07 0.29
CA ASP D 4 22.63 20.89 -0.53
C ASP D 4 23.88 21.16 -1.36
N VAL D 5 24.78 20.19 -1.42
CA VAL D 5 26.05 20.37 -2.12
C VAL D 5 26.30 19.26 -3.14
N LYS D 6 26.53 19.64 -4.39
CA LYS D 6 26.87 18.67 -5.43
C LYS D 6 28.24 18.93 -6.03
N PHE D 7 28.96 17.85 -6.35
CA PHE D 7 30.34 17.94 -6.82
C PHE D 7 30.53 17.41 -8.23
N GLY D 8 31.46 18.04 -8.94
CA GLY D 8 31.98 17.55 -10.22
C GLY D 8 30.97 17.31 -11.32
N ASN D 9 31.06 16.13 -11.92
CA ASN D 9 30.23 15.75 -13.07
C ASN D 9 28.75 15.85 -12.75
N ASP D 10 28.38 15.36 -11.57
CA ASP D 10 27.03 15.46 -11.04
C ASP D 10 26.53 16.90 -10.98
N ALA D 11 27.43 17.81 -10.60
CA ALA D 11 27.10 19.22 -10.45
C ALA D 11 26.97 19.93 -11.78
N ARG D 12 27.80 19.53 -12.73
CA ARG D 12 27.82 20.19 -14.05
C ARG D 12 26.60 19.86 -14.91
N VAL D 13 26.19 18.59 -14.91
CA VAL D 13 25.06 18.16 -15.74
C VAL D 13 23.78 18.90 -15.37
N LYS D 14 23.73 19.38 -14.12
CA LYS D 14 22.58 20.16 -13.63
C LYS D 14 22.63 21.58 -14.17
N MET D 15 23.82 22.10 -14.40
CA MET D 15 23.96 23.40 -15.04
C MET D 15 23.60 23.34 -16.50
N LEU D 16 24.16 22.36 -17.21
CA LEU D 16 23.89 22.19 -18.64
C LEU D 16 22.39 22.05 -18.88
N ARG D 17 21.76 21.17 -18.10
CA ARG D 17 20.31 20.95 -18.15
C ARG D 17 19.58 22.28 -17.91
N GLY D 18 20.12 23.08 -17.00
CA GLY D 18 19.55 24.37 -16.65
C GLY D 18 19.71 25.41 -17.73
N VAL D 19 20.90 25.51 -18.32
CA VAL D 19 21.14 26.49 -19.37
C VAL D 19 20.40 26.12 -20.64
N ASN D 20 20.26 24.82 -20.90
CA ASN D 20 19.57 24.33 -22.08
C ASN D 20 18.10 24.73 -22.11
N VAL D 21 17.48 24.87 -20.94
CA VAL D 21 16.11 25.35 -20.86
C VAL D 21 16.05 26.82 -21.26
N LEU D 22 16.87 27.66 -20.64
CA LEU D 22 16.89 29.08 -20.97
C LEU D 22 17.29 29.31 -22.43
N ALA D 23 18.29 28.59 -22.91
CA ALA D 23 18.77 28.77 -24.28
C ALA D 23 17.69 28.38 -25.29
N ASP D 24 17.12 27.18 -25.16
CA ASP D 24 16.14 26.68 -26.10
C ASP D 24 14.88 27.53 -26.11
N ALA D 25 14.62 28.21 -25.01
CA ALA D 25 13.45 29.09 -24.92
C ALA D 25 13.73 30.42 -25.60
N VAL D 26 15.00 30.75 -25.76
CA VAL D 26 15.39 32.03 -26.35
C VAL D 26 15.83 31.86 -27.82
N LYS D 27 16.59 30.81 -28.10
CA LYS D 27 17.14 30.59 -29.44
C LYS D 27 16.08 30.44 -30.54
N VAL D 28 14.84 30.18 -30.14
CA VAL D 28 13.73 30.02 -31.10
C VAL D 28 13.26 31.37 -31.65
N THR D 29 13.69 32.44 -31.02
CA THR D 29 13.25 33.76 -31.39
C THR D 29 14.32 34.53 -32.15
N LEU D 30 15.31 33.80 -32.68
CA LEU D 30 16.41 34.42 -33.40
C LEU D 30 16.06 34.69 -34.86
N GLY D 31 16.57 35.79 -35.39
CA GLY D 31 16.38 36.13 -36.80
C GLY D 31 15.02 36.73 -37.10
N PRO D 32 14.70 36.90 -38.40
CA PRO D 32 13.39 37.39 -38.81
C PRO D 32 12.43 36.24 -39.10
N LYS D 33 12.97 35.03 -39.23
CA LYS D 33 12.15 33.84 -39.37
C LYS D 33 11.90 33.23 -37.99
N GLY D 34 12.05 34.06 -36.95
CA GLY D 34 11.87 33.67 -35.56
C GLY D 34 10.46 33.26 -35.17
N ARG D 35 10.37 32.52 -34.08
CA ARG D 35 9.09 32.03 -33.57
C ARG D 35 8.62 32.84 -32.36
N ASN D 36 7.33 32.77 -32.09
CA ASN D 36 6.75 33.45 -30.94
C ASN D 36 6.89 32.62 -29.68
N VAL D 37 7.20 33.27 -28.56
CA VAL D 37 7.20 32.64 -27.25
C VAL D 37 6.12 33.29 -26.40
N VAL D 38 5.24 32.48 -25.84
CA VAL D 38 4.11 32.98 -25.04
C VAL D 38 4.43 32.90 -23.56
N LEU D 39 4.32 34.04 -22.88
CA LEU D 39 4.60 34.15 -21.46
C LEU D 39 3.33 34.41 -20.65
N ASP D 40 3.08 33.58 -19.65
CA ASP D 40 1.83 33.68 -18.88
C ASP D 40 1.92 34.77 -17.83
N LYS D 41 0.78 35.44 -17.62
CA LYS D 41 0.60 36.38 -16.54
C LYS D 41 -0.61 35.98 -15.70
N SER D 42 -0.56 36.26 -14.41
CA SER D 42 -1.70 35.95 -13.53
C SER D 42 -2.93 36.78 -13.88
N PHE D 43 -2.72 38.06 -14.20
CA PHE D 43 -3.82 38.96 -14.55
C PHE D 43 -4.11 38.92 -16.05
N GLY D 44 -5.26 38.33 -16.39
CA GLY D 44 -5.80 38.35 -17.76
C GLY D 44 -5.01 37.60 -18.83
N ALA D 45 -4.88 38.24 -20.00
CA ALA D 45 -4.30 37.65 -21.21
C ALA D 45 -2.79 37.43 -21.14
N PRO D 46 -2.30 36.34 -21.77
CA PRO D 46 -0.87 36.06 -21.82
C PRO D 46 -0.17 36.99 -22.79
N THR D 47 1.14 37.17 -22.61
CA THR D 47 1.96 38.01 -23.48
C THR D 47 2.64 37.17 -24.53
N ILE D 48 2.40 37.52 -25.80
CA ILE D 48 3.05 36.88 -26.93
C ILE D 48 4.15 37.81 -27.43
N THR D 49 5.40 37.35 -27.38
CA THR D 49 6.53 38.19 -27.75
C THR D 49 7.64 37.42 -28.42
N LYS D 50 8.49 38.14 -29.14
CA LYS D 50 9.68 37.60 -29.78
C LYS D 50 10.95 38.14 -29.11
N ASP D 51 10.78 39.13 -28.23
CA ASP D 51 11.89 39.77 -27.53
C ASP D 51 12.65 38.81 -26.60
N GLY D 52 13.87 38.46 -26.99
CA GLY D 52 14.72 37.52 -26.26
C GLY D 52 15.02 37.90 -24.82
N VAL D 53 14.90 39.19 -24.51
CA VAL D 53 15.12 39.71 -23.16
C VAL D 53 13.92 39.38 -22.26
N SER D 54 12.73 39.66 -22.78
CA SER D 54 11.50 39.41 -22.04
C SER D 54 11.34 37.92 -21.72
N VAL D 55 11.76 37.07 -22.65
CA VAL D 55 11.70 35.62 -22.48
C VAL D 55 12.72 35.16 -21.45
N ALA D 56 13.95 35.66 -21.56
CA ALA D 56 15.00 35.29 -20.62
C ALA D 56 14.63 35.67 -19.19
N ARG D 57 14.13 36.89 -19.00
CA ARG D 57 13.76 37.38 -17.68
C ARG D 57 12.79 36.45 -16.96
N GLU D 58 11.90 35.80 -17.71
CA GLU D 58 10.85 34.99 -17.13
C GLU D 58 11.30 33.61 -16.68
N ILE D 59 12.40 33.12 -17.26
CA ILE D 59 12.86 31.77 -16.94
C ILE D 59 13.46 31.67 -15.54
N GLU D 60 12.95 30.70 -14.76
CA GLU D 60 13.44 30.38 -13.42
C GLU D 60 12.96 28.98 -13.11
N LEU D 61 13.90 28.05 -12.98
CA LEU D 61 13.56 26.63 -12.87
C LEU D 61 13.26 26.12 -11.44
N GLU D 62 12.63 24.94 -11.35
CA GLU D 62 12.27 24.34 -10.07
C GLU D 62 13.51 23.76 -9.36
N ASP D 63 14.22 22.86 -10.05
CA ASP D 63 15.43 22.25 -9.49
C ASP D 63 16.46 23.34 -9.22
N LYS D 64 16.77 23.53 -7.94
CA LYS D 64 17.63 24.64 -7.50
C LYS D 64 18.95 24.74 -8.29
N PHE D 65 19.57 23.58 -8.54
CA PHE D 65 20.81 23.50 -9.30
C PHE D 65 20.61 23.89 -10.76
N GLU D 66 19.55 23.35 -11.37
CA GLU D 66 19.18 23.72 -12.74
C GLU D 66 18.93 25.23 -12.81
N ASN D 67 18.20 25.74 -11.82
CA ASN D 67 17.89 27.16 -11.76
C ASN D 67 19.15 27.99 -11.79
N MET D 68 20.16 27.57 -11.02
CA MET D 68 21.43 28.28 -10.96
C MET D 68 22.07 28.39 -12.34
N GLY D 69 22.16 27.26 -13.04
CA GLY D 69 22.68 27.22 -14.40
C GLY D 69 21.99 28.25 -15.27
N ALA D 70 20.67 28.11 -15.38
CA ALA D 70 19.84 29.01 -16.16
C ALA D 70 20.04 30.47 -15.74
N GLN D 71 20.06 30.74 -14.43
CA GLN D 71 20.19 32.10 -13.94
C GLN D 71 21.58 32.68 -14.19
N MET D 72 22.56 31.80 -14.43
CA MET D 72 23.91 32.23 -14.72
C MET D 72 24.05 32.83 -16.12
N VAL D 73 23.53 32.12 -17.12
CA VAL D 73 23.58 32.60 -18.50
C VAL D 73 22.61 33.75 -18.75
N LYS D 74 21.61 33.86 -17.87
CA LYS D 74 20.64 34.94 -17.91
C LYS D 74 21.34 36.26 -17.59
N GLU D 75 22.32 36.19 -16.69
CA GLU D 75 23.11 37.34 -16.26
C GLU D 75 23.92 37.96 -17.40
N VAL D 76 24.09 37.19 -18.45
CA VAL D 76 24.88 37.60 -19.59
C VAL D 76 23.98 38.33 -20.58
N ALA D 77 22.88 37.67 -20.95
CA ALA D 77 21.86 38.24 -21.80
C ALA D 77 21.51 39.66 -21.37
N SER D 78 21.25 39.84 -20.08
CA SER D 78 20.90 41.15 -19.53
C SER D 78 22.07 42.13 -19.59
N LYS D 79 23.29 41.62 -19.50
CA LYS D 79 24.48 42.47 -19.54
C LYS D 79 24.89 42.87 -20.97
N ALA D 80 24.60 41.99 -21.93
CA ALA D 80 24.76 42.32 -23.34
C ALA D 80 23.80 43.45 -23.70
N ASN D 81 22.59 43.37 -23.14
CA ASN D 81 21.55 44.39 -23.27
C ASN D 81 22.01 45.72 -22.69
N ASP D 82 22.79 45.65 -21.61
CA ASP D 82 23.30 46.86 -20.94
C ASP D 82 24.40 47.53 -21.76
N ALA D 83 25.15 46.73 -22.51
CA ALA D 83 26.27 47.23 -23.30
C ALA D 83 25.83 47.86 -24.62
N ALA D 84 24.90 47.19 -25.31
CA ALA D 84 24.46 47.62 -26.65
C ALA D 84 22.95 47.84 -26.78
N GLY D 85 22.16 46.93 -26.20
CA GLY D 85 20.70 46.98 -26.32
C GLY D 85 20.20 45.98 -27.35
N ASP D 86 21.14 45.47 -28.12
CA ASP D 86 20.85 44.52 -29.17
C ASP D 86 21.69 43.28 -28.88
N GLY D 87 21.33 42.16 -29.51
CA GLY D 87 22.17 40.96 -29.52
C GLY D 87 22.11 40.10 -28.27
N THR D 88 20.98 40.17 -27.56
CA THR D 88 20.78 39.40 -26.34
C THR D 88 20.52 37.93 -26.65
N THR D 89 19.76 37.70 -27.72
CA THR D 89 19.48 36.36 -28.20
C THR D 89 20.76 35.75 -28.80
N THR D 90 21.50 36.59 -29.53
CA THR D 90 22.75 36.16 -30.18
C THR D 90 23.80 35.83 -29.13
N ALA D 91 23.76 36.52 -27.99
CA ALA D 91 24.67 36.19 -26.90
C ALA D 91 24.34 34.80 -26.37
N THR D 92 23.06 34.57 -26.13
CA THR D 92 22.61 33.36 -25.44
C THR D 92 22.86 32.13 -26.31
N VAL D 93 22.70 32.26 -27.62
CA VAL D 93 22.92 31.12 -28.51
C VAL D 93 24.39 30.74 -28.57
N LEU D 94 25.26 31.74 -28.38
CA LEU D 94 26.71 31.56 -28.33
C LEU D 94 27.10 30.88 -27.03
N ALA D 95 26.63 31.46 -25.92
CA ALA D 95 26.93 30.95 -24.60
C ALA D 95 26.63 29.45 -24.51
N GLN D 96 25.46 29.06 -24.99
CA GLN D 96 25.06 27.66 -24.97
C GLN D 96 26.05 26.79 -25.74
N ALA D 97 26.43 27.25 -26.94
CA ALA D 97 27.31 26.50 -27.85
C ALA D 97 28.74 26.34 -27.32
N ILE D 98 29.20 27.30 -26.53
CA ILE D 98 30.48 27.20 -25.84
C ILE D 98 30.38 26.25 -24.64
N ILE D 99 29.30 26.37 -23.86
CA ILE D 99 29.11 25.53 -22.68
C ILE D 99 28.89 24.07 -23.06
N THR D 100 27.99 23.81 -24.00
CA THR D 100 27.66 22.44 -24.39
C THR D 100 28.89 21.69 -24.90
N GLU D 101 29.62 22.34 -25.80
CA GLU D 101 30.84 21.75 -26.37
C GLU D 101 32.01 21.78 -25.38
N GLY D 102 32.02 22.79 -24.50
CA GLY D 102 33.04 22.92 -23.47
C GLY D 102 32.96 21.79 -22.49
N LEU D 103 31.79 21.62 -21.88
CA LEU D 103 31.57 20.56 -20.90
C LEU D 103 31.84 19.17 -21.46
N LYS D 104 31.56 18.98 -22.76
CA LYS D 104 31.86 17.73 -23.45
C LYS D 104 33.35 17.38 -23.32
N ALA D 105 34.19 18.40 -23.43
CA ALA D 105 35.64 18.24 -23.33
C ALA D 105 36.05 17.95 -21.88
N VAL D 106 35.38 18.61 -20.94
CA VAL D 106 35.69 18.43 -19.53
C VAL D 106 35.36 17.00 -19.11
N ALA D 107 34.21 16.52 -19.58
CA ALA D 107 33.78 15.14 -19.31
C ALA D 107 34.65 14.10 -20.02
N ALA D 108 35.26 14.49 -21.13
CA ALA D 108 36.21 13.64 -21.85
C ALA D 108 37.52 13.49 -21.07
N GLY D 109 37.80 14.47 -20.21
CA GLY D 109 38.94 14.40 -19.29
C GLY D 109 40.01 15.44 -19.61
N MET D 110 39.58 16.67 -19.85
CA MET D 110 40.50 17.75 -20.20
C MET D 110 40.47 18.83 -19.15
N ASN D 111 41.57 19.56 -19.03
CA ASN D 111 41.73 20.57 -17.99
C ASN D 111 40.85 21.79 -18.25
N PRO D 112 39.90 22.07 -17.34
CA PRO D 112 38.99 23.21 -17.51
C PRO D 112 39.73 24.53 -17.59
N MET D 113 40.76 24.69 -16.77
CA MET D 113 41.53 25.93 -16.76
C MET D 113 42.26 26.19 -18.08
N ASP D 114 42.69 25.11 -18.75
CA ASP D 114 43.29 25.22 -20.08
C ASP D 114 42.23 25.47 -21.16
N LEU D 115 41.03 24.94 -20.93
CA LEU D 115 39.92 25.13 -21.86
C LEU D 115 39.44 26.55 -21.82
N LYS D 116 39.43 27.16 -20.64
CA LYS D 116 39.02 28.56 -20.49
C LYS D 116 39.99 29.48 -21.23
N ARG D 117 41.28 29.28 -20.98
CA ARG D 117 42.34 30.09 -21.60
C ARG D 117 42.33 29.95 -23.12
N GLY D 118 42.00 28.76 -23.61
CA GLY D 118 41.85 28.51 -25.05
C GLY D 118 40.73 29.30 -25.67
N ILE D 119 39.60 29.33 -24.98
CA ILE D 119 38.43 30.09 -25.41
C ILE D 119 38.72 31.58 -25.40
N ASP D 120 39.25 32.09 -24.29
CA ASP D 120 39.50 33.53 -24.14
C ASP D 120 40.53 34.08 -25.13
N LYS D 121 41.53 33.26 -25.47
CA LYS D 121 42.53 33.66 -26.46
C LYS D 121 41.90 33.68 -27.84
N ALA D 122 41.05 32.69 -28.12
CA ALA D 122 40.32 32.65 -29.39
C ALA D 122 39.40 33.86 -29.51
N VAL D 123 38.83 34.29 -28.39
CA VAL D 123 37.92 35.43 -28.35
C VAL D 123 38.67 36.75 -28.54
N THR D 124 39.77 36.92 -27.80
CA THR D 124 40.60 38.14 -27.91
C THR D 124 41.09 38.33 -29.35
N ALA D 125 41.33 37.20 -30.02
CA ALA D 125 41.75 37.19 -31.43
C ALA D 125 40.58 37.46 -32.34
N ALA D 126 39.40 37.02 -31.93
CA ALA D 126 38.19 37.21 -32.72
C ALA D 126 37.72 38.64 -32.70
N VAL D 127 37.85 39.30 -31.55
CA VAL D 127 37.53 40.72 -31.41
C VAL D 127 38.51 41.55 -32.24
N GLU D 128 39.75 41.11 -32.29
CA GLU D 128 40.78 41.77 -33.06
C GLU D 128 40.53 41.60 -34.55
N GLU D 129 40.09 40.41 -34.95
CA GLU D 129 39.76 40.11 -36.35
C GLU D 129 38.48 40.82 -36.80
N LEU D 130 37.56 41.01 -35.84
CA LEU D 130 36.28 41.66 -36.08
C LEU D 130 36.45 43.14 -36.39
N LYS D 131 37.40 43.79 -35.71
CA LYS D 131 37.71 45.20 -35.95
C LYS D 131 38.21 45.44 -37.37
N ALA D 132 38.88 44.44 -37.92
CA ALA D 132 39.39 44.50 -39.30
C ALA D 132 38.29 44.30 -40.33
N LEU D 133 37.27 43.53 -39.97
CA LEU D 133 36.13 43.25 -40.86
C LEU D 133 35.09 44.38 -40.84
N SER D 134 35.20 45.26 -39.85
CA SER D 134 34.23 46.33 -39.64
C SER D 134 34.34 47.42 -40.71
N VAL D 135 33.19 47.89 -41.18
CA VAL D 135 33.09 49.00 -42.12
C VAL D 135 32.57 50.24 -41.37
N PRO D 136 33.43 51.24 -41.14
CA PRO D 136 33.09 52.39 -40.30
C PRO D 136 32.01 53.28 -40.91
N CYS D 137 31.27 53.97 -40.04
CA CYS D 137 30.32 55.00 -40.44
C CYS D 137 30.81 56.37 -40.00
N SER D 138 31.41 57.10 -40.94
CA SER D 138 32.03 58.39 -40.65
C SER D 138 31.12 59.56 -41.04
N ASP D 139 30.87 59.70 -42.34
CA ASP D 139 30.06 60.82 -42.87
C ASP D 139 28.57 60.66 -42.56
N SER D 140 27.85 61.78 -42.49
CA SER D 140 26.44 61.78 -42.10
C SER D 140 25.50 61.23 -43.17
N LYS D 141 26.06 60.79 -44.30
CA LYS D 141 25.29 60.18 -45.39
C LYS D 141 25.16 58.67 -45.17
N ALA D 142 26.24 58.07 -44.68
CA ALA D 142 26.25 56.65 -44.36
C ALA D 142 25.61 56.38 -43.00
N ILE D 143 25.58 57.41 -42.16
CA ILE D 143 24.90 57.34 -40.85
C ILE D 143 23.38 57.26 -41.04
N ALA D 144 22.88 57.95 -42.07
CA ALA D 144 21.47 57.95 -42.42
C ALA D 144 21.00 56.58 -42.90
N GLN D 145 21.88 55.84 -43.56
CA GLN D 145 21.58 54.50 -44.07
C GLN D 145 21.29 53.49 -42.96
N VAL D 146 22.03 53.61 -41.85
CA VAL D 146 21.89 52.70 -40.70
C VAL D 146 20.58 52.94 -39.95
N GLY D 147 20.23 54.21 -39.76
CA GLY D 147 18.97 54.57 -39.11
C GLY D 147 17.73 54.26 -39.91
N THR D 148 17.89 54.12 -41.23
CA THR D 148 16.79 53.81 -42.12
C THR D 148 16.39 52.33 -42.07
N ILE D 149 17.38 51.44 -42.19
CA ILE D 149 17.13 50.00 -42.25
C ILE D 149 16.79 49.39 -40.88
N SER D 150 17.24 50.07 -39.82
CA SER D 150 16.96 49.65 -38.44
C SER D 150 15.53 49.99 -38.03
N ALA D 151 14.92 50.95 -38.72
CA ALA D 151 13.54 51.36 -38.47
C ALA D 151 12.58 50.87 -39.54
N ASN D 152 12.86 49.70 -40.09
CA ASN D 152 12.04 49.05 -41.11
C ASN D 152 11.84 49.90 -42.38
N SER D 153 12.95 50.21 -43.06
CA SER D 153 12.96 50.98 -44.32
C SER D 153 12.27 52.35 -44.28
N ASP D 154 12.32 53.01 -43.13
CA ASP D 154 11.71 54.32 -42.95
C ASP D 154 12.76 55.43 -43.09
N GLU D 155 12.62 56.24 -44.12
CA GLU D 155 13.59 57.29 -44.43
C GLU D 155 13.45 58.53 -43.54
N THR D 156 12.27 58.74 -42.98
CA THR D 156 11.99 59.88 -42.12
C THR D 156 12.75 59.75 -40.79
N VAL D 157 12.95 58.52 -40.34
CA VAL D 157 13.65 58.23 -39.10
C VAL D 157 15.16 58.54 -39.24
N GLY D 158 15.76 58.01 -40.30
CA GLY D 158 17.19 58.21 -40.57
C GLY D 158 17.59 59.65 -40.83
N LYS D 159 16.67 60.43 -41.39
CA LYS D 159 16.89 61.84 -41.67
C LYS D 159 17.00 62.66 -40.37
N LEU D 160 16.19 62.29 -39.38
CA LEU D 160 16.16 63.00 -38.10
C LEU D 160 17.43 62.78 -37.29
N ILE D 161 17.90 61.53 -37.29
CA ILE D 161 19.11 61.17 -36.54
C ILE D 161 20.32 61.92 -37.10
N ALA D 162 20.45 61.93 -38.43
CA ALA D 162 21.54 62.60 -39.10
C ALA D 162 21.57 64.10 -38.81
N GLU D 163 20.37 64.71 -38.74
CA GLU D 163 20.25 66.14 -38.42
C GLU D 163 20.55 66.41 -36.95
N ALA D 164 20.25 65.45 -36.09
CA ALA D 164 20.52 65.54 -34.66
C ALA D 164 22.01 65.43 -34.38
N MET D 165 22.67 64.52 -35.09
CA MET D 165 24.10 64.31 -34.93
C MET D 165 24.94 65.41 -35.59
N ASP D 166 24.31 66.16 -36.49
CA ASP D 166 24.97 67.29 -37.14
C ASP D 166 24.94 68.53 -36.25
N LYS D 167 24.12 68.48 -35.20
CA LYS D 167 23.96 69.61 -34.27
C LYS D 167 24.86 69.49 -33.04
N VAL D 168 24.80 68.35 -32.37
CA VAL D 168 25.56 68.14 -31.13
C VAL D 168 26.85 67.35 -31.32
N GLY D 169 26.99 66.71 -32.48
CA GLY D 169 28.18 65.94 -32.80
C GLY D 169 27.98 64.46 -32.58
N LYS D 170 29.05 63.69 -32.81
CA LYS D 170 29.01 62.23 -32.68
C LYS D 170 29.08 61.80 -31.21
N GLU D 171 29.69 62.66 -30.39
CA GLU D 171 29.83 62.42 -28.95
C GLU D 171 28.66 63.04 -28.19
N GLY D 172 27.90 63.89 -28.88
CA GLY D 172 26.79 64.66 -28.29
C GLY D 172 25.64 63.81 -27.75
N VAL D 173 24.80 64.43 -26.93
CA VAL D 173 23.70 63.72 -26.27
C VAL D 173 22.39 63.92 -27.04
N ILE D 174 21.76 62.82 -27.42
CA ILE D 174 20.51 62.87 -28.19
C ILE D 174 19.40 62.13 -27.46
N THR D 175 18.25 62.79 -27.29
CA THR D 175 17.10 62.20 -26.59
C THR D 175 15.81 62.37 -27.38
N VAL D 176 14.93 61.38 -27.23
CA VAL D 176 13.62 61.38 -27.89
C VAL D 176 12.49 61.49 -26.88
N GLU D 177 11.53 62.37 -27.16
CA GLU D 177 10.32 62.51 -26.36
C GLU D 177 9.07 62.66 -27.23
N ASP D 178 7.90 62.65 -26.60
CA ASP D 178 6.62 62.78 -27.29
C ASP D 178 6.49 64.09 -28.06
N GLY D 179 5.84 64.03 -29.23
CA GLY D 179 5.64 65.20 -30.09
C GLY D 179 4.47 66.09 -29.71
N THR D 180 4.48 67.31 -30.24
CA THR D 180 3.45 68.29 -29.93
C THR D 180 2.31 68.24 -30.93
N GLY D 181 2.64 67.90 -32.18
CA GLY D 181 1.65 67.92 -33.26
C GLY D 181 1.97 67.01 -34.43
N LEU D 182 2.00 67.60 -35.63
CA LEU D 182 2.04 66.83 -36.87
C LEU D 182 3.40 66.78 -37.57
N GLN D 183 4.34 67.58 -37.11
CA GLN D 183 5.67 67.59 -37.71
C GLN D 183 6.77 67.30 -36.70
N ASP D 184 7.80 66.63 -37.16
CA ASP D 184 8.95 66.30 -36.32
C ASP D 184 9.75 67.56 -35.99
N GLU D 185 9.94 67.80 -34.70
CA GLU D 185 10.67 68.98 -34.23
C GLU D 185 12.05 68.62 -33.70
N LEU D 186 12.97 69.59 -33.79
CA LEU D 186 14.34 69.38 -33.34
C LEU D 186 14.94 70.67 -32.77
N ASP D 187 15.11 70.71 -31.45
CA ASP D 187 15.75 71.83 -30.77
C ASP D 187 16.96 71.35 -29.96
N VAL D 188 17.90 72.25 -29.73
CA VAL D 188 19.04 71.97 -28.85
C VAL D 188 18.89 72.84 -27.60
N VAL D 189 18.58 72.17 -26.49
CA VAL D 189 18.36 72.87 -25.21
C VAL D 189 19.48 72.60 -24.21
N GLU D 190 19.64 73.51 -23.25
CA GLU D 190 20.71 73.45 -22.25
C GLU D 190 20.48 72.28 -21.30
N GLY D 191 21.30 71.24 -21.46
CA GLY D 191 21.20 70.02 -20.64
C GLY D 191 22.54 69.31 -20.46
N MET D 192 22.50 68.18 -19.75
CA MET D 192 23.70 67.42 -19.43
C MET D 192 23.41 65.94 -19.19
N GLN D 193 24.38 65.08 -19.52
CA GLN D 193 24.27 63.64 -19.25
C GLN D 193 25.55 63.10 -18.61
N PHE D 194 25.39 62.39 -17.48
CA PHE D 194 26.52 61.77 -16.77
C PHE D 194 26.32 60.27 -16.52
N ASP D 195 27.39 59.54 -16.17
CA ASP D 195 27.35 58.06 -16.23
C ASP D 195 27.16 57.32 -14.89
N ARG D 196 25.94 57.39 -14.35
CA ARG D 196 25.55 56.67 -13.13
C ARG D 196 24.20 55.97 -13.35
N GLY D 197 23.91 54.98 -12.50
CA GLY D 197 22.62 54.28 -12.56
C GLY D 197 21.72 54.61 -11.39
N TYR D 198 20.51 54.06 -11.41
CA TYR D 198 19.55 54.18 -10.29
C TYR D 198 20.00 53.38 -9.07
N LEU D 199 19.60 53.80 -7.87
CA LEU D 199 19.96 53.06 -6.66
C LEU D 199 18.99 51.93 -6.35
N SER D 200 17.76 52.05 -6.83
CA SER D 200 16.77 50.97 -6.78
C SER D 200 16.12 50.71 -8.14
N PRO D 201 16.12 49.43 -8.58
CA PRO D 201 15.48 49.03 -9.83
C PRO D 201 13.95 49.17 -9.76
N TYR D 202 13.43 49.44 -8.58
CA TYR D 202 12.00 49.61 -8.38
C TYR D 202 11.52 51.05 -8.60
N PHE D 203 12.46 51.95 -8.88
CA PHE D 203 12.14 53.32 -9.26
C PHE D 203 11.60 53.38 -10.70
N ILE D 204 11.99 52.38 -11.50
CA ILE D 204 11.53 52.23 -12.88
C ILE D 204 10.01 52.27 -12.98
N ASN D 205 9.50 53.23 -13.73
CA ASN D 205 8.08 53.34 -13.99
C ASN D 205 7.68 52.72 -15.34
N LYS D 206 8.46 52.99 -16.38
CA LYS D 206 8.24 52.40 -17.70
C LYS D 206 9.15 51.18 -17.85
N PRO D 207 8.58 49.97 -17.72
CA PRO D 207 9.43 48.77 -17.68
C PRO D 207 9.94 48.35 -19.05
N GLU D 208 9.21 48.74 -20.10
CA GLU D 208 9.52 48.36 -21.48
C GLU D 208 10.92 48.77 -21.89
N THR D 209 11.29 50.01 -21.58
CA THR D 209 12.67 50.43 -21.71
C THR D 209 13.50 49.79 -20.62
N GLY D 210 12.96 49.80 -19.40
CA GLY D 210 13.71 49.45 -18.20
C GLY D 210 14.40 50.70 -17.68
N ALA D 211 13.60 51.73 -17.41
CA ALA D 211 14.12 53.07 -17.06
C ALA D 211 13.14 53.89 -16.22
N VAL D 212 13.69 54.86 -15.48
CA VAL D 212 12.89 55.79 -14.68
C VAL D 212 12.64 57.03 -15.50
N GLU D 213 11.52 57.71 -15.24
CA GLU D 213 11.08 58.82 -16.08
C GLU D 213 10.20 59.78 -15.31
N LEU D 214 10.65 61.02 -15.14
CA LEU D 214 9.91 62.05 -14.41
C LEU D 214 9.69 63.30 -15.26
N GLU D 215 8.43 63.72 -15.39
CA GLU D 215 8.09 64.97 -16.08
C GLU D 215 8.32 66.16 -15.15
N SER D 216 8.71 67.30 -15.74
CA SER D 216 8.98 68.56 -15.01
C SER D 216 9.46 68.39 -13.55
N PRO D 217 10.62 67.74 -13.35
CA PRO D 217 10.99 67.23 -12.02
C PRO D 217 11.78 68.20 -11.17
N PHE D 218 11.73 67.99 -9.86
CA PHE D 218 12.58 68.71 -8.91
C PHE D 218 13.83 67.90 -8.59
N ILE D 219 14.88 68.57 -8.11
CA ILE D 219 16.17 67.92 -7.90
C ILE D 219 16.82 68.33 -6.57
N LEU D 220 17.27 67.33 -5.81
CA LEU D 220 18.11 67.56 -4.65
C LEU D 220 19.56 67.31 -5.04
N LEU D 221 20.48 68.04 -4.42
CA LEU D 221 21.90 67.86 -4.67
C LEU D 221 22.69 67.98 -3.37
N ALA D 222 23.38 66.91 -2.98
CA ALA D 222 24.05 66.86 -1.67
C ALA D 222 25.30 65.98 -1.60
N ASP D 223 26.46 66.61 -1.33
CA ASP D 223 27.72 65.90 -1.06
C ASP D 223 27.72 65.28 0.34
N LYS D 224 26.79 64.34 0.55
CA LYS D 224 26.73 63.56 1.78
C LYS D 224 25.88 62.31 1.57
N LYS D 225 26.24 61.25 2.27
CA LYS D 225 25.51 60.00 2.22
C LYS D 225 24.26 60.13 3.10
N ILE D 226 23.09 59.87 2.52
CA ILE D 226 21.83 59.99 3.27
C ILE D 226 21.44 58.65 3.89
N SER D 227 21.21 58.67 5.19
CA SER D 227 20.92 57.45 5.95
C SER D 227 19.61 57.56 6.74
N ASN D 228 19.20 58.81 7.02
CA ASN D 228 17.99 59.05 7.78
C ASN D 228 17.03 60.00 7.09
N ILE D 229 15.74 59.72 7.22
CA ILE D 229 14.68 60.56 6.68
C ILE D 229 14.38 61.78 7.59
N ARG D 230 14.95 61.77 8.80
CA ARG D 230 14.79 62.90 9.72
C ARG D 230 15.45 64.17 9.17
N GLU D 231 16.44 63.98 8.29
CA GLU D 231 17.06 65.09 7.55
C GLU D 231 16.28 65.38 6.27
N MET D 232 15.44 64.43 5.88
CA MET D 232 14.77 64.45 4.58
C MET D 232 13.33 64.98 4.55
N LEU D 233 12.65 64.92 5.68
CA LEU D 233 11.22 65.29 5.75
C LEU D 233 10.87 66.70 5.23
N PRO D 234 11.42 67.77 5.85
CA PRO D 234 11.05 69.14 5.47
C PRO D 234 11.32 69.46 3.99
N VAL D 235 12.09 68.60 3.34
CA VAL D 235 12.30 68.68 1.90
C VAL D 235 11.10 68.02 1.20
N LEU D 236 10.85 66.75 1.55
CA LEU D 236 9.82 65.92 0.92
C LEU D 236 8.40 66.43 1.15
N GLU D 237 8.17 67.04 2.31
CA GLU D 237 6.87 67.60 2.65
C GLU D 237 6.49 68.73 1.71
N ALA D 238 7.49 69.44 1.21
CA ALA D 238 7.28 70.56 0.31
C ALA D 238 6.99 70.11 -1.13
N VAL D 239 7.28 68.83 -1.43
CA VAL D 239 7.20 68.29 -2.80
C VAL D 239 5.76 68.06 -3.29
N ALA D 240 4.88 67.62 -2.40
CA ALA D 240 3.48 67.40 -2.75
C ALA D 240 2.77 68.70 -3.14
N LYS D 241 3.08 69.78 -2.41
CA LYS D 241 2.71 71.13 -2.84
C LYS D 241 3.47 71.44 -4.12
N ALA D 242 2.73 71.85 -5.15
CA ALA D 242 3.23 71.91 -6.54
C ALA D 242 3.55 70.50 -7.03
N GLY D 243 2.49 69.73 -7.26
CA GLY D 243 2.57 68.29 -7.55
C GLY D 243 3.46 67.88 -8.71
N LYS D 244 4.69 67.49 -8.38
CA LYS D 244 5.70 67.06 -9.34
C LYS D 244 6.71 66.11 -8.67
N PRO D 245 7.30 65.19 -9.46
CA PRO D 245 8.33 64.25 -8.97
C PRO D 245 9.64 64.90 -8.50
N LEU D 246 10.50 64.08 -7.91
CA LEU D 246 11.76 64.54 -7.31
C LEU D 246 12.95 63.65 -7.68
N LEU D 247 14.12 64.26 -7.89
CA LEU D 247 15.35 63.51 -8.16
C LEU D 247 16.48 63.86 -7.19
N ILE D 248 16.82 62.89 -6.34
CA ILE D 248 17.90 63.02 -5.40
C ILE D 248 19.20 62.65 -6.09
N ILE D 249 20.19 63.55 -5.98
CA ILE D 249 21.55 63.21 -6.35
C ILE D 249 22.46 63.55 -5.16
N ALA D 250 22.69 62.55 -4.32
CA ALA D 250 23.55 62.68 -3.16
C ALA D 250 24.76 61.76 -3.29
N GLU D 251 25.68 61.84 -2.34
CA GLU D 251 26.89 61.02 -2.37
C GLU D 251 26.50 59.55 -2.54
N ASP D 252 25.71 59.06 -1.60
CA ASP D 252 25.05 57.76 -1.70
C ASP D 252 23.73 57.86 -0.95
N VAL D 253 22.79 56.97 -1.26
CA VAL D 253 21.57 56.84 -0.46
C VAL D 253 21.58 55.44 0.18
N GLU D 254 21.37 55.39 1.50
CA GLU D 254 21.66 54.19 2.28
C GLU D 254 20.47 53.60 3.04
N GLY D 255 20.57 52.30 3.30
CA GLY D 255 19.66 51.54 4.17
C GLY D 255 18.24 52.07 4.34
N GLU D 256 18.07 52.96 5.30
CA GLU D 256 16.76 53.55 5.61
C GLU D 256 16.26 54.45 4.48
N ALA D 257 16.96 55.57 4.26
CA ALA D 257 16.61 56.52 3.21
C ALA D 257 16.29 55.81 1.90
N LEU D 258 17.03 54.74 1.62
CA LEU D 258 16.75 53.87 0.49
C LEU D 258 15.36 53.28 0.66
N ALA D 259 15.23 52.29 1.56
CA ALA D 259 14.00 51.52 1.75
C ALA D 259 12.76 52.38 2.01
N THR D 260 12.97 53.60 2.50
CA THR D 260 11.89 54.57 2.65
C THR D 260 11.40 54.98 1.26
N LEU D 261 12.31 55.52 0.46
CA LEU D 261 11.99 56.06 -0.87
C LEU D 261 11.52 54.98 -1.86
N VAL D 262 12.05 53.77 -1.73
CA VAL D 262 11.72 52.66 -2.65
C VAL D 262 10.27 52.20 -2.49
N VAL D 263 9.91 51.81 -1.26
CA VAL D 263 8.54 51.40 -0.97
C VAL D 263 7.62 52.61 -1.10
N ASN D 264 8.04 53.75 -0.52
CA ASN D 264 7.22 54.96 -0.54
C ASN D 264 7.20 55.66 -1.90
N THR D 265 7.29 54.85 -2.95
CA THR D 265 6.99 55.27 -4.32
C THR D 265 6.12 54.21 -4.98
N MET D 266 6.15 52.99 -4.43
CA MET D 266 5.21 51.94 -4.84
C MET D 266 3.79 52.39 -4.52
N ARG D 267 3.61 52.99 -3.34
CA ARG D 267 2.30 53.46 -2.88
C ARG D 267 1.68 54.53 -3.79
N GLY D 268 2.53 55.33 -4.42
CA GLY D 268 2.07 56.40 -5.28
C GLY D 268 2.02 57.73 -4.56
N ILE D 269 2.44 57.74 -3.29
CA ILE D 269 2.67 58.98 -2.57
C ILE D 269 4.05 59.52 -2.93
N VAL D 270 4.06 60.46 -3.87
CA VAL D 270 5.26 61.10 -4.42
C VAL D 270 6.18 60.13 -5.17
N LYS D 271 6.23 60.29 -6.50
CA LYS D 271 7.21 59.59 -7.33
C LYS D 271 8.57 60.26 -7.19
N VAL D 272 9.61 59.43 -7.01
CA VAL D 272 10.97 59.90 -6.80
C VAL D 272 11.99 58.90 -7.38
N ALA D 273 13.27 59.28 -7.39
CA ALA D 273 14.36 58.39 -7.77
C ALA D 273 15.65 58.96 -7.21
N ALA D 274 16.62 58.09 -6.92
CA ALA D 274 17.90 58.52 -6.38
C ALA D 274 19.10 57.88 -7.08
N VAL D 275 20.01 58.71 -7.55
CA VAL D 275 21.23 58.27 -8.24
C VAL D 275 22.47 58.79 -7.53
N LYS D 276 23.57 58.04 -7.64
CA LYS D 276 24.85 58.40 -7.02
C LYS D 276 25.43 59.69 -7.61
N ALA D 277 26.12 60.48 -6.77
CA ALA D 277 26.83 61.66 -7.24
C ALA D 277 27.97 61.25 -8.18
N PRO D 278 28.02 61.84 -9.40
CA PRO D 278 28.98 61.49 -10.45
C PRO D 278 30.42 61.81 -10.07
N GLY D 279 31.34 60.87 -10.34
CA GLY D 279 32.76 61.05 -10.00
C GLY D 279 33.02 60.87 -8.51
N PHE D 280 34.25 61.15 -8.08
CA PHE D 280 34.64 60.96 -6.67
C PHE D 280 35.50 62.09 -6.09
N GLY D 281 35.53 62.18 -4.76
CA GLY D 281 36.42 63.07 -4.02
C GLY D 281 36.34 64.56 -4.36
N ASP D 282 37.39 65.06 -5.02
CA ASP D 282 37.47 66.47 -5.40
C ASP D 282 36.59 66.78 -6.61
N ARG D 283 36.72 65.96 -7.66
CA ARG D 283 35.92 66.13 -8.87
C ARG D 283 34.44 65.78 -8.64
N ARG D 284 34.14 65.20 -7.49
CA ARG D 284 32.77 64.95 -7.05
C ARG D 284 32.04 66.26 -6.73
N LYS D 285 32.72 67.13 -5.98
CA LYS D 285 32.13 68.35 -5.44
C LYS D 285 31.80 69.39 -6.51
N ALA D 286 32.62 69.46 -7.54
CA ALA D 286 32.42 70.41 -8.62
C ALA D 286 31.30 69.97 -9.57
N MET D 287 31.36 68.72 -10.03
CA MET D 287 30.36 68.20 -10.98
C MET D 287 28.94 68.39 -10.50
N LEU D 288 28.74 68.33 -9.18
CA LEU D 288 27.42 68.58 -8.60
C LEU D 288 26.99 70.04 -8.74
N GLN D 289 27.91 70.97 -8.45
CA GLN D 289 27.65 72.40 -8.61
C GLN D 289 27.30 72.71 -10.06
N ASP D 290 28.00 72.03 -10.97
CA ASP D 290 27.67 72.06 -12.39
C ASP D 290 26.17 71.80 -12.55
N ILE D 291 25.74 70.61 -12.13
CA ILE D 291 24.34 70.19 -12.18
C ILE D 291 23.43 71.25 -11.54
N ALA D 292 23.84 71.77 -10.39
CA ALA D 292 23.08 72.79 -9.67
C ALA D 292 22.90 74.07 -10.48
N THR D 293 23.95 74.44 -11.23
CA THR D 293 23.89 75.61 -12.08
C THR D 293 23.09 75.29 -13.33
N LEU D 294 23.24 74.05 -13.81
CA LEU D 294 22.51 73.54 -14.97
C LEU D 294 21.01 73.52 -14.69
N THR D 295 20.64 73.15 -13.46
CA THR D 295 19.24 73.01 -13.08
C THR D 295 18.65 74.27 -12.44
N GLY D 296 19.51 75.06 -11.80
CA GLY D 296 19.09 76.33 -11.19
C GLY D 296 18.83 76.28 -9.69
N GLY D 297 19.21 75.17 -9.06
CA GLY D 297 19.06 75.00 -7.62
C GLY D 297 20.32 75.34 -6.87
N THR D 298 20.60 74.58 -5.80
CA THR D 298 21.83 74.75 -5.02
C THR D 298 22.28 73.42 -4.41
N VAL D 299 23.55 73.35 -4.00
CA VAL D 299 24.10 72.16 -3.35
C VAL D 299 24.04 72.32 -1.83
N ILE D 300 24.00 71.19 -1.12
CA ILE D 300 23.94 71.18 0.34
C ILE D 300 24.96 70.18 0.91
N SER D 301 25.88 70.69 1.73
CA SER D 301 26.93 69.86 2.32
C SER D 301 27.26 70.23 3.78
N GLU D 302 27.65 69.21 4.55
CA GLU D 302 28.03 69.37 5.96
C GLU D 302 29.34 70.14 6.14
N GLU D 303 30.18 70.11 5.10
CA GLU D 303 31.50 70.74 5.11
C GLU D 303 31.46 72.23 5.44
N ILE D 304 30.55 72.95 4.76
CA ILE D 304 30.44 74.41 4.91
C ILE D 304 29.61 74.83 6.15
N GLY D 305 28.66 73.97 6.53
CA GLY D 305 27.79 74.23 7.70
C GLY D 305 26.31 74.11 7.34
N MET D 306 26.05 73.55 6.15
CA MET D 306 24.69 73.41 5.59
C MET D 306 24.05 72.08 5.97
N GLU D 307 22.98 72.14 6.76
CA GLU D 307 22.22 70.96 7.16
C GLU D 307 21.07 70.71 6.18
N LEU D 308 20.61 69.46 6.13
CA LEU D 308 19.56 69.05 5.20
C LEU D 308 18.16 69.50 5.65
N GLU D 309 18.05 69.89 6.92
CA GLU D 309 16.78 70.29 7.53
C GLU D 309 16.16 71.55 6.90
N LYS D 310 16.97 72.60 6.74
CA LYS D 310 16.47 73.87 6.19
C LYS D 310 16.70 74.01 4.67
N ALA D 311 16.46 72.90 3.96
CA ALA D 311 16.49 72.88 2.49
C ALA D 311 15.09 73.13 1.94
N THR D 312 14.92 74.28 1.29
CA THR D 312 13.62 74.74 0.79
C THR D 312 13.38 74.39 -0.68
N LEU D 313 12.42 75.06 -1.31
CA LEU D 313 12.09 74.80 -2.70
C LEU D 313 13.14 75.32 -3.68
N GLU D 314 13.71 76.49 -3.40
CA GLU D 314 14.70 77.11 -4.30
C GLU D 314 16.08 76.42 -4.27
N ASP D 315 16.37 75.72 -3.18
CA ASP D 315 17.58 74.90 -3.06
C ASP D 315 17.52 73.69 -3.99
N LEU D 316 16.30 73.35 -4.40
CA LEU D 316 16.04 72.26 -5.35
C LEU D 316 16.15 72.75 -6.79
N GLY D 317 16.58 71.85 -7.67
CA GLY D 317 16.77 72.17 -9.08
C GLY D 317 15.65 71.65 -9.95
N GLN D 318 15.45 72.30 -11.11
CA GLN D 318 14.37 71.93 -12.02
C GLN D 318 14.89 71.63 -13.43
N ALA D 319 14.40 70.52 -13.98
CA ALA D 319 14.62 70.14 -15.37
C ALA D 319 13.29 70.25 -16.11
N LYS D 320 13.08 69.39 -17.10
CA LYS D 320 11.77 69.21 -17.71
C LYS D 320 11.52 67.74 -17.95
N ARG D 321 12.57 66.94 -17.75
CA ARG D 321 12.50 65.49 -17.91
C ARG D 321 13.81 64.89 -17.42
N VAL D 322 13.72 63.82 -16.63
CA VAL D 322 14.91 63.03 -16.27
C VAL D 322 14.70 61.55 -16.56
N VAL D 323 15.71 60.93 -17.17
CA VAL D 323 15.65 59.54 -17.57
C VAL D 323 16.80 58.78 -16.91
N ILE D 324 16.52 57.61 -16.34
CA ILE D 324 17.56 56.82 -15.67
C ILE D 324 17.54 55.36 -16.08
N ASN D 325 18.62 54.90 -16.73
CA ASN D 325 18.79 53.50 -17.08
C ASN D 325 19.38 52.70 -15.93
N LYS D 326 19.75 51.45 -16.22
CA LYS D 326 20.47 50.63 -15.26
C LYS D 326 21.78 51.33 -14.85
N ASP D 327 22.38 52.04 -15.81
CA ASP D 327 23.65 52.74 -15.60
C ASP D 327 23.77 54.09 -16.36
N THR D 328 22.64 54.79 -16.56
CA THR D 328 22.65 56.05 -17.31
C THR D 328 21.58 57.08 -16.89
N THR D 329 21.97 58.01 -16.03
CA THR D 329 21.15 59.20 -15.72
C THR D 329 21.26 60.21 -16.86
N THR D 330 20.20 60.96 -17.11
CA THR D 330 20.24 62.06 -18.09
C THR D 330 19.21 63.15 -17.79
N ILE D 331 19.72 64.36 -17.54
CA ILE D 331 18.88 65.51 -17.20
C ILE D 331 18.57 66.34 -18.45
N ILE D 332 17.30 66.37 -18.85
CA ILE D 332 16.86 67.09 -20.05
C ILE D 332 16.23 68.44 -19.75
N ASP D 333 16.67 69.47 -20.48
CA ASP D 333 16.08 70.82 -20.46
C ASP D 333 15.99 71.44 -19.06
N GLY D 334 17.10 71.43 -18.33
CA GLY D 334 17.15 71.99 -16.98
C GLY D 334 16.95 73.49 -16.97
N VAL D 335 15.95 73.96 -16.21
CA VAL D 335 15.61 75.38 -16.19
C VAL D 335 16.64 76.18 -15.38
N GLY D 336 17.83 76.32 -15.95
CA GLY D 336 18.87 77.16 -15.37
C GLY D 336 18.74 78.57 -15.90
N GLU D 337 19.87 79.16 -16.28
CA GLU D 337 19.89 80.52 -16.80
C GLU D 337 20.80 80.66 -18.01
N GLU D 338 20.58 81.72 -18.79
CA GLU D 338 21.48 82.08 -19.88
C GLU D 338 22.83 82.52 -19.32
N ALA D 339 22.80 83.46 -18.37
CA ALA D 339 24.00 84.10 -17.82
C ALA D 339 24.77 83.23 -16.83
N ALA D 340 24.11 82.23 -16.25
CA ALA D 340 24.73 81.36 -15.26
C ALA D 340 25.53 80.22 -15.90
N ILE D 341 24.97 79.61 -16.94
CA ILE D 341 25.65 78.55 -17.69
C ILE D 341 26.82 79.11 -18.49
N GLN D 342 26.56 80.13 -19.30
CA GLN D 342 27.60 80.83 -20.06
C GLN D 342 28.70 81.36 -19.13
N GLY D 343 28.34 81.65 -17.89
CA GLY D 343 29.28 82.10 -16.86
C GLY D 343 30.11 80.96 -16.29
N ARG D 344 29.44 79.86 -15.94
CA ARG D 344 30.12 78.66 -15.42
C ARG D 344 31.06 78.05 -16.44
N VAL D 345 30.68 78.12 -17.72
CA VAL D 345 31.51 77.61 -18.81
C VAL D 345 32.78 78.45 -18.97
N ALA D 346 32.61 79.76 -19.20
CA ALA D 346 33.74 80.68 -19.33
C ALA D 346 34.65 80.65 -18.10
N GLN D 347 34.16 80.01 -17.04
CA GLN D 347 34.92 79.81 -15.80
C GLN D 347 35.69 78.48 -15.84
N ILE D 348 35.04 77.42 -16.30
CA ILE D 348 35.66 76.08 -16.38
C ILE D 348 36.72 76.03 -17.48
N ARG D 349 36.52 76.83 -18.53
CA ARG D 349 37.49 76.93 -19.61
C ARG D 349 38.73 77.76 -19.20
N GLN D 350 38.61 78.49 -18.09
CA GLN D 350 39.74 79.20 -17.50
C GLN D 350 40.56 78.26 -16.63
N GLN D 351 39.93 77.18 -16.16
CA GLN D 351 40.61 76.18 -15.34
C GLN D 351 41.66 75.45 -16.16
N ILE D 352 41.32 75.17 -17.41
CA ILE D 352 42.22 74.47 -18.32
C ILE D 352 43.32 75.37 -18.88
N GLU D 353 43.12 76.69 -18.76
CA GLU D 353 44.18 77.65 -19.03
C GLU D 353 45.22 77.59 -17.92
N GLU D 354 44.76 77.25 -16.72
CA GLU D 354 45.63 77.03 -15.56
C GLU D 354 45.71 75.52 -15.25
N ALA D 355 45.84 74.72 -16.31
CA ALA D 355 45.97 73.27 -16.17
C ALA D 355 47.38 72.89 -15.75
N THR D 356 47.49 72.17 -14.64
CA THR D 356 48.78 71.82 -14.04
C THR D 356 49.28 70.43 -14.45
N SER D 357 48.34 69.52 -14.70
CA SER D 357 48.65 68.13 -15.05
C SER D 357 47.93 67.68 -16.33
N ASP D 358 48.52 66.70 -17.02
CA ASP D 358 47.97 66.14 -18.25
C ASP D 358 46.54 65.61 -18.07
N TYR D 359 46.33 64.85 -17.00
CA TYR D 359 45.03 64.23 -16.72
C TYR D 359 44.00 65.24 -16.23
N ASP D 360 44.41 66.12 -15.33
CA ASP D 360 43.53 67.16 -14.77
C ASP D 360 42.84 67.93 -15.89
N ARG D 361 43.59 68.18 -16.97
CA ARG D 361 43.08 68.76 -18.21
C ARG D 361 41.89 67.93 -18.76
N GLU D 362 42.14 66.64 -19.00
CA GLU D 362 41.16 65.75 -19.63
C GLU D 362 39.80 65.78 -18.97
N LYS D 363 39.76 65.59 -17.66
CA LYS D 363 38.51 65.48 -16.91
C LYS D 363 37.80 66.83 -16.80
N LEU D 364 38.55 67.91 -17.03
CA LEU D 364 37.97 69.24 -17.14
C LEU D 364 37.37 69.44 -18.54
N GLN D 365 38.10 69.03 -19.58
CA GLN D 365 37.60 69.06 -20.95
C GLN D 365 36.26 68.32 -21.05
N GLU D 366 36.24 67.09 -20.53
CA GLU D 366 35.05 66.24 -20.51
C GLU D 366 33.93 66.84 -19.69
N ARG D 367 34.26 67.78 -18.81
CA ARG D 367 33.28 68.37 -17.91
C ARG D 367 32.51 69.53 -18.56
N VAL D 368 33.18 70.28 -19.44
CA VAL D 368 32.50 71.30 -20.25
C VAL D 368 31.82 70.67 -21.48
N ALA D 369 32.35 69.54 -21.93
CA ALA D 369 31.74 68.77 -23.00
C ALA D 369 30.34 68.28 -22.61
N LYS D 370 30.15 68.03 -21.32
CA LYS D 370 28.85 67.67 -20.78
C LYS D 370 27.98 68.92 -20.68
N LEU D 371 28.46 69.91 -19.93
CA LEU D 371 27.68 71.10 -19.58
C LEU D 371 27.35 72.00 -20.77
N ALA D 372 28.38 72.36 -21.53
CA ALA D 372 28.23 73.26 -22.67
C ALA D 372 27.86 72.51 -23.96
N GLY D 373 27.89 71.18 -23.90
CA GLY D 373 27.53 70.34 -25.06
C GLY D 373 26.03 70.22 -25.26
N GLY D 374 25.28 70.46 -24.18
CA GLY D 374 23.83 70.41 -24.21
C GLY D 374 23.28 69.04 -24.49
N VAL D 375 21.96 68.98 -24.71
CA VAL D 375 21.24 67.77 -25.07
C VAL D 375 20.31 68.04 -26.24
N ALA D 376 20.43 67.22 -27.29
CA ALA D 376 19.55 67.29 -28.44
C ALA D 376 18.23 66.59 -28.12
N VAL D 377 17.13 67.14 -28.60
CA VAL D 377 15.81 66.55 -28.37
C VAL D 377 15.00 66.42 -29.66
N ILE D 378 14.37 65.26 -29.81
CA ILE D 378 13.59 64.94 -31.00
C ILE D 378 12.14 64.64 -30.61
N LYS D 379 11.22 65.42 -31.18
CA LYS D 379 9.79 65.28 -30.89
C LYS D 379 9.06 64.65 -32.09
N VAL D 380 8.84 63.34 -32.02
CA VAL D 380 8.26 62.60 -33.15
C VAL D 380 6.84 63.09 -33.46
N GLY D 381 6.48 63.10 -34.73
CA GLY D 381 5.19 63.66 -35.18
C GLY D 381 4.46 62.85 -36.24
N ALA D 382 3.28 62.34 -35.85
CA ALA D 382 2.43 61.54 -36.74
C ALA D 382 0.96 61.58 -36.28
N ALA D 383 0.05 61.14 -37.14
CA ALA D 383 -1.39 61.16 -36.87
C ALA D 383 -1.78 60.18 -35.76
N THR D 384 -2.48 60.70 -34.75
CA THR D 384 -2.98 59.96 -33.59
C THR D 384 -1.93 59.24 -32.70
N GLU D 385 -2.37 58.96 -31.48
CA GLU D 385 -1.55 58.36 -30.42
C GLU D 385 -1.33 56.86 -30.63
N VAL D 386 -1.22 56.46 -31.90
CA VAL D 386 -1.08 55.05 -32.26
C VAL D 386 0.15 54.86 -33.14
N GLU D 387 0.32 55.77 -34.10
CA GLU D 387 1.48 55.76 -34.97
C GLU D 387 2.57 56.67 -34.41
N MET D 388 2.20 57.43 -33.38
CA MET D 388 3.13 58.29 -32.65
C MET D 388 3.97 57.46 -31.67
N LYS D 389 3.30 56.61 -30.89
CA LYS D 389 3.95 55.64 -30.01
C LYS D 389 4.77 54.61 -30.78
N GLU D 390 4.26 54.19 -31.95
CA GLU D 390 4.94 53.19 -32.76
C GLU D 390 6.23 53.74 -33.35
N LYS D 391 6.18 54.93 -33.92
CA LYS D 391 7.35 55.53 -34.56
C LYS D 391 8.47 55.79 -33.54
N LYS D 392 8.09 56.34 -32.38
CA LYS D 392 9.00 56.56 -31.27
C LYS D 392 9.72 55.28 -30.89
N ALA D 393 9.00 54.16 -30.98
CA ALA D 393 9.53 52.84 -30.65
C ALA D 393 10.58 52.35 -31.64
N ARG D 394 10.39 52.66 -32.92
CA ARG D 394 11.36 52.32 -33.95
C ARG D 394 12.56 53.26 -33.92
N VAL D 395 12.36 54.46 -33.38
CA VAL D 395 13.41 55.46 -33.26
C VAL D 395 14.38 55.10 -32.14
N GLU D 396 13.86 54.98 -30.92
CA GLU D 396 14.68 54.63 -29.77
C GLU D 396 15.64 53.49 -30.11
N ASP D 397 15.11 52.40 -30.67
CA ASP D 397 15.87 51.19 -31.00
C ASP D 397 16.90 51.41 -32.12
N ALA D 398 16.54 52.21 -33.12
CA ALA D 398 17.42 52.53 -34.23
C ALA D 398 18.51 53.52 -33.83
N LEU D 399 18.15 54.51 -33.01
CA LEU D 399 19.14 55.42 -32.45
C LEU D 399 20.23 54.58 -31.79
N HIS D 400 19.80 53.65 -30.93
CA HIS D 400 20.71 52.73 -30.24
C HIS D 400 21.61 51.98 -31.22
N ALA D 401 21.07 51.64 -32.38
CA ALA D 401 21.86 50.97 -33.43
C ALA D 401 22.83 51.93 -34.12
N THR D 402 22.39 53.17 -34.31
CA THR D 402 23.21 54.19 -34.94
C THR D 402 24.35 54.62 -34.03
N ARG D 403 24.08 54.68 -32.73
CA ARG D 403 25.10 54.97 -31.72
C ARG D 403 26.27 54.00 -31.79
N ALA D 404 25.95 52.71 -31.89
CA ALA D 404 26.95 51.65 -31.98
C ALA D 404 27.62 51.63 -33.36
N ALA D 405 26.91 52.13 -34.35
CA ALA D 405 27.43 52.19 -35.72
C ALA D 405 28.50 53.25 -35.86
N VAL D 406 28.50 54.21 -34.94
CA VAL D 406 29.50 55.28 -34.96
C VAL D 406 30.72 54.88 -34.13
N GLU D 407 30.47 54.25 -32.99
CA GLU D 407 31.54 53.95 -32.03
C GLU D 407 32.52 52.92 -32.55
N GLU D 408 31.99 51.81 -33.09
CA GLU D 408 32.83 50.71 -33.53
C GLU D 408 32.61 50.33 -35.00
N GLY D 409 31.45 50.71 -35.54
CA GLY D 409 31.15 50.44 -36.94
C GLY D 409 30.11 49.35 -37.12
N VAL D 410 29.95 48.89 -38.35
CA VAL D 410 28.99 47.84 -38.68
C VAL D 410 29.64 46.69 -39.45
N VAL D 411 29.41 45.46 -39.00
CA VAL D 411 29.90 44.28 -39.71
C VAL D 411 28.78 43.64 -40.51
N ALA D 412 29.10 42.60 -41.26
CA ALA D 412 28.12 41.91 -42.09
C ALA D 412 27.19 41.08 -41.24
N GLY D 413 25.89 41.28 -41.41
CA GLY D 413 24.87 40.63 -40.60
C GLY D 413 24.66 39.17 -40.92
N GLY D 414 23.54 38.60 -40.46
CA GLY D 414 23.16 37.22 -40.75
C GLY D 414 24.02 36.22 -40.02
N GLY D 415 24.78 36.72 -39.05
CA GLY D 415 25.71 35.91 -38.27
C GLY D 415 26.90 35.47 -39.08
N VAL D 416 27.11 36.12 -40.23
CA VAL D 416 28.20 35.76 -41.12
C VAL D 416 29.50 36.36 -40.65
N ALA D 417 29.42 37.47 -39.91
CA ALA D 417 30.61 38.13 -39.40
C ALA D 417 31.43 37.17 -38.54
N LEU D 418 30.74 36.47 -37.64
CA LEU D 418 31.39 35.50 -36.76
C LEU D 418 31.89 34.28 -37.53
N ILE D 419 31.08 33.80 -38.49
CA ILE D 419 31.43 32.61 -39.26
C ILE D 419 32.59 32.88 -40.23
N ARG D 420 32.78 34.16 -40.55
CA ARG D 420 33.88 34.62 -41.37
C ARG D 420 35.15 34.69 -40.54
N VAL D 421 35.00 35.12 -39.29
CA VAL D 421 36.10 35.14 -38.34
C VAL D 421 36.57 33.71 -38.04
N ALA D 422 35.61 32.79 -37.95
CA ALA D 422 35.90 31.39 -37.67
C ALA D 422 36.87 30.76 -38.66
N SER D 423 36.66 31.00 -39.95
CA SER D 423 37.55 30.43 -40.98
C SER D 423 38.94 31.08 -40.99
N LYS D 424 39.00 32.31 -40.48
CA LYS D 424 40.24 33.09 -40.46
C LYS D 424 41.11 32.83 -39.22
N LEU D 425 40.58 32.04 -38.28
CA LEU D 425 41.34 31.72 -37.08
C LEU D 425 41.60 30.22 -36.97
N ALA D 426 41.48 29.52 -38.10
CA ALA D 426 41.64 28.06 -38.12
C ALA D 426 43.06 27.61 -37.81
N ASP D 427 44.01 28.51 -38.02
CA ASP D 427 45.43 28.25 -37.76
C ASP D 427 45.85 28.59 -36.32
N LEU D 428 44.91 29.13 -35.54
CA LEU D 428 45.22 29.55 -34.17
C LEU D 428 45.41 28.35 -33.26
N ARG D 429 46.49 28.38 -32.50
CA ARG D 429 46.84 27.31 -31.57
C ARG D 429 47.18 27.86 -30.18
N GLY D 430 47.11 27.00 -29.17
CA GLY D 430 47.42 27.39 -27.80
C GLY D 430 48.80 26.93 -27.36
N GLN D 431 48.90 26.44 -26.14
CA GLN D 431 50.18 25.98 -25.58
C GLN D 431 50.25 24.45 -25.45
N ASN D 432 49.13 23.84 -25.07
CA ASN D 432 49.01 22.39 -25.06
C ASN D 432 47.74 21.92 -25.76
N GLU D 433 47.59 20.61 -25.91
CA GLU D 433 46.45 20.01 -26.62
C GLU D 433 45.09 20.45 -26.06
N ASP D 434 45.01 20.57 -24.74
CA ASP D 434 43.79 20.97 -24.06
C ASP D 434 43.38 22.41 -24.41
N GLN D 435 44.36 23.28 -24.57
CA GLN D 435 44.09 24.66 -24.99
C GLN D 435 43.65 24.71 -26.44
N ASN D 436 44.23 23.82 -27.26
CA ASN D 436 43.91 23.73 -28.68
C ASN D 436 42.45 23.38 -28.96
N VAL D 437 41.88 22.52 -28.12
CA VAL D 437 40.47 22.14 -28.22
C VAL D 437 39.60 23.29 -27.74
N GLY D 438 40.06 24.00 -26.72
CA GLY D 438 39.39 25.19 -26.21
C GLY D 438 39.12 26.26 -27.27
N ILE D 439 40.08 26.41 -28.19
CA ILE D 439 39.93 27.30 -29.34
C ILE D 439 38.90 26.76 -30.31
N LYS D 440 39.00 25.47 -30.67
CA LYS D 440 38.09 24.84 -31.62
C LYS D 440 36.65 24.80 -31.09
N VAL D 441 36.50 24.79 -29.77
CA VAL D 441 35.20 24.91 -29.15
C VAL D 441 34.60 26.28 -29.45
N ALA D 442 35.41 27.33 -29.28
CA ALA D 442 34.98 28.69 -29.51
C ALA D 442 34.66 28.97 -30.98
N LEU D 443 35.46 28.39 -31.88
CA LEU D 443 35.27 28.59 -33.32
C LEU D 443 34.03 27.88 -33.87
N ARG D 444 33.71 26.73 -33.31
CA ARG D 444 32.49 26.00 -33.68
C ARG D 444 31.25 26.61 -33.02
N ALA D 445 31.47 27.46 -32.02
CA ALA D 445 30.39 28.16 -31.35
C ALA D 445 29.98 29.38 -32.15
N MET D 446 30.91 29.91 -32.94
CA MET D 446 30.65 31.11 -33.76
C MET D 446 29.76 30.80 -34.95
N GLU D 447 29.69 29.51 -35.31
CA GLU D 447 28.81 29.05 -36.38
C GLU D 447 27.35 29.00 -35.96
N ALA D 448 27.12 28.83 -34.65
CA ALA D 448 25.77 28.59 -34.13
C ALA D 448 24.74 29.70 -34.40
N PRO D 449 25.11 30.99 -34.23
CA PRO D 449 24.13 32.04 -34.50
C PRO D 449 23.52 31.93 -35.90
N LEU D 450 24.36 31.80 -36.93
CA LEU D 450 23.87 31.60 -38.30
C LEU D 450 23.02 30.35 -38.40
N ARG D 451 23.56 29.24 -37.90
CA ARG D 451 22.89 27.94 -37.93
C ARG D 451 21.51 27.99 -37.28
N GLN D 452 21.37 28.82 -36.24
CA GLN D 452 20.10 28.95 -35.54
C GLN D 452 19.08 29.74 -36.35
N ILE D 453 19.56 30.74 -37.10
CA ILE D 453 18.68 31.54 -37.95
C ILE D 453 18.12 30.70 -39.09
N VAL D 454 18.98 29.88 -39.68
CA VAL D 454 18.59 28.98 -40.75
C VAL D 454 17.61 27.92 -40.26
N LEU D 455 17.78 27.47 -39.02
CA LEU D 455 16.89 26.47 -38.43
C LEU D 455 15.46 27.02 -38.31
N ASN D 456 15.34 28.29 -37.94
CA ASN D 456 14.06 28.95 -37.84
C ASN D 456 13.42 29.17 -39.20
N CYS D 457 14.27 29.30 -40.21
CA CYS D 457 13.82 29.52 -41.58
C CYS D 457 13.36 28.23 -42.24
N GLY D 458 13.53 27.12 -41.52
CA GLY D 458 13.09 25.80 -42.00
C GLY D 458 14.11 25.04 -42.84
N GLU D 459 15.06 25.76 -43.42
CA GLU D 459 16.15 25.15 -44.21
C GLU D 459 17.17 24.46 -43.32
N GLU D 460 17.89 23.48 -43.88
CA GLU D 460 18.92 22.74 -43.13
C GLU D 460 20.13 23.62 -42.86
N PRO D 461 20.47 23.85 -41.57
CA PRO D 461 21.53 24.77 -41.19
C PRO D 461 22.90 24.31 -41.70
N SER D 462 23.11 23.00 -41.70
CA SER D 462 24.36 22.40 -42.16
C SER D 462 24.68 22.75 -43.62
N VAL D 463 23.66 22.74 -44.47
CA VAL D 463 23.80 23.02 -45.90
C VAL D 463 24.12 24.49 -46.13
N VAL D 464 23.39 25.37 -45.45
CA VAL D 464 23.56 26.81 -45.63
C VAL D 464 24.90 27.32 -45.08
N ALA D 465 25.27 26.88 -43.88
CA ALA D 465 26.55 27.24 -43.28
C ALA D 465 27.74 26.76 -44.11
N ASN D 466 27.60 25.59 -44.73
CA ASN D 466 28.62 25.05 -45.62
C ASN D 466 28.78 25.87 -46.89
N THR D 467 27.69 26.46 -47.37
CA THR D 467 27.71 27.29 -48.57
C THR D 467 28.29 28.67 -48.27
N VAL D 468 27.98 29.21 -47.11
CA VAL D 468 28.51 30.50 -46.71
C VAL D 468 30.01 30.44 -46.48
N LYS D 469 30.50 29.32 -45.94
CA LYS D 469 31.94 29.16 -45.69
C LYS D 469 32.76 29.03 -46.99
N GLY D 470 32.17 28.44 -48.02
CA GLY D 470 32.81 28.24 -49.33
C GLY D 470 33.09 29.54 -50.06
N GLY D 471 32.10 30.43 -50.07
CA GLY D 471 32.26 31.79 -50.57
C GLY D 471 32.97 32.66 -49.56
N ASP D 472 33.48 33.80 -50.03
CA ASP D 472 34.29 34.67 -49.18
C ASP D 472 33.72 36.06 -49.08
N GLY D 473 34.10 36.77 -48.02
CA GLY D 473 33.71 38.15 -47.82
C GLY D 473 32.40 38.37 -47.07
N ASN D 474 31.62 39.32 -47.56
CA ASN D 474 30.35 39.68 -46.95
C ASN D 474 29.19 38.93 -47.59
N TYR D 475 29.51 37.75 -48.12
CA TYR D 475 28.55 36.86 -48.77
C TYR D 475 27.87 36.00 -47.74
N GLY D 476 26.54 36.09 -47.67
CA GLY D 476 25.80 35.35 -46.66
C GLY D 476 24.41 34.91 -47.08
N TYR D 477 23.60 34.53 -46.10
CA TYR D 477 22.26 34.03 -46.36
C TYR D 477 21.21 34.99 -45.81
N ASN D 478 20.31 35.42 -46.68
CA ASN D 478 19.14 36.20 -46.31
C ASN D 478 17.97 35.26 -46.00
N ALA D 479 17.62 35.18 -44.71
CA ALA D 479 16.57 34.29 -44.24
C ALA D 479 15.17 34.80 -44.58
N ALA D 480 15.02 36.11 -44.71
CA ALA D 480 13.73 36.70 -45.07
C ALA D 480 13.30 36.37 -46.50
N THR D 481 14.25 36.42 -47.44
CA THR D 481 13.96 36.21 -48.86
C THR D 481 14.38 34.83 -49.36
N GLU D 482 15.07 34.08 -48.50
CA GLU D 482 15.63 32.76 -48.83
C GLU D 482 16.62 32.84 -50.00
N GLU D 483 17.33 33.97 -50.08
CA GLU D 483 18.27 34.27 -51.17
C GLU D 483 19.68 34.49 -50.61
N TYR D 484 20.68 34.04 -51.35
CA TYR D 484 22.07 34.33 -51.01
C TYR D 484 22.48 35.67 -51.62
N GLY D 485 23.60 36.22 -51.15
CA GLY D 485 24.14 37.45 -51.73
C GLY D 485 24.95 38.28 -50.75
N ASN D 486 25.34 39.48 -51.22
CA ASN D 486 26.09 40.42 -50.40
C ASN D 486 25.18 40.99 -49.34
N MET D 487 25.58 40.83 -48.09
CA MET D 487 24.75 41.23 -46.96
C MET D 487 24.63 42.75 -46.85
N ILE D 488 25.74 43.45 -47.03
CA ILE D 488 25.75 44.91 -46.95
C ILE D 488 24.83 45.51 -48.00
N ASP D 489 24.89 44.97 -49.21
CA ASP D 489 24.06 45.45 -50.31
C ASP D 489 22.59 45.16 -50.07
N MET D 490 22.30 44.11 -49.30
CA MET D 490 20.92 43.71 -48.98
C MET D 490 20.39 44.39 -47.73
N GLY D 491 21.21 45.23 -47.11
CA GLY D 491 20.78 45.98 -45.93
C GLY D 491 20.80 45.20 -44.63
N ILE D 492 21.28 43.96 -44.69
CA ILE D 492 21.42 43.13 -43.52
C ILE D 492 22.77 43.37 -42.86
N LEU D 493 22.75 44.10 -41.74
CA LEU D 493 23.98 44.40 -41.04
C LEU D 493 23.80 44.55 -39.54
N ASP D 494 24.86 44.20 -38.80
CA ASP D 494 24.88 44.30 -37.35
C ASP D 494 25.97 45.25 -36.92
N PRO D 495 25.68 46.15 -35.98
CA PRO D 495 26.71 47.02 -35.41
C PRO D 495 27.82 46.18 -34.80
N THR D 496 29.07 46.51 -35.12
CA THR D 496 30.22 45.73 -34.64
C THR D 496 30.17 45.60 -33.12
N LYS D 497 29.81 46.68 -32.45
CA LYS D 497 29.73 46.73 -30.99
C LYS D 497 28.86 45.62 -30.42
N VAL D 498 27.68 45.42 -31.01
CA VAL D 498 26.75 44.42 -30.50
C VAL D 498 27.31 43.01 -30.66
N THR D 499 27.98 42.74 -31.77
CA THR D 499 28.50 41.40 -32.01
C THR D 499 29.71 41.14 -31.14
N ARG D 500 30.47 42.19 -30.87
CA ARG D 500 31.63 42.11 -29.96
C ARG D 500 31.16 41.82 -28.53
N SER D 501 30.11 42.51 -28.10
CA SER D 501 29.54 42.32 -26.79
C SER D 501 28.94 40.93 -26.67
N ALA D 502 28.19 40.52 -27.69
CA ALA D 502 27.55 39.21 -27.68
C ALA D 502 28.55 38.07 -27.54
N LEU D 503 29.71 38.21 -28.18
CA LEU D 503 30.71 37.14 -28.12
C LEU D 503 31.46 37.16 -26.80
N GLN D 504 31.94 38.34 -26.41
CA GLN D 504 32.76 38.48 -25.21
C GLN D 504 32.05 38.03 -23.96
N TYR D 505 30.82 38.52 -23.77
CA TYR D 505 30.04 38.19 -22.59
C TYR D 505 29.74 36.70 -22.53
N ALA D 506 29.31 36.13 -23.66
CA ALA D 506 28.97 34.72 -23.74
C ALA D 506 30.15 33.83 -23.41
N ALA D 507 31.34 34.28 -23.77
CA ALA D 507 32.56 33.55 -23.45
C ALA D 507 32.92 33.70 -21.98
N SER D 508 32.69 34.88 -21.44
CA SER D 508 33.03 35.19 -20.05
C SER D 508 32.33 34.26 -19.09
N VAL D 509 31.02 34.07 -19.29
CA VAL D 509 30.24 33.19 -18.44
C VAL D 509 30.58 31.71 -18.67
N ALA D 510 30.71 31.30 -19.93
CA ALA D 510 31.04 29.92 -20.26
C ALA D 510 32.37 29.53 -19.61
N GLY D 511 33.31 30.47 -19.61
CA GLY D 511 34.61 30.28 -18.98
C GLY D 511 34.48 30.00 -17.49
N LEU D 512 33.63 30.77 -16.82
CA LEU D 512 33.39 30.60 -15.41
C LEU D 512 32.67 29.28 -15.14
N MET D 513 31.75 28.94 -16.03
CA MET D 513 30.94 27.74 -15.85
C MET D 513 31.69 26.46 -16.14
N ILE D 514 32.68 26.53 -17.01
CA ILE D 514 33.50 25.35 -17.34
C ILE D 514 34.45 25.02 -16.18
N THR D 515 34.86 26.05 -15.45
CA THR D 515 35.75 25.86 -14.32
C THR D 515 35.01 25.63 -13.01
N THR D 516 33.74 25.24 -13.10
CA THR D 516 32.93 24.97 -11.91
C THR D 516 33.04 23.50 -11.47
N GLU D 517 33.33 23.31 -10.19
CA GLU D 517 33.47 21.98 -9.62
C GLU D 517 32.49 21.71 -8.48
N CYS D 518 32.06 22.78 -7.80
CA CYS D 518 31.19 22.62 -6.65
C CYS D 518 30.05 23.62 -6.65
N MET D 519 28.84 23.13 -6.34
CA MET D 519 27.67 23.98 -6.27
C MET D 519 26.97 23.86 -4.92
N VAL D 520 26.67 25.01 -4.32
CA VAL D 520 26.02 25.06 -3.02
C VAL D 520 24.73 25.88 -3.09
N THR D 521 23.61 25.22 -2.82
CA THR D 521 22.29 25.87 -2.83
C THR D 521 21.40 25.43 -1.67
N ASP D 522 20.27 26.12 -1.51
CA ASP D 522 19.31 25.80 -0.46
C ASP D 522 18.60 24.45 -0.69
N LEU D 523 18.20 23.83 0.41
CA LEU D 523 17.58 22.50 0.38
C LEU D 523 16.11 22.61 -0.02
N PRO D 524 15.64 21.73 -0.93
CA PRO D 524 14.23 21.70 -1.35
C PRO D 524 13.28 21.30 -0.22
N ALA E 1 9.38 33.50 -8.80
CA ALA E 1 8.40 32.39 -9.00
C ALA E 1 8.93 31.34 -9.97
N ALA E 2 8.88 30.08 -9.55
CA ALA E 2 9.30 28.94 -10.37
C ALA E 2 8.37 28.76 -11.57
N LYS E 3 8.97 28.49 -12.74
CA LYS E 3 8.22 28.42 -13.99
C LYS E 3 8.30 27.05 -14.65
N ASP E 4 7.30 26.75 -15.45
CA ASP E 4 7.24 25.51 -16.23
C ASP E 4 7.35 25.89 -17.69
N VAL E 5 8.19 25.18 -18.44
CA VAL E 5 8.43 25.51 -19.84
C VAL E 5 8.22 24.29 -20.75
N LYS E 6 7.35 24.45 -21.75
CA LYS E 6 7.12 23.40 -22.74
C LYS E 6 7.49 23.86 -24.15
N PHE E 7 8.05 22.95 -24.93
CA PHE E 7 8.55 23.26 -26.26
C PHE E 7 7.84 22.52 -27.37
N GLY E 8 7.73 23.19 -28.52
CA GLY E 8 7.31 22.60 -29.77
C GLY E 8 5.97 21.90 -29.77
N ASN E 9 5.97 20.67 -30.31
CA ASN E 9 4.76 19.88 -30.49
C ASN E 9 4.02 19.67 -29.17
N ASP E 10 4.79 19.37 -28.13
CA ASP E 10 4.27 19.23 -26.76
C ASP E 10 3.54 20.51 -26.32
N ALA E 11 4.09 21.66 -26.70
CA ALA E 11 3.55 22.93 -26.27
C ALA E 11 2.29 23.29 -27.02
N ARG E 12 2.24 22.92 -28.29
CA ARG E 12 1.11 23.30 -29.14
C ARG E 12 -0.14 22.50 -28.85
N VAL E 13 0.00 21.20 -28.63
CA VAL E 13 -1.16 20.35 -28.37
C VAL E 13 -1.93 20.81 -27.14
N LYS E 14 -1.23 21.49 -26.22
CA LYS E 14 -1.85 22.07 -25.04
C LYS E 14 -2.66 23.31 -25.38
N MET E 15 -2.22 24.06 -26.39
CA MET E 15 -3.00 25.19 -26.87
C MET E 15 -4.26 24.72 -27.59
N LEU E 16 -4.09 23.78 -28.53
CA LEU E 16 -5.20 23.28 -29.31
C LEU E 16 -6.28 22.73 -28.37
N ARG E 17 -5.86 21.90 -27.42
CA ARG E 17 -6.76 21.34 -26.39
C ARG E 17 -7.46 22.48 -25.61
N GLY E 18 -6.72 23.56 -25.38
CA GLY E 18 -7.22 24.73 -24.68
C GLY E 18 -8.23 25.52 -25.47
N VAL E 19 -7.91 25.81 -26.73
CA VAL E 19 -8.84 26.56 -27.59
C VAL E 19 -10.09 25.76 -27.90
N ASN E 20 -9.93 24.44 -28.06
CA ASN E 20 -11.06 23.55 -28.34
C ASN E 20 -12.14 23.56 -27.25
N VAL E 21 -11.73 23.78 -26.01
CA VAL E 21 -12.70 23.93 -24.93
C VAL E 21 -13.48 25.23 -25.10
N LEU E 22 -12.79 26.35 -25.26
CA LEU E 22 -13.45 27.63 -25.44
C LEU E 22 -14.31 27.66 -26.70
N ALA E 23 -13.80 27.09 -27.78
CA ALA E 23 -14.52 27.09 -29.06
C ALA E 23 -15.79 26.27 -28.97
N ASP E 24 -15.66 25.03 -28.50
CA ASP E 24 -16.81 24.12 -28.42
C ASP E 24 -17.90 24.62 -27.46
N ALA E 25 -17.49 25.40 -26.47
CA ALA E 25 -18.43 26.00 -25.53
C ALA E 25 -19.17 27.17 -26.14
N VAL E 26 -18.58 27.78 -27.18
CA VAL E 26 -19.16 28.96 -27.82
C VAL E 26 -19.87 28.62 -29.13
N LYS E 27 -19.26 27.75 -29.93
CA LYS E 27 -19.79 27.40 -31.25
C LYS E 27 -21.20 26.76 -31.20
N VAL E 28 -21.61 26.27 -30.03
CA VAL E 28 -22.92 25.66 -29.88
C VAL E 28 -24.04 26.70 -29.86
N THR E 29 -23.67 27.96 -29.70
CA THR E 29 -24.63 29.04 -29.57
C THR E 29 -24.74 29.86 -30.85
N LEU E 30 -24.26 29.30 -31.95
CA LEU E 30 -24.27 30.02 -33.22
C LEU E 30 -25.62 29.86 -33.93
N GLY E 31 -26.02 30.92 -34.62
CA GLY E 31 -27.25 30.91 -35.41
C GLY E 31 -28.51 31.08 -34.58
N PRO E 32 -29.67 30.89 -35.22
CA PRO E 32 -30.94 30.96 -34.51
C PRO E 32 -31.39 29.58 -34.04
N LYS E 33 -30.76 28.54 -34.59
CA LYS E 33 -31.01 27.19 -34.13
C LYS E 33 -29.99 26.83 -33.05
N GLY E 34 -29.43 27.87 -32.43
CA GLY E 34 -28.43 27.73 -31.37
C GLY E 34 -28.91 27.09 -30.09
N ARG E 35 -27.97 26.60 -29.30
CA ARG E 35 -28.25 25.93 -28.05
C ARG E 35 -27.95 26.84 -26.86
N ASN E 36 -28.54 26.53 -25.71
CA ASN E 36 -28.31 27.27 -24.48
C ASN E 36 -27.06 26.77 -23.75
N VAL E 37 -26.28 27.70 -23.21
CA VAL E 37 -25.15 27.35 -22.35
C VAL E 37 -25.43 27.89 -20.97
N VAL E 38 -25.33 27.02 -19.97
CA VAL E 38 -25.64 27.40 -18.58
C VAL E 38 -24.35 27.72 -17.81
N LEU E 39 -24.32 28.89 -17.21
CA LEU E 39 -23.16 29.37 -16.47
C LEU E 39 -23.50 29.48 -15.00
N ASP E 40 -22.69 28.83 -14.16
CA ASP E 40 -22.93 28.78 -12.72
C ASP E 40 -22.47 30.06 -12.05
N LYS E 41 -23.24 30.45 -11.02
CA LYS E 41 -22.89 31.54 -10.11
C LYS E 41 -22.97 31.03 -8.68
N SER E 42 -22.09 31.58 -7.83
CA SER E 42 -22.07 31.20 -6.42
C SER E 42 -23.38 31.62 -5.72
N PHE E 43 -23.86 32.81 -6.04
CA PHE E 43 -25.09 33.32 -5.42
C PHE E 43 -26.34 32.90 -6.22
N GLY E 44 -27.12 32.01 -5.63
CA GLY E 44 -28.42 31.59 -6.16
C GLY E 44 -28.44 30.87 -7.49
N ALA E 45 -29.40 31.25 -8.33
CA ALA E 45 -29.70 30.58 -9.59
C ALA E 45 -28.61 30.74 -10.66
N PRO E 46 -28.42 29.70 -11.50
CA PRO E 46 -27.48 29.78 -12.62
C PRO E 46 -28.03 30.63 -13.75
N THR E 47 -27.12 31.16 -14.57
CA THR E 47 -27.49 31.98 -15.73
C THR E 47 -27.55 31.12 -16.99
N ILE E 48 -28.70 31.14 -17.64
CA ILE E 48 -28.88 30.44 -18.92
C ILE E 48 -28.84 31.50 -20.01
N THR E 49 -27.87 31.38 -20.92
CA THR E 49 -27.68 32.37 -21.97
C THR E 49 -27.20 31.77 -23.29
N LYS E 50 -27.41 32.51 -24.37
CA LYS E 50 -26.94 32.15 -25.71
C LYS E 50 -25.82 33.10 -26.17
N ASP E 51 -25.61 34.17 -25.41
CA ASP E 51 -24.64 35.21 -25.74
C ASP E 51 -23.21 34.69 -25.70
N GLY E 52 -22.61 34.56 -26.87
CA GLY E 52 -21.26 34.03 -27.03
C GLY E 52 -20.18 34.75 -26.25
N VAL E 53 -20.43 36.02 -25.94
CA VAL E 53 -19.50 36.83 -25.16
C VAL E 53 -19.52 36.40 -23.70
N SER E 54 -20.73 36.28 -23.15
CA SER E 54 -20.89 35.89 -21.76
C SER E 54 -20.31 34.52 -21.48
N VAL E 55 -20.42 33.62 -22.46
CA VAL E 55 -19.88 32.28 -22.35
C VAL E 55 -18.37 32.31 -22.43
N ALA E 56 -17.84 33.06 -23.38
CA ALA E 56 -16.40 33.16 -23.54
C ALA E 56 -15.74 33.71 -22.28
N ARG E 57 -16.28 34.79 -21.74
CA ARG E 57 -15.73 35.44 -20.54
C ARG E 57 -15.54 34.48 -19.38
N GLU E 58 -16.42 33.51 -19.25
CA GLU E 58 -16.42 32.58 -18.12
C GLU E 58 -15.40 31.46 -18.22
N ILE E 59 -14.94 31.14 -19.43
CA ILE E 59 -14.00 30.04 -19.63
C ILE E 59 -12.60 30.39 -19.11
N GLU E 60 -12.07 29.50 -18.27
CA GLU E 60 -10.71 29.59 -17.73
C GLU E 60 -10.33 28.22 -17.20
N LEU E 61 -9.36 27.59 -17.85
CA LEU E 61 -9.04 26.18 -17.60
C LEU E 61 -8.07 25.92 -16.44
N GLU E 62 -8.01 24.66 -15.99
CA GLU E 62 -7.14 24.29 -14.88
C GLU E 62 -5.69 24.18 -15.31
N ASP E 63 -5.44 23.36 -16.34
CA ASP E 63 -4.08 23.19 -16.87
C ASP E 63 -3.57 24.50 -17.42
N LYS E 64 -2.51 25.02 -16.80
CA LYS E 64 -2.04 26.37 -17.07
C LYS E 64 -1.79 26.62 -18.57
N PHE E 65 -1.24 25.61 -19.25
CA PHE E 65 -0.96 25.69 -20.69
C PHE E 65 -2.25 25.73 -21.50
N GLU E 66 -3.18 24.84 -21.15
CA GLU E 66 -4.49 24.82 -21.79
C GLU E 66 -5.19 26.16 -21.58
N ASN E 67 -5.11 26.68 -20.36
CA ASN E 67 -5.70 27.97 -20.03
C ASN E 67 -5.20 29.07 -20.95
N MET E 68 -3.89 29.07 -21.19
CA MET E 68 -3.25 30.04 -22.07
C MET E 68 -3.86 30.01 -23.46
N GLY E 69 -3.93 28.81 -24.05
CA GLY E 69 -4.57 28.63 -25.35
C GLY E 69 -5.95 29.25 -25.38
N ALA E 70 -6.82 28.77 -24.48
CA ALA E 70 -8.16 29.29 -24.33
C ALA E 70 -8.21 30.81 -24.15
N GLN E 71 -7.36 31.33 -23.27
CA GLN E 71 -7.34 32.76 -22.99
C GLN E 71 -6.83 33.59 -24.15
N MET E 72 -6.11 32.95 -25.07
CA MET E 72 -5.61 33.62 -26.27
C MET E 72 -6.72 33.92 -27.27
N VAL E 73 -7.53 32.92 -27.59
CA VAL E 73 -8.63 33.10 -28.53
C VAL E 73 -9.76 33.90 -27.93
N LYS E 74 -9.81 33.93 -26.60
CA LYS E 74 -10.79 34.72 -25.86
C LYS E 74 -10.53 36.21 -26.12
N GLU E 75 -9.25 36.57 -26.24
CA GLU E 75 -8.81 37.95 -26.50
C GLU E 75 -9.30 38.50 -27.84
N VAL E 76 -9.69 37.58 -28.71
CA VAL E 76 -10.16 37.93 -30.04
C VAL E 76 -11.67 38.18 -30.01
N ALA E 77 -12.40 37.21 -29.47
CA ALA E 77 -13.83 37.32 -29.25
C ALA E 77 -14.19 38.69 -28.67
N SER E 78 -13.50 39.08 -27.59
CA SER E 78 -13.75 40.35 -26.92
C SER E 78 -13.36 41.56 -27.78
N LYS E 79 -12.35 41.38 -28.63
CA LYS E 79 -11.90 42.46 -29.51
C LYS E 79 -12.78 42.65 -30.74
N ALA E 80 -13.37 41.54 -31.21
CA ALA E 80 -14.39 41.60 -32.25
C ALA E 80 -15.61 42.36 -31.76
N ASN E 81 -15.95 42.11 -30.49
CA ASN E 81 -17.01 42.80 -29.78
C ASN E 81 -16.72 44.30 -29.67
N ASP E 82 -15.45 44.66 -29.53
CA ASP E 82 -15.04 46.05 -29.39
C ASP E 82 -15.13 46.80 -30.73
N ALA E 83 -14.94 46.06 -31.82
CA ALA E 83 -14.94 46.64 -33.16
C ALA E 83 -16.37 46.85 -33.70
N ALA E 84 -17.24 45.84 -33.50
CA ALA E 84 -18.59 45.87 -34.07
C ALA E 84 -19.71 45.68 -33.04
N GLY E 85 -19.50 44.76 -32.09
CA GLY E 85 -20.52 44.42 -31.09
C GLY E 85 -21.24 43.14 -31.45
N ASP E 86 -21.04 42.71 -32.69
CA ASP E 86 -21.67 41.52 -33.22
C ASP E 86 -20.56 40.62 -33.71
N GLY E 87 -20.88 39.34 -33.91
CA GLY E 87 -19.98 38.40 -34.58
C GLY E 87 -18.86 37.84 -33.73
N THR E 88 -19.09 37.78 -32.42
CA THR E 88 -18.11 37.25 -31.47
C THR E 88 -18.03 35.72 -31.53
N THR E 89 -19.19 35.10 -31.71
CA THR E 89 -19.27 33.66 -31.90
C THR E 89 -18.71 33.27 -33.28
N THR E 90 -19.04 34.08 -34.29
CA THR E 90 -18.56 33.86 -35.66
C THR E 90 -17.04 34.00 -35.76
N ALA E 91 -16.47 34.88 -34.94
CA ALA E 91 -15.01 35.03 -34.88
C ALA E 91 -14.40 33.76 -34.31
N THR E 92 -14.97 33.28 -33.21
CA THR E 92 -14.40 32.15 -32.47
C THR E 92 -14.46 30.86 -33.27
N VAL E 93 -15.53 30.69 -34.05
CA VAL E 93 -15.66 29.47 -34.86
C VAL E 93 -14.65 29.46 -36.00
N LEU E 94 -14.30 30.66 -36.47
CA LEU E 94 -13.30 30.85 -37.52
C LEU E 94 -11.92 30.57 -36.97
N ALA E 95 -11.59 31.24 -35.85
CA ALA E 95 -10.30 31.09 -35.19
C ALA E 95 -9.96 29.62 -34.97
N GLN E 96 -10.91 28.85 -34.44
CA GLN E 96 -10.71 27.43 -34.20
C GLN E 96 -10.36 26.72 -35.50
N ALA E 97 -11.13 26.99 -36.55
CA ALA E 97 -10.97 26.31 -37.84
C ALA E 97 -9.64 26.62 -38.54
N ILE E 98 -9.08 27.80 -38.28
CA ILE E 98 -7.76 28.15 -38.81
C ILE E 98 -6.67 27.47 -37.98
N ILE E 99 -6.85 27.47 -36.65
CA ILE E 99 -5.87 26.88 -35.74
C ILE E 99 -5.80 25.35 -35.89
N THR E 100 -6.95 24.70 -35.87
CA THR E 100 -7.00 23.24 -35.95
C THR E 100 -6.36 22.73 -37.24
N GLU E 101 -6.72 23.36 -38.36
CA GLU E 101 -6.20 22.97 -39.67
C GLU E 101 -4.79 23.47 -39.86
N GLY E 102 -4.47 24.61 -39.24
CA GLY E 102 -3.13 25.18 -39.29
C GLY E 102 -2.11 24.30 -38.61
N LEU E 103 -2.37 23.97 -37.34
CA LEU E 103 -1.48 23.13 -36.54
C LEU E 103 -1.27 21.76 -37.19
N LYS E 104 -2.30 21.25 -37.86
CA LYS E 104 -2.20 20.00 -38.61
C LYS E 104 -1.08 20.05 -39.62
N ALA E 105 -0.94 21.19 -40.30
CA ALA E 105 0.10 21.41 -41.29
C ALA E 105 1.48 21.54 -40.65
N VAL E 106 1.52 22.20 -39.49
CA VAL E 106 2.77 22.40 -38.77
C VAL E 106 3.30 21.05 -38.31
N ALA E 107 2.41 20.22 -37.79
CA ALA E 107 2.76 18.88 -37.34
C ALA E 107 3.14 17.95 -38.50
N ALA E 108 2.61 18.24 -39.69
CA ALA E 108 2.96 17.50 -40.89
C ALA E 108 4.38 17.84 -41.33
N GLY E 109 4.86 19.02 -40.93
CA GLY E 109 6.23 19.43 -41.17
C GLY E 109 6.36 20.59 -42.12
N MET E 110 5.54 21.60 -41.91
CA MET E 110 5.53 22.77 -42.77
C MET E 110 5.91 24.03 -42.00
N ASN E 111 6.47 25.01 -42.70
CA ASN E 111 6.99 26.22 -42.08
C ASN E 111 5.87 27.10 -41.57
N PRO E 112 5.81 27.33 -40.24
CA PRO E 112 4.77 28.13 -39.64
C PRO E 112 4.75 29.56 -40.18
N MET E 113 5.94 30.13 -40.37
CA MET E 113 6.04 31.49 -40.89
C MET E 113 5.48 31.64 -42.31
N ASP E 114 5.63 30.60 -43.12
CA ASP E 114 5.03 30.56 -44.46
C ASP E 114 3.51 30.31 -44.39
N LEU E 115 3.08 29.56 -43.38
CA LEU E 115 1.66 29.29 -43.17
C LEU E 115 0.93 30.53 -42.73
N LYS E 116 1.57 31.35 -41.89
CA LYS E 116 0.98 32.61 -41.44
C LYS E 116 0.78 33.56 -42.62
N ARG E 117 1.84 33.75 -43.41
CA ARG E 117 1.80 34.63 -44.57
C ARG E 117 0.76 34.20 -45.60
N GLY E 118 0.59 32.88 -45.74
CA GLY E 118 -0.44 32.31 -46.62
C GLY E 118 -1.85 32.66 -46.16
N ILE E 119 -2.09 32.56 -44.86
CA ILE E 119 -3.37 32.91 -44.26
C ILE E 119 -3.66 34.40 -44.41
N ASP E 120 -2.70 35.23 -44.02
CA ASP E 120 -2.88 36.68 -44.05
C ASP E 120 -3.10 37.25 -45.46
N LYS E 121 -2.44 36.65 -46.45
CA LYS E 121 -2.64 37.06 -47.85
C LYS E 121 -4.03 36.63 -48.31
N ALA E 122 -4.46 35.44 -47.92
CA ALA E 122 -5.81 34.96 -48.21
C ALA E 122 -6.86 35.85 -47.57
N VAL E 123 -6.55 36.35 -46.37
CA VAL E 123 -7.45 37.22 -45.65
C VAL E 123 -7.53 38.62 -46.27
N THR E 124 -6.38 39.21 -46.59
CA THR E 124 -6.32 40.54 -47.21
C THR E 124 -7.07 40.53 -48.55
N ALA E 125 -7.04 39.39 -49.23
CA ALA E 125 -7.77 39.20 -50.47
C ALA E 125 -9.25 38.96 -50.22
N ALA E 126 -9.56 38.34 -49.09
CA ALA E 126 -10.94 38.06 -48.73
C ALA E 126 -11.68 39.32 -48.31
N VAL E 127 -10.99 40.20 -47.59
CA VAL E 127 -11.53 41.51 -47.21
C VAL E 127 -11.79 42.36 -48.45
N GLU E 128 -10.87 42.24 -49.42
CA GLU E 128 -10.99 42.96 -50.66
C GLU E 128 -12.17 42.43 -51.49
N GLU E 129 -12.35 41.11 -51.48
CA GLU E 129 -13.45 40.47 -52.21
C GLU E 129 -14.79 40.74 -51.52
N LEU E 130 -14.73 40.92 -50.21
CA LEU E 130 -15.93 41.15 -49.40
C LEU E 130 -16.52 42.52 -49.67
N LYS E 131 -15.65 43.51 -49.88
CA LYS E 131 -16.08 44.88 -50.21
C LYS E 131 -16.86 44.93 -51.52
N ALA E 132 -16.51 44.04 -52.45
CA ALA E 132 -17.18 43.93 -53.75
C ALA E 132 -18.56 43.27 -53.63
N LEU E 133 -18.69 42.35 -52.67
CA LEU E 133 -19.94 41.63 -52.43
C LEU E 133 -20.93 42.43 -51.59
N SER E 134 -20.43 43.50 -50.97
CA SER E 134 -21.23 44.35 -50.09
C SER E 134 -22.26 45.18 -50.84
N VAL E 135 -23.47 45.24 -50.29
CA VAL E 135 -24.55 46.07 -50.82
C VAL E 135 -24.74 47.27 -49.88
N PRO E 136 -24.35 48.48 -50.31
CA PRO E 136 -24.35 49.66 -49.45
C PRO E 136 -25.74 50.12 -49.03
N CYS E 137 -25.81 50.79 -47.88
CA CYS E 137 -27.03 51.42 -47.41
C CYS E 137 -26.84 52.94 -47.41
N SER E 138 -27.33 53.58 -48.47
CA SER E 138 -27.16 55.02 -48.67
C SER E 138 -28.38 55.83 -48.21
N ASP E 139 -29.50 55.66 -48.90
CA ASP E 139 -30.74 56.40 -48.61
C ASP E 139 -31.39 55.94 -47.30
N SER E 140 -32.14 56.84 -46.66
CA SER E 140 -32.77 56.58 -45.36
C SER E 140 -33.97 55.61 -45.40
N LYS E 141 -34.29 55.11 -46.60
CA LYS E 141 -35.34 54.10 -46.79
C LYS E 141 -34.79 52.68 -46.62
N ALA E 142 -33.58 52.46 -47.12
CA ALA E 142 -32.87 51.18 -46.97
C ALA E 142 -32.21 51.05 -45.59
N ILE E 143 -31.97 52.20 -44.95
CA ILE E 143 -31.47 52.28 -43.57
C ILE E 143 -32.53 51.79 -42.58
N ALA E 144 -33.79 52.10 -42.88
CA ALA E 144 -34.94 51.67 -42.07
C ALA E 144 -35.15 50.16 -42.11
N GLN E 145 -34.82 49.54 -43.24
CA GLN E 145 -34.94 48.09 -43.42
C GLN E 145 -34.01 47.28 -42.50
N VAL E 146 -32.80 47.81 -42.27
CA VAL E 146 -31.79 47.15 -41.44
C VAL E 146 -32.15 47.22 -39.95
N GLY E 147 -32.65 48.38 -39.51
CA GLY E 147 -33.09 48.58 -38.13
C GLY E 147 -34.34 47.79 -37.76
N THR E 148 -35.13 47.43 -38.77
CA THR E 148 -36.37 46.68 -38.57
C THR E 148 -36.10 45.19 -38.31
N ILE E 149 -35.31 44.55 -39.17
CA ILE E 149 -35.05 43.10 -39.08
C ILE E 149 -34.09 42.74 -37.93
N SER E 150 -33.26 43.71 -37.53
CA SER E 150 -32.34 43.53 -36.41
C SER E 150 -33.04 43.58 -35.04
N ALA E 151 -34.22 44.21 -35.02
CA ALA E 151 -35.02 44.33 -33.80
C ALA E 151 -36.25 43.40 -33.82
N ASN E 152 -36.09 42.24 -34.45
CA ASN E 152 -37.15 41.22 -34.58
C ASN E 152 -38.44 41.73 -35.24
N SER E 153 -38.32 42.13 -36.51
CA SER E 153 -39.45 42.60 -37.35
C SER E 153 -40.30 43.73 -36.76
N ASP E 154 -39.66 44.61 -35.98
CA ASP E 154 -40.33 45.76 -35.36
C ASP E 154 -40.09 47.03 -36.19
N GLU E 155 -41.18 47.56 -36.75
CA GLU E 155 -41.11 48.72 -37.63
C GLU E 155 -40.96 50.05 -36.90
N THR E 156 -41.38 50.07 -35.62
CA THR E 156 -41.29 51.27 -34.79
C THR E 156 -39.83 51.62 -34.46
N VAL E 157 -39.00 50.58 -34.34
CA VAL E 157 -37.58 50.75 -34.05
C VAL E 157 -36.84 51.37 -35.24
N GLY E 158 -37.04 50.80 -36.43
CA GLY E 158 -36.40 51.26 -37.65
C GLY E 158 -36.77 52.67 -38.07
N LYS E 159 -38.00 53.08 -37.72
CA LYS E 159 -38.51 54.42 -38.02
C LYS E 159 -37.78 55.48 -37.19
N LEU E 160 -37.48 55.16 -35.94
CA LEU E 160 -36.81 56.09 -35.03
C LEU E 160 -35.36 56.35 -35.43
N ILE E 161 -34.66 55.29 -35.82
CA ILE E 161 -33.27 55.37 -36.24
C ILE E 161 -33.13 56.26 -37.48
N ALA E 162 -34.00 56.03 -38.46
CA ALA E 162 -34.01 56.80 -39.70
C ALA E 162 -34.26 58.29 -39.47
N GLU E 163 -35.15 58.59 -38.52
CA GLU E 163 -35.45 59.98 -38.15
C GLU E 163 -34.30 60.62 -37.38
N ALA E 164 -33.59 59.80 -36.60
CA ALA E 164 -32.43 60.26 -35.83
C ALA E 164 -31.25 60.56 -36.73
N MET E 165 -31.05 59.72 -37.75
CA MET E 165 -29.96 59.89 -38.70
C MET E 165 -30.25 61.01 -39.71
N ASP E 166 -31.52 61.39 -39.83
CA ASP E 166 -31.93 62.48 -40.72
C ASP E 166 -31.70 63.84 -40.05
N LYS E 167 -31.47 63.83 -38.74
CA LYS E 167 -31.25 65.04 -37.95
C LYS E 167 -29.78 65.40 -37.80
N VAL E 168 -28.97 64.44 -37.34
CA VAL E 168 -27.55 64.68 -37.06
C VAL E 168 -26.62 64.21 -38.19
N GLY E 169 -27.16 63.39 -39.08
CA GLY E 169 -26.39 62.87 -40.21
C GLY E 169 -25.91 61.45 -39.99
N LYS E 170 -25.15 60.95 -40.96
CA LYS E 170 -24.63 59.58 -40.90
C LYS E 170 -23.41 59.51 -39.99
N GLU E 171 -22.71 60.63 -39.85
CA GLU E 171 -21.53 60.74 -38.99
C GLU E 171 -21.92 61.22 -37.58
N GLY E 172 -23.16 61.68 -37.44
CA GLY E 172 -23.66 62.27 -36.20
C GLY E 172 -23.75 61.31 -35.02
N VAL E 173 -23.89 61.86 -33.82
CA VAL E 173 -23.90 61.06 -32.60
C VAL E 173 -25.33 60.77 -32.15
N ILE E 174 -25.64 59.49 -31.98
CA ILE E 174 -26.99 59.06 -31.56
C ILE E 174 -26.94 58.23 -30.27
N THR E 175 -27.76 58.62 -29.30
CA THR E 175 -27.80 57.95 -28.00
C THR E 175 -29.23 57.63 -27.57
N VAL E 176 -29.37 56.52 -26.86
CA VAL E 176 -30.66 56.06 -26.36
C VAL E 176 -30.69 56.10 -24.82
N GLU E 177 -31.77 56.63 -24.27
CA GLU E 177 -32.00 56.62 -22.83
C GLU E 177 -33.46 56.30 -22.49
N ASP E 178 -33.74 56.14 -21.19
CA ASP E 178 -35.08 55.81 -20.70
C ASP E 178 -36.14 56.85 -21.07
N GLY E 179 -37.34 56.40 -21.37
CA GLY E 179 -38.43 57.28 -21.77
C GLY E 179 -39.17 57.91 -20.61
N THR E 180 -39.93 58.96 -20.92
CA THR E 180 -40.69 59.71 -19.92
C THR E 180 -42.12 59.18 -19.76
N GLY E 181 -42.70 58.69 -20.86
CA GLY E 181 -44.08 58.23 -20.88
C GLY E 181 -44.42 57.20 -21.92
N LEU E 182 -45.43 57.52 -22.73
CA LEU E 182 -46.04 56.54 -23.62
C LEU E 182 -45.67 56.69 -25.09
N GLN E 183 -45.00 57.78 -25.45
CA GLN E 183 -44.60 57.99 -26.83
C GLN E 183 -43.09 58.18 -26.97
N ASP E 184 -42.55 57.70 -28.09
CA ASP E 184 -41.13 57.82 -28.38
C ASP E 184 -40.79 59.27 -28.71
N GLU E 185 -39.83 59.82 -27.98
CA GLU E 185 -39.42 61.22 -28.14
C GLU E 185 -38.05 61.33 -28.80
N LEU E 186 -37.84 62.44 -29.51
CA LEU E 186 -36.60 62.68 -30.22
C LEU E 186 -36.23 64.16 -30.24
N ASP E 187 -35.19 64.51 -29.48
CA ASP E 187 -34.67 65.87 -29.44
C ASP E 187 -33.18 65.88 -29.79
N VAL E 188 -32.71 67.02 -30.31
CA VAL E 188 -31.28 67.22 -30.56
C VAL E 188 -30.76 68.25 -29.58
N VAL E 189 -29.96 67.79 -28.62
CA VAL E 189 -29.41 68.65 -27.57
C VAL E 189 -27.90 68.86 -27.73
N GLU E 190 -27.41 69.97 -27.16
CA GLU E 190 -26.01 70.37 -27.28
C GLU E 190 -25.09 69.40 -26.53
N GLY E 191 -24.35 68.59 -27.30
CA GLY E 191 -23.46 67.59 -26.73
C GLY E 191 -22.28 67.27 -27.61
N MET E 192 -21.43 66.32 -27.17
CA MET E 192 -20.21 65.96 -27.88
C MET E 192 -19.77 64.53 -27.58
N GLN E 193 -19.10 63.89 -28.54
CA GLN E 193 -18.52 62.56 -28.32
C GLN E 193 -17.08 62.50 -28.84
N PHE E 194 -16.17 62.00 -28.01
CA PHE E 194 -14.76 61.83 -28.37
C PHE E 194 -14.27 60.40 -28.13
N ASP E 195 -13.19 59.98 -28.79
CA ASP E 195 -12.77 58.55 -28.76
C ASP E 195 -11.83 58.10 -27.60
N ARG E 196 -12.24 58.40 -26.36
CA ARG E 196 -11.53 57.92 -25.15
C ARG E 196 -12.44 57.11 -24.24
N GLY E 197 -11.86 56.29 -23.37
CA GLY E 197 -12.64 55.39 -22.53
C GLY E 197 -12.41 55.55 -21.05
N TYR E 198 -13.05 54.68 -20.25
CA TYR E 198 -12.83 54.64 -18.80
C TYR E 198 -11.43 54.10 -18.51
N LEU E 199 -10.77 54.68 -17.53
CA LEU E 199 -9.39 54.33 -17.20
C LEU E 199 -9.24 53.00 -16.45
N SER E 200 -10.28 52.62 -15.71
CA SER E 200 -10.34 51.31 -15.05
C SER E 200 -11.78 50.79 -14.98
N PRO E 201 -12.00 49.53 -15.43
CA PRO E 201 -13.33 48.91 -15.49
C PRO E 201 -14.20 49.11 -14.23
N TYR E 202 -13.58 49.17 -13.06
CA TYR E 202 -14.32 49.28 -11.80
C TYR E 202 -15.12 50.58 -11.64
N PHE E 203 -15.13 51.40 -12.70
CA PHE E 203 -15.99 52.58 -12.76
C PHE E 203 -17.40 52.21 -13.24
N ILE E 204 -17.54 51.02 -13.84
CA ILE E 204 -18.82 50.55 -14.41
C ILE E 204 -19.95 50.43 -13.37
N ASN E 205 -21.04 51.14 -13.64
CA ASN E 205 -22.21 51.13 -12.77
C ASN E 205 -23.47 50.62 -13.47
N LYS E 206 -23.31 50.19 -14.71
CA LYS E 206 -24.37 49.49 -15.44
C LYS E 206 -23.78 48.24 -16.12
N PRO E 207 -23.81 47.08 -15.43
CA PRO E 207 -23.26 45.84 -15.98
C PRO E 207 -24.04 45.31 -17.18
N GLU E 208 -25.34 45.55 -17.21
CA GLU E 208 -26.19 45.11 -18.33
C GLU E 208 -25.93 45.87 -19.63
N THR E 209 -25.20 46.99 -19.54
CA THR E 209 -24.79 47.73 -20.74
C THR E 209 -23.26 47.84 -20.89
N GLY E 210 -22.53 47.06 -20.09
CA GLY E 210 -21.06 47.04 -20.10
C GLY E 210 -20.43 48.42 -20.18
N ALA E 211 -20.96 49.36 -19.38
CA ALA E 211 -20.56 50.76 -19.46
C ALA E 211 -20.72 51.54 -18.14
N VAL E 212 -20.26 52.79 -18.14
CA VAL E 212 -20.43 53.71 -17.01
C VAL E 212 -21.38 54.82 -17.44
N GLU E 213 -22.35 55.12 -16.59
CA GLU E 213 -23.40 56.08 -16.93
C GLU E 213 -23.69 57.02 -15.76
N LEU E 214 -23.12 58.22 -15.81
CA LEU E 214 -23.29 59.17 -14.72
C LEU E 214 -24.46 60.12 -14.96
N GLU E 215 -25.46 60.05 -14.07
CA GLU E 215 -26.66 60.89 -14.11
C GLU E 215 -26.34 62.28 -13.56
N SER E 216 -26.42 63.28 -14.44
CA SER E 216 -26.09 64.69 -14.12
C SER E 216 -24.84 64.86 -13.26
N PRO E 217 -23.66 64.54 -13.81
CA PRO E 217 -22.42 64.71 -13.06
C PRO E 217 -21.72 66.05 -13.32
N PHE E 218 -20.79 66.42 -12.43
CA PHE E 218 -19.91 67.56 -12.65
C PHE E 218 -18.71 67.12 -13.48
N ILE E 219 -18.13 68.04 -14.25
CA ILE E 219 -16.99 67.73 -15.12
C ILE E 219 -15.78 68.61 -14.80
N LEU E 220 -14.68 67.96 -14.43
CA LEU E 220 -13.43 68.67 -14.21
C LEU E 220 -12.58 68.60 -15.46
N LEU E 221 -12.12 69.77 -15.90
CA LEU E 221 -11.28 69.87 -17.10
C LEU E 221 -9.95 70.52 -16.76
N ALA E 222 -8.89 69.72 -16.83
CA ALA E 222 -7.53 70.18 -16.49
C ALA E 222 -6.49 69.47 -17.33
N ASP E 223 -5.60 70.24 -17.95
CA ASP E 223 -4.57 69.66 -18.81
C ASP E 223 -3.32 69.28 -18.02
N LYS E 224 -3.41 68.19 -17.26
CA LYS E 224 -2.27 67.66 -16.51
C LYS E 224 -2.41 66.19 -16.11
N LYS E 225 -1.26 65.56 -15.85
CA LYS E 225 -1.20 64.24 -15.23
C LYS E 225 -1.53 64.35 -13.74
N ILE E 226 -2.28 63.39 -13.22
CA ILE E 226 -2.63 63.38 -11.80
C ILE E 226 -2.31 62.05 -11.15
N SER E 227 -1.23 62.03 -10.38
CA SER E 227 -0.83 60.86 -9.59
C SER E 227 -1.06 61.16 -8.11
N ASN E 228 -1.21 62.44 -7.79
CA ASN E 228 -1.46 62.88 -6.43
C ASN E 228 -2.90 63.33 -6.24
N ILE E 229 -3.64 62.62 -5.39
CA ILE E 229 -5.03 62.97 -5.10
C ILE E 229 -5.11 64.15 -4.13
N ARG E 230 -3.94 64.60 -3.66
CA ARG E 230 -3.82 65.74 -2.76
C ARG E 230 -4.27 67.05 -3.43
N GLU E 231 -4.06 67.15 -4.74
CA GLU E 231 -4.51 68.32 -5.51
C GLU E 231 -6.01 68.29 -5.69
N MET E 232 -6.57 67.08 -5.64
CA MET E 232 -7.98 66.86 -5.96
C MET E 232 -8.90 67.15 -4.78
N LEU E 233 -8.35 67.10 -3.57
CA LEU E 233 -9.13 67.17 -2.33
C LEU E 233 -10.01 68.43 -2.11
N PRO E 234 -9.57 69.62 -2.58
CA PRO E 234 -10.48 70.78 -2.54
C PRO E 234 -11.67 70.66 -3.49
N VAL E 235 -11.70 69.60 -4.29
CA VAL E 235 -12.81 69.33 -5.20
C VAL E 235 -13.63 68.13 -4.70
N LEU E 236 -12.97 67.01 -4.44
CA LEU E 236 -13.63 65.75 -4.07
C LEU E 236 -14.30 65.76 -2.68
N GLU E 237 -13.67 66.42 -1.71
CA GLU E 237 -14.28 66.61 -0.40
C GLU E 237 -15.18 67.86 -0.40
N ALA E 238 -15.53 68.32 -1.60
CA ALA E 238 -16.42 69.46 -1.79
C ALA E 238 -17.48 69.15 -2.85
N VAL E 239 -17.20 68.15 -3.69
CA VAL E 239 -18.13 67.67 -4.72
C VAL E 239 -19.23 66.78 -4.15
N ALA E 240 -18.98 66.22 -2.97
CA ALA E 240 -19.98 65.43 -2.24
C ALA E 240 -21.31 66.18 -2.11
N LYS E 241 -21.23 67.51 -2.01
CA LYS E 241 -22.39 68.39 -1.94
C LYS E 241 -23.24 68.41 -3.22
N ALA E 242 -24.40 69.07 -3.14
CA ALA E 242 -25.48 68.99 -4.13
C ALA E 242 -26.10 67.60 -4.15
N GLY E 243 -25.26 66.58 -4.40
CA GLY E 243 -25.68 65.19 -4.42
C GLY E 243 -25.28 64.52 -5.72
N LYS E 244 -24.45 65.22 -6.50
CA LYS E 244 -24.14 64.80 -7.86
C LYS E 244 -22.65 64.48 -8.06
N PRO E 245 -22.36 63.31 -8.65
CA PRO E 245 -21.02 62.75 -8.91
C PRO E 245 -20.08 63.64 -9.74
N LEU E 246 -18.95 63.07 -10.16
CA LEU E 246 -17.91 63.84 -10.84
C LEU E 246 -17.24 63.06 -11.97
N LEU E 247 -16.97 63.76 -13.07
CA LEU E 247 -16.23 63.22 -14.21
C LEU E 247 -14.87 63.93 -14.33
N ILE E 248 -13.81 63.14 -14.47
CA ILE E 248 -12.46 63.68 -14.54
C ILE E 248 -11.87 63.54 -15.94
N ILE E 249 -11.71 64.67 -16.62
CA ILE E 249 -11.01 64.68 -17.91
C ILE E 249 -9.72 65.47 -17.81
N ALA E 250 -8.64 64.76 -17.53
CA ALA E 250 -7.31 65.34 -17.42
C ALA E 250 -6.37 64.63 -18.40
N GLU E 251 -5.19 65.22 -18.62
CA GLU E 251 -4.21 64.66 -19.55
C GLU E 251 -4.15 63.14 -19.41
N ASP E 252 -3.90 62.69 -18.18
CA ASP E 252 -4.01 61.28 -17.82
C ASP E 252 -4.16 61.12 -16.30
N VAL E 253 -4.89 60.10 -15.86
CA VAL E 253 -5.04 59.79 -14.43
C VAL E 253 -4.30 58.48 -14.12
N GLU E 254 -3.39 58.53 -13.13
CA GLU E 254 -2.39 57.48 -12.92
C GLU E 254 -2.31 56.92 -11.51
N GLY E 255 -1.64 55.77 -11.40
CA GLY E 255 -1.10 55.22 -10.14
C GLY E 255 -1.94 55.30 -8.88
N GLU E 256 -1.78 56.38 -8.13
CA GLU E 256 -2.40 56.55 -6.81
C GLU E 256 -3.74 57.28 -6.84
N ALA E 257 -3.77 58.45 -7.48
CA ALA E 257 -5.00 59.25 -7.62
C ALA E 257 -6.02 58.57 -8.54
N LEU E 258 -5.71 57.34 -8.94
CA LEU E 258 -6.57 56.50 -9.76
C LEU E 258 -7.19 55.43 -8.87
N ALA E 259 -6.35 54.71 -8.13
CA ALA E 259 -6.80 53.70 -7.16
C ALA E 259 -7.47 54.33 -5.96
N THR E 260 -7.19 55.61 -5.72
CA THR E 260 -7.90 56.40 -4.71
C THR E 260 -9.19 56.98 -5.31
N LEU E 261 -9.33 56.85 -6.63
CA LEU E 261 -10.57 57.21 -7.32
C LEU E 261 -11.39 55.96 -7.70
N VAL E 262 -10.79 54.80 -7.51
CA VAL E 262 -11.47 53.52 -7.70
C VAL E 262 -12.06 53.05 -6.36
N VAL E 263 -11.19 52.79 -5.39
CA VAL E 263 -11.60 52.23 -4.08
C VAL E 263 -12.47 53.20 -3.26
N ASN E 264 -12.52 54.46 -3.67
CA ASN E 264 -13.45 55.42 -3.08
C ASN E 264 -14.84 55.36 -3.71
N THR E 265 -14.92 54.94 -4.98
CA THR E 265 -16.22 54.77 -5.65
C THR E 265 -16.71 53.31 -5.68
N MET E 266 -15.78 52.37 -5.61
CA MET E 266 -16.10 50.94 -5.57
C MET E 266 -16.79 50.61 -4.25
N ARG E 267 -16.35 51.28 -3.19
CA ARG E 267 -17.00 51.24 -1.88
C ARG E 267 -18.37 51.92 -1.95
N GLY E 268 -18.45 52.99 -2.73
CA GLY E 268 -19.73 53.66 -3.00
C GLY E 268 -19.76 55.14 -2.67
N ILE E 269 -19.01 55.54 -1.65
CA ILE E 269 -19.01 56.92 -1.15
C ILE E 269 -18.57 57.92 -2.23
N VAL E 270 -19.56 58.61 -2.81
CA VAL E 270 -19.39 59.58 -3.91
C VAL E 270 -18.86 58.96 -5.22
N LYS E 271 -19.76 58.84 -6.19
CA LYS E 271 -19.47 58.19 -7.47
C LYS E 271 -18.54 59.03 -8.36
N VAL E 272 -17.58 58.36 -9.00
CA VAL E 272 -16.58 59.01 -9.86
C VAL E 272 -16.29 58.15 -11.08
N ALA E 273 -15.94 58.80 -12.19
CA ALA E 273 -15.48 58.11 -13.41
C ALA E 273 -14.41 58.94 -14.10
N ALA E 274 -13.26 58.31 -14.36
CA ALA E 274 -12.10 59.02 -14.89
C ALA E 274 -11.75 58.63 -16.33
N VAL E 275 -11.54 59.64 -17.18
CA VAL E 275 -11.20 59.42 -18.59
C VAL E 275 -9.96 60.18 -19.02
N LYS E 276 -9.14 59.53 -19.84
CA LYS E 276 -8.02 60.20 -20.51
C LYS E 276 -8.57 61.37 -21.32
N ALA E 277 -7.77 62.43 -21.44
CA ALA E 277 -8.13 63.57 -22.27
C ALA E 277 -8.05 63.19 -23.75
N PRO E 278 -8.96 63.74 -24.57
CA PRO E 278 -8.92 63.48 -26.01
C PRO E 278 -7.76 64.18 -26.71
N GLY E 279 -7.01 63.43 -27.51
CA GLY E 279 -5.92 63.99 -28.30
C GLY E 279 -4.57 64.04 -27.63
N PHE E 280 -3.63 64.75 -28.28
CA PHE E 280 -2.27 64.90 -27.78
C PHE E 280 -1.67 66.24 -28.19
N GLY E 281 -0.95 66.86 -27.26
CA GLY E 281 -0.22 68.11 -27.52
C GLY E 281 -1.06 69.29 -27.98
N ASP E 282 -1.00 69.58 -29.27
CA ASP E 282 -1.66 70.75 -29.86
C ASP E 282 -3.16 70.57 -30.09
N ARG E 283 -3.53 69.41 -30.62
CA ARG E 283 -4.94 69.05 -30.73
C ARG E 283 -5.55 68.71 -29.35
N ARG E 284 -4.73 68.80 -28.30
CA ARG E 284 -5.17 68.49 -26.95
C ARG E 284 -5.74 69.70 -26.22
N LYS E 285 -4.88 70.65 -25.86
CA LYS E 285 -5.28 71.84 -25.11
C LYS E 285 -6.44 72.56 -25.79
N ALA E 286 -6.53 72.37 -27.11
CA ALA E 286 -7.58 72.97 -27.90
C ALA E 286 -8.92 72.27 -27.70
N MET E 287 -8.93 70.95 -27.85
CA MET E 287 -10.16 70.16 -27.71
C MET E 287 -10.66 70.11 -26.27
N LEU E 288 -9.75 70.32 -25.32
CA LEU E 288 -10.11 70.40 -23.90
C LEU E 288 -10.71 71.74 -23.54
N GLN E 289 -10.19 72.82 -24.15
CA GLN E 289 -10.78 74.15 -24.02
C GLN E 289 -12.09 74.24 -24.82
N ASP E 290 -12.26 73.34 -25.79
CA ASP E 290 -13.53 73.18 -26.50
C ASP E 290 -14.61 72.67 -25.55
N ILE E 291 -14.32 71.58 -24.83
CA ILE E 291 -15.24 71.00 -23.85
C ILE E 291 -15.64 72.05 -22.80
N ALA E 292 -14.71 72.94 -22.46
CA ALA E 292 -14.96 73.99 -21.47
C ALA E 292 -16.19 74.82 -21.83
N THR E 293 -16.19 75.44 -23.02
CA THR E 293 -17.30 76.28 -23.46
C THR E 293 -18.46 75.45 -24.03
N LEU E 294 -18.26 74.15 -24.15
CA LEU E 294 -19.34 73.24 -24.51
C LEU E 294 -20.22 72.96 -23.29
N THR E 295 -19.59 72.61 -22.17
CA THR E 295 -20.30 72.23 -20.95
C THR E 295 -20.46 73.40 -19.99
N GLY E 296 -19.67 74.45 -20.20
CA GLY E 296 -19.61 75.57 -19.29
C GLY E 296 -18.61 75.26 -18.20
N GLY E 297 -17.34 75.53 -18.48
CA GLY E 297 -16.26 75.31 -17.52
C GLY E 297 -15.05 76.21 -17.76
N THR E 298 -14.03 76.03 -16.93
CA THR E 298 -12.75 76.73 -17.10
C THR E 298 -11.61 75.71 -16.96
N VAL E 299 -10.86 75.52 -18.03
CA VAL E 299 -9.76 74.56 -18.05
C VAL E 299 -8.55 75.12 -17.29
N ILE E 300 -8.03 74.32 -16.37
CA ILE E 300 -6.86 74.71 -15.57
C ILE E 300 -5.59 73.98 -16.03
N SER E 301 -4.58 74.79 -16.39
CA SER E 301 -3.32 74.26 -16.93
C SER E 301 -2.10 74.65 -16.07
N GLU E 302 -1.05 73.83 -16.16
CA GLU E 302 0.18 74.05 -15.38
C GLU E 302 1.00 75.21 -15.93
N GLU E 303 0.86 75.49 -17.22
CA GLU E 303 1.63 76.54 -17.91
C GLU E 303 1.31 77.95 -17.39
N ILE E 304 0.04 78.19 -17.09
CA ILE E 304 -0.43 79.50 -16.61
C ILE E 304 -0.14 79.67 -15.10
N GLY E 305 -0.16 78.57 -14.36
CA GLY E 305 0.13 78.57 -12.93
C GLY E 305 -1.06 78.23 -12.06
N MET E 306 -2.06 77.61 -12.66
CA MET E 306 -3.29 77.21 -11.97
C MET E 306 -3.19 75.76 -11.50
N GLU E 307 -3.06 75.58 -10.19
CA GLU E 307 -3.14 74.26 -9.59
C GLU E 307 -4.59 73.92 -9.25
N LEU E 308 -4.87 72.64 -9.03
CA LEU E 308 -6.22 72.14 -8.79
C LEU E 308 -6.83 72.62 -7.46
N GLU E 309 -6.09 73.49 -6.77
CA GLU E 309 -6.55 74.09 -5.52
C GLU E 309 -7.05 75.53 -5.76
N LYS E 310 -7.27 75.87 -7.03
CA LYS E 310 -7.72 77.20 -7.43
C LYS E 310 -9.14 77.19 -7.99
N ALA E 311 -9.46 76.16 -8.77
CA ALA E 311 -10.78 76.05 -9.41
C ALA E 311 -11.85 75.60 -8.42
N THR E 312 -12.90 76.41 -8.30
CA THR E 312 -13.99 76.19 -7.34
C THR E 312 -15.05 75.21 -7.86
N LEU E 313 -16.27 75.33 -7.32
CA LEU E 313 -17.38 74.43 -7.66
C LEU E 313 -18.05 74.77 -9.00
N GLU E 314 -18.23 76.06 -9.26
CA GLU E 314 -18.89 76.52 -10.47
C GLU E 314 -17.90 76.61 -11.65
N ASP E 315 -16.62 76.44 -11.35
CA ASP E 315 -15.56 76.38 -12.37
C ASP E 315 -15.59 75.06 -13.13
N LEU E 316 -16.12 74.02 -12.49
CA LEU E 316 -16.32 72.71 -13.10
C LEU E 316 -17.39 72.75 -14.18
N GLY E 317 -17.33 71.82 -15.12
CA GLY E 317 -18.33 71.69 -16.18
C GLY E 317 -19.58 70.95 -15.73
N GLN E 318 -20.70 71.25 -16.37
CA GLN E 318 -21.96 70.57 -16.08
C GLN E 318 -22.64 70.01 -17.33
N ALA E 319 -23.02 68.73 -17.27
CA ALA E 319 -23.81 68.07 -18.31
C ALA E 319 -24.91 67.24 -17.67
N LYS E 320 -26.06 67.15 -18.31
CA LYS E 320 -27.22 66.49 -17.72
C LYS E 320 -27.14 64.95 -17.76
N ARG E 321 -26.31 64.42 -18.67
CA ARG E 321 -26.01 62.97 -18.74
C ARG E 321 -24.69 62.71 -19.48
N VAL E 322 -24.00 61.62 -19.11
CA VAL E 322 -22.79 61.18 -19.82
C VAL E 322 -22.68 59.65 -19.90
N VAL E 323 -22.13 59.16 -21.02
CA VAL E 323 -21.94 57.74 -21.28
C VAL E 323 -20.45 57.46 -21.55
N ILE E 324 -19.92 56.40 -20.93
CA ILE E 324 -18.50 56.05 -21.07
C ILE E 324 -18.29 54.55 -21.36
N ASN E 325 -17.84 54.24 -22.58
CA ASN E 325 -17.56 52.85 -22.98
C ASN E 325 -16.08 52.53 -22.81
N LYS E 326 -15.71 51.31 -23.22
CA LYS E 326 -14.32 50.85 -23.20
C LYS E 326 -13.39 51.88 -23.86
N ASP E 327 -13.79 52.35 -25.03
CA ASP E 327 -13.06 53.39 -25.75
C ASP E 327 -14.00 54.46 -26.35
N THR E 328 -15.09 54.75 -25.65
CA THR E 328 -16.07 55.74 -26.11
C THR E 328 -16.66 56.56 -24.97
N THR E 329 -16.25 57.82 -24.88
CA THR E 329 -16.87 58.75 -23.94
C THR E 329 -17.76 59.70 -24.72
N THR E 330 -18.96 59.94 -24.20
CA THR E 330 -19.89 60.87 -24.85
C THR E 330 -20.59 61.83 -23.85
N ILE E 331 -20.73 63.09 -24.26
CA ILE E 331 -21.34 64.15 -23.47
C ILE E 331 -22.72 64.49 -24.01
N ILE E 332 -23.68 64.67 -23.11
CA ILE E 332 -25.06 65.01 -23.49
C ILE E 332 -25.56 66.22 -22.69
N ASP E 333 -26.04 67.24 -23.43
CA ASP E 333 -26.75 68.39 -22.85
C ASP E 333 -25.96 69.11 -21.74
N GLY E 334 -25.18 70.11 -22.13
CA GLY E 334 -24.37 70.88 -21.18
C GLY E 334 -24.74 72.36 -21.08
N VAL E 335 -24.40 72.98 -19.95
CA VAL E 335 -24.68 74.41 -19.73
C VAL E 335 -23.61 75.28 -20.41
N GLY E 336 -23.61 75.23 -21.75
CA GLY E 336 -22.75 76.08 -22.57
C GLY E 336 -23.60 77.11 -23.27
N GLU E 337 -23.24 78.37 -23.13
CA GLU E 337 -24.05 79.48 -23.62
C GLU E 337 -24.22 79.52 -25.15
N GLU E 338 -25.26 80.23 -25.58
CA GLU E 338 -25.55 80.49 -26.98
C GLU E 338 -24.32 81.00 -27.72
N ALA E 339 -23.79 82.13 -27.24
CA ALA E 339 -22.64 82.80 -27.86
C ALA E 339 -21.31 82.11 -27.59
N ALA E 340 -21.26 81.30 -26.52
CA ALA E 340 -20.05 80.58 -26.14
C ALA E 340 -19.72 79.44 -27.11
N ILE E 341 -20.75 78.69 -27.50
CA ILE E 341 -20.60 77.56 -28.42
C ILE E 341 -20.54 78.03 -29.88
N GLN E 342 -21.50 78.87 -30.27
CA GLN E 342 -21.62 79.33 -31.66
C GLN E 342 -20.56 80.36 -32.05
N GLY E 343 -19.97 81.02 -31.04
CA GLY E 343 -18.87 81.95 -31.26
C GLY E 343 -17.54 81.26 -31.45
N ARG E 344 -17.45 80.02 -30.96
CA ARG E 344 -16.26 79.19 -31.09
C ARG E 344 -16.11 78.64 -32.51
N VAL E 345 -17.25 78.38 -33.15
CA VAL E 345 -17.30 77.74 -34.48
C VAL E 345 -16.84 78.67 -35.60
N ALA E 346 -17.23 79.95 -35.53
CA ALA E 346 -16.80 80.94 -36.50
C ALA E 346 -15.29 81.18 -36.44
N GLN E 347 -14.74 81.08 -35.23
CA GLN E 347 -13.30 81.22 -34.97
C GLN E 347 -12.51 80.10 -35.63
N ILE E 348 -12.94 78.86 -35.39
CA ILE E 348 -12.29 77.66 -35.91
C ILE E 348 -12.38 77.56 -37.44
N ARG E 349 -13.56 77.86 -37.99
CA ARG E 349 -13.78 77.79 -39.44
C ARG E 349 -12.90 78.78 -40.21
N GLN E 350 -12.54 79.89 -39.58
CA GLN E 350 -11.65 80.87 -40.18
C GLN E 350 -10.21 80.36 -40.20
N GLN E 351 -9.87 79.51 -39.24
CA GLN E 351 -8.55 78.86 -39.20
C GLN E 351 -8.32 77.99 -40.43
N ILE E 352 -9.40 77.50 -41.01
CA ILE E 352 -9.37 76.68 -42.22
C ILE E 352 -8.94 77.49 -43.44
N GLU E 353 -9.50 78.70 -43.56
CA GLU E 353 -9.13 79.62 -44.62
C GLU E 353 -7.76 80.23 -44.37
N GLU E 354 -7.35 80.26 -43.10
CA GLU E 354 -6.06 80.82 -42.67
C GLU E 354 -4.88 79.85 -42.88
N ALA E 355 -5.11 78.57 -42.62
CA ALA E 355 -4.10 77.54 -42.84
C ALA E 355 -4.31 76.86 -44.20
N THR E 356 -3.39 77.14 -45.13
CA THR E 356 -3.45 76.57 -46.49
C THR E 356 -2.90 75.13 -46.56
N SER E 357 -2.69 74.52 -45.39
CA SER E 357 -2.25 73.13 -45.28
C SER E 357 -3.45 72.20 -45.52
N ASP E 358 -3.17 71.02 -46.10
CA ASP E 358 -4.22 70.09 -46.51
C ASP E 358 -4.70 69.13 -45.40
N TYR E 359 -3.81 68.83 -44.45
CA TYR E 359 -4.14 67.98 -43.30
C TYR E 359 -4.78 68.77 -42.17
N ASP E 360 -4.25 69.96 -41.89
CA ASP E 360 -4.78 70.85 -40.85
C ASP E 360 -6.24 71.22 -41.11
N ARG E 361 -6.68 71.01 -42.34
CA ARG E 361 -8.08 71.19 -42.74
C ARG E 361 -8.99 70.10 -42.18
N GLU E 362 -8.56 68.83 -42.30
CA GLU E 362 -9.33 67.68 -41.83
C GLU E 362 -9.57 67.61 -40.32
N LYS E 363 -8.71 68.28 -39.53
CA LYS E 363 -8.78 68.23 -38.07
C LYS E 363 -9.73 69.26 -37.46
N LEU E 364 -9.83 70.42 -38.11
CA LEU E 364 -10.74 71.48 -37.68
C LEU E 364 -12.18 71.13 -38.04
N GLN E 365 -12.34 70.32 -39.09
CA GLN E 365 -13.65 69.82 -39.53
C GLN E 365 -14.20 68.77 -38.58
N GLU E 366 -13.29 68.01 -37.95
CA GLU E 366 -13.67 66.97 -36.99
C GLU E 366 -14.14 67.57 -35.68
N ARG E 367 -13.62 68.75 -35.35
CA ARG E 367 -14.01 69.45 -34.12
C ARG E 367 -15.39 70.11 -34.25
N VAL E 368 -15.64 70.73 -35.41
CA VAL E 368 -16.91 71.40 -35.65
C VAL E 368 -18.08 70.43 -35.78
N ALA E 369 -17.85 69.29 -36.43
CA ALA E 369 -18.85 68.23 -36.58
C ALA E 369 -19.21 67.65 -35.22
N LYS E 370 -18.23 67.65 -34.31
CA LYS E 370 -18.44 67.24 -32.94
C LYS E 370 -19.19 68.29 -32.12
N LEU E 371 -19.13 69.55 -32.57
CA LEU E 371 -19.63 70.67 -31.77
C LEU E 371 -20.96 71.29 -32.26
N ALA E 372 -21.08 71.51 -33.56
CA ALA E 372 -22.26 72.19 -34.16
C ALA E 372 -23.54 71.34 -34.07
N GLY E 373 -23.57 70.25 -34.83
CA GLY E 373 -24.67 69.29 -34.78
C GLY E 373 -24.34 68.19 -33.78
N GLY E 374 -24.71 68.43 -32.51
CA GLY E 374 -24.26 67.62 -31.38
C GLY E 374 -24.75 66.18 -31.32
N VAL E 375 -25.70 65.92 -30.43
CA VAL E 375 -26.17 64.57 -30.16
C VAL E 375 -27.69 64.46 -30.21
N ALA E 376 -28.18 63.58 -31.07
CA ALA E 376 -29.61 63.27 -31.13
C ALA E 376 -29.96 62.27 -30.04
N VAL E 377 -31.00 62.59 -29.26
CA VAL E 377 -31.37 61.78 -28.11
C VAL E 377 -32.74 61.13 -28.29
N ILE E 378 -32.78 59.80 -28.11
CA ILE E 378 -34.02 59.05 -28.18
C ILE E 378 -34.50 58.66 -26.79
N LYS E 379 -35.66 59.19 -26.40
CA LYS E 379 -36.29 58.83 -25.14
C LYS E 379 -37.41 57.82 -25.44
N VAL E 380 -37.16 56.55 -25.15
CA VAL E 380 -38.09 55.47 -25.54
C VAL E 380 -39.33 55.40 -24.65
N GLY E 381 -40.42 55.99 -25.12
CA GLY E 381 -41.69 55.95 -24.39
C GLY E 381 -42.56 54.79 -24.84
N ALA E 382 -43.22 54.14 -23.89
CA ALA E 382 -44.01 52.94 -24.19
C ALA E 382 -45.03 52.56 -23.13
N ALA E 383 -44.79 52.99 -21.88
CA ALA E 383 -45.60 52.60 -20.70
C ALA E 383 -45.17 51.26 -20.09
N THR E 384 -45.45 51.12 -18.79
CA THR E 384 -45.12 49.92 -17.98
C THR E 384 -43.62 49.66 -17.79
N GLU E 385 -43.24 49.38 -16.54
CA GLU E 385 -41.84 49.23 -16.12
C GLU E 385 -41.03 48.21 -16.93
N VAL E 386 -41.53 46.98 -17.00
CA VAL E 386 -40.80 45.88 -17.63
C VAL E 386 -40.82 45.96 -19.15
N GLU E 387 -41.98 46.30 -19.73
CA GLU E 387 -42.19 46.30 -21.19
C GLU E 387 -41.44 47.42 -21.94
N MET E 388 -41.02 48.44 -21.20
CA MET E 388 -40.26 49.56 -21.78
C MET E 388 -38.75 49.28 -21.71
N LYS E 389 -38.29 48.80 -20.56
CA LYS E 389 -36.88 48.44 -20.35
C LYS E 389 -36.42 47.33 -21.29
N GLU E 390 -37.38 46.54 -21.76
CA GLU E 390 -37.13 45.47 -22.73
C GLU E 390 -37.16 46.01 -24.15
N LYS E 391 -38.02 47.00 -24.41
CA LYS E 391 -38.13 47.65 -25.72
C LYS E 391 -36.90 48.53 -26.00
N LYS E 392 -36.57 49.39 -25.03
CA LYS E 392 -35.40 50.27 -25.12
C LYS E 392 -34.12 49.46 -25.37
N ALA E 393 -34.00 48.32 -24.70
CA ALA E 393 -32.87 47.42 -24.90
C ALA E 393 -32.79 46.94 -26.35
N ARG E 394 -33.94 46.73 -26.98
CA ARG E 394 -34.00 46.29 -28.38
C ARG E 394 -33.60 47.39 -29.36
N VAL E 395 -33.79 48.64 -28.94
CA VAL E 395 -33.44 49.81 -29.75
C VAL E 395 -31.92 49.94 -29.90
N GLU E 396 -31.19 49.43 -28.92
CA GLU E 396 -29.73 49.48 -28.92
C GLU E 396 -29.11 48.48 -29.89
N ASP E 397 -29.52 47.21 -29.78
CA ASP E 397 -29.00 46.13 -30.63
C ASP E 397 -29.45 46.25 -32.09
N ALA E 398 -30.13 47.35 -32.40
CA ALA E 398 -30.49 47.72 -33.76
C ALA E 398 -29.65 48.90 -34.24
N LEU E 399 -29.31 49.79 -33.31
CA LEU E 399 -28.48 50.95 -33.62
C LEU E 399 -27.04 50.56 -33.98
N HIS E 400 -26.50 49.58 -33.26
CA HIS E 400 -25.14 49.07 -33.51
C HIS E 400 -25.02 48.39 -34.87
N ALA E 401 -26.06 47.67 -35.27
CA ALA E 401 -26.10 47.00 -36.57
C ALA E 401 -26.27 48.01 -37.71
N THR E 402 -27.09 49.03 -37.48
CA THR E 402 -27.34 50.09 -38.46
C THR E 402 -26.10 50.96 -38.67
N ARG E 403 -25.37 51.21 -37.59
CA ARG E 403 -24.10 51.94 -37.65
C ARG E 403 -23.11 51.28 -38.61
N ALA E 404 -22.99 49.96 -38.50
CA ALA E 404 -22.09 49.18 -39.34
C ALA E 404 -22.64 49.02 -40.75
N ALA E 405 -23.96 49.11 -40.88
CA ALA E 405 -24.62 49.04 -42.18
C ALA E 405 -24.36 50.28 -43.03
N VAL E 406 -24.01 51.38 -42.38
CA VAL E 406 -23.73 52.63 -43.07
C VAL E 406 -22.25 52.72 -43.44
N GLU E 407 -21.39 52.32 -42.51
CA GLU E 407 -19.94 52.48 -42.66
C GLU E 407 -19.35 51.62 -43.77
N GLU E 408 -19.72 50.34 -43.79
CA GLU E 408 -19.16 49.40 -44.77
C GLU E 408 -20.21 48.69 -45.61
N GLY E 409 -21.43 48.64 -45.10
CA GLY E 409 -22.55 48.03 -45.82
C GLY E 409 -22.98 46.72 -45.22
N VAL E 410 -23.81 45.99 -45.96
CA VAL E 410 -24.33 44.68 -45.53
C VAL E 410 -24.10 43.59 -46.58
N VAL E 411 -23.56 42.46 -46.14
CA VAL E 411 -23.36 41.31 -47.02
C VAL E 411 -24.43 40.27 -46.75
N ALA E 412 -24.43 39.20 -47.54
CA ALA E 412 -25.41 38.14 -47.41
C ALA E 412 -25.12 37.32 -46.16
N GLY E 413 -26.14 37.17 -45.31
CA GLY E 413 -26.01 36.47 -44.03
C GLY E 413 -25.92 34.96 -44.17
N GLY E 414 -26.14 34.26 -43.06
CA GLY E 414 -26.12 32.79 -43.03
C GLY E 414 -24.74 32.18 -43.22
N GLY E 415 -23.72 33.03 -43.11
CA GLY E 415 -22.33 32.64 -43.30
C GLY E 415 -22.01 32.35 -44.75
N VAL E 416 -22.90 32.79 -45.64
CA VAL E 416 -22.74 32.53 -47.07
C VAL E 416 -21.76 33.52 -47.70
N ALA E 417 -21.63 34.69 -47.08
CA ALA E 417 -20.74 35.73 -47.58
C ALA E 417 -19.33 35.18 -47.65
N LEU E 418 -18.90 34.53 -46.58
CA LEU E 418 -17.56 33.97 -46.51
C LEU E 418 -17.41 32.76 -47.43
N ILE E 419 -18.45 31.92 -47.48
CA ILE E 419 -18.39 30.72 -48.31
C ILE E 419 -18.43 31.06 -49.81
N ARG E 420 -18.95 32.24 -50.11
CA ARG E 420 -18.99 32.78 -51.47
C ARG E 420 -17.61 33.33 -51.83
N VAL E 421 -16.95 33.97 -50.86
CA VAL E 421 -15.60 34.44 -51.03
C VAL E 421 -14.64 33.26 -51.23
N ALA E 422 -14.89 32.17 -50.53
CA ALA E 422 -14.07 30.97 -50.60
C ALA E 422 -13.95 30.39 -52.01
N SER E 423 -15.07 30.31 -52.73
CA SER E 423 -15.06 29.78 -54.09
C SER E 423 -14.42 30.74 -55.09
N LYS E 424 -14.40 32.02 -54.75
CA LYS E 424 -13.85 33.06 -55.63
C LYS E 424 -12.35 33.29 -55.43
N LEU E 425 -11.76 32.62 -54.44
CA LEU E 425 -10.33 32.72 -54.18
C LEU E 425 -9.60 31.36 -54.34
N ALA E 426 -10.23 30.44 -55.06
CA ALA E 426 -9.69 29.11 -55.27
C ALA E 426 -8.44 29.10 -56.16
N ASP E 427 -8.28 30.14 -56.96
CA ASP E 427 -7.12 30.30 -57.84
C ASP E 427 -5.95 31.02 -57.18
N LEU E 428 -6.15 31.48 -55.94
CA LEU E 428 -5.12 32.22 -55.21
C LEU E 428 -3.97 31.32 -54.80
N ARG E 429 -2.76 31.78 -55.07
CA ARG E 429 -1.55 31.03 -54.74
C ARG E 429 -0.53 31.94 -54.02
N GLY E 430 0.42 31.31 -53.33
CA GLY E 430 1.46 32.04 -52.60
C GLY E 430 2.79 32.02 -53.36
N GLN E 431 3.88 31.84 -52.61
CA GLN E 431 5.22 31.82 -53.21
C GLN E 431 5.84 30.42 -53.24
N ASN E 432 5.59 29.64 -52.19
CA ASN E 432 5.98 28.24 -52.14
C ASN E 432 4.84 27.34 -51.71
N GLU E 433 5.06 26.02 -51.74
CA GLU E 433 4.03 25.03 -51.41
C GLU E 433 3.43 25.25 -50.01
N ASP E 434 4.28 25.61 -49.06
CA ASP E 434 3.86 25.83 -47.68
C ASP E 434 2.90 27.03 -47.55
N GLN E 435 3.13 28.06 -48.34
CA GLN E 435 2.23 29.21 -48.37
C GLN E 435 0.90 28.84 -49.03
N ASN E 436 0.97 27.98 -50.05
CA ASN E 436 -0.21 27.51 -50.78
C ASN E 436 -1.21 26.77 -49.89
N VAL E 437 -0.70 25.99 -48.94
CA VAL E 437 -1.54 25.27 -47.99
C VAL E 437 -2.12 26.26 -46.98
N GLY E 438 -1.33 27.26 -46.62
CA GLY E 438 -1.77 28.33 -45.72
C GLY E 438 -3.02 29.04 -46.20
N ILE E 439 -3.13 29.20 -47.51
CA ILE E 439 -4.31 29.80 -48.12
C ILE E 439 -5.49 28.83 -48.04
N LYS E 440 -5.26 27.58 -48.42
CA LYS E 440 -6.32 26.56 -48.42
C LYS E 440 -6.85 26.28 -47.01
N VAL E 441 -6.01 26.51 -46.00
CA VAL E 441 -6.43 26.41 -44.61
C VAL E 441 -7.45 27.52 -44.31
N ALA E 442 -7.15 28.74 -44.75
CA ALA E 442 -8.01 29.89 -44.53
C ALA E 442 -9.33 29.78 -45.29
N LEU E 443 -9.28 29.22 -46.50
CA LEU E 443 -10.47 29.07 -47.32
C LEU E 443 -11.42 27.99 -46.80
N ARG E 444 -10.86 26.92 -46.24
CA ARG E 444 -11.67 25.87 -45.64
C ARG E 444 -12.18 26.29 -44.25
N ALA E 445 -11.60 27.33 -43.69
CA ALA E 445 -12.04 27.88 -42.41
C ALA E 445 -13.25 28.77 -42.59
N MET E 446 -13.38 29.36 -43.77
CA MET E 446 -14.50 30.25 -44.08
C MET E 446 -15.80 29.49 -44.25
N GLU E 447 -15.69 28.17 -44.50
CA GLU E 447 -16.85 27.31 -44.60
C GLU E 447 -17.47 26.98 -43.24
N ALA E 448 -16.64 27.04 -42.20
CA ALA E 448 -17.04 26.61 -40.87
C ALA E 448 -18.23 27.36 -40.23
N PRO E 449 -18.28 28.70 -40.33
CA PRO E 449 -19.43 29.40 -39.76
C PRO E 449 -20.77 28.85 -40.26
N LEU E 450 -20.93 28.72 -41.57
CA LEU E 450 -22.14 28.14 -42.16
C LEU E 450 -22.34 26.72 -41.64
N ARG E 451 -21.29 25.90 -41.74
CA ARG E 451 -21.33 24.50 -41.32
C ARG E 451 -21.76 24.34 -39.86
N GLN E 452 -21.37 25.29 -39.03
CA GLN E 452 -21.74 25.26 -37.62
C GLN E 452 -23.20 25.62 -37.38
N ILE E 453 -23.75 26.52 -38.19
CA ILE E 453 -25.16 26.89 -38.09
C ILE E 453 -26.04 25.72 -38.48
N VAL E 454 -25.65 25.03 -39.55
CA VAL E 454 -26.37 23.87 -40.02
C VAL E 454 -26.33 22.72 -39.00
N LEU E 455 -25.20 22.59 -38.31
CA LEU E 455 -25.04 21.56 -37.29
C LEU E 455 -26.02 21.74 -36.13
N ASN E 456 -26.21 22.99 -35.73
CA ASN E 456 -27.17 23.33 -34.69
C ASN E 456 -28.61 23.12 -35.15
N CYS E 457 -28.83 23.24 -36.46
CA CYS E 457 -30.15 23.05 -37.06
C CYS E 457 -30.49 21.56 -37.21
N GLY E 458 -29.53 20.69 -36.89
CA GLY E 458 -29.75 19.26 -36.93
C GLY E 458 -29.46 18.62 -38.28
N GLU E 459 -29.46 19.42 -39.34
CA GLU E 459 -29.18 18.93 -40.69
C GLU E 459 -27.68 18.71 -40.87
N GLU E 460 -27.32 17.84 -41.82
CA GLU E 460 -25.91 17.53 -42.11
C GLU E 460 -25.23 18.71 -42.79
N PRO E 461 -24.19 19.27 -42.16
CA PRO E 461 -23.52 20.48 -42.66
C PRO E 461 -22.90 20.27 -44.03
N SER E 462 -22.33 19.09 -44.24
CA SER E 462 -21.68 18.73 -45.51
C SER E 462 -22.62 18.84 -46.71
N VAL E 463 -23.86 18.37 -46.54
CA VAL E 463 -24.88 18.39 -47.59
C VAL E 463 -25.30 19.83 -47.93
N VAL E 464 -25.54 20.63 -46.90
CA VAL E 464 -26.03 22.00 -47.07
C VAL E 464 -24.95 22.90 -47.67
N ALA E 465 -23.73 22.81 -47.14
CA ALA E 465 -22.62 23.61 -47.65
C ALA E 465 -22.31 23.28 -49.11
N ASN E 466 -22.46 22.01 -49.47
CA ASN E 466 -22.27 21.57 -50.85
C ASN E 466 -23.34 22.12 -51.80
N THR E 467 -24.55 22.30 -51.29
CA THR E 467 -25.66 22.85 -52.09
C THR E 467 -25.51 24.36 -52.27
N VAL E 468 -25.04 25.03 -51.22
CA VAL E 468 -24.84 26.48 -51.28
C VAL E 468 -23.71 26.85 -52.25
N LYS E 469 -22.67 26.02 -52.29
CA LYS E 469 -21.53 26.26 -53.18
C LYS E 469 -21.88 26.07 -54.66
N GLY E 470 -22.79 25.14 -54.94
CA GLY E 470 -23.26 24.84 -56.31
C GLY E 470 -24.02 25.98 -56.95
N GLY E 471 -24.93 26.58 -56.18
CA GLY E 471 -25.63 27.79 -56.59
C GLY E 471 -24.74 29.01 -56.42
N ASP E 472 -25.11 30.11 -57.06
CA ASP E 472 -24.28 31.32 -57.06
C ASP E 472 -25.01 32.53 -56.50
N GLY E 473 -24.24 33.52 -56.05
CA GLY E 473 -24.77 34.79 -55.57
C GLY E 473 -25.13 34.81 -54.10
N ASN E 474 -26.28 35.41 -53.80
CA ASN E 474 -26.75 35.56 -52.42
C ASN E 474 -27.71 34.43 -52.02
N TYR E 475 -27.52 33.29 -52.67
CA TYR E 475 -28.30 32.08 -52.44
C TYR E 475 -27.72 31.32 -51.28
N GLY E 476 -28.52 31.11 -50.24
CA GLY E 476 -28.06 30.44 -49.04
C GLY E 476 -29.10 29.60 -48.33
N TYR E 477 -28.78 29.22 -47.10
CA TYR E 477 -29.67 28.38 -46.30
C TYR E 477 -30.25 29.15 -45.12
N ASN E 478 -31.57 29.14 -45.02
CA ASN E 478 -32.29 29.68 -43.87
C ASN E 478 -32.49 28.59 -42.84
N ALA E 479 -31.75 28.68 -41.72
CA ALA E 479 -31.82 27.68 -40.65
C ALA E 479 -33.10 27.74 -39.83
N ALA E 480 -33.69 28.93 -39.74
CA ALA E 480 -34.94 29.10 -39.00
C ALA E 480 -36.11 28.38 -39.66
N THR E 481 -36.20 28.48 -40.99
CA THR E 481 -37.32 27.91 -41.74
C THR E 481 -36.99 26.60 -42.45
N GLU E 482 -35.71 26.23 -42.43
CA GLU E 482 -35.17 25.04 -43.13
C GLU E 482 -35.40 25.12 -44.64
N GLU E 483 -35.38 26.35 -45.17
CA GLU E 483 -35.66 26.63 -46.59
C GLU E 483 -34.45 27.30 -47.24
N TYR E 484 -34.20 26.96 -48.49
CA TYR E 484 -33.17 27.65 -49.28
C TYR E 484 -33.76 28.88 -49.94
N GLY E 485 -32.90 29.77 -50.42
CA GLY E 485 -33.34 30.94 -51.18
C GLY E 485 -32.41 32.14 -51.10
N ASN E 486 -32.86 33.25 -51.67
CA ASN E 486 -32.13 34.51 -51.60
C ASN E 486 -32.13 35.06 -50.18
N MET E 487 -30.93 35.26 -49.63
CA MET E 487 -30.78 35.67 -48.24
C MET E 487 -31.26 37.11 -48.01
N ILE E 488 -30.89 38.01 -48.92
CA ILE E 488 -31.29 39.40 -48.83
C ILE E 488 -32.82 39.53 -48.82
N ASP E 489 -33.48 38.80 -49.72
CA ASP E 489 -34.93 38.80 -49.82
C ASP E 489 -35.62 38.21 -48.58
N MET E 490 -34.91 37.31 -47.89
CA MET E 490 -35.42 36.67 -46.69
C MET E 490 -35.09 37.45 -45.41
N GLY E 491 -34.40 38.57 -45.57
CA GLY E 491 -34.07 39.45 -44.44
C GLY E 491 -32.89 38.98 -43.60
N ILE E 492 -32.24 37.91 -44.04
CA ILE E 492 -31.04 37.39 -43.38
C ILE E 492 -29.80 38.09 -43.93
N LEU E 493 -29.24 38.99 -43.13
CA LEU E 493 -28.07 39.73 -43.56
C LEU E 493 -27.17 40.13 -42.39
N ASP E 494 -25.88 40.21 -42.69
CA ASP E 494 -24.87 40.61 -41.72
C ASP E 494 -24.15 41.86 -42.20
N PRO E 495 -23.96 42.84 -41.30
CA PRO E 495 -23.19 44.02 -41.65
C PRO E 495 -21.78 43.64 -42.09
N THR E 496 -21.34 44.20 -43.21
CA THR E 496 -20.03 43.84 -43.78
C THR E 496 -18.93 44.02 -42.73
N LYS E 497 -19.05 45.09 -41.95
CA LYS E 497 -18.07 45.42 -40.92
C LYS E 497 -17.86 44.28 -39.92
N VAL E 498 -18.95 43.67 -39.47
CA VAL E 498 -18.86 42.59 -38.48
C VAL E 498 -18.18 41.34 -39.05
N THR E 499 -18.48 41.02 -40.29
CA THR E 499 -17.89 39.85 -40.92
C THR E 499 -16.41 40.08 -41.21
N ARG E 500 -16.06 41.32 -41.57
CA ARG E 500 -14.67 41.70 -41.81
C ARG E 500 -13.87 41.63 -40.53
N SER E 501 -14.46 42.12 -39.44
CA SER E 501 -13.83 42.06 -38.12
C SER E 501 -13.68 40.61 -37.65
N ALA E 502 -14.74 39.82 -37.81
CA ALA E 502 -14.71 38.43 -37.39
C ALA E 502 -13.61 37.64 -38.08
N LEU E 503 -13.39 37.89 -39.36
CA LEU E 503 -12.38 37.13 -40.09
C LEU E 503 -10.98 37.61 -39.77
N GLN E 504 -10.78 38.93 -39.81
CA GLN E 504 -9.45 39.52 -39.60
C GLN E 504 -8.85 39.16 -38.23
N TYR E 505 -9.66 39.35 -37.18
CA TYR E 505 -9.22 39.12 -35.82
C TYR E 505 -8.91 37.65 -35.61
N ALA E 506 -9.80 36.79 -36.08
CA ALA E 506 -9.60 35.34 -35.95
C ALA E 506 -8.34 34.85 -36.65
N ALA E 507 -7.98 35.49 -37.75
CA ALA E 507 -6.76 35.16 -38.49
C ALA E 507 -5.53 35.70 -37.76
N SER E 508 -5.66 36.89 -37.19
CA SER E 508 -4.56 37.55 -36.47
C SER E 508 -4.03 36.68 -35.33
N VAL E 509 -4.93 36.15 -34.52
CA VAL E 509 -4.54 35.30 -33.39
C VAL E 509 -4.02 33.93 -33.87
N ALA E 510 -4.70 33.32 -34.83
CA ALA E 510 -4.31 32.02 -35.34
C ALA E 510 -2.90 32.10 -35.91
N GLY E 511 -2.61 33.23 -36.55
CA GLY E 511 -1.27 33.48 -37.10
C GLY E 511 -0.23 33.48 -36.01
N LEU E 512 -0.54 34.17 -34.90
CA LEU E 512 0.37 34.23 -33.78
C LEU E 512 0.51 32.87 -33.12
N MET E 513 -0.59 32.13 -33.03
CA MET E 513 -0.56 30.84 -32.38
C MET E 513 0.12 29.73 -33.18
N ILE E 514 0.09 29.86 -34.50
CA ILE E 514 0.74 28.86 -35.35
C ILE E 514 2.25 29.02 -35.29
N THR E 515 2.71 30.25 -35.07
CA THR E 515 4.14 30.53 -34.99
C THR E 515 4.66 30.39 -33.56
N THR E 516 3.91 29.71 -32.69
CA THR E 516 4.35 29.50 -31.32
C THR E 516 5.18 28.24 -31.18
N GLU E 517 6.34 28.39 -30.54
CA GLU E 517 7.25 27.27 -30.29
C GLU E 517 7.51 27.02 -28.81
N CYS E 518 7.40 28.05 -27.99
CA CYS E 518 7.73 27.92 -26.58
C CYS E 518 6.70 28.60 -25.70
N MET E 519 6.33 27.92 -24.63
CA MET E 519 5.37 28.46 -23.67
C MET E 519 5.91 28.45 -22.25
N VAL E 520 5.78 29.59 -21.57
CA VAL E 520 6.27 29.75 -20.22
C VAL E 520 5.15 30.19 -19.29
N THR E 521 4.87 29.36 -18.30
CA THR E 521 3.82 29.64 -17.31
C THR E 521 4.23 29.26 -15.88
N ASP E 522 3.40 29.68 -14.92
CA ASP E 522 3.64 29.37 -13.51
C ASP E 522 3.46 27.88 -13.21
N LEU E 523 4.18 27.41 -12.20
CA LEU E 523 4.19 26.00 -11.83
C LEU E 523 2.96 25.64 -10.99
N PRO E 524 2.30 24.51 -11.29
CA PRO E 524 1.11 24.05 -10.54
C PRO E 524 1.43 23.70 -9.09
N ALA F 1 -10.66 32.14 -11.39
CA ALA F 1 -11.08 30.81 -10.86
C ALA F 1 -11.12 29.76 -11.96
N ALA F 2 -10.43 28.64 -11.70
CA ALA F 2 -10.40 27.50 -12.61
C ALA F 2 -11.78 26.86 -12.77
N LYS F 3 -12.14 26.52 -14.00
CA LYS F 3 -13.47 26.01 -14.30
C LYS F 3 -13.45 24.60 -14.88
N ASP F 4 -14.57 23.91 -14.70
CA ASP F 4 -14.77 22.56 -15.23
C ASP F 4 -15.84 22.67 -16.29
N VAL F 5 -15.61 22.06 -17.45
CA VAL F 5 -16.57 22.15 -18.55
C VAL F 5 -16.97 20.76 -19.07
N LYS F 6 -18.27 20.50 -19.12
CA LYS F 6 -18.79 19.26 -19.67
C LYS F 6 -19.69 19.50 -20.88
N PHE F 7 -19.61 18.60 -21.86
CA PHE F 7 -20.34 18.76 -23.10
C PHE F 7 -21.35 17.66 -23.37
N GLY F 8 -22.44 18.05 -24.02
CA GLY F 8 -23.42 17.13 -24.60
C GLY F 8 -24.05 16.14 -23.65
N ASN F 9 -24.04 14.88 -24.07
CA ASN F 9 -24.69 13.79 -23.35
C ASN F 9 -24.16 13.67 -21.93
N ASP F 10 -22.84 13.76 -21.79
CA ASP F 10 -22.17 13.78 -20.50
C ASP F 10 -22.70 14.91 -19.60
N ALA F 11 -22.97 16.07 -20.20
CA ALA F 11 -23.41 17.23 -19.45
C ALA F 11 -24.86 17.10 -19.02
N ARG F 12 -25.67 16.50 -19.88
CA ARG F 12 -27.12 16.39 -19.63
C ARG F 12 -27.48 15.38 -18.54
N VAL F 13 -26.79 14.23 -18.54
CA VAL F 13 -27.07 13.19 -17.55
C VAL F 13 -26.83 13.67 -16.13
N LYS F 14 -25.97 14.68 -15.99
CA LYS F 14 -25.70 15.31 -14.70
C LYS F 14 -26.83 16.23 -14.28
N MET F 15 -27.51 16.84 -15.24
CA MET F 15 -28.70 17.63 -14.93
C MET F 15 -29.86 16.76 -14.51
N LEU F 16 -30.12 15.71 -15.31
CA LEU F 16 -31.22 14.78 -15.03
C LEU F 16 -31.08 14.17 -13.65
N ARG F 17 -29.87 13.69 -13.34
CA ARG F 17 -29.52 13.15 -12.03
C ARG F 17 -29.76 14.19 -10.94
N GLY F 18 -29.48 15.45 -11.27
CA GLY F 18 -29.66 16.56 -10.37
C GLY F 18 -31.11 16.91 -10.14
N VAL F 19 -31.88 17.01 -11.21
CA VAL F 19 -33.31 17.33 -11.07
C VAL F 19 -34.08 16.21 -10.40
N ASN F 20 -33.69 14.97 -10.69
CA ASN F 20 -34.32 13.78 -10.10
C ASN F 20 -34.24 13.75 -8.57
N VAL F 21 -33.17 14.30 -8.02
CA VAL F 21 -33.06 14.42 -6.57
C VAL F 21 -34.08 15.43 -6.04
N LEU F 22 -34.10 16.63 -6.61
CA LEU F 22 -35.05 17.64 -6.16
C LEU F 22 -36.50 17.21 -6.38
N ALA F 23 -36.78 16.61 -7.53
CA ALA F 23 -38.14 16.16 -7.85
C ALA F 23 -38.63 15.07 -6.91
N ASP F 24 -37.83 14.01 -6.75
CA ASP F 24 -38.22 12.88 -5.90
C ASP F 24 -38.36 13.28 -4.44
N ALA F 25 -37.66 14.33 -4.02
CA ALA F 25 -37.77 14.83 -2.67
C ALA F 25 -39.04 15.66 -2.48
N VAL F 26 -39.58 16.15 -3.58
CA VAL F 26 -40.76 17.01 -3.51
C VAL F 26 -42.03 16.24 -3.91
N LYS F 27 -41.94 15.41 -4.94
CA LYS F 27 -43.10 14.68 -5.44
C LYS F 27 -43.77 13.75 -4.43
N VAL F 28 -43.06 13.42 -3.35
CA VAL F 28 -43.59 12.53 -2.31
C VAL F 28 -44.60 13.26 -1.43
N THR F 29 -44.63 14.58 -1.53
CA THR F 29 -45.49 15.39 -0.68
C THR F 29 -46.73 15.88 -1.43
N LEU F 30 -47.04 15.24 -2.54
CA LEU F 30 -48.17 15.65 -3.37
C LEU F 30 -49.46 15.06 -2.86
N GLY F 31 -50.53 15.82 -3.00
CA GLY F 31 -51.87 15.35 -2.62
C GLY F 31 -52.12 15.36 -1.13
N PRO F 32 -53.27 14.79 -0.72
CA PRO F 32 -53.59 14.68 0.69
C PRO F 32 -53.10 13.36 1.28
N LYS F 33 -52.77 12.42 0.40
CA LYS F 33 -52.17 11.16 0.81
C LYS F 33 -50.66 11.30 0.77
N GLY F 34 -50.19 12.55 0.84
CA GLY F 34 -48.76 12.88 0.82
C GLY F 34 -47.96 12.40 2.02
N ARG F 35 -46.64 12.29 1.82
CA ARG F 35 -45.73 11.84 2.86
C ARG F 35 -45.00 13.01 3.50
N ASN F 36 -44.43 12.79 4.69
CA ASN F 36 -43.65 13.80 5.38
C ASN F 36 -42.19 13.77 4.94
N VAL F 37 -41.61 14.97 4.77
CA VAL F 37 -40.19 15.09 4.50
C VAL F 37 -39.55 15.82 5.68
N VAL F 38 -38.50 15.22 6.24
CA VAL F 38 -37.82 15.77 7.41
C VAL F 38 -36.57 16.53 7.00
N LEU F 39 -36.48 17.77 7.44
CA LEU F 39 -35.38 18.66 7.12
C LEU F 39 -34.56 18.96 8.36
N ASP F 40 -33.26 18.72 8.31
CA ASP F 40 -32.39 18.90 9.46
C ASP F 40 -32.02 20.36 9.66
N LYS F 41 -31.92 20.74 10.92
CA LYS F 41 -31.39 22.05 11.33
C LYS F 41 -30.25 21.82 12.32
N SER F 42 -29.27 22.72 12.28
CA SER F 42 -28.14 22.65 13.21
C SER F 42 -28.60 22.85 14.67
N PHE F 43 -29.50 23.80 14.87
CA PHE F 43 -30.00 24.11 16.22
C PHE F 43 -31.21 23.25 16.58
N GLY F 44 -31.00 22.31 17.49
CA GLY F 44 -32.08 21.51 18.07
C GLY F 44 -32.80 20.54 17.16
N ALA F 45 -34.13 20.51 17.31
CA ALA F 45 -35.02 19.55 16.63
C ALA F 45 -35.15 19.76 15.12
N PRO F 46 -35.29 18.65 14.35
CA PRO F 46 -35.49 18.74 12.91
C PRO F 46 -36.91 19.18 12.58
N THR F 47 -37.08 19.76 11.39
CA THR F 47 -38.40 20.20 10.92
C THR F 47 -39.07 19.13 10.07
N ILE F 48 -40.26 18.72 10.48
CA ILE F 48 -41.06 17.77 9.73
C ILE F 48 -42.11 18.59 9.00
N THR F 49 -42.12 18.53 7.67
CA THR F 49 -43.06 19.29 6.87
C THR F 49 -43.51 18.59 5.59
N LYS F 50 -44.66 19.02 5.06
CA LYS F 50 -45.19 18.54 3.79
C LYS F 50 -45.11 19.62 2.72
N ASP F 51 -44.78 20.84 3.12
CA ASP F 51 -44.71 22.00 2.23
C ASP F 51 -43.60 21.87 1.20
N GLY F 52 -44.01 21.66 -0.05
CA GLY F 52 -43.08 21.45 -1.18
C GLY F 52 -42.09 22.56 -1.42
N VAL F 53 -42.42 23.76 -0.94
CA VAL F 53 -41.54 24.92 -1.09
C VAL F 53 -40.39 24.80 -0.11
N SER F 54 -40.72 24.48 1.14
CA SER F 54 -39.73 24.37 2.20
C SER F 54 -38.72 23.25 1.91
N VAL F 55 -39.20 22.19 1.25
CA VAL F 55 -38.35 21.06 0.88
C VAL F 55 -37.45 21.44 -0.29
N ALA F 56 -38.03 22.09 -1.28
CA ALA F 56 -37.27 22.51 -2.46
C ALA F 56 -36.13 23.44 -2.08
N ARG F 57 -36.44 24.45 -1.25
CA ARG F 57 -35.45 25.44 -0.81
C ARG F 57 -34.20 24.81 -0.19
N GLU F 58 -34.38 23.68 0.49
CA GLU F 58 -33.28 23.05 1.21
C GLU F 58 -32.37 22.22 0.33
N ILE F 59 -32.85 21.79 -0.83
CA ILE F 59 -32.05 20.95 -1.74
C ILE F 59 -30.91 21.72 -2.41
N GLU F 60 -29.69 21.17 -2.26
CA GLU F 60 -28.47 21.70 -2.87
C GLU F 60 -27.44 20.57 -2.87
N LEU F 61 -27.07 20.11 -4.05
CA LEU F 61 -26.25 18.91 -4.18
C LEU F 61 -24.75 19.13 -4.13
N GLU F 62 -23.99 18.05 -3.91
CA GLU F 62 -22.53 18.12 -3.82
C GLU F 62 -21.89 18.29 -5.19
N ASP F 63 -22.21 17.37 -6.12
CA ASP F 63 -21.68 17.44 -7.48
C ASP F 63 -22.15 18.72 -8.14
N LYS F 64 -21.20 19.59 -8.48
CA LYS F 64 -21.51 20.93 -8.95
C LYS F 64 -22.48 20.93 -10.12
N PHE F 65 -22.30 19.99 -11.04
CA PHE F 65 -23.18 19.84 -12.21
C PHE F 65 -24.59 19.38 -11.83
N GLU F 66 -24.66 18.37 -10.96
CA GLU F 66 -25.93 17.91 -10.42
C GLU F 66 -26.65 19.04 -9.70
N ASN F 67 -25.90 19.79 -8.89
CA ASN F 67 -26.43 20.94 -8.18
C ASN F 67 -27.10 21.92 -9.13
N MET F 68 -26.44 22.20 -10.25
CA MET F 68 -26.97 23.12 -11.25
C MET F 68 -28.34 22.66 -11.73
N GLY F 69 -28.42 21.40 -12.15
CA GLY F 69 -29.67 20.81 -12.58
C GLY F 69 -30.75 21.06 -11.54
N ALA F 70 -30.50 20.58 -10.33
CA ALA F 70 -31.42 20.75 -9.22
C ALA F 70 -31.81 22.22 -9.00
N GLN F 71 -30.82 23.09 -9.01
CA GLN F 71 -31.05 24.51 -8.76
C GLN F 71 -31.83 25.18 -9.87
N MET F 72 -31.81 24.56 -11.05
CA MET F 72 -32.54 25.10 -12.19
C MET F 72 -34.05 24.90 -12.05
N VAL F 73 -34.47 23.68 -11.71
CA VAL F 73 -35.90 23.39 -11.54
C VAL F 73 -36.46 23.99 -10.24
N LYS F 74 -35.55 24.30 -9.32
CA LYS F 74 -35.90 24.94 -8.06
C LYS F 74 -36.38 26.35 -8.35
N GLU F 75 -35.75 27.00 -9.34
CA GLU F 75 -36.10 28.36 -9.77
C GLU F 75 -37.53 28.49 -10.28
N VAL F 76 -38.12 27.36 -10.63
CA VAL F 76 -39.46 27.30 -11.20
C VAL F 76 -40.46 27.19 -10.06
N ALA F 77 -40.22 26.20 -9.19
CA ALA F 77 -41.02 26.00 -8.00
C ALA F 77 -41.25 27.31 -7.26
N SER F 78 -40.17 28.07 -7.03
CA SER F 78 -40.25 29.34 -6.34
C SER F 78 -41.00 30.41 -7.12
N LYS F 79 -40.91 30.34 -8.45
CA LYS F 79 -41.59 31.30 -9.32
C LYS F 79 -43.08 31.01 -9.50
N ALA F 80 -43.43 29.72 -9.46
CA ALA F 80 -44.84 29.31 -9.42
C ALA F 80 -45.50 29.83 -8.13
N ASN F 81 -44.74 29.76 -7.05
CA ASN F 81 -45.12 30.29 -5.73
C ASN F 81 -45.32 31.80 -5.78
N ASP F 82 -44.53 32.49 -6.61
CA ASP F 82 -44.62 33.94 -6.76
C ASP F 82 -45.85 34.36 -7.56
N ALA F 83 -46.27 33.49 -8.47
CA ALA F 83 -47.41 33.76 -9.35
C ALA F 83 -48.76 33.51 -8.66
N ALA F 84 -48.86 32.38 -7.94
CA ALA F 84 -50.12 31.95 -7.32
C ALA F 84 -50.05 31.71 -5.81
N GLY F 85 -48.97 31.07 -5.36
CA GLY F 85 -48.80 30.70 -3.94
C GLY F 85 -49.12 29.22 -3.72
N ASP F 86 -49.73 28.62 -4.74
CA ASP F 86 -50.12 27.24 -4.71
C ASP F 86 -49.47 26.56 -5.91
N GLY F 87 -49.42 25.23 -5.89
CA GLY F 87 -49.02 24.44 -7.05
C GLY F 87 -47.52 24.35 -7.32
N THR F 88 -46.74 24.48 -6.26
CA THR F 88 -45.28 24.42 -6.38
C THR F 88 -44.82 22.99 -6.55
N THR F 89 -45.48 22.07 -5.86
CA THR F 89 -45.19 20.64 -5.99
C THR F 89 -45.70 20.14 -7.34
N THR F 90 -46.86 20.64 -7.75
CA THR F 90 -47.46 20.26 -9.03
C THR F 90 -46.62 20.77 -10.20
N ALA F 91 -45.97 21.91 -10.03
CA ALA F 91 -45.04 22.41 -11.04
C ALA F 91 -43.86 21.46 -11.19
N THR F 92 -43.29 21.06 -10.06
CA THR F 92 -42.05 20.28 -10.02
C THR F 92 -42.26 18.88 -10.58
N VAL F 93 -43.42 18.30 -10.32
CA VAL F 93 -43.71 16.96 -10.83
C VAL F 93 -43.87 16.98 -12.35
N LEU F 94 -44.35 18.12 -12.87
CA LEU F 94 -44.52 18.34 -14.29
C LEU F 94 -43.17 18.53 -14.95
N ALA F 95 -42.39 19.47 -14.41
CA ALA F 95 -41.06 19.78 -14.91
C ALA F 95 -40.21 18.52 -15.08
N GLN F 96 -40.24 17.65 -14.07
CA GLN F 96 -39.49 16.40 -14.12
C GLN F 96 -39.95 15.56 -15.30
N ALA F 97 -41.28 15.43 -15.45
CA ALA F 97 -41.88 14.56 -16.46
C ALA F 97 -41.62 15.01 -17.89
N ILE F 98 -41.46 16.32 -18.08
CA ILE F 98 -41.10 16.88 -19.38
C ILE F 98 -39.61 16.68 -19.63
N ILE F 99 -38.79 16.90 -18.62
CA ILE F 99 -37.33 16.76 -18.73
C ILE F 99 -36.92 15.30 -18.97
N THR F 100 -37.42 14.40 -18.13
CA THR F 100 -37.06 12.99 -18.23
C THR F 100 -37.39 12.43 -19.61
N GLU F 101 -38.62 12.69 -20.07
CA GLU F 101 -39.08 12.19 -21.37
C GLU F 101 -38.47 12.99 -22.53
N GLY F 102 -38.19 14.27 -22.27
CA GLY F 102 -37.57 15.14 -23.25
C GLY F 102 -36.17 14.68 -23.58
N LEU F 103 -35.35 14.56 -22.54
CA LEU F 103 -33.97 14.13 -22.70
C LEU F 103 -33.85 12.76 -23.35
N LYS F 104 -34.83 11.89 -23.09
CA LYS F 104 -34.89 10.57 -23.73
C LYS F 104 -34.90 10.70 -25.24
N ALA F 105 -35.65 11.68 -25.74
CA ALA F 105 -35.76 11.96 -27.17
C ALA F 105 -34.46 12.54 -27.74
N VAL F 106 -33.83 13.42 -26.96
CA VAL F 106 -32.60 14.06 -27.38
C VAL F 106 -31.52 13.00 -27.52
N ALA F 107 -31.47 12.08 -26.56
CA ALA F 107 -30.50 10.98 -26.57
C ALA F 107 -30.79 9.97 -27.67
N ALA F 108 -32.06 9.88 -28.08
CA ALA F 108 -32.48 9.05 -29.21
C ALA F 108 -31.99 9.62 -30.54
N GLY F 109 -31.76 10.94 -30.55
CA GLY F 109 -31.17 11.62 -31.69
C GLY F 109 -32.15 12.56 -32.38
N MET F 110 -32.84 13.36 -31.58
CA MET F 110 -33.82 14.30 -32.10
C MET F 110 -33.41 15.73 -31.79
N ASN F 111 -33.86 16.66 -32.63
CA ASN F 111 -33.48 18.05 -32.52
C ASN F 111 -34.11 18.71 -31.30
N PRO F 112 -33.28 19.17 -30.35
CA PRO F 112 -33.77 19.81 -29.12
C PRO F 112 -34.61 21.05 -29.42
N MET F 113 -34.17 21.84 -30.39
CA MET F 113 -34.88 23.06 -30.74
C MET F 113 -36.27 22.77 -31.30
N ASP F 114 -36.43 21.66 -32.00
CA ASP F 114 -37.73 21.22 -32.47
C ASP F 114 -38.58 20.63 -31.33
N LEU F 115 -37.91 20.02 -30.35
CA LEU F 115 -38.58 19.44 -29.19
C LEU F 115 -39.11 20.53 -28.28
N LYS F 116 -38.37 21.62 -28.15
CA LYS F 116 -38.82 22.75 -27.35
C LYS F 116 -40.08 23.38 -27.96
N ARG F 117 -40.03 23.65 -29.26
CA ARG F 117 -41.16 24.27 -29.97
C ARG F 117 -42.40 23.37 -29.93
N GLY F 118 -42.20 22.06 -29.96
CA GLY F 118 -43.29 21.09 -29.83
C GLY F 118 -43.97 21.17 -28.48
N ILE F 119 -43.16 21.27 -27.42
CA ILE F 119 -43.66 21.42 -26.06
C ILE F 119 -44.41 22.73 -25.90
N ASP F 120 -43.80 23.84 -26.31
CA ASP F 120 -44.38 25.16 -26.11
C ASP F 120 -45.67 25.37 -26.87
N LYS F 121 -45.79 24.75 -28.04
CA LYS F 121 -47.03 24.80 -28.81
C LYS F 121 -48.12 23.97 -28.15
N ALA F 122 -47.73 22.82 -27.61
CA ALA F 122 -48.65 21.97 -26.84
C ALA F 122 -49.13 22.67 -25.58
N VAL F 123 -48.26 23.46 -24.97
CA VAL F 123 -48.59 24.22 -23.76
C VAL F 123 -49.51 25.39 -24.06
N THR F 124 -49.19 26.17 -25.10
CA THR F 124 -50.01 27.33 -25.49
C THR F 124 -51.42 26.88 -25.85
N ALA F 125 -51.52 25.67 -26.42
CA ALA F 125 -52.80 25.05 -26.73
C ALA F 125 -53.49 24.52 -25.47
N ALA F 126 -52.71 24.08 -24.49
CA ALA F 126 -53.23 23.54 -23.25
C ALA F 126 -53.78 24.64 -22.35
N VAL F 127 -53.11 25.79 -22.34
CA VAL F 127 -53.59 26.96 -21.62
C VAL F 127 -54.90 27.47 -22.23
N GLU F 128 -54.98 27.39 -23.55
CA GLU F 128 -56.17 27.79 -24.30
C GLU F 128 -57.34 26.84 -24.05
N GLU F 129 -57.05 25.54 -23.96
CA GLU F 129 -58.04 24.51 -23.66
C GLU F 129 -58.49 24.57 -22.19
N LEU F 130 -57.57 25.00 -21.33
CA LEU F 130 -57.81 25.10 -19.90
C LEU F 130 -58.81 26.20 -19.58
N LYS F 131 -58.73 27.32 -20.31
CA LYS F 131 -59.66 28.43 -20.15
C LYS F 131 -61.08 28.02 -20.46
N ALA F 132 -61.22 27.07 -21.38
CA ALA F 132 -62.52 26.53 -21.77
C ALA F 132 -63.10 25.60 -20.72
N LEU F 133 -62.23 24.90 -20.02
CA LEU F 133 -62.64 23.95 -19.00
C LEU F 133 -62.95 24.66 -17.66
N SER F 134 -62.53 25.92 -17.55
CA SER F 134 -62.66 26.70 -16.32
C SER F 134 -64.11 27.08 -16.02
N VAL F 135 -64.51 26.94 -14.76
CA VAL F 135 -65.82 27.36 -14.28
C VAL F 135 -65.65 28.63 -13.45
N PRO F 136 -66.09 29.80 -13.98
CA PRO F 136 -65.84 31.08 -13.33
C PRO F 136 -66.56 31.25 -11.99
N CYS F 137 -65.99 32.09 -11.13
CA CYS F 137 -66.65 32.49 -9.89
C CYS F 137 -67.00 33.98 -9.94
N SER F 138 -68.26 34.26 -10.27
CA SER F 138 -68.75 35.63 -10.46
C SER F 138 -69.44 36.20 -9.21
N ASP F 139 -70.59 35.62 -8.86
CA ASP F 139 -71.40 36.06 -7.72
C ASP F 139 -70.74 35.73 -6.38
N SER F 140 -71.05 36.52 -5.35
CA SER F 140 -70.44 36.37 -4.01
C SER F 140 -70.92 35.16 -3.21
N LYS F 141 -71.81 34.36 -3.82
CA LYS F 141 -72.30 33.10 -3.23
C LYS F 141 -71.38 31.93 -3.59
N ALA F 142 -70.90 31.91 -4.83
CA ALA F 142 -69.95 30.90 -5.31
C ALA F 142 -68.51 31.22 -4.86
N ILE F 143 -68.26 32.50 -4.55
CA ILE F 143 -66.99 32.96 -3.98
C ILE F 143 -66.82 32.44 -2.56
N ALA F 144 -67.94 32.35 -1.82
CA ALA F 144 -67.95 31.84 -0.46
C ALA F 144 -67.63 30.34 -0.39
N GLN F 145 -68.02 29.60 -1.43
CA GLN F 145 -67.77 28.16 -1.55
C GLN F 145 -66.28 27.81 -1.65
N VAL F 146 -65.52 28.65 -2.36
CA VAL F 146 -64.08 28.44 -2.57
C VAL F 146 -63.28 28.71 -1.29
N GLY F 147 -63.65 29.78 -0.56
CA GLY F 147 -63.01 30.12 0.71
C GLY F 147 -63.30 29.15 1.84
N THR F 148 -64.40 28.41 1.72
CA THR F 148 -64.80 27.43 2.73
C THR F 148 -63.99 26.14 2.64
N ILE F 149 -63.89 25.56 1.43
CA ILE F 149 -63.20 24.27 1.24
C ILE F 149 -61.67 24.39 1.30
N SER F 150 -61.16 25.59 1.00
CA SER F 150 -59.73 25.87 1.07
C SER F 150 -59.23 26.02 2.51
N ALA F 151 -60.16 26.33 3.42
CA ALA F 151 -59.84 26.48 4.84
C ALA F 151 -60.35 25.30 5.68
N ASN F 152 -60.33 24.10 5.07
CA ASN F 152 -60.76 22.85 5.71
C ASN F 152 -62.21 22.87 6.24
N SER F 153 -63.16 23.05 5.31
CA SER F 153 -64.61 23.04 5.59
C SER F 153 -65.08 24.03 6.68
N ASP F 154 -64.40 25.18 6.77
CA ASP F 154 -64.74 26.22 7.74
C ASP F 154 -65.57 27.32 7.09
N GLU F 155 -66.82 27.44 7.53
CA GLU F 155 -67.78 28.39 6.94
C GLU F 155 -67.56 29.82 7.40
N THR F 156 -66.93 30.00 8.55
CA THR F 156 -66.66 31.33 9.12
C THR F 156 -65.62 32.08 8.29
N VAL F 157 -64.68 31.33 7.71
CA VAL F 157 -63.63 31.90 6.88
C VAL F 157 -64.20 32.42 5.57
N GLY F 158 -64.99 31.60 4.88
CA GLY F 158 -65.59 31.95 3.60
C GLY F 158 -66.58 33.11 3.67
N LYS F 159 -67.22 33.27 4.82
CA LYS F 159 -68.18 34.36 5.05
C LYS F 159 -67.47 35.71 5.14
N LEU F 160 -66.28 35.73 5.74
CA LEU F 160 -65.52 36.96 5.91
C LEU F 160 -64.96 37.48 4.60
N ILE F 161 -64.46 36.58 3.77
CA ILE F 161 -63.89 36.93 2.47
C ILE F 161 -64.97 37.55 1.58
N ALA F 162 -66.14 36.91 1.52
CA ALA F 162 -67.27 37.40 0.72
C ALA F 162 -67.73 38.80 1.15
N GLU F 163 -67.72 39.05 2.45
CA GLU F 163 -68.07 40.37 3.01
C GLU F 163 -66.99 41.41 2.73
N ALA F 164 -65.74 40.95 2.68
CA ALA F 164 -64.61 41.83 2.37
C ALA F 164 -64.60 42.23 0.91
N MET F 165 -64.93 41.28 0.03
CA MET F 165 -64.97 41.54 -1.41
C MET F 165 -66.22 42.33 -1.82
N ASP F 166 -67.22 42.33 -0.96
CA ASP F 166 -68.44 43.09 -1.21
C ASP F 166 -68.26 44.56 -0.85
N LYS F 167 -67.18 44.86 -0.14
CA LYS F 167 -66.87 46.23 0.30
C LYS F 167 -65.93 46.98 -0.65
N VAL F 168 -64.80 46.36 -0.98
CA VAL F 168 -63.78 46.99 -1.83
C VAL F 168 -63.85 46.55 -3.29
N GLY F 169 -64.56 45.46 -3.55
CA GLY F 169 -64.72 44.94 -4.91
C GLY F 169 -63.81 43.78 -5.19
N LYS F 170 -63.85 43.29 -6.42
CA LYS F 170 -63.06 42.14 -6.83
C LYS F 170 -61.61 42.53 -7.11
N GLU F 171 -61.42 43.80 -7.47
CA GLU F 171 -60.11 44.36 -7.75
C GLU F 171 -59.50 44.99 -6.50
N GLY F 172 -60.34 45.17 -5.47
CA GLY F 172 -59.95 45.84 -4.23
C GLY F 172 -58.87 45.14 -3.42
N VAL F 173 -58.28 45.86 -2.47
CA VAL F 173 -57.17 45.35 -1.67
C VAL F 173 -57.67 44.80 -0.33
N ILE F 174 -57.34 43.53 -0.05
CA ILE F 174 -57.77 42.87 1.19
C ILE F 174 -56.57 42.36 1.99
N THR F 175 -56.52 42.72 3.27
CA THR F 175 -55.42 42.33 4.15
C THR F 175 -55.92 41.75 5.48
N VAL F 176 -55.16 40.80 6.01
CA VAL F 176 -55.46 40.15 7.28
C VAL F 176 -54.41 40.48 8.32
N GLU F 177 -54.88 40.84 9.52
CA GLU F 177 -53.99 41.06 10.67
C GLU F 177 -54.58 40.46 11.95
N ASP F 178 -53.79 40.50 13.03
CA ASP F 178 -54.17 39.94 14.33
C ASP F 178 -55.43 40.62 14.91
N GLY F 179 -56.26 39.82 15.57
CA GLY F 179 -57.52 40.30 16.14
C GLY F 179 -57.36 40.94 17.51
N THR F 180 -58.39 41.69 17.90
CA THR F 180 -58.39 42.40 19.18
C THR F 180 -59.03 41.58 20.31
N GLY F 181 -60.00 40.74 19.95
CA GLY F 181 -60.74 39.98 20.95
C GLY F 181 -61.37 38.70 20.45
N LEU F 182 -62.68 38.59 20.64
CA LEU F 182 -63.41 37.34 20.44
C LEU F 182 -64.27 37.28 19.17
N GLN F 183 -64.43 38.41 18.49
CA GLN F 183 -65.21 38.43 17.26
C GLN F 183 -64.43 38.97 16.08
N ASP F 184 -64.72 38.42 14.90
CA ASP F 184 -64.08 38.84 13.67
C ASP F 184 -64.55 40.24 13.28
N GLU F 185 -63.58 41.14 13.10
CA GLU F 185 -63.89 42.53 12.76
C GLU F 185 -63.53 42.84 11.31
N LEU F 186 -64.23 43.80 10.73
CA LEU F 186 -64.02 44.19 9.33
C LEU F 186 -64.25 45.68 9.13
N ASP F 187 -63.16 46.41 8.91
CA ASP F 187 -63.24 47.85 8.62
C ASP F 187 -62.56 48.16 7.29
N VAL F 188 -62.97 49.26 6.65
CA VAL F 188 -62.32 49.75 5.45
C VAL F 188 -61.61 51.06 5.79
N VAL F 189 -60.28 51.01 5.82
CA VAL F 189 -59.47 52.17 6.16
C VAL F 189 -58.70 52.71 4.97
N GLU F 190 -58.33 53.99 5.06
CA GLU F 190 -57.66 54.69 3.96
C GLU F 190 -56.23 54.14 3.75
N GLY F 191 -56.05 53.40 2.66
CA GLY F 191 -54.75 52.79 2.33
C GLY F 191 -54.54 52.61 0.84
N MET F 192 -53.40 52.02 0.48
CA MET F 192 -53.01 51.84 -0.91
C MET F 192 -52.06 50.66 -1.10
N GLN F 193 -52.12 50.03 -2.27
CA GLN F 193 -51.19 48.95 -2.62
C GLN F 193 -50.63 49.14 -4.03
N PHE F 194 -49.31 49.06 -4.16
CA PHE F 194 -48.64 49.20 -5.46
C PHE F 194 -47.68 48.05 -5.79
N ASP F 195 -47.22 48.03 -7.05
CA ASP F 195 -46.37 46.96 -7.62
C ASP F 195 -44.87 47.24 -7.48
N ARG F 196 -44.35 47.09 -6.25
CA ARG F 196 -42.91 47.17 -5.95
C ARG F 196 -42.59 46.30 -4.74
N GLY F 197 -41.33 45.92 -4.57
CA GLY F 197 -40.96 44.99 -3.51
C GLY F 197 -39.67 45.31 -2.78
N TYR F 198 -39.25 44.39 -1.91
CA TYR F 198 -38.03 44.59 -1.12
C TYR F 198 -36.81 44.74 -2.02
N LEU F 199 -36.01 45.76 -1.74
CA LEU F 199 -34.87 46.06 -2.57
C LEU F 199 -33.76 45.03 -2.36
N SER F 200 -33.76 44.43 -1.17
CA SER F 200 -32.82 43.36 -0.83
C SER F 200 -33.50 42.34 0.09
N PRO F 201 -33.35 41.04 -0.22
CA PRO F 201 -34.03 39.97 0.53
C PRO F 201 -33.63 39.84 2.00
N TYR F 202 -32.55 40.50 2.41
CA TYR F 202 -32.14 40.49 3.82
C TYR F 202 -33.02 41.39 4.67
N PHE F 203 -34.03 41.97 4.01
CA PHE F 203 -35.04 42.80 4.67
C PHE F 203 -36.20 41.99 5.27
N ILE F 204 -36.35 40.74 4.83
CA ILE F 204 -37.37 39.82 5.35
C ILE F 204 -37.17 39.56 6.85
N ASN F 205 -37.87 40.31 7.70
CA ASN F 205 -37.80 40.07 9.13
C ASN F 205 -38.64 38.86 9.51
N LYS F 206 -39.72 38.62 8.75
CA LYS F 206 -40.62 37.48 8.97
C LYS F 206 -40.67 36.51 7.77
N PRO F 207 -39.83 35.46 7.80
CA PRO F 207 -39.68 34.47 6.71
C PRO F 207 -40.71 33.32 6.71
N GLU F 208 -41.71 33.39 7.59
CA GLU F 208 -42.81 32.42 7.61
C GLU F 208 -43.72 32.66 6.41
N THR F 209 -43.48 33.80 5.75
CA THR F 209 -44.25 34.26 4.60
C THR F 209 -43.32 34.67 3.47
N GLY F 210 -42.05 34.87 3.81
CA GLY F 210 -41.10 35.49 2.90
C GLY F 210 -41.49 36.93 2.68
N ALA F 211 -41.63 37.69 3.77
CA ALA F 211 -42.11 39.06 3.73
C ALA F 211 -41.49 39.98 4.79
N VAL F 212 -41.58 41.28 4.55
CA VAL F 212 -41.10 42.31 5.48
C VAL F 212 -42.31 42.95 6.20
N GLU F 213 -42.34 42.84 7.52
CA GLU F 213 -43.52 43.24 8.27
C GLU F 213 -43.19 44.21 9.40
N LEU F 214 -43.08 45.49 9.05
CA LEU F 214 -42.84 46.55 10.04
C LEU F 214 -44.16 46.94 10.71
N GLU F 215 -44.10 47.29 11.99
CA GLU F 215 -45.33 47.59 12.73
C GLU F 215 -45.34 48.99 13.33
N SER F 216 -46.37 49.74 12.96
CA SER F 216 -46.47 51.19 13.21
C SER F 216 -45.17 51.91 12.81
N PRO F 217 -44.72 51.71 11.56
CA PRO F 217 -43.44 52.24 11.12
C PRO F 217 -43.54 53.63 10.51
N PHE F 218 -42.40 54.31 10.46
CA PHE F 218 -42.29 55.59 9.76
C PHE F 218 -42.02 55.35 8.29
N ILE F 219 -42.27 56.38 7.48
CA ILE F 219 -42.09 56.27 6.04
C ILE F 219 -41.28 57.46 5.55
N LEU F 220 -40.25 57.16 4.77
CA LEU F 220 -39.41 58.19 4.16
C LEU F 220 -39.58 58.22 2.65
N LEU F 221 -39.75 59.43 2.12
CA LEU F 221 -39.95 59.64 0.70
C LEU F 221 -38.85 60.56 0.15
N ALA F 222 -38.19 60.10 -0.93
CA ALA F 222 -37.10 60.86 -1.56
C ALA F 222 -37.16 60.82 -3.09
N ASP F 223 -37.05 62.01 -3.70
CA ASP F 223 -37.05 62.17 -5.16
C ASP F 223 -35.67 61.89 -5.78
N LYS F 224 -34.68 61.63 -4.92
CA LYS F 224 -33.31 61.34 -5.37
C LYS F 224 -32.94 59.87 -5.18
N LYS F 225 -31.91 59.43 -5.90
CA LYS F 225 -31.29 58.14 -5.66
C LYS F 225 -30.45 58.23 -4.40
N ILE F 226 -30.31 57.11 -3.69
CA ILE F 226 -29.59 57.09 -2.42
C ILE F 226 -28.33 56.22 -2.49
N SER F 227 -27.18 56.89 -2.49
CA SER F 227 -25.90 56.20 -2.64
C SER F 227 -25.10 56.23 -1.33
N ASN F 228 -24.98 57.41 -0.73
CA ASN F 228 -24.18 57.60 0.49
C ASN F 228 -25.02 57.50 1.75
N ILE F 229 -24.41 57.02 2.84
CA ILE F 229 -25.10 56.84 4.12
C ILE F 229 -25.31 58.19 4.85
N ARG F 230 -24.32 59.07 4.75
CA ARG F 230 -24.36 60.40 5.35
C ARG F 230 -25.68 61.12 5.11
N GLU F 231 -26.29 60.84 3.95
CA GLU F 231 -27.56 61.43 3.54
C GLU F 231 -28.69 61.21 4.54
N MET F 232 -28.62 60.10 5.28
CA MET F 232 -29.72 59.71 6.17
C MET F 232 -29.36 59.67 7.66
N LEU F 233 -28.12 60.02 8.00
CA LEU F 233 -27.66 59.98 9.40
C LEU F 233 -28.55 60.76 10.37
N PRO F 234 -29.04 61.96 9.99
CA PRO F 234 -29.90 62.67 10.91
C PRO F 234 -31.36 62.25 10.81
N VAL F 235 -31.61 61.13 10.14
CA VAL F 235 -32.95 60.55 10.04
C VAL F 235 -32.96 59.15 10.65
N LEU F 236 -32.01 58.31 10.22
CA LEU F 236 -31.86 56.93 10.69
C LEU F 236 -31.64 56.83 12.20
N GLU F 237 -30.58 57.47 12.69
CA GLU F 237 -30.31 57.53 14.13
C GLU F 237 -30.99 58.76 14.76
N ALA F 238 -32.08 59.16 14.11
CA ALA F 238 -33.08 60.10 14.64
C ALA F 238 -34.47 59.45 14.60
N VAL F 239 -34.52 58.21 14.16
CA VAL F 239 -35.71 57.35 14.24
C VAL F 239 -35.51 56.32 15.35
N ALA F 240 -34.25 56.01 15.62
CA ALA F 240 -33.87 55.13 16.73
C ALA F 240 -34.33 55.73 18.07
N LYS F 241 -34.22 57.05 18.20
CA LYS F 241 -34.88 57.78 19.28
C LYS F 241 -36.38 57.66 19.03
N ALA F 242 -37.14 57.32 20.07
CA ALA F 242 -38.53 56.83 19.93
C ALA F 242 -38.56 55.62 18.98
N GLY F 243 -37.99 54.51 19.45
CA GLY F 243 -37.72 53.31 18.65
C GLY F 243 -38.87 52.73 17.87
N LYS F 244 -38.88 53.01 16.57
CA LYS F 244 -39.86 52.45 15.66
C LYS F 244 -39.23 52.10 14.31
N PRO F 245 -39.73 51.05 13.64
CA PRO F 245 -39.27 50.65 12.30
C PRO F 245 -39.42 51.75 11.24
N LEU F 246 -38.78 51.57 10.08
CA LEU F 246 -38.75 52.61 9.06
C LEU F 246 -38.79 52.11 7.60
N LEU F 247 -39.63 52.75 6.79
CA LEU F 247 -39.79 52.37 5.38
C LEU F 247 -39.16 53.44 4.49
N ILE F 248 -38.38 53.00 3.51
CA ILE F 248 -37.68 53.89 2.57
C ILE F 248 -38.17 53.73 1.14
N ILE F 249 -39.04 54.64 0.71
CA ILE F 249 -39.46 54.70 -0.68
C ILE F 249 -38.71 55.85 -1.36
N ALA F 250 -37.95 55.50 -2.40
CA ALA F 250 -37.21 56.47 -3.20
C ALA F 250 -36.90 55.87 -4.58
N GLU F 251 -36.56 56.72 -5.54
CA GLU F 251 -36.25 56.27 -6.90
C GLU F 251 -35.58 54.91 -6.85
N ASP F 252 -34.46 54.84 -6.12
CA ASP F 252 -33.77 53.59 -5.82
C ASP F 252 -32.78 53.79 -4.66
N VAL F 253 -32.29 52.68 -4.12
CA VAL F 253 -31.23 52.69 -3.11
C VAL F 253 -30.11 51.74 -3.58
N GLU F 254 -28.86 52.21 -3.54
CA GLU F 254 -27.74 51.47 -4.13
C GLU F 254 -26.53 51.28 -3.23
N GLY F 255 -25.75 50.25 -3.54
CA GLY F 255 -24.43 50.01 -2.94
C GLY F 255 -24.23 50.39 -1.49
N GLU F 256 -23.40 51.40 -1.27
CA GLU F 256 -23.00 51.84 0.07
C GLU F 256 -24.19 52.15 0.98
N ALA F 257 -25.20 52.82 0.45
CA ALA F 257 -26.39 53.14 1.21
C ALA F 257 -27.18 51.87 1.54
N LEU F 258 -27.31 50.98 0.57
CA LEU F 258 -28.10 49.76 0.72
C LEU F 258 -27.45 48.76 1.67
N ALA F 259 -26.17 48.46 1.41
CA ALA F 259 -25.42 47.46 2.17
C ALA F 259 -25.40 47.77 3.66
N THR F 260 -25.33 49.05 4.00
CA THR F 260 -25.28 49.49 5.40
C THR F 260 -26.62 49.32 6.14
N LEU F 261 -27.73 49.56 5.45
CA LEU F 261 -29.06 49.39 6.04
C LEU F 261 -29.36 47.91 6.30
N VAL F 262 -28.93 47.08 5.35
CA VAL F 262 -29.10 45.62 5.38
C VAL F 262 -28.35 44.96 6.54
N VAL F 263 -27.09 45.31 6.73
CA VAL F 263 -26.34 44.77 7.86
C VAL F 263 -26.88 45.31 9.18
N ASN F 264 -27.19 46.61 9.22
CA ASN F 264 -27.73 47.25 10.42
C ASN F 264 -28.95 46.56 10.99
N THR F 265 -29.91 46.26 10.10
CA THR F 265 -31.19 45.70 10.49
C THR F 265 -31.11 44.25 11.02
N MET F 266 -30.37 43.38 10.33
CA MET F 266 -30.22 42.00 10.78
C MET F 266 -29.33 41.90 12.02
N ARG F 267 -28.31 42.75 12.09
CA ARG F 267 -27.42 42.82 13.25
C ARG F 267 -28.18 43.18 14.52
N GLY F 268 -29.16 44.06 14.38
CA GLY F 268 -30.07 44.39 15.46
C GLY F 268 -30.53 45.83 15.50
N ILE F 269 -29.61 46.74 15.15
CA ILE F 269 -29.83 48.17 15.33
C ILE F 269 -30.86 48.73 14.34
N VAL F 270 -32.10 48.82 14.81
CA VAL F 270 -33.23 49.45 14.07
C VAL F 270 -33.68 48.71 12.80
N LYS F 271 -34.93 48.25 12.81
CA LYS F 271 -35.55 47.60 11.65
C LYS F 271 -35.96 48.62 10.59
N VAL F 272 -35.43 48.44 9.38
CA VAL F 272 -35.75 49.32 8.27
C VAL F 272 -36.19 48.48 7.07
N ALA F 273 -36.96 49.12 6.18
CA ALA F 273 -37.35 48.53 4.91
C ALA F 273 -37.11 49.56 3.80
N ALA F 274 -36.58 49.11 2.68
CA ALA F 274 -36.28 49.98 1.54
C ALA F 274 -36.87 49.47 0.23
N VAL F 275 -37.67 50.32 -0.41
CA VAL F 275 -38.36 49.93 -1.63
C VAL F 275 -38.27 51.01 -2.72
N LYS F 276 -38.28 50.56 -3.97
CA LYS F 276 -38.20 51.43 -5.13
C LYS F 276 -39.55 52.14 -5.33
N ALA F 277 -39.49 53.41 -5.73
CA ALA F 277 -40.70 54.22 -5.98
C ALA F 277 -41.54 53.68 -7.15
N PRO F 278 -42.87 53.90 -7.12
CA PRO F 278 -43.77 53.33 -8.14
C PRO F 278 -43.75 54.10 -9.46
N GLY F 279 -44.18 53.44 -10.54
CA GLY F 279 -44.14 54.02 -11.88
C GLY F 279 -42.72 54.34 -12.32
N PHE F 280 -42.57 55.35 -13.18
CA PHE F 280 -41.24 55.82 -13.60
C PHE F 280 -41.27 57.18 -14.33
N GLY F 281 -40.15 57.88 -14.27
CA GLY F 281 -39.94 59.10 -15.05
C GLY F 281 -40.68 60.34 -14.60
N ASP F 282 -41.59 60.80 -15.46
CA ASP F 282 -42.27 62.09 -15.31
C ASP F 282 -43.46 62.04 -14.33
N ARG F 283 -44.21 60.94 -14.41
CA ARG F 283 -45.43 60.75 -13.62
C ARG F 283 -45.21 59.88 -12.37
N ARG F 284 -43.95 59.57 -12.09
CA ARG F 284 -43.55 58.95 -10.83
C ARG F 284 -43.64 59.97 -9.70
N LYS F 285 -43.17 61.19 -10.00
CA LYS F 285 -43.13 62.31 -9.06
C LYS F 285 -44.50 62.63 -8.49
N ALA F 286 -45.53 62.42 -9.31
CA ALA F 286 -46.90 62.60 -8.87
C ALA F 286 -47.38 61.41 -8.04
N MET F 287 -46.98 60.21 -8.44
CA MET F 287 -47.31 58.97 -7.71
C MET F 287 -46.73 58.95 -6.30
N LEU F 288 -45.64 59.69 -6.10
CA LEU F 288 -44.97 59.81 -4.80
C LEU F 288 -45.66 60.78 -3.85
N GLN F 289 -45.85 62.02 -4.30
CA GLN F 289 -46.61 63.00 -3.52
C GLN F 289 -48.02 62.46 -3.30
N ASP F 290 -48.46 61.59 -4.21
CA ASP F 290 -49.71 60.85 -4.09
C ASP F 290 -49.73 59.90 -2.88
N ILE F 291 -48.61 59.24 -2.63
CA ILE F 291 -48.43 58.42 -1.43
C ILE F 291 -48.28 59.34 -0.22
N ALA F 292 -47.57 60.45 -0.42
CA ALA F 292 -47.29 61.41 0.64
C ALA F 292 -48.56 61.91 1.33
N THR F 293 -49.60 62.18 0.54
CA THR F 293 -50.87 62.66 1.10
C THR F 293 -51.58 61.56 1.89
N LEU F 294 -51.50 60.32 1.39
CA LEU F 294 -52.07 59.15 2.05
C LEU F 294 -51.38 58.93 3.40
N THR F 295 -50.10 59.29 3.46
CA THR F 295 -49.24 58.93 4.57
C THR F 295 -48.89 60.09 5.50
N GLY F 296 -49.30 61.31 5.14
CA GLY F 296 -49.13 62.49 5.98
C GLY F 296 -47.69 62.88 6.28
N GLY F 297 -46.84 62.81 5.25
CA GLY F 297 -45.46 63.27 5.34
C GLY F 297 -45.15 64.20 4.19
N THR F 298 -43.87 64.53 4.03
CA THR F 298 -43.45 65.40 2.92
C THR F 298 -42.38 64.70 2.07
N VAL F 299 -42.35 65.03 0.78
CA VAL F 299 -41.37 64.44 -0.14
C VAL F 299 -40.14 65.33 -0.30
N ILE F 300 -38.98 64.76 0.01
CA ILE F 300 -37.71 65.44 -0.19
C ILE F 300 -37.36 65.37 -1.67
N SER F 301 -37.30 66.54 -2.31
CA SER F 301 -37.01 66.63 -3.73
C SER F 301 -35.76 67.46 -4.02
N GLU F 302 -34.85 66.88 -4.81
CA GLU F 302 -33.62 67.53 -5.22
C GLU F 302 -33.86 68.75 -6.12
N GLU F 303 -35.00 68.74 -6.81
CA GLU F 303 -35.35 69.80 -7.78
C GLU F 303 -35.71 71.13 -7.13
N ILE F 304 -36.54 71.08 -6.08
CA ILE F 304 -37.00 72.29 -5.38
C ILE F 304 -35.88 72.86 -4.50
N GLY F 305 -35.09 71.98 -3.89
CA GLY F 305 -33.95 72.39 -3.08
C GLY F 305 -33.97 71.77 -1.70
N MET F 306 -34.46 70.54 -1.62
CA MET F 306 -34.55 69.83 -0.35
C MET F 306 -33.46 68.77 -0.20
N GLU F 307 -32.67 68.91 0.86
CA GLU F 307 -31.63 67.93 1.20
C GLU F 307 -32.20 66.90 2.15
N LEU F 308 -32.00 65.62 1.83
CA LEU F 308 -32.45 64.51 2.68
C LEU F 308 -31.83 64.63 4.08
N GLU F 309 -30.60 65.15 4.11
CA GLU F 309 -29.86 65.40 5.34
C GLU F 309 -30.59 66.33 6.30
N LYS F 310 -31.58 67.06 5.78
CA LYS F 310 -32.46 67.88 6.61
C LYS F 310 -33.93 67.43 6.51
N ALA F 311 -34.35 66.59 7.45
CA ALA F 311 -35.74 66.13 7.58
C ALA F 311 -35.98 65.59 8.99
N THR F 312 -37.01 66.10 9.67
CA THR F 312 -37.35 65.63 11.02
C THR F 312 -38.53 64.64 11.01
N LEU F 313 -39.04 64.34 12.20
CA LEU F 313 -40.23 63.50 12.39
C LEU F 313 -41.40 63.99 11.54
N GLU F 314 -41.67 65.30 11.63
CA GLU F 314 -42.75 65.96 10.90
C GLU F 314 -42.52 65.87 9.38
N ASP F 315 -41.27 66.09 8.97
CA ASP F 315 -40.90 66.01 7.56
C ASP F 315 -40.95 64.55 7.05
N LEU F 316 -41.25 63.62 7.95
CA LEU F 316 -41.50 62.20 7.61
C LEU F 316 -42.96 61.81 7.75
N GLY F 317 -43.32 60.63 7.23
CA GLY F 317 -44.70 60.14 7.25
C GLY F 317 -44.91 58.88 8.09
N GLN F 318 -46.10 58.75 8.66
CA GLN F 318 -46.43 57.64 9.55
C GLN F 318 -47.55 56.75 9.01
N ALA F 319 -47.25 55.46 8.87
CA ALA F 319 -48.27 54.45 8.59
C ALA F 319 -48.43 53.58 9.83
N LYS F 320 -49.43 52.72 9.86
CA LYS F 320 -49.65 51.88 11.03
C LYS F 320 -49.41 50.39 10.77
N ARG F 321 -48.80 50.11 9.61
CA ARG F 321 -48.36 48.76 9.25
C ARG F 321 -48.00 48.71 7.77
N VAL F 322 -46.91 48.03 7.45
CA VAL F 322 -46.53 47.79 6.06
C VAL F 322 -46.09 46.34 5.81
N VAL F 323 -46.57 45.78 4.72
CA VAL F 323 -46.21 44.45 4.28
C VAL F 323 -45.47 44.61 2.96
N ILE F 324 -44.36 43.89 2.81
CA ILE F 324 -43.54 43.97 1.61
C ILE F 324 -43.14 42.57 1.18
N ASN F 325 -43.56 42.19 -0.01
CA ASN F 325 -43.16 40.93 -0.63
C ASN F 325 -42.03 41.13 -1.63
N LYS F 326 -41.77 40.11 -2.45
CA LYS F 326 -40.82 40.21 -3.55
C LYS F 326 -41.20 41.33 -4.52
N ASP F 327 -42.49 41.41 -4.85
CA ASP F 327 -43.01 42.34 -5.87
C ASP F 327 -44.16 43.23 -5.38
N THR F 328 -44.65 42.98 -4.17
CA THR F 328 -45.79 43.73 -3.63
C THR F 328 -45.40 44.53 -2.39
N THR F 329 -45.70 45.82 -2.41
CA THR F 329 -45.58 46.67 -1.21
C THR F 329 -46.94 47.24 -0.89
N THR F 330 -47.37 47.07 0.37
CA THR F 330 -48.69 47.52 0.78
C THR F 330 -48.71 48.27 2.11
N ILE F 331 -49.09 49.54 2.05
CA ILE F 331 -49.24 50.38 3.23
C ILE F 331 -50.64 50.16 3.82
N ILE F 332 -50.72 49.89 5.12
CA ILE F 332 -52.00 49.66 5.78
C ILE F 332 -52.30 50.72 6.85
N ASP F 333 -53.50 51.31 6.74
CA ASP F 333 -53.96 52.36 7.66
C ASP F 333 -52.90 53.41 7.95
N GLY F 334 -52.71 54.31 6.99
CA GLY F 334 -51.71 55.38 7.11
C GLY F 334 -52.31 56.66 7.65
N VAL F 335 -51.66 57.22 8.66
CA VAL F 335 -52.11 58.49 9.26
C VAL F 335 -52.21 59.53 8.17
N GLY F 336 -53.35 60.21 8.12
CA GLY F 336 -53.57 61.22 7.11
C GLY F 336 -54.94 61.78 7.25
N GLU F 337 -55.02 63.11 7.27
CA GLU F 337 -56.30 63.80 7.34
C GLU F 337 -56.98 63.71 5.97
N GLU F 338 -58.31 63.78 5.98
CA GLU F 338 -59.09 63.76 4.75
C GLU F 338 -59.31 65.14 4.15
N ALA F 339 -58.82 66.17 4.84
CA ALA F 339 -58.81 67.55 4.33
C ALA F 339 -57.76 67.72 3.21
N ALA F 340 -56.72 66.89 3.27
CA ALA F 340 -55.74 66.78 2.20
C ALA F 340 -56.09 65.65 1.22
N ILE F 341 -56.99 64.75 1.66
CA ILE F 341 -57.47 63.65 0.81
C ILE F 341 -58.63 64.06 -0.10
N GLN F 342 -59.62 64.76 0.46
CA GLN F 342 -60.63 65.46 -0.35
C GLN F 342 -59.88 66.35 -1.34
N GLY F 343 -58.85 67.05 -0.84
CA GLY F 343 -57.99 67.90 -1.66
C GLY F 343 -56.96 67.16 -2.50
N ARG F 344 -57.12 65.84 -2.61
CA ARG F 344 -56.27 65.04 -3.50
C ARG F 344 -57.12 64.15 -4.39
N VAL F 345 -58.18 63.56 -3.82
CA VAL F 345 -59.15 62.78 -4.59
C VAL F 345 -59.83 63.65 -5.65
N ALA F 346 -60.24 64.86 -5.26
CA ALA F 346 -60.89 65.80 -6.17
C ALA F 346 -59.91 66.53 -7.08
N GLN F 347 -58.67 66.72 -6.62
CA GLN F 347 -57.62 67.35 -7.43
C GLN F 347 -57.24 66.46 -8.62
N ILE F 348 -57.14 65.16 -8.37
CA ILE F 348 -56.87 64.19 -9.43
C ILE F 348 -58.10 64.03 -10.31
N ARG F 349 -59.28 64.08 -9.70
CA ARG F 349 -60.55 64.05 -10.43
C ARG F 349 -60.69 65.27 -11.35
N GLN F 350 -59.89 66.30 -11.07
CA GLN F 350 -59.84 67.51 -11.89
C GLN F 350 -58.94 67.31 -13.11
N GLN F 351 -57.84 66.58 -12.93
CA GLN F 351 -56.91 66.28 -14.02
C GLN F 351 -57.52 65.32 -15.05
N ILE F 352 -58.53 64.57 -14.61
CA ILE F 352 -59.22 63.58 -15.45
C ILE F 352 -60.14 64.25 -16.48
N GLU F 353 -60.96 65.18 -16.01
CA GLU F 353 -61.87 65.93 -16.88
C GLU F 353 -61.11 66.99 -17.68
N GLU F 354 -59.80 67.06 -17.43
CA GLU F 354 -58.88 67.93 -18.17
C GLU F 354 -57.77 67.10 -18.82
N ALA F 355 -58.09 65.86 -19.16
CA ALA F 355 -57.15 64.95 -19.80
C ALA F 355 -57.23 65.02 -21.32
N THR F 356 -56.08 65.10 -21.96
CA THR F 356 -56.01 65.20 -23.42
C THR F 356 -55.57 63.89 -24.07
N SER F 357 -55.82 62.77 -23.39
CA SER F 357 -55.44 61.45 -23.89
C SER F 357 -56.28 60.31 -23.32
N ASP F 358 -56.43 59.24 -24.10
CA ASP F 358 -57.10 58.01 -23.67
C ASP F 358 -56.29 57.32 -22.57
N TYR F 359 -54.97 57.48 -22.65
CA TYR F 359 -54.02 56.84 -21.74
C TYR F 359 -53.75 57.69 -20.50
N ASP F 360 -53.44 58.97 -20.71
CA ASP F 360 -53.18 59.90 -19.62
C ASP F 360 -54.35 59.93 -18.63
N ARG F 361 -55.52 59.50 -19.09
CA ARG F 361 -56.72 59.44 -18.26
C ARG F 361 -56.77 58.16 -17.44
N GLU F 362 -56.68 57.01 -18.10
CA GLU F 362 -56.75 55.70 -17.45
C GLU F 362 -55.52 55.34 -16.63
N LYS F 363 -54.58 56.28 -16.55
CA LYS F 363 -53.43 56.16 -15.65
C LYS F 363 -53.59 57.10 -14.45
N LEU F 364 -54.66 57.89 -14.50
CA LEU F 364 -55.11 58.64 -13.33
C LEU F 364 -56.27 57.90 -12.66
N GLN F 365 -56.96 57.08 -13.45
CA GLN F 365 -57.99 56.18 -12.93
C GLN F 365 -57.34 54.95 -12.28
N GLU F 366 -56.11 54.62 -12.68
CA GLU F 366 -55.35 53.58 -12.00
C GLU F 366 -54.78 54.10 -10.68
N ARG F 367 -54.70 55.42 -10.55
CA ARG F 367 -54.30 56.06 -9.30
C ARG F 367 -55.46 56.15 -8.30
N VAL F 368 -56.56 56.77 -8.72
CA VAL F 368 -57.73 56.96 -7.85
C VAL F 368 -58.38 55.66 -7.37
N ALA F 369 -58.21 54.58 -8.13
CA ALA F 369 -58.75 53.27 -7.78
C ALA F 369 -58.06 52.74 -6.52
N LYS F 370 -56.74 52.87 -6.49
CA LYS F 370 -55.94 52.46 -5.35
C LYS F 370 -56.08 53.48 -4.22
N LEU F 371 -55.96 54.76 -4.56
CA LEU F 371 -55.94 55.84 -3.57
C LEU F 371 -57.25 55.97 -2.78
N ALA F 372 -58.38 55.96 -3.48
CA ALA F 372 -59.69 56.15 -2.83
C ALA F 372 -60.32 54.84 -2.38
N GLY F 373 -59.89 53.74 -3.01
CA GLY F 373 -60.38 52.39 -2.68
C GLY F 373 -60.05 51.96 -1.27
N GLY F 374 -58.85 52.27 -0.82
CA GLY F 374 -58.42 51.92 0.53
C GLY F 374 -58.02 50.46 0.64
N VAL F 375 -57.92 49.98 1.87
CA VAL F 375 -57.52 48.60 2.13
C VAL F 375 -58.43 47.96 3.17
N ALA F 376 -58.68 46.66 3.03
CA ALA F 376 -59.50 45.91 3.98
C ALA F 376 -58.67 45.29 5.11
N VAL F 377 -59.29 45.16 6.28
CA VAL F 377 -58.62 44.66 7.48
C VAL F 377 -59.52 43.66 8.22
N ILE F 378 -59.07 42.42 8.30
CA ILE F 378 -59.83 41.36 8.96
C ILE F 378 -59.20 40.99 10.29
N LYS F 379 -59.83 41.43 11.38
CA LYS F 379 -59.34 41.14 12.72
C LYS F 379 -59.87 39.78 13.17
N VAL F 380 -59.05 38.75 12.94
CA VAL F 380 -59.41 37.38 13.30
C VAL F 380 -59.08 37.11 14.77
N GLY F 381 -60.06 36.69 15.54
CA GLY F 381 -59.86 36.39 16.95
C GLY F 381 -61.03 35.61 17.53
N ALA F 382 -60.77 34.39 17.98
CA ALA F 382 -61.81 33.52 18.50
C ALA F 382 -61.35 32.73 19.72
N ALA F 383 -61.05 33.46 20.80
CA ALA F 383 -60.63 32.91 22.09
C ALA F 383 -59.26 32.23 22.05
N THR F 384 -58.39 32.67 22.96
CA THR F 384 -57.01 32.14 23.14
C THR F 384 -56.04 32.38 21.95
N GLU F 385 -54.87 32.91 22.29
CA GLU F 385 -53.82 33.26 21.34
C GLU F 385 -53.45 32.11 20.42
N VAL F 386 -53.31 30.92 20.99
CA VAL F 386 -52.96 29.71 20.23
C VAL F 386 -53.97 29.48 19.13
N GLU F 387 -55.26 29.54 19.48
CA GLU F 387 -56.36 29.25 18.55
C GLU F 387 -56.63 30.38 17.56
N MET F 388 -56.11 31.57 17.87
CA MET F 388 -56.27 32.74 17.02
C MET F 388 -55.35 32.68 15.80
N LYS F 389 -54.09 32.32 16.02
CA LYS F 389 -53.09 32.22 14.95
C LYS F 389 -53.38 31.06 14.01
N GLU F 390 -54.07 30.03 14.52
CA GLU F 390 -54.49 28.88 13.72
C GLU F 390 -55.51 29.31 12.67
N LYS F 391 -56.29 30.33 13.00
CA LYS F 391 -57.31 30.86 12.09
C LYS F 391 -56.73 31.94 11.16
N LYS F 392 -55.72 32.66 11.64
CA LYS F 392 -55.02 33.65 10.82
C LYS F 392 -54.33 33.00 9.62
N ALA F 393 -54.07 31.70 9.74
CA ALA F 393 -53.41 30.94 8.69
C ALA F 393 -54.39 30.46 7.62
N ARG F 394 -55.53 29.92 8.05
CA ARG F 394 -56.53 29.35 7.15
C ARG F 394 -57.31 30.40 6.34
N VAL F 395 -57.06 31.67 6.64
CA VAL F 395 -57.67 32.78 5.91
C VAL F 395 -56.75 33.24 4.76
N GLU F 396 -55.46 33.38 5.07
CA GLU F 396 -54.44 33.66 4.04
C GLU F 396 -54.43 32.54 3.01
N ASP F 397 -54.45 31.31 3.52
CA ASP F 397 -54.43 30.07 2.71
C ASP F 397 -55.64 29.97 1.77
N ALA F 398 -56.78 30.51 2.21
CA ALA F 398 -58.01 30.49 1.42
C ALA F 398 -58.17 31.74 0.57
N LEU F 399 -57.70 32.88 1.06
CA LEU F 399 -57.81 34.15 0.34
C LEU F 399 -56.96 34.16 -0.91
N HIS F 400 -55.72 33.66 -0.81
CA HIS F 400 -54.86 33.49 -1.98
C HIS F 400 -55.52 32.60 -3.03
N ALA F 401 -56.25 31.59 -2.57
CA ALA F 401 -56.99 30.68 -3.45
C ALA F 401 -58.23 31.37 -4.04
N THR F 402 -58.90 32.17 -3.24
CA THR F 402 -60.08 32.91 -3.66
C THR F 402 -59.72 34.01 -4.67
N ARG F 403 -58.58 34.65 -4.46
CA ARG F 403 -58.04 35.64 -5.40
C ARG F 403 -57.89 35.07 -6.80
N ALA F 404 -57.31 33.87 -6.89
CA ALA F 404 -57.10 33.19 -8.16
C ALA F 404 -58.40 32.64 -8.73
N ALA F 405 -59.36 32.37 -7.85
CA ALA F 405 -60.66 31.87 -8.24
C ALA F 405 -61.50 32.94 -8.94
N VAL F 406 -61.16 34.21 -8.70
CA VAL F 406 -61.87 35.32 -9.31
C VAL F 406 -61.22 35.71 -10.63
N GLU F 407 -59.89 35.74 -10.65
CA GLU F 407 -59.13 36.21 -11.81
C GLU F 407 -59.28 35.31 -13.04
N GLU F 408 -59.13 34.00 -12.85
CA GLU F 408 -59.16 33.05 -13.97
C GLU F 408 -60.21 31.95 -13.80
N GLY F 409 -60.61 31.71 -12.56
CA GLY F 409 -61.64 30.71 -12.28
C GLY F 409 -61.08 29.47 -11.61
N VAL F 410 -61.90 28.42 -11.54
CA VAL F 410 -61.51 27.14 -10.93
C VAL F 410 -61.76 25.96 -11.84
N VAL F 411 -60.75 25.11 -12.01
CA VAL F 411 -60.89 23.89 -12.80
C VAL F 411 -61.06 22.68 -11.88
N ALA F 412 -61.27 21.53 -12.48
CA ALA F 412 -61.47 20.30 -11.73
C ALA F 412 -60.16 19.83 -11.15
N GLY F 413 -60.15 19.60 -9.84
CA GLY F 413 -58.93 19.21 -9.14
C GLY F 413 -58.49 17.77 -9.36
N GLY F 414 -57.60 17.29 -8.49
CA GLY F 414 -57.13 15.91 -8.53
C GLY F 414 -56.20 15.64 -9.69
N GLY F 415 -55.73 16.72 -10.31
CA GLY F 415 -54.88 16.66 -11.49
C GLY F 415 -55.62 16.17 -12.72
N VAL F 416 -56.95 16.19 -12.66
CA VAL F 416 -57.79 15.70 -13.76
C VAL F 416 -57.93 16.75 -14.86
N ALA F 417 -57.77 18.02 -14.48
CA ALA F 417 -57.88 19.12 -15.41
C ALA F 417 -56.85 18.94 -16.53
N LEU F 418 -55.62 18.64 -16.14
CA LEU F 418 -54.55 18.46 -17.11
C LEU F 418 -54.72 17.17 -17.90
N ILE F 419 -55.17 16.12 -17.23
CA ILE F 419 -55.34 14.82 -17.88
C ILE F 419 -56.53 14.84 -18.86
N ARG F 420 -57.45 15.77 -18.61
CA ARG F 420 -58.60 15.99 -19.48
C ARG F 420 -58.17 16.77 -20.71
N VAL F 421 -57.27 17.72 -20.51
CA VAL F 421 -56.68 18.50 -21.59
C VAL F 421 -55.87 17.58 -22.49
N ALA F 422 -55.18 16.61 -21.87
CA ALA F 422 -54.32 15.67 -22.59
C ALA F 422 -55.07 14.88 -23.65
N SER F 423 -56.25 14.37 -23.32
CA SER F 423 -57.03 13.60 -24.27
C SER F 423 -57.64 14.47 -25.38
N LYS F 424 -57.79 15.77 -25.10
CA LYS F 424 -58.38 16.72 -26.05
C LYS F 424 -57.37 17.34 -27.01
N LEU F 425 -56.09 17.04 -26.81
CA LEU F 425 -55.03 17.54 -27.67
C LEU F 425 -54.27 16.42 -28.38
N ALA F 426 -54.89 15.24 -28.45
CA ALA F 426 -54.27 14.06 -29.06
C ALA F 426 -54.10 14.18 -30.58
N ASP F 427 -54.89 15.06 -31.19
CA ASP F 427 -54.81 15.30 -32.63
C ASP F 427 -53.84 16.42 -33.00
N LEU F 428 -53.24 17.05 -31.99
CA LEU F 428 -52.31 18.16 -32.21
C LEU F 428 -51.00 17.67 -32.81
N ARG F 429 -50.58 18.34 -33.88
CA ARG F 429 -49.35 18.01 -34.58
C ARG F 429 -48.48 19.26 -34.81
N GLY F 430 -47.19 19.04 -35.06
CA GLY F 430 -46.25 20.13 -35.31
C GLY F 430 -45.94 20.30 -36.78
N GLN F 431 -44.67 20.54 -37.10
CA GLN F 431 -44.23 20.73 -38.48
C GLN F 431 -43.42 19.56 -39.02
N ASN F 432 -42.58 18.96 -38.16
CA ASN F 432 -41.86 17.74 -38.48
C ASN F 432 -42.00 16.69 -37.37
N GLU F 433 -41.47 15.50 -37.63
CA GLU F 433 -41.59 14.37 -36.71
C GLU F 433 -41.05 14.69 -35.32
N ASP F 434 -39.94 15.43 -35.29
CA ASP F 434 -39.30 15.81 -34.03
C ASP F 434 -40.19 16.73 -33.19
N GLN F 435 -40.93 17.61 -33.86
CA GLN F 435 -41.88 18.47 -33.16
C GLN F 435 -43.06 17.68 -32.64
N ASN F 436 -43.47 16.67 -33.43
CA ASN F 436 -44.58 15.79 -33.07
C ASN F 436 -44.37 15.02 -31.76
N VAL F 437 -43.12 14.59 -31.53
CA VAL F 437 -42.75 13.89 -30.31
C VAL F 437 -42.73 14.87 -29.15
N GLY F 438 -42.28 16.09 -29.43
CA GLY F 438 -42.26 17.16 -28.43
C GLY F 438 -43.62 17.45 -27.81
N ILE F 439 -44.67 17.32 -28.62
CA ILE F 439 -46.03 17.47 -28.15
C ILE F 439 -46.41 16.27 -27.27
N LYS F 440 -46.13 15.06 -27.75
CA LYS F 440 -46.48 13.84 -27.02
C LYS F 440 -45.75 13.72 -25.68
N VAL F 441 -44.57 14.34 -25.62
CA VAL F 441 -43.82 14.44 -24.37
C VAL F 441 -44.59 15.29 -23.36
N ALA F 442 -45.10 16.43 -23.83
CA ALA F 442 -45.85 17.36 -22.98
C ALA F 442 -47.18 16.78 -22.53
N LEU F 443 -47.84 16.01 -23.41
CA LEU F 443 -49.13 15.40 -23.10
C LEU F 443 -49.03 14.23 -22.11
N ARG F 444 -47.94 13.47 -22.19
CA ARG F 444 -47.68 12.41 -21.23
C ARG F 444 -47.14 12.95 -19.90
N ALA F 445 -46.72 14.21 -19.91
CA ALA F 445 -46.26 14.87 -18.71
C ALA F 445 -47.43 15.38 -17.89
N MET F 446 -48.54 15.66 -18.56
CA MET F 446 -49.75 16.17 -17.90
C MET F 446 -50.46 15.09 -17.08
N GLU F 447 -50.16 13.82 -17.39
CA GLU F 447 -50.71 12.70 -16.64
C GLU F 447 -50.02 12.52 -15.30
N ALA F 448 -48.77 12.97 -15.21
CA ALA F 448 -47.94 12.72 -14.02
C ALA F 448 -48.48 13.25 -12.69
N PRO F 449 -49.00 14.49 -12.64
CA PRO F 449 -49.55 14.99 -11.38
C PRO F 449 -50.56 14.06 -10.76
N LEU F 450 -51.55 13.62 -11.55
CA LEU F 450 -52.55 12.66 -11.09
C LEU F 450 -51.89 11.35 -10.66
N ARG F 451 -51.06 10.80 -11.54
CA ARG F 451 -50.34 9.56 -11.29
C ARG F 451 -49.51 9.60 -9.99
N GLN F 452 -48.96 10.76 -9.67
CA GLN F 452 -48.17 10.92 -8.45
C GLN F 452 -49.04 10.92 -7.21
N ILE F 453 -50.24 11.52 -7.29
CA ILE F 453 -51.16 11.54 -6.15
C ILE F 453 -51.64 10.13 -5.83
N VAL F 454 -51.93 9.36 -6.87
CA VAL F 454 -52.37 7.98 -6.73
C VAL F 454 -51.26 7.10 -6.15
N LEU F 455 -50.02 7.41 -6.51
CA LEU F 455 -48.87 6.66 -6.01
C LEU F 455 -48.72 6.82 -4.48
N ASN F 456 -48.96 8.04 -4.00
CA ASN F 456 -48.93 8.32 -2.58
C ASN F 456 -50.09 7.67 -1.83
N CYS F 457 -51.20 7.49 -2.54
CA CYS F 457 -52.41 6.85 -1.99
C CYS F 457 -52.27 5.33 -1.93
N GLY F 458 -51.16 4.83 -2.47
CA GLY F 458 -50.87 3.40 -2.42
C GLY F 458 -51.46 2.58 -3.56
N GLU F 459 -52.47 3.12 -4.23
CA GLU F 459 -53.09 2.46 -5.39
C GLU F 459 -52.20 2.58 -6.63
N GLU F 460 -52.38 1.67 -7.58
CA GLU F 460 -51.59 1.67 -8.83
C GLU F 460 -52.02 2.82 -9.73
N PRO F 461 -51.07 3.74 -10.04
CA PRO F 461 -51.39 4.95 -10.80
C PRO F 461 -51.90 4.64 -12.21
N SER F 462 -51.32 3.61 -12.82
CA SER F 462 -51.68 3.19 -14.16
C SER F 462 -53.16 2.83 -14.28
N VAL F 463 -53.68 2.12 -13.26
CA VAL F 463 -55.07 1.69 -13.22
C VAL F 463 -56.02 2.87 -13.07
N VAL F 464 -55.70 3.77 -12.15
CA VAL F 464 -56.56 4.92 -11.85
C VAL F 464 -56.60 5.92 -12.99
N ALA F 465 -55.43 6.25 -13.54
CA ALA F 465 -55.34 7.16 -14.67
C ALA F 465 -56.08 6.63 -15.91
N ASN F 466 -56.02 5.31 -16.10
CA ASN F 466 -56.74 4.67 -17.20
C ASN F 466 -58.25 4.73 -17.04
N THR F 467 -58.73 4.72 -15.79
CA THR F 467 -60.15 4.80 -15.50
C THR F 467 -60.64 6.23 -15.65
N VAL F 468 -59.82 7.21 -15.26
CA VAL F 468 -60.19 8.61 -15.37
C VAL F 468 -60.28 9.04 -16.82
N LYS F 469 -59.39 8.51 -17.66
CA LYS F 469 -59.39 8.84 -19.09
C LYS F 469 -60.60 8.27 -19.85
N GLY F 470 -61.09 7.11 -19.42
CA GLY F 470 -62.25 6.45 -20.02
C GLY F 470 -63.54 7.22 -19.84
N GLY F 471 -63.75 7.73 -18.62
CA GLY F 471 -64.86 8.62 -18.30
C GLY F 471 -64.57 10.03 -18.78
N ASP F 472 -65.61 10.85 -18.89
CA ASP F 472 -65.47 12.19 -19.44
C ASP F 472 -65.91 13.27 -18.46
N GLY F 473 -65.41 14.49 -18.70
CA GLY F 473 -65.80 15.66 -17.91
C GLY F 473 -64.98 15.89 -16.65
N ASN F 474 -65.69 16.24 -15.57
CA ASN F 474 -65.06 16.52 -14.28
C ASN F 474 -65.02 15.29 -13.37
N TYR F 475 -64.99 14.13 -14.02
CA TYR F 475 -64.97 12.84 -13.34
C TYR F 475 -63.54 12.49 -13.02
N GLY F 476 -63.25 12.29 -11.73
CA GLY F 476 -61.89 12.02 -11.28
C GLY F 476 -61.77 11.10 -10.09
N TYR F 477 -60.58 11.06 -9.50
CA TYR F 477 -60.32 10.21 -8.36
C TYR F 477 -60.08 11.02 -7.09
N ASN F 478 -60.84 10.69 -6.04
CA ASN F 478 -60.66 11.27 -4.72
C ASN F 478 -59.71 10.38 -3.92
N ALA F 479 -58.49 10.88 -3.70
CA ALA F 479 -57.46 10.13 -2.99
C ALA F 479 -57.71 10.03 -1.50
N ALA F 480 -58.39 11.03 -0.92
CA ALA F 480 -58.71 11.02 0.51
C ALA F 480 -59.72 9.92 0.88
N THR F 481 -60.73 9.73 0.05
CA THR F 481 -61.79 8.78 0.33
C THR F 481 -61.67 7.48 -0.47
N GLU F 482 -60.73 7.44 -1.41
CA GLU F 482 -60.53 6.30 -2.32
C GLU F 482 -61.78 6.02 -3.17
N GLU F 483 -62.51 7.09 -3.48
CA GLU F 483 -63.77 7.00 -4.24
C GLU F 483 -63.67 7.81 -5.52
N TYR F 484 -64.28 7.32 -6.59
CA TYR F 484 -64.41 8.07 -7.82
C TYR F 484 -65.65 8.96 -7.79
N GLY F 485 -65.72 9.93 -8.70
CA GLY F 485 -66.90 10.77 -8.82
C GLY F 485 -66.63 12.16 -9.39
N ASN F 486 -67.66 12.99 -9.39
CA ASN F 486 -67.54 14.38 -9.83
C ASN F 486 -66.71 15.17 -8.83
N MET F 487 -65.63 15.77 -9.33
CA MET F 487 -64.68 16.47 -8.48
C MET F 487 -65.26 17.75 -7.90
N ILE F 488 -65.96 18.51 -8.75
CA ILE F 488 -66.59 19.75 -8.32
C ILE F 488 -67.61 19.50 -7.19
N ASP F 489 -68.41 18.45 -7.35
CA ASP F 489 -69.42 18.09 -6.35
C ASP F 489 -68.78 17.61 -5.04
N MET F 490 -67.57 17.06 -5.14
CA MET F 490 -66.83 16.57 -3.98
C MET F 490 -65.95 17.64 -3.32
N GLY F 491 -65.96 18.85 -3.88
CA GLY F 491 -65.23 19.97 -3.32
C GLY F 491 -63.75 19.99 -3.64
N ILE F 492 -63.33 19.04 -4.48
CA ILE F 492 -61.95 18.98 -4.92
C ILE F 492 -61.77 19.84 -6.16
N LEU F 493 -61.13 20.99 -5.99
CA LEU F 493 -60.92 21.90 -7.10
C LEU F 493 -59.66 22.74 -6.95
N ASP F 494 -59.08 23.09 -8.11
CA ASP F 494 -57.88 23.90 -8.16
C ASP F 494 -58.17 25.16 -8.94
N PRO F 495 -57.71 26.31 -8.42
CA PRO F 495 -57.83 27.56 -9.17
C PRO F 495 -57.14 27.45 -10.53
N THR F 496 -57.82 27.85 -11.59
CA THR F 496 -57.28 27.73 -12.94
C THR F 496 -55.89 28.38 -13.02
N LYS F 497 -55.75 29.54 -12.37
CA LYS F 497 -54.51 30.30 -12.36
C LYS F 497 -53.30 29.48 -11.89
N VAL F 498 -53.48 28.73 -10.81
CA VAL F 498 -52.39 27.92 -10.28
C VAL F 498 -51.98 26.78 -11.22
N THR F 499 -52.95 26.14 -11.87
CA THR F 499 -52.64 25.05 -12.79
C THR F 499 -52.00 25.58 -14.07
N ARG F 500 -52.42 26.76 -14.51
CA ARG F 500 -51.82 27.42 -15.68
C ARG F 500 -50.37 27.79 -15.38
N SER F 501 -50.14 28.34 -14.19
CA SER F 501 -48.81 28.70 -13.76
C SER F 501 -47.91 27.47 -13.62
N ALA F 502 -48.45 26.44 -13.00
CA ALA F 502 -47.69 25.21 -12.78
C ALA F 502 -47.24 24.59 -14.10
N LEU F 503 -48.08 24.65 -15.12
CA LEU F 503 -47.73 24.03 -16.40
C LEU F 503 -46.76 24.90 -17.19
N GLN F 504 -47.08 26.19 -17.31
CA GLN F 504 -46.27 27.10 -18.12
C GLN F 504 -44.83 27.19 -17.62
N TYR F 505 -44.66 27.38 -16.31
CA TYR F 505 -43.35 27.53 -15.73
C TYR F 505 -42.54 26.25 -15.91
N ALA F 506 -43.16 25.12 -15.61
CA ALA F 506 -42.49 23.83 -15.73
C ALA F 506 -42.04 23.52 -17.16
N ALA F 507 -42.80 23.99 -18.14
CA ALA F 507 -42.42 23.84 -19.55
C ALA F 507 -41.29 24.80 -19.92
N SER F 508 -41.33 26.01 -19.37
CA SER F 508 -40.35 27.05 -19.67
C SER F 508 -38.94 26.59 -19.33
N VAL F 509 -38.76 26.03 -18.14
CA VAL F 509 -37.46 25.54 -17.70
C VAL F 509 -37.04 24.28 -18.49
N ALA F 510 -37.97 23.36 -18.67
CA ALA F 510 -37.68 22.11 -19.38
C ALA F 510 -37.20 22.42 -20.78
N GLY F 511 -37.82 23.43 -21.38
CA GLY F 511 -37.43 23.91 -22.72
C GLY F 511 -36.00 24.39 -22.76
N LEU F 512 -35.62 25.16 -21.75
CA LEU F 512 -34.27 25.67 -21.65
C LEU F 512 -33.29 24.54 -21.38
N MET F 513 -33.70 23.59 -20.56
CA MET F 513 -32.82 22.49 -20.18
C MET F 513 -32.63 21.46 -21.26
N ILE F 514 -33.62 21.31 -22.13
CA ILE F 514 -33.51 20.37 -23.25
C ILE F 514 -32.54 20.91 -24.32
N THR F 515 -32.49 22.23 -24.43
CA THR F 515 -31.61 22.86 -25.39
C THR F 515 -30.22 23.13 -24.82
N THR F 516 -29.87 22.46 -23.73
CA THR F 516 -28.55 22.65 -23.12
C THR F 516 -27.52 21.68 -23.73
N GLU F 517 -26.38 22.24 -24.14
CA GLU F 517 -25.28 21.47 -24.69
C GLU F 517 -23.98 21.58 -23.90
N CYS F 518 -23.80 22.71 -23.22
CA CYS F 518 -22.57 22.95 -22.50
C CYS F 518 -22.80 23.50 -21.10
N MET F 519 -22.06 22.97 -20.13
CA MET F 519 -22.17 23.44 -18.76
C MET F 519 -20.80 23.84 -18.21
N VAL F 520 -20.76 25.02 -17.58
CA VAL F 520 -19.53 25.57 -17.02
C VAL F 520 -19.72 25.90 -15.54
N THR F 521 -18.93 25.25 -14.69
CA THR F 521 -19.01 25.44 -13.24
C THR F 521 -17.63 25.47 -12.61
N ASP F 522 -17.58 25.83 -11.33
CA ASP F 522 -16.32 25.88 -10.57
C ASP F 522 -15.75 24.48 -10.29
N LEU F 523 -14.43 24.41 -10.17
CA LEU F 523 -13.74 23.16 -9.99
C LEU F 523 -13.82 22.67 -8.54
N PRO F 524 -14.09 21.37 -8.32
CA PRO F 524 -14.14 20.80 -6.97
C PRO F 524 -12.80 20.82 -6.24
N ALA G 1 -25.07 25.68 1.54
CA ALA G 1 -24.52 24.42 2.15
C ALA G 1 -24.97 23.19 1.38
N ALA G 2 -24.01 22.35 1.00
CA ALA G 2 -24.27 21.09 0.30
C ALA G 2 -25.03 20.11 1.19
N LYS G 3 -26.02 19.44 0.62
CA LYS G 3 -26.91 18.58 1.38
C LYS G 3 -26.86 17.13 0.91
N ASP G 4 -27.20 16.22 1.82
CA ASP G 4 -27.28 14.79 1.54
C ASP G 4 -28.74 14.38 1.63
N VAL G 5 -29.22 13.61 0.66
CA VAL G 5 -30.64 13.24 0.65
C VAL G 5 -30.82 11.74 0.51
N LYS G 6 -31.59 11.16 1.42
CA LYS G 6 -31.89 9.73 1.38
C LYS G 6 -33.39 9.50 1.26
N PHE G 7 -33.75 8.47 0.49
CA PHE G 7 -35.15 8.17 0.20
C PHE G 7 -35.62 6.83 0.74
N GLY G 8 -36.88 6.80 1.13
CA GLY G 8 -37.61 5.56 1.41
C GLY G 8 -36.99 4.65 2.45
N ASN G 9 -36.90 3.38 2.09
CA ASN G 9 -36.43 2.34 3.01
C ASN G 9 -35.06 2.64 3.57
N ASP G 10 -34.17 3.10 2.68
CA ASP G 10 -32.83 3.54 3.06
C ASP G 10 -32.88 4.65 4.13
N ALA G 11 -33.85 5.54 4.00
CA ALA G 11 -33.97 6.70 4.88
C ALA G 11 -34.53 6.31 6.23
N ARG G 12 -35.44 5.36 6.23
CA ARG G 12 -36.14 4.96 7.45
C ARG G 12 -35.25 4.15 8.39
N VAL G 13 -34.45 3.23 7.84
CA VAL G 13 -33.60 2.37 8.65
C VAL G 13 -32.58 3.18 9.46
N LYS G 14 -32.27 4.38 8.96
CA LYS G 14 -31.37 5.30 9.65
C LYS G 14 -32.08 5.97 10.82
N MET G 15 -33.39 6.18 10.70
CA MET G 15 -34.17 6.71 11.81
C MET G 15 -34.32 5.65 12.90
N LEU G 16 -34.72 4.45 12.50
CA LEU G 16 -34.92 3.37 13.45
C LEU G 16 -33.64 3.12 14.25
N ARG G 17 -32.51 3.02 13.55
CA ARG G 17 -31.20 2.86 14.16
C ARG G 17 -30.90 4.01 15.11
N GLY G 18 -31.36 5.21 14.73
CA GLY G 18 -31.18 6.41 15.53
C GLY G 18 -32.03 6.42 16.79
N VAL G 19 -33.31 6.09 16.65
CA VAL G 19 -34.22 6.07 17.81
C VAL G 19 -33.87 4.95 18.76
N ASN G 20 -33.41 3.82 18.22
CA ASN G 20 -33.02 2.67 19.04
C ASN G 20 -31.87 2.96 20.00
N VAL G 21 -30.99 3.88 19.61
CA VAL G 21 -29.91 4.33 20.49
C VAL G 21 -30.50 5.14 21.65
N LEU G 22 -31.29 6.16 21.34
CA LEU G 22 -31.91 6.97 22.39
C LEU G 22 -32.83 6.15 23.28
N ALA G 23 -33.62 5.26 22.70
CA ALA G 23 -34.56 4.44 23.48
C ALA G 23 -33.84 3.49 24.43
N ASP G 24 -32.90 2.69 23.89
CA ASP G 24 -32.17 1.72 24.69
C ASP G 24 -31.34 2.37 25.81
N ALA G 25 -30.95 3.62 25.60
CA ALA G 25 -30.21 4.36 26.61
C ALA G 25 -31.12 4.85 27.71
N VAL G 26 -32.41 4.95 27.40
CA VAL G 26 -33.38 5.48 28.35
C VAL G 26 -34.21 4.36 29.00
N LYS G 27 -34.61 3.38 28.20
CA LYS G 27 -35.48 2.30 28.68
C LYS G 27 -34.87 1.45 29.82
N VAL G 28 -33.55 1.55 29.99
CA VAL G 28 -32.86 0.81 31.05
C VAL G 28 -33.10 1.42 32.43
N THR G 29 -33.61 2.65 32.46
CA THR G 29 -33.81 3.37 33.69
C THR G 29 -35.27 3.38 34.13
N LEU G 30 -36.06 2.47 33.56
CA LEU G 30 -37.48 2.40 33.87
C LEU G 30 -37.75 1.63 35.15
N GLY G 31 -38.75 2.07 35.89
CA GLY G 31 -39.17 1.35 37.10
C GLY G 31 -38.26 1.61 38.30
N PRO G 32 -38.48 0.87 39.41
CA PRO G 32 -37.64 0.97 40.59
C PRO G 32 -36.49 -0.04 40.55
N LYS G 33 -36.61 -1.04 39.67
CA LYS G 33 -35.53 -2.00 39.44
C LYS G 33 -34.66 -1.51 38.30
N GLY G 34 -34.72 -0.20 38.04
CA GLY G 34 -33.97 0.46 36.98
C GLY G 34 -32.47 0.48 37.18
N ARG G 35 -31.76 0.69 36.07
CA ARG G 35 -30.30 0.70 36.06
C ARG G 35 -29.77 2.13 35.99
N ASN G 36 -28.51 2.30 36.38
CA ASN G 36 -27.84 3.59 36.30
C ASN G 36 -27.25 3.83 34.93
N VAL G 37 -27.36 5.07 34.44
CA VAL G 37 -26.71 5.49 33.21
C VAL G 37 -25.71 6.58 33.55
N VAL G 38 -24.45 6.38 33.14
CA VAL G 38 -23.38 7.32 33.47
C VAL G 38 -23.14 8.27 32.31
N LEU G 39 -23.18 9.56 32.61
CA LEU G 39 -22.99 10.60 31.59
C LEU G 39 -21.69 11.36 31.84
N ASP G 40 -20.85 11.43 30.82
CA ASP G 40 -19.53 12.06 30.96
C ASP G 40 -19.62 13.58 30.88
N LYS G 41 -18.78 14.22 31.69
CA LYS G 41 -18.57 15.67 31.64
C LYS G 41 -17.09 15.97 31.43
N SER G 42 -16.79 17.05 30.73
CA SER G 42 -15.41 17.45 30.52
C SER G 42 -14.73 17.84 31.84
N PHE G 43 -15.45 18.56 32.69
CA PHE G 43 -14.89 19.01 33.98
C PHE G 43 -15.12 17.96 35.07
N GLY G 44 -14.04 17.31 35.50
CA GLY G 44 -14.04 16.41 36.64
C GLY G 44 -14.85 15.12 36.52
N ALA G 45 -15.56 14.79 37.60
CA ALA G 45 -16.27 13.52 37.75
C ALA G 45 -17.48 13.37 36.83
N PRO G 46 -17.77 12.13 36.37
CA PRO G 46 -18.94 11.86 35.57
C PRO G 46 -20.21 11.86 36.42
N THR G 47 -21.36 12.09 35.78
CA THR G 47 -22.65 12.10 36.45
C THR G 47 -23.32 10.74 36.32
N ILE G 48 -23.66 10.15 37.46
CA ILE G 48 -24.40 8.89 37.52
C ILE G 48 -25.84 9.23 37.88
N THR G 49 -26.77 8.89 36.98
CA THR G 49 -28.18 9.22 37.16
C THR G 49 -29.12 8.17 36.60
N LYS G 50 -30.36 8.20 37.10
CA LYS G 50 -31.44 7.34 36.61
C LYS G 50 -32.50 8.16 35.87
N ASP G 51 -32.39 9.49 35.97
CA ASP G 51 -33.37 10.42 35.37
C ASP G 51 -33.39 10.34 33.85
N GLY G 52 -34.47 9.78 33.31
CA GLY G 52 -34.62 9.58 31.87
C GLY G 52 -34.51 10.84 31.03
N VAL G 53 -34.79 11.99 31.65
CA VAL G 53 -34.69 13.27 30.96
C VAL G 53 -33.23 13.66 30.75
N SER G 54 -32.44 13.56 31.82
CA SER G 54 -31.02 13.90 31.78
C SER G 54 -30.26 13.03 30.79
N VAL G 55 -30.66 11.77 30.66
CA VAL G 55 -30.05 10.83 29.73
C VAL G 55 -30.45 11.20 28.31
N ALA G 56 -31.73 11.45 28.10
CA ALA G 56 -32.25 11.79 26.78
C ALA G 56 -31.55 13.04 26.24
N ARG G 57 -31.47 14.08 27.08
CA ARG G 57 -30.85 15.35 26.68
C ARG G 57 -29.44 15.20 26.13
N GLU G 58 -28.70 14.24 26.66
CA GLU G 58 -27.30 14.04 26.30
C GLU G 58 -27.08 13.32 24.97
N ILE G 59 -28.07 12.55 24.53
CA ILE G 59 -27.93 11.77 23.30
C ILE G 59 -27.93 12.65 22.05
N GLU G 60 -26.90 12.48 21.23
CA GLU G 60 -26.75 13.14 19.93
C GLU G 60 -25.75 12.34 19.10
N LEU G 61 -26.21 11.73 18.02
CA LEU G 61 -25.40 10.77 17.27
C LEU G 61 -24.50 11.38 16.20
N GLU G 62 -23.53 10.58 15.73
CA GLU G 62 -22.58 11.04 14.72
C GLU G 62 -23.20 11.06 13.33
N ASP G 63 -23.76 9.93 12.91
CA ASP G 63 -24.42 9.82 11.60
C ASP G 63 -25.60 10.78 11.58
N LYS G 64 -25.52 11.78 10.71
CA LYS G 64 -26.49 12.87 10.70
C LYS G 64 -27.94 12.38 10.62
N PHE G 65 -28.17 11.34 9.81
CA PHE G 65 -29.50 10.75 9.65
C PHE G 65 -29.96 10.05 10.92
N GLU G 66 -29.07 9.26 11.51
CA GLU G 66 -29.34 8.62 12.81
C GLU G 66 -29.63 9.66 13.87
N ASN G 67 -28.83 10.72 13.88
CA ASN G 67 -29.02 11.82 14.82
C ASN G 67 -30.43 12.38 14.72
N MET G 68 -30.90 12.58 13.50
CA MET G 68 -32.23 13.11 13.26
C MET G 68 -33.28 12.23 13.93
N GLY G 69 -33.22 10.92 13.66
CA GLY G 69 -34.13 9.95 14.27
C GLY G 69 -34.17 10.11 15.77
N ALA G 70 -33.00 9.98 16.38
CA ALA G 70 -32.83 10.15 17.82
C ALA G 70 -33.37 11.48 18.33
N GLN G 71 -33.04 12.57 17.64
CA GLN G 71 -33.46 13.90 18.05
C GLN G 71 -34.96 14.13 17.89
N MET G 72 -35.60 13.32 17.05
CA MET G 72 -37.04 13.39 16.86
C MET G 72 -37.83 12.85 18.05
N VAL G 73 -37.46 11.67 18.54
CA VAL G 73 -38.13 11.07 19.70
C VAL G 73 -37.76 11.77 21.01
N LYS G 74 -36.61 12.45 20.98
CA LYS G 74 -36.15 13.26 22.11
C LYS G 74 -37.11 14.43 22.35
N GLU G 75 -37.62 14.99 21.24
CA GLU G 75 -38.57 16.10 21.27
C GLU G 75 -39.87 15.76 21.97
N VAL G 76 -40.12 14.46 22.12
CA VAL G 76 -41.33 13.97 22.74
C VAL G 76 -41.11 13.85 24.24
N ALA G 77 -40.03 13.16 24.58
CA ALA G 77 -39.62 12.99 25.97
C ALA G 77 -39.68 14.34 26.70
N SER G 78 -39.05 15.36 26.10
CA SER G 78 -39.02 16.68 26.70
C SER G 78 -40.40 17.35 26.78
N LYS G 79 -41.28 17.00 25.82
CA LYS G 79 -42.62 17.57 25.78
C LYS G 79 -43.58 16.88 26.74
N ALA G 80 -43.35 15.59 26.97
CA ALA G 80 -44.08 14.87 28.01
C ALA G 80 -43.75 15.47 29.38
N ASN G 81 -42.47 15.82 29.54
CA ASN G 81 -41.95 16.50 30.73
C ASN G 81 -42.61 17.87 30.93
N ASP G 82 -42.91 18.53 29.82
CA ASP G 82 -43.54 19.86 29.86
C ASP G 82 -45.00 19.78 30.26
N ALA G 83 -45.65 18.66 29.91
CA ALA G 83 -47.07 18.46 30.18
C ALA G 83 -47.34 18.02 31.63
N ALA G 84 -46.53 17.08 32.12
CA ALA G 84 -46.74 16.49 33.45
C ALA G 84 -45.53 16.60 34.40
N GLY G 85 -44.33 16.38 33.86
CA GLY G 85 -43.10 16.34 34.67
C GLY G 85 -42.67 14.93 34.97
N ASP G 86 -43.59 13.99 34.73
CA ASP G 86 -43.37 12.58 34.98
C ASP G 86 -43.60 11.85 33.66
N GLY G 87 -43.11 10.60 33.58
CA GLY G 87 -43.44 9.71 32.46
C GLY G 87 -42.68 9.94 31.17
N THR G 88 -41.48 10.49 31.30
CA THR G 88 -40.62 10.78 30.15
C THR G 88 -39.98 9.50 29.60
N THR G 89 -39.60 8.61 30.51
CA THR G 89 -39.07 7.31 30.15
C THR G 89 -40.19 6.43 29.59
N THR G 90 -41.37 6.51 30.21
CA THR G 90 -42.55 5.76 29.78
C THR G 90 -43.01 6.20 28.40
N ALA G 91 -42.85 7.49 28.11
CA ALA G 91 -43.14 7.99 26.77
C ALA G 91 -42.19 7.34 25.76
N THR G 92 -40.90 7.37 26.07
CA THR G 92 -39.86 6.94 25.13
C THR G 92 -39.94 5.45 24.84
N VAL G 93 -40.31 4.64 25.85
CA VAL G 93 -40.43 3.19 25.64
C VAL G 93 -41.61 2.85 24.74
N LEU G 94 -42.64 3.68 24.82
CA LEU G 94 -43.83 3.57 23.98
C LEU G 94 -43.50 3.95 22.55
N ALA G 95 -42.93 5.14 22.38
CA ALA G 95 -42.56 5.65 21.07
C ALA G 95 -41.75 4.62 20.28
N GLN G 96 -40.77 4.02 20.93
CA GLN G 96 -39.93 3.01 20.28
C GLN G 96 -40.80 1.86 19.79
N ALA G 97 -41.65 1.36 20.67
CA ALA G 97 -42.49 0.18 20.39
C ALA G 97 -43.50 0.39 19.26
N ILE G 98 -43.97 1.62 19.08
CA ILE G 98 -44.84 1.98 17.97
C ILE G 98 -44.02 2.12 16.69
N ILE G 99 -42.84 2.74 16.78
CA ILE G 99 -42.00 2.95 15.62
C ILE G 99 -41.46 1.61 15.08
N THR G 100 -40.89 0.79 15.97
CA THR G 100 -40.26 -0.46 15.56
C THR G 100 -41.26 -1.34 14.85
N GLU G 101 -42.43 -1.50 15.47
CA GLU G 101 -43.49 -2.36 14.92
C GLU G 101 -44.19 -1.70 13.73
N GLY G 102 -44.24 -0.37 13.75
CA GLY G 102 -44.84 0.41 12.68
C GLY G 102 -44.06 0.25 11.40
N LEU G 103 -42.77 0.55 11.49
CA LEU G 103 -41.86 0.45 10.33
C LEU G 103 -41.81 -0.96 9.75
N LYS G 104 -41.95 -1.96 10.61
CA LYS G 104 -42.04 -3.34 10.17
C LYS G 104 -43.17 -3.54 9.16
N ALA G 105 -44.29 -2.88 9.43
CA ALA G 105 -45.47 -2.95 8.56
C ALA G 105 -45.26 -2.20 7.26
N VAL G 106 -44.59 -1.06 7.35
CA VAL G 106 -44.32 -0.24 6.18
C VAL G 106 -43.41 -0.99 5.23
N ALA G 107 -42.40 -1.66 5.80
CA ALA G 107 -41.45 -2.45 5.01
C ALA G 107 -42.10 -3.71 4.44
N ALA G 108 -43.14 -4.19 5.10
CA ALA G 108 -43.93 -5.32 4.61
C ALA G 108 -44.75 -4.93 3.39
N GLY G 109 -45.05 -3.63 3.27
CA GLY G 109 -45.73 -3.09 2.10
C GLY G 109 -47.11 -2.58 2.41
N MET G 110 -47.24 -1.84 3.50
CA MET G 110 -48.52 -1.30 3.93
C MET G 110 -48.51 0.23 3.90
N ASN G 111 -49.69 0.81 3.71
CA ASN G 111 -49.83 2.26 3.57
C ASN G 111 -49.55 2.98 4.89
N PRO G 112 -48.49 3.81 4.93
CA PRO G 112 -48.14 4.54 6.15
C PRO G 112 -49.27 5.45 6.63
N MET G 113 -49.95 6.11 5.69
CA MET G 113 -51.05 7.01 6.04
C MET G 113 -52.23 6.29 6.70
N ASP G 114 -52.46 5.04 6.30
CA ASP G 114 -53.47 4.19 6.92
C ASP G 114 -52.99 3.66 8.27
N LEU G 115 -51.68 3.45 8.39
CA LEU G 115 -51.08 2.98 9.64
C LEU G 115 -51.13 4.07 10.69
N LYS G 116 -50.93 5.32 10.29
CA LYS G 116 -51.00 6.45 11.22
C LYS G 116 -52.41 6.60 11.77
N ARG G 117 -53.40 6.61 10.88
CA ARG G 117 -54.80 6.75 11.28
C ARG G 117 -55.26 5.62 12.18
N GLY G 118 -54.73 4.42 11.96
CA GLY G 118 -55.01 3.24 12.81
C GLY G 118 -54.51 3.42 14.22
N ILE G 119 -53.28 3.95 14.34
CA ILE G 119 -52.65 4.24 15.62
C ILE G 119 -53.43 5.33 16.36
N ASP G 120 -53.68 6.44 15.68
CA ASP G 120 -54.35 7.60 16.30
C ASP G 120 -55.76 7.31 16.77
N LYS G 121 -56.47 6.46 16.03
CA LYS G 121 -57.81 6.03 16.42
C LYS G 121 -57.74 5.11 17.64
N ALA G 122 -56.75 4.22 17.65
CA ALA G 122 -56.50 3.34 18.81
C ALA G 122 -56.12 4.14 20.04
N VAL G 123 -55.41 5.25 19.84
CA VAL G 123 -55.00 6.13 20.92
C VAL G 123 -56.17 6.96 21.46
N THR G 124 -56.96 7.56 20.56
CA THR G 124 -58.13 8.37 20.97
C THR G 124 -59.12 7.51 21.76
N ALA G 125 -59.20 6.22 21.40
CA ALA G 125 -60.02 5.25 22.11
C ALA G 125 -59.38 4.83 23.44
N ALA G 126 -58.06 4.83 23.48
CA ALA G 126 -57.32 4.45 24.68
C ALA G 126 -57.38 5.54 25.74
N VAL G 127 -57.33 6.79 25.31
CA VAL G 127 -57.47 7.93 26.21
C VAL G 127 -58.88 7.94 26.79
N GLU G 128 -59.85 7.58 25.96
CA GLU G 128 -61.26 7.50 26.37
C GLU G 128 -61.50 6.35 27.36
N GLU G 129 -60.84 5.23 27.12
CA GLU G 129 -60.91 4.06 28.00
C GLU G 129 -60.17 4.32 29.32
N LEU G 130 -59.14 5.15 29.25
CA LEU G 130 -58.29 5.48 30.39
C LEU G 130 -59.05 6.33 31.41
N LYS G 131 -59.87 7.25 30.91
CA LYS G 131 -60.69 8.12 31.76
C LYS G 131 -61.68 7.30 32.59
N ALA G 132 -62.14 6.18 32.03
CA ALA G 132 -63.08 5.28 32.72
C ALA G 132 -62.38 4.46 33.80
N LEU G 133 -61.10 4.17 33.58
CA LEU G 133 -60.30 3.38 34.52
C LEU G 133 -59.75 4.25 35.67
N SER G 134 -59.82 5.55 35.49
CA SER G 134 -59.27 6.51 36.45
C SER G 134 -60.10 6.58 37.74
N VAL G 135 -59.40 6.62 38.87
CA VAL G 135 -60.01 6.79 40.19
C VAL G 135 -59.73 8.21 40.69
N PRO G 136 -60.75 9.06 40.72
CA PRO G 136 -60.56 10.49 41.03
C PRO G 136 -60.11 10.74 42.46
N CYS G 137 -59.41 11.86 42.67
CA CYS G 137 -59.06 12.34 44.00
C CYS G 137 -59.79 13.65 44.29
N SER G 138 -60.90 13.54 45.03
CA SER G 138 -61.78 14.67 45.32
C SER G 138 -61.51 15.29 46.69
N ASP G 139 -61.79 14.53 47.76
CA ASP G 139 -61.63 14.98 49.14
C ASP G 139 -60.16 15.11 49.54
N SER G 140 -59.88 15.99 50.50
CA SER G 140 -58.49 16.29 50.93
C SER G 140 -57.84 15.17 51.77
N LYS G 141 -58.57 14.07 51.98
CA LYS G 141 -58.05 12.89 52.68
C LYS G 141 -57.35 11.93 51.70
N ALA G 142 -57.93 11.77 50.51
CA ALA G 142 -57.35 10.96 49.43
C ALA G 142 -56.25 11.72 48.69
N ILE G 143 -56.27 13.05 48.77
CA ILE G 143 -55.23 13.92 48.23
C ILE G 143 -53.94 13.76 49.03
N ALA G 144 -54.08 13.56 50.34
CA ALA G 144 -52.95 13.36 51.24
C ALA G 144 -52.23 12.03 50.98
N GLN G 145 -52.97 11.03 50.54
CA GLN G 145 -52.42 9.70 50.22
C GLN G 145 -51.46 9.72 49.02
N VAL G 146 -51.76 10.56 48.03
CA VAL G 146 -50.94 10.67 46.81
C VAL G 146 -49.62 11.39 47.09
N GLY G 147 -49.68 12.45 47.89
CA GLY G 147 -48.49 13.21 48.29
C GLY G 147 -47.54 12.45 49.22
N THR G 148 -48.08 11.45 49.92
CA THR G 148 -47.30 10.63 50.85
C THR G 148 -46.44 9.60 50.12
N ILE G 149 -47.05 8.83 49.22
CA ILE G 149 -46.36 7.74 48.52
C ILE G 149 -45.40 8.25 47.42
N SER G 150 -45.68 9.45 46.92
CA SER G 150 -44.82 10.09 45.92
C SER G 150 -43.52 10.65 46.52
N ALA G 151 -43.54 10.90 47.83
CA ALA G 151 -42.38 11.43 48.55
C ALA G 151 -41.72 10.35 49.43
N ASN G 152 -41.76 9.11 48.95
CA ASN G 152 -41.18 7.94 49.65
C ASN G 152 -41.72 7.71 51.07
N SER G 153 -43.02 7.45 51.16
CA SER G 153 -43.73 7.14 52.41
C SER G 153 -43.57 8.18 53.55
N ASP G 154 -43.44 9.46 53.16
CA ASP G 154 -43.29 10.56 54.12
C ASP G 154 -44.64 11.25 54.34
N GLU G 155 -45.15 11.14 55.57
CA GLU G 155 -46.46 11.69 55.92
C GLU G 155 -46.47 13.19 56.16
N THR G 156 -45.31 13.75 56.46
CA THR G 156 -45.16 15.19 56.71
C THR G 156 -45.34 15.99 55.42
N VAL G 157 -44.93 15.39 54.30
CA VAL G 157 -45.05 16.01 52.98
C VAL G 157 -46.52 16.10 52.56
N GLY G 158 -47.23 14.98 52.64
CA GLY G 158 -48.64 14.89 52.25
C GLY G 158 -49.57 15.76 53.07
N LYS G 159 -49.21 15.99 54.33
CA LYS G 159 -49.98 16.82 55.24
C LYS G 159 -49.92 18.30 54.85
N LEU G 160 -48.75 18.73 54.37
CA LEU G 160 -48.55 20.13 53.97
C LEU G 160 -49.30 20.50 52.70
N ILE G 161 -49.29 19.58 51.73
CA ILE G 161 -49.98 19.79 50.45
C ILE G 161 -51.49 19.92 50.68
N ALA G 162 -52.04 19.02 51.50
CA ALA G 162 -53.47 19.03 51.81
C ALA G 162 -53.90 20.32 52.50
N GLU G 163 -53.04 20.84 53.38
CA GLU G 163 -53.30 22.11 54.08
C GLU G 163 -53.17 23.29 53.14
N ALA G 164 -52.27 23.18 52.17
CA ALA G 164 -52.07 24.24 51.18
C ALA G 164 -53.24 24.30 50.20
N MET G 165 -53.77 23.14 49.82
CA MET G 165 -54.89 23.07 48.89
C MET G 165 -56.20 23.42 49.57
N ASP G 166 -56.22 23.36 50.89
CA ASP G 166 -57.40 23.72 51.67
C ASP G 166 -57.51 25.23 51.84
N LYS G 167 -56.42 25.94 51.52
CA LYS G 167 -56.35 27.39 51.65
C LYS G 167 -56.70 28.13 50.35
N VAL G 168 -56.03 27.76 49.26
CA VAL G 168 -56.19 28.44 47.98
C VAL G 168 -57.14 27.70 47.02
N GLY G 169 -57.41 26.44 47.33
CA GLY G 169 -58.30 25.63 46.51
C GLY G 169 -57.55 24.68 45.60
N LYS G 170 -58.30 23.94 44.78
CA LYS G 170 -57.73 22.97 43.86
C LYS G 170 -57.16 23.66 42.62
N GLU G 171 -57.70 24.83 42.29
CA GLU G 171 -57.26 25.63 41.15
C GLU G 171 -56.19 26.64 41.59
N GLY G 172 -56.04 26.80 42.89
CA GLY G 172 -55.14 27.80 43.49
C GLY G 172 -53.67 27.57 43.19
N VAL G 173 -52.86 28.59 43.43
CA VAL G 173 -51.43 28.56 43.11
C VAL G 173 -50.61 28.20 44.35
N ILE G 174 -49.80 27.15 44.25
CA ILE G 174 -48.97 26.68 45.36
C ILE G 174 -47.49 26.66 44.98
N THR G 175 -46.67 27.28 45.82
CA THR G 175 -45.21 27.36 45.58
C THR G 175 -44.40 26.97 46.81
N VAL G 176 -43.25 26.38 46.56
CA VAL G 176 -42.34 25.95 47.61
C VAL G 176 -41.03 26.74 47.55
N GLU G 177 -40.58 27.21 48.72
CA GLU G 177 -39.29 27.88 48.84
C GLU G 177 -38.54 27.43 50.10
N ASP G 178 -37.30 27.88 50.24
CA ASP G 178 -36.43 27.52 51.36
C ASP G 178 -37.01 27.96 52.70
N GLY G 179 -36.81 27.13 53.72
CA GLY G 179 -37.33 27.41 55.07
C GLY G 179 -36.47 28.35 55.90
N THR G 180 -37.07 28.88 56.96
CA THR G 180 -36.40 29.82 57.85
C THR G 180 -35.73 29.12 59.03
N GLY G 181 -36.33 28.02 59.49
CA GLY G 181 -35.82 27.33 60.67
C GLY G 181 -36.18 25.85 60.75
N LEU G 182 -36.82 25.46 61.84
CA LEU G 182 -37.01 24.05 62.18
C LEU G 182 -38.43 23.51 61.95
N GLN G 183 -39.38 24.40 61.67
CA GLN G 183 -40.75 23.96 61.43
C GLN G 183 -41.27 24.42 60.08
N ASP G 184 -42.11 23.59 59.48
CA ASP G 184 -42.71 23.89 58.19
C ASP G 184 -43.74 25.01 58.34
N GLU G 185 -43.56 26.07 57.55
CA GLU G 185 -44.44 27.23 57.61
C GLU G 185 -45.35 27.32 56.39
N LEU G 186 -46.51 27.93 56.57
CA LEU G 186 -47.51 28.07 55.51
C LEU G 186 -48.26 29.38 55.63
N ASP G 187 -47.99 30.30 54.71
CA ASP G 187 -48.70 31.58 54.63
C ASP G 187 -49.33 31.76 53.26
N VAL G 188 -50.39 32.56 53.19
CA VAL G 188 -50.99 32.93 51.91
C VAL G 188 -50.73 34.42 51.68
N VAL G 189 -49.86 34.70 50.70
CA VAL G 189 -49.48 36.08 50.38
C VAL G 189 -50.03 36.53 49.04
N GLU G 190 -50.16 37.85 48.87
CA GLU G 190 -50.75 38.45 47.68
C GLU G 190 -49.84 38.25 46.46
N GLY G 191 -50.27 37.37 45.56
CA GLY G 191 -49.50 37.05 44.36
C GLY G 191 -50.35 36.61 43.20
N MET G 192 -49.70 36.27 42.08
CA MET G 192 -50.39 35.90 40.84
C MET G 192 -49.54 34.98 39.96
N GLN G 193 -50.21 34.11 39.20
CA GLN G 193 -49.54 33.26 38.21
C GLN G 193 -50.26 33.28 36.86
N PHE G 194 -49.50 33.50 35.80
CA PHE G 194 -50.05 33.53 34.43
C PHE G 194 -49.31 32.59 33.47
N ASP G 195 -49.93 32.27 32.34
CA ASP G 195 -49.42 31.26 31.40
C ASP G 195 -48.33 31.73 30.43
N ARG G 196 -47.22 32.25 30.96
CA ARG G 196 -46.07 32.66 30.15
C ARG G 196 -44.75 32.06 30.65
N GLY G 197 -43.77 31.91 29.75
CA GLY G 197 -42.47 31.37 30.11
C GLY G 197 -41.29 32.21 29.69
N TYR G 198 -40.10 31.85 30.16
CA TYR G 198 -38.87 32.58 29.85
C TYR G 198 -38.70 32.75 28.35
N LEU G 199 -38.33 33.94 27.92
CA LEU G 199 -38.26 34.24 26.49
C LEU G 199 -37.00 33.74 25.81
N SER G 200 -36.00 33.35 26.61
CA SER G 200 -34.82 32.63 26.10
C SER G 200 -34.30 31.69 27.18
N PRO G 201 -34.04 30.42 26.81
CA PRO G 201 -33.65 29.38 27.77
C PRO G 201 -32.46 29.73 28.66
N TYR G 202 -31.64 30.68 28.23
CA TYR G 202 -30.40 30.98 28.97
C TYR G 202 -30.56 32.03 30.08
N PHE G 203 -31.80 32.27 30.49
CA PHE G 203 -32.11 33.07 31.68
C PHE G 203 -32.10 32.23 32.94
N ILE G 204 -32.02 30.90 32.77
CA ILE G 204 -32.07 29.94 33.87
C ILE G 204 -30.85 30.07 34.77
N ASN G 205 -31.04 29.76 36.06
CA ASN G 205 -29.95 29.70 37.03
C ASN G 205 -30.10 28.58 38.04
N LYS G 206 -31.20 27.83 37.95
CA LYS G 206 -31.40 26.61 38.73
C LYS G 206 -31.64 25.41 37.79
N PRO G 207 -30.60 25.02 37.01
CA PRO G 207 -30.76 24.11 35.88
C PRO G 207 -31.29 22.73 36.26
N GLU G 208 -31.13 22.34 37.52
CA GLU G 208 -31.62 21.05 37.98
C GLU G 208 -33.14 21.03 38.10
N THR G 209 -33.76 22.21 38.02
CA THR G 209 -35.22 22.34 37.94
C THR G 209 -35.66 23.03 36.64
N GLY G 210 -34.71 23.66 35.95
CA GLY G 210 -34.97 24.37 34.70
C GLY G 210 -35.80 25.62 34.89
N ALA G 211 -35.41 26.43 35.88
CA ALA G 211 -36.23 27.55 36.30
C ALA G 211 -35.44 28.82 36.61
N VAL G 212 -36.04 29.97 36.30
CA VAL G 212 -35.48 31.28 36.62
C VAL G 212 -36.01 31.67 37.99
N GLU G 213 -35.12 32.17 38.83
CA GLU G 213 -35.45 32.51 40.21
C GLU G 213 -34.75 33.81 40.58
N LEU G 214 -35.53 34.87 40.72
CA LEU G 214 -34.98 36.19 41.06
C LEU G 214 -35.40 36.58 42.48
N GLU G 215 -34.55 37.32 43.19
CA GLU G 215 -34.78 37.56 44.63
C GLU G 215 -34.95 39.02 45.02
N SER G 216 -36.05 39.30 45.72
CA SER G 216 -36.55 40.67 45.96
C SER G 216 -36.58 41.54 44.70
N PRO G 217 -37.18 41.01 43.61
CA PRO G 217 -36.95 41.60 42.29
C PRO G 217 -37.75 42.87 41.99
N PHE G 218 -37.29 43.57 40.95
CA PHE G 218 -38.01 44.69 40.35
C PHE G 218 -38.66 44.19 39.08
N ILE G 219 -39.87 44.67 38.81
CA ILE G 219 -40.57 44.31 37.59
C ILE G 219 -40.80 45.53 36.72
N LEU G 220 -40.60 45.36 35.41
CA LEU G 220 -40.98 46.39 34.45
C LEU G 220 -42.24 45.99 33.67
N LEU G 221 -43.15 46.95 33.55
CA LEU G 221 -44.42 46.73 32.89
C LEU G 221 -44.50 47.64 31.67
N ALA G 222 -44.40 47.03 30.50
CA ALA G 222 -44.33 47.77 29.24
C ALA G 222 -45.32 47.27 28.19
N ASP G 223 -46.20 48.18 27.75
CA ASP G 223 -47.21 47.83 26.77
C ASP G 223 -46.72 48.12 25.35
N LYS G 224 -45.76 47.30 24.90
CA LYS G 224 -45.16 47.38 23.57
C LYS G 224 -44.24 46.19 23.27
N LYS G 225 -43.80 46.08 22.01
CA LYS G 225 -42.79 45.09 21.61
C LYS G 225 -41.40 45.70 21.76
N ILE G 226 -40.70 45.33 22.84
CA ILE G 226 -39.36 45.85 23.12
C ILE G 226 -38.30 45.21 22.21
N SER G 227 -37.86 45.98 21.22
CA SER G 227 -36.90 45.50 20.22
C SER G 227 -35.54 46.18 20.36
N ASN G 228 -35.54 47.40 20.86
CA ASN G 228 -34.31 48.18 21.03
C ASN G 228 -33.81 48.19 22.48
N ILE G 229 -32.53 47.90 22.67
CA ILE G 229 -31.89 47.97 23.99
C ILE G 229 -31.87 49.41 24.52
N ARG G 230 -31.68 50.35 23.60
CA ARG G 230 -31.51 51.77 23.88
C ARG G 230 -32.54 52.39 24.83
N GLU G 231 -33.75 51.81 24.83
CA GLU G 231 -34.84 52.30 25.67
C GLU G 231 -34.66 51.85 27.12
N MET G 232 -34.07 50.67 27.29
CA MET G 232 -33.95 50.04 28.59
C MET G 232 -32.89 50.72 29.46
N LEU G 233 -31.89 51.31 28.80
CA LEU G 233 -30.72 51.92 29.46
C LEU G 233 -30.96 52.56 30.83
N PRO G 234 -31.82 53.61 30.91
CA PRO G 234 -31.95 54.32 32.17
C PRO G 234 -32.61 53.51 33.27
N VAL G 235 -33.49 52.58 32.88
CA VAL G 235 -34.12 51.66 33.83
C VAL G 235 -33.10 50.62 34.31
N LEU G 236 -32.41 49.99 33.36
CA LEU G 236 -31.40 48.98 33.67
C LEU G 236 -30.30 49.49 34.57
N GLU G 237 -29.82 50.69 34.28
CA GLU G 237 -28.75 51.30 35.06
C GLU G 237 -29.24 51.85 36.40
N ALA G 238 -30.56 52.02 36.54
CA ALA G 238 -31.16 52.30 37.84
C ALA G 238 -31.71 51.02 38.48
N VAL G 239 -31.33 49.88 37.92
CA VAL G 239 -31.57 48.57 38.52
C VAL G 239 -30.25 47.94 38.96
N ALA G 240 -29.17 48.32 38.28
CA ALA G 240 -27.82 48.03 38.73
C ALA G 240 -27.54 48.78 40.03
N LYS G 241 -27.86 50.08 40.04
CA LYS G 241 -27.99 50.83 41.29
C LYS G 241 -29.13 50.21 42.12
N ALA G 242 -29.03 50.31 43.44
CA ALA G 242 -29.85 49.51 44.38
C ALA G 242 -29.37 48.06 44.46
N GLY G 243 -29.19 47.43 43.28
CA GLY G 243 -28.52 46.13 43.19
C GLY G 243 -29.41 44.92 43.40
N LYS G 244 -30.48 44.84 42.62
CA LYS G 244 -31.41 43.73 42.69
C LYS G 244 -31.86 43.30 41.29
N PRO G 245 -32.36 42.06 41.13
CA PRO G 245 -32.70 41.52 39.82
C PRO G 245 -33.85 42.25 39.15
N LEU G 246 -34.13 41.89 37.89
CA LEU G 246 -35.19 42.54 37.11
C LEU G 246 -35.94 41.57 36.20
N LEU G 247 -37.26 41.63 36.26
CA LEU G 247 -38.12 40.88 35.35
C LEU G 247 -38.86 41.87 34.50
N ILE G 248 -38.86 41.63 33.19
CA ILE G 248 -39.63 42.47 32.29
C ILE G 248 -40.82 41.70 31.73
N ILE G 249 -42.00 42.30 31.88
CA ILE G 249 -43.17 41.86 31.13
C ILE G 249 -43.55 42.98 30.16
N ALA G 250 -43.64 42.60 28.88
CA ALA G 250 -43.97 43.50 27.79
C ALA G 250 -44.50 42.62 26.69
N GLU G 251 -45.32 43.18 25.80
CA GLU G 251 -45.94 42.38 24.73
C GLU G 251 -45.00 41.26 24.27
N ASP G 252 -43.79 41.64 23.85
CA ASP G 252 -42.73 40.70 23.47
C ASP G 252 -41.36 41.37 23.68
N VAL G 253 -40.31 40.57 23.65
CA VAL G 253 -38.94 41.05 23.64
C VAL G 253 -38.24 40.39 22.45
N GLU G 254 -37.63 41.21 21.59
CA GLU G 254 -37.20 40.74 20.28
C GLU G 254 -35.78 41.14 19.94
N GLY G 255 -35.10 40.29 19.15
CA GLY G 255 -33.82 40.60 18.51
C GLY G 255 -32.78 41.31 19.35
N GLU G 256 -32.42 42.53 18.93
CA GLU G 256 -31.37 43.33 19.56
C GLU G 256 -31.50 43.42 21.09
N ALA G 257 -32.67 43.84 21.57
CA ALA G 257 -32.92 43.94 23.01
C ALA G 257 -32.81 42.59 23.70
N LEU G 258 -33.40 41.55 23.10
CA LEU G 258 -33.38 40.20 23.65
C LEU G 258 -31.96 39.70 23.87
N ALA G 259 -31.24 39.46 22.76
CA ALA G 259 -29.90 38.87 22.82
C ALA G 259 -28.98 39.61 23.79
N THR G 260 -29.01 40.93 23.74
CA THR G 260 -28.22 41.75 24.66
C THR G 260 -28.60 41.44 26.09
N LEU G 261 -29.89 41.52 26.40
CA LEU G 261 -30.39 41.18 27.74
C LEU G 261 -29.94 39.79 28.17
N VAL G 262 -29.96 38.85 27.23
CA VAL G 262 -29.58 37.49 27.53
C VAL G 262 -28.09 37.44 27.85
N VAL G 263 -27.24 37.78 26.88
CA VAL G 263 -25.80 37.65 27.05
C VAL G 263 -25.26 38.55 28.18
N ASN G 264 -25.77 39.78 28.26
CA ASN G 264 -25.35 40.76 29.26
C ASN G 264 -25.61 40.25 30.68
N THR G 265 -26.79 39.66 30.89
CA THR G 265 -27.16 39.13 32.20
C THR G 265 -26.64 37.72 32.44
N MET G 266 -26.28 37.05 31.35
CA MET G 266 -25.69 35.72 31.44
C MET G 266 -24.23 35.84 31.82
N ARG G 267 -23.57 36.87 31.28
CA ARG G 267 -22.17 37.17 31.61
C ARG G 267 -21.99 37.35 33.10
N GLY G 268 -22.94 38.05 33.72
CA GLY G 268 -22.91 38.34 35.15
C GLY G 268 -23.36 39.74 35.44
N ILE G 269 -22.89 40.69 34.63
CA ILE G 269 -23.28 42.09 34.76
C ILE G 269 -24.81 42.21 34.80
N VAL G 270 -25.35 42.45 35.99
CA VAL G 270 -26.80 42.66 36.21
C VAL G 270 -27.64 41.41 35.94
N LYS G 271 -28.65 41.19 36.79
CA LYS G 271 -29.48 39.98 36.77
C LYS G 271 -30.91 40.27 36.27
N VAL G 272 -31.18 39.94 35.01
CA VAL G 272 -32.45 40.27 34.36
C VAL G 272 -33.00 39.07 33.59
N ALA G 273 -34.33 38.94 33.55
CA ALA G 273 -35.01 37.95 32.71
C ALA G 273 -36.32 38.52 32.16
N ALA G 274 -36.85 37.93 31.08
CA ALA G 274 -38.02 38.50 30.40
C ALA G 274 -39.11 37.50 30.00
N VAL G 275 -40.36 37.96 30.07
CA VAL G 275 -41.55 37.18 29.69
C VAL G 275 -42.55 38.00 28.89
N LYS G 276 -43.44 37.33 28.15
CA LYS G 276 -44.54 37.97 27.44
C LYS G 276 -45.66 38.43 28.39
N ALA G 277 -46.38 39.49 28.00
CA ALA G 277 -47.57 39.92 28.72
C ALA G 277 -48.75 38.96 28.47
N PRO G 278 -49.28 38.36 29.56
CA PRO G 278 -50.28 37.30 29.53
C PRO G 278 -51.47 37.59 28.63
N GLY G 279 -51.96 36.55 27.96
CA GLY G 279 -53.08 36.67 27.05
C GLY G 279 -52.78 37.55 25.84
N PHE G 280 -53.83 37.93 25.12
CA PHE G 280 -53.70 38.73 23.91
C PHE G 280 -54.92 39.64 23.69
N GLY G 281 -54.70 40.73 22.96
CA GLY G 281 -55.77 41.64 22.61
C GLY G 281 -56.00 42.72 23.65
N ASP G 282 -57.26 43.03 23.91
CA ASP G 282 -57.63 44.08 24.85
C ASP G 282 -57.61 43.61 26.30
N ARG G 283 -57.71 42.30 26.49
CA ARG G 283 -57.58 41.72 27.83
C ARG G 283 -56.15 41.27 28.10
N ARG G 284 -55.26 41.56 27.15
CA ARG G 284 -53.81 41.46 27.34
C ARG G 284 -53.38 42.69 28.13
N LYS G 285 -53.97 43.82 27.77
CA LYS G 285 -53.61 45.13 28.30
C LYS G 285 -54.11 45.36 29.72
N ALA G 286 -55.33 44.89 30.00
CA ALA G 286 -55.91 44.99 31.34
C ALA G 286 -55.21 44.06 32.34
N MET G 287 -54.72 42.93 31.86
CA MET G 287 -54.02 41.96 32.71
C MET G 287 -52.66 42.45 33.19
N LEU G 288 -52.10 43.41 32.46
CA LEU G 288 -50.89 44.10 32.90
C LEU G 288 -51.21 45.06 34.03
N GLN G 289 -52.40 45.65 34.00
CA GLN G 289 -52.87 46.56 35.05
C GLN G 289 -53.23 45.79 36.33
N ASP G 290 -53.44 44.48 36.18
CA ASP G 290 -53.51 43.59 37.33
C ASP G 290 -52.13 43.56 38.01
N ILE G 291 -51.18 42.90 37.34
CA ILE G 291 -49.79 42.80 37.79
C ILE G 291 -49.24 44.13 38.30
N ALA G 292 -49.84 45.23 37.83
CA ALA G 292 -49.50 46.56 38.30
C ALA G 292 -49.73 46.68 39.81
N THR G 293 -50.97 46.93 40.22
CA THR G 293 -51.30 47.15 41.64
C THR G 293 -51.10 45.89 42.49
N LEU G 294 -51.07 44.73 41.84
CA LEU G 294 -50.71 43.50 42.54
C LEU G 294 -49.32 43.65 43.14
N THR G 295 -48.41 44.23 42.36
CA THR G 295 -47.02 44.47 42.79
C THR G 295 -46.78 45.92 43.26
N GLY G 296 -47.37 46.88 42.54
CA GLY G 296 -47.17 48.30 42.83
C GLY G 296 -46.15 48.87 41.87
N GLY G 297 -46.64 49.69 40.93
CA GLY G 297 -45.81 50.31 39.90
C GLY G 297 -46.62 50.66 38.68
N THR G 298 -46.25 51.76 38.02
CA THR G 298 -47.01 52.27 36.88
C THR G 298 -46.66 51.51 35.61
N VAL G 299 -47.70 51.06 34.89
CA VAL G 299 -47.52 50.41 33.60
C VAL G 299 -47.18 51.48 32.57
N ILE G 300 -46.23 51.15 31.69
CA ILE G 300 -45.79 52.08 30.66
C ILE G 300 -46.34 51.70 29.30
N SER G 301 -47.16 52.60 28.74
CA SER G 301 -47.83 52.35 27.47
C SER G 301 -47.55 53.46 26.46
N GLU G 302 -47.95 53.21 25.22
CA GLU G 302 -47.83 54.18 24.15
C GLU G 302 -49.17 54.83 23.83
N GLU G 303 -50.25 54.15 24.23
CA GLU G 303 -51.61 54.67 24.08
C GLU G 303 -51.76 56.01 24.80
N ILE G 304 -51.04 56.16 25.92
CA ILE G 304 -51.04 57.38 26.74
C ILE G 304 -49.78 58.21 26.43
N GLY G 305 -48.80 57.58 25.77
CA GLY G 305 -47.62 58.28 25.32
C GLY G 305 -46.56 58.44 26.39
N MET G 306 -45.90 57.35 26.74
CA MET G 306 -44.70 57.37 27.58
C MET G 306 -43.64 56.58 26.84
N GLU G 307 -42.38 56.78 27.21
CA GLU G 307 -41.31 55.89 26.75
C GLU G 307 -40.46 55.35 27.91
N LEU G 308 -39.77 54.24 27.66
CA LEU G 308 -38.99 53.54 28.67
C LEU G 308 -37.68 54.23 29.01
N GLU G 309 -37.30 55.25 28.23
CA GLU G 309 -36.14 56.07 28.52
C GLU G 309 -36.41 57.02 29.69
N LYS G 310 -37.68 57.24 30.01
CA LYS G 310 -38.08 58.20 31.05
C LYS G 310 -38.47 57.56 32.39
N ALA G 311 -38.65 56.24 32.41
CA ALA G 311 -39.15 55.53 33.60
C ALA G 311 -38.11 55.45 34.72
N THR G 312 -38.44 56.05 35.87
CA THR G 312 -37.58 56.03 37.04
C THR G 312 -37.79 54.74 37.86
N LEU G 313 -37.19 54.67 39.04
CA LEU G 313 -37.30 53.50 39.89
C LEU G 313 -38.70 53.30 40.44
N GLU G 314 -39.36 54.41 40.77
CA GLU G 314 -40.70 54.34 41.34
C GLU G 314 -41.69 53.71 40.36
N ASP G 315 -41.61 54.11 39.08
CA ASP G 315 -42.51 53.59 38.05
C ASP G 315 -42.48 52.06 37.92
N LEU G 316 -41.36 51.44 38.32
CA LEU G 316 -41.18 49.98 38.25
C LEU G 316 -42.00 49.20 39.26
N GLY G 317 -42.12 47.89 39.02
CA GLY G 317 -42.90 46.96 39.84
C GLY G 317 -42.10 46.22 40.88
N GLN G 318 -42.75 45.84 41.98
CA GLN G 318 -42.03 45.40 43.17
C GLN G 318 -42.61 44.13 43.81
N ALA G 319 -41.80 43.07 43.84
CA ALA G 319 -42.21 41.78 44.39
C ALA G 319 -41.13 41.19 45.29
N LYS G 320 -41.44 40.02 45.87
CA LYS G 320 -40.56 39.38 46.84
C LYS G 320 -39.75 38.27 46.20
N ARG G 321 -40.39 37.50 45.33
CA ARG G 321 -39.73 36.43 44.59
C ARG G 321 -40.54 36.13 43.35
N VAL G 322 -39.88 35.65 42.31
CA VAL G 322 -40.56 35.21 41.10
C VAL G 322 -39.96 33.92 40.57
N VAL G 323 -40.82 32.99 40.17
CA VAL G 323 -40.37 31.77 39.52
C VAL G 323 -40.90 31.73 38.09
N ILE G 324 -39.99 31.46 37.16
CA ILE G 324 -40.31 31.41 35.74
C ILE G 324 -39.94 30.05 35.16
N ASN G 325 -40.97 29.28 34.82
CA ASN G 325 -40.80 27.97 34.22
C ASN G 325 -40.72 28.08 32.70
N LYS G 326 -40.96 26.97 31.99
CA LYS G 326 -40.95 26.98 30.53
C LYS G 326 -42.12 27.78 29.94
N ASP G 327 -43.29 27.66 30.58
CA ASP G 327 -44.46 28.48 30.24
C ASP G 327 -45.34 28.77 31.48
N THR G 328 -44.67 29.16 32.57
CA THR G 328 -45.32 29.38 33.87
C THR G 328 -44.58 30.43 34.69
N THR G 329 -44.84 31.71 34.44
CA THR G 329 -44.37 32.76 35.34
C THR G 329 -45.19 32.63 36.61
N THR G 330 -44.56 32.85 37.76
CA THR G 330 -45.30 32.91 39.02
C THR G 330 -44.72 33.96 39.98
N ILE G 331 -45.46 35.06 40.14
CA ILE G 331 -45.06 36.12 41.06
C ILE G 331 -45.45 35.72 42.46
N ILE G 332 -44.61 36.09 43.43
CA ILE G 332 -44.81 35.73 44.83
C ILE G 332 -44.61 36.93 45.77
N ASP G 333 -45.69 37.28 46.48
CA ASP G 333 -45.75 38.36 47.46
C ASP G 333 -45.37 39.73 46.90
N GLY G 334 -46.36 40.41 46.35
CA GLY G 334 -46.17 41.76 45.80
C GLY G 334 -46.48 42.82 46.83
N VAL G 335 -45.81 43.97 46.71
CA VAL G 335 -45.89 45.01 47.74
C VAL G 335 -47.21 45.76 47.73
N GLY G 336 -47.62 46.25 46.56
CA GLY G 336 -48.84 47.04 46.40
C GLY G 336 -49.85 46.81 47.51
N GLU G 337 -50.01 47.79 48.38
CA GLU G 337 -50.92 47.71 49.53
C GLU G 337 -52.28 47.10 49.18
N GLU G 338 -52.82 46.32 50.10
CA GLU G 338 -54.11 45.64 49.93
C GLU G 338 -55.26 46.57 49.54
N ALA G 339 -55.27 47.77 50.13
CA ALA G 339 -56.37 48.73 49.96
C ALA G 339 -56.53 49.30 48.54
N ALA G 340 -55.69 48.83 47.62
CA ALA G 340 -55.83 49.15 46.20
C ALA G 340 -56.03 47.88 45.37
N ILE G 341 -55.64 46.74 45.95
CA ILE G 341 -55.91 45.44 45.33
C ILE G 341 -57.37 45.09 45.59
N GLN G 342 -57.74 45.08 46.87
CA GLN G 342 -59.12 44.83 47.30
C GLN G 342 -60.09 45.77 46.55
N GLY G 343 -59.56 46.88 46.05
CA GLY G 343 -60.32 47.86 45.28
C GLY G 343 -60.36 47.59 43.78
N ARG G 344 -59.28 47.00 43.26
CA ARG G 344 -59.24 46.52 41.87
C ARG G 344 -60.18 45.31 41.75
N VAL G 345 -60.28 44.55 42.85
CA VAL G 345 -61.26 43.48 42.98
C VAL G 345 -62.67 44.04 42.73
N ALA G 346 -63.04 45.08 43.48
CA ALA G 346 -64.35 45.73 43.35
C ALA G 346 -64.50 46.47 42.01
N GLN G 347 -63.41 46.59 41.25
CA GLN G 347 -63.48 47.06 39.88
C GLN G 347 -64.02 45.96 38.98
N ILE G 348 -63.31 44.84 38.96
CA ILE G 348 -63.67 43.70 38.10
C ILE G 348 -64.95 43.03 38.57
N ARG G 349 -65.20 43.05 39.87
CA ARG G 349 -66.43 42.49 40.45
C ARG G 349 -67.67 43.28 40.01
N GLN G 350 -67.47 44.55 39.67
CA GLN G 350 -68.52 45.39 39.12
C GLN G 350 -68.63 45.16 37.62
N GLN G 351 -67.51 44.75 37.01
CA GLN G 351 -67.46 44.47 35.57
C GLN G 351 -68.12 43.14 35.17
N ILE G 352 -68.25 42.22 36.14
CA ILE G 352 -68.92 40.93 35.90
C ILE G 352 -70.44 41.12 35.77
N GLU G 353 -71.00 41.94 36.67
CA GLU G 353 -72.41 42.28 36.61
C GLU G 353 -72.74 43.17 35.40
N GLU G 354 -71.77 43.94 34.92
CA GLU G 354 -71.97 44.85 33.80
C GLU G 354 -71.34 44.36 32.49
N ALA G 355 -71.85 43.23 32.00
CA ALA G 355 -71.46 42.67 30.69
C ALA G 355 -72.44 41.58 30.27
N THR G 356 -73.18 41.83 29.20
CA THR G 356 -74.19 40.87 28.72
C THR G 356 -73.61 39.74 27.86
N SER G 357 -72.28 39.67 27.79
CA SER G 357 -71.59 38.60 27.07
C SER G 357 -71.48 37.35 27.94
N ASP G 358 -71.69 36.19 27.33
CA ASP G 358 -71.64 34.90 28.02
C ASP G 358 -70.19 34.41 28.20
N TYR G 359 -69.31 34.83 27.29
CA TYR G 359 -67.89 34.49 27.32
C TYR G 359 -67.14 35.36 28.34
N ASP G 360 -67.52 36.63 28.43
CA ASP G 360 -66.88 37.57 29.35
C ASP G 360 -67.09 37.21 30.81
N ARG G 361 -68.23 36.61 31.13
CA ARG G 361 -68.53 36.14 32.48
C ARG G 361 -67.64 34.96 32.85
N GLU G 362 -67.22 34.19 31.85
CA GLU G 362 -66.38 33.00 32.05
C GLU G 362 -64.88 33.33 32.00
N LYS G 363 -64.55 34.57 31.63
CA LYS G 363 -63.16 35.01 31.54
C LYS G 363 -62.77 36.13 32.52
N LEU G 364 -63.72 36.99 32.86
CA LEU G 364 -63.47 38.05 33.87
C LEU G 364 -63.47 37.45 35.27
N GLN G 365 -64.20 36.35 35.45
CA GLN G 365 -64.19 35.57 36.68
C GLN G 365 -62.88 34.83 36.88
N GLU G 366 -62.18 34.54 35.78
CA GLU G 366 -60.81 34.03 35.83
C GLU G 366 -59.87 35.14 36.31
N ARG G 367 -60.04 36.33 35.74
CA ARG G 367 -59.14 37.47 36.01
C ARG G 367 -59.22 37.97 37.45
N VAL G 368 -60.32 37.67 38.15
CA VAL G 368 -60.42 37.97 39.58
C VAL G 368 -59.87 36.84 40.45
N ALA G 369 -60.28 35.60 40.17
CA ALA G 369 -59.86 34.45 40.96
C ALA G 369 -58.34 34.35 41.03
N LYS G 370 -57.69 34.80 39.96
CA LYS G 370 -56.24 34.84 39.87
C LYS G 370 -55.64 35.93 40.76
N LEU G 371 -56.40 37.01 40.98
CA LEU G 371 -55.90 38.18 41.72
C LEU G 371 -56.43 38.27 43.15
N ALA G 372 -57.55 37.58 43.41
CA ALA G 372 -58.20 37.62 44.71
C ALA G 372 -57.42 36.80 45.74
N GLY G 373 -57.64 35.48 45.72
CA GLY G 373 -56.87 34.55 46.54
C GLY G 373 -55.45 34.45 46.01
N GLY G 374 -54.47 34.79 46.86
CA GLY G 374 -53.07 34.88 46.44
C GLY G 374 -52.42 33.55 46.17
N VAL G 375 -51.17 33.42 46.63
CA VAL G 375 -50.39 32.24 46.35
C VAL G 375 -49.90 31.59 47.65
N ALA G 376 -49.96 30.26 47.68
CA ALA G 376 -49.51 29.49 48.84
C ALA G 376 -47.99 29.44 48.91
N VAL G 377 -47.47 29.57 50.13
CA VAL G 377 -46.02 29.54 50.38
C VAL G 377 -45.69 28.45 51.42
N ILE G 378 -44.89 27.47 51.00
CA ILE G 378 -44.44 26.39 51.87
C ILE G 378 -42.96 26.55 52.22
N LYS G 379 -42.68 26.98 53.44
CA LYS G 379 -41.32 27.16 53.92
C LYS G 379 -40.87 25.91 54.67
N VAL G 380 -40.10 25.04 54.00
CA VAL G 380 -39.70 23.75 54.59
C VAL G 380 -38.67 23.92 55.69
N GLY G 381 -39.06 23.53 56.91
CA GLY G 381 -38.17 23.61 58.06
C GLY G 381 -37.59 22.26 58.43
N ALA G 382 -36.26 22.22 58.59
CA ALA G 382 -35.55 20.98 58.94
C ALA G 382 -34.32 21.24 59.80
N ALA G 383 -33.74 20.15 60.31
CA ALA G 383 -32.58 20.19 61.21
C ALA G 383 -31.44 21.07 60.72
N THR G 384 -30.85 20.72 59.58
CA THR G 384 -29.76 21.50 58.98
C THR G 384 -29.91 21.68 57.47
N GLU G 385 -28.98 22.43 56.90
CA GLU G 385 -28.96 22.79 55.48
C GLU G 385 -29.02 21.55 54.58
N VAL G 386 -28.17 20.58 54.87
CA VAL G 386 -28.08 19.33 54.11
C VAL G 386 -29.41 18.58 54.12
N GLU G 387 -30.16 18.74 55.20
CA GLU G 387 -31.44 18.07 55.41
C GLU G 387 -32.58 18.84 54.78
N MET G 388 -32.46 20.17 54.79
CA MET G 388 -33.52 21.06 54.32
C MET G 388 -33.77 20.93 52.82
N LYS G 389 -32.71 21.13 52.03
CA LYS G 389 -32.78 21.10 50.56
C LYS G 389 -33.14 19.73 50.01
N GLU G 390 -32.80 18.68 50.76
CA GLU G 390 -33.11 17.31 50.38
C GLU G 390 -34.61 17.04 50.55
N LYS G 391 -35.24 17.75 51.49
CA LYS G 391 -36.68 17.63 51.70
C LYS G 391 -37.44 18.49 50.72
N LYS G 392 -36.88 19.66 50.41
CA LYS G 392 -37.46 20.63 49.47
C LYS G 392 -37.84 19.99 48.14
N ALA G 393 -36.88 19.31 47.52
CA ALA G 393 -37.08 18.66 46.21
C ALA G 393 -38.04 17.47 46.28
N ARG G 394 -38.15 16.84 47.45
CA ARG G 394 -39.11 15.75 47.67
C ARG G 394 -40.55 16.27 47.75
N VAL G 395 -40.69 17.52 48.18
CA VAL G 395 -41.97 18.22 48.18
C VAL G 395 -42.37 18.57 46.75
N GLU G 396 -41.41 19.16 46.02
CA GLU G 396 -41.62 19.63 44.66
C GLU G 396 -41.97 18.53 43.66
N ASP G 397 -41.62 17.29 43.99
CA ASP G 397 -41.98 16.12 43.17
C ASP G 397 -43.25 15.45 43.68
N ALA G 398 -43.60 15.73 44.94
CA ALA G 398 -44.85 15.25 45.52
C ALA G 398 -46.01 16.15 45.12
N LEU G 399 -45.73 17.43 44.89
CA LEU G 399 -46.74 18.38 44.44
C LEU G 399 -47.14 18.16 42.98
N HIS G 400 -46.16 18.09 42.08
CA HIS G 400 -46.40 17.87 40.63
C HIS G 400 -47.27 16.64 40.38
N ALA G 401 -47.07 15.60 41.17
CA ALA G 401 -47.87 14.38 41.09
C ALA G 401 -49.29 14.60 41.63
N THR G 402 -49.39 15.37 42.71
CA THR G 402 -50.67 15.68 43.34
C THR G 402 -51.51 16.59 42.44
N ARG G 403 -50.85 17.52 41.76
CA ARG G 403 -51.50 18.40 40.78
C ARG G 403 -52.22 17.60 39.71
N ALA G 404 -51.54 16.59 39.17
CA ALA G 404 -52.08 15.74 38.12
C ALA G 404 -53.13 14.77 38.68
N ALA G 405 -53.00 14.46 39.97
CA ALA G 405 -53.94 13.59 40.65
C ALA G 405 -55.30 14.25 40.85
N VAL G 406 -55.33 15.59 40.82
CA VAL G 406 -56.56 16.33 40.98
C VAL G 406 -57.23 16.58 39.62
N GLU G 407 -56.41 16.93 38.62
CA GLU G 407 -56.93 17.33 37.31
C GLU G 407 -57.61 16.18 36.56
N GLU G 408 -56.95 15.03 36.51
CA GLU G 408 -57.48 13.90 35.74
C GLU G 408 -57.66 12.63 36.57
N GLY G 409 -56.95 12.56 37.69
CA GLY G 409 -57.04 11.41 38.59
C GLY G 409 -55.82 10.50 38.56
N VAL G 410 -55.94 9.33 39.17
CA VAL G 410 -54.86 8.35 39.23
C VAL G 410 -55.29 6.98 38.73
N VAL G 411 -54.51 6.39 37.85
CA VAL G 411 -54.77 5.04 37.37
C VAL G 411 -53.84 4.05 38.05
N ALA G 412 -54.02 2.77 37.76
CA ALA G 412 -53.22 1.73 38.36
C ALA G 412 -51.84 1.73 37.76
N GLY G 413 -50.81 1.79 38.61
CA GLY G 413 -49.42 1.88 38.17
C GLY G 413 -48.86 0.58 37.62
N GLY G 414 -47.54 0.49 37.52
CA GLY G 414 -46.84 -0.71 37.08
C GLY G 414 -47.00 -0.96 35.60
N GLY G 415 -47.50 0.06 34.90
CA GLY G 415 -47.78 -0.01 33.46
C GLY G 415 -48.95 -0.93 33.15
N VAL G 416 -49.74 -1.23 34.18
CA VAL G 416 -50.89 -2.13 34.03
C VAL G 416 -52.11 -1.41 33.45
N ALA G 417 -52.14 -0.08 33.65
CA ALA G 417 -53.24 0.73 33.15
C ALA G 417 -53.34 0.58 31.64
N LEU G 418 -52.19 0.69 30.97
CA LEU G 418 -52.15 0.58 29.53
C LEU G 418 -52.41 -0.84 29.07
N ILE G 419 -51.87 -1.81 29.80
CA ILE G 419 -52.02 -3.21 29.41
C ILE G 419 -53.45 -3.69 29.65
N ARG G 420 -54.16 -2.99 30.54
CA ARG G 420 -55.56 -3.25 30.82
C ARG G 420 -56.43 -2.65 29.71
N VAL G 421 -56.03 -1.49 29.23
CA VAL G 421 -56.67 -0.84 28.11
C VAL G 421 -56.50 -1.69 26.85
N ALA G 422 -55.33 -2.30 26.70
CA ALA G 422 -55.00 -3.14 25.56
C ALA G 422 -55.97 -4.30 25.33
N SER G 423 -56.31 -5.00 26.41
CA SER G 423 -57.24 -6.13 26.32
C SER G 423 -58.68 -5.69 26.06
N LYS G 424 -58.98 -4.43 26.43
CA LYS G 424 -60.33 -3.87 26.28
C LYS G 424 -60.58 -3.23 24.92
N LEU G 425 -59.55 -3.15 24.10
CA LEU G 425 -59.68 -2.59 22.75
C LEU G 425 -59.35 -3.62 21.66
N ALA G 426 -59.42 -4.90 22.03
CA ALA G 426 -59.08 -5.99 21.10
C ALA G 426 -60.08 -6.15 19.97
N ASP G 427 -61.29 -5.63 20.19
CA ASP G 427 -62.36 -5.69 19.19
C ASP G 427 -62.36 -4.46 18.26
N LEU G 428 -61.46 -3.51 18.52
CA LEU G 428 -61.40 -2.28 17.73
C LEU G 428 -60.86 -2.55 16.34
N ARG G 429 -61.57 -2.02 15.34
CA ARG G 429 -61.19 -2.18 13.93
C ARG G 429 -61.21 -0.83 13.20
N GLY G 430 -60.50 -0.78 12.07
CA GLY G 430 -60.43 0.44 11.26
C GLY G 430 -61.35 0.38 10.05
N GLN G 431 -60.85 0.85 8.91
CA GLN G 431 -61.64 0.86 7.67
C GLN G 431 -61.14 -0.16 6.65
N ASN G 432 -59.82 -0.34 6.59
CA ASN G 432 -59.20 -1.38 5.77
C ASN G 432 -58.17 -2.18 6.57
N GLU G 433 -57.65 -3.24 5.95
CA GLU G 433 -56.68 -4.13 6.60
C GLU G 433 -55.46 -3.39 7.13
N ASP G 434 -54.97 -2.41 6.37
CA ASP G 434 -53.81 -1.63 6.75
C ASP G 434 -54.06 -0.81 8.02
N GLN G 435 -55.28 -0.30 8.18
CA GLN G 435 -55.64 0.42 9.39
C GLN G 435 -55.76 -0.52 10.57
N ASN G 436 -56.24 -1.75 10.31
CA ASN G 436 -56.42 -2.78 11.33
C ASN G 436 -55.10 -3.17 12.00
N VAL G 437 -54.02 -3.23 11.21
CA VAL G 437 -52.69 -3.54 11.73
C VAL G 437 -52.17 -2.36 12.53
N GLY G 438 -52.48 -1.15 12.06
CA GLY G 438 -52.11 0.08 12.75
C GLY G 438 -52.61 0.12 14.19
N ILE G 439 -53.79 -0.42 14.42
CA ILE G 439 -54.35 -0.53 15.76
C ILE G 439 -53.59 -1.57 16.58
N LYS G 440 -53.36 -2.75 16.00
CA LYS G 440 -52.66 -3.84 16.70
C LYS G 440 -51.22 -3.49 17.04
N VAL G 441 -50.63 -2.60 16.24
CA VAL G 441 -49.31 -2.06 16.53
C VAL G 441 -49.36 -1.25 17.82
N ALA G 442 -50.36 -0.38 17.93
CA ALA G 442 -50.51 0.48 19.09
C ALA G 442 -50.84 -0.32 20.36
N LEU G 443 -51.63 -1.38 20.21
CA LEU G 443 -52.03 -2.18 21.36
C LEU G 443 -50.88 -3.04 21.89
N ARG G 444 -50.01 -3.49 20.99
CA ARG G 444 -48.84 -4.26 21.38
C ARG G 444 -47.74 -3.36 21.89
N ALA G 445 -47.89 -2.05 21.64
CA ALA G 445 -46.95 -1.07 22.15
C ALA G 445 -47.27 -0.70 23.59
N MET G 446 -48.52 -0.88 23.98
CA MET G 446 -48.97 -0.57 25.33
C MET G 446 -48.49 -1.60 26.35
N GLU G 447 -48.12 -2.78 25.86
CA GLU G 447 -47.56 -3.82 26.71
C GLU G 447 -46.12 -3.54 27.08
N ALA G 448 -45.41 -2.77 26.25
CA ALA G 448 -43.98 -2.55 26.42
C ALA G 448 -43.53 -1.90 27.75
N PRO G 449 -44.24 -0.86 28.22
CA PRO G 449 -43.84 -0.25 29.48
C PRO G 449 -43.73 -1.27 30.62
N LEU G 450 -44.76 -2.08 30.81
CA LEU G 450 -44.73 -3.14 31.82
C LEU G 450 -43.59 -4.11 31.53
N ARG G 451 -43.51 -4.58 30.29
CA ARG G 451 -42.50 -5.54 29.87
C ARG G 451 -41.09 -5.05 30.14
N GLN G 452 -40.89 -3.74 30.02
CA GLN G 452 -39.59 -3.15 30.26
C GLN G 452 -39.23 -3.11 31.74
N ILE G 453 -40.23 -2.87 32.60
CA ILE G 453 -40.01 -2.85 34.04
C ILE G 453 -39.63 -4.23 34.54
N VAL G 454 -40.31 -5.25 34.03
CA VAL G 454 -40.03 -6.63 34.37
C VAL G 454 -38.64 -7.04 33.91
N LEU G 455 -38.21 -6.52 32.76
CA LEU G 455 -36.89 -6.83 32.21
C LEU G 455 -35.77 -6.34 33.11
N ASN G 456 -35.97 -5.15 33.68
CA ASN G 456 -35.03 -4.56 34.63
C ASN G 456 -35.01 -5.33 35.95
N CYS G 457 -36.15 -5.93 36.30
CA CYS G 457 -36.31 -6.72 37.53
C CYS G 457 -35.68 -8.10 37.41
N GLY G 458 -35.20 -8.43 36.21
CA GLY G 458 -34.52 -9.70 35.96
C GLY G 458 -35.45 -10.85 35.57
N GLU G 459 -36.73 -10.73 35.90
CA GLU G 459 -37.73 -11.74 35.54
C GLU G 459 -38.10 -11.65 34.05
N GLU G 460 -38.60 -12.76 33.50
CA GLU G 460 -38.99 -12.83 32.08
C GLU G 460 -40.26 -12.03 31.84
N PRO G 461 -40.20 -10.99 30.97
CA PRO G 461 -41.32 -10.09 30.76
C PRO G 461 -42.54 -10.81 30.19
N SER G 462 -42.29 -11.75 29.29
CA SER G 462 -43.35 -12.52 28.65
C SER G 462 -44.23 -13.27 29.65
N VAL G 463 -43.60 -13.86 30.67
CA VAL G 463 -44.31 -14.61 31.70
C VAL G 463 -45.18 -13.70 32.56
N VAL G 464 -44.60 -12.57 32.98
CA VAL G 464 -45.29 -11.64 33.88
C VAL G 464 -46.46 -10.93 33.19
N ALA G 465 -46.22 -10.46 31.97
CA ALA G 465 -47.25 -9.81 31.18
C ALA G 465 -48.42 -10.75 30.87
N ASN G 466 -48.10 -12.01 30.64
CA ASN G 466 -49.12 -13.03 30.42
C ASN G 466 -49.99 -13.31 31.66
N THR G 467 -49.38 -13.18 32.84
CA THR G 467 -50.10 -13.40 34.10
C THR G 467 -50.98 -12.19 34.45
N VAL G 468 -50.49 -10.99 34.16
CA VAL G 468 -51.26 -9.78 34.43
C VAL G 468 -52.49 -9.70 33.52
N LYS G 469 -52.37 -10.15 32.29
CA LYS G 469 -53.49 -10.14 31.33
C LYS G 469 -54.60 -11.12 31.69
N GLY G 470 -54.21 -12.25 32.29
CA GLY G 470 -55.14 -13.31 32.71
C GLY G 470 -56.08 -12.87 33.82
N GLY G 471 -55.51 -12.19 34.82
CA GLY G 471 -56.28 -11.55 35.89
C GLY G 471 -56.88 -10.25 35.40
N ASP G 472 -57.87 -9.74 36.14
CA ASP G 472 -58.61 -8.54 35.73
C ASP G 472 -58.53 -7.43 36.77
N GLY G 473 -58.78 -6.20 36.31
CA GLY G 473 -58.84 -5.03 37.20
C GLY G 473 -57.50 -4.36 37.45
N ASN G 474 -57.29 -3.99 38.72
CA ASN G 474 -56.08 -3.28 39.13
C ASN G 474 -55.00 -4.25 39.65
N TYR G 475 -55.07 -5.48 39.15
CA TYR G 475 -54.15 -6.55 39.50
C TYR G 475 -52.91 -6.44 38.64
N GLY G 476 -51.76 -6.28 39.28
CA GLY G 476 -50.51 -6.12 38.55
C GLY G 476 -49.28 -6.70 39.24
N TYR G 477 -48.11 -6.31 38.74
CA TYR G 477 -46.85 -6.82 39.28
C TYR G 477 -46.06 -5.74 39.98
N ASN G 478 -45.70 -6.02 41.22
CA ASN G 478 -44.82 -5.15 42.00
C ASN G 478 -43.38 -5.59 41.80
N ALA G 479 -42.62 -4.78 41.07
CA ALA G 479 -41.23 -5.09 40.75
C ALA G 479 -40.30 -4.94 41.94
N ALA G 480 -40.64 -4.06 42.88
CA ALA G 480 -39.82 -3.83 44.07
C ALA G 480 -39.81 -5.04 45.00
N THR G 481 -40.98 -5.64 45.19
CA THR G 481 -41.14 -6.76 46.13
C THR G 481 -41.22 -8.12 45.44
N GLU G 482 -41.26 -8.10 44.11
CA GLU G 482 -41.43 -9.32 43.28
C GLU G 482 -42.73 -10.08 43.63
N GLU G 483 -43.75 -9.32 44.02
CA GLU G 483 -45.05 -9.87 44.45
C GLU G 483 -46.17 -9.34 43.54
N TYR G 484 -47.15 -10.20 43.26
CA TYR G 484 -48.34 -9.77 42.54
C TYR G 484 -49.37 -9.22 43.52
N GLY G 485 -50.37 -8.51 43.00
CA GLY G 485 -51.48 -8.03 43.84
C GLY G 485 -52.16 -6.79 43.32
N ASN G 486 -53.08 -6.25 44.13
CA ASN G 486 -53.76 -5.01 43.82
C ASN G 486 -52.79 -3.84 43.91
N MET G 487 -52.66 -3.10 42.81
CA MET G 487 -51.68 -2.03 42.73
C MET G 487 -52.05 -0.85 43.60
N ILE G 488 -53.32 -0.48 43.60
CA ILE G 488 -53.81 0.64 44.40
C ILE G 488 -53.55 0.40 45.90
N ASP G 489 -53.83 -0.83 46.34
CA ASP G 489 -53.63 -1.23 47.73
C ASP G 489 -52.14 -1.25 48.12
N MET G 490 -51.28 -1.48 47.12
CA MET G 490 -49.84 -1.53 47.35
C MET G 490 -49.18 -0.17 47.19
N GLY G 491 -49.97 0.86 46.88
CA GLY G 491 -49.48 2.22 46.76
C GLY G 491 -48.79 2.54 45.45
N ILE G 492 -48.81 1.58 44.53
CA ILE G 492 -48.24 1.77 43.20
C ILE G 492 -49.29 2.38 42.28
N LEU G 493 -49.14 3.66 41.97
CA LEU G 493 -50.09 4.34 41.11
C LEU G 493 -49.45 5.46 40.30
N ASP G 494 -50.02 5.68 39.11
CA ASP G 494 -49.59 6.75 38.24
C ASP G 494 -50.72 7.72 37.98
N PRO G 495 -50.44 9.03 38.06
CA PRO G 495 -51.46 10.03 37.71
C PRO G 495 -51.96 9.83 36.28
N THR G 496 -53.27 9.80 36.10
CA THR G 496 -53.85 9.53 34.78
C THR G 496 -53.25 10.48 33.74
N LYS G 497 -53.06 11.73 34.13
CA LYS G 497 -52.55 12.77 33.23
C LYS G 497 -51.21 12.39 32.63
N VAL G 498 -50.30 11.85 33.45
CA VAL G 498 -48.98 11.48 32.98
C VAL G 498 -49.01 10.31 31.98
N THR G 499 -49.88 9.33 32.22
CA THR G 499 -50.00 8.19 31.32
C THR G 499 -50.67 8.59 30.02
N ARG G 500 -51.63 9.51 30.10
CA ARG G 500 -52.29 10.03 28.91
C ARG G 500 -51.29 10.81 28.05
N SER G 501 -50.48 11.64 28.70
CA SER G 501 -49.45 12.41 28.00
C SER G 501 -48.41 11.48 27.39
N ALA G 502 -47.96 10.51 28.16
CA ALA G 502 -46.94 9.59 27.67
C ALA G 502 -47.41 8.83 26.44
N LEU G 503 -48.68 8.46 26.38
CA LEU G 503 -49.17 7.71 25.24
C LEU G 503 -49.40 8.60 24.03
N GLN G 504 -50.08 9.73 24.25
CA GLN G 504 -50.45 10.63 23.15
C GLN G 504 -49.24 11.18 22.41
N TYR G 505 -48.26 11.67 23.17
CA TYR G 505 -47.07 12.25 22.59
C TYR G 505 -46.27 11.21 21.81
N ALA G 506 -46.09 10.03 22.41
CA ALA G 506 -45.35 8.94 21.78
C ALA G 506 -45.99 8.49 20.48
N ALA G 507 -47.31 8.55 20.41
CA ALA G 507 -48.03 8.21 19.18
C ALA G 507 -47.90 9.31 18.14
N SER G 508 -47.91 10.57 18.60
CA SER G 508 -47.85 11.74 17.73
C SER G 508 -46.57 11.71 16.88
N VAL G 509 -45.44 11.48 17.52
CA VAL G 509 -44.16 11.42 16.83
C VAL G 509 -44.03 10.17 15.93
N ALA G 510 -44.42 9.02 16.45
CA ALA G 510 -44.36 7.78 15.69
C ALA G 510 -45.16 7.91 14.40
N GLY G 511 -46.31 8.58 14.51
CA GLY G 511 -47.18 8.83 13.36
C GLY G 511 -46.47 9.64 12.30
N LEU G 512 -45.77 10.68 12.73
CA LEU G 512 -45.02 11.52 11.82
C LEU G 512 -43.86 10.75 11.23
N MET G 513 -43.22 9.91 12.04
CA MET G 513 -42.04 9.18 11.59
C MET G 513 -42.36 8.01 10.66
N ILE G 514 -43.55 7.44 10.80
CA ILE G 514 -43.97 6.36 9.93
C ILE G 514 -44.31 6.87 8.53
N THR G 515 -44.79 8.12 8.47
CA THR G 515 -45.12 8.74 7.20
C THR G 515 -43.93 9.47 6.57
N THR G 516 -42.72 9.15 7.00
CA THR G 516 -41.53 9.78 6.44
C THR G 516 -40.99 9.00 5.25
N GLU G 517 -40.74 9.72 4.16
CA GLU G 517 -40.20 9.14 2.92
C GLU G 517 -38.87 9.74 2.50
N CYS G 518 -38.63 10.98 2.88
CA CYS G 518 -37.43 11.69 2.45
C CYS G 518 -36.77 12.46 3.58
N MET G 519 -35.44 12.34 3.68
CA MET G 519 -34.67 13.03 4.69
C MET G 519 -33.55 13.88 4.09
N VAL G 520 -33.46 15.13 4.53
CA VAL G 520 -32.49 16.08 4.02
C VAL G 520 -31.66 16.65 5.16
N THR G 521 -30.36 16.38 5.12
CA THR G 521 -29.43 16.85 6.15
C THR G 521 -28.12 17.36 5.56
N ASP G 522 -27.30 17.97 6.41
CA ASP G 522 -26.00 18.49 6.01
C ASP G 522 -25.01 17.37 5.69
N LEU G 523 -24.07 17.65 4.79
CA LEU G 523 -23.09 16.69 4.32
C LEU G 523 -21.95 16.53 5.32
N PRO G 524 -21.54 15.27 5.62
CA PRO G 524 -20.44 15.00 6.54
C PRO G 524 -19.09 15.51 6.04
N ALA H 1 -20.47 -25.37 -13.38
CA ALA H 1 -19.72 -24.11 -13.65
C ALA H 1 -20.53 -22.88 -13.23
N ALA H 2 -19.90 -22.01 -12.45
CA ALA H 2 -20.50 -20.76 -11.99
C ALA H 2 -20.75 -19.81 -13.17
N LYS H 3 -21.91 -19.16 -13.17
CA LYS H 3 -22.32 -18.32 -14.29
C LYS H 3 -22.55 -16.87 -13.89
N ASP H 4 -22.41 -15.99 -14.87
CA ASP H 4 -22.64 -14.55 -14.70
C ASP H 4 -23.88 -14.23 -15.50
N VAL H 5 -24.79 -13.45 -14.93
CA VAL H 5 -26.05 -13.11 -15.61
C VAL H 5 -26.30 -11.61 -15.61
N LYS H 6 -26.52 -11.06 -16.80
CA LYS H 6 -26.85 -9.64 -16.95
C LYS H 6 -28.22 -9.46 -17.58
N PHE H 7 -28.93 -8.43 -17.12
CA PHE H 7 -30.30 -8.17 -17.56
C PHE H 7 -30.49 -6.84 -18.26
N GLY H 8 -31.41 -6.84 -19.23
CA GLY H 8 -31.91 -5.63 -19.85
C GLY H 8 -30.88 -4.71 -20.49
N ASN H 9 -30.97 -3.43 -20.16
CA ASN H 9 -30.15 -2.38 -20.74
C ASN H 9 -28.66 -2.65 -20.55
N ASP H 10 -28.31 -3.08 -19.34
CA ASP H 10 -26.96 -3.50 -18.98
C ASP H 10 -26.45 -4.63 -19.90
N ALA H 11 -27.34 -5.56 -20.24
CA ALA H 11 -26.98 -6.72 -21.05
C ALA H 11 -26.82 -6.35 -22.52
N ARG H 12 -27.65 -5.42 -22.98
CA ARG H 12 -27.64 -5.04 -24.39
C ARG H 12 -26.43 -4.22 -24.79
N VAL H 13 -26.04 -3.26 -23.95
CA VAL H 13 -24.90 -2.38 -24.25
C VAL H 13 -23.61 -3.18 -24.43
N LYS H 14 -23.56 -4.36 -23.82
CA LYS H 14 -22.42 -5.27 -23.97
C LYS H 14 -22.42 -5.97 -25.31
N MET H 15 -23.61 -6.22 -25.86
CA MET H 15 -23.72 -6.77 -27.20
C MET H 15 -23.32 -5.74 -28.25
N LEU H 16 -23.89 -4.54 -28.14
CA LEU H 16 -23.63 -3.46 -29.08
C LEU H 16 -22.13 -3.20 -29.15
N ARG H 17 -21.51 -3.05 -27.97
CA ARG H 17 -20.06 -2.86 -27.83
C ARG H 17 -19.32 -4.02 -28.52
N GLY H 18 -19.89 -5.21 -28.40
CA GLY H 18 -19.29 -6.40 -28.96
C GLY H 18 -19.41 -6.45 -30.46
N VAL H 19 -20.60 -6.16 -30.99
CA VAL H 19 -20.80 -6.17 -32.44
C VAL H 19 -20.05 -5.04 -33.13
N ASN H 20 -19.95 -3.90 -32.46
CA ASN H 20 -19.24 -2.75 -32.99
C ASN H 20 -17.77 -3.03 -33.25
N VAL H 21 -17.18 -3.91 -32.45
CA VAL H 21 -15.78 -4.33 -32.69
C VAL H 21 -15.69 -5.16 -33.97
N LEU H 22 -16.50 -6.21 -34.07
CA LEU H 22 -16.49 -7.03 -35.26
C LEU H 22 -16.86 -6.24 -36.51
N ALA H 23 -17.88 -5.39 -36.41
CA ALA H 23 -18.32 -4.60 -37.56
C ALA H 23 -17.25 -3.64 -38.05
N ASP H 24 -16.72 -2.81 -37.14
CA ASP H 24 -15.72 -1.81 -37.50
C ASP H 24 -14.45 -2.45 -38.04
N ALA H 25 -14.18 -3.69 -37.65
CA ALA H 25 -13.03 -4.41 -38.15
C ALA H 25 -13.27 -4.95 -39.54
N VAL H 26 -14.53 -5.10 -39.91
CA VAL H 26 -14.89 -5.66 -41.21
C VAL H 26 -15.31 -4.57 -42.21
N LYS H 27 -16.09 -3.60 -41.74
CA LYS H 27 -16.61 -2.53 -42.61
C LYS H 27 -15.54 -1.68 -43.31
N VAL H 28 -14.30 -1.73 -42.82
CA VAL H 28 -13.20 -0.98 -43.40
C VAL H 28 -12.70 -1.61 -44.69
N THR H 29 -13.12 -2.85 -44.92
CA THR H 29 -12.66 -3.59 -46.08
C THR H 29 -13.71 -3.65 -47.18
N LEU H 30 -14.68 -2.74 -47.13
CA LEU H 30 -15.77 -2.73 -48.09
C LEU H 30 -15.40 -1.96 -49.35
N GLY H 31 -15.91 -2.43 -50.49
CA GLY H 31 -15.68 -1.75 -51.76
C GLY H 31 -14.31 -1.98 -52.36
N PRO H 32 -13.97 -1.24 -53.43
CA PRO H 32 -12.66 -1.34 -54.04
C PRO H 32 -11.71 -0.29 -53.47
N LYS H 33 -12.26 0.70 -52.78
CA LYS H 33 -11.45 1.68 -52.07
C LYS H 33 -11.22 1.22 -50.63
N GLY H 34 -11.37 -0.09 -50.42
CA GLY H 34 -11.21 -0.71 -49.11
C GLY H 34 -9.81 -0.68 -48.54
N ARG H 35 -9.74 -0.86 -47.22
CA ARG H 35 -8.48 -0.82 -46.50
C ARG H 35 -8.03 -2.23 -46.14
N ASN H 36 -6.74 -2.38 -45.84
CA ASN H 36 -6.19 -3.66 -45.43
C ASN H 36 -6.34 -3.86 -43.94
N VAL H 37 -6.66 -5.10 -43.55
CA VAL H 37 -6.68 -5.48 -42.14
C VAL H 37 -5.61 -6.53 -41.93
N VAL H 38 -4.74 -6.30 -40.95
CA VAL H 38 -3.62 -7.21 -40.66
C VAL H 38 -3.96 -8.14 -39.51
N LEU H 39 -3.81 -9.44 -39.76
CA LEU H 39 -4.12 -10.48 -38.77
C LEU H 39 -2.86 -11.20 -38.33
N ASP H 40 -2.63 -11.24 -37.03
CA ASP H 40 -1.41 -11.82 -36.49
C ASP H 40 -1.50 -13.34 -36.44
N LYS H 41 -0.36 -13.97 -36.68
CA LYS H 41 -0.18 -15.41 -36.51
C LYS H 41 1.02 -15.65 -35.61
N SER H 42 0.96 -16.72 -34.82
CA SER H 42 2.07 -17.09 -33.94
C SER H 42 3.33 -17.46 -34.75
N PHE H 43 3.14 -18.21 -35.83
CA PHE H 43 4.25 -18.65 -36.68
C PHE H 43 4.57 -17.62 -37.76
N GLY H 44 5.71 -16.95 -37.60
CA GLY H 44 6.26 -16.04 -38.62
C GLY H 44 5.46 -14.79 -38.94
N ALA H 45 5.38 -14.48 -40.24
CA ALA H 45 4.81 -13.23 -40.75
C ALA H 45 3.30 -13.10 -40.57
N PRO H 46 2.80 -11.87 -40.33
CA PRO H 46 1.37 -11.63 -40.22
C PRO H 46 0.69 -11.67 -41.58
N THR H 47 -0.61 -11.95 -41.58
CA THR H 47 -1.40 -11.99 -42.81
C THR H 47 -2.07 -10.66 -43.05
N ILE H 48 -1.82 -10.08 -44.23
CA ILE H 48 -2.47 -8.85 -44.65
C ILE H 48 -3.54 -9.23 -45.66
N THR H 49 -4.80 -8.92 -45.34
CA THR H 49 -5.93 -9.29 -46.20
C THR H 49 -7.05 -8.26 -46.21
N LYS H 50 -7.86 -8.33 -47.27
CA LYS H 50 -9.07 -7.52 -47.40
C LYS H 50 -10.33 -8.35 -47.26
N ASP H 51 -10.15 -9.68 -47.26
CA ASP H 51 -11.27 -10.63 -47.19
C ASP H 51 -12.05 -10.55 -45.87
N GLY H 52 -13.27 -10.01 -45.96
CA GLY H 52 -14.13 -9.81 -44.79
C GLY H 52 -14.44 -11.05 -43.98
N VAL H 53 -14.33 -12.22 -44.61
CA VAL H 53 -14.57 -13.49 -43.95
C VAL H 53 -13.40 -13.83 -43.04
N SER H 54 -12.19 -13.69 -43.57
CA SER H 54 -10.96 -13.99 -42.85
C SER H 54 -10.81 -13.10 -41.63
N VAL H 55 -11.24 -11.85 -41.75
CA VAL H 55 -11.20 -10.89 -40.65
C VAL H 55 -12.23 -11.24 -39.60
N ALA H 56 -13.44 -11.57 -40.06
CA ALA H 56 -14.53 -11.91 -39.14
C ALA H 56 -14.17 -13.13 -38.30
N ARG H 57 -13.68 -14.17 -38.96
CA ARG H 57 -13.30 -15.42 -38.28
C ARG H 57 -12.34 -15.21 -37.11
N GLU H 58 -11.46 -14.23 -37.23
CA GLU H 58 -10.43 -14.00 -36.23
C GLU H 58 -10.91 -13.27 -34.98
N ILE H 59 -12.00 -12.51 -35.10
CA ILE H 59 -12.50 -11.72 -33.98
C ILE H 59 -13.10 -12.58 -32.88
N GLU H 60 -12.62 -12.36 -31.65
CA GLU H 60 -13.12 -13.02 -30.45
C GLU H 60 -12.67 -12.19 -29.24
N LEU H 61 -13.64 -11.58 -28.55
CA LEU H 61 -13.32 -10.60 -27.52
C LEU H 61 -13.05 -11.16 -26.13
N GLU H 62 -12.45 -10.34 -25.27
CA GLU H 62 -12.11 -10.77 -23.91
C GLU H 62 -13.35 -10.80 -23.02
N ASP H 63 -14.07 -9.67 -22.95
CA ASP H 63 -15.29 -9.59 -22.13
C ASP H 63 -16.30 -10.58 -22.67
N LYS H 64 -16.64 -11.57 -21.85
CA LYS H 64 -17.48 -12.68 -22.28
C LYS H 64 -18.79 -12.24 -22.95
N PHE H 65 -19.42 -11.21 -22.39
CA PHE H 65 -20.66 -10.66 -22.94
C PHE H 65 -20.43 -9.96 -24.28
N GLU H 66 -19.38 -9.16 -24.37
CA GLU H 66 -18.99 -8.53 -25.62
C GLU H 66 -18.69 -9.59 -26.67
N ASN H 67 -17.98 -10.63 -26.26
CA ASN H 67 -17.66 -11.74 -27.15
C ASN H 67 -18.92 -12.34 -27.75
N MET H 68 -19.92 -12.55 -26.91
CA MET H 68 -21.19 -13.12 -27.37
C MET H 68 -21.79 -12.28 -28.49
N GLY H 69 -21.90 -10.96 -28.24
CA GLY H 69 -22.40 -10.03 -29.24
C GLY H 69 -21.67 -10.21 -30.56
N ALA H 70 -20.36 -10.05 -30.51
CA ALA H 70 -19.50 -10.21 -31.67
C ALA H 70 -19.70 -11.57 -32.36
N GLN H 71 -19.74 -12.63 -31.55
CA GLN H 71 -19.86 -13.98 -32.10
C GLN H 71 -21.22 -14.25 -32.70
N MET H 72 -22.21 -13.45 -32.30
CA MET H 72 -23.57 -13.57 -32.84
C MET H 72 -23.67 -13.08 -34.29
N VAL H 73 -23.13 -11.88 -34.56
CA VAL H 73 -23.17 -11.30 -35.91
C VAL H 73 -22.17 -11.99 -36.85
N LYS H 74 -21.18 -12.64 -36.24
CA LYS H 74 -20.19 -13.44 -36.98
C LYS H 74 -20.88 -14.64 -37.63
N GLU H 75 -21.87 -15.21 -36.92
CA GLU H 75 -22.66 -16.35 -37.39
C GLU H 75 -23.45 -16.05 -38.66
N VAL H 76 -23.62 -14.77 -38.94
CA VAL H 76 -24.39 -14.33 -40.08
C VAL H 76 -23.47 -14.20 -41.28
N ALA H 77 -22.37 -13.48 -41.08
CA ALA H 77 -21.33 -13.32 -42.07
C ALA H 77 -20.97 -14.67 -42.71
N SER H 78 -20.71 -15.66 -41.86
CA SER H 78 -20.36 -17.00 -42.32
C SER H 78 -21.51 -17.69 -43.06
N LYS H 79 -22.73 -17.39 -42.66
CA LYS H 79 -23.92 -18.00 -43.28
C LYS H 79 -24.29 -17.35 -44.61
N ALA H 80 -23.99 -16.05 -44.74
CA ALA H 80 -24.14 -15.34 -46.01
C ALA H 80 -23.14 -15.93 -47.00
N ASN H 81 -21.96 -16.26 -46.50
CA ASN H 81 -20.91 -16.93 -47.26
C ASN H 81 -21.36 -18.31 -47.74
N ASP H 82 -22.16 -18.99 -46.91
CA ASP H 82 -22.65 -20.33 -47.23
C ASP H 82 -23.72 -20.30 -48.31
N ALA H 83 -24.49 -19.20 -48.34
CA ALA H 83 -25.59 -19.04 -49.29
C ALA H 83 -25.12 -18.62 -50.68
N ALA H 84 -24.19 -17.67 -50.74
CA ALA H 84 -23.73 -17.09 -52.01
C ALA H 84 -22.20 -17.16 -52.23
N GLY H 85 -21.43 -16.90 -51.18
CA GLY H 85 -19.96 -16.83 -51.28
C GLY H 85 -19.47 -15.40 -51.36
N ASP H 86 -20.41 -14.49 -51.61
CA ASP H 86 -20.13 -13.09 -51.75
C ASP H 86 -20.99 -12.36 -50.73
N GLY H 87 -20.64 -11.10 -50.45
CA GLY H 87 -21.48 -10.20 -49.66
C GLY H 87 -21.45 -10.39 -48.15
N THR H 88 -20.33 -10.90 -47.66
CA THR H 88 -20.16 -11.16 -46.23
C THR H 88 -19.90 -9.86 -45.48
N THR H 89 -19.14 -8.97 -46.11
CA THR H 89 -18.89 -7.64 -45.55
C THR H 89 -20.15 -6.79 -45.62
N THR H 90 -20.88 -6.92 -46.74
CA THR H 90 -22.13 -6.18 -46.97
C THR H 90 -23.22 -6.62 -45.98
N ALA H 91 -23.19 -7.90 -45.60
CA ALA H 91 -24.10 -8.40 -44.57
C ALA H 91 -23.81 -7.72 -43.24
N THR H 92 -22.52 -7.71 -42.88
CA THR H 92 -22.08 -7.25 -41.56
C THR H 92 -22.32 -5.75 -41.39
N VAL H 93 -22.14 -4.98 -42.46
CA VAL H 93 -22.38 -3.53 -42.36
C VAL H 93 -23.86 -3.23 -42.19
N LEU H 94 -24.71 -4.10 -42.75
CA LEU H 94 -26.16 -4.01 -42.62
C LEU H 94 -26.60 -4.36 -41.20
N ALA H 95 -26.16 -5.54 -40.75
CA ALA H 95 -26.48 -6.02 -39.42
C ALA H 95 -26.17 -4.97 -38.34
N GLN H 96 -25.00 -4.36 -38.43
CA GLN H 96 -24.62 -3.33 -37.49
C GLN H 96 -25.65 -2.21 -37.50
N ALA H 97 -26.00 -1.75 -38.70
CA ALA H 97 -26.87 -0.58 -38.90
C ALA H 97 -28.28 -0.80 -38.41
N ILE H 98 -28.75 -2.04 -38.47
CA ILE H 98 -30.06 -2.40 -37.92
C ILE H 98 -29.99 -2.48 -36.40
N ILE H 99 -28.91 -3.08 -35.88
CA ILE H 99 -28.73 -3.26 -34.43
C ILE H 99 -28.53 -1.92 -33.72
N THR H 100 -27.60 -1.10 -34.22
CA THR H 100 -27.31 0.18 -33.60
C THR H 100 -28.56 1.05 -33.53
N GLU H 101 -29.28 1.15 -34.64
CA GLU H 101 -30.48 1.99 -34.70
C GLU H 101 -31.66 1.33 -34.02
N GLY H 102 -31.68 0.00 -34.04
CA GLY H 102 -32.72 -0.79 -33.36
C GLY H 102 -32.66 -0.61 -31.85
N LEU H 103 -31.48 -0.86 -31.28
CA LEU H 103 -31.29 -0.74 -29.84
C LEU H 103 -31.57 0.66 -29.34
N LYS H 104 -31.27 1.67 -30.17
CA LYS H 104 -31.60 3.06 -29.85
C LYS H 104 -33.09 3.25 -29.54
N ALA H 105 -33.92 2.57 -30.33
CA ALA H 105 -35.38 2.60 -30.16
C ALA H 105 -35.83 1.85 -28.91
N VAL H 106 -35.15 0.74 -28.63
CA VAL H 106 -35.48 -0.08 -27.46
C VAL H 106 -35.18 0.71 -26.19
N ALA H 107 -34.04 1.39 -26.19
CA ALA H 107 -33.62 2.23 -25.07
C ALA H 107 -34.49 3.48 -24.91
N ALA H 108 -35.07 3.93 -26.03
CA ALA H 108 -36.02 5.04 -26.01
C ALA H 108 -37.32 4.62 -25.34
N GLY H 109 -37.60 3.32 -25.35
CA GLY H 109 -38.77 2.75 -24.66
C GLY H 109 -39.81 2.20 -25.61
N MET H 110 -39.36 1.45 -26.61
CA MET H 110 -40.25 0.87 -27.60
C MET H 110 -40.23 -0.66 -27.54
N ASN H 111 -41.32 -1.27 -27.95
CA ASN H 111 -41.49 -2.72 -27.87
C ASN H 111 -40.58 -3.44 -28.86
N PRO H 112 -39.64 -4.25 -28.35
CA PRO H 112 -38.72 -4.98 -29.22
C PRO H 112 -39.44 -5.92 -30.16
N MET H 113 -40.48 -6.59 -29.67
CA MET H 113 -41.23 -7.52 -30.50
C MET H 113 -41.96 -6.84 -31.67
N ASP H 114 -42.39 -5.58 -31.47
CA ASP H 114 -42.98 -4.78 -32.54
C ASP H 114 -41.90 -4.26 -33.48
N LEU H 115 -40.70 -4.00 -32.94
CA LEU H 115 -39.58 -3.53 -33.75
C LEU H 115 -39.07 -4.62 -34.67
N LYS H 116 -39.05 -5.86 -34.18
CA LYS H 116 -38.63 -6.99 -35.00
C LYS H 116 -39.59 -7.17 -36.18
N ARG H 117 -40.89 -7.20 -35.88
CA ARG H 117 -41.91 -7.40 -36.91
C ARG H 117 -41.90 -6.29 -37.94
N GLY H 118 -41.55 -5.08 -37.50
CA GLY H 118 -41.42 -3.92 -38.40
C GLY H 118 -40.27 -4.11 -39.38
N ILE H 119 -39.14 -4.59 -38.87
CA ILE H 119 -37.95 -4.88 -39.68
C ILE H 119 -38.23 -5.99 -40.70
N ASP H 120 -38.75 -7.13 -40.21
CA ASP H 120 -39.01 -8.30 -41.06
C ASP H 120 -40.01 -8.03 -42.17
N LYS H 121 -41.01 -7.20 -41.89
CA LYS H 121 -42.00 -6.82 -42.89
C LYS H 121 -41.34 -5.92 -43.93
N ALA H 122 -40.49 -5.01 -43.46
CA ALA H 122 -39.74 -4.14 -44.35
C ALA H 122 -38.80 -4.94 -45.24
N VAL H 123 -38.23 -6.00 -44.68
CA VAL H 123 -37.33 -6.88 -45.41
C VAL H 123 -38.07 -7.73 -46.45
N THR H 124 -39.18 -8.35 -46.05
CA THR H 124 -39.97 -9.21 -46.95
C THR H 124 -40.46 -8.39 -48.14
N ALA H 125 -40.71 -7.11 -47.89
CA ALA H 125 -41.11 -6.17 -48.94
C ALA H 125 -39.92 -5.75 -49.79
N ALA H 126 -38.73 -5.68 -49.17
CA ALA H 126 -37.52 -5.29 -49.86
C ALA H 126 -37.03 -6.37 -50.81
N VAL H 127 -37.17 -7.63 -50.38
CA VAL H 127 -36.83 -8.79 -51.21
C VAL H 127 -37.77 -8.86 -52.40
N GLU H 128 -39.03 -8.52 -52.17
CA GLU H 128 -40.05 -8.49 -53.21
C GLU H 128 -39.78 -7.36 -54.20
N GLU H 129 -39.33 -6.21 -53.69
CA GLU H 129 -39.00 -5.06 -54.52
C GLU H 129 -37.71 -5.30 -55.29
N LEU H 130 -36.82 -6.07 -54.68
CA LEU H 130 -35.53 -6.39 -55.26
C LEU H 130 -35.66 -7.29 -56.51
N LYS H 131 -36.60 -8.22 -56.47
CA LYS H 131 -36.88 -9.12 -57.59
C LYS H 131 -37.34 -8.34 -58.82
N ALA H 132 -38.05 -7.23 -58.57
CA ALA H 132 -38.53 -6.36 -59.64
C ALA H 132 -37.41 -5.54 -60.27
N LEU H 133 -36.40 -5.21 -59.46
CA LEU H 133 -35.26 -4.41 -59.91
C LEU H 133 -34.22 -5.25 -60.62
N SER H 134 -34.34 -6.57 -60.47
CA SER H 134 -33.37 -7.51 -61.03
C SER H 134 -33.44 -7.60 -62.55
N VAL H 135 -32.27 -7.64 -63.18
CA VAL H 135 -32.15 -7.84 -64.62
C VAL H 135 -31.61 -9.24 -64.89
N PRO H 136 -32.46 -10.15 -65.39
CA PRO H 136 -32.12 -11.56 -65.54
C PRO H 136 -31.02 -11.81 -66.57
N CYS H 137 -30.28 -12.91 -66.38
CA CYS H 137 -29.30 -13.40 -67.35
C CYS H 137 -29.77 -14.72 -67.94
N SER H 138 -30.36 -14.64 -69.12
CA SER H 138 -30.97 -15.80 -69.80
C SER H 138 -30.04 -16.42 -70.84
N ASP H 139 -29.78 -15.67 -71.91
CA ASP H 139 -28.94 -16.13 -73.02
C ASP H 139 -27.46 -16.22 -72.64
N SER H 140 -26.72 -17.10 -73.32
CA SER H 140 -25.31 -17.37 -73.01
C SER H 140 -24.34 -16.24 -73.44
N LYS H 141 -24.90 -15.16 -74.00
CA LYS H 141 -24.12 -13.98 -74.37
C LYS H 141 -24.01 -12.99 -73.20
N ALA H 142 -25.12 -12.85 -72.46
CA ALA H 142 -25.16 -12.00 -71.25
C ALA H 142 -24.56 -12.72 -70.04
N ILE H 143 -24.50 -14.05 -70.10
CA ILE H 143 -23.85 -14.89 -69.09
C ILE H 143 -22.32 -14.70 -69.15
N ALA H 144 -21.81 -14.52 -70.37
CA ALA H 144 -20.37 -14.27 -70.60
C ALA H 144 -19.90 -12.92 -70.04
N GLN H 145 -20.80 -11.93 -70.06
CA GLN H 145 -20.52 -10.59 -69.52
C GLN H 145 -20.27 -10.57 -68.01
N VAL H 146 -21.01 -11.41 -67.28
CA VAL H 146 -20.90 -11.49 -65.82
C VAL H 146 -19.59 -12.17 -65.39
N GLY H 147 -19.23 -13.24 -66.09
CA GLY H 147 -17.98 -13.96 -65.82
C GLY H 147 -16.72 -13.18 -66.18
N THR H 148 -16.87 -12.22 -67.08
CA THR H 148 -15.74 -11.38 -67.52
C THR H 148 -15.37 -10.31 -66.49
N ILE H 149 -16.37 -9.55 -66.01
CA ILE H 149 -16.13 -8.44 -65.09
C ILE H 149 -15.82 -8.91 -63.67
N SER H 150 -16.29 -10.11 -63.33
CA SER H 150 -16.03 -10.73 -62.02
C SER H 150 -14.59 -11.26 -61.89
N ALA H 151 -13.96 -11.52 -63.04
CA ALA H 151 -12.59 -12.01 -63.07
C ALA H 151 -11.60 -10.92 -63.53
N ASN H 152 -11.90 -9.68 -63.16
CA ASN H 152 -11.07 -8.50 -63.50
C ASN H 152 -10.84 -8.29 -65.01
N SER H 153 -11.93 -8.06 -65.74
CA SER H 153 -11.93 -7.79 -67.19
C SER H 153 -11.22 -8.83 -68.07
N ASP H 154 -11.27 -10.10 -67.66
CA ASP H 154 -10.65 -11.20 -68.39
C ASP H 154 -11.69 -11.93 -69.23
N GLU H 155 -11.52 -11.86 -70.55
CA GLU H 155 -12.48 -12.43 -71.49
C GLU H 155 -12.34 -13.95 -71.67
N THR H 156 -11.16 -14.48 -71.35
CA THR H 156 -10.88 -15.92 -71.46
C THR H 156 -11.66 -16.71 -70.40
N VAL H 157 -11.87 -16.09 -69.24
CA VAL H 157 -12.61 -16.71 -68.15
C VAL H 157 -14.09 -16.84 -68.49
N GLY H 158 -14.70 -15.74 -68.94
CA GLY H 158 -16.12 -15.70 -69.29
C GLY H 158 -16.50 -16.59 -70.45
N LYS H 159 -15.56 -16.82 -71.37
CA LYS H 159 -15.76 -17.69 -72.53
C LYS H 159 -15.87 -19.15 -72.11
N LEU H 160 -15.08 -19.55 -71.12
CA LEU H 160 -15.07 -20.93 -70.63
C LEU H 160 -16.34 -21.30 -69.90
N ILE H 161 -16.83 -20.38 -69.09
CA ILE H 161 -18.05 -20.59 -68.31
C ILE H 161 -19.24 -20.77 -69.24
N ALA H 162 -19.35 -19.90 -70.25
CA ALA H 162 -20.43 -19.95 -71.24
C ALA H 162 -20.43 -21.27 -72.03
N GLU H 163 -19.24 -21.77 -72.35
CA GLU H 163 -19.10 -23.05 -73.05
C GLU H 163 -19.43 -24.24 -72.14
N ALA H 164 -19.14 -24.08 -70.85
CA ALA H 164 -19.42 -25.12 -69.86
C ALA H 164 -20.92 -25.22 -69.58
N MET H 165 -21.59 -24.07 -69.53
CA MET H 165 -23.02 -24.03 -69.28
C MET H 165 -23.84 -24.41 -70.53
N ASP H 166 -23.19 -24.38 -71.70
CA ASP H 166 -23.83 -24.77 -72.95
C ASP H 166 -23.79 -26.29 -73.12
N LYS H 167 -22.99 -26.96 -72.29
CA LYS H 167 -22.83 -28.42 -72.34
C LYS H 167 -23.75 -29.15 -71.36
N VAL H 168 -23.71 -28.75 -70.09
CA VAL H 168 -24.50 -29.42 -69.04
C VAL H 168 -25.80 -28.71 -68.69
N GLY H 169 -25.92 -27.45 -69.12
CA GLY H 169 -27.11 -26.66 -68.87
C GLY H 169 -26.94 -25.69 -67.73
N LYS H 170 -28.01 -24.97 -67.42
CA LYS H 170 -28.00 -23.97 -66.33
C LYS H 170 -28.09 -24.63 -64.94
N GLU H 171 -28.70 -25.82 -64.90
CA GLU H 171 -28.85 -26.60 -63.67
C GLU H 171 -27.70 -27.58 -63.51
N GLY H 172 -26.92 -27.76 -64.57
CA GLY H 172 -25.82 -28.74 -64.62
C GLY H 172 -24.69 -28.45 -63.64
N VAL H 173 -23.84 -29.46 -63.43
CA VAL H 173 -22.75 -29.36 -62.45
C VAL H 173 -21.44 -28.99 -63.13
N ILE H 174 -20.82 -27.91 -62.66
CA ILE H 174 -19.55 -27.42 -63.23
C ILE H 174 -18.45 -27.36 -62.17
N THR H 175 -17.30 -27.97 -62.47
CA THR H 175 -16.16 -28.00 -61.55
C THR H 175 -14.85 -27.61 -62.22
N VAL H 176 -13.99 -26.97 -61.45
CA VAL H 176 -12.68 -26.52 -61.91
C VAL H 176 -11.56 -27.26 -61.19
N GLU H 177 -10.59 -27.73 -61.97
CA GLU H 177 -9.38 -28.36 -61.43
C GLU H 177 -8.12 -27.90 -62.17
N ASP H 178 -6.96 -28.33 -61.67
CA ASP H 178 -5.66 -27.95 -62.23
C ASP H 178 -5.49 -28.43 -63.67
N GLY H 179 -4.83 -27.59 -64.49
CA GLY H 179 -4.62 -27.89 -65.89
C GLY H 179 -3.44 -28.80 -66.17
N THR H 180 -3.43 -29.36 -67.38
CA THR H 180 -2.37 -30.29 -67.80
C THR H 180 -1.22 -29.57 -68.51
N GLY H 181 -1.53 -28.49 -69.23
CA GLY H 181 -0.54 -27.79 -70.04
C GLY H 181 -0.85 -26.34 -70.30
N LEU H 182 -0.87 -25.97 -71.58
CA LEU H 182 -0.90 -24.57 -71.99
C LEU H 182 -2.25 -24.08 -72.50
N GLN H 183 -3.19 -24.99 -72.71
CA GLN H 183 -4.51 -24.59 -73.19
C GLN H 183 -5.62 -25.06 -72.27
N ASP H 184 -6.67 -24.25 -72.19
CA ASP H 184 -7.83 -24.55 -71.36
C ASP H 184 -8.62 -25.71 -71.97
N GLU H 185 -8.83 -26.76 -71.18
CA GLU H 185 -9.54 -27.95 -71.64
C GLU H 185 -10.92 -28.05 -71.02
N LEU H 186 -11.83 -28.70 -71.74
CA LEU H 186 -13.22 -28.84 -71.30
C LEU H 186 -13.79 -30.18 -71.74
N ASP H 187 -13.99 -31.08 -70.78
CA ASP H 187 -14.62 -32.38 -71.04
C ASP H 187 -15.84 -32.57 -70.15
N VAL H 188 -16.78 -33.39 -70.60
CA VAL H 188 -17.93 -33.78 -69.78
C VAL H 188 -17.78 -35.26 -69.41
N VAL H 189 -17.49 -35.51 -68.14
CA VAL H 189 -17.28 -36.88 -67.65
C VAL H 189 -18.43 -37.34 -66.74
N GLU H 190 -18.58 -38.65 -66.63
CA GLU H 190 -19.66 -39.28 -65.86
C GLU H 190 -19.48 -39.05 -64.36
N GLY H 191 -20.31 -38.17 -63.80
CA GLY H 191 -20.24 -37.80 -62.37
C GLY H 191 -21.58 -37.39 -61.80
N MET H 192 -21.58 -37.02 -60.51
CA MET H 192 -22.81 -36.66 -59.80
C MET H 192 -22.53 -35.71 -58.65
N GLN H 193 -23.50 -34.86 -58.33
CA GLN H 193 -23.42 -33.96 -57.17
C GLN H 193 -24.71 -34.01 -56.34
N PHE H 194 -24.58 -34.20 -55.03
CA PHE H 194 -25.73 -34.24 -54.13
C PHE H 194 -25.62 -33.29 -52.94
N ASP H 195 -26.76 -33.09 -52.28
CA ASP H 195 -26.94 -32.11 -51.22
C ASP H 195 -26.62 -32.63 -49.81
N ARG H 196 -25.36 -32.98 -49.59
CA ARG H 196 -24.84 -33.31 -48.25
C ARG H 196 -23.46 -32.67 -48.08
N GLY H 197 -23.05 -32.43 -46.84
CA GLY H 197 -21.75 -31.82 -46.55
C GLY H 197 -20.87 -32.68 -45.66
N TYR H 198 -19.71 -32.14 -45.27
CA TYR H 198 -18.77 -32.88 -44.41
C TYR H 198 -19.33 -33.09 -43.01
N LEU H 199 -19.16 -34.30 -42.49
CA LEU H 199 -19.75 -34.64 -41.20
C LEU H 199 -18.95 -34.05 -40.05
N SER H 200 -17.75 -33.56 -40.36
CA SER H 200 -16.94 -32.77 -39.42
C SER H 200 -16.09 -31.75 -40.17
N PRO H 201 -15.97 -30.53 -39.61
CA PRO H 201 -15.18 -29.49 -40.25
C PRO H 201 -13.65 -29.68 -40.16
N TYR H 202 -13.21 -30.77 -39.51
CA TYR H 202 -11.77 -31.00 -39.37
C TYR H 202 -11.13 -31.75 -40.55
N PHE H 203 -11.88 -31.91 -41.63
CA PHE H 203 -11.36 -32.54 -42.84
C PHE H 203 -10.87 -31.49 -43.84
N ILE H 204 -11.24 -30.23 -43.59
CA ILE H 204 -10.85 -29.11 -44.45
C ILE H 204 -9.33 -29.01 -44.57
N ASN H 205 -8.79 -29.55 -45.66
CA ASN H 205 -7.34 -29.47 -45.92
C ASN H 205 -6.97 -28.40 -46.96
N LYS H 206 -7.98 -27.71 -47.49
CA LYS H 206 -7.80 -26.47 -48.26
C LYS H 206 -8.45 -25.30 -47.51
N PRO H 207 -7.72 -24.73 -46.52
CA PRO H 207 -8.30 -23.72 -45.62
C PRO H 207 -8.86 -22.49 -46.34
N GLU H 208 -8.22 -22.10 -47.45
CA GLU H 208 -8.67 -20.95 -48.25
C GLU H 208 -10.04 -21.21 -48.89
N THR H 209 -10.23 -22.43 -49.38
CA THR H 209 -11.51 -22.83 -49.98
C THR H 209 -12.57 -23.02 -48.89
N GLY H 210 -12.14 -23.55 -47.74
CA GLY H 210 -13.06 -23.94 -46.68
C GLY H 210 -13.79 -25.22 -47.06
N ALA H 211 -13.05 -26.16 -47.66
CA ALA H 211 -13.62 -27.40 -48.16
C ALA H 211 -12.62 -28.55 -48.08
N VAL H 212 -13.08 -29.75 -48.42
CA VAL H 212 -12.25 -30.95 -48.43
C VAL H 212 -11.98 -31.36 -49.87
N GLU H 213 -10.83 -32.01 -50.09
CA GLU H 213 -10.43 -32.44 -51.45
C GLU H 213 -9.59 -33.72 -51.37
N LEU H 214 -9.98 -34.73 -52.14
CA LEU H 214 -9.28 -36.01 -52.11
C LEU H 214 -8.94 -36.47 -53.52
N GLU H 215 -7.65 -36.74 -53.77
CA GLU H 215 -7.18 -37.17 -55.09
C GLU H 215 -7.16 -38.70 -55.21
N SER H 216 -7.82 -39.21 -56.25
CA SER H 216 -8.03 -40.65 -56.46
C SER H 216 -8.54 -41.42 -55.23
N PRO H 217 -9.62 -40.92 -54.60
CA PRO H 217 -10.07 -41.52 -53.34
C PRO H 217 -10.92 -42.79 -53.47
N PHE H 218 -10.64 -43.78 -52.63
CA PHE H 218 -11.49 -44.96 -52.49
C PHE H 218 -12.75 -44.57 -51.73
N ILE H 219 -13.90 -45.12 -52.12
CA ILE H 219 -15.20 -44.73 -51.53
C ILE H 219 -15.97 -45.90 -50.93
N LEU H 220 -16.47 -45.69 -49.70
CA LEU H 220 -17.24 -46.69 -48.97
C LEU H 220 -18.73 -46.36 -48.96
N LEU H 221 -19.56 -47.38 -49.15
CA LEU H 221 -21.00 -47.24 -49.14
C LEU H 221 -21.69 -48.32 -48.30
N ALA H 222 -22.41 -47.89 -47.27
CA ALA H 222 -23.19 -48.78 -46.42
C ALA H 222 -24.38 -48.06 -45.79
N ASP H 223 -25.55 -48.67 -45.84
CA ASP H 223 -26.75 -48.12 -45.21
C ASP H 223 -26.86 -48.61 -43.78
N LYS H 224 -26.27 -47.84 -42.86
CA LYS H 224 -26.42 -48.05 -41.42
C LYS H 224 -25.61 -47.00 -40.64
N LYS H 225 -25.81 -46.97 -39.33
CA LYS H 225 -25.12 -46.01 -38.48
C LYS H 225 -23.79 -46.58 -37.96
N ILE H 226 -22.69 -45.97 -38.40
CA ILE H 226 -21.35 -46.38 -37.98
C ILE H 226 -20.97 -45.73 -36.66
N SER H 227 -21.01 -46.51 -35.59
CA SER H 227 -20.73 -46.00 -34.25
C SER H 227 -19.43 -46.56 -33.68
N ASN H 228 -19.28 -47.88 -33.74
CA ASN H 228 -18.03 -48.54 -33.36
C ASN H 228 -17.07 -48.57 -34.53
N ILE H 229 -15.79 -48.37 -34.24
CA ILE H 229 -14.75 -48.37 -35.26
C ILE H 229 -14.21 -49.78 -35.56
N ARG H 230 -14.64 -50.76 -34.77
CA ARG H 230 -14.30 -52.18 -34.98
C ARG H 230 -14.57 -52.66 -36.41
N GLU H 231 -15.71 -52.22 -36.97
CA GLU H 231 -16.13 -52.61 -38.32
C GLU H 231 -15.36 -51.82 -39.40
N MET H 232 -14.82 -50.67 -39.01
CA MET H 232 -14.06 -49.80 -39.90
C MET H 232 -12.59 -50.22 -40.01
N LEU H 233 -12.08 -50.82 -38.94
CA LEU H 233 -10.66 -51.19 -38.86
C LEU H 233 -10.12 -51.98 -40.05
N PRO H 234 -10.79 -53.10 -40.44
CA PRO H 234 -10.29 -53.87 -41.59
C PRO H 234 -10.31 -53.11 -42.91
N VAL H 235 -11.22 -52.14 -43.02
CA VAL H 235 -11.27 -51.28 -44.20
C VAL H 235 -10.09 -50.29 -44.19
N LEU H 236 -9.86 -49.68 -43.03
CA LEU H 236 -8.76 -48.72 -42.83
C LEU H 236 -7.38 -49.37 -42.89
N GLU H 237 -7.31 -50.64 -42.53
CA GLU H 237 -6.08 -51.44 -42.56
C GLU H 237 -5.55 -51.62 -43.99
N ALA H 238 -6.47 -51.74 -44.94
CA ALA H 238 -6.12 -52.02 -46.33
C ALA H 238 -6.03 -50.76 -47.19
N VAL H 239 -6.27 -49.60 -46.58
CA VAL H 239 -6.24 -48.31 -47.30
C VAL H 239 -4.87 -47.65 -47.23
N ALA H 240 -4.26 -47.64 -46.04
CA ALA H 240 -2.89 -47.16 -45.89
C ALA H 240 -1.93 -48.10 -46.64
N LYS H 241 -2.37 -49.34 -46.82
CA LYS H 241 -1.75 -50.30 -47.74
C LYS H 241 -2.19 -49.89 -49.14
N ALA H 242 -1.23 -49.42 -49.94
CA ALA H 242 -1.50 -48.70 -51.19
C ALA H 242 -2.20 -47.36 -50.91
N GLY H 243 -1.47 -46.48 -50.21
CA GLY H 243 -2.00 -45.23 -49.65
C GLY H 243 -2.79 -44.34 -50.58
N LYS H 244 -4.11 -44.40 -50.45
CA LYS H 244 -5.04 -43.51 -51.15
C LYS H 244 -6.19 -43.10 -50.21
N PRO H 245 -6.64 -41.83 -50.28
CA PRO H 245 -7.74 -41.27 -49.49
C PRO H 245 -9.04 -42.09 -49.47
N LEU H 246 -9.92 -41.79 -48.52
CA LEU H 246 -11.15 -42.57 -48.30
C LEU H 246 -12.40 -41.72 -48.01
N LEU H 247 -13.47 -41.99 -48.75
CA LEU H 247 -14.76 -41.32 -48.56
C LEU H 247 -15.77 -42.24 -47.89
N ILE H 248 -16.30 -41.79 -46.76
CA ILE H 248 -17.26 -42.55 -45.99
C ILE H 248 -18.68 -42.02 -46.22
N ILE H 249 -19.47 -42.76 -46.99
CA ILE H 249 -20.89 -42.42 -47.16
C ILE H 249 -21.74 -43.48 -46.47
N ALA H 250 -22.44 -43.06 -45.41
CA ALA H 250 -23.29 -43.94 -44.63
C ALA H 250 -24.51 -43.18 -44.12
N GLU H 251 -25.48 -43.89 -43.56
CA GLU H 251 -26.64 -43.26 -42.94
C GLU H 251 -26.14 -42.12 -42.06
N ASP H 252 -25.04 -42.40 -41.35
CA ASP H 252 -24.33 -41.42 -40.52
C ASP H 252 -23.05 -42.05 -39.96
N VAL H 253 -22.27 -41.25 -39.22
CA VAL H 253 -21.17 -41.74 -38.41
C VAL H 253 -21.26 -41.12 -37.00
N GLU H 254 -21.38 -41.98 -35.99
CA GLU H 254 -21.65 -41.54 -34.62
C GLU H 254 -20.46 -41.74 -33.67
N GLY H 255 -20.27 -40.78 -32.77
CA GLY H 255 -19.35 -40.88 -31.64
C GLY H 255 -17.97 -41.47 -31.86
N GLU H 256 -17.79 -42.70 -31.38
CA GLU H 256 -16.46 -43.35 -31.29
C GLU H 256 -15.75 -43.48 -32.64
N ALA H 257 -16.46 -43.97 -33.65
CA ALA H 257 -15.90 -44.15 -34.99
C ALA H 257 -15.55 -42.81 -35.65
N LEU H 258 -16.41 -41.81 -35.43
CA LEU H 258 -16.24 -40.48 -36.01
C LEU H 258 -15.09 -39.71 -35.37
N ALA H 259 -15.12 -39.58 -34.04
CA ALA H 259 -14.14 -38.80 -33.29
C ALA H 259 -12.71 -39.37 -33.36
N THR H 260 -12.59 -40.59 -33.89
CA THR H 260 -11.28 -41.21 -34.10
C THR H 260 -10.67 -40.76 -35.43
N LEU H 261 -11.49 -40.72 -36.47
CA LEU H 261 -11.04 -40.35 -37.82
C LEU H 261 -10.46 -38.93 -37.88
N VAL H 262 -10.89 -38.08 -36.94
CA VAL H 262 -10.47 -36.67 -36.89
C VAL H 262 -9.04 -36.50 -36.37
N VAL H 263 -8.73 -37.14 -35.24
CA VAL H 263 -7.37 -37.15 -34.70
C VAL H 263 -6.50 -38.07 -35.56
N ASN H 264 -7.16 -38.93 -36.34
CA ASN H 264 -6.49 -39.82 -37.30
C ASN H 264 -5.96 -39.05 -38.50
N THR H 265 -6.82 -38.23 -39.11
CA THR H 265 -6.48 -37.45 -40.32
C THR H 265 -5.49 -36.31 -40.09
N MET H 266 -5.61 -35.61 -38.95
CA MET H 266 -4.76 -34.47 -38.64
C MET H 266 -3.33 -34.89 -38.26
N ARG H 267 -3.18 -36.07 -37.65
CA ARG H 267 -1.87 -36.62 -37.34
C ARG H 267 -1.11 -37.00 -38.61
N GLY H 268 -1.85 -37.46 -39.61
CA GLY H 268 -1.26 -37.80 -40.90
C GLY H 268 -1.52 -39.23 -41.34
N ILE H 269 -2.01 -40.05 -40.41
CA ILE H 269 -2.34 -41.45 -40.72
C ILE H 269 -3.69 -41.50 -41.43
N VAL H 270 -3.64 -41.84 -42.73
CA VAL H 270 -4.84 -42.05 -43.58
C VAL H 270 -5.69 -40.80 -43.84
N LYS H 271 -5.84 -40.45 -45.11
CA LYS H 271 -6.71 -39.37 -45.54
C LYS H 271 -8.18 -39.83 -45.59
N VAL H 272 -8.99 -39.34 -44.66
CA VAL H 272 -10.40 -39.74 -44.58
C VAL H 272 -11.32 -38.53 -44.78
N ALA H 273 -12.59 -38.82 -45.08
CA ALA H 273 -13.66 -37.82 -45.15
C ALA H 273 -15.04 -38.50 -45.01
N ALA H 274 -15.85 -38.01 -44.07
CA ALA H 274 -17.13 -38.64 -43.73
C ALA H 274 -18.34 -37.79 -44.11
N VAL H 275 -19.32 -38.41 -44.76
CA VAL H 275 -20.56 -37.75 -45.18
C VAL H 275 -21.80 -38.62 -45.00
N LYS H 276 -22.91 -37.99 -44.62
CA LYS H 276 -24.20 -38.66 -44.53
C LYS H 276 -24.62 -39.16 -45.91
N ALA H 277 -25.51 -40.14 -45.93
CA ALA H 277 -26.05 -40.69 -47.18
C ALA H 277 -26.92 -39.67 -47.91
N PRO H 278 -27.02 -39.80 -49.25
CA PRO H 278 -27.84 -38.87 -50.03
C PRO H 278 -29.34 -39.13 -49.83
N GLY H 279 -30.08 -38.08 -49.50
CA GLY H 279 -31.52 -38.20 -49.27
C GLY H 279 -31.87 -38.93 -47.98
N PHE H 280 -33.15 -39.23 -47.83
CA PHE H 280 -33.65 -39.89 -46.62
C PHE H 280 -34.83 -40.82 -46.94
N GLY H 281 -34.92 -41.93 -46.20
CA GLY H 281 -36.03 -42.86 -46.33
C GLY H 281 -35.86 -43.88 -47.44
N ASP H 282 -36.68 -43.73 -48.49
CA ASP H 282 -36.67 -44.65 -49.61
C ASP H 282 -35.57 -44.34 -50.62
N ARG H 283 -35.55 -43.10 -51.11
CA ARG H 283 -34.51 -42.65 -52.05
C ARG H 283 -33.09 -42.79 -51.47
N ARG H 284 -33.00 -42.80 -50.15
CA ARG H 284 -31.74 -43.03 -49.43
C ARG H 284 -31.08 -44.31 -49.93
N LYS H 285 -31.86 -45.40 -49.96
CA LYS H 285 -31.37 -46.72 -50.34
C LYS H 285 -31.10 -46.86 -51.84
N ALA H 286 -31.76 -46.02 -52.64
CA ALA H 286 -31.59 -46.06 -54.09
C ALA H 286 -30.48 -45.11 -54.57
N MET H 287 -30.43 -43.91 -54.00
CA MET H 287 -29.37 -42.95 -54.35
C MET H 287 -27.98 -43.46 -53.93
N LEU H 288 -27.94 -44.37 -52.96
CA LEU H 288 -26.70 -45.06 -52.59
C LEU H 288 -26.22 -45.93 -53.74
N GLN H 289 -27.12 -46.77 -54.24
CA GLN H 289 -26.83 -47.59 -55.41
C GLN H 289 -26.73 -46.75 -56.69
N ASP H 290 -27.28 -45.53 -56.64
CA ASP H 290 -27.06 -44.52 -57.67
C ASP H 290 -25.62 -44.03 -57.63
N ILE H 291 -25.11 -43.79 -56.43
CA ILE H 291 -23.69 -43.49 -56.25
C ILE H 291 -22.87 -44.73 -56.63
N ALA H 292 -23.28 -45.88 -56.13
CA ALA H 292 -22.55 -47.13 -56.32
C ALA H 292 -22.16 -47.35 -57.78
N THR H 293 -23.14 -47.42 -58.67
CA THR H 293 -22.87 -47.67 -60.08
C THR H 293 -22.29 -46.42 -60.77
N LEU H 294 -22.36 -45.27 -60.10
CA LEU H 294 -21.65 -44.07 -60.55
C LEU H 294 -20.17 -44.19 -60.22
N THR H 295 -19.88 -44.91 -59.14
CA THR H 295 -18.52 -45.05 -58.62
C THR H 295 -17.88 -46.41 -58.91
N GLY H 296 -18.70 -47.47 -58.85
CA GLY H 296 -18.22 -48.83 -59.00
C GLY H 296 -17.86 -49.44 -57.65
N GLY H 297 -18.80 -49.40 -56.72
CA GLY H 297 -18.62 -50.02 -55.42
C GLY H 297 -19.65 -51.11 -55.16
N THR H 298 -20.24 -51.06 -53.96
CA THR H 298 -21.37 -51.90 -53.59
C THR H 298 -22.06 -51.29 -52.37
N VAL H 299 -23.39 -51.41 -52.30
CA VAL H 299 -24.14 -51.03 -51.11
C VAL H 299 -24.06 -52.19 -50.09
N ILE H 300 -23.50 -51.89 -48.91
CA ILE H 300 -23.36 -52.90 -47.86
C ILE H 300 -24.35 -52.63 -46.72
N SER H 301 -25.64 -52.72 -47.05
CA SER H 301 -26.71 -52.61 -46.07
C SER H 301 -26.82 -53.94 -45.31
N GLU H 302 -27.02 -53.84 -44.00
CA GLU H 302 -27.01 -55.00 -43.11
C GLU H 302 -28.29 -55.85 -43.22
N GLU H 303 -28.57 -56.32 -44.43
CA GLU H 303 -29.79 -57.10 -44.71
C GLU H 303 -29.52 -58.53 -45.18
N ILE H 304 -28.91 -58.69 -46.35
CA ILE H 304 -28.72 -60.01 -46.97
C ILE H 304 -27.71 -60.88 -46.20
N GLY H 305 -26.77 -60.23 -45.53
CA GLY H 305 -25.73 -60.93 -44.78
C GLY H 305 -24.37 -60.35 -45.13
N MET H 306 -24.29 -59.02 -45.12
CA MET H 306 -23.08 -58.30 -45.50
C MET H 306 -22.61 -57.38 -44.37
N GLU H 307 -21.30 -57.43 -44.09
CA GLU H 307 -20.71 -56.70 -42.97
C GLU H 307 -19.60 -55.76 -43.45
N LEU H 308 -19.20 -54.82 -42.60
CA LEU H 308 -18.11 -53.88 -42.91
C LEU H 308 -16.72 -54.43 -42.61
N GLU H 309 -16.67 -55.55 -41.89
CA GLU H 309 -15.41 -56.21 -41.54
C GLU H 309 -14.84 -57.00 -42.71
N LYS H 310 -15.72 -57.69 -43.44
CA LYS H 310 -15.33 -58.37 -44.67
C LYS H 310 -15.70 -57.52 -45.89
N ALA H 311 -15.05 -56.36 -45.98
CA ALA H 311 -15.22 -55.43 -47.10
C ALA H 311 -13.86 -54.89 -47.56
N THR H 312 -13.37 -55.44 -48.66
CA THR H 312 -12.05 -55.11 -49.19
C THR H 312 -12.08 -53.97 -50.21
N LEU H 313 -10.93 -53.69 -50.81
CA LEU H 313 -10.77 -52.73 -51.91
C LEU H 313 -11.68 -53.10 -53.07
N GLU H 314 -11.86 -54.41 -53.23
CA GLU H 314 -12.69 -55.01 -54.28
C GLU H 314 -14.16 -54.60 -54.14
N ASP H 315 -14.63 -54.48 -52.89
CA ASP H 315 -16.02 -54.10 -52.60
C ASP H 315 -16.24 -52.57 -52.53
N LEU H 316 -15.20 -51.80 -52.88
CA LEU H 316 -15.24 -50.33 -52.76
C LEU H 316 -15.33 -49.58 -54.10
N GLY H 317 -15.90 -48.37 -54.04
CA GLY H 317 -16.08 -47.52 -55.23
C GLY H 317 -14.96 -46.53 -55.46
N GLN H 318 -14.53 -46.40 -56.72
CA GLN H 318 -13.38 -45.58 -57.06
C GLN H 318 -13.77 -44.41 -57.95
N ALA H 319 -13.26 -43.22 -57.64
CA ALA H 319 -13.44 -42.01 -58.46
C ALA H 319 -12.15 -41.20 -58.45
N LYS H 320 -11.94 -40.39 -59.49
CA LYS H 320 -10.63 -39.74 -59.66
C LYS H 320 -10.54 -38.28 -59.19
N ARG H 321 -11.29 -37.97 -58.12
CA ARG H 321 -11.23 -36.70 -57.36
C ARG H 321 -12.61 -36.31 -56.81
N VAL H 322 -12.72 -36.18 -55.48
CA VAL H 322 -13.97 -35.72 -54.84
C VAL H 322 -13.79 -34.46 -54.00
N VAL H 323 -14.82 -33.60 -54.00
CA VAL H 323 -14.83 -32.38 -53.18
C VAL H 323 -16.06 -32.40 -52.26
N ILE H 324 -15.86 -31.96 -51.03
CA ILE H 324 -16.93 -31.90 -50.02
C ILE H 324 -16.98 -30.53 -49.31
N ASN H 325 -18.00 -29.75 -49.61
CA ASN H 325 -18.25 -28.48 -48.97
C ASN H 325 -18.99 -28.69 -47.64
N LYS H 326 -19.41 -27.59 -47.00
CA LYS H 326 -20.17 -27.66 -45.76
C LYS H 326 -21.52 -28.33 -45.99
N ASP H 327 -22.11 -28.06 -47.15
CA ASP H 327 -23.41 -28.58 -47.52
C ASP H 327 -23.46 -28.98 -49.00
N THR H 328 -22.32 -29.43 -49.53
CA THR H 328 -22.21 -29.84 -50.94
C THR H 328 -21.16 -30.93 -51.14
N THR H 329 -21.57 -32.09 -51.62
CA THR H 329 -20.64 -33.16 -51.97
C THR H 329 -20.77 -33.50 -53.44
N THR H 330 -19.62 -33.70 -54.09
CA THR H 330 -19.59 -34.04 -55.51
C THR H 330 -18.51 -35.06 -55.88
N ILE H 331 -18.94 -36.15 -56.51
CA ILE H 331 -18.07 -37.23 -56.97
C ILE H 331 -17.81 -37.05 -58.46
N ILE H 332 -16.57 -36.68 -58.79
CA ILE H 332 -16.18 -36.44 -60.18
C ILE H 332 -15.59 -37.71 -60.80
N ASP H 333 -16.13 -38.10 -61.95
CA ASP H 333 -15.59 -39.19 -62.76
C ASP H 333 -15.33 -40.48 -61.96
N GLY H 334 -16.35 -41.33 -61.87
CA GLY H 334 -16.20 -42.62 -61.19
C GLY H 334 -15.89 -43.74 -62.18
N VAL H 335 -15.75 -44.96 -61.66
CA VAL H 335 -15.58 -46.13 -62.53
C VAL H 335 -16.97 -46.65 -62.94
N GLY H 336 -17.21 -47.95 -62.77
CA GLY H 336 -18.45 -48.58 -63.19
C GLY H 336 -18.53 -48.78 -64.69
N GLU H 337 -19.23 -49.82 -65.11
CA GLU H 337 -19.48 -50.07 -66.52
C GLU H 337 -20.47 -49.05 -67.11
N GLU H 338 -20.09 -48.44 -68.23
CA GLU H 338 -20.90 -47.41 -68.89
C GLU H 338 -22.26 -47.94 -69.35
N ALA H 339 -22.26 -49.20 -69.81
CA ALA H 339 -23.47 -49.91 -70.21
C ALA H 339 -24.36 -50.27 -69.02
N ALA H 340 -23.73 -50.48 -67.86
CA ALA H 340 -24.43 -50.73 -66.61
C ALA H 340 -24.75 -49.42 -65.88
N ILE H 341 -24.17 -48.32 -66.37
CA ILE H 341 -24.54 -46.98 -65.90
C ILE H 341 -25.85 -46.56 -66.57
N GLN H 342 -25.87 -46.62 -67.90
CA GLN H 342 -27.12 -46.45 -68.64
C GLN H 342 -28.11 -47.59 -68.32
N GLY H 343 -27.58 -48.75 -67.91
CA GLY H 343 -28.39 -49.87 -67.43
C GLY H 343 -29.09 -49.62 -66.10
N ARG H 344 -28.51 -48.73 -65.29
CA ARG H 344 -29.12 -48.25 -64.04
C ARG H 344 -29.98 -47.00 -64.29
N VAL H 345 -29.54 -46.17 -65.25
CA VAL H 345 -30.29 -44.99 -65.68
C VAL H 345 -31.63 -45.39 -66.29
N ALA H 346 -31.61 -46.43 -67.15
CA ALA H 346 -32.84 -46.96 -67.76
C ALA H 346 -33.62 -47.87 -66.81
N GLN H 347 -33.04 -48.20 -65.65
CA GLN H 347 -33.75 -48.94 -64.61
C GLN H 347 -34.66 -48.00 -63.82
N ILE H 348 -34.35 -46.69 -63.89
CA ILE H 348 -35.12 -45.66 -63.18
C ILE H 348 -35.95 -44.77 -64.14
N ARG H 349 -35.53 -44.72 -65.40
CA ARG H 349 -36.33 -44.07 -66.45
C ARG H 349 -37.54 -44.94 -66.78
N GLN H 350 -37.45 -46.21 -66.38
CA GLN H 350 -38.54 -47.18 -66.52
C GLN H 350 -39.55 -47.01 -65.38
N GLN H 351 -39.09 -46.50 -64.25
CA GLN H 351 -39.96 -46.27 -63.08
C GLN H 351 -40.98 -45.18 -63.36
N ILE H 352 -40.55 -44.13 -64.05
CA ILE H 352 -41.40 -42.98 -64.37
C ILE H 352 -42.64 -43.39 -65.18
N GLU H 353 -42.48 -44.47 -65.97
CA GLU H 353 -43.57 -45.02 -66.78
C GLU H 353 -44.62 -45.68 -65.89
N GLU H 354 -44.17 -46.39 -64.87
CA GLU H 354 -45.05 -47.07 -63.91
C GLU H 354 -45.46 -46.14 -62.77
N ALA H 355 -44.85 -44.96 -62.72
CA ALA H 355 -45.13 -43.99 -61.67
C ALA H 355 -46.59 -43.56 -61.65
N THR H 356 -47.36 -44.22 -60.78
CA THR H 356 -48.78 -43.95 -60.60
C THR H 356 -49.01 -42.62 -59.87
N SER H 357 -47.99 -42.16 -59.16
CA SER H 357 -48.04 -40.86 -58.48
C SER H 357 -47.16 -39.83 -59.18
N ASP H 358 -47.49 -38.55 -59.00
CA ASP H 358 -46.75 -37.46 -59.64
C ASP H 358 -45.52 -37.02 -58.82
N TYR H 359 -45.46 -37.46 -57.57
CA TYR H 359 -44.30 -37.18 -56.70
C TYR H 359 -43.10 -38.04 -57.07
N ASP H 360 -43.33 -39.33 -57.31
CA ASP H 360 -42.29 -40.24 -57.79
C ASP H 360 -41.63 -39.63 -59.03
N ARG H 361 -42.48 -39.23 -59.98
CA ARG H 361 -42.06 -38.53 -61.20
C ARG H 361 -41.10 -37.38 -60.91
N GLU H 362 -41.35 -36.65 -59.82
CA GLU H 362 -40.49 -35.54 -59.41
C GLU H 362 -39.12 -36.03 -58.96
N LYS H 363 -39.11 -37.05 -58.08
CA LYS H 363 -37.88 -37.53 -57.45
C LYS H 363 -37.20 -38.69 -58.18
N LEU H 364 -37.77 -39.11 -59.30
CA LEU H 364 -37.10 -40.06 -60.18
C LEU H 364 -36.40 -39.28 -61.30
N GLN H 365 -36.86 -38.05 -61.53
CA GLN H 365 -36.30 -37.15 -62.54
C GLN H 365 -35.01 -36.47 -62.11
N GLU H 366 -34.91 -36.18 -60.81
CA GLU H 366 -33.73 -35.53 -60.24
C GLU H 366 -32.51 -36.45 -60.28
N ARG H 367 -32.73 -37.76 -60.10
CA ARG H 367 -31.66 -38.75 -60.13
C ARG H 367 -30.91 -38.71 -61.45
N VAL H 368 -31.60 -39.10 -62.52
CA VAL H 368 -31.01 -39.30 -63.85
C VAL H 368 -30.36 -38.05 -64.45
N ALA H 369 -31.00 -36.90 -64.27
CA ALA H 369 -30.51 -35.64 -64.83
C ALA H 369 -29.10 -35.30 -64.36
N LYS H 370 -28.80 -35.66 -63.11
CA LYS H 370 -27.44 -35.46 -62.55
C LYS H 370 -26.61 -36.74 -62.58
N LEU H 371 -27.20 -37.83 -63.07
CA LEU H 371 -26.52 -39.12 -63.15
C LEU H 371 -26.06 -39.47 -64.57
N ALA H 372 -26.93 -39.25 -65.55
CA ALA H 372 -26.58 -39.45 -66.96
C ALA H 372 -26.23 -38.12 -67.62
N GLY H 373 -26.58 -37.02 -66.95
CA GLY H 373 -26.16 -35.69 -67.35
C GLY H 373 -24.68 -35.51 -67.10
N GLY H 374 -24.26 -35.77 -65.87
CA GLY H 374 -22.84 -35.81 -65.52
C GLY H 374 -22.31 -34.57 -64.80
N VAL H 375 -20.99 -34.43 -64.82
CA VAL H 375 -20.29 -33.30 -64.19
C VAL H 375 -19.23 -32.78 -65.17
N ALA H 376 -19.20 -31.46 -65.35
CA ALA H 376 -18.23 -30.81 -66.23
C ALA H 376 -16.92 -30.54 -65.50
N VAL H 377 -15.84 -30.49 -66.26
CA VAL H 377 -14.51 -30.24 -65.72
C VAL H 377 -13.75 -29.23 -66.58
N ILE H 378 -13.34 -28.14 -65.94
CA ILE H 378 -12.55 -27.11 -66.60
C ILE H 378 -11.09 -27.20 -66.13
N LYS H 379 -10.23 -27.70 -67.01
CA LYS H 379 -8.80 -27.83 -66.71
C LYS H 379 -8.04 -26.56 -67.11
N VAL H 380 -7.54 -25.83 -66.11
CA VAL H 380 -7.01 -24.47 -66.29
C VAL H 380 -5.61 -24.42 -66.89
N GLY H 381 -5.51 -23.91 -68.11
CA GLY H 381 -4.25 -23.87 -68.85
C GLY H 381 -3.48 -22.57 -68.72
N ALA H 382 -2.24 -22.69 -68.22
CA ALA H 382 -1.33 -21.55 -68.09
C ALA H 382 0.11 -21.99 -68.41
N ALA H 383 0.99 -21.02 -68.59
CA ALA H 383 2.39 -21.31 -68.90
C ALA H 383 3.20 -21.56 -67.62
N THR H 384 3.33 -20.52 -66.80
CA THR H 384 4.08 -20.62 -65.55
C THR H 384 3.20 -21.17 -64.41
N GLU H 385 3.84 -21.59 -63.32
CA GLU H 385 3.13 -22.21 -62.20
C GLU H 385 2.35 -21.19 -61.36
N VAL H 386 2.92 -19.99 -61.19
CA VAL H 386 2.27 -18.93 -60.41
C VAL H 386 1.05 -18.36 -61.13
N GLU H 387 1.05 -18.44 -62.47
CA GLU H 387 -0.10 -18.04 -63.29
C GLU H 387 -1.21 -19.08 -63.29
N MET H 388 -0.84 -20.35 -63.07
CA MET H 388 -1.81 -21.44 -62.94
C MET H 388 -2.63 -21.27 -61.66
N LYS H 389 -1.98 -20.76 -60.61
CA LYS H 389 -2.63 -20.49 -59.32
C LYS H 389 -3.76 -19.47 -59.45
N GLU H 390 -3.40 -18.26 -59.87
CA GLU H 390 -4.33 -17.11 -59.92
C GLU H 390 -5.50 -17.30 -60.88
N LYS H 391 -5.25 -17.96 -62.01
CA LYS H 391 -6.28 -18.22 -63.00
C LYS H 391 -7.33 -19.19 -62.44
N LYS H 392 -6.92 -20.08 -61.54
CA LYS H 392 -7.84 -20.96 -60.83
C LYS H 392 -8.63 -20.18 -59.79
N ALA H 393 -7.93 -19.29 -59.09
CA ALA H 393 -8.52 -18.47 -58.02
C ALA H 393 -9.49 -17.39 -58.53
N ARG H 394 -9.45 -17.13 -59.84
CA ARG H 394 -10.32 -16.12 -60.45
C ARG H 394 -11.35 -16.74 -61.40
N VAL H 395 -11.37 -18.07 -61.46
CA VAL H 395 -12.43 -18.80 -62.16
C VAL H 395 -13.44 -19.30 -61.13
N GLU H 396 -12.93 -19.78 -60.00
CA GLU H 396 -13.77 -20.28 -58.90
C GLU H 396 -14.78 -19.25 -58.41
N ASP H 397 -14.28 -18.03 -58.16
CA ASP H 397 -15.13 -16.90 -57.76
C ASP H 397 -16.07 -16.47 -58.89
N ALA H 398 -15.53 -16.43 -60.12
CA ALA H 398 -16.29 -16.04 -61.30
C ALA H 398 -17.44 -17.01 -61.59
N LEU H 399 -17.23 -18.28 -61.27
CA LEU H 399 -18.26 -19.30 -61.40
C LEU H 399 -19.35 -19.11 -60.35
N HIS H 400 -18.93 -18.75 -59.14
CA HIS H 400 -19.86 -18.52 -58.03
C HIS H 400 -20.77 -17.32 -58.28
N ALA H 401 -20.22 -16.27 -58.90
CA ALA H 401 -21.00 -15.07 -59.23
C ALA H 401 -21.94 -15.33 -60.40
N THR H 402 -21.47 -16.10 -61.37
CA THR H 402 -22.27 -16.46 -62.54
C THR H 402 -23.41 -17.39 -62.16
N ARG H 403 -23.15 -18.30 -61.21
CA ARG H 403 -24.18 -19.18 -60.68
C ARG H 403 -25.37 -18.40 -60.11
N ALA H 404 -25.06 -17.37 -59.32
CA ALA H 404 -26.07 -16.53 -58.71
C ALA H 404 -26.73 -15.59 -59.73
N ALA H 405 -26.00 -15.30 -60.80
CA ALA H 405 -26.50 -14.44 -61.88
C ALA H 405 -27.57 -15.15 -62.71
N VAL H 406 -27.58 -16.48 -62.67
CA VAL H 406 -28.55 -17.27 -63.41
C VAL H 406 -29.79 -17.53 -62.55
N GLU H 407 -29.57 -17.84 -61.28
CA GLU H 407 -30.65 -18.25 -60.38
C GLU H 407 -31.64 -17.13 -60.07
N GLU H 408 -31.12 -15.95 -59.73
CA GLU H 408 -31.97 -14.82 -59.35
C GLU H 408 -31.74 -13.57 -60.19
N GLY H 409 -30.57 -13.49 -60.81
CA GLY H 409 -30.23 -12.37 -61.68
C GLY H 409 -29.21 -11.43 -61.08
N VAL H 410 -29.06 -10.24 -61.68
CA VAL H 410 -28.11 -9.24 -61.20
C VAL H 410 -28.76 -7.87 -61.02
N VAL H 411 -28.53 -7.25 -59.88
CA VAL H 411 -29.03 -5.91 -59.63
C VAL H 411 -27.91 -4.90 -59.79
N ALA H 412 -28.25 -3.62 -59.66
CA ALA H 412 -27.27 -2.54 -59.79
C ALA H 412 -26.36 -2.50 -58.58
N GLY H 413 -25.05 -2.54 -58.83
CA GLY H 413 -24.06 -2.58 -57.75
C GLY H 413 -23.85 -1.26 -57.02
N GLY H 414 -22.74 -1.16 -56.28
CA GLY H 414 -22.39 0.07 -55.56
C GLY H 414 -23.28 0.33 -54.37
N GLY H 415 -24.04 -0.69 -53.99
CA GLY H 415 -24.98 -0.63 -52.88
C GLY H 415 -26.16 0.26 -53.21
N VAL H 416 -26.35 0.55 -54.50
CA VAL H 416 -27.45 1.41 -54.96
C VAL H 416 -28.77 0.64 -55.03
N ALA H 417 -28.68 -0.68 -55.22
CA ALA H 417 -29.86 -1.52 -55.31
C ALA H 417 -30.70 -1.36 -54.04
N LEU H 418 -30.04 -1.44 -52.89
CA LEU H 418 -30.70 -1.31 -51.61
C LEU H 418 -31.20 0.11 -51.36
N ILE H 419 -30.38 1.10 -51.73
CA ILE H 419 -30.75 2.50 -51.53
C ILE H 419 -31.88 2.94 -52.46
N ARG H 420 -32.04 2.20 -53.56
CA ARG H 420 -33.13 2.40 -54.50
C ARG H 420 -34.41 1.78 -53.96
N VAL H 421 -34.27 0.63 -53.31
CA VAL H 421 -35.37 -0.02 -52.62
C VAL H 421 -35.87 0.85 -51.46
N ALA H 422 -34.93 1.50 -50.78
CA ALA H 422 -35.24 2.35 -49.64
C ALA H 422 -36.21 3.48 -49.96
N SER H 423 -35.99 4.16 -51.09
CA SER H 423 -36.87 5.26 -51.49
C SER H 423 -38.23 4.78 -51.97
N LYS H 424 -38.30 3.51 -52.40
CA LYS H 424 -39.54 2.94 -52.93
C LYS H 424 -40.42 2.30 -51.86
N LEU H 425 -39.92 2.25 -50.62
CA LEU H 425 -40.67 1.70 -49.51
C LEU H 425 -40.95 2.74 -48.42
N ALA H 426 -40.85 4.01 -48.79
CA ALA H 426 -41.03 5.11 -47.84
C ALA H 426 -42.48 5.25 -47.36
N ASP H 427 -43.41 4.70 -48.13
CA ASP H 427 -44.83 4.72 -47.79
C ASP H 427 -45.28 3.51 -46.96
N LEU H 428 -44.34 2.59 -46.71
CA LEU H 428 -44.64 1.37 -45.97
C LEU H 428 -44.86 1.66 -44.50
N ARG H 429 -45.94 1.11 -43.95
CA ARG H 429 -46.31 1.29 -42.55
C ARG H 429 -46.65 -0.05 -41.90
N GLY H 430 -46.62 -0.08 -40.57
CA GLY H 430 -46.94 -1.28 -39.81
C GLY H 430 -48.33 -1.24 -39.20
N GLN H 431 -48.46 -1.69 -37.96
CA GLN H 431 -49.76 -1.71 -37.27
C GLN H 431 -49.87 -0.66 -36.18
N ASN H 432 -48.74 -0.44 -35.48
CA ASN H 432 -48.65 0.63 -34.48
C ASN H 432 -47.37 1.45 -34.68
N GLU H 433 -47.24 2.52 -33.90
CA GLU H 433 -46.10 3.44 -34.01
C GLU H 433 -44.76 2.73 -33.87
N ASP H 434 -44.70 1.78 -32.94
CA ASP H 434 -43.47 1.03 -32.68
C ASP H 434 -43.04 0.20 -33.88
N GLN H 435 -44.00 -0.36 -34.62
CA GLN H 435 -43.72 -1.10 -35.83
C GLN H 435 -43.25 -0.16 -36.94
N ASN H 436 -43.82 1.04 -36.96
CA ASN H 436 -43.50 2.06 -37.95
C ASN H 436 -42.03 2.49 -37.91
N VAL H 437 -41.49 2.58 -36.69
CA VAL H 437 -40.09 2.93 -36.49
C VAL H 437 -39.20 1.76 -36.91
N GLY H 438 -39.69 0.55 -36.65
CA GLY H 438 -38.99 -0.67 -37.03
C GLY H 438 -38.69 -0.75 -38.52
N ILE H 439 -39.63 -0.26 -39.32
CA ILE H 439 -39.45 -0.18 -40.76
C ILE H 439 -38.40 0.88 -41.12
N LYS H 440 -38.53 2.08 -40.54
CA LYS H 440 -37.60 3.19 -40.79
C LYS H 440 -36.18 2.88 -40.35
N VAL H 441 -36.05 2.00 -39.37
CA VAL H 441 -34.75 1.51 -38.95
C VAL H 441 -34.13 0.67 -40.07
N ALA H 442 -34.93 -0.22 -40.65
CA ALA H 442 -34.47 -1.08 -41.73
C ALA H 442 -34.14 -0.31 -43.01
N LEU H 443 -34.92 0.71 -43.31
CA LEU H 443 -34.71 1.51 -44.52
C LEU H 443 -33.46 2.39 -44.43
N ARG H 444 -33.18 2.91 -43.24
CA ARG H 444 -31.98 3.71 -43.02
C ARG H 444 -30.74 2.81 -42.90
N ALA H 445 -30.97 1.51 -42.72
CA ALA H 445 -29.89 0.54 -42.67
C ALA H 445 -29.44 0.17 -44.07
N MET H 446 -30.35 0.30 -45.02
CA MET H 446 -30.07 -0.04 -46.42
C MET H 446 -29.16 1.00 -47.08
N GLU H 447 -29.09 2.19 -46.48
CA GLU H 447 -28.22 3.25 -46.97
C GLU H 447 -26.77 3.00 -46.59
N ALA H 448 -26.56 2.27 -45.50
CA ALA H 448 -25.22 2.08 -44.93
C ALA H 448 -24.16 1.43 -45.83
N PRO H 449 -24.51 0.35 -46.57
CA PRO H 449 -23.51 -0.23 -47.47
C PRO H 449 -22.89 0.77 -48.44
N LEU H 450 -23.71 1.54 -49.13
CA LEU H 450 -23.23 2.60 -50.02
C LEU H 450 -22.39 3.62 -49.22
N ARG H 451 -22.96 4.11 -48.12
CA ARG H 451 -22.29 5.10 -47.28
C ARG H 451 -20.93 4.64 -46.80
N GLN H 452 -20.78 3.34 -46.56
CA GLN H 452 -19.52 2.78 -46.11
C GLN H 452 -18.48 2.74 -47.22
N ILE H 453 -18.92 2.46 -48.45
CA ILE H 453 -18.01 2.43 -49.60
C ILE H 453 -17.46 3.82 -49.86
N VAL H 454 -18.34 4.82 -49.75
CA VAL H 454 -17.95 6.21 -49.97
C VAL H 454 -16.98 6.68 -48.88
N LEU H 455 -17.16 6.18 -47.67
CA LEU H 455 -16.29 6.55 -46.56
C LEU H 455 -14.85 6.07 -46.77
N ASN H 456 -14.72 4.87 -47.34
CA ASN H 456 -13.42 4.31 -47.69
C ASN H 456 -12.76 5.07 -48.85
N CYS H 457 -13.60 5.62 -49.74
CA CYS H 457 -13.14 6.38 -50.90
C CYS H 457 -12.69 7.79 -50.51
N GLY H 458 -12.88 8.14 -49.24
CA GLY H 458 -12.45 9.44 -48.71
C GLY H 458 -13.47 10.56 -48.84
N GLU H 459 -14.43 10.40 -49.77
CA GLU H 459 -15.49 11.38 -49.96
C GLU H 459 -16.55 11.31 -48.85
N GLU H 460 -17.27 12.40 -48.64
CA GLU H 460 -18.31 12.46 -47.61
C GLU H 460 -19.53 11.63 -48.02
N PRO H 461 -19.87 10.60 -47.23
CA PRO H 461 -20.94 9.65 -47.57
C PRO H 461 -22.30 10.32 -47.68
N SER H 462 -22.55 11.30 -46.80
CA SER H 462 -23.79 12.05 -46.77
C SER H 462 -24.08 12.76 -48.10
N VAL H 463 -23.05 13.36 -48.70
CA VAL H 463 -23.17 14.09 -49.96
C VAL H 463 -23.48 13.16 -51.12
N VAL H 464 -22.74 12.04 -51.19
CA VAL H 464 -22.89 11.07 -52.28
C VAL H 464 -24.21 10.32 -52.23
N ALA H 465 -24.60 9.85 -51.04
CA ALA H 465 -25.88 9.17 -50.87
C ALA H 465 -27.06 10.09 -51.20
N ASN H 466 -26.93 11.38 -50.88
CA ASN H 466 -27.96 12.36 -51.19
C ASN H 466 -28.09 12.60 -52.69
N THR H 467 -26.98 12.48 -53.41
CA THR H 467 -26.98 12.68 -54.86
C THR H 467 -27.55 11.45 -55.57
N VAL H 468 -27.26 10.27 -55.05
CA VAL H 468 -27.75 9.03 -55.63
C VAL H 468 -29.27 8.93 -55.47
N LYS H 469 -29.77 9.39 -54.33
CA LYS H 469 -31.22 9.36 -54.06
C LYS H 469 -32.04 10.31 -54.94
N GLY H 470 -31.43 11.45 -55.30
CA GLY H 470 -32.07 12.45 -56.17
C GLY H 470 -32.31 11.98 -57.58
N GLY H 471 -31.30 11.32 -58.16
CA GLY H 471 -31.43 10.65 -59.45
C GLY H 471 -32.15 9.32 -59.30
N ASP H 472 -32.65 8.79 -60.41
CA ASP H 472 -33.45 7.57 -60.39
C ASP H 472 -32.86 6.44 -61.23
N GLY H 473 -33.26 5.21 -60.92
CA GLY H 473 -32.86 4.04 -61.69
C GLY H 473 -31.57 3.39 -61.24
N ASN H 474 -30.75 3.01 -62.22
CA ASN H 474 -29.47 2.35 -61.95
C ASN H 474 -28.32 3.35 -61.93
N TYR H 475 -28.65 4.58 -61.54
CA TYR H 475 -27.69 5.67 -61.41
C TYR H 475 -27.03 5.62 -60.04
N GLY H 476 -25.71 5.50 -60.03
CA GLY H 476 -24.97 5.37 -58.77
C GLY H 476 -23.59 5.99 -58.79
N TYR H 477 -22.79 5.63 -57.78
CA TYR H 477 -21.45 6.18 -57.63
C TYR H 477 -20.40 5.11 -57.83
N ASN H 478 -19.47 5.39 -58.74
CA ASN H 478 -18.31 4.55 -58.95
C ASN H 478 -17.16 5.02 -58.08
N ALA H 479 -16.84 4.23 -57.05
CA ALA H 479 -15.81 4.60 -56.09
C ALA H 479 -14.40 4.47 -56.65
N ALA H 480 -14.22 3.56 -57.61
CA ALA H 480 -12.91 3.36 -58.25
C ALA H 480 -12.46 4.56 -59.09
N THR H 481 -13.40 5.13 -59.85
CA THR H 481 -13.10 6.23 -60.76
C THR H 481 -13.53 7.59 -60.22
N GLU H 482 -14.25 7.58 -59.09
CA GLU H 482 -14.82 8.79 -58.49
C GLU H 482 -15.79 9.51 -59.44
N GLU H 483 -16.46 8.72 -60.27
CA GLU H 483 -17.39 9.23 -61.27
C GLU H 483 -18.81 8.69 -61.02
N TYR H 484 -19.81 9.52 -61.30
CA TYR H 484 -21.20 9.06 -61.27
C TYR H 484 -21.60 8.47 -62.63
N GLY H 485 -22.68 7.72 -62.66
CA GLY H 485 -23.23 7.21 -63.92
C GLY H 485 -24.03 5.94 -63.77
N ASN H 486 -24.43 5.38 -64.91
CA ASN H 486 -25.16 4.12 -64.94
C ASN H 486 -24.24 2.98 -64.51
N MET H 487 -24.66 2.27 -63.47
CA MET H 487 -23.83 1.21 -62.89
C MET H 487 -23.70 0.00 -63.81
N ILE H 488 -24.80 -0.40 -64.44
CA ILE H 488 -24.81 -1.53 -65.35
C ILE H 488 -23.86 -1.28 -66.52
N ASP H 489 -23.91 -0.07 -67.07
CA ASP H 489 -23.05 0.32 -68.19
C ASP H 489 -21.57 0.39 -67.80
N MET H 490 -21.32 0.65 -66.52
CA MET H 490 -19.94 0.73 -66.00
C MET H 490 -19.40 -0.62 -65.52
N GLY H 491 -20.24 -1.66 -65.61
CA GLY H 491 -19.83 -3.01 -65.23
C GLY H 491 -19.87 -3.29 -63.73
N ILE H 492 -20.37 -2.33 -62.96
CA ILE H 492 -20.52 -2.49 -61.53
C ILE H 492 -21.87 -3.13 -61.23
N LEU H 493 -21.85 -4.40 -60.87
CA LEU H 493 -23.09 -5.10 -60.57
C LEU H 493 -22.94 -6.20 -59.55
N ASP H 494 -24.01 -6.43 -58.78
CA ASP H 494 -24.05 -7.47 -57.78
C ASP H 494 -25.15 -8.48 -58.10
N PRO H 495 -24.84 -9.78 -58.00
CA PRO H 495 -25.87 -10.80 -58.19
C PRO H 495 -27.00 -10.59 -57.19
N THR H 496 -28.24 -10.61 -57.68
CA THR H 496 -29.39 -10.36 -56.82
C THR H 496 -29.37 -11.27 -55.59
N LYS H 497 -28.97 -12.53 -55.81
CA LYS H 497 -28.95 -13.54 -54.76
C LYS H 497 -28.09 -13.12 -53.56
N VAL H 498 -26.92 -12.56 -53.82
CA VAL H 498 -26.01 -12.14 -52.77
C VAL H 498 -26.55 -10.96 -51.95
N THR H 499 -27.21 -10.01 -52.62
CA THR H 499 -27.79 -8.86 -51.93
C THR H 499 -29.03 -9.26 -51.13
N ARG H 500 -29.79 -10.21 -51.65
CA ARG H 500 -30.95 -10.76 -50.93
C ARG H 500 -30.49 -11.51 -49.67
N SER H 501 -29.44 -12.31 -49.80
CA SER H 501 -28.88 -13.05 -48.68
C SER H 501 -28.31 -12.08 -47.65
N ALA H 502 -27.54 -11.10 -48.12
CA ALA H 502 -26.92 -10.15 -47.23
C ALA H 502 -27.95 -9.40 -46.37
N LEU H 503 -29.08 -9.06 -46.96
CA LEU H 503 -30.09 -8.31 -46.21
C LEU H 503 -30.86 -9.21 -45.27
N GLN H 504 -31.32 -10.35 -45.78
CA GLN H 504 -32.18 -11.24 -45.00
C GLN H 504 -31.47 -11.74 -43.75
N TYR H 505 -30.23 -12.21 -43.93
CA TYR H 505 -29.49 -12.76 -42.81
C TYR H 505 -29.20 -11.70 -41.76
N ALA H 506 -28.78 -10.52 -42.22
CA ALA H 506 -28.44 -9.42 -41.31
C ALA H 506 -29.65 -8.97 -40.49
N ALA H 507 -30.84 -9.08 -41.08
CA ALA H 507 -32.07 -8.74 -40.39
C ALA H 507 -32.47 -9.83 -39.41
N SER H 508 -32.23 -11.09 -39.79
CA SER H 508 -32.60 -12.23 -38.97
C SER H 508 -31.91 -12.17 -37.61
N VAL H 509 -30.61 -11.89 -37.61
CA VAL H 509 -29.84 -11.81 -36.37
C VAL H 509 -30.18 -10.56 -35.55
N ALA H 510 -30.29 -9.41 -36.23
CA ALA H 510 -30.64 -8.16 -35.58
C ALA H 510 -31.98 -8.31 -34.85
N GLY H 511 -32.91 -9.01 -35.50
CA GLY H 511 -34.23 -9.29 -34.94
C GLY H 511 -34.12 -10.06 -33.65
N LEU H 512 -33.26 -11.08 -33.64
CA LEU H 512 -33.04 -11.90 -32.44
C LEU H 512 -32.33 -11.11 -31.36
N MET H 513 -31.41 -10.26 -31.77
CA MET H 513 -30.63 -9.48 -30.82
C MET H 513 -31.41 -8.33 -30.20
N ILE H 514 -32.37 -7.78 -30.93
CA ILE H 514 -33.19 -6.70 -30.40
C ILE H 514 -34.15 -7.22 -29.34
N THR H 515 -34.56 -8.46 -29.49
CA THR H 515 -35.48 -9.08 -28.54
C THR H 515 -34.75 -9.77 -27.39
N THR H 516 -33.49 -9.42 -27.19
CA THR H 516 -32.71 -10.00 -26.09
C THR H 516 -32.85 -9.20 -24.80
N GLU H 517 -33.17 -9.91 -23.72
CA GLU H 517 -33.32 -9.30 -22.40
C GLU H 517 -32.35 -9.87 -21.36
N CYS H 518 -31.93 -11.11 -21.55
CA CYS H 518 -31.07 -11.77 -20.56
C CYS H 518 -29.92 -12.51 -21.21
N MET H 519 -28.73 -12.37 -20.64
CA MET H 519 -27.55 -13.06 -21.14
C MET H 519 -26.86 -13.86 -20.04
N VAL H 520 -26.56 -15.11 -20.35
CA VAL H 520 -25.92 -16.03 -19.40
C VAL H 520 -24.62 -16.59 -19.97
N THR H 521 -23.51 -16.28 -19.29
CA THR H 521 -22.19 -16.73 -19.72
C THR H 521 -21.34 -17.19 -18.53
N ASP H 522 -20.19 -17.79 -18.86
CA ASP H 522 -19.23 -18.26 -17.84
C ASP H 522 -18.54 -17.11 -17.11
N LEU H 523 -18.17 -17.36 -15.87
CA LEU H 523 -17.58 -16.35 -14.99
C LEU H 523 -16.10 -16.16 -15.32
N PRO H 524 -15.63 -14.90 -15.41
CA PRO H 524 -14.22 -14.59 -15.67
C PRO H 524 -13.29 -15.05 -14.55
N ALA I 1 -9.20 -18.49 -28.88
CA ALA I 1 -8.23 -17.52 -28.29
C ALA I 1 -8.75 -16.08 -28.34
N ALA I 2 -8.78 -15.43 -27.19
CA ALA I 2 -9.20 -14.03 -27.07
C ALA I 2 -8.25 -13.10 -27.82
N LYS I 3 -8.81 -12.12 -28.51
CA LYS I 3 -8.04 -11.23 -29.38
C LYS I 3 -8.13 -9.77 -28.98
N ASP I 4 -7.11 -9.01 -29.37
CA ASP I 4 -7.05 -7.58 -29.12
C ASP I 4 -7.12 -6.90 -30.47
N VAL I 5 -7.96 -5.87 -30.58
CA VAL I 5 -8.16 -5.19 -31.85
C VAL I 5 -7.97 -3.68 -31.73
N LYS I 6 -7.07 -3.14 -32.56
CA LYS I 6 -6.84 -1.70 -32.61
C LYS I 6 -7.17 -1.10 -33.98
N PHE I 7 -7.73 0.10 -33.98
CA PHE I 7 -8.19 0.74 -35.20
C PHE I 7 -7.47 2.02 -35.52
N GLY I 8 -7.31 2.27 -36.82
CA GLY I 8 -6.90 3.56 -37.35
C GLY I 8 -5.57 4.08 -36.86
N ASN I 9 -5.58 5.35 -36.45
CA ASN I 9 -4.37 6.07 -36.03
C ASN I 9 -3.65 5.36 -34.89
N ASP I 10 -4.43 4.91 -33.92
CA ASP I 10 -3.95 4.11 -32.79
C ASP I 10 -3.21 2.85 -33.27
N ALA I 11 -3.73 2.22 -34.32
CA ALA I 11 -3.17 0.97 -34.84
C ALA I 11 -1.89 1.21 -35.63
N ARG I 12 -1.84 2.33 -36.34
CA ARG I 12 -0.71 2.65 -37.20
C ARG I 12 0.54 3.04 -36.41
N VAL I 13 0.37 3.86 -35.38
CA VAL I 13 1.52 4.32 -34.58
C VAL I 13 2.28 3.16 -33.95
N LYS I 14 1.57 2.04 -33.73
CA LYS I 14 2.18 0.83 -33.19
C LYS I 14 3.01 0.12 -34.24
N MET I 15 2.61 0.24 -35.52
CA MET I 15 3.41 -0.30 -36.61
C MET I 15 4.66 0.51 -36.82
N LEU I 16 4.51 1.83 -36.89
CA LEU I 16 5.63 2.73 -37.10
C LEU I 16 6.69 2.52 -36.02
N ARG I 17 6.22 2.49 -34.76
CA ARG I 17 7.06 2.24 -33.59
C ARG I 17 7.78 0.89 -33.74
N GLY I 18 7.06 -0.08 -34.29
CA GLY I 18 7.59 -1.41 -34.51
C GLY I 18 8.61 -1.49 -35.61
N VAL I 19 8.34 -0.87 -36.75
CA VAL I 19 9.28 -0.88 -37.87
C VAL I 19 10.54 -0.07 -37.54
N ASN I 20 10.36 1.02 -36.80
CA ASN I 20 11.46 1.89 -36.40
C ASN I 20 12.53 1.17 -35.56
N VAL I 21 12.11 0.19 -34.78
CA VAL I 21 13.04 -0.65 -34.04
C VAL I 21 13.86 -1.51 -35.00
N LEU I 22 13.17 -2.24 -35.88
CA LEU I 22 13.87 -3.09 -36.83
C LEU I 22 14.75 -2.28 -37.77
N ALA I 23 14.25 -1.15 -38.24
CA ALA I 23 15.01 -0.31 -39.15
C ALA I 23 16.27 0.25 -38.51
N ASP I 24 16.12 0.89 -37.35
CA ASP I 24 17.23 1.53 -36.66
C ASP I 24 18.29 0.51 -36.23
N ALA I 25 17.89 -0.74 -36.06
CA ALA I 25 18.82 -1.81 -35.71
C ALA I 25 19.60 -2.28 -36.92
N VAL I 26 19.05 -2.04 -38.10
CA VAL I 26 19.65 -2.50 -39.34
C VAL I 26 20.38 -1.37 -40.05
N LYS I 27 19.77 -0.19 -40.11
CA LYS I 27 20.34 0.92 -40.85
C LYS I 27 21.72 1.38 -40.37
N VAL I 28 22.12 0.96 -39.17
CA VAL I 28 23.42 1.31 -38.60
C VAL I 28 24.54 0.49 -39.22
N THR I 29 24.18 -0.55 -39.94
CA THR I 29 25.16 -1.44 -40.54
C THR I 29 25.31 -1.22 -42.05
N LEU I 30 24.85 -0.06 -42.53
CA LEU I 30 24.89 0.25 -43.95
C LEU I 30 26.24 0.83 -44.36
N GLY I 31 26.68 0.48 -45.55
CA GLY I 31 27.93 1.02 -46.10
C GLY I 31 29.18 0.35 -45.55
N PRO I 32 30.35 0.92 -45.86
CA PRO I 32 31.61 0.40 -45.34
C PRO I 32 32.02 1.13 -44.06
N LYS I 33 31.40 2.28 -43.80
CA LYS I 33 31.61 2.98 -42.55
C LYS I 33 30.58 2.54 -41.52
N GLY I 34 30.03 1.35 -41.74
CA GLY I 34 28.98 0.76 -40.92
C GLY I 34 29.44 0.36 -39.53
N ARG I 35 28.46 0.22 -38.64
CA ARG I 35 28.69 -0.11 -37.24
C ARG I 35 28.38 -1.58 -36.96
N ASN I 36 28.94 -2.10 -35.87
CA ASN I 36 28.68 -3.48 -35.46
C ASN I 36 27.42 -3.57 -34.62
N VAL I 37 26.64 -4.63 -34.85
CA VAL I 37 25.49 -4.93 -34.02
C VAL I 37 25.73 -6.25 -33.32
N VAL I 38 25.61 -6.27 -31.99
CA VAL I 38 25.90 -7.45 -31.19
C VAL I 38 24.62 -8.19 -30.87
N LEU I 39 24.59 -9.48 -31.19
CA LEU I 39 23.42 -10.33 -30.98
C LEU I 39 23.72 -11.39 -29.93
N ASP I 40 22.86 -11.45 -28.91
CA ASP I 40 23.08 -12.36 -27.79
C ASP I 40 22.62 -13.77 -28.13
N LYS I 41 23.38 -14.74 -27.60
CA LYS I 41 23.03 -16.15 -27.66
C LYS I 41 23.06 -16.71 -26.25
N SER I 42 22.18 -17.69 -25.98
CA SER I 42 22.13 -18.33 -24.67
C SER I 42 23.43 -19.11 -24.37
N PHE I 43 23.96 -19.79 -25.39
CA PHE I 43 25.18 -20.59 -25.23
C PHE I 43 26.44 -19.76 -25.51
N GLY I 44 27.19 -19.47 -24.44
CA GLY I 44 28.48 -18.81 -24.54
C GLY I 44 28.52 -17.39 -25.07
N ALA I 45 29.49 -17.12 -25.94
CA ALA I 45 29.81 -15.78 -26.43
C ALA I 45 28.76 -15.19 -27.38
N PRO I 46 28.55 -13.85 -27.32
CA PRO I 46 27.63 -13.18 -28.23
C PRO I 46 28.22 -13.06 -29.62
N THR I 47 27.34 -12.91 -30.61
CA THR I 47 27.75 -12.76 -32.01
C THR I 47 27.83 -11.29 -32.39
N ILE I 48 29.00 -10.86 -32.86
CA ILE I 48 29.21 -9.50 -33.36
C ILE I 48 29.22 -9.58 -34.88
N THR I 49 28.26 -8.88 -35.51
CA THR I 49 28.12 -8.94 -36.96
C THR I 49 27.67 -7.61 -37.56
N LYS I 50 27.91 -7.46 -38.85
CA LYS I 50 27.45 -6.30 -39.63
C LYS I 50 26.36 -6.70 -40.62
N ASP I 51 26.16 -8.01 -40.77
CA ASP I 51 25.20 -8.58 -41.74
C ASP I 51 23.76 -8.21 -41.39
N GLY I 52 23.17 -7.35 -42.23
CA GLY I 52 21.82 -6.83 -42.02
C GLY I 52 20.73 -7.89 -41.96
N VAL I 53 21.00 -9.05 -42.55
CA VAL I 53 20.06 -10.17 -42.54
C VAL I 53 20.04 -10.84 -41.16
N SER I 54 21.22 -11.11 -40.62
CA SER I 54 21.38 -11.75 -39.31
C SER I 54 20.76 -10.89 -38.20
N VAL I 55 20.88 -9.56 -38.33
CA VAL I 55 20.31 -8.62 -37.37
C VAL I 55 18.79 -8.58 -37.49
N ALA I 56 18.30 -8.52 -38.73
CA ALA I 56 16.86 -8.49 -38.97
C ALA I 56 16.15 -9.72 -38.42
N ARG I 57 16.71 -10.90 -38.73
CA ARG I 57 16.16 -12.18 -38.26
C ARG I 57 15.94 -12.25 -36.75
N GLU I 58 16.81 -11.60 -35.99
CA GLU I 58 16.77 -11.64 -34.52
C GLU I 58 15.72 -10.73 -33.88
N ILE I 59 15.30 -9.68 -34.60
CA ILE I 59 14.32 -8.74 -34.05
C ILE I 59 12.92 -9.34 -33.95
N GLU I 60 12.35 -9.23 -32.75
CA GLU I 60 10.99 -9.65 -32.43
C GLU I 60 10.57 -8.97 -31.13
N LEU I 61 9.62 -8.05 -31.24
CA LEU I 61 9.28 -7.17 -30.12
C LEU I 61 8.26 -7.74 -29.13
N GLU I 62 8.18 -7.11 -27.95
CA GLU I 62 7.26 -7.55 -26.88
C GLU I 62 5.82 -7.18 -27.16
N ASP I 63 5.58 -5.89 -27.40
CA ASP I 63 4.23 -5.41 -27.74
C ASP I 63 3.76 -6.07 -29.04
N LYS I 64 2.70 -6.86 -28.94
CA LYS I 64 2.26 -7.68 -30.06
C LYS I 64 2.07 -6.87 -31.35
N PHE I 65 1.48 -5.68 -31.22
CA PHE I 65 1.24 -4.79 -32.35
C PHE I 65 2.56 -4.27 -32.95
N GLU I 66 3.46 -3.82 -32.09
CA GLU I 66 4.79 -3.39 -32.50
C GLU I 66 5.48 -4.54 -33.23
N ASN I 67 5.41 -5.73 -32.65
CA ASN I 67 6.00 -6.93 -33.22
C ASN I 67 5.53 -7.13 -34.65
N MET I 68 4.24 -6.98 -34.87
CA MET I 68 3.64 -7.13 -36.19
C MET I 68 4.29 -6.18 -37.20
N GLY I 69 4.36 -4.89 -36.84
CA GLY I 69 5.01 -3.88 -37.67
C GLY I 69 6.40 -4.35 -38.07
N ALA I 70 7.23 -4.59 -37.06
CA ALA I 70 8.59 -5.07 -37.25
C ALA I 70 8.66 -6.33 -38.12
N GLN I 71 7.79 -7.30 -37.85
CA GLN I 71 7.80 -8.56 -38.56
C GLN I 71 7.33 -8.40 -40.00
N MET I 72 6.61 -7.32 -40.27
CA MET I 72 6.15 -7.04 -41.62
C MET I 72 7.28 -6.60 -42.55
N VAL I 73 8.10 -5.64 -42.10
CA VAL I 73 9.22 -5.15 -42.91
C VAL I 73 10.37 -6.14 -42.96
N LYS I 74 10.40 -7.03 -41.97
CA LYS I 74 11.36 -8.12 -41.92
C LYS I 74 11.14 -9.09 -43.10
N GLU I 75 9.86 -9.29 -43.45
CA GLU I 75 9.45 -10.14 -44.57
C GLU I 75 9.98 -9.66 -45.92
N VAL I 76 10.39 -8.40 -45.96
CA VAL I 76 10.88 -7.77 -47.17
C VAL I 76 12.38 -7.99 -47.27
N ALA I 77 13.08 -7.63 -46.19
CA ALA I 77 14.50 -7.85 -46.09
C ALA I 77 14.87 -9.26 -46.55
N SER I 78 14.17 -10.26 -46.01
CA SER I 78 14.42 -11.66 -46.34
C SER I 78 14.11 -11.99 -47.80
N LYS I 79 13.11 -11.31 -48.36
CA LYS I 79 12.68 -11.55 -49.74
C LYS I 79 13.60 -10.87 -50.76
N ALA I 80 14.17 -9.73 -50.36
CA ALA I 80 15.21 -9.07 -51.15
C ALA I 80 16.44 -9.99 -51.23
N ASN I 81 16.73 -10.64 -50.10
CA ASN I 81 17.80 -11.63 -49.99
C ASN I 81 17.54 -12.82 -50.90
N ASP I 82 16.27 -13.18 -51.09
CA ASP I 82 15.90 -14.31 -51.92
C ASP I 82 16.03 -13.99 -53.40
N ALA I 83 15.84 -12.71 -53.75
CA ALA I 83 15.90 -12.26 -55.13
C ALA I 83 17.33 -12.07 -55.64
N ALA I 84 18.18 -11.45 -54.81
CA ALA I 84 19.55 -11.09 -55.20
C ALA I 84 20.64 -11.65 -54.28
N GLY I 85 20.41 -11.56 -52.97
CA GLY I 85 21.41 -11.97 -51.97
C GLY I 85 22.10 -10.76 -51.37
N ASP I 86 21.92 -9.63 -52.02
CA ASP I 86 22.53 -8.39 -51.62
C ASP I 86 21.39 -7.39 -51.40
N GLY I 87 21.69 -6.28 -50.71
CA GLY I 87 20.78 -5.14 -50.65
C GLY I 87 19.64 -5.27 -49.66
N THR I 88 19.84 -6.08 -48.63
CA THR I 88 18.82 -6.31 -47.59
C THR I 88 18.72 -5.12 -46.64
N THR I 89 19.86 -4.54 -46.31
CA THR I 89 19.92 -3.34 -45.49
C THR I 89 19.39 -2.15 -46.29
N THR I 90 19.74 -2.10 -47.57
CA THR I 90 19.31 -1.02 -48.47
C THR I 90 17.80 -1.07 -48.68
N ALA I 91 17.23 -2.28 -48.69
CA ALA I 91 15.78 -2.42 -48.77
C ALA I 91 15.14 -1.83 -47.51
N THR I 92 15.68 -2.19 -46.35
CA THR I 92 15.07 -1.84 -45.07
C THR I 92 15.14 -0.35 -44.81
N VAL I 93 16.21 0.30 -45.24
CA VAL I 93 16.33 1.75 -45.06
C VAL I 93 15.34 2.51 -45.93
N LEU I 94 15.02 1.93 -47.09
CA LEU I 94 14.04 2.46 -48.02
C LEU I 94 12.63 2.29 -47.45
N ALA I 95 12.28 1.06 -47.11
CA ALA I 95 10.98 0.75 -46.55
C ALA I 95 10.62 1.71 -45.41
N GLN I 96 11.55 1.93 -44.49
CA GLN I 96 11.33 2.84 -43.38
C GLN I 96 10.98 4.25 -43.89
N ALA I 97 11.78 4.73 -44.84
CA ALA I 97 11.64 6.09 -45.36
C ALA I 97 10.33 6.33 -46.10
N ILE I 98 9.79 5.29 -46.73
CA ILE I 98 8.49 5.36 -47.37
C ILE I 98 7.38 5.32 -46.32
N ILE I 99 7.52 4.44 -45.33
CA ILE I 99 6.51 4.27 -44.30
C ILE I 99 6.40 5.50 -43.40
N THR I 100 7.55 5.99 -42.92
CA THR I 100 7.58 7.15 -42.02
C THR I 100 6.96 8.38 -42.67
N GLU I 101 7.36 8.65 -43.91
CA GLU I 101 6.85 9.79 -44.65
C GLU I 101 5.43 9.53 -45.17
N GLY I 102 5.13 8.27 -45.48
CA GLY I 102 3.80 7.87 -45.92
C GLY I 102 2.77 8.10 -44.85
N LEU I 103 3.01 7.50 -43.68
CA LEU I 103 2.09 7.62 -42.56
C LEU I 103 1.86 9.06 -42.13
N LYS I 104 2.88 9.91 -42.27
CA LYS I 104 2.77 11.34 -42.00
C LYS I 104 1.65 11.98 -42.82
N ALA I 105 1.55 11.55 -44.09
CA ALA I 105 0.55 12.05 -45.01
C ALA I 105 -0.83 11.53 -44.66
N VAL I 106 -0.90 10.27 -44.22
CA VAL I 106 -2.16 9.64 -43.85
C VAL I 106 -2.73 10.36 -42.63
N ALA I 107 -1.86 10.64 -41.67
CA ALA I 107 -2.24 11.35 -40.45
C ALA I 107 -2.63 12.81 -40.72
N ALA I 108 -2.06 13.38 -41.79
CA ALA I 108 -2.40 14.73 -42.23
C ALA I 108 -3.81 14.76 -42.83
N GLY I 109 -4.28 13.60 -43.28
CA GLY I 109 -5.64 13.44 -43.77
C GLY I 109 -5.71 13.21 -45.27
N MET I 110 -4.86 12.32 -45.77
CA MET I 110 -4.82 12.01 -47.19
C MET I 110 -5.20 10.56 -47.44
N ASN I 111 -5.74 10.29 -48.62
CA ASN I 111 -6.23 8.97 -48.98
C ASN I 111 -5.10 7.96 -49.13
N PRO I 112 -5.06 6.92 -48.28
CA PRO I 112 -4.01 5.92 -48.34
C PRO I 112 -3.96 5.20 -49.70
N MET I 113 -5.13 4.90 -50.25
CA MET I 113 -5.19 4.22 -51.54
C MET I 113 -4.63 5.05 -52.70
N ASP I 114 -4.76 6.37 -52.60
CA ASP I 114 -4.14 7.27 -53.57
C ASP I 114 -2.63 7.42 -53.31
N LEU I 115 -2.23 7.30 -52.06
CA LEU I 115 -0.83 7.37 -51.68
C LEU I 115 -0.08 6.15 -52.16
N LYS I 116 -0.71 4.99 -52.09
CA LYS I 116 -0.10 3.75 -52.55
C LYS I 116 0.14 3.80 -54.06
N ARG I 117 -0.89 4.18 -54.81
CA ARG I 117 -0.81 4.28 -56.28
C ARG I 117 0.23 5.30 -56.72
N GLY I 118 0.40 6.37 -55.94
CA GLY I 118 1.42 7.39 -56.18
C GLY I 118 2.82 6.82 -56.05
N ILE I 119 3.02 6.03 -54.99
CA ILE I 119 4.30 5.38 -54.74
C ILE I 119 4.62 4.36 -55.81
N ASP I 120 3.66 3.48 -56.11
CA ASP I 120 3.87 2.41 -57.09
C ASP I 120 4.13 2.91 -58.51
N LYS I 121 3.48 4.01 -58.88
CA LYS I 121 3.73 4.64 -60.19
C LYS I 121 5.11 5.28 -60.23
N ALA I 122 5.51 5.91 -59.14
CA ALA I 122 6.86 6.46 -58.99
C ALA I 122 7.93 5.36 -59.06
N VAL I 123 7.61 4.20 -58.50
CA VAL I 123 8.51 3.05 -58.51
C VAL I 123 8.63 2.42 -59.90
N THR I 124 7.49 2.19 -60.55
CA THR I 124 7.48 1.60 -61.90
C THR I 124 8.25 2.48 -62.88
N ALA I 125 8.20 3.80 -62.65
CA ALA I 125 8.95 4.77 -63.43
C ALA I 125 10.42 4.76 -63.05
N ALA I 126 10.70 4.47 -61.78
CA ALA I 126 12.07 4.45 -61.27
C ALA I 126 12.83 3.23 -61.76
N VAL I 127 12.14 2.09 -61.83
CA VAL I 127 12.71 0.87 -62.38
C VAL I 127 13.00 1.05 -63.88
N GLU I 128 12.11 1.77 -64.55
CA GLU I 128 12.26 2.08 -65.97
C GLU I 128 13.43 3.02 -66.20
N GLU I 129 13.59 4.01 -65.32
CA GLU I 129 14.69 4.96 -65.39
C GLU I 129 16.02 4.29 -65.02
N LEU I 130 15.94 3.31 -64.14
CA LEU I 130 17.11 2.59 -63.66
C LEU I 130 17.75 1.74 -64.76
N LYS I 131 16.91 1.14 -65.60
CA LYS I 131 17.38 0.33 -66.73
C LYS I 131 18.19 1.16 -67.72
N ALA I 132 17.83 2.43 -67.85
CA ALA I 132 18.52 3.37 -68.73
C ALA I 132 19.88 3.79 -68.17
N LEU I 133 19.97 3.83 -66.84
CA LEU I 133 21.21 4.23 -66.14
C LEU I 133 22.17 3.05 -66.01
N SER I 134 21.69 1.85 -66.28
CA SER I 134 22.48 0.63 -66.15
C SER I 134 23.57 0.51 -67.23
N VAL I 135 24.75 0.09 -66.81
CA VAL I 135 25.86 -0.18 -67.72
C VAL I 135 26.06 -1.70 -67.80
N PRO I 136 25.70 -2.31 -68.94
CA PRO I 136 25.70 -3.77 -69.08
C PRO I 136 27.09 -4.40 -69.02
N CYS I 137 27.14 -5.65 -68.59
CA CYS I 137 28.36 -6.45 -68.64
C CYS I 137 28.21 -7.60 -69.64
N SER I 138 28.73 -7.38 -70.85
CA SER I 138 28.60 -8.33 -71.97
C SER I 138 29.82 -9.23 -72.12
N ASP I 139 30.95 -8.64 -72.49
CA ASP I 139 32.20 -9.38 -72.72
C ASP I 139 32.83 -9.90 -71.41
N SER I 140 33.59 -10.99 -71.52
CA SER I 140 34.19 -11.67 -70.34
C SER I 140 35.36 -10.91 -69.70
N LYS I 141 35.68 -9.74 -70.25
CA LYS I 141 36.73 -8.86 -69.70
C LYS I 141 36.14 -7.90 -68.65
N ALA I 142 34.93 -7.41 -68.91
CA ALA I 142 34.20 -6.55 -67.98
C ALA I 142 33.50 -7.37 -66.88
N ILE I 143 33.27 -8.65 -67.16
CA ILE I 143 32.73 -9.61 -66.19
C ILE I 143 33.77 -9.90 -65.10
N ALA I 144 35.04 -9.94 -65.49
CA ALA I 144 36.17 -10.15 -64.57
C ALA I 144 36.35 -9.00 -63.59
N GLN I 145 36.03 -7.78 -64.03
CA GLN I 145 36.13 -6.57 -63.20
C GLN I 145 35.16 -6.57 -62.02
N VAL I 146 33.97 -7.11 -62.24
CA VAL I 146 32.92 -7.17 -61.21
C VAL I 146 33.26 -8.20 -60.12
N GLY I 147 33.76 -9.36 -60.53
CA GLY I 147 34.17 -10.42 -59.61
C GLY I 147 35.40 -10.09 -58.79
N THR I 148 36.21 -9.15 -59.29
CA THR I 148 37.42 -8.71 -58.60
C THR I 148 37.14 -7.77 -57.42
N ILE I 149 36.34 -6.72 -57.67
CA ILE I 149 36.06 -5.69 -56.66
C ILE I 149 35.06 -6.18 -55.59
N SER I 150 34.24 -7.17 -55.94
CA SER I 150 33.29 -7.79 -55.02
C SER I 150 33.96 -8.74 -54.01
N ALA I 151 35.15 -9.22 -54.37
CA ALA I 151 35.93 -10.11 -53.51
C ALA I 151 37.14 -9.39 -52.88
N ASN I 152 36.98 -8.10 -52.60
CA ASN I 152 38.01 -7.26 -51.99
C ASN I 152 39.33 -7.19 -52.78
N SER I 153 39.25 -6.67 -54.00
CA SER I 153 40.39 -6.46 -54.91
C SER I 153 41.25 -7.70 -55.19
N ASP I 154 40.62 -8.88 -55.20
CA ASP I 154 41.30 -10.14 -55.47
C ASP I 154 41.11 -10.55 -56.93
N GLU I 155 42.21 -10.58 -57.67
CA GLU I 155 42.18 -10.87 -59.11
C GLU I 155 42.05 -12.36 -59.44
N THR I 156 42.43 -13.21 -58.48
CA THR I 156 42.35 -14.66 -58.66
C THR I 156 40.89 -15.14 -58.68
N VAL I 157 40.04 -14.44 -57.93
CA VAL I 157 38.62 -14.76 -57.87
C VAL I 157 37.92 -14.44 -59.19
N GLY I 158 38.14 -13.23 -59.70
CA GLY I 158 37.53 -12.77 -60.94
C GLY I 158 37.95 -13.54 -62.17
N LYS I 159 39.16 -14.09 -62.14
CA LYS I 159 39.70 -14.90 -63.24
C LYS I 159 38.98 -16.24 -63.35
N LEU I 160 38.65 -16.82 -62.20
CA LEU I 160 37.98 -18.12 -62.16
C LEU I 160 36.55 -18.06 -62.67
N ILE I 161 35.84 -16.99 -62.29
CA ILE I 161 34.45 -16.80 -62.69
C ILE I 161 34.35 -16.63 -64.21
N ALA I 162 35.25 -15.81 -64.76
CA ALA I 162 35.30 -15.57 -66.21
C ALA I 162 35.57 -16.84 -67.00
N GLU I 163 36.43 -17.70 -66.46
CA GLU I 163 36.75 -18.99 -67.08
C GLU I 163 35.60 -19.98 -66.96
N ALA I 164 34.86 -19.87 -65.86
CA ALA I 164 33.70 -20.73 -65.62
C ALA I 164 32.54 -20.35 -66.54
N MET I 165 32.35 -19.06 -66.75
CA MET I 165 31.28 -18.56 -67.62
C MET I 165 31.61 -18.72 -69.10
N ASP I 166 32.89 -18.93 -69.40
CA ASP I 166 33.33 -19.16 -70.77
C ASP I 166 33.13 -20.62 -71.17
N LYS I 167 32.85 -21.48 -70.18
CA LYS I 167 32.66 -22.91 -70.41
C LYS I 167 31.19 -23.28 -70.57
N VAL I 168 30.36 -22.87 -69.62
CA VAL I 168 28.93 -23.23 -69.61
C VAL I 168 28.02 -22.13 -70.18
N GLY I 169 28.56 -20.93 -70.30
CA GLY I 169 27.80 -19.79 -70.82
C GLY I 169 27.28 -18.88 -69.73
N LYS I 170 26.54 -17.85 -70.13
CA LYS I 170 25.98 -16.86 -69.21
C LYS I 170 24.74 -17.41 -68.50
N GLU I 171 24.06 -18.34 -69.17
CA GLU I 171 22.87 -19.00 -68.62
C GLU I 171 23.23 -20.28 -67.88
N GLY I 172 24.48 -20.72 -68.05
CA GLY I 172 24.97 -21.98 -67.48
C GLY I 172 25.01 -22.02 -65.96
N VAL I 173 25.13 -23.23 -65.41
CA VAL I 173 25.11 -23.46 -63.97
C VAL I 173 26.53 -23.54 -63.40
N ILE I 174 26.82 -22.69 -62.42
CA ILE I 174 28.14 -22.63 -61.79
C ILE I 174 28.05 -22.86 -60.28
N THR I 175 28.86 -23.80 -59.79
CA THR I 175 28.86 -24.15 -58.36
C THR I 175 30.27 -24.21 -57.79
N VAL I 176 30.39 -23.84 -56.51
CA VAL I 176 31.66 -23.83 -55.80
C VAL I 176 31.64 -24.86 -54.68
N GLU I 177 32.72 -25.64 -54.60
CA GLU I 177 32.93 -26.58 -53.49
C GLU I 177 34.37 -26.56 -52.98
N ASP I 178 34.62 -27.30 -51.90
CA ASP I 178 35.93 -27.36 -51.26
C ASP I 178 37.00 -27.92 -52.19
N GLY I 179 38.21 -27.36 -52.08
CA GLY I 179 39.33 -27.76 -52.94
C GLY I 179 40.06 -29.01 -52.47
N THR I 180 40.84 -29.59 -53.37
CA THR I 180 41.60 -30.82 -53.08
C THR I 180 43.01 -30.52 -52.59
N GLY I 181 43.59 -29.42 -53.08
CA GLY I 181 44.97 -29.09 -52.73
C GLY I 181 45.32 -27.62 -52.81
N LEU I 182 46.35 -27.32 -53.61
CA LEU I 182 46.97 -25.99 -53.62
C LEU I 182 46.63 -25.13 -54.83
N GLN I 183 45.98 -25.71 -55.84
CA GLN I 183 45.61 -24.95 -57.02
C GLN I 183 44.12 -25.01 -57.30
N ASP I 184 43.59 -23.90 -57.84
CA ASP I 184 42.18 -23.81 -58.18
C ASP I 184 41.88 -24.68 -59.39
N GLU I 185 40.91 -25.59 -59.23
CA GLU I 185 40.53 -26.52 -60.29
C GLU I 185 39.19 -26.17 -60.91
N LEU I 186 39.01 -26.55 -62.17
CA LEU I 186 37.79 -26.25 -62.91
C LEU I 186 37.45 -27.35 -63.90
N ASP I 187 36.40 -28.11 -63.58
CA ASP I 187 35.90 -29.16 -64.47
C ASP I 187 34.42 -28.93 -64.78
N VAL I 188 33.98 -29.45 -65.93
CA VAL I 188 32.56 -29.43 -66.29
C VAL I 188 32.03 -30.86 -66.25
N VAL I 189 31.20 -31.14 -65.24
CA VAL I 189 30.65 -32.48 -65.05
C VAL I 189 29.16 -32.53 -65.36
N GLU I 190 28.67 -33.74 -65.68
CA GLU I 190 27.28 -33.95 -66.07
C GLU I 190 26.33 -33.72 -64.89
N GLY I 191 25.60 -32.61 -64.94
CA GLY I 191 24.66 -32.24 -63.87
C GLY I 191 23.50 -31.40 -64.36
N MET I 192 22.63 -31.01 -63.43
CA MET I 192 21.41 -30.26 -63.75
C MET I 192 20.95 -29.39 -62.60
N GLN I 193 20.30 -28.27 -62.92
CA GLN I 193 19.67 -27.42 -61.90
C GLN I 193 18.25 -27.03 -62.29
N PHE I 194 17.31 -27.21 -61.37
CA PHE I 194 15.90 -26.84 -61.59
C PHE I 194 15.35 -25.91 -60.50
N ASP I 195 14.27 -25.20 -60.81
CA ASP I 195 13.79 -24.12 -59.93
C ASP I 195 12.75 -24.54 -58.90
N ARG I 196 13.12 -25.49 -58.04
CA ARG I 196 12.29 -25.86 -56.88
C ARG I 196 13.14 -25.97 -55.61
N GLY I 197 12.60 -25.47 -54.50
CA GLY I 197 13.35 -25.41 -53.23
C GLY I 197 13.16 -26.59 -52.29
N TYR I 198 13.74 -26.48 -51.09
CA TYR I 198 13.58 -27.50 -50.04
C TYR I 198 12.14 -27.58 -49.56
N LEU I 199 11.70 -28.78 -49.20
CA LEU I 199 10.31 -29.00 -48.82
C LEU I 199 9.97 -28.42 -47.43
N SER I 200 10.97 -28.41 -46.55
CA SER I 200 10.85 -27.74 -45.25
C SER I 200 12.19 -27.12 -44.83
N PRO I 201 12.14 -26.05 -44.01
CA PRO I 201 13.37 -25.34 -43.62
C PRO I 201 14.32 -26.15 -42.75
N TYR I 202 13.80 -27.10 -41.97
CA TYR I 202 14.64 -27.85 -41.04
C TYR I 202 15.54 -28.91 -41.70
N PHE I 203 15.60 -28.92 -43.03
CA PHE I 203 16.48 -29.83 -43.77
C PHE I 203 17.93 -29.32 -43.83
N ILE I 204 18.10 -28.03 -43.57
CA ILE I 204 19.40 -27.34 -43.65
C ILE I 204 20.48 -28.00 -42.77
N ASN I 205 21.71 -28.03 -43.27
CA ASN I 205 22.87 -28.43 -42.46
C ASN I 205 24.04 -27.44 -42.55
N LYS I 206 23.91 -26.42 -43.40
CA LYS I 206 24.88 -25.33 -43.50
C LYS I 206 24.57 -24.24 -42.47
N PRO I 207 25.47 -24.07 -41.48
CA PRO I 207 25.22 -23.15 -40.36
C PRO I 207 24.90 -21.72 -40.78
N GLU I 208 25.36 -21.32 -41.97
CA GLU I 208 25.18 -19.93 -42.44
C GLU I 208 24.40 -19.77 -43.74
N THR I 209 24.65 -20.66 -44.70
CA THR I 209 24.14 -20.49 -46.07
C THR I 209 22.63 -20.66 -46.17
N GLY I 210 22.05 -21.41 -45.24
CA GLY I 210 20.64 -21.79 -45.32
C GLY I 210 20.48 -22.72 -46.51
N ALA I 211 21.26 -23.80 -46.49
CA ALA I 211 21.34 -24.74 -47.60
C ALA I 211 21.40 -26.18 -47.10
N VAL I 212 21.06 -27.12 -47.98
CA VAL I 212 21.19 -28.55 -47.68
C VAL I 212 22.23 -29.16 -48.61
N GLU I 213 23.34 -29.60 -48.02
CA GLU I 213 24.49 -30.08 -48.77
C GLU I 213 24.72 -31.56 -48.44
N LEU I 214 24.62 -32.42 -49.43
CA LEU I 214 24.75 -33.87 -49.21
C LEU I 214 25.84 -34.49 -50.07
N GLU I 215 26.80 -35.15 -49.40
CA GLU I 215 27.91 -35.81 -50.08
C GLU I 215 27.58 -37.27 -50.40
N SER I 216 27.75 -37.64 -51.67
CA SER I 216 27.37 -38.97 -52.20
C SER I 216 25.94 -39.40 -51.80
N PRO I 217 24.93 -38.57 -52.15
CA PRO I 217 23.56 -38.91 -51.83
C PRO I 217 22.85 -39.73 -52.91
N PHE I 218 22.21 -40.81 -52.50
CA PHE I 218 21.33 -41.57 -53.38
C PHE I 218 20.09 -40.74 -53.67
N ILE I 219 19.50 -40.97 -54.84
CA ILE I 219 18.36 -40.18 -55.30
C ILE I 219 17.14 -41.05 -55.56
N LEU I 220 16.07 -40.79 -54.82
CA LEU I 220 14.79 -41.46 -55.07
C LEU I 220 13.91 -40.57 -55.92
N LEU I 221 13.20 -41.19 -56.86
CA LEU I 221 12.39 -40.45 -57.83
C LEU I 221 10.96 -40.98 -57.91
N ALA I 222 10.02 -40.16 -57.45
CA ALA I 222 8.61 -40.56 -57.35
C ALA I 222 7.66 -39.58 -58.05
N ASP I 223 6.85 -40.09 -58.97
CA ASP I 223 5.91 -39.25 -59.72
C ASP I 223 4.65 -38.97 -58.91
N LYS I 224 4.33 -39.85 -57.96
CA LYS I 224 3.14 -39.69 -57.13
C LYS I 224 3.44 -39.00 -55.80
N LYS I 225 2.43 -38.32 -55.26
CA LYS I 225 2.55 -37.63 -53.98
C LYS I 225 2.73 -38.64 -52.85
N ILE I 226 3.62 -38.33 -51.91
CA ILE I 226 3.86 -39.20 -50.76
C ILE I 226 3.28 -38.60 -49.47
N SER I 227 2.21 -39.21 -48.98
CA SER I 227 1.53 -38.76 -47.75
C SER I 227 2.04 -39.54 -46.54
N ASN I 228 1.74 -40.84 -46.50
CA ASN I 228 2.25 -41.72 -45.45
C ASN I 228 3.72 -42.07 -45.72
N ILE I 229 4.47 -42.28 -44.65
CA ILE I 229 5.86 -42.74 -44.76
C ILE I 229 5.93 -44.27 -44.87
N ARG I 230 4.76 -44.91 -44.75
CA ARG I 230 4.61 -46.37 -44.81
C ARG I 230 5.12 -46.98 -46.12
N GLU I 231 5.25 -46.15 -47.15
CA GLU I 231 5.71 -46.58 -48.46
C GLU I 231 7.21 -46.36 -48.63
N MET I 232 7.72 -45.37 -47.91
CA MET I 232 9.11 -44.97 -48.01
C MET I 232 10.06 -45.91 -47.28
N LEU I 233 9.54 -46.55 -46.23
CA LEU I 233 10.35 -47.34 -45.29
C LEU I 233 11.29 -48.37 -45.93
N PRO I 234 10.78 -49.25 -46.83
CA PRO I 234 11.66 -50.27 -47.40
C PRO I 234 12.86 -49.67 -48.13
N VAL I 235 12.63 -48.54 -48.79
CA VAL I 235 13.72 -47.79 -49.42
C VAL I 235 14.61 -47.21 -48.32
N LEU I 236 14.03 -46.33 -47.49
CA LEU I 236 14.76 -45.70 -46.38
C LEU I 236 15.65 -46.65 -45.57
N GLU I 237 15.15 -47.86 -45.33
CA GLU I 237 15.88 -48.89 -44.56
C GLU I 237 17.14 -49.37 -45.25
N ALA I 238 17.11 -49.41 -46.57
CA ALA I 238 18.29 -49.79 -47.35
C ALA I 238 19.26 -48.62 -47.56
N VAL I 239 18.81 -47.40 -47.23
CA VAL I 239 19.66 -46.20 -47.34
C VAL I 239 20.45 -45.92 -46.05
N ALA I 240 19.93 -46.42 -44.93
CA ALA I 240 20.67 -46.44 -43.67
C ALA I 240 21.88 -47.37 -43.81
N LYS I 241 21.63 -48.56 -44.37
CA LYS I 241 22.68 -49.47 -44.82
C LYS I 241 23.55 -48.75 -45.85
N ALA I 242 24.88 -48.84 -45.66
CA ALA I 242 25.85 -48.03 -46.41
C ALA I 242 25.61 -46.52 -46.21
N GLY I 243 25.63 -46.12 -44.93
CA GLY I 243 25.36 -44.74 -44.46
C GLY I 243 25.70 -43.59 -45.39
N LYS I 244 24.83 -43.36 -46.37
CA LYS I 244 24.92 -42.21 -47.26
C LYS I 244 23.53 -41.61 -47.43
N PRO I 245 23.43 -40.25 -47.41
CA PRO I 245 22.18 -39.49 -47.34
C PRO I 245 21.17 -39.82 -48.43
N LEU I 246 20.00 -39.19 -48.38
CA LEU I 246 18.95 -39.46 -49.36
C LEU I 246 18.30 -38.19 -49.89
N LEU I 247 18.07 -38.18 -51.21
CA LEU I 247 17.40 -37.06 -51.86
C LEU I 247 16.11 -37.54 -52.51
N ILE I 248 15.01 -36.92 -52.09
CA ILE I 248 13.69 -37.29 -52.56
C ILE I 248 13.11 -36.20 -53.45
N ILE I 249 13.13 -36.46 -54.75
CA ILE I 249 12.38 -35.65 -55.69
C ILE I 249 11.08 -36.38 -55.99
N ALA I 250 9.97 -35.67 -55.80
CA ALA I 250 8.65 -36.20 -56.07
C ALA I 250 7.72 -35.07 -56.49
N GLU I 251 6.49 -35.42 -56.89
CA GLU I 251 5.45 -34.42 -57.10
C GLU I 251 5.34 -33.61 -55.82
N ASP I 252 5.19 -34.31 -54.70
CA ASP I 252 5.12 -33.70 -53.36
C ASP I 252 5.42 -34.75 -52.28
N VAL I 253 5.95 -34.28 -51.15
CA VAL I 253 6.13 -35.12 -49.97
C VAL I 253 5.68 -34.32 -48.75
N GLU I 254 4.37 -34.24 -48.55
CA GLU I 254 3.78 -33.32 -47.57
C GLU I 254 2.72 -33.99 -46.69
N GLY I 255 2.63 -33.53 -45.45
CA GLY I 255 1.66 -34.06 -44.50
C GLY I 255 2.31 -34.85 -43.37
N GLU I 256 2.45 -36.16 -43.58
CA GLU I 256 2.98 -37.06 -42.56
C GLU I 256 4.41 -37.48 -42.85
N ALA I 257 4.67 -37.90 -44.09
CA ALA I 257 5.97 -38.40 -44.49
C ALA I 257 7.04 -37.31 -44.43
N LEU I 258 6.63 -36.06 -44.53
CA LEU I 258 7.54 -34.92 -44.42
C LEU I 258 8.04 -34.76 -42.99
N ALA I 259 7.09 -34.66 -42.05
CA ALA I 259 7.40 -34.44 -40.63
C ALA I 259 8.22 -35.57 -40.02
N THR I 260 7.98 -36.80 -40.48
CA THR I 260 8.71 -37.98 -40.03
C THR I 260 10.14 -37.97 -40.59
N LEU I 261 10.33 -37.33 -41.75
CA LEU I 261 11.66 -37.12 -42.30
C LEU I 261 12.37 -35.93 -41.63
N VAL I 262 11.59 -35.03 -41.03
CA VAL I 262 12.14 -33.91 -40.26
C VAL I 262 12.55 -34.35 -38.85
N VAL I 263 11.70 -35.14 -38.20
CA VAL I 263 12.01 -35.74 -36.90
C VAL I 263 13.29 -36.58 -36.98
N ASN I 264 13.40 -37.41 -38.01
CA ASN I 264 14.56 -38.28 -38.18
C ASN I 264 15.87 -37.55 -38.43
N THR I 265 15.92 -36.76 -39.50
CA THR I 265 17.14 -36.05 -39.91
C THR I 265 17.72 -35.19 -38.80
N MET I 266 16.84 -34.45 -38.11
CA MET I 266 17.25 -33.55 -37.06
C MET I 266 17.73 -34.31 -35.82
N ARG I 267 17.09 -35.46 -35.56
CA ARG I 267 17.48 -36.36 -34.47
C ARG I 267 18.86 -36.96 -34.74
N GLY I 268 19.17 -37.12 -36.03
CA GLY I 268 20.47 -37.60 -36.47
C GLY I 268 20.37 -38.84 -37.34
N ILE I 269 19.24 -39.55 -37.23
CA ILE I 269 19.06 -40.83 -37.94
C ILE I 269 18.84 -40.59 -39.46
N VAL I 270 19.92 -40.84 -40.21
CA VAL I 270 20.00 -40.70 -41.68
C VAL I 270 19.70 -39.27 -42.19
N LYS I 271 20.70 -38.70 -42.86
CA LYS I 271 20.57 -37.38 -43.49
C LYS I 271 19.76 -37.51 -44.78
N VAL I 272 18.62 -36.81 -44.83
CA VAL I 272 17.68 -36.88 -45.96
C VAL I 272 17.26 -35.46 -46.36
N ALA I 273 16.75 -35.33 -47.58
CA ALA I 273 16.15 -34.09 -48.07
C ALA I 273 14.98 -34.36 -49.02
N ALA I 274 13.97 -33.49 -49.01
CA ALA I 274 12.80 -33.63 -49.86
C ALA I 274 12.57 -32.39 -50.71
N VAL I 275 12.26 -32.59 -51.98
CA VAL I 275 12.06 -31.48 -52.93
C VAL I 275 10.96 -31.75 -53.96
N LYS I 276 10.07 -30.77 -54.13
CA LYS I 276 9.03 -30.82 -55.17
C LYS I 276 9.66 -30.92 -56.54
N ALA I 277 9.08 -31.75 -57.41
CA ALA I 277 9.56 -31.90 -58.79
C ALA I 277 9.43 -30.59 -59.57
N PRO I 278 10.26 -30.41 -60.62
CA PRO I 278 10.20 -29.17 -61.39
C PRO I 278 8.96 -29.12 -62.28
N GLY I 279 8.44 -27.92 -62.52
CA GLY I 279 7.28 -27.73 -63.41
C GLY I 279 5.98 -28.38 -62.95
N PHE I 280 5.19 -28.86 -63.91
CA PHE I 280 3.88 -29.47 -63.63
C PHE I 280 3.33 -30.32 -64.78
N GLY I 281 2.54 -31.34 -64.41
CA GLY I 281 1.75 -32.13 -65.36
C GLY I 281 2.50 -32.97 -66.37
N ASP I 282 2.32 -32.63 -67.65
CA ASP I 282 2.90 -33.39 -68.76
C ASP I 282 4.39 -33.08 -68.95
N ARG I 283 4.76 -31.83 -68.72
CA ARG I 283 6.16 -31.39 -68.85
C ARG I 283 7.02 -31.80 -67.65
N ARG I 284 6.36 -32.11 -66.53
CA ARG I 284 7.04 -32.64 -65.35
C ARG I 284 7.52 -34.06 -65.62
N LYS I 285 6.57 -34.95 -65.89
CA LYS I 285 6.84 -36.36 -66.23
C LYS I 285 8.08 -36.56 -67.10
N ALA I 286 8.30 -35.64 -68.04
CA ALA I 286 9.46 -35.67 -68.90
C ALA I 286 10.72 -35.26 -68.17
N MET I 287 10.68 -34.08 -67.53
CA MET I 287 11.82 -33.52 -66.81
C MET I 287 12.40 -34.50 -65.78
N LEU I 288 11.51 -35.22 -65.11
CA LEU I 288 11.88 -36.17 -64.06
C LEU I 288 12.68 -37.35 -64.62
N GLN I 289 12.22 -37.87 -65.76
CA GLN I 289 12.92 -38.93 -66.49
C GLN I 289 14.24 -38.44 -67.08
N ASP I 290 14.33 -37.12 -67.28
CA ASP I 290 15.58 -36.49 -67.70
C ASP I 290 16.60 -36.53 -66.57
N ILE I 291 16.16 -36.13 -65.37
CA ILE I 291 17.01 -36.26 -64.20
C ILE I 291 17.39 -37.71 -64.01
N ALA I 292 16.40 -38.60 -64.12
CA ALA I 292 16.57 -40.02 -63.87
C ALA I 292 17.71 -40.68 -64.65
N THR I 293 17.83 -40.36 -65.94
CA THR I 293 18.88 -40.95 -66.78
C THR I 293 20.22 -40.31 -66.44
N LEU I 294 20.20 -39.00 -66.25
CA LEU I 294 21.36 -38.20 -65.85
C LEU I 294 21.90 -38.60 -64.48
N THR I 295 21.00 -38.99 -63.59
CA THR I 295 21.36 -39.43 -62.24
C THR I 295 21.42 -40.96 -62.15
N GLY I 296 21.03 -41.63 -63.22
CA GLY I 296 21.17 -43.07 -63.36
C GLY I 296 20.14 -43.92 -62.64
N GLY I 297 19.16 -43.27 -62.02
CA GLY I 297 18.09 -43.97 -61.31
C GLY I 297 16.91 -44.31 -62.19
N THR I 298 15.82 -44.74 -61.56
CA THR I 298 14.58 -45.03 -62.27
C THR I 298 13.40 -44.33 -61.58
N VAL I 299 12.44 -43.88 -62.39
CA VAL I 299 11.27 -43.19 -61.88
C VAL I 299 10.29 -44.21 -61.31
N ILE I 300 9.60 -43.83 -60.23
CA ILE I 300 8.54 -44.67 -59.67
C ILE I 300 7.20 -43.92 -59.65
N SER I 301 6.26 -44.43 -60.46
CA SER I 301 4.93 -43.85 -60.57
C SER I 301 3.87 -44.95 -60.44
N GLU I 302 2.76 -44.60 -59.80
CA GLU I 302 1.64 -45.52 -59.63
C GLU I 302 0.99 -45.92 -60.97
N GLU I 303 1.41 -45.28 -62.06
CA GLU I 303 0.76 -45.44 -63.36
C GLU I 303 1.01 -46.79 -64.04
N ILE I 304 2.23 -47.31 -63.96
CA ILE I 304 2.54 -48.62 -64.52
C ILE I 304 2.30 -49.74 -63.48
N GLY I 305 2.54 -49.42 -62.21
CA GLY I 305 2.32 -50.36 -61.10
C GLY I 305 3.48 -50.41 -60.12
N MET I 306 4.58 -49.77 -60.51
CA MET I 306 5.79 -49.68 -59.68
C MET I 306 5.46 -48.93 -58.39
N GLU I 307 5.45 -49.64 -57.27
CA GLU I 307 5.25 -49.00 -55.97
C GLU I 307 6.54 -48.98 -55.15
N LEU I 308 6.67 -47.96 -54.30
CA LEU I 308 7.88 -47.76 -53.51
C LEU I 308 8.21 -48.91 -52.56
N GLU I 309 7.19 -49.66 -52.13
CA GLU I 309 7.39 -50.87 -51.32
C GLU I 309 8.40 -51.81 -51.98
N LYS I 310 8.20 -52.07 -53.28
CA LYS I 310 9.03 -53.00 -54.04
C LYS I 310 10.14 -52.27 -54.81
N ALA I 311 10.73 -51.26 -54.18
CA ALA I 311 11.75 -50.44 -54.82
C ALA I 311 13.16 -50.62 -54.25
N THR I 312 13.99 -51.41 -54.94
CA THR I 312 15.39 -51.63 -54.57
C THR I 312 16.25 -50.41 -54.94
N LEU I 313 17.58 -50.57 -54.88
CA LEU I 313 18.50 -49.44 -55.03
C LEU I 313 18.87 -49.04 -56.47
N GLU I 314 18.55 -49.87 -57.46
CA GLU I 314 18.76 -49.49 -58.87
C GLU I 314 17.78 -48.36 -59.26
N ASP I 315 16.61 -48.33 -58.62
CA ASP I 315 15.62 -47.28 -58.83
C ASP I 315 16.14 -45.96 -58.31
N LEU I 316 17.10 -46.04 -57.39
CA LEU I 316 17.72 -44.88 -56.77
C LEU I 316 18.91 -44.38 -57.60
N GLY I 317 18.93 -43.08 -57.86
CA GLY I 317 20.01 -42.45 -58.61
C GLY I 317 21.17 -42.10 -57.70
N GLN I 318 22.36 -41.99 -58.29
CA GLN I 318 23.54 -41.62 -57.54
C GLN I 318 24.08 -40.30 -58.09
N ALA I 319 24.43 -39.38 -57.19
CA ALA I 319 25.07 -38.11 -57.55
C ALA I 319 26.26 -37.85 -56.64
N LYS I 320 27.27 -37.15 -57.15
CA LYS I 320 28.50 -36.91 -56.39
C LYS I 320 28.25 -35.91 -55.27
N ARG I 321 27.35 -34.96 -55.50
CA ARG I 321 27.11 -33.88 -54.56
C ARG I 321 25.87 -33.10 -54.95
N VAL I 322 25.04 -32.79 -53.96
CA VAL I 322 23.83 -31.99 -54.18
C VAL I 322 23.72 -30.77 -53.26
N VAL I 323 23.14 -29.70 -53.78
CA VAL I 323 22.98 -28.45 -53.04
C VAL I 323 21.56 -27.95 -53.25
N ILE I 324 20.90 -27.57 -52.16
CA ILE I 324 19.50 -27.15 -52.23
C ILE I 324 19.30 -25.76 -51.61
N ASN I 325 19.03 -24.76 -52.46
CA ASN I 325 18.69 -23.40 -52.03
C ASN I 325 17.34 -23.34 -51.31
N LYS I 326 16.90 -22.12 -50.97
CA LYS I 326 15.51 -21.88 -50.55
C LYS I 326 14.56 -22.07 -51.73
N ASP I 327 15.00 -21.70 -52.93
CA ASP I 327 14.18 -21.75 -54.14
C ASP I 327 14.77 -22.56 -55.30
N THR I 328 15.90 -23.22 -55.06
CA THR I 328 16.61 -23.96 -56.11
C THR I 328 17.18 -25.27 -55.61
N THR I 329 17.22 -26.27 -56.48
CA THR I 329 17.90 -27.54 -56.22
C THR I 329 18.90 -27.77 -57.32
N THR I 330 20.11 -28.19 -56.95
CA THR I 330 21.16 -28.46 -57.95
C THR I 330 22.01 -29.71 -57.65
N ILE I 331 22.41 -30.39 -58.73
CA ILE I 331 23.12 -31.66 -58.66
C ILE I 331 24.49 -31.54 -59.32
N ILE I 332 25.49 -32.25 -58.78
CA ILE I 332 26.82 -32.28 -59.37
C ILE I 332 27.29 -33.71 -59.65
N ASP I 333 27.68 -33.97 -60.89
CA ASP I 333 28.25 -35.25 -61.35
C ASP I 333 27.45 -36.50 -60.95
N GLY I 334 26.35 -36.72 -61.64
CA GLY I 334 25.57 -37.94 -61.46
C GLY I 334 26.18 -39.07 -62.27
N VAL I 335 25.86 -40.31 -61.89
CA VAL I 335 26.23 -41.47 -62.68
C VAL I 335 25.21 -41.60 -63.82
N GLY I 336 25.68 -42.10 -64.97
CA GLY I 336 24.85 -42.19 -66.16
C GLY I 336 25.77 -42.07 -67.35
N GLU I 337 25.83 -43.14 -68.13
CA GLU I 337 26.81 -43.25 -69.22
C GLU I 337 26.75 -42.04 -70.18
N GLU I 338 27.93 -41.68 -70.70
CA GLU I 338 28.06 -40.67 -71.74
C GLU I 338 26.90 -40.75 -72.74
N ALA I 339 26.70 -41.94 -73.30
CA ALA I 339 25.62 -42.21 -74.24
C ALA I 339 24.24 -41.98 -73.62
N ALA I 340 24.02 -42.53 -72.42
CA ALA I 340 22.72 -42.52 -71.76
C ALA I 340 22.08 -41.14 -71.67
N ILE I 341 22.89 -40.14 -71.36
CA ILE I 341 22.40 -38.76 -71.30
C ILE I 341 22.29 -38.20 -72.71
N GLN I 342 23.38 -38.26 -73.47
CA GLN I 342 23.40 -37.72 -74.84
C GLN I 342 22.39 -38.42 -75.76
N GLY I 343 21.98 -39.62 -75.36
CA GLY I 343 20.90 -40.35 -76.04
C GLY I 343 19.55 -39.72 -75.77
N ARG I 344 19.30 -39.39 -74.51
CA ARG I 344 18.09 -38.66 -74.11
C ARG I 344 18.11 -37.24 -74.69
N VAL I 345 19.30 -36.67 -74.83
CA VAL I 345 19.47 -35.37 -75.45
C VAL I 345 18.87 -35.36 -76.86
N ALA I 346 19.32 -36.29 -77.70
CA ALA I 346 18.83 -36.42 -79.08
C ALA I 346 17.34 -36.75 -79.16
N GLN I 347 16.84 -37.43 -78.11
CA GLN I 347 15.41 -37.76 -77.98
C GLN I 347 14.58 -36.51 -77.68
N ILE I 348 15.25 -35.39 -77.45
CA ILE I 348 14.59 -34.10 -77.31
C ILE I 348 14.90 -33.25 -78.54
N ARG I 349 16.02 -33.53 -79.19
CA ARG I 349 16.41 -32.86 -80.42
C ARG I 349 15.46 -33.19 -81.58
N GLN I 350 14.96 -34.43 -81.57
CA GLN I 350 13.91 -34.85 -82.50
C GLN I 350 12.60 -34.11 -82.23
N GLN I 351 12.31 -33.87 -80.96
CA GLN I 351 11.07 -33.20 -80.54
C GLN I 351 11.04 -31.72 -80.89
N ILE I 352 12.23 -31.13 -81.13
CA ILE I 352 12.35 -29.74 -81.58
C ILE I 352 11.66 -29.58 -82.93
N GLU I 353 11.86 -30.56 -83.81
CA GLU I 353 11.38 -30.49 -85.19
C GLU I 353 9.98 -31.06 -85.37
N GLU I 354 9.65 -32.10 -84.59
CA GLU I 354 8.37 -32.81 -84.74
C GLU I 354 7.16 -32.02 -84.27
N ALA I 355 7.30 -31.30 -83.16
CA ALA I 355 6.21 -30.49 -82.61
C ALA I 355 6.29 -29.05 -83.12
N THR I 356 5.30 -28.64 -83.91
CA THR I 356 5.25 -27.28 -84.46
C THR I 356 4.39 -26.33 -83.62
N SER I 357 5.05 -25.56 -82.76
CA SER I 357 4.39 -24.63 -81.85
C SER I 357 5.31 -23.45 -81.50
N ASP I 358 4.81 -22.55 -80.65
CA ASP I 358 5.58 -21.39 -80.21
C ASP I 358 6.13 -21.62 -78.81
N TYR I 359 5.24 -22.00 -77.90
CA TYR I 359 5.59 -22.24 -76.50
C TYR I 359 6.26 -23.60 -76.29
N ASP I 360 5.84 -24.60 -77.07
CA ASP I 360 6.38 -25.96 -76.95
C ASP I 360 7.88 -26.06 -77.27
N ARG I 361 8.36 -25.16 -78.13
CA ARG I 361 9.78 -25.09 -78.50
C ARG I 361 10.69 -24.68 -77.33
N GLU I 362 10.29 -23.63 -76.60
CA GLU I 362 11.08 -23.07 -75.49
C GLU I 362 11.45 -24.10 -74.43
N LYS I 363 10.45 -24.84 -73.96
CA LYS I 363 10.63 -25.83 -72.90
C LYS I 363 11.64 -26.91 -73.24
N LEU I 364 11.73 -27.27 -74.53
CA LEU I 364 12.68 -28.28 -74.99
C LEU I 364 14.13 -27.79 -74.94
N GLN I 365 14.33 -26.51 -75.28
CA GLN I 365 15.66 -25.89 -75.27
C GLN I 365 16.13 -25.56 -73.86
N GLU I 366 15.18 -25.22 -72.99
CA GLU I 366 15.48 -24.99 -71.58
C GLU I 366 15.72 -26.31 -70.83
N ARG I 367 15.43 -27.43 -71.51
CA ARG I 367 15.71 -28.77 -70.97
C ARG I 367 17.06 -29.29 -71.42
N VAL I 368 17.38 -29.10 -72.70
CA VAL I 368 18.67 -29.56 -73.26
C VAL I 368 19.84 -28.73 -72.75
N ALA I 369 19.60 -27.47 -72.42
CA ALA I 369 20.64 -26.59 -71.89
C ALA I 369 20.97 -26.91 -70.43
N LYS I 370 19.97 -27.37 -69.68
CA LYS I 370 20.15 -27.83 -68.31
C LYS I 370 20.91 -29.15 -68.30
N LEU I 371 20.61 -30.01 -69.28
CA LEU I 371 21.05 -31.40 -69.30
C LEU I 371 22.37 -31.66 -70.03
N ALA I 372 22.49 -31.10 -71.25
CA ALA I 372 23.68 -31.27 -72.07
C ALA I 372 24.66 -30.10 -71.92
N GLY I 373 24.16 -29.00 -71.37
CA GLY I 373 24.98 -27.82 -71.10
C GLY I 373 26.03 -28.07 -70.03
N GLY I 374 25.65 -28.82 -69.00
CA GLY I 374 26.57 -29.24 -67.95
C GLY I 374 26.53 -28.37 -66.71
N VAL I 375 27.50 -28.58 -65.83
CA VAL I 375 27.61 -27.87 -64.56
C VAL I 375 29.09 -27.57 -64.26
N ALA I 376 29.36 -26.33 -63.83
CA ALA I 376 30.73 -25.86 -63.55
C ALA I 376 31.14 -26.05 -62.10
N VAL I 377 32.27 -26.74 -61.89
CA VAL I 377 32.78 -27.04 -60.55
C VAL I 377 34.15 -26.41 -60.30
N ILE I 378 34.16 -25.39 -59.46
CA ILE I 378 35.39 -24.68 -59.12
C ILE I 378 35.84 -25.06 -57.71
N LYS I 379 36.99 -25.73 -57.62
CA LYS I 379 37.54 -26.22 -56.35
C LYS I 379 38.72 -25.35 -55.93
N VAL I 380 38.55 -24.65 -54.82
CA VAL I 380 39.49 -23.60 -54.39
C VAL I 380 40.80 -24.14 -53.81
N GLY I 381 41.91 -23.52 -54.20
CA GLY I 381 43.23 -23.99 -53.79
C GLY I 381 44.04 -22.98 -53.00
N ALA I 382 44.54 -23.42 -51.84
CA ALA I 382 45.43 -22.63 -50.98
C ALA I 382 46.39 -23.56 -50.22
N ALA I 383 47.28 -22.97 -49.43
CA ALA I 383 48.33 -23.73 -48.73
C ALA I 383 47.88 -24.27 -47.37
N THR I 384 47.49 -23.37 -46.48
CA THR I 384 46.91 -23.75 -45.20
C THR I 384 45.40 -23.92 -45.38
N GLU I 385 44.80 -24.76 -44.53
CA GLU I 385 43.39 -25.13 -44.65
C GLU I 385 42.44 -23.94 -44.43
N VAL I 386 42.76 -23.08 -43.46
CA VAL I 386 41.89 -21.95 -43.13
C VAL I 386 42.06 -20.80 -44.12
N GLU I 387 43.11 -20.86 -44.93
CA GLU I 387 43.28 -19.91 -46.04
C GLU I 387 42.51 -20.35 -47.30
N MET I 388 42.12 -21.61 -47.35
CA MET I 388 41.27 -22.12 -48.43
C MET I 388 39.81 -21.82 -48.11
N LYS I 389 39.39 -22.19 -46.91
CA LYS I 389 38.00 -22.03 -46.47
C LYS I 389 37.57 -20.56 -46.35
N GLU I 390 38.55 -19.67 -46.27
CA GLU I 390 38.30 -18.22 -46.28
C GLU I 390 38.23 -17.70 -47.72
N LYS I 391 38.96 -18.35 -48.61
CA LYS I 391 38.95 -18.03 -50.03
C LYS I 391 37.74 -18.66 -50.72
N LYS I 392 37.08 -19.60 -50.04
CA LYS I 392 35.89 -20.24 -50.55
C LYS I 392 34.71 -19.26 -50.55
N ALA I 393 34.30 -18.83 -49.36
CA ALA I 393 33.16 -17.93 -49.18
C ALA I 393 33.35 -16.58 -49.88
N ARG I 394 34.61 -16.22 -50.11
CA ARG I 394 34.99 -15.02 -50.86
C ARG I 394 34.50 -15.11 -52.31
N VAL I 395 34.68 -16.29 -52.91
CA VAL I 395 34.26 -16.57 -54.29
C VAL I 395 32.73 -16.60 -54.40
N GLU I 396 32.07 -17.18 -53.39
CA GLU I 396 30.61 -17.34 -53.38
C GLU I 396 29.85 -16.01 -53.37
N ASP I 397 30.33 -15.06 -52.55
CA ASP I 397 29.74 -13.73 -52.50
C ASP I 397 30.31 -12.79 -53.57
N ALA I 398 31.22 -13.31 -54.39
CA ALA I 398 31.70 -12.59 -55.58
C ALA I 398 31.13 -13.22 -56.85
N LEU I 399 30.35 -14.29 -56.70
CA LEU I 399 29.66 -14.91 -57.81
C LEU I 399 28.24 -14.39 -57.93
N HIS I 400 27.51 -14.39 -56.80
CA HIS I 400 26.14 -13.86 -56.72
C HIS I 400 26.02 -12.45 -57.29
N ALA I 401 27.06 -11.64 -57.09
CA ALA I 401 27.11 -10.28 -57.62
C ALA I 401 27.34 -10.28 -59.14
N THR I 402 28.17 -11.21 -59.61
CA THR I 402 28.47 -11.35 -61.03
C THR I 402 27.25 -11.87 -61.79
N ARG I 403 26.50 -12.78 -61.17
CA ARG I 403 25.25 -13.27 -61.73
C ARG I 403 24.27 -12.14 -62.05
N ALA I 404 24.12 -11.22 -61.09
CA ALA I 404 23.23 -10.08 -61.24
C ALA I 404 23.80 -9.03 -62.19
N ALA I 405 25.12 -9.01 -62.30
CA ALA I 405 25.80 -8.10 -63.21
C ALA I 405 25.59 -8.48 -64.67
N VAL I 406 25.24 -9.74 -64.91
CA VAL I 406 25.00 -10.22 -66.27
C VAL I 406 23.53 -10.06 -66.66
N GLU I 407 22.65 -10.37 -65.72
CA GLU I 407 21.21 -10.38 -65.98
C GLU I 407 20.62 -9.00 -66.26
N GLU I 408 20.97 -8.02 -65.42
CA GLU I 408 20.41 -6.68 -65.55
C GLU I 408 21.47 -5.59 -65.67
N GLY I 409 22.68 -5.90 -65.24
CA GLY I 409 23.80 -4.97 -65.33
C GLY I 409 24.20 -4.36 -63.99
N VAL I 410 25.03 -3.32 -64.04
CA VAL I 410 25.50 -2.63 -62.83
C VAL I 410 25.28 -1.13 -62.92
N VAL I 411 24.71 -0.56 -61.86
CA VAL I 411 24.52 0.89 -61.77
C VAL I 411 25.56 1.50 -60.84
N ALA I 412 25.56 2.82 -60.76
CA ALA I 412 26.53 3.52 -59.94
C ALA I 412 26.21 3.32 -58.46
N GLY I 413 27.21 2.87 -57.70
CA GLY I 413 27.03 2.57 -56.28
C GLY I 413 26.90 3.79 -55.37
N GLY I 414 27.06 3.57 -54.07
CA GLY I 414 27.01 4.64 -53.07
C GLY I 414 25.63 5.23 -52.86
N GLY I 415 24.62 4.51 -53.37
CA GLY I 415 23.23 4.94 -53.32
C GLY I 415 22.94 6.12 -54.22
N VAL I 416 23.86 6.38 -55.16
CA VAL I 416 23.72 7.52 -56.05
C VAL I 416 22.78 7.21 -57.19
N ALA I 417 22.67 5.92 -57.53
CA ALA I 417 21.79 5.48 -58.61
C ALA I 417 20.36 5.93 -58.34
N LEU I 418 19.91 5.70 -57.11
CA LEU I 418 18.56 6.07 -56.73
C LEU I 418 18.42 7.59 -56.64
N ILE I 419 19.42 8.25 -56.08
CA ILE I 419 19.37 9.69 -55.90
C ILE I 419 19.44 10.42 -57.24
N ARG I 420 19.98 9.73 -58.25
CA ARG I 420 20.06 10.24 -59.62
C ARG I 420 18.71 10.08 -60.30
N VAL I 421 18.05 8.96 -60.00
CA VAL I 421 16.71 8.70 -60.48
C VAL I 421 15.74 9.74 -59.90
N ALA I 422 15.94 10.07 -58.63
CA ALA I 422 15.10 11.02 -57.91
C ALA I 422 15.00 12.38 -58.60
N SER I 423 16.14 12.91 -59.05
CA SER I 423 16.15 14.23 -59.71
C SER I 423 15.54 14.17 -61.11
N LYS I 424 15.53 12.97 -61.70
CA LYS I 424 15.02 12.76 -63.06
C LYS I 424 13.52 12.48 -63.11
N LEU I 425 12.90 12.31 -61.94
CA LEU I 425 11.47 12.08 -61.87
C LEU I 425 10.73 13.20 -61.13
N ALA I 426 11.36 14.36 -61.03
CA ALA I 426 10.80 15.50 -60.31
C ALA I 426 9.56 16.09 -61.01
N ASP I 427 9.44 15.83 -62.31
CA ASP I 427 8.29 16.30 -63.10
C ASP I 427 7.13 15.32 -63.11
N LEU I 428 7.31 14.17 -62.47
CA LEU I 428 6.29 13.13 -62.46
C LEU I 428 5.11 13.55 -61.59
N ARG I 429 3.91 13.39 -62.13
CA ARG I 429 2.67 13.71 -61.43
C ARG I 429 1.65 12.56 -61.51
N GLY I 430 0.67 12.57 -60.60
CA GLY I 430 -0.36 11.55 -60.57
C GLY I 430 -1.67 12.04 -61.16
N GLN I 431 -2.79 11.70 -60.51
CA GLN I 431 -4.11 12.11 -60.98
C GLN I 431 -4.76 13.18 -60.10
N ASN I 432 -4.55 13.07 -58.79
CA ASN I 432 -4.98 14.09 -57.83
C ASN I 432 -3.84 14.47 -56.87
N GLU I 433 -4.09 15.50 -56.04
CA GLU I 433 -3.08 16.02 -55.11
C GLU I 433 -2.51 14.93 -54.20
N ASP I 434 -3.39 14.04 -53.73
CA ASP I 434 -2.99 12.95 -52.83
C ASP I 434 -2.02 11.98 -53.49
N GLN I 435 -2.21 11.72 -54.79
CA GLN I 435 -1.28 10.87 -55.54
C GLN I 435 0.05 11.58 -55.74
N ASN I 436 -0.01 12.90 -55.93
CA ASN I 436 1.17 13.74 -56.14
C ASN I 436 2.15 13.70 -54.96
N VAL I 437 1.60 13.67 -53.76
CA VAL I 437 2.41 13.58 -52.55
C VAL I 437 3.00 12.18 -52.44
N GLY I 438 2.22 11.18 -52.85
CA GLY I 438 2.65 9.79 -52.86
C GLY I 438 3.92 9.57 -53.66
N ILE I 439 4.05 10.32 -54.75
CA ILE I 439 5.26 10.28 -55.56
C ILE I 439 6.42 10.94 -54.82
N LYS I 440 6.18 12.13 -54.27
CA LYS I 440 7.21 12.89 -53.58
C LYS I 440 7.71 12.17 -52.34
N VAL I 441 6.85 11.34 -51.75
CA VAL I 441 7.25 10.48 -50.63
C VAL I 441 8.28 9.46 -51.09
N ALA I 442 8.00 8.82 -52.23
CA ALA I 442 8.90 7.81 -52.80
C ALA I 442 10.24 8.40 -53.25
N LEU I 443 10.21 9.63 -53.79
CA LEU I 443 11.41 10.28 -54.29
C LEU I 443 12.32 10.77 -53.17
N ARG I 444 11.72 11.16 -52.06
CA ARG I 444 12.49 11.56 -50.88
C ARG I 444 12.98 10.34 -50.10
N ALA I 445 12.41 9.19 -50.41
CA ALA I 445 12.83 7.92 -49.80
C ALA I 445 14.06 7.38 -50.48
N MET I 446 14.24 7.72 -51.75
CA MET I 446 15.38 7.27 -52.53
C MET I 446 16.67 7.97 -52.13
N GLU I 447 16.55 9.10 -51.43
CA GLU I 447 17.70 9.82 -50.92
C GLU I 447 18.26 9.17 -49.65
N ALA I 448 17.42 8.42 -48.94
CA ALA I 448 17.78 7.86 -47.63
C ALA I 448 18.97 6.89 -47.61
N PRO I 449 19.05 5.93 -48.57
CA PRO I 449 20.20 5.03 -48.58
C PRO I 449 21.53 5.77 -48.54
N LEU I 450 21.73 6.72 -49.46
CA LEU I 450 22.93 7.56 -49.47
C LEU I 450 23.10 8.31 -48.13
N ARG I 451 22.04 8.99 -47.71
CA ARG I 451 22.03 9.76 -46.46
C ARG I 451 22.42 8.91 -45.26
N GLN I 452 22.07 7.63 -45.28
CA GLN I 452 22.38 6.73 -44.17
C GLN I 452 23.85 6.33 -44.18
N ILE I 453 24.42 6.16 -45.37
CA ILE I 453 25.84 5.81 -45.49
C ILE I 453 26.70 6.96 -45.00
N VAL I 454 26.31 8.17 -45.35
CA VAL I 454 27.02 9.37 -44.92
C VAL I 454 26.92 9.55 -43.41
N LEU I 455 25.79 9.17 -42.83
CA LEU I 455 25.58 9.29 -41.38
C LEU I 455 26.53 8.38 -40.60
N ASN I 456 26.76 7.19 -41.12
CA ASN I 456 27.70 6.25 -40.53
C ASN I 456 29.15 6.72 -40.69
N CYS I 457 29.41 7.47 -41.76
CA CYS I 457 30.73 8.02 -42.05
C CYS I 457 31.06 9.24 -41.17
N GLY I 458 30.08 9.67 -40.37
CA GLY I 458 30.26 10.79 -39.45
C GLY I 458 29.98 12.17 -40.05
N GLU I 459 30.05 12.26 -41.38
CA GLU I 459 29.76 13.52 -42.07
C GLU I 459 28.24 13.81 -42.11
N GLU I 460 27.89 15.10 -42.27
CA GLU I 460 26.49 15.51 -42.31
C GLU I 460 25.85 15.08 -43.63
N PRO I 461 24.81 14.23 -43.57
CA PRO I 461 24.19 13.65 -44.76
C PRO I 461 23.58 14.72 -45.66
N SER I 462 23.00 15.74 -45.05
CA SER I 462 22.37 16.85 -45.78
C SER I 462 23.34 17.57 -46.72
N VAL I 463 24.56 17.79 -46.25
CA VAL I 463 25.59 18.47 -47.03
C VAL I 463 26.04 17.62 -48.21
N VAL I 464 26.29 16.34 -47.96
CA VAL I 464 26.81 15.42 -48.98
C VAL I 464 25.77 15.15 -50.06
N ALA I 465 24.54 14.87 -49.65
CA ALA I 465 23.45 14.62 -50.59
C ALA I 465 23.16 15.83 -51.47
N ASN I 466 23.30 17.01 -50.89
CA ASN I 466 23.12 18.25 -51.64
C ASN I 466 24.23 18.45 -52.69
N THR I 467 25.43 17.96 -52.40
CA THR I 467 26.56 18.09 -53.32
C THR I 467 26.45 17.08 -54.45
N VAL I 468 25.97 15.88 -54.14
CA VAL I 468 25.80 14.84 -55.14
C VAL I 468 24.68 15.20 -56.14
N LYS I 469 23.63 15.85 -55.65
CA LYS I 469 22.52 16.26 -56.52
C LYS I 469 22.91 17.38 -57.50
N GLY I 470 23.81 18.27 -57.07
CA GLY I 470 24.28 19.40 -57.89
C GLY I 470 25.07 18.96 -59.10
N GLY I 471 25.98 18.01 -58.89
CA GLY I 471 26.72 17.38 -59.97
C GLY I 471 25.85 16.35 -60.68
N ASP I 472 26.26 15.95 -61.88
CA ASP I 472 25.46 15.03 -62.70
C ASP I 472 26.21 13.75 -63.06
N GLY I 473 25.44 12.71 -63.41
CA GLY I 473 25.99 11.45 -63.88
C GLY I 473 26.31 10.46 -62.77
N ASN I 474 27.46 9.79 -62.90
CA ASN I 474 27.91 8.79 -61.95
C ASN I 474 28.84 9.38 -60.88
N TYR I 475 28.65 10.67 -60.62
CA TYR I 475 29.40 11.41 -59.62
C TYR I 475 28.77 11.21 -58.25
N GLY I 476 29.55 10.69 -57.32
CA GLY I 476 29.03 10.38 -55.98
C GLY I 476 30.04 10.53 -54.86
N TYR I 477 29.70 9.99 -53.69
CA TYR I 477 30.54 10.12 -52.52
C TYR I 477 31.10 8.77 -52.12
N ASN I 478 32.42 8.70 -52.00
CA ASN I 478 33.13 7.54 -51.48
C ASN I 478 33.29 7.67 -49.97
N ALA I 479 32.53 6.86 -49.23
CA ALA I 479 32.55 6.92 -47.77
C ALA I 479 33.83 6.34 -47.17
N ALA I 480 34.45 5.39 -47.85
CA ALA I 480 35.68 4.77 -47.37
C ALA I 480 36.87 5.74 -47.36
N THR I 481 36.98 6.54 -48.42
CA THR I 481 38.10 7.47 -48.59
C THR I 481 37.75 8.93 -48.27
N GLU I 482 36.45 9.19 -48.04
CA GLU I 482 35.93 10.54 -47.79
C GLU I 482 36.21 11.48 -48.97
N GLU I 483 36.24 10.91 -50.17
CA GLU I 483 36.52 11.63 -51.41
C GLU I 483 35.34 11.56 -52.37
N TYR I 484 35.10 12.64 -53.10
CA TYR I 484 34.09 12.63 -54.16
C TYR I 484 34.72 12.14 -55.45
N GLY I 485 33.88 11.79 -56.43
CA GLY I 485 34.36 11.41 -57.75
C GLY I 485 33.45 10.45 -58.50
N ASN I 486 33.93 9.99 -59.66
CA ASN I 486 33.22 9.01 -60.46
C ASN I 486 33.21 7.67 -59.75
N MET I 487 32.01 7.15 -59.50
CA MET I 487 31.85 5.92 -58.75
C MET I 487 32.35 4.71 -59.52
N ILE I 488 32.03 4.63 -60.80
CA ILE I 488 32.44 3.52 -61.64
C ILE I 488 33.96 3.41 -61.69
N ASP I 489 34.63 4.56 -61.85
CA ASP I 489 36.10 4.62 -61.89
C ASP I 489 36.74 4.24 -60.55
N MET I 490 35.99 4.47 -59.46
CA MET I 490 36.46 4.15 -58.12
C MET I 490 36.11 2.74 -57.67
N GLY I 491 35.45 1.99 -58.55
CA GLY I 491 35.11 0.59 -58.28
C GLY I 491 33.91 0.39 -57.37
N ILE I 492 33.25 1.49 -57.03
CA ILE I 492 32.03 1.45 -56.23
C ILE I 492 30.81 1.28 -57.13
N LEU I 493 30.25 0.07 -57.14
CA LEU I 493 29.10 -0.21 -57.99
C LEU I 493 28.19 -1.26 -57.41
N ASP I 494 26.90 -1.14 -57.72
CA ASP I 494 25.89 -2.08 -57.30
C ASP I 494 25.21 -2.70 -58.50
N PRO I 495 25.02 -4.04 -58.47
CA PRO I 495 24.28 -4.69 -59.55
C PRO I 495 22.88 -4.10 -59.66
N THR I 496 22.47 -3.77 -60.88
CA THR I 496 21.18 -3.13 -61.11
C THR I 496 20.06 -3.95 -60.46
N LYS I 497 20.16 -5.27 -60.57
CA LYS I 497 19.15 -6.21 -60.04
C LYS I 497 18.90 -6.03 -58.55
N VAL I 498 19.97 -5.88 -57.77
CA VAL I 498 19.84 -5.71 -56.33
C VAL I 498 19.16 -4.39 -55.95
N THR I 499 19.47 -3.33 -56.67
CA THR I 499 18.87 -2.02 -56.40
C THR I 499 17.41 -1.99 -56.81
N ARG I 500 17.09 -2.69 -57.91
CA ARG I 500 15.71 -2.82 -58.38
C ARG I 500 14.88 -3.63 -57.38
N SER I 501 15.46 -4.71 -56.87
CA SER I 501 14.81 -5.54 -55.86
C SER I 501 14.62 -4.76 -54.56
N ALA I 502 15.66 -4.07 -54.13
CA ALA I 502 15.60 -3.33 -52.89
C ALA I 502 14.50 -2.27 -52.90
N LEU I 503 14.31 -1.62 -54.05
CA LEU I 503 13.30 -0.56 -54.13
C LEU I 503 11.90 -1.13 -54.25
N GLN I 504 11.72 -2.09 -55.15
CA GLN I 504 10.40 -2.66 -55.42
C GLN I 504 9.77 -3.31 -54.19
N TYR I 505 10.55 -4.15 -53.51
CA TYR I 505 10.07 -4.85 -52.34
C TYR I 505 9.73 -3.89 -51.23
N ALA I 506 10.62 -2.93 -50.98
CA ALA I 506 10.41 -1.93 -49.94
C ALA I 506 9.15 -1.10 -50.17
N ALA I 507 8.83 -0.85 -51.44
CA ALA I 507 7.61 -0.13 -51.79
C ALA I 507 6.37 -1.01 -51.64
N SER I 508 6.52 -2.28 -51.99
CA SER I 508 5.41 -3.24 -51.92
C SER I 508 4.84 -3.31 -50.51
N VAL I 509 5.72 -3.48 -49.52
CA VAL I 509 5.29 -3.58 -48.12
C VAL I 509 4.75 -2.25 -47.58
N ALA I 510 5.45 -1.16 -47.89
CA ALA I 510 5.03 0.14 -47.42
C ALA I 510 3.63 0.45 -47.94
N GLY I 511 3.37 0.04 -49.17
CA GLY I 511 2.06 0.22 -49.81
C GLY I 511 0.98 -0.49 -49.04
N LEU I 512 1.28 -1.73 -48.63
CA LEU I 512 0.35 -2.53 -47.85
C LEU I 512 0.17 -1.95 -46.45
N MET I 513 1.25 -1.44 -45.90
CA MET I 513 1.20 -0.91 -44.54
C MET I 513 0.52 0.45 -44.44
N ILE I 514 0.60 1.24 -45.50
CA ILE I 514 -0.06 2.54 -45.50
C ILE I 514 -1.58 2.37 -45.59
N THR I 515 -2.02 1.31 -46.27
CA THR I 515 -3.43 1.05 -46.43
C THR I 515 -3.99 0.22 -45.27
N THR I 516 -3.27 0.17 -44.14
CA THR I 516 -3.74 -0.59 -42.98
C THR I 516 -4.61 0.26 -42.08
N GLU I 517 -5.78 -0.27 -41.72
CA GLU I 517 -6.72 0.40 -40.83
C GLU I 517 -7.02 -0.38 -39.56
N CYS I 518 -6.89 -1.71 -39.63
CA CYS I 518 -7.26 -2.55 -38.50
C CYS I 518 -6.24 -3.64 -38.25
N MET I 519 -5.90 -3.84 -36.98
CA MET I 519 -4.96 -4.87 -36.59
C MET I 519 -5.55 -5.81 -35.54
N VAL I 520 -5.41 -7.11 -35.79
CA VAL I 520 -5.92 -8.14 -34.90
C VAL I 520 -4.81 -9.08 -34.45
N THR I 521 -4.57 -9.11 -33.14
CA THR I 521 -3.53 -9.97 -32.56
C THR I 521 -3.99 -10.62 -31.27
N ASP I 522 -3.18 -11.57 -30.78
CA ASP I 522 -3.44 -12.27 -29.52
C ASP I 522 -3.28 -11.35 -28.31
N LEU I 523 -4.05 -11.65 -27.26
CA LEU I 523 -4.10 -10.85 -26.04
C LEU I 523 -2.90 -11.15 -25.16
N PRO I 524 -2.24 -10.09 -24.63
CA PRO I 524 -1.07 -10.24 -23.73
C PRO I 524 -1.43 -10.94 -22.40
N ALA J 1 11.10 -16.28 -29.78
CA ALA J 1 11.48 -15.66 -28.48
C ALA J 1 11.52 -14.14 -28.58
N ALA J 2 10.80 -13.47 -27.67
CA ALA J 2 10.76 -12.01 -27.59
C ALA J 2 12.12 -11.44 -27.23
N LYS J 3 12.51 -10.36 -27.90
CA LYS J 3 13.84 -9.79 -27.74
C LYS J 3 13.83 -8.36 -27.23
N ASP J 4 14.93 -7.98 -26.58
CA ASP J 4 15.13 -6.62 -26.08
C ASP J 4 16.25 -5.99 -26.89
N VAL J 5 16.05 -4.75 -27.33
CA VAL J 5 17.01 -4.08 -28.19
C VAL J 5 17.41 -2.70 -27.65
N LYS J 6 18.70 -2.48 -27.47
CA LYS J 6 19.20 -1.19 -27.03
C LYS J 6 20.16 -0.58 -28.04
N PHE J 7 20.08 0.74 -28.18
CA PHE J 7 20.84 1.45 -29.20
C PHE J 7 21.84 2.44 -28.63
N GLY J 8 22.94 2.60 -29.35
CA GLY J 8 23.91 3.66 -29.13
C GLY J 8 24.49 3.76 -27.73
N ASN J 9 24.49 4.98 -27.21
CA ASN J 9 25.10 5.29 -25.92
C ASN J 9 24.53 4.43 -24.80
N ASP J 10 23.21 4.27 -24.81
CA ASP J 10 22.51 3.41 -23.87
C ASP J 10 23.04 1.97 -23.94
N ALA J 11 23.35 1.51 -25.14
CA ALA J 11 23.79 0.12 -25.34
C ALA J 11 25.25 -0.08 -24.92
N ARG J 12 26.06 0.95 -25.11
CA ARG J 12 27.49 0.85 -24.82
C ARG J 12 27.79 0.86 -23.34
N VAL J 13 27.11 1.71 -22.59
CA VAL J 13 27.35 1.82 -21.14
C VAL J 13 27.08 0.50 -20.42
N LYS J 14 26.21 -0.32 -21.01
CA LYS J 14 25.92 -1.65 -20.47
C LYS J 14 27.07 -2.61 -20.73
N MET J 15 27.77 -2.42 -21.84
CA MET J 15 28.95 -3.23 -22.13
C MET J 15 30.07 -2.86 -21.18
N LEU J 16 30.34 -1.55 -21.06
CA LEU J 16 31.43 -1.04 -20.22
C LEU J 16 31.24 -1.52 -18.78
N ARG J 17 30.02 -1.36 -18.27
CA ARG J 17 29.63 -1.85 -16.95
C ARG J 17 29.88 -3.35 -16.84
N GLY J 18 29.61 -4.07 -17.93
CA GLY J 18 29.78 -5.51 -18.01
C GLY J 18 31.22 -5.95 -18.03
N VAL J 19 32.04 -5.31 -18.86
CA VAL J 19 33.47 -5.63 -18.94
C VAL J 19 34.21 -5.24 -17.66
N ASN J 20 33.80 -4.12 -17.06
CA ASN J 20 34.40 -3.65 -15.81
C ASN J 20 34.27 -4.64 -14.66
N VAL J 21 33.20 -5.41 -14.65
CA VAL J 21 33.05 -6.48 -13.66
C VAL J 21 34.08 -7.58 -13.92
N LEU J 22 34.12 -8.11 -15.14
CA LEU J 22 35.09 -9.16 -15.45
C LEU J 22 36.53 -8.68 -15.28
N ALA J 23 36.83 -7.46 -15.71
CA ALA J 23 38.19 -6.93 -15.62
C ALA J 23 38.62 -6.77 -14.17
N ASP J 24 37.79 -6.09 -13.37
CA ASP J 24 38.14 -5.81 -11.97
C ASP J 24 38.28 -7.10 -11.15
N ALA J 25 37.60 -8.14 -11.58
CA ALA J 25 37.67 -9.44 -10.92
C ALA J 25 38.94 -10.17 -11.27
N VAL J 26 39.52 -9.81 -12.42
CA VAL J 26 40.72 -10.49 -12.91
C VAL J 26 41.98 -9.66 -12.65
N LYS J 27 41.90 -8.34 -12.84
CA LYS J 27 43.07 -7.46 -12.71
C LYS J 27 43.69 -7.44 -11.31
N VAL J 28 42.96 -7.93 -10.31
CA VAL J 28 43.44 -8.01 -8.92
C VAL J 28 44.46 -9.14 -8.71
N THR J 29 44.51 -10.05 -9.67
CA THR J 29 45.37 -11.22 -9.56
C THR J 29 46.61 -11.10 -10.42
N LEU J 30 46.93 -9.87 -10.81
CA LEU J 30 48.08 -9.63 -11.68
C LEU J 30 49.37 -9.52 -10.87
N GLY J 31 50.46 -10.02 -11.45
CA GLY J 31 51.77 -9.92 -10.82
C GLY J 31 52.00 -10.94 -9.72
N PRO J 32 53.12 -10.77 -8.97
CA PRO J 32 53.40 -11.64 -7.84
C PRO J 32 52.87 -11.05 -6.54
N LYS J 33 52.55 -9.76 -6.56
CA LYS J 33 51.92 -9.11 -5.42
C LYS J 33 50.41 -9.17 -5.58
N GLY J 34 49.96 -10.14 -6.39
CA GLY J 34 48.55 -10.35 -6.68
C GLY J 34 47.70 -10.82 -5.50
N ARG J 35 46.39 -10.62 -5.63
CA ARG J 35 45.45 -10.96 -4.58
C ARG J 35 44.70 -12.24 -4.93
N ASN J 36 44.12 -12.89 -3.92
CA ASN J 36 43.34 -14.09 -4.11
C ASN J 36 41.90 -13.76 -4.46
N VAL J 37 41.34 -14.54 -5.38
CA VAL J 37 39.92 -14.44 -5.70
C VAL J 37 39.25 -15.76 -5.34
N VAL J 38 38.19 -15.69 -4.54
CA VAL J 38 37.49 -16.88 -4.05
C VAL J 38 36.26 -17.16 -4.91
N LEU J 39 36.19 -18.39 -5.43
CA LEU J 39 35.10 -18.82 -6.30
C LEU J 39 34.26 -19.88 -5.61
N ASP J 40 32.95 -19.66 -5.54
CA ASP J 40 32.05 -20.56 -4.84
C ASP J 40 31.69 -21.76 -5.68
N LYS J 41 31.55 -22.90 -5.00
CA LYS J 41 31.05 -24.13 -5.58
C LYS J 41 29.88 -24.64 -4.73
N SER J 42 28.92 -25.27 -5.37
CA SER J 42 27.77 -25.84 -4.66
C SER J 42 28.20 -26.97 -3.71
N PHE J 43 29.12 -27.82 -4.17
CA PHE J 43 29.58 -28.94 -3.37
C PHE J 43 30.77 -28.55 -2.49
N GLY J 44 30.52 -28.47 -1.19
CA GLY J 44 31.56 -28.27 -0.19
C GLY J 44 32.31 -26.94 -0.20
N ALA J 45 33.62 -27.03 -0.03
CA ALA J 45 34.51 -25.87 0.14
C ALA J 45 34.66 -25.00 -1.11
N PRO J 46 34.80 -23.66 -0.94
CA PRO J 46 35.05 -22.76 -2.06
C PRO J 46 36.48 -22.87 -2.57
N THR J 47 36.71 -22.49 -3.82
CA THR J 47 38.04 -22.52 -4.42
C THR J 47 38.70 -21.16 -4.31
N ILE J 48 39.89 -21.14 -3.71
CA ILE J 48 40.69 -19.93 -3.61
C ILE J 48 41.80 -20.04 -4.65
N THR J 49 41.81 -19.11 -5.61
CA THR J 49 42.79 -19.15 -6.69
C THR J 49 43.25 -17.76 -7.13
N LYS J 50 44.41 -17.73 -7.79
CA LYS J 50 44.96 -16.52 -8.38
C LYS J 50 44.92 -16.60 -9.92
N ASP J 51 44.62 -17.79 -10.45
CA ASP J 51 44.60 -18.05 -11.89
C ASP J 51 43.52 -17.24 -12.59
N GLY J 52 43.97 -16.26 -13.37
CA GLY J 52 43.06 -15.35 -14.08
C GLY J 52 42.08 -16.01 -15.05
N VAL J 53 42.42 -17.21 -15.51
CA VAL J 53 41.57 -17.97 -16.41
C VAL J 53 40.39 -18.54 -15.62
N SER J 54 40.68 -19.15 -14.48
CA SER J 54 39.66 -19.77 -13.65
C SER J 54 38.64 -18.74 -13.16
N VAL J 55 39.13 -17.53 -12.89
CA VAL J 55 38.27 -16.43 -12.44
C VAL J 55 37.42 -15.93 -13.58
N ALA J 56 38.02 -15.75 -14.76
CA ALA J 56 37.30 -15.27 -15.93
C ALA J 56 36.17 -16.22 -16.30
N ARG J 57 36.46 -17.51 -16.36
CA ARG J 57 35.48 -18.52 -16.73
C ARG J 57 34.20 -18.45 -15.90
N GLU J 58 34.33 -18.10 -14.62
CA GLU J 58 33.22 -18.11 -13.69
C GLU J 58 32.28 -16.91 -13.82
N ILE J 59 32.79 -15.81 -14.38
CA ILE J 59 32.01 -14.57 -14.47
C ILE J 59 30.91 -14.69 -15.52
N GLU J 60 29.69 -14.34 -15.10
CA GLU J 60 28.49 -14.32 -15.95
C GLU J 60 27.42 -13.50 -15.23
N LEU J 61 27.11 -12.34 -15.79
CA LEU J 61 26.27 -11.37 -15.08
C LEU J 61 24.77 -11.58 -15.26
N GLU J 62 23.99 -10.92 -14.39
CA GLU J 62 22.51 -11.02 -14.43
C GLU J 62 21.90 -10.22 -15.56
N ASP J 63 22.23 -8.92 -15.61
CA ASP J 63 21.75 -8.04 -16.68
C ASP J 63 22.25 -8.55 -18.02
N LYS J 64 21.33 -8.97 -18.88
CA LYS J 64 21.68 -9.65 -20.12
C LYS J 64 22.68 -8.86 -20.98
N PHE J 65 22.51 -7.54 -21.02
CA PHE J 65 23.41 -6.64 -21.76
C PHE J 65 24.79 -6.58 -21.14
N GLU J 66 24.82 -6.41 -19.81
CA GLU J 66 26.07 -6.45 -19.07
C GLU J 66 26.78 -7.78 -19.29
N ASN J 67 26.02 -8.88 -19.22
CA ASN J 67 26.55 -10.21 -19.44
C ASN J 67 27.27 -10.30 -20.78
N MET J 68 26.64 -9.74 -21.81
CA MET J 68 27.22 -9.74 -23.15
C MET J 68 28.60 -9.09 -23.15
N GLY J 69 28.68 -7.88 -22.60
CA GLY J 69 29.94 -7.16 -22.50
C GLY J 69 30.99 -8.05 -21.87
N ALA J 70 30.71 -8.50 -20.64
CA ALA J 70 31.60 -9.37 -19.90
C ALA J 70 32.00 -10.61 -20.70
N GLN J 71 31.02 -11.25 -21.34
CA GLN J 71 31.27 -12.47 -22.10
C GLN J 71 32.07 -12.23 -23.37
N MET J 72 32.06 -10.98 -23.84
CA MET J 72 32.85 -10.62 -25.01
C MET J 72 34.35 -10.58 -24.73
N VAL J 73 34.75 -9.90 -23.65
CA VAL J 73 36.17 -9.80 -23.27
C VAL J 73 36.71 -11.13 -22.71
N LYS J 74 35.80 -11.97 -22.22
CA LYS J 74 36.17 -13.30 -21.76
C LYS J 74 36.67 -14.18 -22.89
N GLU J 75 35.99 -14.09 -24.04
CA GLU J 75 36.44 -14.79 -25.24
C GLU J 75 37.91 -14.55 -25.51
N VAL J 76 38.35 -13.31 -25.31
CA VAL J 76 39.75 -12.94 -25.55
C VAL J 76 40.68 -13.65 -24.58
N ALA J 77 40.41 -13.50 -23.29
CA ALA J 77 41.21 -14.15 -22.25
C ALA J 77 41.47 -15.61 -22.60
N SER J 78 40.40 -16.32 -22.94
CA SER J 78 40.49 -17.75 -23.27
C SER J 78 41.29 -18.00 -24.55
N LYS J 79 41.24 -17.05 -25.49
CA LYS J 79 41.92 -17.19 -26.76
C LYS J 79 43.41 -16.86 -26.65
N ALA J 80 43.75 -15.94 -25.75
CA ALA J 80 45.14 -15.67 -25.41
C ALA J 80 45.75 -16.93 -24.79
N ASN J 81 44.96 -17.61 -23.96
CA ASN J 81 45.32 -18.86 -23.33
C ASN J 81 45.57 -19.95 -24.37
N ASP J 82 44.82 -19.89 -25.46
CA ASP J 82 44.94 -20.88 -26.54
C ASP J 82 46.20 -20.65 -27.38
N ALA J 83 46.63 -19.39 -27.46
CA ALA J 83 47.79 -19.02 -28.27
C ALA J 83 49.11 -19.29 -27.55
N ALA J 84 49.17 -18.95 -26.27
CA ALA J 84 50.41 -19.06 -25.47
C ALA J 84 50.29 -19.89 -24.19
N GLY J 85 49.19 -19.71 -23.46
CA GLY J 85 48.99 -20.38 -22.17
C GLY J 85 49.26 -19.44 -21.02
N ASP J 86 49.88 -18.32 -21.35
CA ASP J 86 50.26 -17.32 -20.37
C ASP J 86 49.62 -16.00 -20.81
N GLY J 87 49.55 -15.04 -19.90
CA GLY J 87 49.19 -13.66 -20.23
C GLY J 87 47.71 -13.41 -20.41
N THR J 88 46.89 -14.21 -19.75
CA THR J 88 45.43 -14.08 -19.85
C THR J 88 44.94 -12.89 -19.03
N THR J 89 45.57 -12.68 -17.87
CA THR J 89 45.27 -11.54 -17.03
C THR J 89 45.80 -10.26 -17.67
N THR J 90 46.99 -10.37 -18.28
CA THR J 90 47.62 -9.23 -18.97
C THR J 90 46.81 -8.81 -20.20
N ALA J 91 46.17 -9.77 -20.86
CA ALA J 91 45.28 -9.47 -21.97
C ALA J 91 44.07 -8.67 -21.47
N THR J 92 43.44 -9.14 -20.40
CA THR J 92 42.21 -8.57 -19.90
C THR J 92 42.42 -7.16 -19.35
N VAL J 93 43.57 -6.90 -18.73
CA VAL J 93 43.83 -5.57 -18.21
C VAL J 93 44.04 -4.57 -19.34
N LEU J 94 44.57 -5.06 -20.46
CA LEU J 94 44.77 -4.26 -21.68
C LEU J 94 43.43 -3.94 -22.33
N ALA J 95 42.65 -5.00 -22.58
CA ALA J 95 41.34 -4.88 -23.20
C ALA J 95 40.49 -3.84 -22.48
N GLN J 96 40.47 -3.88 -21.16
CA GLN J 96 39.71 -2.92 -20.39
C GLN J 96 40.19 -1.50 -20.67
N ALA J 97 41.51 -1.31 -20.66
CA ALA J 97 42.11 0.01 -20.81
C ALA J 97 41.91 0.63 -22.19
N ILE J 98 41.77 -0.22 -23.21
CA ILE J 98 41.44 0.25 -24.57
C ILE J 98 39.96 0.59 -24.67
N ILE J 99 39.12 -0.26 -24.09
CA ILE J 99 37.66 -0.06 -24.13
C ILE J 99 37.23 1.16 -23.34
N THR J 100 37.70 1.27 -22.09
CA THR J 100 37.32 2.38 -21.24
C THR J 100 37.70 3.73 -21.86
N GLU J 101 38.94 3.82 -22.35
CA GLU J 101 39.43 5.06 -22.95
C GLU J 101 38.86 5.24 -24.35
N GLY J 102 38.60 4.14 -25.04
CA GLY J 102 38.00 4.16 -26.37
C GLY J 102 36.60 4.73 -26.35
N LEU J 103 35.75 4.12 -25.54
CA LEU J 103 34.36 4.57 -25.39
C LEU J 103 34.24 6.02 -24.94
N LYS J 104 35.19 6.47 -24.12
CA LYS J 104 35.26 7.86 -23.72
C LYS J 104 35.32 8.78 -24.94
N ALA J 105 36.08 8.38 -25.94
CA ALA J 105 36.24 9.15 -27.18
C ALA J 105 34.97 9.09 -28.05
N VAL J 106 34.33 7.93 -28.06
CA VAL J 106 33.11 7.75 -28.84
C VAL J 106 32.02 8.63 -28.28
N ALA J 107 31.93 8.67 -26.96
CA ALA J 107 30.96 9.50 -26.25
C ALA J 107 31.25 10.99 -26.38
N ALA J 108 32.52 11.32 -26.59
CA ALA J 108 32.94 12.70 -26.85
C ALA J 108 32.48 13.16 -28.23
N GLY J 109 32.29 12.20 -29.13
CA GLY J 109 31.75 12.47 -30.45
C GLY J 109 32.77 12.22 -31.55
N MET J 110 33.45 11.08 -31.47
CA MET J 110 34.46 10.73 -32.46
C MET J 110 34.07 9.47 -33.20
N ASN J 111 34.56 9.34 -34.44
CA ASN J 111 34.19 8.23 -35.32
C ASN J 111 34.80 6.91 -34.85
N PRO J 112 33.94 5.94 -34.47
CA PRO J 112 34.42 4.65 -33.97
C PRO J 112 35.28 3.92 -34.99
N MET J 113 34.87 3.99 -36.25
CA MET J 113 35.63 3.32 -37.31
C MET J 113 37.04 3.90 -37.49
N ASP J 114 37.19 5.20 -37.26
CA ASP J 114 38.51 5.83 -37.28
C ASP J 114 39.29 5.51 -36.00
N LEU J 115 38.58 5.30 -34.90
CA LEU J 115 39.22 4.95 -33.63
C LEU J 115 39.75 3.53 -33.68
N LYS J 116 39.03 2.64 -34.34
CA LYS J 116 39.48 1.26 -34.49
C LYS J 116 40.76 1.20 -35.32
N ARG J 117 40.76 1.86 -36.47
CA ARG J 117 41.92 1.88 -37.37
C ARG J 117 43.13 2.51 -36.71
N GLY J 118 42.91 3.50 -35.85
CA GLY J 118 43.98 4.13 -35.07
C GLY J 118 44.63 3.16 -34.09
N ILE J 119 43.79 2.39 -33.41
CA ILE J 119 44.25 1.36 -32.48
C ILE J 119 45.04 0.26 -33.21
N ASP J 120 44.44 -0.29 -34.26
CA ASP J 120 45.05 -1.40 -34.99
C ASP J 120 46.38 -1.05 -35.65
N LYS J 121 46.50 0.20 -36.12
CA LYS J 121 47.76 0.67 -36.69
C LYS J 121 48.82 0.83 -35.60
N ALA J 122 48.39 1.33 -34.44
CA ALA J 122 49.27 1.45 -33.29
C ALA J 122 49.74 0.08 -32.82
N VAL J 123 48.86 -0.91 -32.92
CA VAL J 123 49.17 -2.28 -32.52
C VAL J 123 50.12 -2.96 -33.50
N THR J 124 49.82 -2.86 -34.81
CA THR J 124 50.69 -3.45 -35.84
C THR J 124 52.11 -2.88 -35.75
N ALA J 125 52.20 -1.61 -35.35
CA ALA J 125 53.48 -0.94 -35.14
C ALA J 125 54.12 -1.39 -33.84
N ALA J 126 53.30 -1.71 -32.85
CA ALA J 126 53.79 -2.15 -31.54
C ALA J 126 54.35 -3.58 -31.58
N VAL J 127 53.70 -4.43 -32.37
CA VAL J 127 54.18 -5.79 -32.62
C VAL J 127 55.51 -5.75 -33.37
N GLU J 128 55.61 -4.81 -34.31
CA GLU J 128 56.83 -4.62 -35.08
C GLU J 128 57.97 -4.10 -34.21
N GLU J 129 57.63 -3.19 -33.28
CA GLU J 129 58.62 -2.63 -32.35
C GLU J 129 59.03 -3.65 -31.29
N LEU J 130 58.10 -4.54 -30.98
CA LEU J 130 58.31 -5.58 -29.98
C LEU J 130 59.33 -6.62 -30.45
N LYS J 131 59.28 -6.95 -31.74
CA LYS J 131 60.21 -7.90 -32.34
C LYS J 131 61.65 -7.39 -32.25
N ALA J 132 61.82 -6.08 -32.32
CA ALA J 132 63.13 -5.43 -32.21
C ALA J 132 63.66 -5.44 -30.78
N LEU J 133 62.75 -5.37 -29.81
CA LEU J 133 63.09 -5.36 -28.39
C LEU J 133 63.35 -6.77 -27.85
N SER J 134 62.98 -7.78 -28.63
CA SER J 134 63.09 -9.19 -28.25
C SER J 134 64.54 -9.68 -28.25
N VAL J 135 64.90 -10.43 -27.19
CA VAL J 135 66.21 -11.06 -27.09
C VAL J 135 66.04 -12.57 -27.32
N PRO J 136 66.50 -13.07 -28.48
CA PRO J 136 66.26 -14.46 -28.88
C PRO J 136 66.96 -15.48 -27.98
N CYS J 137 66.39 -16.68 -27.92
CA CYS J 137 67.01 -17.82 -27.25
C CYS J 137 67.39 -18.89 -28.28
N SER J 138 68.66 -18.89 -28.66
CA SER J 138 69.17 -19.77 -29.71
C SER J 138 69.86 -21.03 -29.14
N ASP J 139 70.99 -20.84 -28.46
CA ASP J 139 71.77 -21.94 -27.90
C ASP J 139 71.07 -22.58 -26.68
N SER J 140 71.37 -23.86 -26.45
CA SER J 140 70.72 -24.64 -25.39
C SER J 140 71.16 -24.27 -23.96
N LYS J 141 72.06 -23.29 -23.84
CA LYS J 141 72.51 -22.77 -22.56
C LYS J 141 71.58 -21.64 -22.06
N ALA J 142 71.13 -20.80 -22.99
CA ALA J 142 70.17 -19.72 -22.69
C ALA J 142 68.73 -20.25 -22.62
N ILE J 143 68.50 -21.40 -23.25
CA ILE J 143 67.22 -22.12 -23.18
C ILE J 143 67.00 -22.69 -21.78
N ALA J 144 68.08 -23.13 -21.14
CA ALA J 144 68.05 -23.66 -19.77
C ALA J 144 67.72 -22.59 -18.73
N GLN J 145 68.12 -21.35 -19.00
CA GLN J 145 67.85 -20.21 -18.12
C GLN J 145 66.36 -19.87 -18.01
N VAL J 146 65.64 -20.02 -19.12
CA VAL J 146 64.21 -19.72 -19.18
C VAL J 146 63.37 -20.77 -18.43
N GLY J 147 63.73 -22.04 -18.61
CA GLY J 147 63.06 -23.14 -17.92
C GLY J 147 63.31 -23.18 -16.42
N THR J 148 64.40 -22.56 -15.97
CA THR J 148 64.77 -22.50 -14.56
C THR J 148 63.94 -21.49 -13.77
N ILE J 149 63.86 -20.25 -14.28
CA ILE J 149 63.15 -19.16 -13.59
C ILE J 149 61.62 -19.28 -13.68
N SER J 150 61.15 -19.98 -14.71
CA SER J 150 59.71 -20.23 -14.89
C SER J 150 59.18 -21.30 -13.94
N ALA J 151 60.08 -22.15 -13.44
CA ALA J 151 59.72 -23.22 -12.50
C ALA J 151 60.20 -22.90 -11.07
N ASN J 152 60.18 -21.61 -10.72
CA ASN J 152 60.58 -21.11 -9.39
C ASN J 152 62.01 -21.49 -8.97
N SER J 153 62.98 -21.00 -9.74
CA SER J 153 64.43 -21.19 -9.49
C SER J 153 64.88 -22.65 -9.34
N ASP J 154 64.23 -23.56 -10.06
CA ASP J 154 64.56 -24.98 -10.02
C ASP J 154 65.43 -25.36 -11.22
N GLU J 155 66.67 -25.75 -10.94
CA GLU J 155 67.65 -26.06 -11.99
C GLU J 155 67.46 -27.44 -12.62
N THR J 156 66.80 -28.35 -11.89
CA THR J 156 66.53 -29.71 -12.37
C THR J 156 65.52 -29.71 -13.52
N VAL J 157 64.59 -28.76 -13.48
CA VAL J 157 63.57 -28.60 -14.50
C VAL J 157 64.19 -28.12 -15.82
N GLY J 158 64.98 -27.06 -15.75
CA GLY J 158 65.62 -26.46 -16.92
C GLY J 158 66.63 -27.37 -17.62
N LYS J 159 67.24 -28.26 -16.86
CA LYS J 159 68.20 -29.23 -17.39
C LYS J 159 67.52 -30.28 -18.25
N LEU J 160 66.33 -30.71 -17.84
CA LEU J 160 65.57 -31.72 -18.56
C LEU J 160 65.06 -31.23 -19.91
N ILE J 161 64.55 -30.00 -19.92
CA ILE J 161 64.03 -29.37 -21.14
C ILE J 161 65.15 -29.23 -22.19
N ALA J 162 66.31 -28.75 -21.76
CA ALA J 162 67.46 -28.57 -22.64
C ALA J 162 67.94 -29.90 -23.26
N GLU J 163 67.89 -30.97 -22.46
CA GLU J 163 68.25 -32.30 -22.92
C GLU J 163 67.20 -32.87 -23.87
N ALA J 164 65.95 -32.51 -23.64
CA ALA J 164 64.84 -32.96 -24.49
C ALA J 164 64.87 -32.27 -25.85
N MET J 165 65.22 -30.98 -25.85
CA MET J 165 65.28 -30.20 -27.08
C MET J 165 66.55 -30.51 -27.88
N ASP J 166 67.53 -31.11 -27.21
CA ASP J 166 68.77 -31.51 -27.87
C ASP J 166 68.60 -32.85 -28.59
N LYS J 167 67.50 -33.53 -28.30
CA LYS J 167 67.21 -34.84 -28.90
C LYS J 167 66.31 -34.75 -30.14
N VAL J 168 65.18 -34.07 -29.99
CA VAL J 168 64.19 -33.95 -31.08
C VAL J 168 64.30 -32.65 -31.87
N GLY J 169 65.00 -31.67 -31.32
CA GLY J 169 65.17 -30.37 -31.96
C GLY J 169 64.25 -29.31 -31.40
N LYS J 170 64.33 -28.12 -31.98
CA LYS J 170 63.52 -26.99 -31.55
C LYS J 170 62.08 -27.10 -32.07
N GLU J 171 61.92 -27.79 -33.19
CA GLU J 171 60.62 -28.02 -33.82
C GLU J 171 60.00 -29.33 -33.33
N GLY J 172 60.82 -30.15 -32.66
CA GLY J 172 60.41 -31.48 -32.20
C GLY J 172 59.31 -31.50 -31.15
N VAL J 173 58.71 -32.66 -30.96
CA VAL J 173 57.56 -32.82 -30.05
C VAL J 173 58.02 -33.32 -28.68
N ILE J 174 57.68 -32.56 -27.63
CA ILE J 174 58.05 -32.91 -26.26
C ILE J 174 56.82 -33.07 -25.36
N THR J 175 56.74 -34.19 -24.65
CA THR J 175 55.60 -34.49 -23.77
C THR J 175 56.07 -34.95 -22.39
N VAL J 176 55.28 -34.59 -21.38
CA VAL J 176 55.55 -34.96 -19.99
C VAL J 176 54.47 -35.90 -19.47
N GLU J 177 54.91 -36.97 -18.81
CA GLU J 177 54.01 -37.90 -18.13
C GLU J 177 54.55 -38.33 -16.76
N ASP J 178 53.73 -39.07 -16.01
CA ASP J 178 54.06 -39.53 -14.66
C ASP J 178 55.32 -40.40 -14.64
N GLY J 179 56.12 -40.26 -13.60
CA GLY J 179 57.36 -41.02 -13.46
C GLY J 179 57.17 -42.41 -12.89
N THR J 180 58.21 -43.24 -13.06
CA THR J 180 58.20 -44.62 -12.59
C THR J 180 58.79 -44.77 -11.19
N GLY J 181 59.77 -43.94 -10.87
CA GLY J 181 60.48 -44.04 -9.60
C GLY J 181 61.10 -42.76 -9.11
N LEU J 182 62.40 -42.82 -8.84
CA LEU J 182 63.10 -41.75 -8.13
C LEU J 182 63.98 -40.86 -8.99
N GLN J 183 64.19 -41.24 -10.25
CA GLN J 183 65.00 -40.43 -11.14
C GLN J 183 64.25 -40.03 -12.41
N ASP J 184 64.57 -38.83 -12.91
CA ASP J 184 63.97 -38.32 -14.12
C ASP J 184 64.46 -39.10 -15.33
N GLU J 185 63.53 -39.64 -16.11
CA GLU J 185 63.86 -40.44 -17.27
C GLU J 185 63.55 -39.71 -18.57
N LEU J 186 64.29 -40.04 -19.62
CA LEU J 186 64.14 -39.40 -20.92
C LEU J 186 64.40 -40.37 -22.07
N ASP J 187 63.33 -40.75 -22.77
CA ASP J 187 63.41 -41.61 -23.94
C ASP J 187 62.77 -40.94 -25.16
N VAL J 188 63.22 -41.33 -26.35
CA VAL J 188 62.60 -40.88 -27.60
C VAL J 188 61.90 -42.07 -28.25
N VAL J 189 60.57 -42.05 -28.22
CA VAL J 189 59.75 -43.14 -28.76
C VAL J 189 59.04 -42.73 -30.04
N GLU J 190 58.69 -43.73 -30.85
CA GLU J 190 58.05 -43.51 -32.16
C GLU J 190 56.64 -42.96 -31.99
N GLY J 191 56.46 -41.68 -32.31
CA GLY J 191 55.18 -40.99 -32.18
C GLY J 191 54.99 -39.86 -33.16
N MET J 192 53.85 -39.17 -33.07
CA MET J 192 53.51 -38.09 -33.99
C MET J 192 52.56 -37.09 -33.36
N GLN J 193 52.63 -35.84 -33.80
CA GLN J 193 51.70 -34.79 -33.38
C GLN J 193 51.17 -34.00 -34.56
N PHE J 194 49.84 -33.85 -34.63
CA PHE J 194 49.20 -33.08 -35.70
C PHE J 194 48.28 -31.97 -35.19
N ASP J 195 48.06 -30.98 -36.05
CA ASP J 195 47.35 -29.75 -35.71
C ASP J 195 45.83 -29.92 -35.64
N ARG J 196 45.38 -30.95 -34.92
CA ARG J 196 43.96 -31.19 -34.67
C ARG J 196 43.73 -31.53 -33.20
N GLY J 197 42.79 -30.84 -32.56
CA GLY J 197 42.44 -31.12 -31.17
C GLY J 197 41.16 -31.93 -31.07
N TYR J 198 40.60 -32.03 -29.86
CA TYR J 198 39.35 -32.75 -29.64
C TYR J 198 38.19 -32.11 -30.39
N LEU J 199 37.28 -32.93 -30.92
CA LEU J 199 36.18 -32.43 -31.76
C LEU J 199 35.00 -31.89 -30.94
N SER J 200 34.93 -32.30 -29.68
CA SER J 200 33.97 -31.72 -28.74
C SER J 200 34.60 -31.62 -27.34
N PRO J 201 34.33 -30.51 -26.63
CA PRO J 201 34.86 -30.28 -25.28
C PRO J 201 34.57 -31.42 -24.30
N TYR J 202 33.39 -32.02 -24.40
CA TYR J 202 32.92 -33.01 -23.43
C TYR J 202 33.78 -34.29 -23.35
N PHE J 203 34.92 -34.29 -24.06
CA PHE J 203 35.87 -35.40 -24.02
C PHE J 203 36.92 -35.27 -22.90
N ILE J 204 37.07 -34.06 -22.37
CA ILE J 204 38.08 -33.78 -21.34
C ILE J 204 37.89 -34.66 -20.11
N ASN J 205 38.97 -35.31 -19.68
CA ASN J 205 38.97 -36.05 -18.42
C ASN J 205 39.42 -35.19 -17.24
N LYS J 206 40.71 -34.81 -17.21
CA LYS J 206 41.24 -33.93 -16.17
C LYS J 206 41.63 -32.55 -16.72
N PRO J 207 40.92 -31.49 -16.27
CA PRO J 207 41.05 -30.14 -16.82
C PRO J 207 42.30 -29.40 -16.33
N GLU J 208 43.44 -30.08 -16.37
CA GLU J 208 44.72 -29.50 -15.96
C GLU J 208 45.58 -29.11 -17.15
N THR J 209 45.81 -30.06 -18.06
CA THR J 209 46.43 -29.76 -19.35
C THR J 209 45.37 -29.11 -20.25
N GLY J 210 44.10 -29.29 -19.87
CA GLY J 210 42.97 -28.89 -20.71
C GLY J 210 42.88 -29.84 -21.89
N ALA J 211 42.92 -31.14 -21.60
CA ALA J 211 43.17 -32.14 -22.62
C ALA J 211 42.66 -33.55 -22.28
N VAL J 212 42.49 -34.36 -23.33
CA VAL J 212 42.19 -35.78 -23.21
C VAL J 212 43.49 -36.54 -23.02
N GLU J 213 43.48 -37.50 -22.11
CA GLU J 213 44.64 -38.32 -21.81
C GLU J 213 44.20 -39.77 -21.78
N LEU J 214 44.82 -40.60 -22.61
CA LEU J 214 44.44 -42.01 -22.73
C LEU J 214 45.62 -42.97 -22.55
N GLU J 215 45.48 -43.92 -21.64
CA GLU J 215 46.51 -44.94 -21.40
C GLU J 215 46.23 -46.22 -22.16
N SER J 216 47.26 -46.71 -22.86
CA SER J 216 47.20 -47.93 -23.70
C SER J 216 46.06 -47.97 -24.74
N PRO J 217 45.81 -46.84 -25.46
CA PRO J 217 44.63 -46.84 -26.31
C PRO J 217 44.84 -47.44 -27.70
N PHE J 218 43.77 -47.99 -28.26
CA PHE J 218 43.70 -48.38 -29.65
C PHE J 218 43.44 -47.13 -30.49
N ILE J 219 43.73 -47.21 -31.79
CA ILE J 219 43.43 -46.12 -32.72
C ILE J 219 42.72 -46.67 -33.96
N LEU J 220 41.72 -45.94 -34.43
CA LEU J 220 41.07 -46.22 -35.71
C LEU J 220 41.41 -45.15 -36.74
N LEU J 221 41.65 -45.58 -37.97
CA LEU J 221 42.03 -44.66 -39.03
C LEU J 221 41.17 -44.87 -40.27
N ALA J 222 40.42 -43.83 -40.61
CA ALA J 222 39.48 -43.87 -41.75
C ALA J 222 39.39 -42.52 -42.47
N ASP J 223 39.53 -42.55 -43.80
CA ASP J 223 39.40 -41.36 -44.63
C ASP J 223 37.94 -41.18 -45.08
N LYS J 224 37.06 -40.91 -44.12
CA LYS J 224 35.64 -40.63 -44.41
C LYS J 224 34.94 -39.92 -43.25
N LYS J 225 33.93 -39.11 -43.58
CA LYS J 225 33.13 -38.38 -42.59
C LYS J 225 32.09 -39.31 -41.97
N ILE J 226 32.15 -39.50 -40.66
CA ILE J 226 31.29 -40.46 -39.98
C ILE J 226 29.86 -39.94 -39.83
N SER J 227 28.96 -40.49 -40.65
CA SER J 227 27.54 -40.17 -40.60
C SER J 227 26.96 -40.64 -39.28
N ASN J 228 26.71 -41.95 -39.20
CA ASN J 228 25.99 -42.52 -38.08
C ASN J 228 26.84 -43.53 -37.31
N ILE J 229 26.48 -43.73 -36.04
CA ILE J 229 27.20 -44.66 -35.17
C ILE J 229 26.88 -46.12 -35.50
N ARG J 230 25.83 -46.35 -36.29
CA ARG J 230 25.46 -47.70 -36.75
C ARG J 230 26.52 -48.30 -37.68
N GLU J 231 27.70 -47.68 -37.68
CA GLU J 231 28.88 -48.19 -38.40
C GLU J 231 30.00 -48.53 -37.43
N MET J 232 30.09 -47.75 -36.36
CA MET J 232 31.17 -47.86 -35.38
C MET J 232 30.99 -49.07 -34.48
N LEU J 233 29.75 -49.33 -34.09
CA LEU J 233 29.39 -50.32 -33.07
C LEU J 233 30.20 -51.64 -33.08
N PRO J 234 30.32 -52.31 -34.25
CA PRO J 234 31.04 -53.59 -34.27
C PRO J 234 32.53 -53.48 -33.92
N VAL J 235 33.06 -52.25 -33.94
CA VAL J 235 34.44 -51.97 -33.54
C VAL J 235 34.51 -51.52 -32.09
N LEU J 236 33.60 -50.62 -31.70
CA LEU J 236 33.58 -50.06 -30.35
C LEU J 236 33.45 -51.13 -29.28
N GLU J 237 32.49 -52.04 -29.46
CA GLU J 237 32.28 -53.13 -28.52
C GLU J 237 33.20 -54.32 -28.79
N ALA J 238 34.18 -54.10 -29.66
CA ALA J 238 35.27 -55.04 -29.85
C ALA J 238 36.48 -54.58 -29.03
N VAL J 239 36.62 -53.27 -28.91
CA VAL J 239 37.66 -52.65 -28.08
C VAL J 239 37.30 -52.83 -26.58
N ALA J 240 36.01 -52.98 -26.30
CA ALA J 240 35.52 -53.25 -24.94
C ALA J 240 35.93 -54.62 -24.42
N LYS J 241 36.07 -55.59 -25.33
CA LYS J 241 36.75 -56.85 -25.02
C LYS J 241 38.24 -56.52 -24.86
N ALA J 242 38.84 -57.05 -23.79
CA ALA J 242 40.17 -56.63 -23.29
C ALA J 242 40.16 -55.26 -22.60
N GLY J 243 39.12 -54.46 -22.86
CA GLY J 243 38.84 -53.24 -22.10
C GLY J 243 39.89 -52.15 -22.13
N LYS J 244 39.88 -51.36 -23.21
CA LYS J 244 40.78 -50.22 -23.36
C LYS J 244 40.13 -49.05 -24.10
N PRO J 245 40.59 -47.81 -23.87
CA PRO J 245 40.10 -46.63 -24.59
C PRO J 245 40.48 -46.61 -26.08
N LEU J 246 39.69 -45.90 -26.88
CA LEU J 246 39.91 -45.84 -28.33
C LEU J 246 40.17 -44.41 -28.81
N LEU J 247 40.94 -44.28 -29.89
CA LEU J 247 41.11 -43.00 -30.56
C LEU J 247 40.56 -43.06 -31.99
N ILE J 248 39.81 -42.02 -32.36
CA ILE J 248 39.15 -41.95 -33.65
C ILE J 248 39.70 -40.78 -34.46
N ILE J 249 40.41 -41.12 -35.53
CA ILE J 249 40.88 -40.12 -36.47
C ILE J 249 40.18 -40.34 -37.81
N ALA J 250 39.21 -39.47 -38.09
CA ALA J 250 38.43 -39.51 -39.33
C ALA J 250 38.37 -38.14 -39.98
N GLU J 251 38.11 -38.11 -41.29
CA GLU J 251 37.93 -36.86 -42.03
C GLU J 251 37.20 -35.85 -41.15
N ASP J 252 36.08 -36.29 -40.57
CA ASP J 252 35.35 -35.56 -39.53
C ASP J 252 34.55 -36.59 -38.71
N VAL J 253 34.03 -36.15 -37.56
CA VAL J 253 33.12 -36.97 -36.75
C VAL J 253 31.92 -36.11 -36.38
N GLU J 254 30.85 -36.22 -37.16
CA GLU J 254 29.68 -35.32 -37.06
C GLU J 254 28.39 -36.04 -36.69
N GLY J 255 27.40 -35.26 -36.23
CA GLY J 255 26.05 -35.75 -36.02
C GLY J 255 25.90 -36.81 -34.94
N GLU J 256 25.06 -37.81 -35.22
CA GLU J 256 24.77 -38.90 -34.28
C GLU J 256 26.03 -39.65 -33.89
N ALA J 257 26.95 -39.77 -34.84
CA ALA J 257 28.25 -40.41 -34.59
C ALA J 257 29.03 -39.69 -33.49
N LEU J 258 28.95 -38.36 -33.48
CA LEU J 258 29.63 -37.55 -32.48
C LEU J 258 28.94 -37.64 -31.13
N ALA J 259 27.66 -37.28 -31.10
CA ALA J 259 26.90 -37.12 -29.85
C ALA J 259 26.80 -38.38 -29.01
N THR J 260 26.71 -39.54 -29.66
CA THR J 260 26.58 -40.81 -28.95
C THR J 260 27.96 -41.32 -28.45
N LEU J 261 29.04 -40.88 -29.10
CA LEU J 261 30.40 -41.11 -28.61
C LEU J 261 30.65 -40.27 -27.36
N VAL J 262 30.08 -39.06 -27.35
CA VAL J 262 30.17 -38.16 -26.22
C VAL J 262 29.46 -38.76 -25.01
N VAL J 263 28.24 -39.27 -25.25
CA VAL J 263 27.40 -39.83 -24.19
C VAL J 263 27.99 -41.13 -23.63
N ASN J 264 28.75 -41.84 -24.46
CA ASN J 264 29.35 -43.11 -24.02
C ASN J 264 30.66 -42.99 -23.24
N THR J 265 31.47 -41.98 -23.57
CA THR J 265 32.71 -41.72 -22.82
C THR J 265 32.39 -41.13 -21.45
N MET J 266 31.48 -40.15 -21.46
CA MET J 266 31.03 -39.43 -20.29
C MET J 266 30.45 -40.35 -19.21
N ARG J 267 29.54 -41.24 -19.61
CA ARG J 267 28.92 -42.21 -18.69
C ARG J 267 29.87 -43.35 -18.34
N GLY J 268 31.07 -43.30 -18.92
CA GLY J 268 32.11 -44.30 -18.64
C GLY J 268 32.20 -45.46 -19.62
N ILE J 269 31.05 -45.87 -20.16
CA ILE J 269 30.93 -47.01 -21.07
C ILE J 269 31.87 -46.87 -22.29
N VAL J 270 33.12 -47.33 -22.10
CA VAL J 270 34.23 -47.21 -23.06
C VAL J 270 34.56 -45.76 -23.42
N LYS J 271 35.83 -45.39 -23.18
CA LYS J 271 36.33 -44.05 -23.46
C LYS J 271 36.95 -43.93 -24.86
N VAL J 272 36.48 -42.93 -25.60
CA VAL J 272 36.88 -42.70 -26.98
C VAL J 272 37.20 -41.21 -27.14
N ALA J 273 37.95 -40.87 -28.19
CA ALA J 273 38.28 -39.48 -28.50
C ALA J 273 38.24 -39.23 -30.00
N ALA J 274 37.47 -38.23 -30.41
CA ALA J 274 37.30 -37.91 -31.82
C ALA J 274 38.17 -36.73 -32.23
N VAL J 275 39.04 -36.96 -33.21
CA VAL J 275 39.91 -35.91 -33.75
C VAL J 275 39.93 -35.96 -35.27
N LYS J 276 40.01 -34.80 -35.90
CA LYS J 276 40.08 -34.72 -37.35
C LYS J 276 41.42 -35.24 -37.86
N ALA J 277 41.43 -35.75 -39.09
CA ALA J 277 42.67 -36.05 -39.80
C ALA J 277 43.27 -34.75 -40.32
N PRO J 278 44.61 -34.59 -40.20
CA PRO J 278 45.28 -33.31 -40.48
C PRO J 278 45.27 -32.91 -41.96
N GLY J 279 45.80 -31.73 -42.25
CA GLY J 279 45.88 -31.22 -43.62
C GLY J 279 44.55 -31.26 -44.35
N PHE J 280 44.58 -31.52 -45.66
CA PHE J 280 43.35 -31.62 -46.44
C PHE J 280 43.53 -32.29 -47.81
N GLY J 281 42.48 -32.95 -48.26
CA GLY J 281 42.36 -33.50 -49.61
C GLY J 281 43.31 -34.61 -50.01
N ASP J 282 44.35 -34.26 -50.77
CA ASP J 282 45.27 -35.22 -51.34
C ASP J 282 46.35 -35.64 -50.36
N ARG J 283 46.90 -34.67 -49.62
CA ARG J 283 47.83 -34.98 -48.54
C ARG J 283 47.10 -35.24 -47.22
N ARG J 284 45.77 -35.27 -47.29
CA ARG J 284 44.92 -35.78 -46.22
C ARG J 284 45.14 -37.29 -46.11
N LYS J 285 45.01 -37.98 -47.25
CA LYS J 285 45.23 -39.43 -47.37
C LYS J 285 46.68 -39.83 -47.12
N ALA J 286 47.60 -38.97 -47.54
CA ALA J 286 49.03 -39.22 -47.38
C ALA J 286 49.50 -39.08 -45.93
N MET J 287 49.15 -37.97 -45.28
CA MET J 287 49.51 -37.73 -43.87
C MET J 287 48.88 -38.77 -42.93
N LEU J 288 47.74 -39.31 -43.32
CA LEU J 288 47.03 -40.33 -42.52
C LEU J 288 47.70 -41.70 -42.62
N GLN J 289 48.16 -42.06 -43.82
CA GLN J 289 48.84 -43.34 -44.03
C GLN J 289 50.12 -43.41 -43.21
N ASP J 290 50.77 -42.27 -43.03
CA ASP J 290 51.95 -42.15 -42.19
C ASP J 290 51.67 -42.64 -40.78
N ILE J 291 50.48 -42.33 -40.27
CA ILE J 291 50.08 -42.72 -38.92
C ILE J 291 49.78 -44.22 -38.85
N ALA J 292 49.13 -44.74 -39.89
CA ALA J 292 48.79 -46.16 -39.98
C ALA J 292 50.02 -47.05 -39.84
N THR J 293 51.10 -46.66 -40.52
CA THR J 293 52.37 -47.36 -40.46
C THR J 293 52.98 -47.21 -39.06
N LEU J 294 52.92 -46.00 -38.53
CA LEU J 294 53.45 -45.67 -37.21
C LEU J 294 52.76 -46.44 -36.09
N THR J 295 51.45 -46.66 -36.24
CA THR J 295 50.63 -47.28 -35.20
C THR J 295 50.49 -48.80 -35.36
N GLY J 296 50.75 -49.30 -36.56
CA GLY J 296 50.61 -50.72 -36.87
C GLY J 296 49.15 -51.10 -37.10
N GLY J 297 48.41 -50.21 -37.74
CA GLY J 297 47.01 -50.43 -38.07
C GLY J 297 46.73 -50.35 -39.56
N THR J 298 45.48 -50.03 -39.91
CA THR J 298 45.05 -49.95 -41.31
C THR J 298 44.23 -48.69 -41.60
N VAL J 299 43.97 -48.45 -42.88
CA VAL J 299 43.20 -47.29 -43.32
C VAL J 299 41.90 -47.73 -43.99
N ILE J 300 40.80 -47.06 -43.64
CA ILE J 300 39.47 -47.33 -44.21
C ILE J 300 39.02 -46.15 -45.08
N SER J 301 38.91 -46.38 -46.39
CA SER J 301 38.72 -45.29 -47.36
C SER J 301 37.40 -45.28 -48.13
N GLU J 302 37.17 -44.18 -48.86
CA GLU J 302 35.95 -43.95 -49.66
C GLU J 302 36.04 -44.55 -51.08
N GLU J 303 37.21 -44.44 -51.71
CA GLU J 303 37.43 -44.92 -53.09
C GLU J 303 37.44 -46.44 -53.23
N ILE J 304 38.14 -47.12 -52.33
CA ILE J 304 38.46 -48.55 -52.47
C ILE J 304 37.26 -49.48 -52.34
N GLY J 305 36.42 -49.24 -51.33
CA GLY J 305 35.31 -50.13 -51.00
C GLY J 305 35.53 -50.87 -49.68
N MET J 306 36.08 -50.15 -48.71
CA MET J 306 36.24 -50.66 -47.35
C MET J 306 35.28 -49.96 -46.40
N GLU J 307 34.50 -50.76 -45.67
CA GLU J 307 33.55 -50.24 -44.70
C GLU J 307 33.90 -50.64 -43.27
N LEU J 308 33.38 -49.88 -42.31
CA LEU J 308 33.70 -50.04 -40.90
C LEU J 308 33.25 -51.38 -40.32
N GLU J 309 32.16 -51.91 -40.86
CA GLU J 309 31.52 -53.12 -40.33
C GLU J 309 32.30 -54.43 -40.58
N LYS J 310 33.60 -54.32 -40.85
CA LYS J 310 34.45 -55.51 -41.10
C LYS J 310 35.91 -55.31 -40.66
N ALA J 311 36.14 -54.35 -39.77
CA ALA J 311 37.47 -54.07 -39.23
C ALA J 311 37.66 -54.66 -37.84
N THR J 312 38.48 -55.71 -37.75
CA THR J 312 38.77 -56.38 -36.48
C THR J 312 39.85 -55.61 -35.69
N LEU J 313 40.16 -56.06 -34.48
CA LEU J 313 41.15 -55.41 -33.61
C LEU J 313 42.55 -55.39 -34.21
N GLU J 314 42.83 -56.39 -35.05
CA GLU J 314 44.07 -56.44 -35.84
C GLU J 314 44.15 -55.22 -36.77
N ASP J 315 43.00 -54.81 -37.31
CA ASP J 315 42.92 -53.68 -38.25
C ASP J 315 43.07 -52.31 -37.55
N LEU J 316 43.35 -52.33 -36.25
CA LEU J 316 43.53 -51.09 -35.46
C LEU J 316 44.97 -50.81 -35.08
N GLY J 317 45.32 -49.53 -35.03
CA GLY J 317 46.62 -49.09 -34.53
C GLY J 317 46.60 -48.98 -33.02
N GLN J 318 47.78 -48.94 -32.40
CA GLN J 318 47.91 -48.88 -30.94
C GLN J 318 49.04 -47.95 -30.46
N ALA J 319 48.84 -47.39 -29.27
CA ALA J 319 49.82 -46.49 -28.66
C ALA J 319 49.88 -46.68 -27.15
N LYS J 320 50.93 -46.15 -26.53
CA LYS J 320 51.06 -46.18 -25.08
C LYS J 320 50.26 -45.05 -24.44
N ARG J 321 50.16 -43.94 -25.17
CA ARG J 321 49.52 -42.72 -24.66
C ARG J 321 49.21 -41.74 -25.80
N VAL J 322 48.15 -40.95 -25.61
CA VAL J 322 47.81 -39.85 -26.52
C VAL J 322 47.41 -38.60 -25.74
N VAL J 323 47.88 -37.43 -26.18
CA VAL J 323 47.59 -36.15 -25.52
C VAL J 323 46.89 -35.20 -26.50
N ILE J 324 45.66 -34.83 -26.18
CA ILE J 324 44.79 -34.06 -27.10
C ILE J 324 44.32 -32.70 -26.55
N ASN J 325 45.05 -31.63 -26.88
CA ASN J 325 44.67 -30.26 -26.51
C ASN J 325 43.50 -29.73 -27.35
N LYS J 326 43.33 -28.40 -27.36
CA LYS J 326 42.27 -27.76 -28.13
C LYS J 326 42.60 -27.74 -29.63
N ASP J 327 43.87 -27.44 -29.93
CA ASP J 327 44.37 -27.38 -31.30
C ASP J 327 45.41 -28.44 -31.59
N THR J 328 45.56 -29.41 -30.68
CA THR J 328 46.68 -30.36 -30.72
C THR J 328 46.30 -31.80 -30.40
N THR J 329 47.04 -32.74 -30.99
CA THR J 329 46.94 -34.17 -30.64
C THR J 329 48.33 -34.78 -30.83
N THR J 330 48.85 -35.41 -29.80
CA THR J 330 50.16 -36.05 -29.88
C THR J 330 50.16 -37.50 -29.40
N ILE J 331 50.79 -38.38 -30.19
CA ILE J 331 50.82 -39.83 -29.95
C ILE J 331 52.19 -40.28 -29.41
N ILE J 332 52.19 -41.33 -28.58
CA ILE J 332 53.41 -41.83 -27.96
C ILE J 332 53.54 -43.35 -28.08
N ASP J 333 54.72 -43.78 -28.55
CA ASP J 333 55.10 -45.20 -28.74
C ASP J 333 54.17 -45.95 -29.70
N GLY J 334 54.64 -46.14 -30.93
CA GLY J 334 53.86 -46.84 -31.95
C GLY J 334 54.29 -48.29 -32.10
N VAL J 335 53.32 -49.20 -31.99
CA VAL J 335 53.59 -50.65 -32.00
C VAL J 335 54.05 -51.17 -33.38
N GLY J 336 54.09 -50.27 -34.36
CA GLY J 336 54.49 -50.60 -35.73
C GLY J 336 55.93 -51.07 -35.83
N GLU J 337 56.16 -52.04 -36.72
CA GLU J 337 57.48 -52.63 -36.99
C GLU J 337 58.56 -51.55 -37.19
N GLU J 338 59.76 -51.82 -36.68
CA GLU J 338 60.88 -50.88 -36.79
C GLU J 338 61.37 -50.72 -38.23
N ALA J 339 61.05 -51.70 -39.07
CA ALA J 339 61.38 -51.66 -40.49
C ALA J 339 60.27 -51.01 -41.32
N ALA J 340 59.01 -51.33 -41.01
CA ALA J 340 57.85 -50.82 -41.76
C ALA J 340 57.72 -49.29 -41.65
N ILE J 341 58.08 -48.74 -40.50
CA ILE J 341 58.14 -47.30 -40.30
C ILE J 341 59.30 -46.72 -41.12
N GLN J 342 60.43 -47.42 -41.09
CA GLN J 342 61.61 -47.02 -41.85
C GLN J 342 61.39 -47.17 -43.36
N GLY J 343 60.42 -48.01 -43.73
CA GLY J 343 60.06 -48.20 -45.14
C GLY J 343 59.37 -46.98 -45.70
N ARG J 344 58.56 -46.34 -44.86
CA ARG J 344 57.91 -45.09 -45.21
C ARG J 344 58.90 -43.92 -45.13
N VAL J 345 60.01 -44.14 -44.43
CA VAL J 345 61.11 -43.19 -44.43
C VAL J 345 61.70 -43.10 -45.84
N ALA J 346 61.92 -44.26 -46.46
CA ALA J 346 62.41 -44.34 -47.84
C ALA J 346 61.35 -43.90 -48.85
N GLN J 347 60.07 -44.13 -48.52
CA GLN J 347 58.95 -43.75 -49.39
C GLN J 347 58.65 -42.25 -49.40
N ILE J 348 59.26 -41.52 -48.47
CA ILE J 348 59.23 -40.07 -48.48
C ILE J 348 60.61 -39.55 -48.88
N ARG J 349 61.63 -40.36 -48.62
CA ARG J 349 63.01 -40.05 -49.02
C ARG J 349 63.19 -40.08 -50.55
N GLN J 350 62.35 -40.88 -51.23
CA GLN J 350 62.33 -40.91 -52.69
C GLN J 350 61.55 -39.72 -53.25
N GLN J 351 60.58 -39.23 -52.48
CA GLN J 351 59.69 -38.14 -52.92
C GLN J 351 60.35 -36.76 -52.93
N ILE J 352 61.22 -36.50 -51.95
CA ILE J 352 61.92 -35.22 -51.84
C ILE J 352 62.82 -34.99 -53.04
N GLU J 353 63.70 -35.96 -53.30
CA GLU J 353 64.66 -35.90 -54.40
C GLU J 353 63.98 -35.87 -55.77
N GLU J 354 62.87 -36.58 -55.89
CA GLU J 354 62.10 -36.63 -57.14
C GLU J 354 60.82 -35.78 -57.05
N ALA J 355 61.03 -34.46 -56.98
CA ALA J 355 59.94 -33.50 -56.96
C ALA J 355 60.16 -32.43 -58.02
N THR J 356 59.26 -32.38 -58.99
CA THR J 356 59.29 -31.36 -60.05
C THR J 356 58.71 -30.04 -59.56
N SER J 357 57.64 -30.13 -58.76
CA SER J 357 57.01 -28.96 -58.13
C SER J 357 57.80 -28.53 -56.89
N ASP J 358 58.04 -27.23 -56.75
CA ASP J 358 58.89 -26.68 -55.70
C ASP J 358 58.23 -26.61 -54.32
N TYR J 359 56.90 -26.76 -54.28
CA TYR J 359 56.14 -26.69 -53.01
C TYR J 359 56.17 -27.98 -52.20
N ASP J 360 56.05 -29.12 -52.89
CA ASP J 360 56.03 -30.45 -52.25
C ASP J 360 57.20 -30.67 -51.29
N ARG J 361 58.39 -30.24 -51.72
CA ARG J 361 59.64 -30.36 -50.97
C ARG J 361 59.57 -29.75 -49.57
N GLU J 362 58.75 -28.70 -49.42
CA GLU J 362 58.53 -28.05 -48.13
C GLU J 362 57.71 -28.90 -47.17
N LYS J 363 56.57 -29.41 -47.63
CA LYS J 363 55.62 -30.13 -46.77
C LYS J 363 55.97 -31.61 -46.59
N LEU J 364 56.75 -32.16 -47.53
CA LEU J 364 57.28 -33.52 -47.40
C LEU J 364 58.31 -33.62 -46.28
N GLN J 365 59.06 -32.54 -46.09
CA GLN J 365 59.99 -32.41 -44.96
C GLN J 365 59.21 -32.31 -43.66
N GLU J 366 58.08 -31.60 -43.70
CA GLU J 366 57.20 -31.45 -42.55
C GLU J 366 56.35 -32.70 -42.31
N ARG J 367 56.64 -33.75 -43.07
CA ARG J 367 56.05 -35.08 -42.89
C ARG J 367 57.04 -36.06 -42.23
N VAL J 368 58.31 -35.98 -42.62
CA VAL J 368 59.36 -36.79 -42.01
C VAL J 368 59.83 -36.23 -40.68
N ALA J 369 59.62 -34.92 -40.48
CA ALA J 369 59.91 -34.27 -39.19
C ALA J 369 58.97 -34.77 -38.09
N LYS J 370 57.77 -35.22 -38.49
CA LYS J 370 56.78 -35.77 -37.58
C LYS J 370 56.83 -37.30 -37.54
N LEU J 371 57.56 -37.90 -38.47
CA LEU J 371 57.67 -39.36 -38.58
C LEU J 371 59.00 -39.89 -38.06
N ALA J 372 60.11 -39.40 -38.64
CA ALA J 372 61.45 -39.82 -38.25
C ALA J 372 62.18 -38.77 -37.41
N GLY J 373 61.48 -37.67 -37.10
CA GLY J 373 62.00 -36.64 -36.22
C GLY J 373 61.92 -37.07 -34.76
N GLY J 374 60.82 -37.73 -34.41
CA GLY J 374 60.66 -38.36 -33.11
C GLY J 374 59.70 -37.67 -32.14
N VAL J 375 59.53 -38.28 -30.97
CA VAL J 375 58.76 -37.71 -29.86
C VAL J 375 59.48 -37.99 -28.54
N ALA J 376 59.88 -36.93 -27.85
CA ALA J 376 60.61 -37.03 -26.60
C ALA J 376 59.68 -37.20 -25.40
N VAL J 377 60.06 -38.09 -24.49
CA VAL J 377 59.25 -38.38 -23.31
C VAL J 377 60.06 -38.24 -22.02
N ILE J 378 59.63 -37.34 -21.14
CA ILE J 378 60.26 -37.16 -19.83
C ILE J 378 59.37 -37.71 -18.72
N LYS J 379 59.95 -38.58 -17.88
CA LYS J 379 59.23 -39.13 -16.73
C LYS J 379 59.85 -38.61 -15.43
N VAL J 380 59.14 -37.69 -14.80
CA VAL J 380 59.61 -37.00 -13.59
C VAL J 380 59.52 -37.92 -12.37
N GLY J 381 60.63 -38.05 -11.64
CA GLY J 381 60.70 -38.95 -10.49
C GLY J 381 61.06 -38.33 -9.15
N ALA J 382 60.60 -38.97 -8.07
CA ALA J 382 60.89 -38.56 -6.70
C ALA J 382 60.69 -39.74 -5.72
N ALA J 383 60.81 -39.48 -4.42
CA ALA J 383 60.63 -40.53 -3.39
C ALA J 383 59.17 -40.63 -2.92
N THR J 384 58.52 -39.49 -2.74
CA THR J 384 57.09 -39.41 -2.40
C THR J 384 56.27 -39.13 -3.65
N GLU J 385 55.05 -39.67 -3.72
CA GLU J 385 54.18 -39.40 -4.86
C GLU J 385 53.70 -37.95 -4.84
N VAL J 386 53.57 -37.39 -3.64
CA VAL J 386 53.10 -36.01 -3.47
C VAL J 386 54.13 -34.98 -3.98
N GLU J 387 55.35 -35.45 -4.23
CA GLU J 387 56.38 -34.64 -4.88
C GLU J 387 56.70 -35.12 -6.30
N MET J 388 56.20 -36.30 -6.66
CA MET J 388 56.23 -36.75 -8.04
C MET J 388 55.24 -35.88 -8.81
N LYS J 389 54.05 -35.70 -8.22
CA LYS J 389 53.00 -34.80 -8.71
C LYS J 389 53.48 -33.36 -8.84
N GLU J 390 53.99 -32.82 -7.72
CA GLU J 390 54.38 -31.41 -7.63
C GLU J 390 55.54 -31.07 -8.57
N LYS J 391 56.44 -32.02 -8.76
CA LYS J 391 57.58 -31.83 -9.65
C LYS J 391 57.19 -32.05 -11.12
N LYS J 392 56.27 -32.98 -11.36
CA LYS J 392 55.70 -33.22 -12.70
C LYS J 392 55.05 -31.95 -13.23
N ALA J 393 54.27 -31.29 -12.37
CA ALA J 393 53.60 -30.04 -12.69
C ALA J 393 54.58 -28.89 -12.96
N ARG J 394 55.69 -28.87 -12.22
CA ARG J 394 56.70 -27.81 -12.36
C ARG J 394 57.47 -27.86 -13.68
N VAL J 395 57.40 -28.99 -14.37
CA VAL J 395 58.09 -29.12 -15.66
C VAL J 395 57.22 -28.62 -16.82
N GLU J 396 55.92 -28.94 -16.78
CA GLU J 396 54.97 -28.43 -17.75
C GLU J 396 54.75 -26.93 -17.59
N ASP J 397 54.80 -26.46 -16.33
CA ASP J 397 54.72 -25.02 -16.02
C ASP J 397 56.04 -24.29 -16.32
N ALA J 398 56.90 -24.92 -17.12
CA ALA J 398 58.15 -24.33 -17.58
C ALA J 398 58.41 -24.64 -19.05
N LEU J 399 57.70 -25.65 -19.57
CA LEU J 399 57.85 -26.04 -20.96
C LEU J 399 57.14 -25.06 -21.90
N HIS J 400 55.87 -24.75 -21.60
CA HIS J 400 55.06 -23.82 -22.40
C HIS J 400 55.73 -22.45 -22.57
N ALA J 401 56.43 -22.01 -21.52
CA ALA J 401 57.17 -20.75 -21.55
C ALA J 401 58.43 -20.87 -22.41
N THR J 402 59.09 -22.01 -22.34
CA THR J 402 60.30 -22.29 -23.12
C THR J 402 59.99 -22.41 -24.60
N ARG J 403 58.85 -23.02 -24.92
CA ARG J 403 58.35 -23.12 -26.29
C ARG J 403 58.22 -21.75 -26.95
N ALA J 404 57.62 -20.81 -26.23
CA ALA J 404 57.43 -19.44 -26.71
C ALA J 404 58.74 -18.66 -26.72
N ALA J 405 59.67 -19.06 -25.86
CA ALA J 405 60.99 -18.43 -25.78
C ALA J 405 61.85 -18.77 -26.98
N VAL J 406 61.53 -19.87 -27.66
CA VAL J 406 62.26 -20.28 -28.85
C VAL J 406 61.65 -19.69 -30.13
N GLU J 407 60.32 -19.67 -30.19
CA GLU J 407 59.61 -19.24 -31.40
C GLU J 407 59.76 -17.75 -31.69
N GLU J 408 59.58 -16.91 -30.68
CA GLU J 408 59.64 -15.46 -30.86
C GLU J 408 60.65 -14.76 -29.97
N GLY J 409 61.02 -15.42 -28.88
CA GLY J 409 62.01 -14.89 -27.95
C GLY J 409 61.42 -14.40 -26.64
N VAL J 410 62.21 -13.67 -25.87
CA VAL J 410 61.78 -13.13 -24.58
C VAL J 410 62.05 -11.63 -24.47
N VAL J 411 61.04 -10.88 -24.04
CA VAL J 411 61.19 -9.44 -23.82
C VAL J 411 61.30 -9.17 -22.33
N ALA J 412 61.54 -7.91 -21.98
CA ALA J 412 61.70 -7.50 -20.59
C ALA J 412 60.37 -7.55 -19.87
N GLY J 413 60.32 -8.27 -18.75
CA GLY J 413 59.07 -8.48 -18.00
C GLY J 413 58.61 -7.25 -17.23
N GLY J 414 57.70 -7.46 -16.28
CA GLY J 414 57.19 -6.39 -15.41
C GLY J 414 56.29 -5.40 -16.13
N GLY J 415 55.87 -5.80 -17.33
CA GLY J 415 55.03 -4.96 -18.18
C GLY J 415 55.79 -3.76 -18.73
N VAL J 416 57.12 -3.83 -18.65
CA VAL J 416 57.97 -2.74 -19.12
C VAL J 416 58.17 -2.79 -20.63
N ALA J 417 58.04 -3.98 -21.20
CA ALA J 417 58.18 -4.15 -22.64
C ALA J 417 57.19 -3.27 -23.39
N LEU J 418 55.94 -3.29 -22.93
CA LEU J 418 54.88 -2.51 -23.55
C LEU J 418 55.05 -1.02 -23.26
N ILE J 419 55.46 -0.70 -22.03
CA ILE J 419 55.63 0.71 -21.66
C ILE J 419 56.86 1.33 -22.33
N ARG J 420 57.77 0.47 -22.77
CA ARG J 420 58.95 0.88 -23.53
C ARG J 420 58.56 1.13 -24.98
N VAL J 421 57.68 0.29 -25.49
CA VAL J 421 57.12 0.46 -26.84
C VAL J 421 56.30 1.76 -26.91
N ALA J 422 55.58 2.06 -25.84
CA ALA J 422 54.74 3.25 -25.75
C ALA J 422 55.49 4.55 -25.98
N SER J 423 56.66 4.69 -25.36
CA SER J 423 57.47 5.90 -25.52
C SER J 423 58.12 5.99 -26.91
N LYS J 424 58.26 4.85 -27.57
CA LYS J 424 58.89 4.77 -28.89
C LYS J 424 57.92 4.95 -30.04
N LEU J 425 56.63 5.03 -29.73
CA LEU J 425 55.62 5.25 -30.75
C LEU J 425 54.87 6.57 -30.54
N ALA J 426 55.48 7.49 -29.79
CA ALA J 426 54.86 8.78 -29.46
C ALA J 426 54.72 9.71 -30.67
N ASP J 427 55.53 9.45 -31.69
CA ASP J 427 55.50 10.22 -32.93
C ASP J 427 54.55 9.64 -33.98
N LEU J 428 53.92 8.52 -33.66
CA LEU J 428 53.02 7.86 -34.60
C LEU J 428 51.72 8.63 -34.76
N ARG J 429 51.33 8.85 -36.01
CA ARG J 429 50.11 9.57 -36.35
C ARG J 429 49.26 8.80 -37.37
N GLY J 430 47.97 9.14 -37.45
CA GLY J 430 47.05 8.50 -38.39
C GLY J 430 46.79 9.37 -39.60
N GLN J 431 45.53 9.42 -40.03
CA GLN J 431 45.12 10.20 -41.20
C GLN J 431 44.31 11.44 -40.85
N ASN J 432 43.45 11.31 -39.84
CA ASN J 432 42.73 12.45 -39.28
C ASN J 432 42.82 12.49 -37.76
N GLU J 433 42.28 13.56 -37.17
CA GLU J 433 42.34 13.76 -35.71
C GLU J 433 41.77 12.58 -34.92
N ASP J 434 40.66 12.01 -35.42
CA ASP J 434 40.01 10.89 -34.76
C ASP J 434 40.89 9.64 -34.72
N GLN J 435 41.66 9.41 -35.78
CA GLN J 435 42.60 8.30 -35.81
C GLN J 435 43.77 8.54 -34.85
N ASN J 436 44.18 9.80 -34.75
CA ASN J 436 45.27 10.23 -33.86
C ASN J 436 45.00 9.91 -32.39
N VAL J 437 43.75 10.09 -31.97
CA VAL J 437 43.34 9.79 -30.60
C VAL J 437 43.29 8.29 -30.42
N GLY J 438 42.88 7.57 -31.47
CA GLY J 438 42.85 6.11 -31.46
C GLY J 438 44.19 5.48 -31.12
N ILE J 439 45.26 6.09 -31.61
CA ILE J 439 46.62 5.66 -31.31
C ILE J 439 46.97 5.95 -29.84
N LYS J 440 46.70 7.18 -29.39
CA LYS J 440 46.99 7.60 -28.01
C LYS J 440 46.19 6.80 -26.98
N VAL J 441 45.04 6.28 -27.38
CA VAL J 441 44.26 5.39 -26.54
C VAL J 441 45.02 4.09 -26.35
N ALA J 442 45.55 3.55 -27.44
CA ALA J 442 46.30 2.30 -27.40
C ALA J 442 47.62 2.42 -26.64
N LEU J 443 48.29 3.57 -26.77
CA LEU J 443 49.57 3.78 -26.10
C LEU J 443 49.41 3.97 -24.58
N ARG J 444 48.31 4.59 -24.16
CA ARG J 444 48.01 4.77 -22.73
C ARG J 444 47.45 3.48 -22.13
N ALA J 445 47.04 2.56 -22.99
CA ALA J 445 46.55 1.26 -22.56
C ALA J 445 47.73 0.33 -22.26
N MET J 446 48.86 0.57 -22.93
CA MET J 446 50.06 -0.25 -22.74
C MET J 446 50.72 0.02 -21.39
N GLU J 447 50.41 1.16 -20.79
CA GLU J 447 50.90 1.50 -19.46
C GLU J 447 50.18 0.73 -18.36
N ALA J 448 48.94 0.32 -18.64
CA ALA J 448 48.07 -0.29 -17.62
C ALA J 448 48.58 -1.59 -16.96
N PRO J 449 49.13 -2.54 -17.75
CA PRO J 449 49.65 -3.76 -17.14
C PRO J 449 50.66 -3.48 -16.01
N LEU J 450 51.67 -2.66 -16.27
CA LEU J 450 52.63 -2.25 -15.25
C LEU J 450 51.92 -1.57 -14.08
N ARG J 451 51.09 -0.58 -14.40
CA ARG J 451 50.36 0.19 -13.40
C ARG J 451 49.52 -0.69 -12.49
N GLN J 452 48.99 -1.78 -13.05
CA GLN J 452 48.17 -2.70 -12.27
C GLN J 452 49.01 -3.54 -11.32
N ILE J 453 50.22 -3.93 -11.75
CA ILE J 453 51.10 -4.72 -10.89
C ILE J 453 51.54 -3.87 -9.69
N VAL J 454 51.83 -2.61 -9.95
CA VAL J 454 52.25 -1.69 -8.90
C VAL J 454 51.12 -1.43 -7.91
N LEU J 455 49.88 -1.40 -8.41
CA LEU J 455 48.72 -1.18 -7.56
C LEU J 455 48.53 -2.32 -6.55
N ASN J 456 48.78 -3.55 -7.01
CA ASN J 456 48.73 -4.71 -6.13
C ASN J 456 49.86 -4.74 -5.11
N CYS J 457 50.99 -4.13 -5.49
CA CYS J 457 52.17 -4.02 -4.63
C CYS J 457 52.00 -2.94 -3.56
N GLY J 458 50.90 -2.20 -3.63
CA GLY J 458 50.58 -1.18 -2.65
C GLY J 458 51.18 0.19 -2.95
N GLU J 459 52.21 0.23 -3.79
CA GLU J 459 52.85 1.48 -4.18
C GLU J 459 52.00 2.23 -5.21
N GLU J 460 52.18 3.56 -5.29
CA GLU J 460 51.43 4.39 -6.23
C GLU J 460 51.88 4.14 -7.66
N PRO J 461 50.97 3.67 -8.54
CA PRO J 461 51.33 3.29 -9.91
C PRO J 461 51.86 4.46 -10.72
N SER J 462 51.28 5.64 -10.50
CA SER J 462 51.68 6.85 -11.20
C SER J 462 53.16 7.19 -11.00
N VAL J 463 53.64 7.03 -9.77
CA VAL J 463 55.03 7.33 -9.40
C VAL J 463 56.00 6.36 -10.04
N VAL J 464 55.66 5.07 -9.97
CA VAL J 464 56.53 4.01 -10.49
C VAL J 464 56.60 4.04 -12.02
N ALA J 465 55.45 4.16 -12.68
CA ALA J 465 55.41 4.25 -14.14
C ALA J 465 56.17 5.46 -14.68
N ASN J 466 56.10 6.57 -13.96
CA ASN J 466 56.84 7.78 -14.31
C ASN J 466 58.35 7.60 -14.18
N THR J 467 58.78 6.77 -13.23
CA THR J 467 60.20 6.51 -13.02
C THR J 467 60.74 5.54 -14.08
N VAL J 468 59.92 4.57 -14.48
CA VAL J 468 60.33 3.60 -15.48
C VAL J 468 60.45 4.25 -16.85
N LYS J 469 59.57 5.21 -17.15
CA LYS J 469 59.61 5.93 -18.41
C LYS J 469 60.83 6.84 -18.56
N GLY J 470 61.29 7.42 -17.45
CA GLY J 470 62.45 8.32 -17.42
C GLY J 470 63.76 7.62 -17.76
N GLY J 471 63.95 6.44 -17.18
CA GLY J 471 65.07 5.57 -17.52
C GLY J 471 64.80 4.84 -18.83
N ASP J 472 65.86 4.30 -19.44
CA ASP J 472 65.75 3.66 -20.75
C ASP J 472 66.18 2.19 -20.73
N GLY J 473 65.69 1.44 -21.71
CA GLY J 473 66.09 0.05 -21.91
C GLY J 473 65.26 -0.96 -21.16
N ASN J 474 65.94 -1.94 -20.58
CA ASN J 474 65.29 -3.03 -19.84
C ASN J 474 65.21 -2.72 -18.33
N TYR J 475 65.20 -1.43 -18.02
CA TYR J 475 65.11 -0.92 -16.66
C TYR J 475 63.65 -0.88 -16.24
N GLY J 476 63.33 -1.60 -15.17
CA GLY J 476 61.94 -1.68 -14.70
C GLY J 476 61.78 -1.79 -13.20
N TYR J 477 60.58 -2.16 -12.78
CA TYR J 477 60.26 -2.29 -11.36
C TYR J 477 60.01 -3.74 -10.97
N ASN J 478 60.73 -4.21 -9.95
CA ASN J 478 60.53 -5.52 -9.37
C ASN J 478 59.56 -5.40 -8.20
N ALA J 479 58.34 -5.90 -8.41
CA ALA J 479 57.29 -5.81 -7.41
C ALA J 479 57.51 -6.75 -6.23
N ALA J 480 58.20 -7.86 -6.46
CA ALA J 480 58.47 -8.83 -5.39
C ALA J 480 59.44 -8.27 -4.33
N THR J 481 60.47 -7.58 -4.79
CA THR J 481 61.52 -7.06 -3.90
C THR J 481 61.39 -5.55 -3.62
N GLU J 482 60.47 -4.90 -4.33
CA GLU J 482 60.28 -3.45 -4.26
C GLU J 482 61.53 -2.67 -4.66
N GLU J 483 62.30 -3.26 -5.58
CA GLU J 483 63.57 -2.69 -6.05
C GLU J 483 63.52 -2.42 -7.55
N TYR J 484 64.15 -1.35 -7.99
CA TYR J 484 64.32 -1.06 -9.41
C TYR J 484 65.57 -1.76 -9.93
N GLY J 485 65.67 -1.87 -11.26
CA GLY J 485 66.88 -2.42 -11.89
C GLY J 485 66.63 -3.07 -13.23
N ASN J 486 67.68 -3.69 -13.76
CA ASN J 486 67.60 -4.42 -15.01
C ASN J 486 66.75 -5.68 -14.84
N MET J 487 65.70 -5.78 -15.63
CA MET J 487 64.74 -6.88 -15.52
C MET J 487 65.33 -8.22 -15.92
N ILE J 488 66.07 -8.22 -17.03
CA ILE J 488 66.71 -9.44 -17.54
C ILE J 488 67.68 -10.02 -16.52
N ASP J 489 68.48 -9.14 -15.91
CA ASP J 489 69.45 -9.53 -14.88
C ASP J 489 68.76 -10.05 -13.61
N MET J 490 67.55 -9.57 -13.35
CA MET J 490 66.77 -9.98 -12.18
C MET J 490 65.91 -11.21 -12.44
N GLY J 491 65.96 -11.73 -13.66
CA GLY J 491 65.23 -12.94 -14.02
C GLY J 491 63.76 -12.72 -14.31
N ILE J 492 63.33 -11.46 -14.31
CA ILE J 492 61.97 -11.11 -14.63
C ILE J 492 61.83 -10.92 -16.13
N LEU J 493 61.21 -11.89 -16.79
CA LEU J 493 61.04 -11.82 -18.24
C LEU J 493 59.77 -12.52 -18.73
N ASP J 494 59.23 -12.01 -19.83
CA ASP J 494 58.05 -12.57 -20.46
C ASP J 494 58.38 -12.98 -21.88
N PRO J 495 57.92 -14.18 -22.29
CA PRO J 495 58.09 -14.61 -23.67
C PRO J 495 57.43 -13.61 -24.62
N THR J 496 58.15 -13.20 -25.65
CA THR J 496 57.65 -12.20 -26.59
C THR J 496 56.27 -12.62 -27.12
N LYS J 497 56.13 -13.91 -27.41
CA LYS J 497 54.89 -14.48 -27.97
C LYS J 497 53.68 -14.16 -27.10
N VAL J 498 53.81 -14.34 -25.79
CA VAL J 498 52.69 -14.09 -24.89
C VAL J 498 52.26 -12.63 -24.84
N THR J 499 53.24 -11.72 -24.87
CA THR J 499 52.96 -10.29 -24.81
C THR J 499 52.35 -9.83 -26.13
N ARG J 500 52.80 -10.42 -27.23
CA ARG J 500 52.25 -10.12 -28.56
C ARG J 500 50.81 -10.59 -28.65
N SER J 501 50.55 -11.78 -28.13
CA SER J 501 49.20 -12.34 -28.10
C SER J 501 48.30 -11.51 -27.20
N ALA J 502 48.79 -11.19 -26.00
CA ALA J 502 48.01 -10.40 -25.06
C ALA J 502 47.56 -9.05 -25.63
N LEU J 503 48.44 -8.40 -26.41
CA LEU J 503 48.13 -7.08 -26.96
C LEU J 503 47.19 -7.19 -28.15
N GLN J 504 47.53 -8.07 -29.09
CA GLN J 504 46.76 -8.20 -30.32
C GLN J 504 45.31 -8.59 -30.06
N TYR J 505 45.11 -9.61 -29.24
CA TYR J 505 43.77 -10.09 -28.95
C TYR J 505 42.95 -9.04 -28.24
N ALA J 506 43.55 -8.40 -27.24
CA ALA J 506 42.87 -7.36 -26.47
C ALA J 506 42.44 -6.18 -27.34
N ALA J 507 43.23 -5.89 -28.38
CA ALA J 507 42.90 -4.84 -29.32
C ALA J 507 41.80 -5.28 -30.28
N SER J 508 41.85 -6.55 -30.67
CA SER J 508 40.90 -7.11 -31.61
C SER J 508 39.47 -6.97 -31.09
N VAL J 509 39.24 -7.36 -29.83
CA VAL J 509 37.91 -7.28 -29.23
C VAL J 509 37.48 -5.83 -28.95
N ALA J 510 38.40 -5.01 -28.45
CA ALA J 510 38.11 -3.62 -28.17
C ALA J 510 37.67 -2.89 -29.44
N GLY J 511 38.34 -3.22 -30.54
CA GLY J 511 38.01 -2.69 -31.86
C GLY J 511 36.59 -3.01 -32.26
N LEU J 512 36.19 -4.26 -32.06
CA LEU J 512 34.83 -4.70 -32.35
C LEU J 512 33.81 -4.04 -31.42
N MET J 513 34.19 -3.89 -30.15
CA MET J 513 33.29 -3.33 -29.16
C MET J 513 33.10 -1.83 -29.27
N ILE J 514 34.12 -1.14 -29.76
CA ILE J 514 34.02 0.30 -29.97
C ILE J 514 33.08 0.61 -31.14
N THR J 515 33.07 -0.28 -32.13
CA THR J 515 32.22 -0.10 -33.30
C THR J 515 30.83 -0.67 -33.10
N THR J 516 30.43 -0.91 -31.85
CA THR J 516 29.10 -1.44 -31.56
C THR J 516 28.06 -0.32 -31.38
N GLU J 517 26.94 -0.46 -32.08
CA GLU J 517 25.85 0.50 -32.00
C GLU J 517 24.54 -0.12 -31.54
N CYS J 518 24.36 -1.41 -31.78
CA CYS J 518 23.10 -2.06 -31.45
C CYS J 518 23.31 -3.41 -30.79
N MET J 519 22.55 -3.66 -29.74
CA MET J 519 22.62 -4.93 -29.03
C MET J 519 21.26 -5.61 -28.93
N VAL J 520 21.22 -6.90 -29.28
CA VAL J 520 19.99 -7.67 -29.27
C VAL J 520 20.14 -8.89 -28.38
N THR J 521 19.33 -8.96 -27.33
CA THR J 521 19.35 -10.08 -26.40
C THR J 521 17.95 -10.52 -25.98
N ASP J 522 17.88 -11.68 -25.32
CA ASP J 522 16.62 -12.20 -24.81
C ASP J 522 16.03 -11.34 -23.68
N LEU J 523 14.71 -11.38 -23.58
CA LEU J 523 13.97 -10.57 -22.62
C LEU J 523 14.00 -11.19 -21.21
N PRO J 524 14.25 -10.38 -20.17
CA PRO J 524 14.27 -10.86 -18.78
C PRO J 524 12.89 -11.35 -18.30
N ALA K 1 24.90 -20.46 -15.55
CA ALA K 1 24.35 -19.94 -14.26
C ALA K 1 24.81 -18.51 -13.95
N ALA K 2 23.84 -17.63 -13.71
CA ALA K 2 24.10 -16.23 -13.38
C ALA K 2 24.82 -16.12 -12.06
N LYS K 3 25.81 -15.24 -12.01
CA LYS K 3 26.68 -15.12 -10.83
C LYS K 3 26.62 -13.74 -10.18
N ASP K 4 26.94 -13.69 -8.89
CA ASP K 4 27.00 -12.45 -8.13
C ASP K 4 28.46 -12.21 -7.78
N VAL K 5 28.94 -10.99 -7.97
CA VAL K 5 30.35 -10.69 -7.70
C VAL K 5 30.51 -9.50 -6.76
N LYS K 6 31.25 -9.70 -5.68
CA LYS K 6 31.55 -8.62 -4.73
C LYS K 6 33.06 -8.37 -4.62
N PHE K 7 33.41 -7.10 -4.47
CA PHE K 7 34.82 -6.69 -4.46
C PHE K 7 35.26 -6.05 -3.16
N GLY K 8 36.53 -6.29 -2.83
CA GLY K 8 37.24 -5.57 -1.77
C GLY K 8 36.62 -5.62 -0.40
N ASN K 9 36.50 -4.45 0.22
CA ASN K 9 36.01 -4.31 1.58
C ASN K 9 34.63 -4.92 1.76
N ASP K 10 33.74 -4.64 0.79
CA ASP K 10 32.41 -5.22 0.72
C ASP K 10 32.44 -6.76 0.74
N ALA K 11 33.40 -7.34 0.03
CA ALA K 11 33.51 -8.79 -0.08
C ALA K 11 34.06 -9.41 1.19
N ARG K 12 34.95 -8.69 1.86
CA ARG K 12 35.64 -9.21 3.05
C ARG K 12 34.76 -9.26 4.28
N VAL K 13 33.95 -8.21 4.48
CA VAL K 13 33.07 -8.15 5.65
C VAL K 13 32.05 -9.29 5.66
N LYS K 14 31.75 -9.83 4.48
CA LYS K 14 30.86 -10.99 4.35
C LYS K 14 31.55 -12.28 4.76
N MET K 15 32.87 -12.35 4.55
CA MET K 15 33.64 -13.49 5.04
C MET K 15 33.75 -13.46 6.55
N LEU K 16 34.16 -12.31 7.09
CA LEU K 16 34.32 -12.14 8.54
C LEU K 16 33.03 -12.50 9.26
N ARG K 17 31.91 -11.95 8.76
CA ARG K 17 30.59 -12.23 9.29
C ARG K 17 30.30 -13.74 9.21
N GLY K 18 30.78 -14.36 8.15
CA GLY K 18 30.59 -15.79 7.92
C GLY K 18 31.42 -16.65 8.84
N VAL K 19 32.71 -16.32 8.99
CA VAL K 19 33.59 -17.10 9.87
C VAL K 19 33.20 -16.92 11.34
N ASN K 20 32.74 -15.72 11.69
CA ASN K 20 32.32 -15.42 13.05
C ASN K 20 31.17 -16.29 13.54
N VAL K 21 30.29 -16.68 12.61
CA VAL K 21 29.22 -17.61 12.94
C VAL K 21 29.79 -18.99 13.26
N LEU K 22 30.59 -19.54 12.35
CA LEU K 22 31.21 -20.83 12.59
C LEU K 22 32.11 -20.84 13.83
N ALA K 23 32.89 -19.77 14.01
CA ALA K 23 33.80 -19.71 15.15
C ALA K 23 33.04 -19.65 16.46
N ASP K 24 32.08 -18.73 16.57
CA ASP K 24 31.34 -18.53 17.81
C ASP K 24 30.52 -19.75 18.19
N ALA K 25 30.15 -20.55 17.19
CA ALA K 25 29.41 -21.79 17.43
C ALA K 25 30.31 -22.90 17.91
N VAL K 26 31.61 -22.77 17.63
CA VAL K 26 32.58 -23.79 18.01
C VAL K 26 33.39 -23.42 19.27
N LYS K 27 33.79 -22.15 19.35
CA LYS K 27 34.62 -21.68 20.46
C LYS K 27 33.99 -21.82 21.84
N VAL K 28 32.67 -22.01 21.88
CA VAL K 28 31.96 -22.18 23.15
C VAL K 28 32.17 -23.56 23.75
N THR K 29 32.71 -24.47 22.96
CA THR K 29 32.88 -25.85 23.39
C THR K 29 34.33 -26.16 23.74
N LEU K 30 35.12 -25.12 23.96
CA LEU K 30 36.54 -25.29 24.24
C LEU K 30 36.79 -25.56 25.71
N GLY K 31 37.78 -26.40 25.98
CA GLY K 31 38.17 -26.69 27.35
C GLY K 31 37.25 -27.69 28.05
N PRO K 32 37.45 -27.87 29.36
CA PRO K 32 36.60 -28.75 30.14
C PRO K 32 35.44 -27.98 30.79
N LYS K 33 35.57 -26.66 30.82
CA LYS K 33 34.47 -25.80 31.28
C LYS K 33 33.62 -25.39 30.07
N GLY K 34 33.69 -26.18 29.00
CA GLY K 34 32.96 -25.96 27.76
C GLY K 34 31.44 -26.09 27.88
N ARG K 35 30.76 -25.50 26.91
CA ARG K 35 29.30 -25.49 26.86
C ARG K 35 28.78 -26.48 25.82
N ASN K 36 27.51 -26.86 25.97
CA ASN K 36 26.87 -27.77 25.04
C ASN K 36 26.30 -27.02 23.85
N VAL K 37 26.45 -27.60 22.66
CA VAL K 37 25.82 -27.06 21.46
C VAL K 37 24.83 -28.09 20.96
N VAL K 38 23.58 -27.66 20.76
CA VAL K 38 22.50 -28.57 20.33
C VAL K 38 22.28 -28.47 18.83
N LEU K 39 22.34 -29.63 18.18
CA LEU K 39 22.18 -29.73 16.73
C LEU K 39 20.89 -30.46 16.37
N ASP K 40 20.07 -29.82 15.55
CA ASP K 40 18.76 -30.36 15.20
C ASP K 40 18.87 -31.42 14.12
N LYS K 41 18.02 -32.43 14.24
CA LYS K 41 17.83 -33.46 13.24
C LYS K 41 16.35 -33.55 12.87
N SER K 42 16.07 -33.87 11.61
CA SER K 42 14.70 -34.02 11.14
C SER K 42 13.99 -35.20 11.83
N PHE K 43 14.71 -36.31 11.99
CA PHE K 43 14.16 -37.50 12.63
C PHE K 43 14.36 -37.49 14.14
N GLY K 44 13.26 -37.28 14.87
CA GLY K 44 13.23 -37.40 16.32
C GLY K 44 14.00 -36.36 17.13
N ALA K 45 14.70 -36.85 18.16
CA ALA K 45 15.41 -36.03 19.15
C ALA K 45 16.64 -35.29 18.60
N PRO K 46 16.90 -34.07 19.12
CA PRO K 46 18.10 -33.33 18.72
C PRO K 46 19.35 -33.91 19.36
N THR K 47 20.51 -33.65 18.75
CA THR K 47 21.80 -34.11 19.27
C THR K 47 22.44 -33.03 20.11
N ILE K 48 22.76 -33.37 21.37
CA ILE K 48 23.48 -32.47 22.24
C ILE K 48 24.93 -32.95 22.30
N THR K 49 25.86 -32.10 21.89
CA THR K 49 27.27 -32.48 21.84
C THR K 49 28.22 -31.33 22.17
N LYS K 50 29.44 -31.69 22.54
CA LYS K 50 30.52 -30.73 22.79
C LYS K 50 31.61 -30.86 21.72
N ASP K 51 31.50 -31.89 20.88
CA ASP K 51 32.50 -32.17 19.84
C ASP K 51 32.54 -31.09 18.76
N GLY K 52 33.62 -30.32 18.75
CA GLY K 52 33.79 -29.19 17.84
C GLY K 52 33.73 -29.53 16.36
N VAL K 53 33.99 -30.80 16.04
CA VAL K 53 33.94 -31.28 14.66
C VAL K 53 32.48 -31.43 14.23
N SER K 54 31.68 -32.08 15.07
CA SER K 54 30.26 -32.31 14.79
C SER K 54 29.50 -31.00 14.62
N VAL K 55 29.89 -29.98 15.39
CA VAL K 55 29.28 -28.65 15.33
C VAL K 55 29.71 -27.92 14.06
N ALA K 56 31.00 -27.98 13.76
CA ALA K 56 31.52 -27.34 12.56
C ALA K 56 30.87 -27.89 11.29
N ARG K 57 30.78 -29.21 11.18
CA ARG K 57 30.19 -29.89 10.03
C ARG K 57 28.77 -29.40 9.69
N GLU K 58 28.01 -29.06 10.73
CA GLU K 58 26.60 -28.68 10.57
C GLU K 58 26.40 -27.25 10.08
N ILE K 59 27.38 -26.38 10.30
CA ILE K 59 27.25 -24.97 9.93
C ILE K 59 27.29 -24.78 8.42
N GLU K 60 26.27 -24.07 7.91
CA GLU K 60 26.17 -23.69 6.50
C GLU K 60 25.17 -22.54 6.41
N LEU K 61 25.65 -21.36 6.05
CA LEU K 61 24.84 -20.15 6.14
C LEU K 61 23.95 -19.86 4.92
N GLU K 62 22.99 -18.95 5.09
CA GLU K 62 22.06 -18.59 4.03
C GLU K 62 22.70 -17.68 3.00
N ASP K 63 23.24 -16.56 3.47
CA ASP K 63 23.92 -15.61 2.59
C ASP K 63 25.12 -16.30 1.94
N LYS K 64 25.06 -16.45 0.63
CA LYS K 64 26.06 -17.22 -0.12
C LYS K 64 27.51 -16.83 0.19
N PHE K 65 27.75 -15.53 0.30
CA PHE K 65 29.07 -14.99 0.61
C PHE K 65 29.49 -15.32 2.04
N GLU K 66 28.57 -15.13 2.98
CA GLU K 66 28.79 -15.53 4.37
C GLU K 66 29.10 -17.03 4.45
N ASN K 67 28.30 -17.82 3.72
CA ASN K 67 28.49 -19.26 3.67
C ASN K 67 29.91 -19.61 3.26
N MET K 68 30.40 -18.93 2.24
CA MET K 68 31.76 -19.14 1.74
C MET K 68 32.78 -18.96 2.86
N GLY K 69 32.70 -17.81 3.53
CA GLY K 69 33.58 -17.51 4.65
C GLY K 69 33.60 -18.68 5.61
N ALA K 70 32.41 -18.99 6.14
CA ALA K 70 32.23 -20.08 7.09
C ALA K 70 32.78 -21.42 6.57
N GLN K 71 32.48 -21.73 5.31
CA GLN K 71 32.91 -22.99 4.72
C GLN K 71 34.40 -23.04 4.49
N MET K 72 35.04 -21.89 4.44
CA MET K 72 36.49 -21.82 4.27
C MET K 72 37.25 -22.23 5.53
N VAL K 73 36.87 -21.69 6.67
CA VAL K 73 37.51 -22.04 7.95
C VAL K 73 37.11 -23.43 8.44
N LYS K 74 35.99 -23.93 7.93
CA LYS K 74 35.51 -25.28 8.20
C LYS K 74 36.48 -26.30 7.60
N GLU K 75 37.02 -25.97 6.42
CA GLU K 75 38.00 -26.80 5.72
C GLU K 75 39.28 -27.04 6.50
N VAL K 76 39.52 -26.18 7.48
CA VAL K 76 40.72 -26.24 8.30
C VAL K 76 40.48 -27.17 9.48
N ALA K 77 39.39 -26.89 10.20
CA ALA K 77 38.95 -27.72 11.30
C ALA K 77 39.00 -29.19 10.92
N SER K 78 38.40 -29.54 9.78
CA SER K 78 38.36 -30.93 9.31
C SER K 78 39.75 -31.46 8.94
N LYS K 79 40.64 -30.56 8.48
CA LYS K 79 42.00 -30.95 8.10
C LYS K 79 42.94 -31.10 9.31
N ALA K 80 42.69 -30.31 10.35
CA ALA K 80 43.39 -30.48 11.60
C ALA K 80 43.02 -31.85 12.19
N ASN K 81 41.75 -32.22 12.04
CA ASN K 81 41.23 -33.52 12.45
C ASN K 81 41.90 -34.66 11.69
N ASP K 82 42.24 -34.40 10.44
CA ASP K 82 42.87 -35.41 9.57
C ASP K 82 44.34 -35.62 9.96
N ALA K 83 44.96 -34.56 10.47
CA ALA K 83 46.37 -34.60 10.83
C ALA K 83 46.62 -35.27 12.18
N ALA K 84 45.79 -34.91 13.16
CA ALA K 84 46.02 -35.37 14.54
C ALA K 84 44.78 -36.08 15.08
N GLY K 85 43.61 -35.48 14.88
CA GLY K 85 42.38 -35.98 15.45
C GLY K 85 41.95 -35.21 16.68
N ASP K 86 42.85 -34.38 17.21
CA ASP K 86 42.53 -33.46 18.28
C ASP K 86 42.64 -32.01 17.83
N GLY K 87 42.13 -31.10 18.64
CA GLY K 87 42.47 -29.70 18.52
C GLY K 87 41.83 -29.04 17.31
N THR K 88 40.64 -29.52 16.94
CA THR K 88 39.87 -28.89 15.89
C THR K 88 39.23 -27.60 16.37
N THR K 89 38.78 -27.59 17.62
CA THR K 89 38.25 -26.38 18.23
C THR K 89 39.38 -25.35 18.43
N THR K 90 40.54 -25.84 18.84
CA THR K 90 41.72 -24.99 19.05
C THR K 90 42.22 -24.37 17.74
N ALA K 91 42.06 -25.10 16.64
CA ALA K 91 42.39 -24.56 15.33
C ALA K 91 41.46 -23.40 14.99
N THR K 92 40.16 -23.62 15.18
CA THR K 92 39.13 -22.67 14.76
C THR K 92 39.19 -21.38 15.57
N VAL K 93 39.53 -21.49 16.86
CA VAL K 93 39.63 -20.28 17.69
C VAL K 93 40.81 -19.43 17.30
N LEU K 94 41.86 -20.10 16.80
CA LEU K 94 43.07 -19.44 16.30
C LEU K 94 42.77 -18.73 14.99
N ALA K 95 42.21 -19.49 14.04
CA ALA K 95 41.86 -18.98 12.71
C ALA K 95 41.04 -17.71 12.79
N GLN K 96 40.04 -17.70 13.66
CA GLN K 96 39.21 -16.53 13.86
C GLN K 96 40.06 -15.34 14.31
N ALA K 97 40.92 -15.58 15.31
CA ALA K 97 41.75 -14.54 15.92
C ALA K 97 42.77 -13.92 14.96
N ILE K 98 43.24 -14.71 14.00
CA ILE K 98 44.15 -14.21 12.96
C ILE K 98 43.36 -13.44 11.91
N ILE K 99 42.19 -13.95 11.54
CA ILE K 99 41.36 -13.31 10.53
C ILE K 99 40.80 -11.97 11.03
N THR K 100 40.21 -11.98 12.22
CA THR K 100 39.59 -10.77 12.77
C THR K 100 40.59 -9.63 12.89
N GLU K 101 41.76 -9.94 13.45
CA GLU K 101 42.82 -8.95 13.65
C GLU K 101 43.55 -8.63 12.34
N GLY K 102 43.63 -9.63 11.46
CA GLY K 102 44.23 -9.46 10.15
C GLY K 102 43.46 -8.48 9.30
N LEU K 103 42.16 -8.75 9.13
CA LEU K 103 41.29 -7.90 8.32
C LEU K 103 41.21 -6.47 8.84
N LYS K 104 41.32 -6.31 10.16
CA LYS K 104 41.41 -4.99 10.78
C LYS K 104 42.55 -4.16 10.19
N ALA K 105 43.69 -4.83 9.98
CA ALA K 105 44.88 -4.19 9.42
C ALA K 105 44.71 -3.87 7.94
N VAL K 106 44.04 -4.77 7.22
CA VAL K 106 43.80 -4.59 5.80
C VAL K 106 42.90 -3.38 5.59
N ALA K 107 41.88 -3.27 6.43
CA ALA K 107 40.93 -2.16 6.38
C ALA K 107 41.56 -0.84 6.81
N ALA K 108 42.60 -0.94 7.65
CA ALA K 108 43.38 0.23 8.07
C ALA K 108 44.23 0.76 6.92
N GLY K 109 44.53 -0.11 5.96
CA GLY K 109 45.22 0.28 4.74
C GLY K 109 46.62 -0.31 4.66
N MET K 110 46.74 -1.60 4.96
CA MET K 110 48.02 -2.30 4.94
C MET K 110 48.03 -3.39 3.88
N ASN K 111 49.22 -3.71 3.37
CA ASN K 111 49.37 -4.67 2.29
C ASN K 111 49.08 -6.09 2.77
N PRO K 112 48.04 -6.72 2.20
CA PRO K 112 47.67 -8.08 2.60
C PRO K 112 48.81 -9.08 2.36
N MET K 113 49.51 -8.94 1.24
CA MET K 113 50.61 -9.83 0.91
C MET K 113 51.77 -9.75 1.90
N ASP K 114 51.99 -8.56 2.46
CA ASP K 114 52.98 -8.36 3.52
C ASP K 114 52.46 -8.88 4.86
N LEU K 115 51.15 -8.82 5.06
CA LEU K 115 50.54 -9.31 6.28
C LEU K 115 50.59 -10.83 6.32
N LYS K 116 50.42 -11.46 5.17
CA LYS K 116 50.48 -12.92 5.09
C LYS K 116 51.88 -13.42 5.44
N ARG K 117 52.88 -12.82 4.80
CA ARG K 117 54.28 -13.20 5.01
C ARG K 117 54.72 -12.97 6.45
N GLY K 118 54.15 -11.93 7.08
CA GLY K 118 54.41 -11.64 8.49
C GLY K 118 53.87 -12.74 9.40
N ILE K 119 52.67 -13.21 9.10
CA ILE K 119 52.03 -14.30 9.83
C ILE K 119 52.80 -15.60 9.65
N ASP K 120 53.09 -15.96 8.41
CA ASP K 120 53.75 -17.23 8.11
C ASP K 120 55.15 -17.33 8.71
N LYS K 121 55.87 -16.21 8.75
CA LYS K 121 57.21 -16.18 9.35
C LYS K 121 57.12 -16.33 10.86
N ALA K 122 56.10 -15.68 11.43
CA ALA K 122 55.83 -15.81 12.87
C ALA K 122 55.44 -17.23 13.23
N VAL K 123 54.73 -17.90 12.32
CA VAL K 123 54.31 -19.28 12.51
C VAL K 123 55.50 -20.26 12.38
N THR K 124 56.29 -20.11 11.32
CA THR K 124 57.46 -20.97 11.10
C THR K 124 58.42 -20.87 12.28
N ALA K 125 58.48 -19.68 12.89
CA ALA K 125 59.29 -19.45 14.08
C ALA K 125 58.63 -20.05 15.31
N ALA K 126 57.30 -20.07 15.32
CA ALA K 126 56.55 -20.59 16.46
C ALA K 126 56.61 -22.12 16.52
N VAL K 127 56.57 -22.74 15.34
CA VAL K 127 56.74 -24.19 15.25
C VAL K 127 58.14 -24.61 15.68
N GLU K 128 59.12 -23.78 15.34
CA GLU K 128 60.50 -23.99 15.71
C GLU K 128 60.71 -23.82 17.22
N GLU K 129 60.04 -22.82 17.80
CA GLU K 129 60.10 -22.58 19.24
C GLU K 129 59.33 -23.65 20.01
N LEU K 130 58.31 -24.20 19.38
CA LEU K 130 57.45 -25.22 19.99
C LEU K 130 58.21 -26.53 20.17
N LYS K 131 59.04 -26.89 19.19
CA LYS K 131 59.86 -28.10 19.26
C LYS K 131 60.83 -28.07 20.43
N ALA K 132 61.29 -26.86 20.79
CA ALA K 132 62.19 -26.67 21.93
C ALA K 132 61.47 -26.80 23.27
N LEU K 133 60.19 -26.43 23.28
CA LEU K 133 59.37 -26.48 24.49
C LEU K 133 58.80 -27.89 24.74
N SER K 134 58.88 -28.74 23.72
CA SER K 134 58.35 -30.10 23.78
C SER K 134 59.15 -31.03 24.69
N VAL K 135 58.43 -31.82 25.49
CA VAL K 135 59.03 -32.83 26.34
C VAL K 135 58.75 -34.20 25.75
N PRO K 136 59.78 -34.86 25.20
CA PRO K 136 59.59 -36.12 24.46
C PRO K 136 59.13 -37.28 25.34
N CYS K 137 58.45 -38.23 24.71
CA CYS K 137 58.07 -39.49 25.36
C CYS K 137 58.82 -40.67 24.71
N SER K 138 59.91 -41.08 25.34
CA SER K 138 60.81 -42.11 24.81
C SER K 138 60.52 -43.49 25.40
N ASP K 139 60.78 -43.64 26.71
CA ASP K 139 60.60 -44.92 27.40
C ASP K 139 59.12 -45.28 27.59
N SER K 140 58.84 -46.58 27.70
CA SER K 140 57.46 -47.10 27.79
C SER K 140 56.77 -46.84 29.14
N LYS K 141 57.48 -46.17 30.06
CA LYS K 141 56.93 -45.77 31.36
C LYS K 141 56.25 -44.41 31.27
N ALA K 142 56.84 -43.49 30.50
CA ALA K 142 56.26 -42.17 30.27
C ALA K 142 55.18 -42.21 29.18
N ILE K 143 55.22 -43.25 28.35
CA ILE K 143 54.20 -43.51 27.34
C ILE K 143 52.89 -43.94 28.01
N ALA K 144 53.01 -44.68 29.11
CA ALA K 144 51.86 -45.14 29.89
C ALA K 144 51.13 -43.98 30.58
N GLN K 145 51.87 -42.94 30.95
CA GLN K 145 51.31 -41.75 31.60
C GLN K 145 50.37 -40.96 30.69
N VAL K 146 50.70 -40.90 29.40
CA VAL K 146 49.91 -40.15 28.42
C VAL K 146 48.58 -40.87 28.11
N GLY K 147 48.64 -42.20 27.98
CA GLY K 147 47.46 -43.01 27.73
C GLY K 147 46.49 -43.08 28.90
N THR K 148 47.00 -42.82 30.10
CA THR K 148 46.20 -42.85 31.33
C THR K 148 45.33 -41.59 31.49
N ILE K 149 45.94 -40.41 31.36
CA ILE K 149 45.25 -39.13 31.56
C ILE K 149 44.31 -38.76 30.40
N SER K 150 44.61 -39.30 29.21
CA SER K 150 43.78 -39.10 28.02
C SER K 150 42.48 -39.92 28.05
N ALA K 151 42.49 -41.00 28.84
CA ALA K 151 41.32 -41.87 29.01
C ALA K 151 40.63 -41.67 30.36
N ASN K 152 40.66 -40.43 30.86
CA ASN K 152 40.06 -40.04 32.15
C ASN K 152 40.57 -40.84 33.37
N SER K 153 41.87 -40.70 33.63
CA SER K 153 42.56 -41.34 34.78
C SER K 153 42.39 -42.86 34.90
N ASP K 154 42.29 -43.54 33.75
CA ASP K 154 42.13 -44.99 33.71
C ASP K 154 43.48 -45.65 33.44
N GLU K 155 43.97 -46.42 34.41
CA GLU K 155 45.29 -47.05 34.34
C GLU K 155 45.31 -48.32 33.48
N THR K 156 44.14 -48.95 33.32
CA THR K 156 44.01 -50.16 32.51
C THR K 156 44.22 -49.87 31.03
N VAL K 157 43.82 -48.67 30.60
CA VAL K 157 43.97 -48.24 29.22
C VAL K 157 45.45 -48.03 28.87
N GLY K 158 46.15 -47.26 29.70
CA GLY K 158 47.56 -46.93 29.49
C GLY K 158 48.48 -48.13 29.53
N LYS K 159 48.10 -49.15 30.30
CA LYS K 159 48.87 -50.38 30.42
C LYS K 159 48.83 -51.19 29.13
N LEU K 160 47.68 -51.20 28.47
CA LEU K 160 47.49 -51.95 27.23
C LEU K 160 48.26 -51.36 26.06
N ILE K 161 48.26 -50.04 25.97
CA ILE K 161 48.98 -49.32 24.90
C ILE K 161 50.49 -49.57 25.01
N ALA K 162 51.02 -49.48 26.23
CA ALA K 162 52.45 -49.70 26.48
C ALA K 162 52.89 -51.12 26.13
N GLU K 163 52.02 -52.10 26.40
CA GLU K 163 52.29 -53.50 26.05
C GLU K 163 52.18 -53.74 24.55
N ALA K 164 51.30 -52.98 23.90
CA ALA K 164 51.12 -53.09 22.45
C ALA K 164 52.30 -52.49 21.69
N MET K 165 52.81 -51.37 22.21
CA MET K 165 53.95 -50.68 21.61
C MET K 165 55.27 -51.40 21.90
N ASP K 166 55.26 -52.25 22.92
CA ASP K 166 56.44 -53.05 23.27
C ASP K 166 56.56 -54.28 22.37
N LYS K 167 55.47 -54.59 21.64
CA LYS K 167 55.43 -55.75 20.75
C LYS K 167 55.79 -55.42 19.30
N VAL K 168 55.14 -54.40 18.74
CA VAL K 168 55.34 -54.03 17.33
C VAL K 168 56.29 -52.84 17.14
N GLY K 169 56.56 -52.12 18.23
CA GLY K 169 57.45 -50.97 18.20
C GLY K 169 56.71 -49.65 18.15
N LYS K 170 57.46 -48.55 18.07
CA LYS K 170 56.89 -47.21 18.03
C LYS K 170 56.34 -46.88 16.64
N GLU K 171 56.91 -47.52 15.63
CA GLU K 171 56.49 -47.34 14.24
C GLU K 171 55.42 -48.38 13.85
N GLY K 172 55.25 -49.40 14.70
CA GLY K 172 54.34 -50.51 14.43
C GLY K 172 52.87 -50.15 14.35
N VAL K 173 52.06 -51.06 13.81
CA VAL K 173 50.64 -50.81 13.59
C VAL K 173 49.81 -51.39 14.74
N ILE K 174 48.98 -50.54 15.35
CA ILE K 174 48.14 -50.96 16.47
C ILE K 174 46.66 -50.68 16.17
N THR K 175 45.83 -51.70 16.35
CA THR K 175 44.38 -51.60 16.08
C THR K 175 43.55 -52.13 17.24
N VAL K 176 42.39 -51.52 17.44
CA VAL K 176 41.46 -51.91 18.49
C VAL K 176 40.17 -52.45 17.88
N GLU K 177 39.71 -53.58 18.41
CA GLU K 177 38.41 -54.17 18.02
C GLU K 177 37.64 -54.69 19.23
N ASP K 178 36.40 -55.12 18.99
CA ASP K 178 35.51 -55.61 20.05
C ASP K 178 36.07 -56.85 20.75
N GLY K 179 35.83 -56.93 22.06
CA GLY K 179 36.34 -58.04 22.87
C GLY K 179 35.49 -59.28 22.83
N THR K 180 36.07 -60.39 23.27
CA THR K 180 35.40 -61.69 23.28
C THR K 180 34.70 -61.98 24.60
N GLY K 181 35.28 -61.48 25.70
CA GLY K 181 34.76 -61.76 27.03
C GLY K 181 35.10 -60.72 28.09
N LEU K 182 35.72 -61.17 29.17
CA LEU K 182 35.88 -60.37 30.38
C LEU K 182 37.29 -59.84 30.61
N GLN K 183 38.26 -60.29 29.82
CA GLN K 183 39.63 -59.81 29.97
C GLN K 183 40.17 -59.23 28.68
N ASP K 184 41.03 -58.22 28.82
CA ASP K 184 41.66 -57.56 27.68
C ASP K 184 42.69 -58.50 27.05
N GLU K 185 42.53 -58.75 25.75
CA GLU K 185 43.43 -59.65 25.01
C GLU K 185 44.36 -58.88 24.08
N LEU K 186 45.52 -59.46 23.82
CA LEU K 186 46.53 -58.84 22.98
C LEU K 186 47.31 -59.89 22.18
N ASP K 187 47.07 -59.93 20.88
CA ASP K 187 47.79 -60.82 19.97
C ASP K 187 48.44 -60.02 18.84
N VAL K 188 49.51 -60.56 18.28
CA VAL K 188 50.13 -59.99 17.08
C VAL K 188 49.89 -60.92 15.89
N VAL K 189 49.03 -60.47 14.98
CA VAL K 189 48.66 -61.26 13.80
C VAL K 189 49.24 -60.68 12.52
N GLU K 190 49.40 -61.54 11.51
CA GLU K 190 49.99 -61.18 10.23
C GLU K 190 49.11 -60.20 9.45
N GLY K 191 49.54 -58.95 9.39
CA GLY K 191 48.78 -57.89 8.72
C GLY K 191 49.66 -56.79 8.16
N MET K 192 49.02 -55.78 7.57
CA MET K 192 49.74 -54.67 6.93
C MET K 192 48.91 -53.39 6.88
N GLN K 193 49.58 -52.24 6.91
CA GLN K 193 48.91 -50.94 6.77
C GLN K 193 49.65 -50.06 5.77
N PHE K 194 48.91 -49.51 4.80
CA PHE K 194 49.47 -48.61 3.80
C PHE K 194 48.74 -47.27 3.73
N ASP K 195 49.40 -46.27 3.16
CA ASP K 195 48.86 -44.92 3.17
C ASP K 195 48.05 -44.60 1.89
N ARG K 196 47.06 -45.45 1.62
CA ARG K 196 46.04 -45.24 0.58
C ARG K 196 44.67 -45.62 1.15
N GLY K 197 43.73 -44.67 1.12
CA GLY K 197 42.41 -44.88 1.75
C GLY K 197 41.26 -45.11 0.78
N TYR K 198 40.03 -45.04 1.28
CA TYR K 198 38.84 -45.22 0.45
C TYR K 198 38.84 -44.23 -0.69
N LEU K 199 38.55 -44.71 -1.90
CA LEU K 199 38.56 -43.85 -3.06
C LEU K 199 37.31 -42.97 -3.09
N SER K 200 36.23 -43.48 -2.49
CA SER K 200 35.00 -42.71 -2.34
C SER K 200 34.46 -42.79 -0.90
N PRO K 201 34.42 -41.64 -0.19
CA PRO K 201 33.85 -41.56 1.17
C PRO K 201 32.36 -41.95 1.23
N TYR K 202 32.07 -43.21 0.90
CA TYR K 202 30.70 -43.68 0.83
C TYR K 202 30.52 -45.07 1.43
N PHE K 203 31.56 -45.90 1.33
CA PHE K 203 31.52 -47.27 1.86
C PHE K 203 31.50 -47.27 3.39
N ILE K 204 31.76 -46.11 3.99
CA ILE K 204 31.77 -45.90 5.44
C ILE K 204 30.51 -46.45 6.09
N ASN K 205 30.69 -47.28 7.11
CA ASN K 205 29.57 -47.86 7.86
C ASN K 205 29.66 -47.58 9.36
N LYS K 206 30.67 -46.79 9.74
CA LYS K 206 30.90 -46.41 11.13
C LYS K 206 30.43 -44.97 11.40
N PRO K 207 30.28 -44.62 12.70
CA PRO K 207 29.87 -43.25 13.02
C PRO K 207 31.05 -42.29 13.15
N GLU K 208 31.56 -42.13 14.38
CA GLU K 208 32.59 -41.14 14.68
C GLU K 208 33.94 -41.36 13.99
N THR K 209 34.25 -42.62 13.67
CA THR K 209 35.52 -42.97 13.04
C THR K 209 35.58 -42.49 11.58
N GLY K 210 34.44 -42.56 10.89
CA GLY K 210 34.37 -42.24 9.46
C GLY K 210 35.11 -43.27 8.64
N ALA K 211 35.01 -44.53 9.09
CA ALA K 211 35.79 -45.63 8.54
C ALA K 211 34.92 -46.75 7.98
N VAL K 212 35.56 -47.72 7.33
CA VAL K 212 34.85 -48.87 6.79
C VAL K 212 35.28 -50.13 7.53
N GLU K 213 34.30 -50.91 7.96
CA GLU K 213 34.56 -52.20 8.60
C GLU K 213 34.00 -53.33 7.76
N LEU K 214 34.85 -54.31 7.45
CA LEU K 214 34.44 -55.46 6.66
C LEU K 214 34.78 -56.77 7.37
N GLU K 215 33.74 -57.54 7.69
CA GLU K 215 33.88 -58.82 8.40
C GLU K 215 34.10 -59.98 7.45
N SER K 216 35.20 -60.69 7.66
CA SER K 216 35.63 -61.81 6.80
C SER K 216 35.54 -61.45 5.31
N PRO K 217 36.43 -60.55 4.84
CA PRO K 217 36.41 -60.12 3.44
C PRO K 217 37.43 -60.83 2.54
N PHE K 218 37.01 -61.12 1.31
CA PHE K 218 37.91 -61.56 0.25
C PHE K 218 38.74 -60.36 -0.22
N ILE K 219 39.98 -60.60 -0.62
CA ILE K 219 40.84 -59.52 -1.11
C ILE K 219 41.26 -59.78 -2.55
N LEU K 220 41.00 -58.80 -3.41
CA LEU K 220 41.43 -58.84 -4.81
C LEU K 220 42.58 -57.88 -5.06
N LEU K 221 43.55 -58.34 -5.84
CA LEU K 221 44.75 -57.55 -6.15
C LEU K 221 45.03 -57.56 -7.65
N ALA K 222 45.07 -56.37 -8.24
CA ALA K 222 45.24 -56.22 -9.69
C ALA K 222 46.23 -55.10 -10.05
N ASP K 223 47.02 -55.33 -11.10
CA ASP K 223 48.09 -54.41 -11.49
C ASP K 223 47.71 -53.52 -12.68
N LYS K 224 46.44 -53.14 -12.76
CA LYS K 224 45.97 -52.24 -13.81
C LYS K 224 44.73 -51.44 -13.42
N LYS K 225 44.47 -50.36 -14.16
CA LYS K 225 43.38 -49.42 -13.86
C LYS K 225 42.02 -50.00 -14.27
N ILE K 226 41.01 -49.73 -13.45
CA ILE K 226 39.66 -50.27 -13.67
C ILE K 226 38.61 -49.17 -13.81
N SER K 227 37.94 -49.15 -14.97
CA SER K 227 36.93 -48.14 -15.26
C SER K 227 35.60 -48.75 -15.73
N ASN K 228 35.66 -49.86 -16.46
CA ASN K 228 34.45 -50.60 -16.82
C ASN K 228 34.13 -51.67 -15.78
N ILE K 229 32.85 -51.82 -15.45
CA ILE K 229 32.40 -52.81 -14.46
C ILE K 229 32.43 -54.25 -14.99
N ARG K 230 32.07 -54.43 -16.26
CA ARG K 230 32.10 -55.77 -16.87
C ARG K 230 33.54 -56.24 -17.12
N GLU K 231 34.26 -56.45 -16.03
CA GLU K 231 35.60 -57.03 -16.04
C GLU K 231 35.71 -58.00 -14.87
N MET K 232 34.98 -57.70 -13.80
CA MET K 232 35.06 -58.46 -12.56
C MET K 232 33.78 -59.22 -12.22
N LEU K 233 32.79 -59.17 -13.10
CA LEU K 233 31.48 -59.76 -12.83
C LEU K 233 31.43 -61.27 -12.47
N PRO K 234 32.47 -62.06 -12.86
CA PRO K 234 32.55 -63.41 -12.28
C PRO K 234 32.77 -63.42 -10.76
N VAL K 235 33.46 -62.40 -10.27
CA VAL K 235 33.84 -62.30 -8.86
C VAL K 235 32.75 -61.64 -7.99
N LEU K 236 32.05 -60.66 -8.56
CA LEU K 236 30.99 -59.95 -7.85
C LEU K 236 29.66 -60.73 -7.81
N GLU K 237 29.53 -61.73 -8.67
CA GLU K 237 28.40 -62.64 -8.67
C GLU K 237 28.65 -63.88 -7.80
N ALA K 238 29.93 -64.14 -7.52
CA ALA K 238 30.34 -65.21 -6.60
C ALA K 238 30.45 -64.72 -5.16
N VAL K 239 30.43 -63.40 -4.98
CA VAL K 239 30.34 -62.78 -3.66
C VAL K 239 28.89 -62.87 -3.15
N ALA K 240 27.97 -63.13 -4.07
CA ALA K 240 26.57 -63.45 -3.73
C ALA K 240 26.45 -64.79 -3.02
N LYS K 241 27.52 -65.58 -3.07
CA LYS K 241 27.64 -66.83 -2.29
C LYS K 241 28.20 -66.54 -0.90
N ALA K 242 27.48 -67.02 0.13
CA ALA K 242 27.82 -66.80 1.56
C ALA K 242 27.72 -65.34 2.03
N GLY K 243 27.98 -64.41 1.12
CA GLY K 243 27.87 -62.98 1.40
C GLY K 243 29.07 -62.39 2.11
N LYS K 244 30.26 -62.79 1.66
CA LYS K 244 31.51 -62.28 2.23
C LYS K 244 31.98 -61.03 1.47
N PRO K 245 32.09 -59.88 2.17
CA PRO K 245 32.42 -58.56 1.58
C PRO K 245 33.72 -58.53 0.79
N LEU K 246 33.88 -57.53 -0.08
CA LEU K 246 35.03 -57.46 -0.97
C LEU K 246 35.84 -56.16 -0.87
N LEU K 247 37.16 -56.32 -0.84
CA LEU K 247 38.11 -55.21 -0.87
C LEU K 247 38.92 -55.28 -2.15
N ILE K 248 38.92 -54.19 -2.91
CA ILE K 248 39.68 -54.10 -4.15
C ILE K 248 40.89 -53.17 -3.96
N ILE K 249 42.08 -53.76 -3.97
CA ILE K 249 43.32 -52.99 -4.00
C ILE K 249 43.88 -53.10 -5.41
N ALA K 250 43.72 -52.03 -6.20
CA ALA K 250 44.16 -52.02 -7.59
C ALA K 250 44.82 -50.70 -7.92
N GLU K 251 45.53 -50.67 -9.05
CA GLU K 251 46.19 -49.45 -9.54
C GLU K 251 45.26 -48.25 -9.42
N ASP K 252 44.00 -48.44 -9.83
CA ASP K 252 42.91 -47.49 -9.58
C ASP K 252 41.54 -48.10 -9.84
N VAL K 253 40.54 -47.53 -9.17
CA VAL K 253 39.15 -47.80 -9.47
C VAL K 253 38.49 -46.43 -9.66
N GLU K 254 38.62 -45.89 -10.88
CA GLU K 254 38.23 -44.52 -11.17
C GLU K 254 37.47 -44.40 -12.50
N GLY K 255 36.19 -44.03 -12.40
CA GLY K 255 35.34 -43.86 -13.58
C GLY K 255 33.93 -44.40 -13.37
N GLU K 256 33.58 -45.41 -14.15
CA GLU K 256 32.25 -46.03 -14.09
C GLU K 256 32.23 -47.22 -13.12
N ALA K 257 33.31 -48.01 -13.11
CA ALA K 257 33.43 -49.15 -12.20
C ALA K 257 33.35 -48.72 -10.75
N LEU K 258 34.02 -47.61 -10.45
CA LEU K 258 33.94 -46.95 -9.16
C LEU K 258 32.50 -46.56 -8.82
N ALA K 259 31.89 -45.76 -9.71
CA ALA K 259 30.58 -45.16 -9.48
C ALA K 259 29.44 -46.16 -9.28
N THR K 260 29.58 -47.36 -9.86
CA THR K 260 28.58 -48.40 -9.73
C THR K 260 28.68 -49.08 -8.35
N LEU K 261 29.90 -49.43 -7.96
CA LEU K 261 30.16 -50.10 -6.69
C LEU K 261 29.71 -49.27 -5.48
N VAL K 262 29.90 -47.96 -5.59
CA VAL K 262 29.49 -47.00 -4.56
C VAL K 262 27.98 -47.00 -4.32
N VAL K 263 27.21 -46.93 -5.40
CA VAL K 263 25.76 -46.93 -5.33
C VAL K 263 25.25 -48.30 -4.86
N ASN K 264 25.85 -49.36 -5.36
CA ASN K 264 25.41 -50.73 -5.06
C ASN K 264 25.64 -51.19 -3.61
N THR K 265 26.47 -50.46 -2.87
CA THR K 265 26.71 -50.74 -1.46
C THR K 265 25.62 -50.17 -0.56
N MET K 266 25.09 -49.01 -0.94
CA MET K 266 23.97 -48.38 -0.21
C MET K 266 22.70 -49.24 -0.31
N ARG K 267 22.45 -49.80 -1.49
CA ARG K 267 21.27 -50.64 -1.72
C ARG K 267 21.30 -51.90 -0.85
N GLY K 268 22.50 -52.44 -0.65
CA GLY K 268 22.70 -53.60 0.22
C GLY K 268 23.23 -54.82 -0.51
N ILE K 269 23.76 -54.62 -1.72
CA ILE K 269 24.31 -55.72 -2.51
C ILE K 269 25.84 -55.69 -2.51
N VAL K 270 26.43 -56.85 -2.21
CA VAL K 270 27.88 -57.10 -2.28
C VAL K 270 28.74 -56.48 -1.13
N LYS K 271 28.56 -55.18 -0.84
CA LYS K 271 29.37 -54.45 0.17
C LYS K 271 30.86 -54.41 -0.20
N VAL K 272 31.22 -53.44 -1.03
CA VAL K 272 32.58 -53.33 -1.57
C VAL K 272 33.39 -52.24 -0.88
N ALA K 273 34.67 -52.15 -1.23
CA ALA K 273 35.55 -51.09 -0.78
C ALA K 273 36.67 -50.89 -1.81
N ALA K 274 36.94 -49.64 -2.16
CA ALA K 274 37.94 -49.31 -3.18
C ALA K 274 39.11 -48.50 -2.62
N VAL K 275 40.28 -49.12 -2.63
CA VAL K 275 41.51 -48.46 -2.17
C VAL K 275 42.60 -48.51 -3.24
N LYS K 276 43.38 -47.43 -3.31
CA LYS K 276 44.48 -47.32 -4.29
C LYS K 276 45.62 -48.27 -3.94
N ALA K 277 46.23 -48.86 -4.96
CA ALA K 277 47.42 -49.69 -4.76
C ALA K 277 48.52 -48.85 -4.13
N PRO K 278 49.18 -49.38 -3.08
CA PRO K 278 50.19 -48.64 -2.32
C PRO K 278 51.47 -48.35 -3.11
N GLY K 279 52.07 -47.18 -2.86
CA GLY K 279 53.27 -46.76 -3.56
C GLY K 279 53.02 -46.46 -5.03
N PHE K 280 54.11 -46.38 -5.80
CA PHE K 280 54.02 -46.05 -7.22
C PHE K 280 55.18 -46.54 -8.07
N GLY K 281 54.88 -46.85 -9.33
CA GLY K 281 55.89 -47.21 -10.32
C GLY K 281 56.42 -48.62 -10.25
N ASP K 282 57.74 -48.76 -10.26
CA ASP K 282 58.39 -50.06 -10.24
C ASP K 282 58.11 -50.82 -8.95
N ARG K 283 58.10 -50.11 -7.81
CA ARG K 283 57.88 -50.74 -6.51
C ARG K 283 56.39 -50.94 -6.15
N ARG K 284 55.50 -50.47 -7.02
CA ARG K 284 54.06 -50.76 -6.90
C ARG K 284 53.82 -52.25 -7.07
N LYS K 285 54.46 -52.84 -8.08
CA LYS K 285 54.43 -54.28 -8.34
C LYS K 285 54.73 -55.10 -7.09
N ALA K 286 55.76 -54.69 -6.36
CA ALA K 286 56.19 -55.39 -5.16
C ALA K 286 55.24 -55.22 -3.97
N MET K 287 54.64 -54.03 -3.83
CA MET K 287 53.74 -53.74 -2.70
C MET K 287 52.37 -54.40 -2.84
N LEU K 288 51.97 -54.68 -4.08
CA LEU K 288 50.82 -55.55 -4.34
C LEU K 288 51.18 -57.00 -4.08
N GLN K 289 52.40 -57.38 -4.45
CA GLN K 289 52.91 -58.73 -4.22
C GLN K 289 53.14 -58.99 -2.73
N ASP K 290 53.47 -57.92 -2.00
CA ASP K 290 53.60 -57.97 -0.55
C ASP K 290 52.28 -58.36 0.11
N ILE K 291 51.18 -57.79 -0.38
CA ILE K 291 49.84 -58.12 0.11
C ILE K 291 49.45 -59.54 -0.31
N ALA K 292 49.82 -59.91 -1.54
CA ALA K 292 49.54 -61.22 -2.09
C ALA K 292 50.12 -62.34 -1.24
N THR K 293 51.36 -62.16 -0.79
CA THR K 293 52.04 -63.14 0.04
C THR K 293 51.46 -63.17 1.46
N LEU K 294 51.03 -62.01 1.94
CA LEU K 294 50.49 -61.84 3.29
C LEU K 294 49.11 -62.48 3.45
N THR K 295 48.30 -62.39 2.40
CA THR K 295 46.94 -62.91 2.43
C THR K 295 46.81 -64.16 1.57
N GLY K 296 47.94 -64.63 1.04
CA GLY K 296 47.98 -65.88 0.27
C GLY K 296 47.39 -65.81 -1.13
N GLY K 297 47.08 -64.59 -1.58
CA GLY K 297 46.45 -64.36 -2.89
C GLY K 297 47.43 -64.25 -4.03
N THR K 298 46.89 -64.01 -5.22
CA THR K 298 47.69 -63.89 -6.44
C THR K 298 47.38 -62.58 -7.15
N VAL K 299 48.42 -61.96 -7.70
CA VAL K 299 48.29 -60.68 -8.41
C VAL K 299 47.96 -60.91 -9.88
N ILE K 300 46.84 -60.32 -10.31
CA ILE K 300 46.42 -60.33 -11.70
C ILE K 300 47.01 -59.11 -12.41
N SER K 301 47.76 -59.37 -13.48
CA SER K 301 48.45 -58.31 -14.21
C SER K 301 48.27 -58.49 -15.71
N GLU K 302 48.39 -57.38 -16.43
CA GLU K 302 48.34 -57.39 -17.90
C GLU K 302 49.65 -57.89 -18.50
N GLU K 303 50.77 -57.55 -17.86
CA GLU K 303 52.13 -57.79 -18.40
C GLU K 303 52.59 -59.25 -18.50
N ILE K 304 51.84 -60.16 -17.88
CA ILE K 304 52.17 -61.59 -17.91
C ILE K 304 51.33 -62.35 -18.97
N GLY K 305 50.03 -62.08 -18.99
CA GLY K 305 49.09 -62.74 -19.89
C GLY K 305 47.83 -63.13 -19.17
N MET K 306 47.55 -62.42 -18.07
CA MET K 306 46.37 -62.66 -17.24
C MET K 306 45.31 -61.57 -17.42
N GLU K 307 44.06 -61.95 -17.18
CA GLU K 307 42.94 -61.01 -17.21
C GLU K 307 42.03 -61.27 -16.00
N LEU K 308 41.15 -60.30 -15.73
CA LEU K 308 40.27 -60.38 -14.57
C LEU K 308 39.12 -61.39 -14.74
N GLU K 309 38.76 -61.64 -15.99
CA GLU K 309 37.70 -62.59 -16.32
C GLU K 309 37.98 -64.03 -15.89
N LYS K 310 39.27 -64.40 -15.87
CA LYS K 310 39.68 -65.79 -15.59
C LYS K 310 40.29 -65.99 -14.19
N ALA K 311 39.52 -65.58 -13.18
CA ALA K 311 39.87 -65.73 -11.77
C ALA K 311 38.62 -65.58 -10.92
N THR K 312 38.42 -66.49 -9.96
CA THR K 312 37.17 -66.52 -9.17
C THR K 312 37.36 -66.35 -7.65
N LEU K 313 38.03 -67.29 -7.00
CA LEU K 313 38.08 -67.30 -5.52
C LEU K 313 39.47 -67.54 -4.90
N GLU K 314 40.12 -68.65 -5.29
CA GLU K 314 41.44 -69.01 -4.74
C GLU K 314 42.55 -68.14 -5.33
N ASP K 315 42.26 -67.53 -6.48
CA ASP K 315 43.12 -66.53 -7.08
C ASP K 315 43.11 -65.25 -6.21
N LEU K 316 42.18 -65.21 -5.26
CA LEU K 316 42.01 -64.06 -4.34
C LEU K 316 42.47 -64.37 -2.92
N GLY K 317 43.07 -63.37 -2.27
CA GLY K 317 43.50 -63.49 -0.87
C GLY K 317 42.38 -63.23 0.11
N GLN K 318 42.66 -63.48 1.39
CA GLN K 318 41.66 -63.32 2.46
C GLN K 318 42.24 -62.76 3.76
N ALA K 319 41.43 -61.92 4.43
CA ALA K 319 41.74 -61.40 5.76
C ALA K 319 40.60 -61.75 6.73
N LYS K 320 40.71 -61.33 7.98
CA LYS K 320 39.64 -61.54 8.95
C LYS K 320 39.03 -60.23 9.45
N ARG K 321 39.53 -59.13 8.91
CA ARG K 321 39.03 -57.80 9.23
C ARG K 321 39.91 -56.75 8.57
N VAL K 322 39.29 -55.74 7.96
CA VAL K 322 40.02 -54.61 7.38
C VAL K 322 39.42 -53.28 7.82
N VAL K 323 40.30 -52.31 8.07
CA VAL K 323 39.88 -50.96 8.47
C VAL K 323 40.38 -49.94 7.45
N ILE K 324 39.50 -49.07 6.99
CA ILE K 324 39.83 -48.08 5.95
C ILE K 324 39.51 -46.66 6.39
N ASN K 325 40.56 -45.85 6.52
CA ASN K 325 40.42 -44.43 6.89
C ASN K 325 40.70 -43.51 5.71
N LYS K 326 40.45 -42.22 5.88
CA LYS K 326 40.60 -41.23 4.81
C LYS K 326 41.91 -41.38 4.03
N ASP K 327 43.01 -41.60 4.74
CA ASP K 327 44.31 -41.80 4.13
C ASP K 327 45.04 -42.97 4.77
N THR K 328 44.30 -44.06 5.01
CA THR K 328 44.84 -45.26 5.65
C THR K 328 44.00 -46.51 5.35
N THR K 329 44.68 -47.65 5.23
CA THR K 329 44.02 -48.94 5.06
C THR K 329 44.83 -50.00 5.76
N THR K 330 44.23 -50.65 6.74
CA THR K 330 44.93 -51.68 7.51
C THR K 330 44.28 -53.07 7.42
N ILE K 331 45.02 -54.01 6.84
CA ILE K 331 44.61 -55.41 6.75
C ILE K 331 45.03 -56.11 8.03
N ILE K 332 44.05 -56.71 8.72
CA ILE K 332 44.31 -57.42 9.97
C ILE K 332 44.09 -58.93 9.82
N ASP K 333 45.03 -59.71 10.37
CA ASP K 333 45.00 -61.18 10.37
C ASP K 333 44.70 -61.77 8.98
N GLY K 334 45.53 -61.42 8.00
CA GLY K 334 45.41 -61.97 6.66
C GLY K 334 45.92 -63.39 6.63
N VAL K 335 45.03 -64.33 6.30
CA VAL K 335 45.36 -65.76 6.27
C VAL K 335 46.53 -66.02 5.30
N GLY K 336 47.70 -66.30 5.86
CA GLY K 336 48.92 -66.44 5.07
C GLY K 336 49.60 -67.78 5.23
N GLU K 337 50.22 -68.24 4.15
CA GLU K 337 50.97 -69.49 4.13
C GLU K 337 52.21 -69.37 5.01
N GLU K 338 52.37 -70.30 5.96
CA GLU K 338 53.52 -70.28 6.86
C GLU K 338 54.82 -70.79 6.21
N ALA K 339 54.85 -70.71 4.88
CA ALA K 339 56.03 -71.07 4.09
C ALA K 339 56.27 -70.03 2.98
N ALA K 340 55.38 -69.05 2.90
CA ALA K 340 55.50 -67.95 1.95
C ALA K 340 55.87 -66.65 2.66
N ILE K 341 55.32 -66.43 3.86
CA ILE K 341 55.63 -65.25 4.68
C ILE K 341 57.08 -65.30 5.17
N GLN K 342 57.48 -66.48 5.66
CA GLN K 342 58.85 -66.78 6.04
C GLN K 342 59.78 -66.67 4.82
N GLY K 343 59.30 -67.17 3.68
CA GLY K 343 60.06 -67.17 2.42
C GLY K 343 60.20 -65.81 1.76
N ARG K 344 59.20 -64.94 1.96
CA ARG K 344 59.23 -63.57 1.43
C ARG K 344 60.30 -62.74 2.12
N VAL K 345 60.44 -62.95 3.43
CA VAL K 345 61.47 -62.30 4.26
C VAL K 345 62.88 -62.45 3.65
N ALA K 346 63.18 -63.67 3.20
CA ALA K 346 64.49 -64.01 2.62
C ALA K 346 64.78 -63.24 1.34
N GLN K 347 63.82 -63.25 0.41
CA GLN K 347 63.99 -62.58 -0.89
C GLN K 347 64.32 -61.10 -0.74
N ILE K 348 63.60 -60.41 0.14
CA ILE K 348 63.80 -58.98 0.36
C ILE K 348 65.14 -58.71 1.03
N ARG K 349 65.53 -59.58 1.95
CA ARG K 349 66.78 -59.42 2.69
C ARG K 349 68.01 -59.78 1.84
N GLN K 350 67.77 -60.31 0.64
CA GLN K 350 68.85 -60.67 -0.29
C GLN K 350 69.30 -59.45 -1.10
N GLN K 351 68.42 -58.46 -1.22
CA GLN K 351 68.70 -57.26 -2.00
C GLN K 351 69.00 -56.03 -1.15
N ILE K 352 69.08 -56.24 0.16
CA ILE K 352 69.62 -55.24 1.08
C ILE K 352 71.15 -55.36 1.05
N GLU K 353 71.63 -56.60 0.94
CA GLU K 353 73.06 -56.89 0.89
C GLU K 353 73.65 -56.66 -0.51
N GLU K 354 72.82 -56.79 -1.55
CA GLU K 354 73.25 -56.51 -2.93
C GLU K 354 72.44 -55.42 -3.64
N ALA K 355 72.80 -54.17 -3.36
CA ALA K 355 72.28 -52.97 -4.03
C ALA K 355 72.92 -51.73 -3.43
N THR K 356 74.07 -51.34 -3.98
CA THR K 356 74.81 -50.17 -3.48
C THR K 356 74.19 -48.86 -3.97
N SER K 357 73.07 -48.48 -3.36
CA SER K 357 72.36 -47.25 -3.65
C SER K 357 71.63 -46.78 -2.40
N ASP K 358 71.47 -45.46 -2.27
CA ASP K 358 70.87 -44.83 -1.09
C ASP K 358 69.37 -45.16 -0.97
N TYR K 359 68.66 -45.06 -2.08
CA TYR K 359 67.25 -45.41 -2.19
C TYR K 359 67.06 -46.91 -2.03
N ASP K 360 67.88 -47.67 -2.75
CA ASP K 360 67.82 -49.15 -2.75
C ASP K 360 68.14 -49.77 -1.38
N ARG K 361 68.23 -48.93 -0.35
CA ARG K 361 68.52 -49.40 1.01
C ARG K 361 67.44 -48.98 2.01
N GLU K 362 67.11 -47.69 2.04
CA GLU K 362 66.18 -47.16 3.04
C GLU K 362 64.69 -47.26 2.65
N LYS K 363 64.38 -48.05 1.64
CA LYS K 363 62.98 -48.22 1.19
C LYS K 363 62.55 -49.69 1.14
N LEU K 364 63.45 -50.55 0.69
CA LEU K 364 63.21 -52.00 0.68
C LEU K 364 63.22 -52.55 2.10
N GLN K 365 63.79 -51.78 3.03
CA GLN K 365 63.72 -52.04 4.46
C GLN K 365 62.35 -51.66 5.04
N GLU K 366 61.66 -50.73 4.36
CA GLU K 366 60.29 -50.39 4.68
C GLU K 366 59.30 -51.28 3.93
N ARG K 367 59.76 -52.47 3.57
CA ARG K 367 58.89 -53.53 3.05
C ARG K 367 58.79 -54.67 4.06
N VAL K 368 59.91 -54.97 4.72
CA VAL K 368 59.97 -56.02 5.74
C VAL K 368 59.47 -55.56 7.12
N ALA K 369 59.70 -54.29 7.44
CA ALA K 369 59.27 -53.72 8.72
C ALA K 369 57.74 -53.77 8.90
N LYS K 370 57.01 -53.68 7.78
CA LYS K 370 55.55 -53.76 7.77
C LYS K 370 55.06 -55.19 7.72
N LEU K 371 55.70 -56.02 6.90
CA LEU K 371 55.26 -57.38 6.67
C LEU K 371 55.62 -58.33 7.81
N ALA K 372 56.85 -58.24 8.31
CA ALA K 372 57.31 -59.07 9.44
C ALA K 372 56.99 -58.43 10.79
N GLY K 373 56.78 -57.12 10.80
CA GLY K 373 56.37 -56.40 12.01
C GLY K 373 54.95 -56.70 12.41
N GLY K 374 54.10 -56.94 11.40
CA GLY K 374 52.70 -57.36 11.61
C GLY K 374 51.79 -56.25 12.10
N VAL K 375 50.63 -56.66 12.62
CA VAL K 375 49.64 -55.73 13.18
C VAL K 375 49.03 -56.30 14.46
N ALA K 376 48.92 -55.45 15.48
CA ALA K 376 48.44 -55.86 16.82
C ALA K 376 46.93 -55.72 17.00
N VAL K 377 46.38 -56.60 17.84
CA VAL K 377 44.93 -56.67 18.11
C VAL K 377 44.65 -56.47 19.59
N ILE K 378 43.85 -55.45 19.91
CA ILE K 378 43.42 -55.22 21.29
C ILE K 378 41.92 -55.43 21.41
N LYS K 379 41.55 -56.39 22.26
CA LYS K 379 40.16 -56.76 22.47
C LYS K 379 39.70 -56.40 23.89
N VAL K 380 38.73 -55.48 23.97
CA VAL K 380 38.30 -54.90 25.24
C VAL K 380 36.96 -55.48 25.70
N GLY K 381 36.87 -55.85 26.97
CA GLY K 381 35.64 -56.38 27.53
C GLY K 381 35.53 -56.33 29.04
N ALA K 382 34.53 -55.60 29.54
CA ALA K 382 34.27 -55.52 30.97
C ALA K 382 32.91 -56.11 31.34
N ALA K 383 31.89 -55.27 31.45
CA ALA K 383 30.53 -55.71 31.78
C ALA K 383 29.75 -56.08 30.51
N THR K 384 28.45 -55.81 30.50
CA THR K 384 27.62 -56.05 29.32
C THR K 384 27.98 -55.08 28.19
N GLU K 385 27.24 -55.14 27.09
CA GLU K 385 27.52 -54.32 25.91
C GLU K 385 27.28 -52.81 26.12
N VAL K 386 27.04 -52.41 27.38
CA VAL K 386 26.92 -51.00 27.73
C VAL K 386 28.30 -50.45 28.15
N GLU K 387 28.96 -51.15 29.07
CA GLU K 387 30.28 -50.77 29.56
C GLU K 387 31.40 -51.21 28.62
N MET K 388 31.17 -52.32 27.93
CA MET K 388 32.14 -52.89 26.99
C MET K 388 32.43 -51.91 25.84
N LYS K 389 31.36 -51.40 25.23
CA LYS K 389 31.48 -50.47 24.10
C LYS K 389 32.03 -49.11 24.53
N GLU K 390 31.67 -48.69 25.74
CA GLU K 390 32.08 -47.39 26.27
C GLU K 390 33.58 -47.35 26.57
N LYS K 391 34.10 -48.43 27.15
CA LYS K 391 35.53 -48.54 27.45
C LYS K 391 36.35 -48.70 26.17
N LYS K 392 35.74 -49.30 25.14
CA LYS K 392 36.35 -49.45 23.82
C LYS K 392 36.57 -48.08 23.16
N ALA K 393 35.64 -47.16 23.40
CA ALA K 393 35.72 -45.80 22.88
C ALA K 393 36.87 -45.01 23.53
N ARG K 394 37.08 -45.22 24.83
CA ARG K 394 38.15 -44.57 25.58
C ARG K 394 39.54 -45.12 25.26
N VAL K 395 39.61 -46.36 24.78
CA VAL K 395 40.87 -46.98 24.40
C VAL K 395 41.37 -46.43 23.07
N GLU K 396 40.50 -46.43 22.05
CA GLU K 396 40.82 -45.84 20.75
C GLU K 396 41.22 -44.38 20.89
N ASP K 397 40.44 -43.64 21.69
CA ASP K 397 40.70 -42.21 21.96
C ASP K 397 42.11 -41.95 22.44
N ALA K 398 42.51 -42.65 23.50
CA ALA K 398 43.81 -42.45 24.14
C ALA K 398 44.99 -42.94 23.28
N LEU K 399 44.69 -43.72 22.24
CA LEU K 399 45.73 -44.20 21.35
C LEU K 399 46.20 -43.09 20.39
N HIS K 400 45.25 -42.37 19.80
CA HIS K 400 45.54 -41.24 18.90
C HIS K 400 46.40 -40.17 19.55
N ALA K 401 46.17 -39.93 20.84
CA ALA K 401 46.96 -38.98 21.62
C ALA K 401 48.37 -39.52 21.91
N THR K 402 48.46 -40.82 22.17
CA THR K 402 49.74 -41.48 22.45
C THR K 402 50.60 -41.55 21.19
N ARG K 403 49.96 -41.77 20.05
CA ARG K 403 50.64 -41.75 18.75
C ARG K 403 51.38 -40.43 18.51
N ALA K 404 50.69 -39.33 18.78
CA ALA K 404 51.24 -37.99 18.60
C ALA K 404 52.27 -37.65 19.69
N ALA K 405 52.12 -38.30 20.85
CA ALA K 405 53.04 -38.11 21.96
C ALA K 405 54.40 -38.75 21.68
N VAL K 406 54.43 -39.70 20.76
CA VAL K 406 55.68 -40.38 20.38
C VAL K 406 56.36 -39.64 19.24
N GLU K 407 55.57 -39.22 18.26
CA GLU K 407 56.12 -38.63 17.03
C GLU K 407 56.79 -37.28 17.25
N GLU K 408 56.12 -36.40 18.00
CA GLU K 408 56.64 -35.04 18.21
C GLU K 408 56.78 -34.67 19.68
N GLY K 409 56.05 -35.37 20.54
CA GLY K 409 56.13 -35.16 21.98
C GLY K 409 54.90 -34.47 22.55
N VAL K 410 55.01 -34.00 23.79
CA VAL K 410 53.91 -33.32 24.47
C VAL K 410 54.35 -31.97 25.04
N VAL K 411 53.56 -30.94 24.78
CA VAL K 411 53.82 -29.61 25.35
C VAL K 411 52.86 -29.35 26.50
N ALA K 412 53.05 -28.21 27.17
CA ALA K 412 52.23 -27.84 28.30
C ALA K 412 50.84 -27.44 27.82
N GLY K 413 49.81 -28.06 28.40
CA GLY K 413 48.42 -27.83 28.00
C GLY K 413 47.83 -26.50 28.44
N GLY K 414 46.51 -26.40 28.39
CA GLY K 414 45.79 -25.21 28.84
C GLY K 414 45.99 -24.01 27.94
N GLY K 415 46.53 -24.29 26.75
CA GLY K 415 46.82 -23.26 25.77
C GLY K 415 47.99 -22.40 26.16
N VAL K 416 48.77 -22.88 27.14
CA VAL K 416 49.88 -22.11 27.67
C VAL K 416 51.11 -22.25 26.79
N ALA K 417 51.16 -23.35 26.04
CA ALA K 417 52.27 -23.61 25.15
C ALA K 417 52.41 -22.48 24.14
N LEU K 418 51.29 -22.10 23.56
CA LEU K 418 51.26 -21.02 22.55
C LEU K 418 51.51 -19.65 23.19
N ILE K 419 50.94 -19.42 24.36
CA ILE K 419 51.08 -18.15 25.04
C ILE K 419 52.51 -17.96 25.58
N ARG K 420 53.21 -19.09 25.75
CA ARG K 420 54.62 -19.08 26.16
C ARG K 420 55.52 -18.78 24.97
N VAL K 421 55.13 -19.30 23.81
CA VAL K 421 55.80 -19.01 22.55
C VAL K 421 55.64 -17.54 22.21
N ALA K 422 54.45 -16.99 22.47
CA ALA K 422 54.13 -15.60 22.19
C ALA K 422 55.10 -14.61 22.84
N SER K 423 55.42 -14.83 24.11
CA SER K 423 56.33 -13.94 24.84
C SER K 423 57.77 -14.10 24.38
N LYS K 424 58.08 -15.26 23.80
CA LYS K 424 59.44 -15.56 23.36
C LYS K 424 59.74 -15.11 21.93
N LEU K 425 58.70 -14.62 21.25
CA LEU K 425 58.87 -14.11 19.88
C LEU K 425 58.56 -12.62 19.76
N ALA K 426 58.58 -11.92 20.90
CA ALA K 426 58.24 -10.50 20.95
C ALA K 426 59.27 -9.61 20.25
N ASP K 427 60.48 -10.14 20.07
CA ASP K 427 61.55 -9.44 19.39
C ASP K 427 61.58 -9.71 17.89
N LEU K 428 60.69 -10.58 17.42
CA LEU K 428 60.67 -10.95 16.01
C LEU K 428 60.15 -9.80 15.16
N ARG K 429 60.88 -9.52 14.08
CA ARG K 429 60.52 -8.45 13.15
C ARG K 429 60.54 -8.94 11.69
N GLY K 430 59.87 -8.22 10.80
CA GLY K 430 59.83 -8.56 9.38
C GLY K 430 60.76 -7.70 8.54
N GLN K 431 60.29 -7.28 7.37
CA GLN K 431 61.09 -6.44 6.47
C GLN K 431 60.59 -5.00 6.40
N ASN K 432 59.27 -4.82 6.45
CA ASN K 432 58.67 -3.49 6.55
C ASN K 432 57.61 -3.44 7.65
N GLU K 433 57.09 -2.25 7.90
CA GLU K 433 56.11 -2.02 8.97
C GLU K 433 54.89 -2.93 8.85
N ASP K 434 54.43 -3.14 7.62
CA ASP K 434 53.26 -3.97 7.35
C ASP K 434 53.50 -5.42 7.74
N GLN K 435 54.71 -5.91 7.52
CA GLN K 435 55.07 -7.27 7.93
C GLN K 435 55.15 -7.37 9.44
N ASN K 436 55.63 -6.30 10.08
CA ASN K 436 55.77 -6.23 11.53
C ASN K 436 54.45 -6.41 12.27
N VAL K 437 53.39 -5.83 11.71
CA VAL K 437 52.05 -5.94 12.28
C VAL K 437 51.51 -7.35 12.05
N GLY K 438 51.87 -7.93 10.90
CA GLY K 438 51.50 -9.29 10.56
C GLY K 438 51.95 -10.30 11.60
N ILE K 439 53.14 -10.06 12.15
CA ILE K 439 53.67 -10.89 13.23
C ILE K 439 52.88 -10.69 14.53
N LYS K 440 52.66 -9.43 14.90
CA LYS K 440 51.94 -9.09 16.13
C LYS K 440 50.50 -9.57 16.10
N VAL K 441 49.93 -9.68 14.91
CA VAL K 441 48.60 -10.27 14.73
C VAL K 441 48.64 -11.75 15.11
N ALA K 442 49.65 -12.46 14.62
CA ALA K 442 49.80 -13.88 14.91
C ALA K 442 50.09 -14.15 16.39
N LEU K 443 50.87 -13.28 17.02
CA LEU K 443 51.24 -13.45 18.43
C LEU K 443 50.10 -13.16 19.39
N ARG K 444 49.24 -12.20 19.03
CA ARG K 444 48.04 -11.92 19.81
C ARG K 444 46.93 -12.95 19.54
N ALA K 445 47.09 -13.72 18.47
CA ALA K 445 46.16 -14.80 18.15
C ALA K 445 46.45 -16.03 18.99
N MET K 446 47.70 -16.19 19.40
CA MET K 446 48.14 -17.34 20.18
C MET K 446 47.62 -17.27 21.62
N GLU K 447 47.24 -16.07 22.04
CA GLU K 447 46.67 -15.86 23.36
C GLU K 447 45.22 -16.33 23.44
N ALA K 448 44.54 -16.35 22.29
CA ALA K 448 43.09 -16.61 22.22
C ALA K 448 42.62 -17.97 22.74
N PRO K 449 43.33 -19.08 22.39
CA PRO K 449 42.92 -20.38 22.93
C PRO K 449 42.79 -20.41 24.46
N LEU K 450 43.81 -19.94 25.17
CA LEU K 450 43.76 -19.84 26.63
C LEU K 450 42.62 -18.92 27.06
N ARG K 451 42.56 -17.73 26.46
CA ARG K 451 41.54 -16.72 26.78
C ARG K 451 40.12 -17.25 26.60
N GLN K 452 39.94 -18.14 25.63
CA GLN K 452 38.63 -18.75 25.37
C GLN K 452 38.26 -19.79 26.43
N ILE K 453 39.25 -20.56 26.90
CA ILE K 453 39.01 -21.55 27.95
C ILE K 453 38.61 -20.87 29.24
N VAL K 454 39.29 -19.77 29.56
CA VAL K 454 38.99 -18.97 30.75
C VAL K 454 37.60 -18.34 30.67
N LEU K 455 37.19 -17.94 29.46
CA LEU K 455 35.87 -17.35 29.24
C LEU K 455 34.74 -18.34 29.54
N ASN K 456 34.94 -19.59 29.17
CA ASN K 456 34.00 -20.67 29.47
C ASN K 456 33.95 -20.99 30.96
N CYS K 457 35.08 -20.78 31.64
CA CYS K 457 35.21 -21.04 33.08
C CYS K 457 34.57 -19.93 33.92
N GLY K 458 34.11 -18.88 33.24
CA GLY K 458 33.43 -17.77 33.90
C GLY K 458 34.34 -16.68 34.43
N GLU K 459 35.63 -16.99 34.60
CA GLU K 459 36.62 -16.01 35.05
C GLU K 459 37.00 -15.07 33.90
N GLU K 460 37.50 -13.87 34.26
CA GLU K 460 37.91 -12.86 33.27
C GLU K 460 39.21 -13.29 32.58
N PRO K 461 39.17 -13.47 31.24
CA PRO K 461 40.31 -14.00 30.49
C PRO K 461 41.52 -13.08 30.58
N SER K 462 41.26 -11.77 30.56
CA SER K 462 42.31 -10.78 30.63
C SER K 462 43.17 -10.91 31.88
N VAL K 463 42.53 -11.18 33.02
CA VAL K 463 43.21 -11.31 34.30
C VAL K 463 44.07 -12.56 34.34
N VAL K 464 43.51 -13.68 33.88
CA VAL K 464 44.19 -14.98 33.91
C VAL K 464 45.39 -15.03 32.95
N ALA K 465 45.18 -14.58 31.71
CA ALA K 465 46.24 -14.52 30.72
C ALA K 465 47.41 -13.62 31.14
N ASN K 466 47.08 -12.53 31.84
CA ASN K 466 48.08 -11.62 32.36
C ASN K 466 48.91 -12.26 33.48
N THR K 467 48.29 -13.16 34.24
CA THR K 467 48.98 -13.84 35.34
C THR K 467 49.87 -14.96 34.79
N VAL K 468 49.40 -15.64 33.75
CA VAL K 468 50.17 -16.71 33.14
C VAL K 468 51.42 -16.17 32.44
N LYS K 469 51.30 -15.00 31.83
CA LYS K 469 52.43 -14.36 31.16
C LYS K 469 53.53 -13.87 32.13
N GLY K 470 53.13 -13.45 33.33
CA GLY K 470 54.06 -12.96 34.36
C GLY K 470 54.98 -14.04 34.90
N GLY K 471 54.40 -15.22 35.15
CA GLY K 471 55.16 -16.41 35.54
C GLY K 471 55.78 -17.06 34.31
N ASP K 472 56.76 -17.92 34.54
CA ASP K 472 57.52 -18.53 33.45
C ASP K 472 57.45 -20.06 33.45
N GLY K 473 57.69 -20.65 32.28
CA GLY K 473 57.75 -22.10 32.13
C GLY K 473 56.43 -22.78 31.83
N ASN K 474 56.20 -23.91 32.49
CA ASN K 474 54.98 -24.69 32.30
C ASN K 474 53.90 -24.34 33.33
N TYR K 475 53.96 -23.10 33.79
CA TYR K 475 53.02 -22.55 34.76
C TYR K 475 51.80 -22.03 34.03
N GLY K 476 50.63 -22.59 34.37
CA GLY K 476 49.40 -22.22 33.69
C GLY K 476 48.15 -22.24 34.56
N TYR K 477 46.99 -22.18 33.91
CA TYR K 477 45.72 -22.16 34.62
C TYR K 477 44.93 -23.44 34.39
N ASN K 478 44.54 -24.08 35.49
CA ASN K 478 43.67 -25.25 35.46
C ASN K 478 42.23 -24.78 35.58
N ALA K 479 41.49 -24.89 34.49
CA ALA K 479 40.10 -24.44 34.43
C ALA K 479 39.13 -25.37 35.18
N ALA K 480 39.48 -26.65 35.27
CA ALA K 480 38.65 -27.62 35.99
C ALA K 480 38.61 -27.35 37.50
N THR K 481 39.77 -27.04 38.08
CA THR K 481 39.90 -26.85 39.53
C THR K 481 39.97 -25.37 39.95
N GLU K 482 40.06 -24.48 38.95
CA GLU K 482 40.22 -23.04 39.17
C GLU K 482 41.50 -22.72 39.96
N GLU K 483 42.52 -23.55 39.76
CA GLU K 483 43.80 -23.43 40.47
C GLU K 483 44.93 -23.20 39.47
N TYR K 484 45.92 -22.40 39.87
CA TYR K 484 47.13 -22.23 39.07
C TYR K 484 48.15 -23.30 39.45
N GLY K 485 49.17 -23.47 38.61
CA GLY K 485 50.26 -24.38 38.92
C GLY K 485 50.95 -24.97 37.71
N ASN K 486 51.87 -25.91 37.95
CA ASN K 486 52.57 -26.62 36.89
C ASN K 486 51.61 -27.53 36.15
N MET K 487 51.51 -27.31 34.84
CA MET K 487 50.55 -28.03 34.01
C MET K 487 50.92 -29.52 33.88
N ILE K 488 52.20 -29.78 33.65
CA ILE K 488 52.67 -31.15 33.48
C ILE K 488 52.40 -31.98 34.74
N ASP K 489 52.66 -31.38 35.90
CA ASP K 489 52.43 -32.03 37.19
C ASP K 489 50.94 -32.27 37.45
N MET K 490 50.10 -31.43 36.87
CA MET K 490 48.66 -31.54 37.04
C MET K 490 48.00 -32.45 36.00
N GLY K 491 48.82 -32.99 35.09
CA GLY K 491 48.32 -33.91 34.07
C GLY K 491 47.66 -33.24 32.88
N ILE K 492 47.69 -31.91 32.84
CA ILE K 492 47.15 -31.15 31.73
C ILE K 492 48.22 -30.97 30.65
N LEU K 493 48.10 -31.73 29.57
CA LEU K 493 49.06 -31.65 28.49
C LEU K 493 48.46 -31.93 27.12
N ASP K 494 49.04 -31.29 26.11
CA ASP K 494 48.63 -31.48 24.72
C ASP K 494 49.80 -32.01 23.91
N PRO K 495 49.53 -33.03 23.07
CA PRO K 495 50.57 -33.54 22.17
C PRO K 495 51.08 -32.41 21.27
N THR K 496 52.40 -32.28 21.17
CA THR K 496 52.99 -31.20 20.39
C THR K 496 52.42 -31.17 18.97
N LYS K 497 52.23 -32.36 18.40
CA LYS K 497 51.73 -32.52 17.04
C LYS K 497 50.39 -31.82 16.80
N VAL K 498 49.47 -31.99 17.74
CA VAL K 498 48.15 -31.36 17.63
C VAL K 498 48.19 -29.82 17.71
N THR K 499 49.04 -29.28 18.56
CA THR K 499 49.17 -27.85 18.68
C THR K 499 49.87 -27.25 17.46
N ARG K 500 50.84 -27.98 16.92
CA ARG K 500 51.52 -27.56 15.70
C ARG K 500 50.55 -27.55 14.52
N SER K 501 49.74 -28.60 14.41
CA SER K 501 48.73 -28.69 13.36
C SER K 501 47.67 -27.59 13.51
N ALA K 502 47.18 -27.39 14.72
CA ALA K 502 46.18 -26.37 14.98
C ALA K 502 46.66 -24.97 14.59
N LEU K 503 47.93 -24.67 14.82
CA LEU K 503 48.43 -23.34 14.51
C LEU K 503 48.69 -23.19 13.03
N GLN K 504 49.38 -24.16 12.44
CA GLN K 504 49.78 -24.08 11.03
C GLN K 504 48.59 -23.97 10.09
N TYR K 505 47.61 -24.85 10.28
CA TYR K 505 46.44 -24.88 9.43
C TYR K 505 45.65 -23.59 9.55
N ALA K 506 45.43 -23.14 10.79
CA ALA K 506 44.67 -21.92 11.05
C ALA K 506 45.32 -20.70 10.41
N ALA K 507 46.65 -20.70 10.33
CA ALA K 507 47.38 -19.63 9.70
C ALA K 507 47.28 -19.73 8.18
N SER K 508 47.29 -20.96 7.68
CA SER K 508 47.26 -21.22 6.25
C SER K 508 46.02 -20.62 5.61
N VAL K 509 44.87 -20.87 6.23
CA VAL K 509 43.61 -20.36 5.71
C VAL K 509 43.49 -18.84 5.90
N ALA K 510 43.87 -18.35 7.06
CA ALA K 510 43.80 -16.93 7.35
C ALA K 510 44.63 -16.15 6.35
N GLY K 511 45.79 -16.72 5.99
CA GLY K 511 46.67 -16.14 4.99
C GLY K 511 45.99 -15.99 3.65
N LEU K 512 45.27 -17.05 3.25
CA LEU K 512 44.53 -17.05 1.98
C LEU K 512 43.36 -16.08 2.03
N MET K 513 42.69 -16.01 3.17
CA MET K 513 41.53 -15.16 3.31
C MET K 513 41.87 -13.70 3.42
N ILE K 514 43.04 -13.38 3.94
CA ILE K 514 43.46 -11.98 4.06
C ILE K 514 43.81 -11.43 2.68
N THR K 515 44.31 -12.29 1.82
CA THR K 515 44.69 -11.88 0.48
C THR K 515 43.52 -11.96 -0.50
N THR K 516 42.29 -12.04 0.03
CA THR K 516 41.11 -12.12 -0.83
C THR K 516 40.58 -10.73 -1.20
N GLU K 517 40.37 -10.53 -2.51
CA GLU K 517 39.84 -9.27 -3.02
C GLU K 517 38.52 -9.42 -3.76
N CYS K 518 38.29 -10.60 -4.35
CA CYS K 518 37.10 -10.80 -5.15
C CYS K 518 36.42 -12.13 -4.85
N MET K 519 35.10 -12.11 -4.74
CA MET K 519 34.33 -13.31 -4.48
C MET K 519 33.23 -13.52 -5.52
N VAL K 520 33.16 -14.74 -6.05
CA VAL K 520 32.20 -15.09 -7.08
C VAL K 520 31.35 -16.28 -6.64
N THR K 521 30.05 -16.05 -6.51
CA THR K 521 29.09 -17.08 -6.10
C THR K 521 27.79 -17.05 -6.91
N ASP K 522 26.97 -18.08 -6.73
CA ASP K 522 25.69 -18.19 -7.41
C ASP K 522 24.71 -17.15 -6.88
N LEU K 523 23.79 -16.74 -7.76
CA LEU K 523 22.80 -15.71 -7.45
C LEU K 523 21.63 -16.27 -6.63
N PRO K 524 21.21 -15.56 -5.56
CA PRO K 524 20.09 -15.99 -4.71
C PRO K 524 18.76 -16.02 -5.46
N ALA L 1 22.11 -28.14 3.15
CA ALA L 1 20.93 -27.40 3.70
C ALA L 1 21.36 -26.17 4.50
N ALA L 2 20.79 -25.01 4.15
CA ALA L 2 21.04 -23.76 4.85
C ALA L 2 20.52 -23.81 6.30
N LYS L 3 21.32 -23.29 7.22
CA LYS L 3 21.03 -23.38 8.65
C LYS L 3 20.86 -22.03 9.32
N ASP L 4 20.12 -22.02 10.41
CA ASP L 4 19.90 -20.83 11.23
C ASP L 4 20.59 -21.05 12.57
N VAL L 5 21.32 -20.04 13.04
CA VAL L 5 22.10 -20.19 14.27
C VAL L 5 21.82 -19.05 15.24
N LYS L 6 21.43 -19.42 16.46
CA LYS L 6 21.18 -18.45 17.52
C LYS L 6 22.11 -18.69 18.71
N PHE L 7 22.53 -17.59 19.32
CA PHE L 7 23.51 -17.64 20.41
C PHE L 7 22.99 -17.09 21.72
N GLY L 8 23.47 -17.69 22.80
CA GLY L 8 23.29 -17.18 24.16
C GLY L 8 21.87 -16.96 24.62
N ASN L 9 21.64 -15.78 25.19
CA ASN L 9 20.35 -15.43 25.78
C ASN L 9 19.20 -15.56 24.78
N ASP L 10 19.45 -15.09 23.56
CA ASP L 10 18.52 -15.22 22.44
C ASP L 10 18.13 -16.67 22.16
N ALA L 11 19.12 -17.56 22.30
CA ALA L 11 18.93 -18.98 22.01
C ALA L 11 18.18 -19.68 23.13
N ARG L 12 18.43 -19.27 24.36
CA ARG L 12 17.83 -19.91 25.53
C ARG L 12 16.33 -19.60 25.70
N VAL L 13 15.96 -18.34 25.48
CA VAL L 13 14.56 -17.92 25.64
C VAL L 13 13.63 -18.71 24.71
N LYS L 14 14.19 -19.18 23.59
CA LYS L 14 13.45 -19.98 22.63
C LYS L 14 13.26 -21.40 23.15
N MET L 15 14.21 -21.89 23.93
CA MET L 15 14.04 -23.19 24.56
C MET L 15 13.01 -23.12 25.65
N LEU L 16 13.12 -22.11 26.52
CA LEU L 16 12.21 -21.95 27.65
C LEU L 16 10.76 -21.83 27.16
N ARG L 17 10.56 -20.97 26.17
CA ARG L 17 9.27 -20.80 25.49
C ARG L 17 8.78 -22.15 24.93
N GLY L 18 9.71 -22.95 24.42
CA GLY L 18 9.42 -24.26 23.86
C GLY L 18 9.04 -25.30 24.89
N VAL L 19 9.82 -25.38 25.97
CA VAL L 19 9.53 -26.34 27.03
C VAL L 19 8.24 -25.99 27.78
N ASN L 20 8.00 -24.69 27.94
CA ASN L 20 6.81 -24.19 28.61
C ASN L 20 5.50 -24.63 27.92
N VAL L 21 5.54 -24.78 26.60
CA VAL L 21 4.38 -25.29 25.87
C VAL L 21 4.16 -26.77 26.22
N LEU L 22 5.20 -27.58 26.11
CA LEU L 22 5.08 -29.00 26.43
C LEU L 22 4.73 -29.23 27.90
N ALA L 23 5.35 -28.46 28.79
CA ALA L 23 5.10 -28.62 30.22
C ALA L 23 3.66 -28.26 30.60
N ASP L 24 3.22 -27.08 30.18
CA ASP L 24 1.88 -26.60 30.50
C ASP L 24 0.78 -27.48 29.91
N ALA L 25 1.10 -28.17 28.83
CA ALA L 25 0.15 -29.09 28.20
C ALA L 25 0.09 -30.41 28.95
N VAL L 26 1.13 -30.70 29.72
CA VAL L 26 1.20 -31.96 30.43
C VAL L 26 0.87 -31.78 31.92
N LYS L 27 1.38 -30.71 32.52
CA LYS L 27 1.20 -30.47 33.97
C LYS L 27 -0.27 -30.33 34.42
N VAL L 28 -1.17 -30.10 33.47
CA VAL L 28 -2.60 -29.96 33.77
C VAL L 28 -3.25 -31.31 34.05
N THR L 29 -2.54 -32.38 33.71
CA THR L 29 -3.09 -33.73 33.84
C THR L 29 -2.51 -34.46 35.06
N LEU L 30 -1.92 -33.70 35.97
CA LEU L 30 -1.29 -34.30 37.14
C LEU L 30 -2.29 -34.57 38.23
N GLY L 31 -2.09 -35.66 38.96
CA GLY L 31 -2.93 -35.98 40.11
C GLY L 31 -4.27 -36.60 39.72
N PRO L 32 -5.18 -36.76 40.71
CA PRO L 32 -6.51 -37.27 40.45
C PRO L 32 -7.51 -36.15 40.20
N LYS L 33 -7.13 -34.92 40.57
CA LYS L 33 -7.94 -33.75 40.27
C LYS L 33 -7.48 -33.16 38.94
N GLY L 34 -6.84 -34.00 38.13
CA GLY L 34 -6.33 -33.61 36.81
C GLY L 34 -7.38 -33.25 35.78
N ARG L 35 -6.94 -32.53 34.76
CA ARG L 35 -7.82 -32.06 33.69
C ARG L 35 -7.62 -32.91 32.44
N ASN L 36 -8.62 -32.86 31.54
CA ASN L 36 -8.56 -33.55 30.26
C ASN L 36 -7.86 -32.73 29.20
N VAL L 37 -7.02 -33.39 28.40
CA VAL L 37 -6.39 -32.75 27.25
C VAL L 37 -6.89 -33.45 26.00
N VAL L 38 -7.41 -32.67 25.07
CA VAL L 38 -7.98 -33.19 23.83
C VAL L 38 -6.98 -33.12 22.69
N LEU L 39 -6.75 -34.27 22.05
CA LEU L 39 -5.81 -34.38 20.96
C LEU L 39 -6.53 -34.68 19.65
N ASP L 40 -6.29 -33.85 18.63
CA ASP L 40 -6.98 -33.97 17.36
C ASP L 40 -6.37 -35.08 16.50
N LYS L 41 -7.24 -35.76 15.77
CA LYS L 41 -6.86 -36.73 14.75
C LYS L 41 -7.53 -36.36 13.43
N SER L 42 -6.86 -36.65 12.33
CA SER L 42 -7.41 -36.38 11.00
C SER L 42 -8.66 -37.24 10.73
N PHE L 43 -8.59 -38.51 11.12
CA PHE L 43 -9.71 -39.43 10.91
C PHE L 43 -10.70 -39.38 12.07
N GLY L 44 -11.88 -38.82 11.81
CA GLY L 44 -13.01 -38.84 12.75
C GLY L 44 -12.87 -38.08 14.05
N ALA L 45 -13.32 -38.69 15.14
CA ALA L 45 -13.40 -38.09 16.47
C ALA L 45 -12.04 -37.80 17.13
N PRO L 46 -11.94 -36.70 17.92
CA PRO L 46 -10.73 -36.40 18.66
C PRO L 46 -10.58 -37.31 19.87
N THR L 47 -9.34 -37.46 20.33
CA THR L 47 -9.04 -38.29 21.51
C THR L 47 -8.97 -37.41 22.74
N ILE L 48 -9.80 -37.75 23.74
CA ILE L 48 -9.78 -37.10 25.04
C ILE L 48 -9.04 -38.00 26.03
N THR L 49 -7.94 -37.51 26.58
CA THR L 49 -7.11 -38.32 27.48
C THR L 49 -6.48 -37.51 28.60
N LYS L 50 -6.08 -38.22 29.65
CA LYS L 50 -5.34 -37.64 30.77
C LYS L 50 -3.90 -38.13 30.79
N ASP L 51 -3.61 -39.14 29.96
CA ASP L 51 -2.28 -39.79 29.91
C ASP L 51 -1.19 -38.81 29.45
N GLY L 52 -0.32 -38.43 30.38
CA GLY L 52 0.75 -37.47 30.11
C GLY L 52 1.72 -37.85 29.00
N VAL L 53 1.81 -39.14 28.72
CA VAL L 53 2.67 -39.66 27.65
C VAL L 53 2.06 -39.37 26.29
N SER L 54 0.77 -39.66 26.16
CA SER L 54 0.03 -39.45 24.91
C SER L 54 0.00 -37.97 24.53
N VAL L 55 -0.09 -37.10 25.53
CA VAL L 55 -0.08 -35.65 25.31
C VAL L 55 1.31 -35.19 24.91
N ALA L 56 2.33 -35.66 25.62
CA ALA L 56 3.71 -35.29 25.31
C ALA L 56 4.07 -35.66 23.88
N ARG L 57 3.76 -36.90 23.50
CA ARG L 57 4.08 -37.41 22.16
C ARG L 57 3.57 -36.51 21.03
N GLU L 58 2.42 -35.89 21.24
CA GLU L 58 1.78 -35.10 20.20
C GLU L 58 2.36 -33.71 20.02
N ILE L 59 3.03 -33.18 21.05
CA ILE L 59 3.58 -31.82 20.98
C ILE L 59 4.77 -31.72 20.05
N GLU L 60 4.68 -30.76 19.12
CA GLU L 60 5.74 -30.44 18.16
C GLU L 60 5.47 -29.05 17.60
N LEU L 61 6.33 -28.09 17.94
CA LEU L 61 6.06 -26.68 17.67
C LEU L 61 6.47 -26.19 16.28
N GLU L 62 5.97 -25.01 15.89
CA GLU L 62 6.27 -24.45 14.59
C GLU L 62 7.67 -23.85 14.55
N ASP L 63 7.95 -22.92 15.48
CA ASP L 63 9.26 -22.29 15.56
C ASP L 63 10.32 -23.34 15.83
N LYS L 64 11.22 -23.53 14.87
CA LYS L 64 12.19 -24.62 14.93
C LYS L 64 12.96 -24.68 16.26
N PHE L 65 13.36 -23.52 16.78
CA PHE L 65 14.08 -23.41 18.03
C PHE L 65 13.21 -23.79 19.22
N GLU L 66 11.98 -23.28 19.24
CA GLU L 66 11.00 -23.66 20.25
C GLU L 66 10.75 -25.16 20.21
N ASN L 67 10.61 -25.70 19.00
CA ASN L 67 10.40 -27.13 18.83
C ASN L 67 11.51 -27.93 19.49
N MET L 68 12.74 -27.49 19.29
CA MET L 68 13.90 -28.16 19.87
C MET L 68 13.77 -28.26 21.39
N GLY L 69 13.50 -27.11 22.02
CA GLY L 69 13.30 -27.05 23.47
C GLY L 69 12.29 -28.09 23.90
N ALA L 70 11.08 -27.99 23.35
CA ALA L 70 9.99 -28.91 23.63
C ALA L 70 10.39 -30.37 23.41
N GLN L 71 11.06 -30.63 22.28
CA GLN L 71 11.46 -32.00 21.93
C GLN L 71 12.57 -32.54 22.83
N MET L 72 13.27 -31.64 23.50
CA MET L 72 14.32 -32.04 24.43
C MET L 72 13.75 -32.61 25.73
N VAL L 73 12.79 -31.91 26.33
CA VAL L 73 12.19 -32.38 27.58
C VAL L 73 11.23 -33.55 27.35
N LYS L 74 10.78 -33.69 26.10
CA LYS L 74 9.93 -34.80 25.68
C LYS L 74 10.73 -36.12 25.75
N GLU L 75 12.02 -36.02 25.43
CA GLU L 75 12.96 -37.16 25.46
C GLU L 75 13.12 -37.74 26.87
N VAL L 76 12.75 -36.96 27.86
CA VAL L 76 12.88 -37.35 29.25
C VAL L 76 11.62 -38.09 29.69
N ALA L 77 10.48 -37.45 29.45
CA ALA L 77 9.16 -38.04 29.72
C ALA L 77 9.11 -39.47 29.20
N SER L 78 9.50 -39.67 27.95
CA SER L 78 9.49 -41.00 27.32
C SER L 78 10.49 -41.95 27.98
N LYS L 79 11.60 -41.42 28.47
CA LYS L 79 12.65 -42.22 29.10
C LYS L 79 12.32 -42.59 30.55
N ALA L 80 11.57 -41.72 31.22
CA ALA L 80 11.02 -42.04 32.54
C ALA L 80 10.03 -43.18 32.40
N ASN L 81 9.26 -43.14 31.31
CA ASN L 81 8.31 -44.19 30.95
C ASN L 81 9.00 -45.52 30.68
N ASP L 82 10.22 -45.46 30.13
CA ASP L 82 10.99 -46.65 29.81
C ASP L 82 11.58 -47.30 31.08
N ALA L 83 11.86 -46.46 32.07
CA ALA L 83 12.46 -46.93 33.33
C ALA L 83 11.45 -47.56 34.28
N ALA L 84 10.28 -46.92 34.42
CA ALA L 84 9.25 -47.35 35.39
C ALA L 84 7.86 -47.60 34.77
N GLY L 85 7.44 -46.72 33.87
CA GLY L 85 6.11 -46.79 33.26
C GLY L 85 5.16 -45.79 33.89
N ASP L 86 5.59 -45.25 35.02
CA ASP L 86 4.81 -44.31 35.78
C ASP L 86 5.66 -43.04 35.92
N GLY L 87 5.02 -41.93 36.29
CA GLY L 87 5.74 -40.71 36.67
C GLY L 87 6.27 -39.85 35.52
N THR L 88 5.63 -39.95 34.36
CA THR L 88 6.04 -39.20 33.17
C THR L 88 5.62 -37.74 33.30
N THR L 89 4.44 -37.53 33.85
CA THR L 89 3.94 -36.18 34.11
C THR L 89 4.75 -35.54 35.25
N THR L 90 5.07 -36.35 36.27
CA THR L 90 5.84 -35.91 37.43
C THR L 90 7.28 -35.55 37.03
N ALA L 91 7.81 -36.25 36.03
CA ALA L 91 9.13 -35.90 35.50
C ALA L 91 9.08 -34.53 34.84
N THR L 92 8.06 -34.32 34.00
CA THR L 92 7.98 -33.13 33.18
C THR L 92 7.74 -31.88 34.03
N VAL L 93 6.96 -32.02 35.11
CA VAL L 93 6.70 -30.86 35.97
C VAL L 93 7.96 -30.46 36.72
N LEU L 94 8.82 -31.44 36.99
CA LEU L 94 10.10 -31.22 37.66
C LEU L 94 11.06 -30.54 36.70
N ALA L 95 11.23 -31.14 35.52
CA ALA L 95 12.12 -30.61 34.49
C ALA L 95 11.87 -29.13 34.23
N GLN L 96 10.60 -28.76 34.09
CA GLN L 96 10.23 -27.38 33.88
C GLN L 96 10.73 -26.49 35.03
N ALA L 97 10.46 -26.93 36.25
CA ALA L 97 10.79 -26.16 37.44
C ALA L 97 12.27 -25.95 37.65
N ILE L 98 13.08 -26.91 37.19
CA ILE L 98 14.54 -26.76 37.25
C ILE L 98 15.01 -25.83 36.14
N ILE L 99 14.43 -25.98 34.96
CA ILE L 99 14.82 -25.17 33.81
C ILE L 99 14.46 -23.71 34.00
N THR L 100 13.20 -23.45 34.38
CA THR L 100 12.70 -22.09 34.54
C THR L 100 13.51 -21.31 35.59
N GLU L 101 13.74 -21.94 36.73
CA GLU L 101 14.51 -21.32 37.80
C GLU L 101 16.01 -21.32 37.51
N GLY L 102 16.46 -22.34 36.77
CA GLY L 102 17.86 -22.45 36.37
C GLY L 102 18.25 -21.32 35.44
N LEU L 103 17.52 -21.18 34.33
CA LEU L 103 17.78 -20.14 33.35
C LEU L 103 17.70 -18.74 33.95
N LYS L 104 16.84 -18.56 34.94
CA LYS L 104 16.74 -17.29 35.67
C LYS L 104 18.10 -16.91 36.26
N ALA L 105 18.81 -17.91 36.79
CA ALA L 105 20.12 -17.70 37.40
C ALA L 105 21.19 -17.41 36.34
N VAL L 106 21.08 -18.09 35.21
CA VAL L 106 22.04 -17.91 34.12
C VAL L 106 21.93 -16.50 33.58
N ALA L 107 20.69 -16.03 33.44
CA ALA L 107 20.41 -14.68 32.94
C ALA L 107 20.80 -13.61 33.97
N ALA L 108 20.80 -13.99 35.25
CA ALA L 108 21.25 -13.11 36.31
C ALA L 108 22.77 -12.92 36.25
N GLY L 109 23.45 -13.90 35.66
CA GLY L 109 24.90 -13.83 35.42
C GLY L 109 25.70 -14.83 36.24
N MET L 110 25.22 -16.06 36.27
CA MET L 110 25.89 -17.12 37.04
C MET L 110 26.39 -18.21 36.11
N ASN L 111 27.44 -18.90 36.55
CA ASN L 111 28.08 -19.93 35.74
C ASN L 111 27.19 -21.17 35.57
N PRO L 112 26.80 -21.47 34.32
CA PRO L 112 25.94 -22.63 34.05
C PRO L 112 26.58 -23.93 34.51
N MET L 113 27.88 -24.08 34.28
CA MET L 113 28.60 -25.29 34.66
C MET L 113 28.60 -25.51 36.17
N ASP L 114 28.62 -24.44 36.95
CA ASP L 114 28.51 -24.52 38.41
C ASP L 114 27.07 -24.77 38.84
N LEU L 115 26.12 -24.29 38.04
CA LEU L 115 24.70 -24.50 38.32
C LEU L 115 24.31 -25.95 38.08
N LYS L 116 24.89 -26.56 37.05
CA LYS L 116 24.62 -27.96 36.76
C LYS L 116 25.14 -28.85 37.89
N ARG L 117 26.39 -28.63 38.29
CA ARG L 117 27.02 -29.42 39.36
C ARG L 117 26.28 -29.28 40.68
N GLY L 118 25.72 -28.08 40.92
CA GLY L 118 24.90 -27.83 42.11
C GLY L 118 23.62 -28.64 42.12
N ILE L 119 22.97 -28.71 40.95
CA ILE L 119 21.75 -29.49 40.78
C ILE L 119 22.04 -30.98 40.95
N ASP L 120 23.05 -31.48 40.25
CA ASP L 120 23.38 -32.91 40.26
C ASP L 120 23.79 -33.42 41.64
N LYS L 121 24.50 -32.58 42.41
CA LYS L 121 24.89 -32.93 43.77
C LYS L 121 23.68 -32.96 44.67
N ALA L 122 22.76 -32.01 44.48
CA ALA L 122 21.50 -31.97 45.21
C ALA L 122 20.64 -33.18 44.88
N VAL L 123 20.72 -33.63 43.65
CA VAL L 123 19.97 -34.81 43.20
C VAL L 123 20.55 -36.11 43.76
N THR L 124 21.87 -36.27 43.66
CA THR L 124 22.55 -37.47 44.17
C THR L 124 22.31 -37.63 45.67
N ALA L 125 22.20 -36.50 46.36
CA ALA L 125 21.88 -36.47 47.79
C ALA L 125 20.39 -36.75 48.03
N ALA L 126 19.56 -36.34 47.08
CA ALA L 126 18.11 -36.54 47.17
C ALA L 126 17.72 -38.00 46.94
N VAL L 127 18.41 -38.65 46.00
CA VAL L 127 18.23 -40.08 45.76
C VAL L 127 18.68 -40.89 46.98
N GLU L 128 19.76 -40.42 47.62
CA GLU L 128 20.30 -41.03 48.81
C GLU L 128 19.35 -40.86 50.01
N GLU L 129 18.74 -39.68 50.11
CA GLU L 129 17.77 -39.38 51.17
C GLU L 129 16.46 -40.13 50.93
N LEU L 130 16.15 -40.36 49.66
CA LEU L 130 14.93 -41.03 49.26
C LEU L 130 14.93 -42.50 49.64
N LYS L 131 16.09 -43.14 49.53
CA LYS L 131 16.25 -44.54 49.91
C LYS L 131 15.98 -44.75 51.40
N ALA L 132 16.30 -43.74 52.20
CA ALA L 132 16.08 -43.79 53.65
C ALA L 132 14.61 -43.62 54.01
N LEU L 133 13.89 -42.86 53.19
CA LEU L 133 12.46 -42.60 53.40
C LEU L 133 11.59 -43.73 52.87
N SER L 134 12.18 -44.63 52.08
CA SER L 134 11.47 -45.75 51.46
C SER L 134 11.05 -46.82 52.46
N VAL L 135 9.82 -47.30 52.32
CA VAL L 135 9.31 -48.40 53.13
C VAL L 135 9.23 -49.66 52.24
N PRO L 136 10.12 -50.63 52.48
CA PRO L 136 10.24 -51.81 51.61
C PRO L 136 9.01 -52.71 51.62
N CYS L 137 8.80 -53.44 50.53
CA CYS L 137 7.79 -54.47 50.44
C CYS L 137 8.45 -55.85 50.31
N SER L 138 8.55 -56.55 51.44
CA SER L 138 9.25 -57.84 51.50
C SER L 138 8.29 -59.03 51.42
N ASP L 139 7.45 -59.19 52.45
CA ASP L 139 6.49 -60.30 52.52
C ASP L 139 5.35 -60.17 51.52
N SER L 140 4.77 -61.30 51.13
CA SER L 140 3.72 -61.34 50.11
C SER L 140 2.35 -60.81 50.57
N LYS L 141 2.28 -60.37 51.82
CA LYS L 141 1.07 -59.76 52.38
C LYS L 141 1.04 -58.24 52.11
N ALA L 142 2.21 -57.60 52.20
CA ALA L 142 2.36 -56.18 51.90
C ALA L 142 2.48 -55.94 50.39
N ILE L 143 2.86 -56.98 49.65
CA ILE L 143 2.91 -56.96 48.18
C ILE L 143 1.49 -56.92 47.61
N ALA L 144 0.56 -57.59 48.29
CA ALA L 144 -0.85 -57.62 47.90
C ALA L 144 -1.53 -56.26 48.07
N GLN L 145 -1.09 -55.49 49.06
CA GLN L 145 -1.62 -54.16 49.33
C GLN L 145 -1.34 -53.16 48.20
N VAL L 146 -0.17 -53.27 47.59
CA VAL L 146 0.25 -52.37 46.51
C VAL L 146 -0.52 -52.65 45.22
N GLY L 147 -0.72 -53.93 44.91
CA GLY L 147 -1.47 -54.33 43.73
C GLY L 147 -2.96 -54.04 43.81
N THR L 148 -3.47 -53.89 45.03
CA THR L 148 -4.89 -53.60 45.27
C THR L 148 -5.24 -52.13 45.02
N ILE L 149 -4.47 -51.21 45.60
CA ILE L 149 -4.74 -49.76 45.50
C ILE L 149 -4.36 -49.19 44.12
N SER L 150 -3.43 -49.85 43.44
CA SER L 150 -3.02 -49.45 42.08
C SER L 150 -4.05 -49.82 41.01
N ALA L 151 -4.90 -50.80 41.33
CA ALA L 151 -5.96 -51.25 40.43
C ALA L 151 -7.35 -50.78 40.90
N ASN L 152 -7.39 -49.59 41.51
CA ASN L 152 -8.63 -48.96 42.00
C ASN L 152 -9.41 -49.81 43.02
N SER L 153 -8.75 -50.09 44.16
CA SER L 153 -9.34 -50.84 45.29
C SER L 153 -9.91 -52.22 44.94
N ASP L 154 -9.29 -52.90 43.98
CA ASP L 154 -9.71 -54.23 43.54
C ASP L 154 -8.83 -55.30 44.19
N GLU L 155 -9.43 -56.12 45.04
CA GLU L 155 -8.71 -57.14 45.81
C GLU L 155 -8.39 -58.39 44.98
N THR L 156 -9.15 -58.62 43.91
CA THR L 156 -8.95 -59.78 43.05
C THR L 156 -7.64 -59.65 42.25
N VAL L 157 -7.27 -58.41 41.93
CA VAL L 157 -6.05 -58.12 41.19
C VAL L 157 -4.81 -58.39 42.05
N GLY L 158 -4.81 -57.85 43.26
CA GLY L 158 -3.70 -57.99 44.20
C GLY L 158 -3.44 -59.42 44.65
N LYS L 159 -4.50 -60.23 44.68
CA LYS L 159 -4.41 -61.64 45.07
C LYS L 159 -3.69 -62.46 44.01
N LEU L 160 -3.91 -62.13 42.75
CA LEU L 160 -3.29 -62.85 41.63
C LEU L 160 -1.79 -62.60 41.53
N ILE L 161 -1.40 -61.34 41.73
CA ILE L 161 0.01 -60.95 41.66
C ILE L 161 0.81 -61.65 42.77
N ALA L 162 0.27 -61.66 43.98
CA ALA L 162 0.91 -62.31 45.12
C ALA L 162 1.09 -63.81 44.91
N GLU L 163 0.11 -64.45 44.28
CA GLU L 163 0.18 -65.88 43.95
C GLU L 163 1.17 -66.15 42.82
N ALA L 164 1.29 -65.20 41.90
CA ALA L 164 2.22 -65.32 40.78
C ALA L 164 3.66 -65.16 41.26
N MET L 165 3.88 -64.23 42.19
CA MET L 165 5.21 -63.97 42.73
C MET L 165 5.64 -65.05 43.73
N ASP L 166 4.67 -65.81 44.23
CA ASP L 166 4.95 -66.92 45.15
C ASP L 166 5.38 -68.16 44.37
N LYS L 167 5.17 -68.15 43.06
CA LYS L 167 5.51 -69.29 42.20
C LYS L 167 6.89 -69.16 41.56
N VAL L 168 7.16 -68.02 40.92
CA VAL L 168 8.42 -67.80 40.20
C VAL L 168 9.44 -66.99 40.99
N GLY L 169 8.98 -66.33 42.05
CA GLY L 169 9.86 -65.52 42.89
C GLY L 169 9.74 -64.04 42.58
N LYS L 170 10.56 -63.24 43.29
CA LYS L 170 10.56 -61.79 43.13
C LYS L 170 11.33 -61.38 41.88
N GLU L 171 12.27 -62.23 41.48
CA GLU L 171 13.08 -61.99 40.28
C GLU L 171 12.45 -62.66 39.05
N GLY L 172 11.47 -63.52 39.30
CA GLY L 172 10.82 -64.31 38.24
C GLY L 172 10.05 -63.51 37.21
N VAL L 173 9.72 -64.15 36.09
CA VAL L 173 9.06 -63.48 34.97
C VAL L 173 7.55 -63.70 35.03
N ILE L 174 6.80 -62.61 35.02
CA ILE L 174 5.33 -62.67 35.08
C ILE L 174 4.70 -61.95 33.89
N THR L 175 3.79 -62.65 33.20
CA THR L 175 3.12 -62.11 32.02
C THR L 175 1.60 -62.29 32.08
N VAL L 176 0.88 -61.34 31.50
CA VAL L 176 -0.58 -61.36 31.45
C VAL L 176 -1.07 -61.50 30.02
N GLU L 177 -2.03 -62.39 29.82
CA GLU L 177 -2.69 -62.56 28.52
C GLU L 177 -4.20 -62.75 28.68
N ASP L 178 -4.91 -62.79 27.55
CA ASP L 178 -6.37 -62.93 27.53
C ASP L 178 -6.85 -64.23 28.15
N GLY L 179 -7.98 -64.17 28.85
CA GLY L 179 -8.54 -65.33 29.54
C GLY L 179 -9.36 -66.24 28.65
N THR L 180 -9.59 -67.46 29.13
CA THR L 180 -10.34 -68.48 28.39
C THR L 180 -11.82 -68.45 28.73
N GLY L 181 -12.15 -68.10 29.97
CA GLY L 181 -13.53 -68.14 30.43
C GLY L 181 -13.84 -67.21 31.58
N LEU L 182 -14.38 -67.78 32.66
CA LEU L 182 -14.97 -66.99 33.74
C LEU L 182 -14.12 -66.91 35.02
N GLN L 183 -13.05 -67.70 35.09
CA GLN L 183 -12.19 -67.67 36.27
C GLN L 183 -10.75 -67.37 35.91
N ASP L 184 -10.06 -66.68 36.82
CA ASP L 184 -8.67 -66.31 36.64
C ASP L 184 -7.79 -67.55 36.76
N GLU L 185 -6.98 -67.79 35.74
CA GLU L 185 -6.11 -68.97 35.70
C GLU L 185 -4.64 -68.59 35.88
N LEU L 186 -3.87 -69.52 36.43
CA LEU L 186 -2.45 -69.31 36.71
C LEU L 186 -1.64 -70.58 36.52
N ASP L 187 -0.84 -70.62 35.46
CA ASP L 187 0.07 -71.72 35.19
C ASP L 187 1.50 -71.23 35.05
N VAL L 188 2.46 -72.11 35.33
CA VAL L 188 3.87 -71.82 35.10
C VAL L 188 4.36 -72.68 33.94
N VAL L 189 4.63 -72.04 32.81
CA VAL L 189 5.07 -72.74 31.61
C VAL L 189 6.53 -72.45 31.29
N GLU L 190 7.15 -73.37 30.54
CA GLU L 190 8.56 -73.27 30.19
C GLU L 190 8.83 -72.10 29.23
N GLY L 191 9.46 -71.05 29.75
CA GLY L 191 9.75 -69.85 28.97
C GLY L 191 10.99 -69.10 29.45
N MET L 192 11.27 -67.98 28.80
CA MET L 192 12.48 -67.20 29.10
C MET L 192 12.30 -65.73 28.73
N GLN L 193 12.98 -64.83 29.45
CA GLN L 193 12.99 -63.41 29.13
C GLN L 193 14.41 -62.85 29.17
N PHE L 194 14.79 -62.15 28.12
CA PHE L 194 16.12 -61.52 28.03
C PHE L 194 16.06 -60.02 27.77
N ASP L 195 17.13 -59.33 28.19
CA ASP L 195 17.22 -57.88 28.19
C ASP L 195 17.65 -57.29 26.84
N ARG L 196 17.09 -57.84 25.77
CA ARG L 196 17.25 -57.30 24.42
C ARG L 196 15.89 -57.05 23.80
N GLY L 197 15.82 -56.08 22.89
CA GLY L 197 14.56 -55.71 22.25
C GLY L 197 14.64 -55.74 20.74
N TYR L 198 13.61 -55.21 20.09
CA TYR L 198 13.58 -55.13 18.63
C TYR L 198 14.49 -54.02 18.10
N LEU L 199 14.84 -54.09 16.82
CA LEU L 199 15.67 -53.08 16.17
C LEU L 199 14.85 -51.93 15.57
N SER L 200 13.77 -52.28 14.87
CA SER L 200 12.90 -51.30 14.24
C SER L 200 11.59 -51.13 15.02
N PRO L 201 11.24 -49.89 15.39
CA PRO L 201 10.00 -49.63 16.13
C PRO L 201 8.74 -49.50 15.25
N TYR L 202 8.60 -50.41 14.29
CA TYR L 202 7.41 -50.48 13.45
C TYR L 202 6.69 -51.83 13.56
N PHE L 203 7.40 -52.85 14.04
CA PHE L 203 6.84 -54.19 14.22
C PHE L 203 5.73 -54.19 15.28
N ILE L 204 5.50 -53.02 15.89
CA ILE L 204 4.46 -52.82 16.88
C ILE L 204 3.08 -53.03 16.26
N ASN L 205 2.28 -53.92 16.87
CA ASN L 205 0.92 -54.22 16.40
C ASN L 205 -0.19 -53.76 17.36
N LYS L 206 0.19 -53.48 18.61
CA LYS L 206 -0.72 -52.88 19.59
C LYS L 206 -0.09 -51.59 20.13
N PRO L 207 -0.54 -50.42 19.63
CA PRO L 207 0.02 -49.12 20.04
C PRO L 207 -0.22 -48.76 21.52
N GLU L 208 -1.22 -49.39 22.13
CA GLU L 208 -1.49 -49.24 23.57
C GLU L 208 -0.52 -50.04 24.44
N THR L 209 0.26 -50.93 23.82
CA THR L 209 1.34 -51.66 24.49
C THR L 209 2.68 -51.06 24.07
N GLY L 210 2.77 -50.64 22.81
CA GLY L 210 4.02 -50.21 22.21
C GLY L 210 4.92 -51.39 21.90
N ALA L 211 4.36 -52.59 22.04
CA ALA L 211 5.12 -53.84 21.94
C ALA L 211 4.57 -54.78 20.87
N VAL L 212 5.45 -55.61 20.32
CA VAL L 212 5.10 -56.65 19.36
C VAL L 212 4.43 -57.80 20.12
N GLU L 213 3.52 -58.51 19.45
CA GLU L 213 2.78 -59.61 20.04
C GLU L 213 2.40 -60.66 18.99
N LEU L 214 3.15 -61.75 18.93
CA LEU L 214 2.96 -62.79 17.91
C LEU L 214 2.54 -64.13 18.52
N GLU L 215 1.38 -64.62 18.11
CA GLU L 215 0.86 -65.90 18.59
C GLU L 215 1.17 -67.05 17.63
N SER L 216 1.38 -68.24 18.20
CA SER L 216 1.79 -69.43 17.46
C SER L 216 2.94 -69.18 16.47
N PRO L 217 4.06 -68.58 16.94
CA PRO L 217 5.13 -68.17 16.05
C PRO L 217 6.28 -69.17 15.89
N PHE L 218 6.99 -69.06 14.76
CA PHE L 218 8.21 -69.82 14.51
C PHE L 218 9.44 -69.02 14.96
N ILE L 219 10.45 -69.72 15.46
CA ILE L 219 11.61 -69.08 16.07
C ILE L 219 12.91 -69.49 15.38
N LEU L 220 13.62 -68.50 14.84
CA LEU L 220 14.91 -68.73 14.19
C LEU L 220 16.08 -68.22 15.03
N LEU L 221 17.10 -69.04 15.15
CA LEU L 221 18.30 -68.71 15.90
C LEU L 221 19.53 -68.75 15.00
N ALA L 222 20.09 -67.57 14.75
CA ALA L 222 21.26 -67.42 13.86
C ALA L 222 22.48 -66.90 14.62
N ASP L 223 23.64 -67.44 14.26
CA ASP L 223 24.90 -67.17 14.95
C ASP L 223 25.52 -65.82 14.56
N LYS L 224 25.48 -65.51 13.27
CA LYS L 224 26.17 -64.34 12.73
C LYS L 224 25.23 -63.19 12.32
N LYS L 225 25.84 -62.06 11.94
CA LYS L 225 25.11 -60.86 11.50
C LYS L 225 24.51 -61.04 10.11
N ILE L 226 23.28 -60.58 9.95
CA ILE L 226 22.55 -60.73 8.68
C ILE L 226 22.52 -59.42 7.89
N SER L 227 23.29 -59.38 6.80
CA SER L 227 23.36 -58.20 5.94
C SER L 227 22.63 -58.40 4.61
N ASN L 228 22.43 -59.66 4.23
CA ASN L 228 21.69 -60.00 3.01
C ASN L 228 20.44 -60.83 3.30
N ILE L 229 19.33 -60.43 2.70
CA ILE L 229 18.04 -61.10 2.90
C ILE L 229 17.88 -62.33 2.02
N ARG L 230 18.82 -62.53 1.09
CA ARG L 230 18.81 -63.70 0.21
C ARG L 230 19.14 -64.99 0.98
N GLU L 231 19.62 -64.82 2.23
CA GLU L 231 20.00 -65.94 3.09
C GLU L 231 18.81 -66.56 3.84
N MET L 232 17.70 -65.83 3.89
CA MET L 232 16.52 -66.26 4.63
C MET L 232 15.43 -66.86 3.76
N LEU L 233 15.55 -66.67 2.44
CA LEU L 233 14.48 -67.04 1.48
C LEU L 233 13.86 -68.44 1.63
N PRO L 234 14.68 -69.51 1.74
CA PRO L 234 14.09 -70.86 1.86
C PRO L 234 13.33 -71.09 3.17
N VAL L 235 13.56 -70.24 4.16
CA VAL L 235 12.87 -70.30 5.44
C VAL L 235 11.57 -69.49 5.38
N LEU L 236 11.66 -68.24 4.90
CA LEU L 236 10.53 -67.31 4.82
C LEU L 236 9.44 -67.70 3.83
N GLU L 237 9.80 -68.45 2.78
CA GLU L 237 8.83 -68.98 1.84
C GLU L 237 8.08 -70.19 2.41
N ALA L 238 8.76 -70.95 3.26
CA ALA L 238 8.16 -72.11 3.92
C ALA L 238 7.30 -71.73 5.13
N VAL L 239 7.53 -70.52 5.66
CA VAL L 239 6.74 -69.97 6.77
C VAL L 239 5.32 -69.60 6.32
N ALA L 240 5.19 -69.22 5.05
CA ALA L 240 3.90 -68.86 4.45
C ALA L 240 2.85 -69.98 4.58
N LYS L 241 3.33 -71.21 4.83
CA LYS L 241 2.45 -72.36 5.09
C LYS L 241 1.76 -72.26 6.45
N ALA L 242 0.48 -72.65 6.48
CA ALA L 242 -0.38 -72.62 7.67
C ALA L 242 -0.85 -71.22 8.10
N GLY L 243 0.04 -70.23 8.00
CA GLY L 243 -0.29 -68.83 8.26
C GLY L 243 0.15 -68.29 9.60
N LYS L 244 1.37 -68.65 10.00
CA LYS L 244 1.90 -68.31 11.31
C LYS L 244 3.19 -67.47 11.21
N PRO L 245 3.29 -66.40 12.04
CA PRO L 245 4.37 -65.41 11.97
C PRO L 245 5.76 -65.95 12.34
N LEU L 246 6.76 -65.06 12.34
CA LEU L 246 8.16 -65.46 12.54
C LEU L 246 8.97 -64.51 13.45
N LEU L 247 9.93 -65.08 14.16
CA LEU L 247 10.85 -64.34 15.01
C LEU L 247 12.30 -64.75 14.70
N ILE L 248 13.18 -63.76 14.66
CA ILE L 248 14.61 -64.01 14.44
C ILE L 248 15.43 -63.56 15.64
N ILE L 249 16.23 -64.48 16.18
CA ILE L 249 17.17 -64.14 17.24
C ILE L 249 18.60 -64.34 16.73
N ALA L 250 19.18 -63.26 16.22
CA ALA L 250 20.53 -63.27 15.66
C ALA L 250 21.38 -62.18 16.29
N GLU L 251 22.70 -62.31 16.13
CA GLU L 251 23.65 -61.32 16.65
C GLU L 251 23.23 -59.90 16.29
N ASP L 252 22.96 -59.67 15.00
CA ASP L 252 22.45 -58.40 14.51
C ASP L 252 21.95 -58.57 13.08
N VAL L 253 21.02 -57.72 12.67
CA VAL L 253 20.58 -57.66 11.29
C VAL L 253 20.84 -56.24 10.76
N GLU L 254 21.79 -56.13 9.83
CA GLU L 254 22.28 -54.82 9.38
C GLU L 254 21.89 -54.48 7.93
N GLY L 255 21.55 -53.22 7.72
CA GLY L 255 21.32 -52.67 6.39
C GLY L 255 20.14 -53.23 5.62
N GLU L 256 20.46 -54.02 4.58
CA GLU L 256 19.49 -54.46 3.57
C GLU L 256 18.37 -55.34 4.11
N ALA L 257 18.74 -56.45 4.75
CA ALA L 257 17.76 -57.41 5.29
C ALA L 257 16.86 -56.80 6.35
N LEU L 258 17.42 -55.88 7.13
CA LEU L 258 16.71 -55.16 8.17
C LEU L 258 15.54 -54.34 7.61
N ALA L 259 15.86 -53.43 6.70
CA ALA L 259 14.89 -52.49 6.14
C ALA L 259 13.82 -53.14 5.26
N THR L 260 14.17 -54.27 4.65
CA THR L 260 13.27 -54.99 3.74
C THR L 260 12.14 -55.70 4.50
N LEU L 261 12.41 -56.13 5.74
CA LEU L 261 11.41 -56.78 6.58
C LEU L 261 10.37 -55.80 7.12
N VAL L 262 10.80 -54.57 7.37
CA VAL L 262 9.92 -53.49 7.83
C VAL L 262 8.97 -53.08 6.71
N VAL L 263 9.48 -53.11 5.48
CA VAL L 263 8.68 -52.93 4.27
C VAL L 263 7.74 -54.14 4.11
N ASN L 264 8.20 -55.33 4.50
CA ASN L 264 7.40 -56.55 4.45
C ASN L 264 6.25 -56.59 5.47
N THR L 265 6.28 -55.70 6.45
CA THR L 265 5.23 -55.64 7.47
C THR L 265 4.08 -54.69 7.10
N MET L 266 4.41 -53.58 6.45
CA MET L 266 3.41 -52.63 5.95
C MET L 266 2.41 -53.33 5.02
N ARG L 267 2.93 -53.99 3.99
CA ARG L 267 2.12 -54.75 3.04
C ARG L 267 1.49 -55.97 3.70
N GLY L 268 2.11 -56.45 4.77
CA GLY L 268 1.61 -57.59 5.54
C GLY L 268 2.16 -58.92 5.09
N ILE L 269 3.09 -58.88 4.13
CA ILE L 269 3.72 -60.10 3.58
C ILE L 269 4.66 -60.73 4.61
N VAL L 270 4.06 -61.53 5.50
CA VAL L 270 4.76 -62.20 6.61
C VAL L 270 5.36 -61.21 7.64
N LYS L 271 4.70 -61.09 8.78
CA LYS L 271 5.14 -60.20 9.87
C LYS L 271 6.33 -60.81 10.62
N VAL L 272 7.47 -60.12 10.57
CA VAL L 272 8.70 -60.60 11.20
C VAL L 272 9.36 -59.52 12.06
N ALA L 273 9.62 -59.85 13.32
CA ALA L 273 10.36 -58.98 14.22
C ALA L 273 11.74 -59.58 14.52
N ALA L 274 12.76 -58.72 14.58
CA ALA L 274 14.13 -59.17 14.80
C ALA L 274 14.69 -58.63 16.12
N VAL L 275 15.25 -59.54 16.91
CA VAL L 275 15.82 -59.18 18.22
C VAL L 275 17.28 -59.59 18.36
N LYS L 276 18.07 -58.74 19.03
CA LYS L 276 19.48 -59.00 19.25
C LYS L 276 19.69 -60.17 20.21
N ALA L 277 20.74 -60.94 19.96
CA ALA L 277 21.07 -62.10 20.80
C ALA L 277 21.54 -61.66 22.18
N PRO L 278 21.09 -62.38 23.24
CA PRO L 278 21.41 -62.01 24.62
C PRO L 278 22.90 -62.11 24.95
N GLY L 279 23.46 -61.03 25.48
CA GLY L 279 24.87 -61.01 25.86
C GLY L 279 25.83 -60.82 24.70
N PHE L 280 27.05 -61.35 24.84
CA PHE L 280 28.10 -61.19 23.84
C PHE L 280 29.20 -62.24 23.98
N GLY L 281 29.83 -62.59 22.87
CA GLY L 281 31.00 -63.49 22.87
C GLY L 281 30.67 -64.93 23.18
N ASP L 282 31.34 -65.48 24.18
CA ASP L 282 31.19 -66.89 24.57
C ASP L 282 29.87 -67.19 25.28
N ARG L 283 29.37 -66.23 26.06
CA ARG L 283 28.08 -66.38 26.75
C ARG L 283 26.90 -66.28 25.78
N ARG L 284 27.09 -65.53 24.69
CA ARG L 284 26.10 -65.39 23.62
C ARG L 284 25.90 -66.73 22.90
N LYS L 285 27.03 -67.31 22.46
CA LYS L 285 27.05 -68.63 21.82
C LYS L 285 26.32 -69.68 22.66
N ALA L 286 26.49 -69.60 23.97
CA ALA L 286 25.85 -70.52 24.92
C ALA L 286 24.37 -70.22 25.14
N MET L 287 24.03 -68.94 25.23
CA MET L 287 22.66 -68.52 25.52
C MET L 287 21.69 -68.77 24.36
N LEU L 288 22.23 -69.03 23.17
CA LEU L 288 21.42 -69.37 22.00
C LEU L 288 20.78 -70.76 22.14
N GLN L 289 21.55 -71.73 22.61
CA GLN L 289 21.10 -73.11 22.76
C GLN L 289 20.11 -73.26 23.93
N ASP L 290 20.10 -72.27 24.82
CA ASP L 290 19.13 -72.19 25.90
C ASP L 290 17.71 -72.01 25.34
N ILE L 291 17.60 -71.15 24.34
CA ILE L 291 16.34 -70.93 23.64
C ILE L 291 16.04 -72.10 22.70
N ALA L 292 17.09 -72.70 22.15
CA ALA L 292 16.95 -73.85 21.25
C ALA L 292 16.39 -75.08 21.96
N THR L 293 16.98 -75.43 23.11
CA THR L 293 16.51 -76.56 23.92
C THR L 293 15.12 -76.31 24.48
N LEU L 294 14.78 -75.04 24.64
CA LEU L 294 13.45 -74.61 25.09
C LEU L 294 12.41 -74.84 23.99
N THR L 295 12.71 -74.31 22.80
CA THR L 295 11.77 -74.32 21.68
C THR L 295 11.72 -75.66 20.93
N GLY L 296 12.82 -76.42 21.01
CA GLY L 296 12.89 -77.76 20.40
C GLY L 296 13.62 -77.83 19.07
N GLY L 297 14.32 -76.75 18.74
CA GLY L 297 15.06 -76.66 17.47
C GLY L 297 16.57 -76.61 17.64
N THR L 298 17.24 -76.10 16.61
CA THR L 298 18.70 -76.00 16.62
C THR L 298 19.16 -74.65 16.08
N VAL L 299 20.26 -74.14 16.63
CA VAL L 299 20.84 -72.88 16.21
C VAL L 299 21.80 -73.12 15.05
N ILE L 300 21.59 -72.41 13.95
CA ILE L 300 22.48 -72.51 12.78
C ILE L 300 23.73 -71.66 12.96
N SER L 301 24.89 -72.31 12.95
CA SER L 301 26.17 -71.64 13.13
C SER L 301 27.08 -71.83 11.91
N GLU L 302 27.47 -70.70 11.29
CA GLU L 302 28.41 -70.71 10.17
C GLU L 302 29.81 -71.13 10.58
N GLU L 303 30.02 -71.27 11.89
CA GLU L 303 31.32 -71.60 12.46
C GLU L 303 31.48 -73.10 12.75
N ILE L 304 30.65 -73.92 12.08
CA ILE L 304 30.75 -75.38 12.11
C ILE L 304 30.67 -75.94 10.69
N GLY L 305 29.73 -75.39 9.91
CA GLY L 305 29.51 -75.82 8.52
C GLY L 305 28.11 -75.51 8.02
N MET L 306 27.16 -75.40 8.94
CA MET L 306 25.75 -75.16 8.60
C MET L 306 25.50 -73.75 8.04
N GLU L 307 24.66 -73.68 7.02
CA GLU L 307 24.25 -72.41 6.41
C GLU L 307 22.75 -72.16 6.61
N LEU L 308 22.30 -70.95 6.30
CA LEU L 308 20.88 -70.58 6.40
C LEU L 308 20.08 -70.94 5.15
N GLU L 309 20.78 -71.27 4.06
CA GLU L 309 20.15 -71.69 2.80
C GLU L 309 19.63 -73.13 2.87
N LYS L 310 20.18 -73.92 3.79
CA LYS L 310 19.88 -75.36 3.88
C LYS L 310 19.34 -75.76 5.26
N ALA L 311 18.05 -75.50 5.48
CA ALA L 311 17.38 -75.87 6.73
C ALA L 311 15.86 -75.93 6.54
N THR L 312 15.27 -77.09 6.86
CA THR L 312 13.82 -77.30 6.78
C THR L 312 13.08 -76.64 7.96
N LEU L 313 11.76 -76.74 7.96
CA LEU L 313 10.92 -76.10 8.98
C LEU L 313 11.11 -76.64 10.40
N GLU L 314 11.63 -77.86 10.50
CA GLU L 314 11.87 -78.53 11.79
C GLU L 314 12.95 -77.83 12.63
N ASP L 315 13.94 -77.25 11.96
CA ASP L 315 15.06 -76.56 12.61
C ASP L 315 14.60 -75.31 13.37
N LEU L 316 13.41 -74.82 13.03
CA LEU L 316 12.82 -73.65 13.67
C LEU L 316 12.10 -74.00 14.96
N GLY L 317 12.33 -73.20 16.00
CA GLY L 317 11.69 -73.39 17.29
C GLY L 317 10.24 -72.94 17.30
N GLN L 318 9.46 -73.45 18.25
CA GLN L 318 8.03 -73.17 18.32
C GLN L 318 7.54 -72.90 19.75
N ALA L 319 7.03 -71.69 19.98
CA ALA L 319 6.38 -71.32 21.23
C ALA L 319 4.90 -71.01 20.98
N LYS L 320 4.21 -70.51 22.00
CA LYS L 320 2.80 -70.16 21.85
C LYS L 320 2.56 -68.65 21.71
N ARG L 321 3.39 -67.85 22.39
CA ARG L 321 3.23 -66.40 22.38
C ARG L 321 4.56 -65.70 22.68
N VAL L 322 4.84 -64.61 21.97
CA VAL L 322 6.05 -63.80 22.21
C VAL L 322 5.75 -62.30 22.27
N VAL L 323 6.34 -61.64 23.27
CA VAL L 323 6.18 -60.19 23.47
C VAL L 323 7.56 -59.53 23.37
N ILE L 324 7.62 -58.42 22.64
CA ILE L 324 8.88 -57.70 22.45
C ILE L 324 8.74 -56.21 22.76
N ASN L 325 9.28 -55.81 23.90
CA ASN L 325 9.33 -54.40 24.29
C ASN L 325 10.51 -53.70 23.58
N LYS L 326 10.73 -52.42 23.91
CA LYS L 326 11.83 -51.63 23.35
C LYS L 326 13.19 -52.15 23.82
N ASP L 327 13.17 -52.99 24.85
CA ASP L 327 14.38 -53.59 25.43
C ASP L 327 14.13 -54.93 26.16
N THR L 328 12.89 -55.44 26.11
CA THR L 328 12.48 -56.64 26.86
C THR L 328 11.78 -57.69 26.00
N THR L 329 12.49 -58.76 25.67
CA THR L 329 11.90 -59.84 24.88
C THR L 329 11.65 -61.07 25.74
N THR L 330 10.44 -61.61 25.64
CA THR L 330 10.03 -62.78 26.43
C THR L 330 9.38 -63.87 25.59
N ILE L 331 9.63 -65.11 25.98
CA ILE L 331 9.10 -66.30 25.33
C ILE L 331 8.09 -66.98 26.26
N ILE L 332 6.98 -67.45 25.71
CA ILE L 332 5.96 -68.15 26.51
C ILE L 332 5.59 -69.51 25.93
N ASP L 333 5.67 -70.54 26.79
CA ASP L 333 5.31 -71.93 26.47
C ASP L 333 5.97 -72.46 25.18
N GLY L 334 7.29 -72.59 25.23
CA GLY L 334 8.03 -73.25 24.16
C GLY L 334 8.00 -74.74 24.37
N VAL L 335 7.27 -75.44 23.51
CA VAL L 335 7.11 -76.89 23.62
C VAL L 335 8.35 -77.61 23.09
N GLY L 336 9.02 -78.33 23.97
CA GLY L 336 10.19 -79.14 23.63
C GLY L 336 10.28 -80.38 24.50
N GLU L 337 11.26 -81.23 24.19
CA GLU L 337 11.50 -82.45 24.97
C GLU L 337 11.81 -82.11 26.42
N GLU L 338 11.07 -82.75 27.34
CA GLU L 338 11.25 -82.53 28.79
C GLU L 338 12.61 -83.01 29.31
N ALA L 339 13.22 -83.97 28.59
CA ALA L 339 14.56 -84.47 28.90
C ALA L 339 15.65 -83.61 28.24
N ALA L 340 15.23 -82.67 27.40
CA ALA L 340 16.15 -81.70 26.78
C ALA L 340 16.08 -80.33 27.47
N ILE L 341 14.92 -80.02 28.05
CA ILE L 341 14.74 -78.79 28.83
C ILE L 341 15.56 -78.86 30.12
N GLN L 342 15.43 -79.97 30.84
CA GLN L 342 16.18 -80.18 32.08
C GLN L 342 17.56 -80.77 31.80
N GLY L 343 17.74 -81.31 30.59
CA GLY L 343 18.99 -81.94 30.17
C GLY L 343 20.16 -80.99 30.00
N ARG L 344 19.85 -79.75 29.63
CA ARG L 344 20.86 -78.70 29.52
C ARG L 344 21.28 -78.22 30.91
N VAL L 345 20.35 -78.33 31.87
CA VAL L 345 20.58 -77.84 33.24
C VAL L 345 21.68 -78.64 33.98
N ALA L 346 21.89 -79.89 33.57
CA ALA L 346 22.96 -80.72 34.12
C ALA L 346 24.34 -80.16 33.78
N GLN L 347 24.44 -79.51 32.62
CA GLN L 347 25.71 -78.92 32.15
C GLN L 347 26.07 -77.58 32.80
N ILE L 348 25.08 -76.91 33.39
CA ILE L 348 25.28 -75.57 33.97
C ILE L 348 25.71 -75.63 35.44
N ARG L 349 25.46 -76.76 36.11
CA ARG L 349 25.91 -76.97 37.48
C ARG L 349 27.31 -77.60 37.52
N GLN L 350 27.68 -78.27 36.43
CA GLN L 350 29.03 -78.84 36.25
C GLN L 350 30.09 -77.74 36.11
N GLN L 351 29.63 -76.52 35.86
CA GLN L 351 30.50 -75.35 35.73
C GLN L 351 30.85 -74.76 37.10
N ILE L 352 29.99 -74.98 38.09
CA ILE L 352 30.19 -74.48 39.45
C ILE L 352 31.42 -75.13 40.09
N GLU L 353 31.50 -76.46 39.98
CA GLU L 353 32.67 -77.22 40.41
C GLU L 353 33.92 -76.79 39.66
N GLU L 354 33.78 -76.56 38.35
CA GLU L 354 34.90 -76.21 37.47
C GLU L 354 35.13 -74.70 37.35
N ALA L 355 34.44 -73.92 38.19
CA ALA L 355 34.57 -72.47 38.17
C ALA L 355 35.87 -72.00 38.83
N THR L 356 36.70 -71.35 38.04
CA THR L 356 37.95 -70.77 38.52
C THR L 356 37.76 -69.29 38.87
N SER L 357 37.00 -68.58 38.05
CA SER L 357 36.65 -67.18 38.29
C SER L 357 35.20 -67.08 38.78
N ASP L 358 34.93 -66.10 39.65
CA ASP L 358 33.59 -65.90 40.21
C ASP L 358 32.58 -65.32 39.20
N TYR L 359 33.09 -64.84 38.06
CA TYR L 359 32.26 -64.32 36.98
C TYR L 359 31.46 -65.43 36.29
N ASP L 360 32.10 -66.59 36.13
CA ASP L 360 31.41 -67.77 35.63
C ASP L 360 30.35 -68.24 36.64
N ARG L 361 30.67 -68.15 37.93
CA ARG L 361 29.72 -68.45 38.99
C ARG L 361 28.77 -67.26 39.25
N GLU L 362 28.82 -66.27 38.36
CA GLU L 362 27.85 -65.18 38.35
C GLU L 362 26.89 -65.31 37.17
N LYS L 363 27.44 -65.41 35.96
CA LYS L 363 26.65 -65.40 34.72
C LYS L 363 25.95 -66.72 34.42
N LEU L 364 26.64 -67.83 34.68
CA LEU L 364 26.06 -69.15 34.49
C LEU L 364 25.19 -69.55 35.68
N GLN L 365 25.17 -68.70 36.70
CA GLN L 365 24.23 -68.78 37.81
C GLN L 365 22.99 -67.97 37.45
N GLU L 366 23.19 -66.87 36.71
CA GLU L 366 22.11 -66.02 36.21
C GLU L 366 21.50 -66.56 34.91
N ARG L 367 22.00 -67.72 34.48
CA ARG L 367 21.43 -68.45 33.35
C ARG L 367 20.30 -69.39 33.80
N VAL L 368 20.56 -70.15 34.87
CA VAL L 368 19.60 -71.14 35.41
C VAL L 368 18.34 -70.54 36.05
N ALA L 369 18.35 -69.23 36.28
CA ALA L 369 17.18 -68.52 36.83
C ALA L 369 16.14 -68.26 35.74
N LYS L 370 16.58 -68.24 34.48
CA LYS L 370 15.73 -67.95 33.33
C LYS L 370 15.12 -69.22 32.72
N LEU L 371 15.91 -70.30 32.69
CA LEU L 371 15.48 -71.59 32.15
C LEU L 371 14.50 -72.30 33.08
N ALA L 372 14.93 -72.55 34.31
CA ALA L 372 14.12 -73.25 35.31
C ALA L 372 13.01 -72.38 35.86
N GLY L 373 13.23 -71.06 35.88
CA GLY L 373 12.24 -70.10 36.35
C GLY L 373 10.98 -70.10 35.51
N GLY L 374 11.12 -69.76 34.23
CA GLY L 374 10.00 -69.78 33.30
C GLY L 374 9.18 -68.49 33.33
N VAL L 375 7.88 -68.64 33.07
CA VAL L 375 6.96 -67.50 33.01
C VAL L 375 5.68 -67.79 33.79
N ALA L 376 5.27 -66.82 34.62
CA ALA L 376 4.02 -66.89 35.37
C ALA L 376 2.88 -66.25 34.56
N VAL L 377 2.11 -67.08 33.88
CA VAL L 377 1.03 -66.62 33.02
C VAL L 377 -0.27 -66.41 33.82
N ILE L 378 -0.84 -65.22 33.69
CA ILE L 378 -2.11 -64.89 34.34
C ILE L 378 -3.18 -64.65 33.26
N LYS L 379 -4.13 -65.58 33.18
CA LYS L 379 -5.22 -65.47 32.21
C LYS L 379 -6.47 -64.93 32.89
N VAL L 380 -6.68 -63.62 32.77
CA VAL L 380 -7.77 -62.92 33.46
C VAL L 380 -9.11 -63.12 32.74
N GLY L 381 -10.10 -63.60 33.49
CA GLY L 381 -11.43 -63.87 32.93
C GLY L 381 -12.57 -63.19 33.67
N ALA L 382 -13.65 -62.91 32.95
CA ALA L 382 -14.82 -62.24 33.51
C ALA L 382 -16.13 -62.87 33.02
N ALA L 383 -17.24 -62.13 33.16
CA ALA L 383 -18.56 -62.61 32.76
C ALA L 383 -18.94 -62.23 31.32
N THR L 384 -18.67 -60.98 30.95
CA THR L 384 -18.90 -60.49 29.59
C THR L 384 -17.67 -59.76 29.05
N GLU L 385 -17.80 -59.14 27.87
CA GLU L 385 -16.66 -58.53 27.19
C GLU L 385 -16.29 -57.13 27.66
N VAL L 386 -17.27 -56.38 28.18
CA VAL L 386 -17.05 -55.03 28.73
C VAL L 386 -16.21 -55.09 30.02
N GLU L 387 -16.30 -56.22 30.73
CA GLU L 387 -15.59 -56.41 31.98
C GLU L 387 -14.26 -57.18 31.82
N MET L 388 -14.16 -58.00 30.77
CA MET L 388 -12.98 -58.83 30.55
C MET L 388 -11.75 -57.99 30.16
N LYS L 389 -11.88 -57.25 29.06
CA LYS L 389 -10.78 -56.42 28.56
C LYS L 389 -10.43 -55.26 29.50
N GLU L 390 -11.31 -54.98 30.45
CA GLU L 390 -11.11 -53.90 31.41
C GLU L 390 -10.21 -54.32 32.57
N LYS L 391 -10.49 -55.50 33.14
CA LYS L 391 -9.70 -56.04 34.27
C LYS L 391 -8.26 -56.36 33.85
N LYS L 392 -8.11 -57.14 32.78
CA LYS L 392 -6.81 -57.48 32.22
C LYS L 392 -5.90 -56.25 32.09
N ALA L 393 -6.50 -55.15 31.63
CA ALA L 393 -5.80 -53.88 31.44
C ALA L 393 -5.29 -53.29 32.76
N ARG L 394 -6.14 -53.31 33.77
CA ARG L 394 -5.80 -52.74 35.09
C ARG L 394 -4.80 -53.58 35.88
N VAL L 395 -4.57 -54.82 35.43
CA VAL L 395 -3.60 -55.71 36.06
C VAL L 395 -2.17 -55.26 35.76
N GLU L 396 -1.92 -54.89 34.50
CA GLU L 396 -0.60 -54.45 34.04
C GLU L 396 -0.21 -53.06 34.56
N ASP L 397 -1.22 -52.23 34.87
CA ASP L 397 -1.01 -50.94 35.53
C ASP L 397 -0.64 -51.10 37.01
N ALA L 398 -1.12 -52.19 37.61
CA ALA L 398 -0.79 -52.53 39.00
C ALA L 398 0.47 -53.38 39.10
N LEU L 399 0.66 -54.25 38.11
CA LEU L 399 1.83 -55.14 38.05
C LEU L 399 3.12 -54.34 37.95
N HIS L 400 3.19 -53.44 36.97
CA HIS L 400 4.32 -52.52 36.80
C HIS L 400 4.64 -51.75 38.07
N ALA L 401 3.59 -51.39 38.82
CA ALA L 401 3.75 -50.69 40.09
C ALA L 401 4.28 -51.62 41.17
N THR L 402 3.81 -52.87 41.16
CA THR L 402 4.24 -53.88 42.12
C THR L 402 5.70 -54.28 41.89
N ARG L 403 6.09 -54.34 40.62
CA ARG L 403 7.47 -54.61 40.24
C ARG L 403 8.44 -53.61 40.87
N ALA L 404 8.08 -52.33 40.78
CA ALA L 404 8.89 -51.26 41.33
C ALA L 404 8.81 -51.20 42.86
N ALA L 405 7.71 -51.70 43.39
CA ALA L 405 7.50 -51.77 44.83
C ALA L 405 8.40 -52.80 45.50
N VAL L 406 8.87 -53.77 44.72
CA VAL L 406 9.75 -54.82 45.23
C VAL L 406 11.21 -54.40 45.09
N GLU L 407 11.55 -53.80 43.95
CA GLU L 407 12.94 -53.47 43.64
C GLU L 407 13.53 -52.39 44.54
N GLU L 408 12.79 -51.30 44.74
CA GLU L 408 13.28 -50.17 45.52
C GLU L 408 12.38 -49.79 46.69
N GLY L 409 11.11 -50.18 46.60
CA GLY L 409 10.15 -49.91 47.67
C GLY L 409 9.13 -48.86 47.29
N VAL L 410 8.39 -48.39 48.29
CA VAL L 410 7.37 -47.35 48.11
C VAL L 410 7.53 -46.19 49.08
N VAL L 411 7.51 -44.97 48.55
CA VAL L 411 7.57 -43.77 49.38
C VAL L 411 6.20 -43.16 49.52
N ALA L 412 6.11 -42.12 50.33
CA ALA L 412 4.84 -41.44 50.56
C ALA L 412 4.41 -40.64 49.33
N GLY L 413 3.20 -40.88 48.85
CA GLY L 413 2.70 -40.25 47.63
C GLY L 413 2.33 -38.78 47.79
N GLY L 414 1.57 -38.26 46.82
CA GLY L 414 1.08 -36.88 46.86
C GLY L 414 2.17 -35.85 46.64
N GLY L 415 3.32 -36.34 46.16
CA GLY L 415 4.49 -35.51 45.92
C GLY L 415 5.13 -35.04 47.22
N VAL L 416 4.77 -35.66 48.33
CA VAL L 416 5.28 -35.29 49.65
C VAL L 416 6.67 -35.87 49.90
N ALA L 417 6.97 -36.96 49.21
CA ALA L 417 8.26 -37.60 49.33
C ALA L 417 9.36 -36.62 49.00
N LEU L 418 9.19 -35.95 47.86
CA LEU L 418 10.18 -34.98 47.40
C LEU L 418 10.21 -33.73 48.28
N ILE L 419 9.05 -33.27 48.70
CA ILE L 419 8.96 -32.07 49.51
C ILE L 419 9.50 -32.31 50.93
N ARG L 420 9.52 -33.58 51.33
CA ARG L 420 10.08 -34.01 52.60
C ARG L 420 11.60 -34.06 52.49
N VAL L 421 12.09 -34.50 51.33
CA VAL L 421 13.51 -34.51 51.04
C VAL L 421 14.05 -33.07 50.98
N ALA L 422 13.25 -32.17 50.43
CA ALA L 422 13.60 -30.75 50.30
C ALA L 422 13.97 -30.08 51.62
N SER L 423 13.16 -30.32 52.66
CA SER L 423 13.41 -29.73 53.98
C SER L 423 14.61 -30.36 54.68
N LYS L 424 14.96 -31.59 54.27
CA LYS L 424 16.06 -32.33 54.88
C LYS L 424 17.40 -32.06 54.21
N LEU L 425 17.39 -31.30 53.12
CA LEU L 425 18.62 -30.95 52.43
C LEU L 425 18.87 -29.43 52.42
N ALA L 426 18.24 -28.72 53.34
CA ALA L 426 18.34 -27.27 53.41
C ALA L 426 19.73 -26.81 53.85
N ASP L 427 20.48 -27.69 54.51
CA ASP L 427 21.83 -27.39 54.97
C ASP L 427 22.91 -27.75 53.93
N LEU L 428 22.49 -28.31 52.80
CA LEU L 428 23.42 -28.72 51.75
C LEU L 428 24.01 -27.51 51.03
N ARG L 429 25.33 -27.53 50.90
CA ARG L 429 26.08 -26.45 50.24
C ARG L 429 27.06 -27.01 49.19
N GLY L 430 27.47 -26.15 48.26
CA GLY L 430 28.40 -26.55 47.20
C GLY L 430 29.81 -26.07 47.48
N GLN L 431 30.49 -25.58 46.44
CA GLN L 431 31.86 -25.08 46.58
C GLN L 431 31.96 -23.56 46.47
N ASN L 432 31.15 -22.98 45.60
CA ASN L 432 31.02 -21.53 45.49
C ASN L 432 29.56 -21.09 45.49
N GLU L 433 29.34 -19.78 45.52
CA GLU L 433 27.99 -19.20 45.57
C GLU L 433 27.10 -19.68 44.43
N ASP L 434 27.67 -19.79 43.23
CA ASP L 434 26.93 -20.23 42.06
C ASP L 434 26.43 -21.67 42.18
N GLN L 435 27.23 -22.53 42.81
CA GLN L 435 26.81 -23.90 43.07
C GLN L 435 25.72 -23.94 44.13
N ASN L 436 25.83 -23.04 45.11
CA ASN L 436 24.85 -22.95 46.20
C ASN L 436 23.44 -22.66 45.70
N VAL L 437 23.32 -21.80 44.70
CA VAL L 437 22.04 -21.46 44.10
C VAL L 437 21.53 -22.64 43.27
N GLY L 438 22.46 -23.35 42.64
CA GLY L 438 22.13 -24.55 41.87
C GLY L 438 21.39 -25.59 42.70
N ILE L 439 21.78 -25.71 43.97
CA ILE L 439 21.12 -26.61 44.90
C ILE L 439 19.71 -26.10 45.24
N LYS L 440 19.61 -24.81 45.58
CA LYS L 440 18.34 -24.20 45.96
C LYS L 440 17.33 -24.20 44.82
N VAL L 441 17.83 -24.21 43.59
CA VAL L 441 16.99 -24.35 42.40
C VAL L 441 16.36 -25.73 42.39
N ALA L 442 17.17 -26.76 42.66
CA ALA L 442 16.70 -28.13 42.67
C ALA L 442 15.73 -28.42 43.82
N LEU L 443 15.97 -27.80 44.96
CA LEU L 443 15.12 -28.01 46.14
C LEU L 443 13.76 -27.33 45.99
N ARG L 444 13.73 -26.18 45.32
CA ARG L 444 12.47 -25.48 45.06
C ARG L 444 11.72 -26.12 43.89
N ALA L 445 12.41 -26.96 43.14
CA ALA L 445 11.81 -27.71 42.04
C ALA L 445 11.06 -28.92 42.56
N MET L 446 11.51 -29.44 43.70
CA MET L 446 10.91 -30.63 44.29
C MET L 446 9.55 -30.32 44.89
N GLU L 447 9.29 -29.04 45.15
CA GLU L 447 8.01 -28.60 45.68
C GLU L 447 6.94 -28.59 44.61
N ALA L 448 7.36 -28.44 43.35
CA ALA L 448 6.44 -28.23 42.22
C ALA L 448 5.42 -29.35 41.96
N PRO L 449 5.84 -30.63 42.01
CA PRO L 449 4.87 -31.71 41.81
C PRO L 449 3.66 -31.61 42.74
N LEU L 450 3.90 -31.44 44.04
CA LEU L 450 2.82 -31.26 45.01
C LEU L 450 2.00 -30.01 44.65
N ARG L 451 2.70 -28.89 44.45
CA ARG L 451 2.07 -27.61 44.12
C ARG L 451 1.18 -27.68 42.88
N GLN L 452 1.57 -28.52 41.93
CA GLN L 452 0.79 -28.68 40.71
C GLN L 452 -0.48 -29.50 40.95
N ILE L 453 -0.40 -30.51 41.81
CA ILE L 453 -1.58 -31.32 42.14
C ILE L 453 -2.62 -30.48 42.86
N VAL L 454 -2.17 -29.63 43.78
CA VAL L 454 -3.04 -28.73 44.52
C VAL L 454 -3.69 -27.71 43.60
N LEU L 455 -2.95 -27.27 42.58
CA LEU L 455 -3.47 -26.30 41.62
C LEU L 455 -4.64 -26.85 40.82
N ASN L 456 -4.54 -28.12 40.44
CA ASN L 456 -5.62 -28.82 39.75
C ASN L 456 -6.83 -29.06 40.66
N CYS L 457 -6.58 -29.17 41.96
CA CYS L 457 -7.62 -29.38 42.97
C CYS L 457 -8.36 -28.09 43.29
N GLY L 458 -7.89 -26.98 42.72
CA GLY L 458 -8.52 -25.68 42.88
C GLY L 458 -8.06 -24.91 44.10
N GLU L 459 -7.48 -25.60 45.08
CA GLU L 459 -6.95 -24.97 46.29
C GLU L 459 -5.62 -24.25 46.00
N GLU L 460 -5.29 -23.25 46.83
CA GLU L 460 -4.05 -22.48 46.66
C GLU L 460 -2.84 -23.33 47.04
N PRO L 461 -1.92 -23.54 46.08
CA PRO L 461 -0.77 -24.45 46.28
C PRO L 461 0.15 -23.96 47.38
N SER L 462 0.33 -22.64 47.46
CA SER L 462 1.19 -22.02 48.46
C SER L 462 0.76 -22.35 49.90
N VAL L 463 -0.55 -22.33 50.14
CA VAL L 463 -1.11 -22.61 51.46
C VAL L 463 -0.90 -24.08 51.84
N VAL L 464 -1.20 -24.98 50.91
CA VAL L 464 -1.13 -26.42 51.17
C VAL L 464 0.31 -26.89 51.36
N ALA L 465 1.20 -26.45 50.47
CA ALA L 465 2.62 -26.78 50.56
C ALA L 465 3.25 -26.28 51.87
N ASN L 466 2.81 -25.11 52.31
CA ASN L 466 3.27 -24.54 53.58
C ASN L 466 2.80 -25.36 54.79
N THR L 467 1.62 -25.97 54.68
CA THR L 467 1.07 -26.78 55.76
C THR L 467 1.74 -28.14 55.82
N VAL L 468 2.06 -28.70 54.65
CA VAL L 468 2.74 -29.99 54.57
C VAL L 468 4.17 -29.91 55.11
N LYS L 469 4.84 -28.79 54.85
CA LYS L 469 6.20 -28.57 55.35
C LYS L 469 6.30 -28.41 56.87
N GLY L 470 5.26 -27.81 57.47
CA GLY L 470 5.19 -27.59 58.92
C GLY L 470 5.09 -28.89 59.71
N GLY L 471 4.25 -29.79 59.23
CA GLY L 471 4.15 -31.14 59.79
C GLY L 471 5.29 -32.01 59.28
N ASP L 472 5.54 -33.13 59.95
CA ASP L 472 6.66 -34.00 59.63
C ASP L 472 6.23 -35.42 59.28
N GLY L 473 7.10 -36.13 58.58
CA GLY L 473 6.90 -37.54 58.25
C GLY L 473 6.11 -37.77 56.97
N ASN L 474 5.20 -38.73 57.03
CA ASN L 474 4.39 -39.12 55.86
C ASN L 474 3.04 -38.39 55.85
N TYR L 475 3.04 -37.20 56.44
CA TYR L 475 1.87 -36.34 56.53
C TYR L 475 1.78 -35.51 55.26
N GLY L 476 0.66 -35.64 54.57
CA GLY L 476 0.46 -34.93 53.29
C GLY L 476 -0.97 -34.53 53.00
N TYR L 477 -1.21 -34.14 51.75
CA TYR L 477 -2.52 -33.68 51.32
C TYR L 477 -3.14 -34.66 50.34
N ASN L 478 -4.36 -35.08 50.66
CA ASN L 478 -5.16 -35.90 49.77
C ASN L 478 -6.03 -35.00 48.91
N ALA L 479 -5.71 -34.94 47.62
CA ALA L 479 -6.42 -34.07 46.69
C ALA L 479 -7.80 -34.58 46.33
N ALA L 480 -7.98 -35.91 46.38
CA ALA L 480 -9.26 -36.54 46.07
C ALA L 480 -10.35 -36.21 47.11
N THR L 481 -9.96 -36.24 48.38
CA THR L 481 -10.90 -36.03 49.48
C THR L 481 -10.81 -34.64 50.09
N GLU L 482 -9.80 -33.87 49.67
CA GLU L 482 -9.50 -32.53 50.22
C GLU L 482 -9.21 -32.59 51.73
N GLU L 483 -8.63 -33.71 52.16
CA GLU L 483 -8.32 -33.97 53.58
C GLU L 483 -6.82 -34.16 53.77
N TYR L 484 -6.30 -33.67 54.90
CA TYR L 484 -4.91 -33.94 55.27
C TYR L 484 -4.82 -35.25 56.03
N GLY L 485 -3.61 -35.79 56.15
CA GLY L 485 -3.39 -36.98 56.96
C GLY L 485 -2.20 -37.81 56.52
N ASN L 486 -2.06 -38.98 57.16
CA ASN L 486 -1.00 -39.93 56.81
C ASN L 486 -1.27 -40.53 55.44
N MET L 487 -0.32 -40.37 54.55
CA MET L 487 -0.49 -40.80 53.16
C MET L 487 -0.52 -42.32 53.04
N ILE L 488 0.40 -42.98 53.74
CA ILE L 488 0.47 -44.44 53.70
C ILE L 488 -0.84 -45.06 54.17
N ASP L 489 -1.39 -44.52 55.26
CA ASP L 489 -2.64 -45.00 55.83
C ASP L 489 -3.83 -44.75 54.90
N MET L 490 -3.72 -43.71 54.07
CA MET L 490 -4.77 -43.36 53.13
C MET L 490 -4.63 -44.07 51.78
N GLY L 491 -3.59 -44.90 51.66
CA GLY L 491 -3.36 -45.67 50.44
C GLY L 491 -2.73 -44.89 49.29
N ILE L 492 -2.37 -43.63 49.54
CA ILE L 492 -1.69 -42.80 48.56
C ILE L 492 -0.19 -43.02 48.64
N LEU L 493 0.36 -43.75 47.68
CA LEU L 493 1.79 -44.04 47.67
C LEU L 493 2.36 -44.19 46.28
N ASP L 494 3.64 -43.81 46.14
CA ASP L 494 4.35 -43.93 44.88
C ASP L 494 5.54 -44.85 45.06
N PRO L 495 5.75 -45.76 44.10
CA PRO L 495 6.95 -46.61 44.13
C PRO L 495 8.20 -45.75 44.11
N THR L 496 9.14 -46.04 45.01
CA THR L 496 10.37 -45.25 45.14
C THR L 496 11.08 -45.13 43.79
N LYS L 497 11.09 -46.22 43.04
CA LYS L 497 11.73 -46.29 41.72
C LYS L 497 11.22 -45.21 40.75
N VAL L 498 9.91 -45.03 40.69
CA VAL L 498 9.33 -44.04 39.79
C VAL L 498 9.69 -42.61 40.17
N THR L 499 9.73 -42.32 41.46
CA THR L 499 10.07 -40.98 41.93
C THR L 499 11.56 -40.69 41.75
N ARG L 500 12.37 -41.72 41.91
CA ARG L 500 13.81 -41.60 41.68
C ARG L 500 14.09 -41.36 40.20
N SER L 501 13.38 -42.09 39.33
CA SER L 501 13.51 -41.91 37.89
C SER L 501 13.03 -40.54 37.45
N ALA L 502 11.87 -40.13 37.97
CA ALA L 502 11.29 -38.84 37.62
C ALA L 502 12.22 -37.67 37.97
N LEU L 503 12.91 -37.76 39.10
CA LEU L 503 13.81 -36.68 39.51
C LEU L 503 15.12 -36.70 38.73
N GLN L 504 15.75 -37.87 38.65
CA GLN L 504 17.05 -38.00 38.00
C GLN L 504 17.02 -37.57 36.54
N TYR L 505 16.05 -38.09 35.81
CA TYR L 505 15.93 -37.80 34.38
C TYR L 505 15.66 -36.31 34.16
N ALA L 506 14.73 -35.75 34.93
CA ALA L 506 14.38 -34.33 34.80
C ALA L 506 15.56 -33.42 35.09
N ALA L 507 16.44 -33.83 36.00
CA ALA L 507 17.64 -33.07 36.30
C ALA L 507 18.70 -33.23 35.19
N SER L 508 18.78 -34.43 34.63
CA SER L 508 19.76 -34.75 33.58
C SER L 508 19.58 -33.82 32.39
N VAL L 509 18.34 -33.67 31.92
CA VAL L 509 18.05 -32.81 30.77
C VAL L 509 18.21 -31.33 31.10
N ALA L 510 17.71 -30.91 32.27
CA ALA L 510 17.80 -29.52 32.69
C ALA L 510 19.27 -29.11 32.76
N GLY L 511 20.11 -30.03 33.23
CA GLY L 511 21.55 -29.83 33.31
C GLY L 511 22.16 -29.55 31.95
N LEU L 512 21.76 -30.35 30.96
CA LEU L 512 22.22 -30.18 29.60
C LEU L 512 21.69 -28.88 28.99
N MET L 513 20.45 -28.54 29.30
CA MET L 513 19.82 -27.36 28.73
C MET L 513 20.31 -26.05 29.34
N ILE L 514 20.74 -26.09 30.60
CA ILE L 514 21.26 -24.90 31.24
C ILE L 514 22.64 -24.56 30.70
N THR L 515 23.38 -25.58 30.29
CA THR L 515 24.71 -25.39 29.73
C THR L 515 24.69 -25.17 28.21
N THR L 516 23.53 -24.81 27.67
CA THR L 516 23.41 -24.56 26.23
C THR L 516 23.70 -23.11 25.89
N GLU L 517 24.57 -22.91 24.90
CA GLU L 517 24.95 -21.58 24.44
C GLU L 517 24.64 -21.35 22.97
N CYS L 518 24.62 -22.42 22.19
CA CYS L 518 24.42 -22.30 20.74
C CYS L 518 23.45 -23.33 20.20
N MET L 519 22.54 -22.87 19.34
CA MET L 519 21.56 -23.76 18.73
C MET L 519 21.60 -23.66 17.20
N VAL L 520 21.65 -24.82 16.56
CA VAL L 520 21.72 -24.91 15.11
C VAL L 520 20.57 -25.74 14.56
N THR L 521 19.72 -25.12 13.75
CA THR L 521 18.56 -25.77 13.14
C THR L 521 18.35 -25.37 11.68
N ASP L 522 17.45 -26.08 11.01
CA ASP L 522 17.13 -25.81 9.61
C ASP L 522 16.37 -24.48 9.46
N LEU L 523 16.55 -23.86 8.30
CA LEU L 523 15.96 -22.56 8.00
C LEU L 523 14.49 -22.69 7.61
N PRO L 524 13.62 -21.81 8.17
CA PRO L 524 12.18 -21.82 7.85
C PRO L 524 11.88 -21.46 6.40
N ALA M 1 4.56 -33.39 12.16
CA ALA M 1 3.60 -32.31 11.83
C ALA M 1 3.56 -31.24 12.93
N ALA M 2 3.71 -29.98 12.51
CA ALA M 2 3.66 -28.83 13.42
C ALA M 2 2.26 -28.66 14.01
N LYS M 3 2.21 -28.36 15.30
CA LYS M 3 0.94 -28.30 16.02
C LYS M 3 0.67 -26.93 16.61
N ASP M 4 -0.62 -26.64 16.83
CA ASP M 4 -1.07 -25.40 17.44
C ASP M 4 -1.67 -25.77 18.79
N VAL M 5 -1.32 -25.03 19.83
CA VAL M 5 -1.81 -25.35 21.17
C VAL M 5 -2.45 -24.14 21.85
N LYS M 6 -3.67 -24.31 22.31
CA LYS M 6 -4.39 -23.27 23.04
C LYS M 6 -4.75 -23.71 24.45
N PHE M 7 -4.68 -22.77 25.39
CA PHE M 7 -4.88 -23.07 26.81
C PHE M 7 -6.06 -22.33 27.41
N GLY M 8 -6.71 -23.00 28.37
CA GLY M 8 -7.70 -22.40 29.25
C GLY M 8 -8.86 -21.72 28.58
N ASN M 9 -9.14 -20.49 29.01
CA ASN M 9 -10.31 -19.73 28.57
C ASN M 9 -10.33 -19.56 27.06
N ASP M 10 -9.17 -19.24 26.50
CA ASP M 10 -8.95 -19.13 25.06
C ASP M 10 -9.33 -20.42 24.33
N ALA M 11 -9.02 -21.56 24.94
CA ALA M 11 -9.26 -22.86 24.32
C ALA M 11 -10.72 -23.25 24.40
N ARG M 12 -11.38 -22.87 25.48
CA ARG M 12 -12.77 -23.25 25.70
C ARG M 12 -13.76 -22.50 24.80
N VAL M 13 -13.53 -21.20 24.63
CA VAL M 13 -14.43 -20.37 23.83
C VAL M 13 -14.49 -20.85 22.38
N LYS M 14 -13.44 -21.53 21.94
CA LYS M 14 -13.37 -22.12 20.60
C LYS M 14 -14.22 -23.38 20.52
N MET M 15 -14.34 -24.10 21.64
CA MET M 15 -15.22 -25.25 21.70
C MET M 15 -16.68 -24.82 21.71
N LEU M 16 -17.00 -23.87 22.57
CA LEU M 16 -18.37 -23.38 22.69
C LEU M 16 -18.86 -22.87 21.34
N ARG M 17 -18.04 -22.04 20.70
CA ARG M 17 -18.32 -21.51 19.37
C ARG M 17 -18.52 -22.65 18.37
N GLY M 18 -17.74 -23.72 18.53
CA GLY M 18 -17.82 -24.90 17.68
C GLY M 18 -19.08 -25.72 17.90
N VAL M 19 -19.43 -25.98 19.17
CA VAL M 19 -20.63 -26.76 19.47
C VAL M 19 -21.90 -25.99 19.13
N ASN M 20 -21.87 -24.67 19.32
CA ASN M 20 -22.99 -23.80 19.00
C ASN M 20 -23.40 -23.84 17.52
N VAL M 21 -22.44 -24.06 16.63
CA VAL M 21 -22.75 -24.22 15.22
C VAL M 21 -23.50 -25.55 15.02
N LEU M 22 -22.95 -26.65 15.52
CA LEU M 22 -23.59 -27.95 15.36
C LEU M 22 -24.96 -28.00 16.04
N ALA M 23 -25.06 -27.42 17.22
CA ALA M 23 -26.31 -27.43 17.97
C ALA M 23 -27.39 -26.63 17.25
N ASP M 24 -27.08 -25.39 16.91
CA ASP M 24 -28.05 -24.50 16.26
C ASP M 24 -28.51 -25.03 14.90
N ALA M 25 -27.66 -25.83 14.25
CA ALA M 25 -28.00 -26.43 12.97
C ALA M 25 -28.92 -27.63 13.16
N VAL M 26 -28.90 -28.21 14.36
CA VAL M 26 -29.69 -29.39 14.64
C VAL M 26 -30.97 -29.05 15.43
N LYS M 27 -30.84 -28.15 16.41
CA LYS M 27 -31.97 -27.82 17.30
C LYS M 27 -33.19 -27.23 16.58
N VAL M 28 -32.98 -26.77 15.36
CA VAL M 28 -34.06 -26.19 14.55
C VAL M 28 -35.00 -27.26 14.01
N THR M 29 -34.56 -28.52 14.07
CA THR M 29 -35.33 -29.61 13.49
C THR M 29 -36.04 -30.41 14.56
N LEU M 30 -36.16 -29.83 15.75
CA LEU M 30 -36.78 -30.54 16.87
C LEU M 30 -38.31 -30.43 16.83
N GLY M 31 -38.98 -31.50 17.27
CA GLY M 31 -40.43 -31.51 17.36
C GLY M 31 -41.12 -31.70 16.02
N PRO M 32 -42.46 -31.54 15.99
CA PRO M 32 -43.21 -31.64 14.76
C PRO M 32 -43.40 -30.28 14.09
N LYS M 33 -43.14 -29.21 14.85
CA LYS M 33 -43.15 -27.86 14.31
C LYS M 33 -41.74 -27.48 13.85
N GLY M 34 -40.93 -28.51 13.61
CA GLY M 34 -39.53 -28.37 13.19
C GLY M 34 -39.34 -27.76 11.82
N ARG M 35 -38.15 -27.24 11.59
CA ARG M 35 -37.79 -26.58 10.34
C ARG M 35 -36.93 -27.49 9.46
N ASN M 36 -36.88 -27.19 8.17
CA ASN M 36 -36.06 -27.95 7.23
C ASN M 36 -34.64 -27.41 7.19
N VAL M 37 -33.67 -28.33 7.12
CA VAL M 37 -32.28 -27.96 6.94
C VAL M 37 -31.83 -28.52 5.60
N VAL M 38 -31.27 -27.64 4.76
CA VAL M 38 -30.83 -28.03 3.41
C VAL M 38 -29.33 -28.32 3.39
N LEU M 39 -28.99 -29.51 2.90
CA LEU M 39 -27.60 -29.96 2.82
C LEU M 39 -27.16 -30.07 1.36
N ASP M 40 -26.07 -29.41 1.03
CA ASP M 40 -25.58 -29.39 -0.34
C ASP M 40 -24.83 -30.66 -0.71
N LYS M 41 -25.00 -31.07 -1.96
CA LYS M 41 -24.23 -32.16 -2.55
C LYS M 41 -23.59 -31.66 -3.84
N SER M 42 -22.40 -32.19 -4.16
CA SER M 42 -21.71 -31.82 -5.39
C SER M 42 -22.48 -32.27 -6.63
N PHE M 43 -23.04 -33.48 -6.59
CA PHE M 43 -23.79 -34.03 -7.71
C PHE M 43 -25.27 -33.63 -7.64
N GLY M 44 -25.68 -32.75 -8.54
CA GLY M 44 -27.09 -32.38 -8.72
C GLY M 44 -27.78 -31.64 -7.59
N ALA M 45 -29.02 -32.04 -7.32
CA ALA M 45 -29.92 -31.36 -6.37
C ALA M 45 -29.50 -31.50 -4.90
N PRO M 46 -29.75 -30.44 -4.10
CA PRO M 46 -29.46 -30.50 -2.66
C PRO M 46 -30.47 -31.34 -1.92
N THR M 47 -30.08 -31.85 -0.75
CA THR M 47 -30.96 -32.67 0.08
C THR M 47 -31.65 -31.79 1.12
N ILE M 48 -32.98 -31.84 1.14
CA ILE M 48 -33.77 -31.15 2.15
C ILE M 48 -34.26 -32.20 3.15
N THR M 49 -33.85 -32.06 4.41
CA THR M 49 -34.19 -33.04 5.44
C THR M 49 -34.44 -32.40 6.81
N LYS M 50 -35.14 -33.15 7.66
CA LYS M 50 -35.38 -32.77 9.04
C LYS M 50 -34.62 -33.69 10.01
N ASP M 51 -34.03 -34.77 9.46
CA ASP M 51 -33.32 -35.78 10.25
C ASP M 51 -32.07 -35.22 10.91
N GLY M 52 -32.13 -35.08 12.23
CA GLY M 52 -31.05 -34.51 13.02
C GLY M 52 -29.72 -35.22 12.88
N VAL M 53 -29.78 -36.50 12.50
CA VAL M 53 -28.56 -37.29 12.31
C VAL M 53 -27.86 -36.87 11.01
N SER M 54 -28.64 -36.76 9.95
CA SER M 54 -28.12 -36.40 8.63
C SER M 54 -27.49 -35.01 8.65
N VAL M 55 -28.09 -34.11 9.43
CA VAL M 55 -27.57 -32.75 9.57
C VAL M 55 -26.29 -32.74 10.38
N ALA M 56 -26.28 -33.46 11.50
CA ALA M 56 -25.11 -33.55 12.36
C ALA M 56 -23.89 -34.08 11.60
N ARG M 57 -24.10 -35.18 10.87
CA ARG M 57 -23.02 -35.82 10.09
C ARG M 57 -22.30 -34.86 9.16
N GLU M 58 -23.04 -33.92 8.61
CA GLU M 58 -22.48 -33.01 7.61
C GLU M 58 -21.64 -31.87 8.19
N ILE M 59 -21.86 -31.55 9.45
CA ILE M 59 -21.16 -30.42 10.07
C ILE M 59 -19.68 -30.73 10.32
N GLU M 60 -18.82 -29.84 9.82
CA GLU M 60 -17.38 -29.88 10.00
C GLU M 60 -16.80 -28.49 9.70
N LEU M 61 -16.30 -27.83 10.74
CA LEU M 61 -15.93 -26.42 10.65
C LEU M 61 -14.52 -26.16 10.14
N GLU M 62 -14.27 -24.91 9.73
CA GLU M 62 -12.96 -24.52 9.20
C GLU M 62 -11.92 -24.37 10.30
N ASP M 63 -12.22 -23.55 11.31
CA ASP M 63 -11.30 -23.35 12.43
C ASP M 63 -11.10 -24.66 13.17
N LYS M 64 -9.87 -25.16 13.14
CA LYS M 64 -9.58 -26.50 13.65
C LYS M 64 -10.08 -26.72 15.08
N PHE M 65 -9.94 -25.71 15.92
CA PHE M 65 -10.39 -25.76 17.30
C PHE M 65 -11.91 -25.81 17.39
N GLU M 66 -12.56 -24.95 16.62
CA GLU M 66 -14.03 -24.95 16.52
C GLU M 66 -14.53 -26.31 16.02
N ASN M 67 -13.84 -26.83 15.01
CA ASN M 67 -14.16 -28.15 14.45
C ASN M 67 -14.15 -29.23 15.53
N MET M 68 -13.11 -29.21 16.37
CA MET M 68 -12.98 -30.16 17.46
C MET M 68 -14.21 -30.15 18.37
N GLY M 69 -14.58 -28.94 18.81
CA GLY M 69 -15.77 -28.75 19.64
C GLY M 69 -16.97 -29.40 19.00
N ALA M 70 -17.28 -28.96 17.79
CA ALA M 70 -18.39 -29.49 17.00
C ALA M 70 -18.33 -31.01 16.84
N GLN M 71 -17.15 -31.53 16.51
CA GLN M 71 -16.97 -32.96 16.31
C GLN M 71 -17.07 -33.77 17.59
N MET M 72 -16.90 -33.10 18.73
CA MET M 72 -17.04 -33.76 20.03
C MET M 72 -18.49 -34.08 20.38
N VAL M 73 -19.37 -33.09 20.24
CA VAL M 73 -20.80 -33.29 20.53
C VAL M 73 -21.50 -34.12 19.46
N LYS M 74 -20.89 -34.18 18.27
CA LYS M 74 -21.36 -35.00 17.17
C LYS M 74 -21.24 -36.48 17.52
N GLU M 75 -20.16 -36.82 18.23
CA GLU M 75 -19.88 -38.18 18.71
C GLU M 75 -20.94 -38.71 19.65
N VAL M 76 -21.73 -37.80 20.20
CA VAL M 76 -22.77 -38.15 21.15
C VAL M 76 -24.06 -38.44 20.40
N ALA M 77 -24.44 -37.50 19.54
CA ALA M 77 -25.59 -37.65 18.66
C ALA M 77 -25.60 -39.02 17.98
N SER M 78 -24.46 -39.39 17.39
CA SER M 78 -24.34 -40.67 16.71
C SER M 78 -24.41 -41.86 17.67
N LYS M 79 -23.95 -41.67 18.91
CA LYS M 79 -23.96 -42.74 19.91
C LYS M 79 -25.33 -42.92 20.55
N ALA M 80 -26.09 -41.84 20.66
CA ALA M 80 -27.48 -41.91 21.09
C ALA M 80 -28.28 -42.69 20.06
N ASN M 81 -27.95 -42.46 18.79
CA ASN M 81 -28.53 -43.18 17.65
C ASN M 81 -28.20 -44.67 17.70
N ASP M 82 -27.02 -45.00 18.21
CA ASP M 82 -26.58 -46.39 18.33
C ASP M 82 -27.30 -47.13 19.46
N ALA M 83 -27.67 -46.38 20.51
CA ALA M 83 -28.33 -46.95 21.68
C ALA M 83 -29.83 -47.20 21.46
N ALA M 84 -30.52 -46.23 20.84
CA ALA M 84 -31.98 -46.28 20.66
C ALA M 84 -32.45 -46.12 19.20
N GLY M 85 -31.82 -45.20 18.46
CA GLY M 85 -32.24 -44.89 17.08
C GLY M 85 -33.06 -43.62 17.02
N ASP M 86 -33.50 -43.18 18.20
CA ASP M 86 -34.32 -42.00 18.35
C ASP M 86 -33.59 -41.05 19.30
N GLY M 87 -34.00 -39.78 19.28
CA GLY M 87 -33.56 -38.82 20.31
C GLY M 87 -32.18 -38.24 20.09
N THR M 88 -31.74 -38.19 18.84
CA THR M 88 -30.42 -37.65 18.51
C THR M 88 -30.42 -36.12 18.58
N THR M 89 -31.51 -35.51 18.15
CA THR M 89 -31.69 -34.06 18.24
C THR M 89 -31.89 -33.67 19.70
N THR M 90 -32.62 -34.50 20.44
CA THR M 90 -32.91 -34.25 21.86
C THR M 90 -31.63 -34.37 22.70
N ALA M 91 -30.72 -35.23 22.29
CA ALA M 91 -29.43 -35.34 22.94
C ALA M 91 -28.65 -34.05 22.74
N THR M 92 -28.60 -33.59 21.49
CA THR M 92 -27.76 -32.47 21.13
C THR M 92 -28.25 -31.17 21.75
N VAL M 93 -29.57 -31.01 21.89
CA VAL M 93 -30.10 -29.79 22.51
C VAL M 93 -29.77 -29.75 24.00
N LEU M 94 -29.67 -30.93 24.61
CA LEU M 94 -29.31 -31.09 26.00
C LEU M 94 -27.83 -30.78 26.20
N ALA M 95 -27.00 -31.46 25.42
CA ALA M 95 -25.56 -31.29 25.48
C ALA M 95 -25.17 -29.81 25.42
N GLN M 96 -25.79 -29.07 24.49
CA GLN M 96 -25.51 -27.65 24.34
C GLN M 96 -25.84 -26.90 25.64
N ALA M 97 -27.02 -27.20 26.19
CA ALA M 97 -27.54 -26.51 27.38
C ALA M 97 -26.71 -26.76 28.64
N ILE M 98 -26.08 -27.93 28.71
CA ILE M 98 -25.17 -28.26 29.80
C ILE M 98 -23.81 -27.56 29.59
N ILE M 99 -23.34 -27.58 28.34
CA ILE M 99 -22.05 -26.97 28.02
C ILE M 99 -22.08 -25.45 28.18
N THR M 100 -23.08 -24.81 27.57
CA THR M 100 -23.19 -23.35 27.60
C THR M 100 -23.26 -22.82 29.03
N GLU M 101 -24.12 -23.44 29.84
CA GLU M 101 -24.31 -23.04 31.24
C GLU M 101 -23.15 -23.51 32.11
N GLY M 102 -22.55 -24.64 31.72
CA GLY M 102 -21.42 -25.20 32.43
C GLY M 102 -20.21 -24.30 32.33
N LEU M 103 -19.83 -23.99 31.10
CA LEU M 103 -18.68 -23.11 30.83
C LEU M 103 -18.83 -21.73 31.46
N LYS M 104 -20.06 -21.23 31.55
CA LYS M 104 -20.37 -19.97 32.23
C LYS M 104 -19.88 -20.00 33.67
N ALA M 105 -20.07 -21.14 34.34
CA ALA M 105 -19.66 -21.33 35.72
C ALA M 105 -18.14 -21.44 35.84
N VAL M 106 -17.52 -22.10 34.86
CA VAL M 106 -16.06 -22.26 34.85
C VAL M 106 -15.39 -20.92 34.68
N ALA M 107 -15.93 -20.09 33.79
CA ALA M 107 -15.43 -18.74 33.54
C ALA M 107 -15.69 -17.79 34.72
N ALA M 108 -16.73 -18.09 35.50
CA ALA M 108 -17.03 -17.35 36.72
C ALA M 108 -16.00 -17.65 37.80
N GLY M 109 -15.35 -18.82 37.70
CA GLY M 109 -14.27 -19.20 38.59
C GLY M 109 -14.63 -20.35 39.51
N MET M 110 -15.22 -21.38 38.93
CA MET M 110 -15.63 -22.56 39.70
C MET M 110 -14.88 -23.80 39.23
N ASN M 111 -14.72 -24.76 40.12
CA ASN M 111 -13.95 -25.96 39.86
C ASN M 111 -14.67 -26.87 38.88
N PRO M 112 -14.05 -27.11 37.70
CA PRO M 112 -14.66 -27.95 36.68
C PRO M 112 -14.92 -29.38 37.16
N MET M 113 -13.97 -29.93 37.92
CA MET M 113 -14.11 -31.27 38.44
C MET M 113 -15.27 -31.42 39.42
N ASP M 114 -15.57 -30.36 40.16
CA ASP M 114 -16.74 -30.34 41.04
C ASP M 114 -18.03 -30.12 40.24
N LEU M 115 -17.92 -29.40 39.13
CA LEU M 115 -19.07 -29.16 38.27
C LEU M 115 -19.47 -30.42 37.55
N LYS M 116 -18.48 -31.23 37.14
CA LYS M 116 -18.77 -32.50 36.48
C LYS M 116 -19.50 -33.45 37.42
N ARG M 117 -18.97 -33.60 38.63
CA ARG M 117 -19.56 -34.49 39.64
C ARG M 117 -20.96 -34.08 40.02
N GLY M 118 -21.21 -32.76 40.02
CA GLY M 118 -22.54 -32.21 40.27
C GLY M 118 -23.54 -32.59 39.19
N ILE M 119 -23.10 -32.50 37.94
CA ILE M 119 -23.92 -32.89 36.80
C ILE M 119 -24.21 -34.39 36.82
N ASP M 120 -23.17 -35.20 36.98
CA ASP M 120 -23.31 -36.65 36.93
C ASP M 120 -24.19 -37.21 38.06
N LYS M 121 -24.13 -36.58 39.24
CA LYS M 121 -24.98 -36.98 40.35
C LYS M 121 -26.44 -36.60 40.08
N ALA M 122 -26.63 -35.42 39.51
CA ALA M 122 -27.96 -34.97 39.09
C ALA M 122 -28.56 -35.88 38.02
N VAL M 123 -27.70 -36.38 37.13
CA VAL M 123 -28.11 -37.29 36.06
C VAL M 123 -28.46 -38.69 36.59
N THR M 124 -27.59 -39.25 37.44
CA THR M 124 -27.82 -40.57 38.03
C THR M 124 -29.13 -40.57 38.82
N ALA M 125 -29.44 -39.42 39.44
CA ALA M 125 -30.70 -39.24 40.16
C ALA M 125 -31.87 -39.04 39.21
N ALA M 126 -31.60 -38.43 38.05
CA ALA M 126 -32.62 -38.19 37.05
C ALA M 126 -33.03 -39.47 36.33
N VAL M 127 -32.07 -40.35 36.07
CA VAL M 127 -32.34 -41.66 35.49
C VAL M 127 -33.16 -42.51 36.46
N GLU M 128 -32.85 -42.37 37.75
CA GLU M 128 -33.55 -43.08 38.81
C GLU M 128 -34.98 -42.57 38.95
N GLU M 129 -35.17 -41.26 38.83
CA GLU M 129 -36.49 -40.63 38.91
C GLU M 129 -37.30 -40.95 37.66
N LEU M 130 -36.60 -41.12 36.55
CA LEU M 130 -37.23 -41.39 35.25
C LEU M 130 -37.87 -42.78 35.22
N LYS M 131 -37.20 -43.75 35.85
CA LYS M 131 -37.72 -45.11 35.95
C LYS M 131 -39.04 -45.17 36.70
N ALA M 132 -39.20 -44.26 37.67
CA ALA M 132 -40.43 -44.18 38.47
C ALA M 132 -41.58 -43.53 37.68
N LEU M 133 -41.23 -42.64 36.77
CA LEU M 133 -42.22 -41.94 35.94
C LEU M 133 -42.65 -42.78 34.73
N SER M 134 -41.89 -43.83 34.45
CA SER M 134 -42.14 -44.70 33.31
C SER M 134 -43.39 -45.57 33.46
N VAL M 135 -44.17 -45.65 32.39
CA VAL M 135 -45.36 -46.51 32.34
C VAL M 135 -45.05 -47.72 31.44
N PRO M 136 -44.90 -48.90 32.04
CA PRO M 136 -44.46 -50.09 31.31
C PRO M 136 -45.46 -50.58 30.26
N CYS M 137 -44.94 -51.25 29.23
CA CYS M 137 -45.77 -51.93 28.24
C CYS M 137 -45.57 -53.45 28.35
N SER M 138 -46.51 -54.10 29.05
CA SER M 138 -46.44 -55.53 29.33
C SER M 138 -47.25 -56.36 28.34
N ASP M 139 -48.57 -56.22 28.40
CA ASP M 139 -49.49 -56.99 27.55
C ASP M 139 -49.44 -56.54 26.08
N SER M 140 -49.77 -57.47 25.18
CA SER M 140 -49.68 -57.23 23.73
C SER M 140 -50.77 -56.30 23.16
N LYS M 141 -51.63 -55.78 24.04
CA LYS M 141 -52.65 -54.81 23.67
C LYS M 141 -52.11 -53.38 23.77
N ALA M 142 -51.30 -53.12 24.80
CA ALA M 142 -50.64 -51.82 24.99
C ALA M 142 -49.39 -51.70 24.11
N ILE M 143 -48.85 -52.84 23.69
CA ILE M 143 -47.73 -52.90 22.75
C ILE M 143 -48.19 -52.44 21.35
N ALA M 144 -49.43 -52.78 21.00
CA ALA M 144 -50.02 -52.39 19.72
C ALA M 144 -50.26 -50.88 19.61
N GLN M 145 -50.53 -50.24 20.76
CA GLN M 145 -50.75 -48.79 20.83
C GLN M 145 -49.51 -47.98 20.48
N VAL M 146 -48.34 -48.47 20.88
CA VAL M 146 -47.06 -47.79 20.65
C VAL M 146 -46.65 -47.87 19.17
N GLY M 147 -46.84 -49.04 18.57
CA GLY M 147 -46.54 -49.26 17.15
C GLY M 147 -47.46 -48.51 16.19
N THR M 148 -48.65 -48.16 16.68
CA THR M 148 -49.66 -47.44 15.88
C THR M 148 -49.33 -45.95 15.75
N ILE M 149 -49.06 -45.29 16.89
CA ILE M 149 -48.81 -43.84 16.91
C ILE M 149 -47.43 -43.47 16.37
N SER M 150 -46.48 -44.41 16.45
CA SER M 150 -45.12 -44.22 15.92
C SER M 150 -45.07 -44.30 14.39
N ALA M 151 -46.08 -44.96 13.80
CA ALA M 151 -46.17 -45.10 12.34
C ALA M 151 -47.27 -44.21 11.75
N ASN M 152 -47.47 -43.03 12.36
CA ASN M 152 -48.47 -42.04 11.94
C ASN M 152 -49.92 -42.55 11.89
N SER M 153 -50.42 -42.96 13.06
CA SER M 153 -51.80 -43.45 13.25
C SER M 153 -52.24 -44.61 12.34
N ASP M 154 -51.28 -45.48 12.00
CA ASP M 154 -51.54 -46.64 11.14
C ASP M 154 -51.72 -47.90 11.99
N GLU M 155 -52.94 -48.46 11.96
CA GLU M 155 -53.28 -49.61 12.79
C GLU M 155 -52.76 -50.94 12.23
N THR M 156 -52.50 -50.98 10.92
CA THR M 156 -52.00 -52.18 10.25
C THR M 156 -50.56 -52.49 10.69
N VAL M 157 -49.80 -51.44 10.98
CA VAL M 157 -48.41 -51.58 11.42
C VAL M 157 -48.35 -52.18 12.82
N GLY M 158 -49.12 -51.61 13.75
CA GLY M 158 -49.15 -52.04 15.14
C GLY M 158 -49.67 -53.45 15.35
N LYS M 159 -50.55 -53.90 14.45
CA LYS M 159 -51.11 -55.24 14.49
C LYS M 159 -50.05 -56.30 14.14
N LEU M 160 -49.18 -55.98 13.19
CA LEU M 160 -48.14 -56.89 12.75
C LEU M 160 -47.07 -57.12 13.80
N ILE M 161 -46.67 -56.04 14.47
CA ILE M 161 -45.65 -56.09 15.52
C ILE M 161 -46.14 -56.96 16.69
N ALA M 162 -47.38 -56.75 17.11
CA ALA M 162 -47.98 -57.51 18.19
C ALA M 162 -48.06 -59.00 17.89
N GLU M 163 -48.36 -59.34 16.64
CA GLU M 163 -48.41 -60.73 16.19
C GLU M 163 -47.02 -61.35 16.08
N ALA M 164 -46.03 -60.52 15.74
CA ALA M 164 -44.64 -60.96 15.64
C ALA M 164 -44.04 -61.23 17.03
N MET M 165 -44.38 -60.38 17.99
CA MET M 165 -43.90 -60.52 19.36
C MET M 165 -44.63 -61.63 20.11
N ASP M 166 -45.79 -62.03 19.60
CA ASP M 166 -46.55 -63.12 20.19
C ASP M 166 -46.00 -64.49 19.73
N LYS M 167 -45.16 -64.46 18.71
CA LYS M 167 -44.57 -65.68 18.15
C LYS M 167 -43.20 -66.02 18.74
N VAL M 168 -42.28 -65.04 18.72
CA VAL M 168 -40.90 -65.26 19.19
C VAL M 168 -40.67 -64.76 20.62
N GLY M 169 -41.58 -63.94 21.13
CA GLY M 169 -41.48 -63.40 22.48
C GLY M 169 -40.97 -61.98 22.49
N LYS M 170 -40.79 -61.44 23.70
CA LYS M 170 -40.33 -60.07 23.89
C LYS M 170 -38.82 -59.97 23.68
N GLU M 171 -38.11 -61.07 23.93
CA GLU M 171 -36.67 -61.15 23.75
C GLU M 171 -36.31 -61.64 22.35
N GLY M 172 -37.31 -62.16 21.63
CA GLY M 172 -37.13 -62.75 20.31
C GLY M 172 -36.65 -61.79 19.23
N VAL M 173 -36.18 -62.36 18.11
CA VAL M 173 -35.61 -61.58 17.02
C VAL M 173 -36.65 -61.32 15.93
N ILE M 174 -36.85 -60.05 15.61
CA ILE M 174 -37.82 -59.65 14.58
C ILE M 174 -37.17 -58.83 13.47
N THR M 175 -37.39 -59.24 12.23
CA THR M 175 -36.80 -58.58 11.06
C THR M 175 -37.85 -58.29 9.97
N VAL M 176 -37.64 -57.18 9.27
CA VAL M 176 -38.53 -56.76 8.19
C VAL M 176 -37.79 -56.81 6.85
N GLU M 177 -38.45 -57.38 5.85
CA GLU M 177 -37.95 -57.37 4.47
C GLU M 177 -39.06 -57.09 3.45
N ASP M 178 -38.67 -56.95 2.18
CA ASP M 178 -39.60 -56.64 1.10
C ASP M 178 -40.69 -57.72 0.91
N GLY M 179 -41.89 -57.28 0.58
CA GLY M 179 -43.04 -58.19 0.41
C GLY M 179 -43.10 -58.84 -0.95
N THR M 180 -43.89 -59.91 -1.03
CA THR M 180 -44.05 -60.68 -2.27
C THR M 180 -45.22 -60.18 -3.11
N GLY M 181 -46.27 -59.69 -2.44
CA GLY M 181 -47.49 -59.29 -3.13
C GLY M 181 -48.32 -58.25 -2.40
N LEU M 182 -49.59 -58.59 -2.18
CA LEU M 182 -50.58 -57.62 -1.72
C LEU M 182 -50.98 -57.74 -0.24
N GLN M 183 -50.55 -58.82 0.41
CA GLN M 183 -50.87 -59.00 1.82
C GLN M 183 -49.62 -59.17 2.68
N ASP M 184 -49.71 -58.66 3.90
CA ASP M 184 -48.61 -58.76 4.85
C ASP M 184 -48.46 -60.20 5.33
N GLU M 185 -47.24 -60.74 5.17
CA GLU M 185 -46.94 -62.12 5.54
C GLU M 185 -46.07 -62.20 6.80
N LEU M 186 -46.21 -63.30 7.52
CA LEU M 186 -45.48 -63.50 8.77
C LEU M 186 -45.14 -64.98 8.98
N ASP M 187 -43.85 -65.30 8.83
CA ASP M 187 -43.35 -66.65 9.07
C ASP M 187 -42.24 -66.62 10.12
N VAL M 188 -42.06 -67.74 10.80
CA VAL M 188 -40.94 -67.92 11.73
C VAL M 188 -39.96 -68.95 11.14
N VAL M 189 -38.81 -68.46 10.70
CA VAL M 189 -37.80 -69.32 10.06
C VAL M 189 -36.57 -69.50 10.96
N GLU M 190 -35.85 -70.58 10.72
CA GLU M 190 -34.68 -70.95 11.52
C GLU M 190 -33.53 -69.96 11.30
N GLY M 191 -33.27 -69.13 12.30
CA GLY M 191 -32.22 -68.11 12.23
C GLY M 191 -31.63 -67.76 13.58
N MET M 192 -30.70 -66.81 13.58
CA MET M 192 -29.98 -66.41 14.81
C MET M 192 -29.47 -64.97 14.72
N GLN M 193 -29.37 -64.31 15.87
CA GLN M 193 -28.79 -62.97 15.95
C GLN M 193 -27.79 -62.88 17.10
N PHE M 194 -26.60 -62.37 16.81
CA PHE M 194 -25.56 -62.19 17.83
C PHE M 194 -25.04 -60.74 17.92
N ASP M 195 -24.48 -60.42 19.09
CA ASP M 195 -24.06 -59.08 19.47
C ASP M 195 -22.61 -58.77 19.08
N ARG M 196 -22.34 -58.83 17.78
CA ARG M 196 -21.04 -58.49 17.22
C ARG M 196 -21.22 -57.73 15.90
N GLY M 197 -20.36 -56.74 15.68
CA GLY M 197 -20.44 -55.93 14.47
C GLY M 197 -19.41 -56.27 13.41
N TYR M 198 -19.51 -55.60 12.27
CA TYR M 198 -18.52 -55.75 11.19
C TYR M 198 -17.16 -55.21 11.61
N LEU M 199 -16.11 -55.67 10.95
CA LEU M 199 -14.76 -55.19 11.24
C LEU M 199 -14.39 -53.99 10.37
N SER M 200 -14.96 -53.93 9.16
CA SER M 200 -14.77 -52.79 8.27
C SER M 200 -16.12 -52.11 7.97
N PRO M 201 -16.19 -50.78 8.19
CA PRO M 201 -17.44 -50.03 8.03
C PRO M 201 -17.91 -49.78 6.58
N TYR M 202 -17.05 -50.06 5.61
CA TYR M 202 -17.37 -49.79 4.20
C TYR M 202 -17.95 -50.99 3.43
N PHE M 203 -18.65 -51.88 4.13
CA PHE M 203 -19.32 -53.02 3.48
C PHE M 203 -20.79 -52.75 3.17
N ILE M 204 -21.27 -51.58 3.59
CA ILE M 204 -22.67 -51.19 3.43
C ILE M 204 -23.00 -50.87 1.98
N ASN M 205 -23.97 -51.60 1.41
CA ASN M 205 -24.43 -51.37 0.03
C ASN M 205 -25.76 -50.62 -0.04
N LYS M 206 -26.47 -50.55 1.09
CA LYS M 206 -27.65 -49.69 1.24
C LYS M 206 -27.34 -48.60 2.28
N PRO M 207 -26.73 -47.48 1.83
CA PRO M 207 -26.19 -46.46 2.74
C PRO M 207 -27.26 -45.73 3.54
N GLU M 208 -28.42 -45.46 2.92
CA GLU M 208 -29.53 -44.78 3.59
C GLU M 208 -30.17 -45.66 4.66
N THR M 209 -30.09 -46.98 4.46
CA THR M 209 -30.54 -47.96 5.46
C THR M 209 -29.52 -48.03 6.61
N GLY M 210 -28.24 -48.04 6.25
CA GLY M 210 -27.16 -48.21 7.21
C GLY M 210 -26.97 -49.68 7.52
N ALA M 211 -27.41 -50.54 6.60
CA ALA M 211 -27.37 -51.99 6.77
C ALA M 211 -26.93 -52.72 5.50
N VAL M 212 -26.52 -53.98 5.64
CA VAL M 212 -26.05 -54.77 4.51
C VAL M 212 -27.12 -55.78 4.07
N GLU M 213 -27.31 -55.88 2.76
CA GLU M 213 -28.26 -56.83 2.16
C GLU M 213 -27.53 -57.82 1.24
N LEU M 214 -27.51 -59.09 1.65
CA LEU M 214 -26.88 -60.15 0.87
C LEU M 214 -27.82 -61.33 0.69
N GLU M 215 -28.52 -61.34 -0.44
CA GLU M 215 -29.45 -62.43 -0.77
C GLU M 215 -28.71 -63.72 -1.13
N SER M 216 -29.16 -64.83 -0.54
CA SER M 216 -28.57 -66.16 -0.73
C SER M 216 -27.05 -66.19 -0.50
N PRO M 217 -26.61 -66.03 0.77
CA PRO M 217 -25.18 -66.04 1.08
C PRO M 217 -24.64 -67.38 1.60
N PHE M 218 -23.41 -67.70 1.20
CA PHE M 218 -22.66 -68.82 1.78
C PHE M 218 -22.01 -68.33 3.06
N ILE M 219 -21.62 -69.26 3.94
CA ILE M 219 -21.12 -68.90 5.28
C ILE M 219 -19.91 -69.73 5.73
N LEU M 220 -18.88 -69.03 6.21
CA LEU M 220 -17.63 -69.65 6.68
C LEU M 220 -17.45 -69.48 8.20
N LEU M 221 -16.91 -70.51 8.84
CA LEU M 221 -16.58 -70.48 10.27
C LEU M 221 -15.17 -70.97 10.54
N ALA M 222 -14.38 -70.16 11.25
CA ALA M 222 -13.00 -70.49 11.59
C ALA M 222 -12.58 -69.93 12.95
N ASP M 223 -11.98 -70.78 13.78
CA ASP M 223 -11.62 -70.42 15.15
C ASP M 223 -10.15 -70.00 15.27
N LYS M 224 -9.75 -69.06 14.40
CA LYS M 224 -8.39 -68.52 14.41
C LYS M 224 -8.28 -67.14 13.76
N LYS M 225 -7.23 -66.40 14.10
CA LYS M 225 -6.93 -65.10 13.50
C LYS M 225 -6.55 -65.27 12.03
N ILE M 226 -6.87 -64.27 11.22
CA ILE M 226 -6.49 -64.27 9.80
C ILE M 226 -5.60 -63.06 9.48
N SER M 227 -4.46 -63.33 8.84
CA SER M 227 -3.53 -62.29 8.42
C SER M 227 -2.91 -62.57 7.05
N ASN M 228 -3.19 -63.77 6.52
CA ASN M 228 -2.66 -64.19 5.22
C ASN M 228 -3.76 -64.50 4.20
N ILE M 229 -3.54 -64.05 2.97
CA ILE M 229 -4.49 -64.30 1.88
C ILE M 229 -4.24 -65.67 1.23
N ARG M 230 -3.22 -66.37 1.73
CA ARG M 230 -2.87 -67.71 1.26
C ARG M 230 -3.95 -68.75 1.59
N GLU M 231 -4.53 -68.65 2.79
CA GLU M 231 -5.59 -69.58 3.23
C GLU M 231 -6.95 -69.23 2.62
N MET M 232 -6.92 -68.36 1.61
CA MET M 232 -8.15 -67.84 0.99
C MET M 232 -8.29 -68.24 -0.48
N LEU M 233 -7.18 -68.62 -1.12
CA LEU M 233 -7.19 -69.10 -2.52
C LEU M 233 -8.02 -70.36 -2.77
N PRO M 234 -7.88 -71.41 -1.93
CA PRO M 234 -8.67 -72.63 -2.17
C PRO M 234 -10.15 -72.51 -1.80
N VAL M 235 -10.50 -71.47 -1.03
CA VAL M 235 -11.87 -71.28 -0.56
C VAL M 235 -12.65 -70.31 -1.46
N LEU M 236 -12.02 -69.20 -1.84
CA LEU M 236 -12.65 -68.19 -2.69
C LEU M 236 -12.84 -68.64 -4.14
N GLU M 237 -11.95 -69.52 -4.61
CA GLU M 237 -11.99 -70.00 -6.00
C GLU M 237 -13.12 -71.01 -6.30
N ALA M 238 -13.81 -71.44 -5.25
CA ALA M 238 -14.99 -72.30 -5.39
C ALA M 238 -16.27 -71.50 -5.18
N VAL M 239 -16.20 -70.48 -4.32
CA VAL M 239 -17.34 -69.63 -3.98
C VAL M 239 -17.60 -68.57 -5.07
N ALA M 240 -16.61 -68.36 -5.93
CA ALA M 240 -16.73 -67.42 -7.04
C ALA M 240 -17.73 -67.91 -8.12
N LYS M 241 -18.10 -69.19 -8.05
CA LYS M 241 -19.11 -69.76 -8.93
C LYS M 241 -20.52 -69.28 -8.54
N ALA M 242 -21.25 -68.75 -9.53
CA ALA M 242 -22.55 -68.09 -9.33
C ALA M 242 -22.42 -66.73 -8.64
N GLY M 243 -23.21 -65.76 -9.10
CA GLY M 243 -23.14 -64.39 -8.61
C GLY M 243 -23.77 -64.17 -7.24
N LYS M 244 -23.27 -64.90 -6.25
CA LYS M 244 -23.79 -64.85 -4.89
C LYS M 244 -22.69 -64.43 -3.91
N PRO M 245 -22.99 -63.42 -3.06
CA PRO M 245 -22.08 -62.92 -2.01
C PRO M 245 -21.69 -63.97 -0.96
N LEU M 246 -20.67 -63.64 -0.15
CA LEU M 246 -20.12 -64.57 0.85
C LEU M 246 -19.94 -63.91 2.21
N LEU M 247 -20.29 -64.64 3.28
CA LEU M 247 -20.14 -64.14 4.65
C LEU M 247 -19.06 -64.88 5.42
N ILE M 248 -18.11 -64.12 5.93
CA ILE M 248 -17.02 -64.67 6.74
C ILE M 248 -17.32 -64.41 8.21
N ILE M 249 -17.29 -65.47 9.01
CA ILE M 249 -17.36 -65.35 10.46
C ILE M 249 -16.16 -66.04 11.08
N ALA M 250 -15.26 -65.25 11.68
CA ALA M 250 -14.00 -65.76 12.21
C ALA M 250 -13.67 -65.18 13.58
N GLU M 251 -12.65 -65.74 14.22
CA GLU M 251 -12.12 -65.25 15.48
C GLU M 251 -11.77 -63.76 15.38
N ASP M 252 -10.98 -63.42 14.36
CA ASP M 252 -10.60 -62.05 14.04
C ASP M 252 -10.05 -61.95 12.61
N VAL M 253 -10.19 -60.78 12.00
CA VAL M 253 -9.66 -60.52 10.65
C VAL M 253 -8.93 -59.17 10.60
N GLU M 254 -7.62 -59.20 10.77
CA GLU M 254 -6.80 -57.98 10.81
C GLU M 254 -5.43 -58.16 10.15
N GLY M 255 -5.02 -57.15 9.38
CA GLY M 255 -3.70 -57.12 8.75
C GLY M 255 -3.72 -57.10 7.23
N GLU M 256 -3.05 -58.07 6.62
CA GLU M 256 -2.98 -58.22 5.17
C GLU M 256 -4.27 -58.81 4.61
N ALA M 257 -4.85 -59.76 5.33
CA ALA M 257 -6.10 -60.40 4.94
C ALA M 257 -7.27 -59.42 5.00
N LEU M 258 -7.15 -58.41 5.87
CA LEU M 258 -8.16 -57.36 6.02
C LEU M 258 -8.24 -56.47 4.78
N ALA M 259 -7.13 -55.79 4.46
CA ALA M 259 -7.08 -54.80 3.37
C ALA M 259 -7.33 -55.36 1.97
N THR M 260 -7.13 -56.67 1.80
CA THR M 260 -7.42 -57.34 0.52
C THR M 260 -8.92 -57.37 0.28
N LEU M 261 -9.67 -57.62 1.34
CA LEU M 261 -11.13 -57.74 1.26
C LEU M 261 -11.82 -56.41 1.56
N VAL M 262 -11.05 -55.42 2.02
CA VAL M 262 -11.57 -54.08 2.29
C VAL M 262 -11.90 -53.34 0.98
N VAL M 263 -10.94 -53.29 0.06
CA VAL M 263 -11.10 -52.50 -1.17
C VAL M 263 -11.59 -53.35 -2.36
N ASN M 264 -11.12 -54.59 -2.46
CA ASN M 264 -11.50 -55.48 -3.58
C ASN M 264 -13.00 -55.84 -3.64
N THR M 265 -13.65 -55.89 -2.48
CA THR M 265 -15.08 -56.19 -2.40
C THR M 265 -15.93 -54.92 -2.42
N MET M 266 -15.30 -53.79 -2.14
CA MET M 266 -15.98 -52.50 -2.18
C MET M 266 -16.20 -52.04 -3.62
N ARG M 267 -15.30 -52.43 -4.51
CA ARG M 267 -15.39 -52.05 -5.91
C ARG M 267 -16.40 -52.91 -6.65
N GLY M 268 -16.21 -54.23 -6.59
CA GLY M 268 -17.19 -55.17 -7.08
C GLY M 268 -16.71 -56.61 -7.02
N ILE M 269 -15.40 -56.79 -7.19
CA ILE M 269 -14.83 -58.13 -7.32
C ILE M 269 -15.20 -59.04 -6.14
N VAL M 270 -16.17 -59.94 -6.40
CA VAL M 270 -16.71 -60.89 -5.41
C VAL M 270 -17.21 -60.21 -4.12
N LYS M 271 -18.51 -59.94 -4.06
CA LYS M 271 -19.14 -59.24 -2.93
C LYS M 271 -19.01 -60.06 -1.64
N VAL M 272 -18.23 -59.54 -0.68
CA VAL M 272 -17.94 -60.25 0.58
C VAL M 272 -17.93 -59.29 1.79
N ALA M 273 -18.23 -59.83 2.98
CA ALA M 273 -18.12 -59.11 4.23
C ALA M 273 -17.66 -60.04 5.36
N ALA M 274 -17.03 -59.48 6.40
CA ALA M 274 -16.48 -60.26 7.50
C ALA M 274 -16.85 -59.70 8.88
N VAL M 275 -17.27 -60.59 9.78
CA VAL M 275 -17.65 -60.21 11.14
C VAL M 275 -16.79 -60.92 12.20
N LYS M 276 -16.78 -60.36 13.41
CA LYS M 276 -16.07 -60.95 14.53
C LYS M 276 -16.81 -62.16 15.10
N ALA M 277 -16.13 -62.88 15.99
CA ALA M 277 -16.72 -64.05 16.67
C ALA M 277 -17.42 -63.64 17.98
N PRO M 278 -18.58 -64.25 18.26
CA PRO M 278 -19.32 -63.96 19.49
C PRO M 278 -18.67 -64.58 20.73
N GLY M 279 -18.76 -63.88 21.86
CA GLY M 279 -18.16 -64.33 23.12
C GLY M 279 -16.64 -64.29 23.07
N PHE M 280 -16.00 -65.14 23.89
CA PHE M 280 -14.53 -65.26 23.91
C PHE M 280 -14.03 -66.51 24.61
N GLY M 281 -12.97 -67.11 24.04
CA GLY M 281 -12.30 -68.27 24.64
C GLY M 281 -12.98 -69.61 24.38
N ASP M 282 -13.32 -70.30 25.47
CA ASP M 282 -14.01 -71.59 25.41
C ASP M 282 -15.52 -71.44 25.16
N ARG M 283 -16.04 -70.24 25.43
CA ARG M 283 -17.47 -69.94 25.30
C ARG M 283 -17.82 -69.36 23.92
N ARG M 284 -16.91 -69.56 22.96
CA ARG M 284 -17.05 -69.08 21.59
C ARG M 284 -17.44 -70.23 20.67
N LYS M 285 -16.80 -71.38 20.85
CA LYS M 285 -17.04 -72.59 20.05
C LYS M 285 -18.46 -73.11 20.20
N ALA M 286 -19.02 -72.97 21.40
CA ALA M 286 -20.41 -73.35 21.67
C ALA M 286 -21.36 -72.56 20.78
N MET M 287 -21.04 -71.28 20.57
CA MET M 287 -21.78 -70.44 19.64
C MET M 287 -21.44 -70.77 18.19
N LEU M 288 -20.17 -71.07 17.93
CA LEU M 288 -19.69 -71.42 16.58
C LEU M 288 -20.32 -72.70 16.06
N GLN M 289 -20.37 -73.73 16.91
CA GLN M 289 -21.00 -75.01 16.57
C GLN M 289 -22.51 -74.83 16.36
N ASP M 290 -23.10 -73.91 17.12
CA ASP M 290 -24.52 -73.58 16.98
C ASP M 290 -24.81 -72.92 15.62
N ILE M 291 -23.85 -72.18 15.11
CA ILE M 291 -23.94 -71.59 13.77
C ILE M 291 -23.65 -72.64 12.71
N ALA M 292 -22.75 -73.57 13.04
CA ALA M 292 -22.32 -74.62 12.13
C ALA M 292 -23.45 -75.55 11.68
N THR M 293 -24.31 -75.94 12.62
CA THR M 293 -25.38 -76.89 12.35
C THR M 293 -26.63 -76.20 11.77
N LEU M 294 -26.82 -74.93 12.13
CA LEU M 294 -27.97 -74.14 11.68
C LEU M 294 -27.86 -73.79 10.19
N THR M 295 -26.71 -73.25 9.80
CA THR M 295 -26.47 -72.89 8.40
C THR M 295 -26.15 -74.14 7.58
N GLY M 296 -25.20 -74.94 8.06
CA GLY M 296 -24.85 -76.21 7.43
C GLY M 296 -23.42 -76.27 6.93
N GLY M 297 -22.47 -75.89 7.77
CA GLY M 297 -21.06 -75.88 7.40
C GLY M 297 -20.12 -76.26 8.53
N THR M 298 -19.21 -77.18 8.25
CA THR M 298 -18.23 -77.66 9.23
C THR M 298 -17.19 -76.59 9.54
N VAL M 299 -16.95 -76.35 10.83
CA VAL M 299 -15.99 -75.34 11.26
C VAL M 299 -14.57 -75.87 11.13
N ILE M 300 -13.76 -75.16 10.34
CA ILE M 300 -12.36 -75.53 10.13
C ILE M 300 -11.43 -74.54 10.86
N SER M 301 -10.61 -75.07 11.76
CA SER M 301 -9.72 -74.28 12.59
C SER M 301 -8.32 -74.89 12.65
N GLU M 302 -7.32 -74.05 12.90
CA GLU M 302 -5.93 -74.48 13.02
C GLU M 302 -5.63 -75.21 14.33
N GLU M 303 -6.54 -75.09 15.30
CA GLU M 303 -6.40 -75.74 16.61
C GLU M 303 -6.60 -77.26 16.54
N ILE M 304 -7.68 -77.68 15.88
CA ILE M 304 -8.01 -79.11 15.70
C ILE M 304 -7.15 -79.75 14.61
N GLY M 305 -6.29 -78.93 13.98
CA GLY M 305 -5.36 -79.41 12.95
C GLY M 305 -5.94 -79.41 11.55
N MET M 306 -7.17 -78.92 11.42
CA MET M 306 -7.86 -78.87 10.14
C MET M 306 -7.40 -77.68 9.29
N GLU M 307 -6.85 -78.00 8.12
CA GLU M 307 -6.34 -76.99 7.19
C GLU M 307 -7.49 -76.29 6.46
N LEU M 308 -7.35 -74.99 6.24
CA LEU M 308 -8.39 -74.20 5.56
C LEU M 308 -8.37 -74.35 4.03
N GLU M 309 -8.14 -75.60 3.59
CA GLU M 309 -8.11 -75.92 2.16
C GLU M 309 -9.27 -76.84 1.76
N LYS M 310 -9.77 -77.60 2.74
CA LYS M 310 -10.85 -78.56 2.53
C LYS M 310 -12.22 -77.91 2.29
N ALA M 311 -12.34 -76.64 2.69
CA ALA M 311 -13.57 -75.88 2.54
C ALA M 311 -13.87 -75.54 1.07
N THR M 312 -15.05 -75.92 0.62
CA THR M 312 -15.49 -75.68 -0.76
C THR M 312 -16.88 -75.03 -0.81
N LEU M 313 -17.92 -75.87 -0.72
CA LEU M 313 -19.31 -75.41 -0.71
C LEU M 313 -20.11 -76.21 0.32
N GLU M 314 -19.81 -77.50 0.41
CA GLU M 314 -20.46 -78.40 1.36
C GLU M 314 -19.94 -78.16 2.78
N ASP M 315 -18.67 -77.81 2.88
CA ASP M 315 -18.02 -77.47 4.16
C ASP M 315 -18.43 -76.09 4.68
N LEU M 316 -19.23 -75.38 3.89
CA LEU M 316 -19.70 -74.04 4.22
C LEU M 316 -21.20 -74.03 4.50
N GLY M 317 -21.62 -73.14 5.40
CA GLY M 317 -23.03 -72.98 5.73
C GLY M 317 -23.78 -72.21 4.66
N GLN M 318 -25.10 -72.40 4.63
CA GLN M 318 -25.97 -71.69 3.69
C GLN M 318 -27.27 -71.22 4.34
N ALA M 319 -27.38 -69.90 4.49
CA ALA M 319 -28.62 -69.25 4.91
C ALA M 319 -29.32 -68.67 3.69
N LYS M 320 -30.22 -67.71 3.89
CA LYS M 320 -30.90 -67.06 2.78
C LYS M 320 -30.76 -65.53 2.75
N ARG M 321 -30.54 -64.92 3.92
CA ARG M 321 -30.30 -63.48 4.02
C ARG M 321 -29.49 -63.12 5.26
N VAL M 322 -28.66 -62.09 5.15
CA VAL M 322 -27.87 -61.58 6.29
C VAL M 322 -27.81 -60.06 6.34
N VAL M 323 -28.01 -59.51 7.55
CA VAL M 323 -27.97 -58.07 7.78
C VAL M 323 -26.99 -57.77 8.92
N ILE M 324 -26.17 -56.73 8.76
CA ILE M 324 -25.16 -56.38 9.75
C ILE M 324 -25.22 -54.89 10.12
N ASN M 325 -25.37 -54.62 11.41
CA ASN M 325 -25.32 -53.26 11.96
C ASN M 325 -23.94 -52.91 12.51
N LYS M 326 -23.85 -51.76 13.20
CA LYS M 326 -22.60 -51.27 13.78
C LYS M 326 -21.98 -52.25 14.78
N ASP M 327 -22.81 -52.75 15.70
CA ASP M 327 -22.38 -53.74 16.69
C ASP M 327 -23.27 -54.99 16.71
N THR M 328 -24.11 -55.14 15.69
CA THR M 328 -25.05 -56.26 15.59
C THR M 328 -24.89 -57.00 14.25
N THR M 329 -25.14 -58.30 14.28
CA THR M 329 -25.21 -59.12 13.07
C THR M 329 -26.37 -60.10 13.18
N THR M 330 -27.12 -60.25 12.09
CA THR M 330 -28.26 -61.17 12.06
C THR M 330 -28.31 -62.06 10.81
N ILE M 331 -28.52 -63.35 11.05
CA ILE M 331 -28.66 -64.37 10.01
C ILE M 331 -30.14 -64.71 9.84
N ILE M 332 -30.63 -64.56 8.62
CA ILE M 332 -32.03 -64.83 8.32
C ILE M 332 -32.19 -66.12 7.49
N ASP M 333 -32.97 -67.05 8.05
CA ASP M 333 -33.39 -68.29 7.39
C ASP M 333 -32.25 -69.20 6.92
N GLY M 334 -31.95 -70.23 7.72
CA GLY M 334 -30.91 -71.20 7.40
C GLY M 334 -31.43 -72.62 7.37
N VAL M 335 -31.79 -73.10 6.18
CA VAL M 335 -32.31 -74.45 6.01
C VAL M 335 -31.16 -75.46 6.06
N GLY M 336 -30.66 -75.70 7.26
CA GLY M 336 -29.60 -76.68 7.50
C GLY M 336 -30.20 -78.05 7.76
N GLU M 337 -29.47 -78.85 8.54
CA GLU M 337 -29.91 -80.20 8.87
C GLU M 337 -31.01 -80.18 9.95
N GLU M 338 -32.26 -80.29 9.50
CA GLU M 338 -33.43 -80.24 10.38
C GLU M 338 -33.47 -81.36 11.43
N ALA M 339 -32.68 -82.42 11.17
CA ALA M 339 -32.54 -83.53 12.11
C ALA M 339 -31.37 -83.34 13.09
N ALA M 340 -30.60 -82.26 12.90
CA ALA M 340 -29.45 -81.95 13.75
C ALA M 340 -29.53 -80.56 14.40
N ILE M 341 -30.42 -79.70 13.87
CA ILE M 341 -30.74 -78.40 14.50
C ILE M 341 -31.68 -78.64 15.68
N GLN M 342 -32.61 -79.57 15.49
CA GLN M 342 -33.51 -80.04 16.54
C GLN M 342 -32.74 -80.83 17.60
N GLY M 343 -31.65 -81.46 17.17
CA GLY M 343 -30.81 -82.28 18.05
C GLY M 343 -29.77 -81.51 18.86
N ARG M 344 -29.56 -80.25 18.49
CA ARG M 344 -28.69 -79.35 19.27
C ARG M 344 -29.44 -78.79 20.47
N VAL M 345 -30.77 -78.73 20.37
CA VAL M 345 -31.66 -78.31 21.45
C VAL M 345 -31.51 -79.22 22.68
N ALA M 346 -31.31 -80.52 22.41
CA ALA M 346 -31.13 -81.53 23.47
C ALA M 346 -29.70 -81.59 23.99
N GLN M 347 -28.76 -81.00 23.25
CA GLN M 347 -27.34 -81.01 23.63
C GLN M 347 -26.97 -79.87 24.59
N ILE M 348 -27.85 -78.88 24.71
CA ILE M 348 -27.62 -77.75 25.62
C ILE M 348 -28.36 -77.95 26.95
N ARG M 349 -29.52 -78.62 26.89
CA ARG M 349 -30.28 -78.93 28.10
C ARG M 349 -29.68 -80.12 28.87
N GLN M 350 -28.67 -80.75 28.26
CA GLN M 350 -27.88 -81.78 28.93
C GLN M 350 -26.65 -81.19 29.65
N GLN M 351 -26.42 -79.90 29.45
CA GLN M 351 -25.30 -79.19 30.08
C GLN M 351 -25.67 -78.63 31.45
N ILE M 352 -26.96 -78.37 31.66
CA ILE M 352 -27.48 -77.89 32.95
C ILE M 352 -27.64 -79.05 33.93
N GLU M 353 -27.89 -80.24 33.40
CA GLU M 353 -27.97 -81.47 34.19
C GLU M 353 -26.60 -81.89 34.73
N GLU M 354 -25.55 -81.64 33.95
CA GLU M 354 -24.17 -81.80 34.41
C GLU M 354 -23.50 -80.42 34.57
N ALA M 355 -23.89 -79.74 35.64
CA ALA M 355 -23.36 -78.41 35.96
C ALA M 355 -23.16 -78.21 37.46
N THR M 356 -21.98 -77.74 37.84
CA THR M 356 -21.67 -77.40 39.22
C THR M 356 -21.14 -75.96 39.33
N SER M 357 -21.93 -75.03 38.80
CA SER M 357 -21.66 -73.59 38.86
C SER M 357 -22.96 -72.81 38.62
N ASP M 358 -23.07 -71.63 39.25
CA ASP M 358 -24.27 -70.80 39.10
C ASP M 358 -24.14 -69.65 38.10
N TYR M 359 -23.21 -69.81 37.15
CA TYR M 359 -23.04 -68.87 36.04
C TYR M 359 -23.60 -69.46 34.75
N ASP M 360 -23.39 -70.76 34.56
CA ASP M 360 -23.96 -71.50 33.43
C ASP M 360 -25.49 -71.51 33.50
N ARG M 361 -26.02 -71.40 34.72
CA ARG M 361 -27.46 -71.27 34.96
C ARG M 361 -27.97 -69.87 34.61
N GLU M 362 -27.05 -68.95 34.35
CA GLU M 362 -27.37 -67.57 33.98
C GLU M 362 -27.10 -67.26 32.51
N LYS M 363 -26.10 -67.94 31.92
CA LYS M 363 -25.61 -67.59 30.58
C LYS M 363 -25.73 -68.70 29.50
N LEU M 364 -25.97 -69.94 29.91
CA LEU M 364 -26.22 -71.02 28.94
C LEU M 364 -27.66 -71.00 28.43
N GLN M 365 -28.52 -70.29 29.16
CA GLN M 365 -29.91 -70.08 28.77
C GLN M 365 -30.08 -68.85 27.87
N GLU M 366 -28.97 -68.19 27.56
CA GLU M 366 -28.90 -67.16 26.54
C GLU M 366 -28.79 -67.80 25.15
N ARG M 367 -28.27 -69.03 25.13
CA ARG M 367 -27.98 -69.74 23.88
C ARG M 367 -29.11 -70.68 23.45
N VAL M 368 -30.19 -70.69 24.21
CA VAL M 368 -31.39 -71.45 23.85
C VAL M 368 -32.54 -70.54 23.40
N ALA M 369 -32.58 -69.33 23.96
CA ALA M 369 -33.57 -68.32 23.59
C ALA M 369 -33.33 -67.79 22.18
N LYS M 370 -32.07 -67.83 21.75
CA LYS M 370 -31.67 -67.42 20.41
C LYS M 370 -31.82 -68.56 19.38
N LEU M 371 -31.65 -69.80 19.84
CA LEU M 371 -31.63 -70.97 18.95
C LEU M 371 -33.01 -71.44 18.49
N ALA M 372 -33.81 -71.94 19.43
CA ALA M 372 -35.14 -72.48 19.12
C ALA M 372 -36.13 -71.43 18.62
N GLY M 373 -35.97 -70.19 19.11
CA GLY M 373 -36.84 -69.08 18.76
C GLY M 373 -36.71 -68.58 17.34
N GLY M 374 -35.53 -68.77 16.75
CA GLY M 374 -35.27 -68.38 15.37
C GLY M 374 -35.32 -66.89 15.11
N VAL M 375 -35.78 -66.53 13.92
CA VAL M 375 -35.90 -65.13 13.49
C VAL M 375 -37.26 -64.90 12.81
N ALA M 376 -38.00 -63.89 13.26
CA ALA M 376 -39.35 -63.59 12.76
C ALA M 376 -39.35 -62.70 11.51
N VAL M 377 -39.73 -63.28 10.38
CA VAL M 377 -39.74 -62.58 9.10
C VAL M 377 -41.08 -61.87 8.85
N ILE M 378 -41.00 -60.55 8.66
CA ILE M 378 -42.17 -59.77 8.24
C ILE M 378 -41.92 -59.22 6.85
N LYS M 379 -42.82 -59.52 5.93
CA LYS M 379 -42.73 -59.04 4.55
C LYS M 379 -43.82 -58.01 4.26
N VAL M 380 -43.40 -56.80 3.90
CA VAL M 380 -44.33 -55.67 3.72
C VAL M 380 -44.84 -55.59 2.28
N GLY M 381 -46.17 -55.59 2.14
CA GLY M 381 -46.82 -55.53 0.82
C GLY M 381 -47.81 -54.39 0.67
N ALA M 382 -48.14 -54.05 -0.57
CA ALA M 382 -49.08 -52.99 -0.90
C ALA M 382 -49.69 -53.18 -2.29
N ALA M 383 -50.41 -52.16 -2.77
CA ALA M 383 -51.01 -52.18 -4.11
C ALA M 383 -49.99 -51.83 -5.20
N THR M 384 -49.39 -50.64 -5.10
CA THR M 384 -48.30 -50.22 -5.99
C THR M 384 -46.94 -50.24 -5.25
N GLU M 385 -45.86 -50.05 -6.01
CA GLU M 385 -44.50 -50.19 -5.47
C GLU M 385 -44.08 -49.06 -4.52
N VAL M 386 -44.42 -47.82 -4.85
CA VAL M 386 -44.02 -46.66 -4.06
C VAL M 386 -44.80 -46.58 -2.74
N GLU M 387 -45.97 -47.22 -2.70
CA GLU M 387 -46.75 -47.38 -1.47
C GLU M 387 -46.14 -48.44 -0.55
N MET M 388 -45.42 -49.39 -1.17
CA MET M 388 -44.75 -50.46 -0.43
C MET M 388 -43.48 -49.96 0.26
N LYS M 389 -42.79 -49.01 -0.40
CA LYS M 389 -41.53 -48.47 0.12
C LYS M 389 -41.71 -47.54 1.32
N GLU M 390 -42.69 -46.63 1.23
CA GLU M 390 -42.97 -45.64 2.28
C GLU M 390 -43.56 -46.32 3.53
N LYS M 391 -44.30 -47.40 3.32
CA LYS M 391 -44.85 -48.20 4.40
C LYS M 391 -43.75 -49.01 5.09
N LYS M 392 -42.81 -49.51 4.30
CA LYS M 392 -41.65 -50.26 4.80
C LYS M 392 -40.78 -49.38 5.71
N ALA M 393 -40.59 -48.12 5.29
CA ALA M 393 -39.76 -47.16 6.02
C ALA M 393 -40.33 -46.79 7.40
N ARG M 394 -41.66 -46.75 7.51
CA ARG M 394 -42.33 -46.51 8.79
C ARG M 394 -42.38 -47.77 9.66
N VAL M 395 -42.39 -48.93 9.02
CA VAL M 395 -42.38 -50.22 9.73
C VAL M 395 -40.98 -50.49 10.29
N GLU M 396 -39.95 -50.08 9.55
CA GLU M 396 -38.55 -50.23 9.97
C GLU M 396 -38.22 -49.43 11.23
N ASP M 397 -38.87 -48.27 11.39
CA ASP M 397 -38.68 -47.42 12.57
C ASP M 397 -39.73 -47.67 13.67
N ALA M 398 -40.84 -48.31 13.30
CA ALA M 398 -41.91 -48.64 14.25
C ALA M 398 -41.47 -49.74 15.20
N LEU M 399 -40.66 -50.67 14.69
CA LEU M 399 -40.10 -51.74 15.50
C LEU M 399 -39.14 -51.19 16.54
N HIS M 400 -38.37 -50.18 16.16
CA HIS M 400 -37.32 -49.61 17.03
C HIS M 400 -37.90 -48.92 18.26
N ALA M 401 -39.02 -48.23 18.09
CA ALA M 401 -39.71 -47.56 19.19
C ALA M 401 -40.40 -48.55 20.12
N THR M 402 -40.98 -49.60 19.52
CA THR M 402 -41.66 -50.65 20.26
C THR M 402 -40.67 -51.48 21.08
N ARG M 403 -39.49 -51.74 20.50
CA ARG M 403 -38.42 -52.43 21.19
C ARG M 403 -38.04 -51.74 22.49
N ALA M 404 -37.89 -50.41 22.43
CA ALA M 404 -37.54 -49.62 23.59
C ALA M 404 -38.71 -49.48 24.55
N ALA M 405 -39.92 -49.60 24.03
CA ALA M 405 -41.14 -49.52 24.83
C ALA M 405 -41.31 -50.75 25.71
N VAL M 406 -40.67 -51.85 25.33
CA VAL M 406 -40.74 -53.09 26.09
C VAL M 406 -39.62 -53.16 27.15
N GLU M 407 -38.43 -52.74 26.74
CA GLU M 407 -37.24 -52.86 27.59
C GLU M 407 -37.29 -51.97 28.84
N GLU M 408 -37.64 -50.70 28.66
CA GLU M 408 -37.65 -49.75 29.77
C GLU M 408 -38.99 -49.06 29.97
N GLY M 409 -39.81 -49.05 28.92
CA GLY M 409 -41.14 -48.45 28.99
C GLY M 409 -41.25 -47.13 28.23
N VAL M 410 -42.35 -46.42 28.46
CA VAL M 410 -42.60 -45.13 27.81
C VAL M 410 -42.93 -44.03 28.81
N VAL M 411 -42.27 -42.89 28.68
CA VAL M 411 -42.55 -41.73 29.52
C VAL M 411 -43.39 -40.73 28.75
N ALA M 412 -43.79 -39.66 29.43
CA ALA M 412 -44.61 -38.62 28.81
C ALA M 412 -43.76 -37.80 27.86
N GLY M 413 -44.23 -37.66 26.63
CA GLY M 413 -43.50 -36.96 25.57
C GLY M 413 -43.50 -35.45 25.69
N GLY M 414 -43.13 -34.77 24.61
CA GLY M 414 -43.13 -33.30 24.55
C GLY M 414 -42.04 -32.68 25.38
N GLY M 415 -41.08 -33.51 25.78
CA GLY M 415 -39.98 -33.10 26.64
C GLY M 415 -40.42 -32.78 28.05
N VAL M 416 -41.63 -33.22 28.40
CA VAL M 416 -42.19 -32.96 29.73
C VAL M 416 -41.65 -33.91 30.78
N ALA M 417 -41.21 -35.09 30.32
CA ALA M 417 -40.64 -36.09 31.22
C ALA M 417 -39.44 -35.52 31.97
N LEU M 418 -38.56 -34.87 31.23
CA LEU M 418 -37.37 -34.27 31.82
C LEU M 418 -37.71 -33.07 32.68
N ILE M 419 -38.66 -32.24 32.21
CA ILE M 419 -39.04 -31.03 32.94
C ILE M 419 -39.80 -31.37 34.22
N ARG M 420 -40.38 -32.56 34.25
CA ARG M 420 -41.07 -33.08 35.42
C ARG M 420 -40.05 -33.59 36.43
N VAL M 421 -38.99 -34.21 35.92
CA VAL M 421 -37.88 -34.67 36.74
C VAL M 421 -37.17 -33.47 37.37
N ALA M 422 -37.07 -32.38 36.60
CA ALA M 422 -36.40 -31.16 37.05
C ALA M 422 -37.01 -30.58 38.33
N SER M 423 -38.33 -30.53 38.39
CA SER M 423 -38.99 -29.98 39.57
C SER M 423 -38.90 -30.92 40.78
N LYS M 424 -38.69 -32.20 40.51
CA LYS M 424 -38.63 -33.22 41.57
C LYS M 424 -37.22 -33.41 42.14
N LEU M 425 -36.24 -32.73 41.55
CA LEU M 425 -34.87 -32.80 42.04
C LEU M 425 -34.36 -31.43 42.51
N ALA M 426 -35.27 -30.52 42.80
CA ALA M 426 -34.92 -29.17 43.23
C ALA M 426 -34.26 -29.13 44.61
N ASP M 427 -34.49 -30.17 45.41
CA ASP M 427 -33.91 -30.29 46.74
C ASP M 427 -32.55 -30.99 46.75
N LEU M 428 -32.10 -31.43 45.57
CA LEU M 428 -30.84 -32.16 45.46
C LEU M 428 -29.65 -31.23 45.63
N ARG M 429 -28.72 -31.65 46.47
CA ARG M 429 -27.51 -30.89 46.77
C ARG M 429 -26.25 -31.78 46.67
N GLY M 430 -25.10 -31.13 46.53
CA GLY M 430 -23.82 -31.84 46.43
C GLY M 430 -23.04 -31.81 47.73
N GLN M 431 -21.72 -31.60 47.61
CA GLN M 431 -20.84 -31.54 48.78
C GLN M 431 -20.34 -30.12 49.09
N ASN M 432 -20.06 -29.36 48.04
CA ASN M 432 -19.72 -27.95 48.17
C ASN M 432 -20.53 -27.08 47.21
N GLU M 433 -20.39 -25.77 47.34
CA GLU M 433 -21.13 -24.80 46.52
C GLU M 433 -20.97 -25.04 45.01
N ASP M 434 -19.75 -25.37 44.61
CA ASP M 434 -19.44 -25.61 43.19
C ASP M 434 -20.19 -26.82 42.63
N GLN M 435 -20.36 -27.85 43.45
CA GLN M 435 -21.14 -29.02 43.06
C GLN M 435 -22.61 -28.69 42.98
N ASN M 436 -23.06 -27.81 43.87
CA ASN M 436 -24.46 -27.37 43.93
C ASN M 436 -24.91 -26.68 42.65
N VAL M 437 -24.02 -25.88 42.07
CA VAL M 437 -24.31 -25.19 40.81
C VAL M 437 -24.31 -26.19 39.67
N GLY M 438 -23.42 -27.18 39.76
CA GLY M 438 -23.33 -28.25 38.77
C GLY M 438 -24.65 -29.00 38.59
N ILE M 439 -25.37 -29.17 39.70
CA ILE M 439 -26.70 -29.78 39.66
C ILE M 439 -27.72 -28.85 38.99
N LYS M 440 -27.72 -27.57 39.40
CA LYS M 440 -28.65 -26.57 38.86
C LYS M 440 -28.42 -26.32 37.37
N VAL M 441 -27.20 -26.52 36.91
CA VAL M 441 -26.88 -26.47 35.49
C VAL M 441 -27.60 -27.60 34.76
N ALA M 442 -27.52 -28.81 35.31
CA ALA M 442 -28.15 -29.97 34.71
C ALA M 442 -29.68 -29.89 34.70
N LEU M 443 -30.25 -29.32 35.77
CA LEU M 443 -31.71 -29.20 35.91
C LEU M 443 -32.30 -28.15 34.98
N ARG M 444 -31.55 -27.07 34.74
CA ARG M 444 -31.97 -26.04 33.80
C ARG M 444 -31.71 -26.47 32.36
N ALA M 445 -30.91 -27.51 32.18
CA ALA M 445 -30.65 -28.08 30.87
C ALA M 445 -31.79 -28.99 30.44
N MET M 446 -32.48 -29.56 31.42
CA MET M 446 -33.60 -30.48 31.16
C MET M 446 -34.83 -29.73 30.65
N GLU M 447 -34.88 -28.43 30.88
CA GLU M 447 -35.97 -27.60 30.39
C GLU M 447 -35.83 -27.31 28.90
N ALA M 448 -34.59 -27.34 28.40
CA ALA M 448 -34.29 -26.92 27.03
C ALA M 448 -35.01 -27.70 25.90
N PRO M 449 -35.07 -29.04 25.99
CA PRO M 449 -35.79 -29.77 24.95
C PRO M 449 -37.20 -29.25 24.73
N LEU M 450 -37.98 -29.12 25.79
CA LEU M 450 -39.34 -28.57 25.69
C LEU M 450 -39.30 -27.15 25.11
N ARG M 451 -38.45 -26.31 25.69
CA ARG M 451 -38.30 -24.92 25.28
C ARG M 451 -37.95 -24.77 23.80
N GLN M 452 -37.19 -25.73 23.28
CA GLN M 452 -36.81 -25.70 21.87
C GLN M 452 -37.96 -26.08 20.95
N ILE M 453 -38.82 -27.01 21.40
CA ILE M 453 -39.98 -27.41 20.62
C ILE M 453 -40.97 -26.27 20.52
N VAL M 454 -41.17 -25.56 21.63
CA VAL M 454 -42.04 -24.40 21.68
C VAL M 454 -41.52 -23.26 20.79
N LEU M 455 -40.20 -23.12 20.72
CA LEU M 455 -39.57 -22.08 19.91
C LEU M 455 -39.85 -22.29 18.43
N ASN M 456 -39.81 -23.55 18.00
CA ASN M 456 -40.15 -23.92 16.63
C ASN M 456 -41.63 -23.73 16.31
N CYS M 457 -42.47 -23.86 17.34
CA CYS M 457 -43.92 -23.69 17.22
C CYS M 457 -44.32 -22.22 17.17
N GLY M 458 -43.34 -21.34 17.37
CA GLY M 458 -43.55 -19.90 17.27
C GLY M 458 -43.99 -19.23 18.55
N GLU M 459 -44.51 -20.03 19.49
CA GLU M 459 -44.92 -19.52 20.80
C GLU M 459 -43.71 -19.26 21.69
N GLU M 460 -43.88 -18.39 22.69
CA GLU M 460 -42.79 -18.05 23.62
C GLU M 460 -42.51 -19.22 24.57
N PRO M 461 -41.27 -19.75 24.55
CA PRO M 461 -40.93 -20.94 25.32
C PRO M 461 -41.06 -20.71 26.81
N SER M 462 -40.69 -19.51 27.26
CA SER M 462 -40.75 -19.13 28.66
C SER M 462 -42.16 -19.25 29.25
N VAL M 463 -43.16 -18.83 28.49
CA VAL M 463 -44.56 -18.86 28.90
C VAL M 463 -45.07 -20.29 29.01
N VAL M 464 -44.75 -21.11 28.00
CA VAL M 464 -45.24 -22.50 27.94
C VAL M 464 -44.59 -23.38 29.00
N ALA M 465 -43.26 -23.27 29.15
CA ALA M 465 -42.53 -24.02 30.17
C ALA M 465 -42.97 -23.67 31.59
N ASN M 466 -43.30 -22.40 31.81
CA ASN M 466 -43.83 -21.95 33.09
C ASN M 466 -45.21 -22.52 33.41
N THR M 467 -46.03 -22.74 32.37
CA THR M 467 -47.37 -23.30 32.53
C THR M 467 -47.30 -24.80 32.78
N VAL M 468 -46.37 -25.47 32.11
CA VAL M 468 -46.19 -26.92 32.28
C VAL M 468 -45.69 -27.26 33.68
N LYS M 469 -44.81 -26.40 34.21
CA LYS M 469 -44.25 -26.60 35.56
C LYS M 469 -45.29 -26.40 36.67
N GLY M 470 -46.23 -25.49 36.45
CA GLY M 470 -47.30 -25.21 37.41
C GLY M 470 -48.26 -26.38 37.61
N GLY M 471 -48.66 -27.00 36.50
CA GLY M 471 -49.45 -28.22 36.53
C GLY M 471 -48.58 -29.42 36.83
N ASP M 472 -49.21 -30.52 37.25
CA ASP M 472 -48.47 -31.70 37.68
C ASP M 472 -48.81 -32.95 36.86
N GLY M 473 -47.89 -33.91 36.86
CA GLY M 473 -48.09 -35.20 36.20
C GLY M 473 -47.67 -35.25 34.74
N ASN M 474 -48.53 -35.87 33.92
CA ASN M 474 -48.27 -36.03 32.50
C ASN M 474 -48.93 -34.93 31.67
N TYR M 475 -49.11 -33.78 32.31
CA TYR M 475 -49.69 -32.60 31.71
C TYR M 475 -48.62 -31.84 30.95
N GLY M 476 -48.82 -31.65 29.65
CA GLY M 476 -47.83 -30.97 28.82
C GLY M 476 -48.40 -30.15 27.66
N TYR M 477 -47.52 -29.79 26.74
CA TYR M 477 -47.92 -28.97 25.60
C TYR M 477 -47.83 -29.75 24.30
N ASN M 478 -48.93 -29.76 23.56
CA ASN M 478 -48.97 -30.34 22.22
C ASN M 478 -48.66 -29.26 21.20
N ALA M 479 -47.48 -29.35 20.59
CA ALA M 479 -47.03 -28.36 19.62
C ALA M 479 -47.75 -28.44 18.28
N ALA M 480 -48.22 -29.64 17.94
CA ALA M 480 -48.94 -29.85 16.68
C ALA M 480 -50.31 -29.15 16.66
N THR M 481 -51.02 -29.24 17.78
CA THR M 481 -52.38 -28.70 17.88
C THR M 481 -52.46 -27.38 18.65
N GLU M 482 -51.33 -26.97 19.24
CA GLU M 482 -51.24 -25.77 20.08
C GLU M 482 -52.18 -25.85 21.29
N GLU M 483 -52.40 -27.07 21.78
CA GLU M 483 -53.32 -27.34 22.89
C GLU M 483 -52.58 -27.98 24.05
N TYR M 484 -52.99 -27.64 25.28
CA TYR M 484 -52.45 -28.29 26.47
C TYR M 484 -53.27 -29.54 26.79
N GLY M 485 -52.73 -30.40 27.64
CA GLY M 485 -53.47 -31.58 28.10
C GLY M 485 -52.59 -32.76 28.48
N ASN M 486 -53.25 -33.88 28.78
CA ASN M 486 -52.55 -35.12 29.11
C ASN M 486 -51.85 -35.68 27.88
N MET M 487 -50.53 -35.85 27.98
CA MET M 487 -49.71 -36.27 26.85
C MET M 487 -50.00 -37.71 26.45
N ILE M 488 -50.12 -38.60 27.43
CA ILE M 488 -50.39 -40.00 27.18
C ILE M 488 -51.72 -40.18 26.45
N ASP M 489 -52.74 -39.44 26.89
CA ASP M 489 -54.06 -39.49 26.26
C ASP M 489 -54.05 -38.92 24.85
N MET M 490 -53.12 -38.00 24.57
CA MET M 490 -52.99 -37.39 23.26
C MET M 490 -52.07 -38.17 22.31
N GLY M 491 -51.51 -39.28 22.81
CA GLY M 491 -50.65 -40.14 22.00
C GLY M 491 -49.22 -39.64 21.84
N ILE M 492 -48.89 -38.56 22.54
CA ILE M 492 -47.54 -38.01 22.53
C ILE M 492 -46.72 -38.68 23.62
N LEU M 493 -45.82 -39.58 23.22
CA LEU M 493 -44.98 -40.29 24.17
C LEU M 493 -43.62 -40.67 23.62
N ASP M 494 -42.64 -40.71 24.50
CA ASP M 494 -41.28 -41.10 24.17
C ASP M 494 -40.87 -42.33 24.96
N PRO M 495 -40.26 -43.31 24.27
CA PRO M 495 -39.74 -44.48 24.98
C PRO M 495 -38.75 -44.05 26.05
N THR M 496 -38.90 -44.57 27.27
CA THR M 496 -38.04 -44.19 28.39
C THR M 496 -36.56 -44.35 28.01
N LYS M 497 -36.24 -45.44 27.30
CA LYS M 497 -34.88 -45.75 26.88
C LYS M 497 -34.22 -44.62 26.08
N VAL M 498 -34.94 -44.04 25.13
CA VAL M 498 -34.41 -42.97 24.30
C VAL M 498 -34.12 -41.70 25.12
N THR M 499 -34.99 -41.36 26.06
CA THR M 499 -34.81 -40.16 26.88
C THR M 499 -33.68 -40.36 27.89
N ARG M 500 -33.52 -41.59 28.37
CA ARG M 500 -32.43 -41.93 29.28
C ARG M 500 -31.10 -41.83 28.54
N SER M 501 -31.07 -42.37 27.32
CA SER M 501 -29.88 -42.31 26.48
C SER M 501 -29.55 -40.86 26.12
N ALA M 502 -30.56 -40.11 25.71
CA ALA M 502 -30.34 -38.73 25.32
C ALA M 502 -29.74 -37.90 26.45
N LEU M 503 -30.16 -38.16 27.69
CA LEU M 503 -29.66 -37.37 28.81
C LEU M 503 -28.27 -37.81 29.23
N GLN M 504 -28.09 -39.12 29.37
CA GLN M 504 -26.82 -39.66 29.85
C GLN M 504 -25.65 -39.31 28.95
N TYR M 505 -25.83 -39.52 27.64
CA TYR M 505 -24.78 -39.28 26.67
C TYR M 505 -24.43 -37.80 26.62
N ALA M 506 -25.45 -36.95 26.58
CA ALA M 506 -25.24 -35.50 26.52
C ALA M 506 -24.48 -34.98 27.74
N ALA M 507 -24.72 -35.60 28.90
CA ALA M 507 -24.02 -35.24 30.12
C ALA M 507 -22.58 -35.75 30.10
N SER M 508 -22.39 -36.95 29.54
CA SER M 508 -21.08 -37.59 29.49
C SER M 508 -20.06 -36.72 28.75
N VAL M 509 -20.46 -36.21 27.58
CA VAL M 509 -19.58 -35.35 26.78
C VAL M 509 -19.37 -33.96 27.42
N ALA M 510 -20.46 -33.36 27.91
CA ALA M 510 -20.39 -32.06 28.55
C ALA M 510 -19.42 -32.11 29.72
N GLY M 511 -19.48 -33.21 30.46
CA GLY M 511 -18.58 -33.45 31.59
C GLY M 511 -17.13 -33.45 31.18
N LEU M 512 -16.84 -34.11 30.07
CA LEU M 512 -15.49 -34.16 29.52
C LEU M 512 -15.06 -32.81 28.98
N MET M 513 -16.01 -32.10 28.38
CA MET M 513 -15.70 -30.80 27.78
C MET M 513 -15.52 -29.69 28.80
N ILE M 514 -16.20 -29.79 29.93
CA ILE M 514 -16.06 -28.79 30.98
C ILE M 514 -14.70 -28.91 31.66
N THR M 515 -14.18 -30.13 31.73
CA THR M 515 -12.89 -30.39 32.35
C THR M 515 -11.73 -30.24 31.37
N THR M 516 -11.98 -29.58 30.23
CA THR M 516 -10.92 -29.37 29.24
C THR M 516 -10.14 -28.09 29.51
N GLU M 517 -8.80 -28.22 29.53
CA GLU M 517 -7.92 -27.08 29.74
C GLU M 517 -6.96 -26.84 28.59
N CYS M 518 -6.64 -27.88 27.83
CA CYS M 518 -5.68 -27.76 26.75
C CYS M 518 -6.13 -28.46 25.49
N MET M 519 -5.94 -27.80 24.36
CA MET M 519 -6.31 -28.36 23.05
C MET M 519 -5.13 -28.35 22.09
N VAL M 520 -4.90 -29.51 21.46
CA VAL M 520 -3.80 -29.67 20.52
C VAL M 520 -4.31 -30.14 19.16
N THR M 521 -4.08 -29.32 18.13
CA THR M 521 -4.51 -29.62 16.77
C THR M 521 -3.46 -29.24 15.73
N ASP M 522 -3.69 -29.67 14.49
CA ASP M 522 -2.81 -29.36 13.38
C ASP M 522 -2.84 -27.88 13.01
N LEU M 523 -1.73 -27.39 12.49
CA LEU M 523 -1.56 -25.98 12.14
C LEU M 523 -2.23 -25.67 10.80
N PRO M 524 -3.00 -24.56 10.72
CA PRO M 524 -3.65 -24.13 9.48
C PRO M 524 -2.67 -23.75 8.36
N ALA N 1 -14.36 -31.91 4.85
CA ALA N 1 -14.46 -30.60 4.15
C ALA N 1 -15.05 -29.54 5.08
N ALA N 2 -14.35 -28.41 5.18
CA ALA N 2 -14.78 -27.26 5.99
C ALA N 2 -16.08 -26.65 5.42
N LYS N 3 -17.01 -26.31 6.31
CA LYS N 3 -18.32 -25.84 5.90
C LYS N 3 -18.62 -24.42 6.37
N ASP N 4 -19.50 -23.75 5.63
CA ASP N 4 -19.98 -22.42 5.98
C ASP N 4 -21.45 -22.55 6.38
N VAL N 5 -21.83 -21.91 7.49
CA VAL N 5 -23.20 -22.03 7.98
C VAL N 5 -23.84 -20.66 8.21
N LYS N 6 -25.00 -20.43 7.60
CA LYS N 6 -25.75 -19.19 7.80
C LYS N 6 -27.12 -19.47 8.40
N PHE N 7 -27.56 -18.56 9.27
CA PHE N 7 -28.81 -18.72 10.00
C PHE N 7 -29.84 -17.64 9.72
N GLY N 8 -31.10 -18.04 9.77
CA GLY N 8 -32.25 -17.15 9.77
C GLY N 8 -32.34 -16.19 8.61
N ASN N 9 -32.58 -14.92 8.94
CA ASN N 9 -32.80 -13.85 7.97
C ASN N 9 -31.63 -13.73 7.00
N ASP N 10 -30.42 -13.81 7.55
CA ASP N 10 -29.18 -13.81 6.77
C ASP N 10 -29.16 -14.93 5.75
N ALA N 11 -29.68 -16.10 6.14
CA ALA N 11 -29.69 -17.28 5.28
C ALA N 11 -30.75 -17.20 4.20
N ARG N 12 -31.88 -16.60 4.52
CA ARG N 12 -33.00 -16.53 3.59
C ARG N 12 -32.79 -15.55 2.46
N VAL N 13 -32.22 -14.37 2.77
CA VAL N 13 -31.98 -13.34 1.76
C VAL N 13 -31.05 -13.83 0.64
N LYS N 14 -30.21 -14.81 0.96
CA LYS N 14 -29.32 -15.43 -0.02
C LYS N 14 -30.08 -16.38 -0.94
N MET N 15 -31.14 -17.00 -0.43
CA MET N 15 -32.00 -17.82 -1.26
C MET N 15 -32.83 -16.96 -2.20
N LEU N 16 -33.47 -15.93 -1.66
CA LEU N 16 -34.31 -15.03 -2.45
C LEU N 16 -33.50 -14.42 -3.59
N ARG N 17 -32.32 -13.91 -3.26
CA ARG N 17 -31.37 -13.39 -4.24
C ARG N 17 -31.02 -14.44 -5.30
N GLY N 18 -30.91 -15.69 -4.85
CA GLY N 18 -30.59 -16.81 -5.72
C GLY N 18 -31.73 -17.20 -6.64
N VAL N 19 -32.94 -17.33 -6.09
CA VAL N 19 -34.11 -17.68 -6.90
C VAL N 19 -34.45 -16.57 -7.89
N ASN N 20 -34.28 -15.32 -7.47
CA ASN N 20 -34.56 -14.16 -8.30
C ASN N 20 -33.73 -14.12 -9.58
N VAL N 21 -32.52 -14.67 -9.52
CA VAL N 21 -31.69 -14.79 -10.72
C VAL N 21 -32.29 -15.82 -11.67
N LEU N 22 -32.58 -17.01 -11.16
CA LEU N 22 -33.18 -18.04 -12.01
C LEU N 22 -34.55 -17.64 -12.53
N ALA N 23 -35.36 -17.04 -11.68
CA ALA N 23 -36.70 -16.63 -12.09
C ALA N 23 -36.68 -15.56 -13.18
N ASP N 24 -35.94 -14.48 -12.94
CA ASP N 24 -35.86 -13.37 -13.89
C ASP N 24 -35.28 -13.77 -15.24
N ALA N 25 -34.45 -14.81 -15.23
CA ALA N 25 -33.86 -15.31 -16.45
C ALA N 25 -34.84 -16.18 -17.22
N VAL N 26 -35.86 -16.68 -16.54
CA VAL N 26 -36.83 -17.57 -17.15
C VAL N 26 -38.14 -16.83 -17.45
N LYS N 27 -38.58 -15.99 -16.52
CA LYS N 27 -39.87 -15.29 -16.67
C LYS N 27 -39.96 -14.37 -17.90
N VAL N 28 -38.81 -14.03 -18.48
CA VAL N 28 -38.77 -13.18 -19.68
C VAL N 28 -39.18 -13.93 -20.95
N THR N 29 -39.26 -15.25 -20.85
CA THR N 29 -39.56 -16.08 -22.00
C THR N 29 -40.99 -16.61 -21.95
N LEU N 30 -41.82 -15.98 -21.13
CA LEU N 30 -43.21 -16.41 -20.97
C LEU N 30 -44.10 -15.85 -22.06
N GLY N 31 -45.08 -16.64 -22.46
CA GLY N 31 -46.07 -16.22 -23.46
C GLY N 31 -45.55 -16.24 -24.89
N PRO N 32 -46.34 -15.68 -25.83
CA PRO N 32 -45.92 -15.57 -27.22
C PRO N 32 -45.22 -14.24 -27.50
N LYS N 33 -45.39 -13.27 -26.60
CA LYS N 33 -44.68 -12.01 -26.70
C LYS N 33 -43.37 -12.10 -25.91
N GLY N 34 -42.91 -13.33 -25.70
CA GLY N 34 -41.70 -13.63 -24.96
C GLY N 34 -40.42 -13.14 -25.60
N ARG N 35 -39.38 -13.03 -24.79
CA ARG N 35 -38.08 -12.56 -25.24
C ARG N 35 -37.09 -13.71 -25.40
N ASN N 36 -36.04 -13.48 -26.16
CA ASN N 36 -34.98 -14.47 -26.35
C ASN N 36 -33.93 -14.40 -25.24
N VAL N 37 -33.48 -15.57 -24.80
CA VAL N 37 -32.38 -15.65 -23.85
C VAL N 37 -31.23 -16.36 -24.55
N VAL N 38 -30.05 -15.75 -24.52
CA VAL N 38 -28.88 -16.30 -25.19
C VAL N 38 -27.99 -17.03 -24.20
N LEU N 39 -27.68 -18.28 -24.53
CA LEU N 39 -26.85 -19.13 -23.68
C LEU N 39 -25.52 -19.43 -24.36
N ASP N 40 -24.42 -19.15 -23.65
CA ASP N 40 -23.09 -19.31 -24.23
C ASP N 40 -22.64 -20.76 -24.21
N LYS N 41 -21.91 -21.14 -25.24
CA LYS N 41 -21.23 -22.43 -25.32
C LYS N 41 -19.75 -22.19 -25.61
N SER N 42 -18.90 -23.07 -25.08
CA SER N 42 -17.46 -22.98 -25.33
C SER N 42 -17.12 -23.21 -26.80
N PHE N 43 -17.78 -24.18 -27.42
CA PHE N 43 -17.55 -24.51 -28.82
C PHE N 43 -18.45 -23.68 -29.75
N GLY N 44 -17.83 -22.74 -30.45
CA GLY N 44 -18.49 -21.96 -31.51
C GLY N 44 -19.60 -21.01 -31.09
N ALA N 45 -20.68 -21.02 -31.87
CA ALA N 45 -21.79 -20.07 -31.75
C ALA N 45 -22.65 -20.27 -30.50
N PRO N 46 -23.17 -19.16 -29.93
CA PRO N 46 -24.07 -19.24 -28.78
C PRO N 46 -25.45 -19.72 -29.19
N THR N 47 -26.19 -20.29 -28.24
CA THR N 47 -27.54 -20.78 -28.48
C THR N 47 -28.55 -19.70 -28.08
N ILE N 48 -29.41 -19.34 -29.03
CA ILE N 48 -30.50 -18.40 -28.77
C ILE N 48 -31.78 -19.22 -28.66
N THR N 49 -32.45 -19.14 -27.52
CA THR N 49 -33.64 -19.94 -27.28
C THR N 49 -34.67 -19.23 -26.42
N LYS N 50 -35.92 -19.70 -26.50
CA LYS N 50 -37.01 -19.23 -25.67
C LYS N 50 -37.46 -20.31 -24.66
N ASP N 51 -36.94 -21.52 -24.83
CA ASP N 51 -37.30 -22.68 -24.01
C ASP N 51 -36.88 -22.50 -22.56
N GLY N 52 -37.86 -22.29 -21.69
CA GLY N 52 -37.62 -22.07 -20.26
C GLY N 52 -36.85 -23.15 -19.54
N VAL N 53 -36.88 -24.37 -20.09
CA VAL N 53 -36.16 -25.50 -19.52
C VAL N 53 -34.67 -25.36 -19.81
N SER N 54 -34.35 -25.04 -21.06
CA SER N 54 -32.97 -24.91 -21.50
C SER N 54 -32.27 -23.78 -20.76
N VAL N 55 -33.01 -22.71 -20.47
CA VAL N 55 -32.49 -21.56 -19.72
C VAL N 55 -32.28 -21.92 -18.24
N ALA N 56 -33.26 -22.58 -17.65
CA ALA N 56 -33.18 -23.01 -16.25
C ALA N 56 -31.97 -23.91 -16.01
N ARG N 57 -31.83 -24.94 -16.86
CA ARG N 57 -30.72 -25.89 -16.74
C ARG N 57 -29.35 -25.21 -16.65
N GLU N 58 -29.20 -24.10 -17.35
CA GLU N 58 -27.90 -23.44 -17.45
C GLU N 58 -27.53 -22.59 -16.23
N ILE N 59 -28.53 -22.15 -15.48
CA ILE N 59 -28.29 -21.28 -14.32
C ILE N 59 -27.60 -22.03 -13.16
N GLU N 60 -26.49 -21.46 -12.70
CA GLU N 60 -25.73 -21.96 -11.55
C GLU N 60 -24.84 -20.83 -11.04
N LEU N 61 -25.14 -20.34 -9.84
CA LEU N 61 -24.52 -19.10 -9.34
C LEU N 61 -23.18 -19.30 -8.63
N GLU N 62 -22.44 -18.20 -8.47
CA GLU N 62 -21.13 -18.24 -7.82
C GLU N 62 -21.26 -18.37 -6.30
N ASP N 63 -22.01 -17.47 -5.68
CA ASP N 63 -22.21 -17.51 -4.24
C ASP N 63 -22.93 -18.80 -3.89
N LYS N 64 -22.25 -19.64 -3.13
CA LYS N 64 -22.75 -20.98 -2.83
C LYS N 64 -24.18 -21.01 -2.27
N PHE N 65 -24.50 -20.07 -1.40
CA PHE N 65 -25.84 -19.93 -0.82
C PHE N 65 -26.86 -19.50 -1.85
N GLU N 66 -26.51 -18.49 -2.67
CA GLU N 66 -27.35 -18.08 -3.78
C GLU N 66 -27.59 -19.24 -4.74
N ASN N 67 -26.53 -19.97 -5.06
CA ASN N 67 -26.62 -21.13 -5.93
C ASN N 67 -27.65 -22.11 -5.41
N MET N 68 -27.62 -22.38 -4.12
CA MET N 68 -28.57 -23.29 -3.50
C MET N 68 -30.01 -22.86 -3.76
N GLY N 69 -30.31 -21.59 -3.48
CA GLY N 69 -31.63 -21.03 -3.74
C GLY N 69 -32.06 -21.30 -5.16
N ALA N 70 -31.26 -20.83 -6.11
CA ALA N 70 -31.51 -21.04 -7.53
C ALA N 70 -31.69 -22.51 -7.90
N GLN N 71 -30.83 -23.36 -7.38
CA GLN N 71 -30.87 -24.79 -7.69
C GLN N 71 -32.07 -25.50 -7.08
N MET N 72 -32.66 -24.87 -6.06
CA MET N 72 -33.85 -25.42 -5.43
C MET N 72 -35.09 -25.26 -6.29
N VAL N 73 -35.33 -24.05 -6.82
CA VAL N 73 -36.50 -23.80 -7.68
C VAL N 73 -36.32 -24.41 -9.07
N LYS N 74 -35.07 -24.67 -9.43
CA LYS N 74 -34.73 -25.35 -10.68
C LYS N 74 -35.27 -26.78 -10.65
N GLU N 75 -35.19 -27.40 -9.47
CA GLU N 75 -35.66 -28.77 -9.23
C GLU N 75 -37.16 -28.94 -9.48
N VAL N 76 -37.87 -27.81 -9.49
CA VAL N 76 -39.30 -27.80 -9.67
C VAL N 76 -39.64 -27.70 -11.16
N ALA N 77 -39.02 -26.71 -11.81
CA ALA N 77 -39.11 -26.52 -13.24
C ALA N 77 -38.93 -27.86 -13.98
N SER N 78 -37.85 -28.58 -13.65
CA SER N 78 -37.54 -29.87 -14.27
C SER N 78 -38.57 -30.95 -13.94
N LYS N 79 -39.17 -30.86 -12.74
CA LYS N 79 -40.17 -31.84 -12.30
C LYS N 79 -41.55 -31.57 -12.88
N ALA N 80 -41.86 -30.30 -13.13
CA ALA N 80 -43.06 -29.93 -13.86
C ALA N 80 -42.98 -30.47 -15.28
N ASN N 81 -41.78 -30.40 -15.85
CA ASN N 81 -41.47 -30.94 -17.17
C ASN N 81 -41.64 -32.45 -17.21
N ASP N 82 -41.34 -33.10 -16.09
CA ASP N 82 -41.46 -34.56 -15.98
C ASP N 82 -42.93 -35.01 -15.90
N ALA N 83 -43.77 -34.14 -15.32
CA ALA N 83 -45.19 -34.45 -15.11
C ALA N 83 -46.03 -34.22 -16.37
N ALA N 84 -45.77 -33.11 -17.06
CA ALA N 84 -46.56 -32.71 -18.24
C ALA N 84 -45.73 -32.47 -19.51
N GLY N 85 -44.58 -31.82 -19.37
CA GLY N 85 -43.74 -31.44 -20.51
C GLY N 85 -43.94 -29.98 -20.89
N ASP N 86 -45.00 -29.41 -20.33
CA ASP N 86 -45.36 -28.04 -20.59
C ASP N 86 -45.39 -27.32 -19.23
N GLY N 87 -45.35 -25.99 -19.26
CA GLY N 87 -45.60 -25.18 -18.07
C GLY N 87 -44.44 -25.06 -17.09
N THR N 88 -43.23 -25.18 -17.61
CA THR N 88 -42.02 -25.07 -16.80
C THR N 88 -41.73 -23.62 -16.43
N THR N 89 -41.95 -22.71 -17.38
CA THR N 89 -41.83 -21.28 -17.15
C THR N 89 -42.95 -20.79 -16.23
N THR N 90 -44.15 -21.30 -16.44
CA THR N 90 -45.33 -20.96 -15.65
C THR N 90 -45.16 -21.43 -14.20
N ALA N 91 -44.48 -22.55 -14.01
CA ALA N 91 -44.18 -23.02 -12.67
C ALA N 91 -43.24 -22.04 -11.96
N THR N 92 -42.18 -21.66 -12.68
CA THR N 92 -41.11 -20.85 -12.10
C THR N 92 -41.60 -19.45 -11.75
N VAL N 93 -42.50 -18.91 -12.55
CA VAL N 93 -43.02 -17.56 -12.26
C VAL N 93 -43.91 -17.57 -11.03
N LEU N 94 -44.59 -18.70 -10.82
CA LEU N 94 -45.42 -18.92 -9.64
C LEU N 94 -44.55 -19.07 -8.39
N ALA N 95 -43.60 -19.99 -8.46
CA ALA N 95 -42.68 -20.26 -7.35
C ALA N 95 -42.06 -18.98 -6.81
N GLN N 96 -41.60 -18.13 -7.72
CA GLN N 96 -41.00 -16.86 -7.34
C GLN N 96 -42.01 -16.03 -6.56
N ALA N 97 -43.22 -15.94 -7.10
CA ALA N 97 -44.27 -15.09 -6.53
C ALA N 97 -44.77 -15.53 -5.15
N ILE N 98 -44.68 -16.82 -4.87
CA ILE N 98 -44.99 -17.37 -3.54
C ILE N 98 -43.83 -17.12 -2.57
N ILE N 99 -42.60 -17.32 -3.06
CA ILE N 99 -41.41 -17.15 -2.24
C ILE N 99 -41.21 -15.69 -1.85
N THR N 100 -41.24 -14.81 -2.84
CA THR N 100 -40.99 -13.38 -2.61
C THR N 100 -41.98 -12.80 -1.59
N GLU N 101 -43.26 -13.09 -1.79
CA GLU N 101 -44.32 -12.61 -0.91
C GLU N 101 -44.36 -13.39 0.41
N GLY N 102 -43.96 -14.66 0.35
CA GLY N 102 -43.89 -15.51 1.53
C GLY N 102 -42.85 -15.03 2.51
N LEU N 103 -41.61 -14.89 2.02
CA LEU N 103 -40.50 -14.42 2.85
C LEU N 103 -40.74 -13.03 3.43
N LYS N 104 -41.46 -12.20 2.70
CA LYS N 104 -41.87 -10.88 3.20
C LYS N 104 -42.65 -11.00 4.51
N ALA N 105 -43.52 -12.01 4.59
CA ALA N 105 -44.32 -12.26 5.78
C ALA N 105 -43.48 -12.82 6.92
N VAL N 106 -42.52 -13.67 6.57
CA VAL N 106 -41.64 -14.28 7.57
C VAL N 106 -40.79 -13.20 8.22
N ALA N 107 -40.27 -12.28 7.40
CA ALA N 107 -39.46 -11.17 7.87
C ALA N 107 -40.28 -10.15 8.67
N ALA N 108 -41.59 -10.09 8.39
CA ALA N 108 -42.52 -9.25 9.14
C ALA N 108 -42.74 -9.81 10.54
N GLY N 109 -42.53 -11.12 10.68
CA GLY N 109 -42.58 -11.79 11.97
C GLY N 109 -43.75 -12.75 12.09
N MET N 110 -43.95 -13.57 11.06
CA MET N 110 -45.05 -14.53 11.05
C MET N 110 -44.51 -15.96 11.01
N ASN N 111 -45.30 -16.89 11.54
CA ASN N 111 -44.89 -18.28 11.65
C ASN N 111 -44.81 -18.95 10.29
N PRO N 112 -43.61 -19.40 9.89
CA PRO N 112 -43.42 -20.05 8.60
C PRO N 112 -44.26 -21.31 8.46
N MET N 113 -44.35 -22.09 9.53
CA MET N 113 -45.13 -23.32 9.50
C MET N 113 -46.62 -23.08 9.27
N ASP N 114 -47.12 -21.95 9.79
CA ASP N 114 -48.51 -21.54 9.54
C ASP N 114 -48.67 -20.97 8.13
N LEU N 115 -47.62 -20.34 7.61
CA LEU N 115 -47.63 -19.80 6.26
C LEU N 115 -47.64 -20.90 5.22
N LYS N 116 -46.91 -21.98 5.49
CA LYS N 116 -46.89 -23.13 4.59
C LYS N 116 -48.26 -23.80 4.50
N ARG N 117 -48.86 -24.07 5.66
CA ARG N 117 -50.17 -24.70 5.73
C ARG N 117 -51.25 -23.84 5.07
N GLY N 118 -51.10 -22.51 5.17
CA GLY N 118 -52.00 -21.57 4.50
C GLY N 118 -51.92 -21.68 2.98
N ILE N 119 -50.70 -21.77 2.48
CA ILE N 119 -50.45 -21.92 1.04
C ILE N 119 -51.02 -23.26 0.55
N ASP N 120 -50.66 -24.35 1.22
CA ASP N 120 -51.04 -25.69 0.79
C ASP N 120 -52.53 -25.91 0.79
N LYS N 121 -53.22 -25.30 1.75
CA LYS N 121 -54.69 -25.38 1.82
C LYS N 121 -55.30 -24.57 0.67
N ALA N 122 -54.72 -23.42 0.38
CA ALA N 122 -55.16 -22.59 -0.74
C ALA N 122 -54.94 -23.31 -2.07
N VAL N 123 -53.88 -24.10 -2.12
CA VAL N 123 -53.53 -24.86 -3.33
C VAL N 123 -54.47 -26.06 -3.51
N THR N 124 -54.69 -26.82 -2.44
CA THR N 124 -55.57 -27.99 -2.49
C THR N 124 -56.99 -27.58 -2.88
N ALA N 125 -57.38 -26.36 -2.47
CA ALA N 125 -58.67 -25.78 -2.85
C ALA N 125 -58.65 -25.26 -4.29
N ALA N 126 -57.48 -24.80 -4.74
CA ALA N 126 -57.33 -24.29 -6.10
C ALA N 126 -57.36 -25.41 -7.14
N VAL N 127 -56.75 -26.54 -6.80
CA VAL N 127 -56.77 -27.73 -7.66
C VAL N 127 -58.19 -28.24 -7.76
N GLU N 128 -58.93 -28.16 -6.65
CA GLU N 128 -60.32 -28.60 -6.59
C GLU N 128 -61.22 -27.67 -7.40
N GLU N 129 -60.94 -26.37 -7.34
CA GLU N 129 -61.67 -25.36 -8.11
C GLU N 129 -61.33 -25.45 -9.60
N LEU N 130 -60.10 -25.86 -9.89
CA LEU N 130 -59.60 -25.98 -11.25
C LEU N 130 -60.29 -27.12 -12.01
N LYS N 131 -60.56 -28.22 -11.31
CA LYS N 131 -61.27 -29.37 -11.90
C LYS N 131 -62.69 -28.99 -12.35
N ALA N 132 -63.29 -28.05 -11.63
CA ALA N 132 -64.63 -27.55 -11.95
C ALA N 132 -64.63 -26.63 -13.17
N LEU N 133 -63.53 -25.90 -13.36
CA LEU N 133 -63.39 -24.97 -14.47
C LEU N 133 -62.96 -25.68 -15.76
N SER N 134 -62.52 -26.92 -15.62
CA SER N 134 -62.01 -27.71 -16.74
C SER N 134 -63.12 -28.13 -17.72
N VAL N 135 -62.82 -28.02 -19.01
CA VAL N 135 -63.72 -28.48 -20.06
C VAL N 135 -63.13 -29.75 -20.68
N PRO N 136 -63.76 -30.91 -20.42
CA PRO N 136 -63.20 -32.20 -20.84
C PRO N 136 -63.16 -32.39 -22.35
N CYS N 137 -62.23 -33.22 -22.81
CA CYS N 137 -62.15 -33.64 -24.21
C CYS N 137 -62.47 -35.14 -24.31
N SER N 138 -63.72 -35.45 -24.65
CA SER N 138 -64.21 -36.83 -24.70
C SER N 138 -64.18 -37.40 -26.12
N ASP N 139 -65.02 -36.86 -27.00
CA ASP N 139 -65.14 -37.34 -28.38
C ASP N 139 -63.92 -36.99 -29.23
N SER N 140 -63.67 -37.79 -30.27
CA SER N 140 -62.47 -37.65 -31.12
C SER N 140 -62.53 -36.44 -32.08
N LYS N 141 -63.60 -35.67 -32.00
CA LYS N 141 -63.76 -34.42 -32.78
C LYS N 141 -63.16 -33.23 -32.03
N ALA N 142 -63.36 -33.19 -30.71
CA ALA N 142 -62.80 -32.16 -29.85
C ALA N 142 -61.32 -32.45 -29.52
N ILE N 143 -60.93 -33.72 -29.65
CA ILE N 143 -59.53 -34.14 -29.50
C ILE N 143 -58.67 -33.63 -30.65
N ALA N 144 -59.27 -33.58 -31.84
CA ALA N 144 -58.62 -33.06 -33.05
C ALA N 144 -58.34 -31.56 -32.97
N GLN N 145 -59.21 -30.83 -32.27
CA GLN N 145 -59.07 -29.39 -32.08
C GLN N 145 -57.84 -29.00 -31.25
N VAL N 146 -57.53 -29.82 -30.25
CA VAL N 146 -56.38 -29.57 -29.35
C VAL N 146 -55.05 -29.83 -30.06
N GLY N 147 -54.99 -30.90 -30.85
CA GLY N 147 -53.79 -31.24 -31.63
C GLY N 147 -53.49 -30.28 -32.78
N THR N 148 -54.53 -29.57 -33.23
CA THR N 148 -54.40 -28.61 -34.32
C THR N 148 -53.75 -27.28 -33.87
N ILE N 149 -54.28 -26.70 -32.78
CA ILE N 149 -53.82 -25.40 -32.29
C ILE N 149 -52.45 -25.48 -31.58
N SER N 150 -52.13 -26.67 -31.05
CA SER N 150 -50.85 -26.92 -30.40
C SER N 150 -49.69 -27.06 -31.39
N ALA N 151 -50.03 -27.40 -32.64
CA ALA N 151 -49.05 -27.55 -33.71
C ALA N 151 -49.10 -26.38 -34.71
N ASN N 152 -49.41 -25.18 -34.19
CA ASN N 152 -49.49 -23.94 -34.99
C ASN N 152 -50.49 -24.00 -36.16
N SER N 153 -51.76 -24.19 -35.82
CA SER N 153 -52.88 -24.23 -36.79
C SER N 153 -52.74 -25.24 -37.95
N ASP N 154 -52.09 -26.36 -37.68
CA ASP N 154 -51.88 -27.42 -38.68
C ASP N 154 -52.92 -28.53 -38.49
N GLU N 155 -53.77 -28.69 -39.50
CA GLU N 155 -54.87 -29.66 -39.44
C GLU N 155 -54.44 -31.09 -39.72
N THR N 156 -53.31 -31.25 -40.41
CA THR N 156 -52.77 -32.57 -40.74
C THR N 156 -52.26 -33.29 -39.48
N VAL N 157 -51.76 -32.52 -38.53
CA VAL N 157 -51.24 -33.06 -37.27
C VAL N 157 -52.38 -33.60 -36.40
N GLY N 158 -53.43 -32.79 -36.22
CA GLY N 158 -54.58 -33.15 -35.39
C GLY N 158 -55.37 -34.34 -35.92
N LYS N 159 -55.36 -34.51 -37.24
CA LYS N 159 -56.05 -35.62 -37.91
C LYS N 159 -55.38 -36.96 -37.60
N LEU N 160 -54.04 -36.95 -37.54
CA LEU N 160 -53.25 -38.16 -37.28
C LEU N 160 -53.42 -38.66 -35.85
N ILE N 161 -53.43 -37.73 -34.90
CA ILE N 161 -53.58 -38.06 -33.49
C ILE N 161 -54.94 -38.71 -33.23
N ALA N 162 -55.99 -38.10 -33.80
CA ALA N 162 -57.35 -38.61 -33.66
C ALA N 162 -57.51 -40.02 -34.22
N GLU N 163 -56.84 -40.29 -35.35
CA GLU N 163 -56.86 -41.61 -35.98
C GLU N 163 -56.05 -42.63 -35.18
N ALA N 164 -54.99 -42.16 -34.52
CA ALA N 164 -54.14 -43.00 -33.69
C ALA N 164 -54.85 -43.39 -32.40
N MET N 165 -55.59 -42.44 -31.82
CA MET N 165 -56.34 -42.68 -30.59
C MET N 165 -57.62 -43.49 -30.83
N ASP N 166 -58.05 -43.54 -32.09
CA ASP N 166 -59.23 -44.33 -32.46
C ASP N 166 -58.86 -45.81 -32.66
N LYS N 167 -57.56 -46.09 -32.73
CA LYS N 167 -57.05 -47.44 -32.94
C LYS N 167 -56.70 -48.16 -31.62
N VAL N 168 -55.89 -47.52 -30.80
CA VAL N 168 -55.41 -48.11 -29.53
C VAL N 168 -56.21 -47.67 -28.30
N GLY N 169 -56.98 -46.59 -28.45
CA GLY N 169 -57.78 -46.07 -27.36
C GLY N 169 -57.16 -44.85 -26.70
N LYS N 170 -57.82 -44.36 -25.66
CA LYS N 170 -57.35 -43.19 -24.92
C LYS N 170 -56.23 -43.56 -23.94
N GLU N 171 -56.22 -44.82 -23.50
CA GLU N 171 -55.20 -45.35 -22.61
C GLU N 171 -54.04 -45.98 -23.39
N GLY N 172 -54.26 -46.18 -24.69
CA GLY N 172 -53.30 -46.85 -25.57
C GLY N 172 -51.99 -46.13 -25.76
N VAL N 173 -50.98 -46.84 -26.27
CA VAL N 173 -49.63 -46.30 -26.43
C VAL N 173 -49.41 -45.78 -27.86
N ILE N 174 -49.01 -44.51 -27.96
CA ILE N 174 -48.78 -43.87 -29.26
C ILE N 174 -47.34 -43.32 -29.36
N THR N 175 -46.65 -43.69 -30.44
CA THR N 175 -45.27 -43.28 -30.66
C THR N 175 -45.06 -42.72 -32.07
N VAL N 176 -44.14 -41.76 -32.16
CA VAL N 176 -43.80 -41.12 -33.43
C VAL N 176 -42.35 -41.42 -33.81
N GLU N 177 -42.16 -41.80 -35.07
CA GLU N 177 -40.82 -42.00 -35.62
C GLU N 177 -40.70 -41.42 -37.04
N ASP N 178 -39.48 -41.45 -37.59
CA ASP N 178 -39.18 -40.90 -38.92
C ASP N 178 -39.97 -41.61 -40.03
N GLY N 179 -40.37 -40.84 -41.03
CA GLY N 179 -41.17 -41.35 -42.14
C GLY N 179 -40.35 -42.00 -43.24
N THR N 180 -41.03 -42.78 -44.07
CA THR N 180 -40.39 -43.50 -45.18
C THR N 180 -40.39 -42.70 -46.48
N GLY N 181 -41.43 -41.90 -46.67
CA GLY N 181 -41.59 -41.15 -47.93
C GLY N 181 -42.43 -39.89 -47.82
N LEU N 182 -43.46 -39.82 -48.64
CA LEU N 182 -44.21 -38.58 -48.84
C LEU N 182 -45.58 -38.52 -48.17
N GLN N 183 -46.04 -39.66 -47.64
CA GLN N 183 -47.33 -39.69 -46.96
C GLN N 183 -47.22 -40.20 -45.54
N ASP N 184 -48.08 -39.66 -44.67
CA ASP N 184 -48.12 -40.05 -43.27
C ASP N 184 -48.69 -41.45 -43.14
N GLU N 185 -47.94 -42.33 -42.49
CA GLU N 185 -48.34 -43.73 -42.32
C GLU N 185 -48.75 -44.03 -40.87
N LEU N 186 -49.62 -45.01 -40.71
CA LEU N 186 -50.14 -45.39 -39.40
C LEU N 186 -50.42 -46.88 -39.32
N ASP N 187 -49.56 -47.60 -38.57
CA ASP N 187 -49.75 -49.03 -38.33
C ASP N 187 -49.81 -49.30 -36.83
N VAL N 188 -50.47 -50.41 -36.47
CA VAL N 188 -50.49 -50.88 -35.08
C VAL N 188 -49.68 -52.17 -35.00
N VAL N 189 -48.50 -52.08 -34.37
CA VAL N 189 -47.60 -53.23 -34.25
C VAL N 189 -47.54 -53.75 -32.82
N GLU N 190 -47.15 -55.02 -32.68
CA GLU N 190 -47.08 -55.69 -31.39
C GLU N 190 -45.97 -55.11 -30.51
N GLY N 191 -46.37 -54.36 -29.48
CA GLY N 191 -45.42 -53.71 -28.57
C GLY N 191 -45.98 -53.52 -27.16
N MET N 192 -45.17 -52.90 -26.30
CA MET N 192 -45.54 -52.70 -24.90
C MET N 192 -44.83 -51.49 -24.29
N GLN N 193 -45.47 -50.85 -23.31
CA GLN N 193 -44.87 -49.76 -22.56
C GLN N 193 -45.08 -49.93 -21.05
N PHE N 194 -44.00 -49.83 -20.29
CA PHE N 194 -44.06 -49.92 -18.83
C PHE N 194 -43.46 -48.69 -18.12
N ASP N 195 -43.92 -48.43 -16.90
CA ASP N 195 -43.60 -47.19 -16.18
C ASP N 195 -42.27 -47.26 -15.40
N ARG N 196 -41.18 -47.39 -16.13
CA ARG N 196 -39.83 -47.44 -15.54
C ARG N 196 -38.82 -46.66 -16.40
N GLY N 197 -37.77 -46.15 -15.78
CA GLY N 197 -36.78 -45.33 -16.48
C GLY N 197 -35.37 -45.89 -16.46
N TYR N 198 -34.39 -44.99 -16.49
CA TYR N 198 -32.97 -45.36 -16.52
C TYR N 198 -32.30 -45.42 -15.14
N LEU N 199 -31.29 -46.28 -15.02
CA LEU N 199 -30.52 -46.43 -13.79
C LEU N 199 -29.34 -45.45 -13.70
N SER N 200 -29.15 -44.65 -14.75
CA SER N 200 -28.17 -43.57 -14.76
C SER N 200 -28.56 -42.51 -15.80
N PRO N 201 -28.46 -41.22 -15.45
CA PRO N 201 -28.82 -40.13 -16.37
C PRO N 201 -27.89 -39.93 -17.58
N TYR N 202 -26.71 -40.56 -17.57
CA TYR N 202 -25.73 -40.39 -18.64
C TYR N 202 -25.92 -41.29 -19.88
N PHE N 203 -26.92 -42.17 -19.84
CA PHE N 203 -27.26 -43.01 -20.99
C PHE N 203 -27.92 -42.17 -22.09
N ILE N 204 -28.49 -41.04 -21.69
CA ILE N 204 -29.11 -40.08 -22.62
C ILE N 204 -28.09 -39.67 -23.69
N ASN N 205 -28.34 -40.08 -24.92
CA ASN N 205 -27.48 -39.70 -26.05
C ASN N 205 -28.06 -38.54 -26.88
N LYS N 206 -29.37 -38.30 -26.75
CA LYS N 206 -30.01 -37.12 -27.32
C LYS N 206 -30.48 -36.22 -26.17
N PRO N 207 -29.69 -35.17 -25.83
CA PRO N 207 -29.96 -34.34 -24.65
C PRO N 207 -31.26 -33.53 -24.72
N GLU N 208 -31.72 -33.25 -25.94
CA GLU N 208 -32.92 -32.45 -26.19
C GLU N 208 -34.21 -33.19 -25.84
N THR N 209 -34.28 -34.47 -26.22
CA THR N 209 -35.47 -35.30 -26.04
C THR N 209 -35.70 -35.70 -24.58
N GLY N 210 -34.61 -35.85 -23.83
CA GLY N 210 -34.66 -36.33 -22.44
C GLY N 210 -34.88 -37.83 -22.36
N ALA N 211 -34.49 -38.53 -23.42
CA ALA N 211 -34.73 -39.97 -23.55
C ALA N 211 -33.62 -40.69 -24.34
N VAL N 212 -33.42 -41.97 -24.05
CA VAL N 212 -32.41 -42.80 -24.71
C VAL N 212 -33.02 -43.52 -25.93
N GLU N 213 -32.75 -42.98 -27.11
CA GLU N 213 -33.30 -43.48 -28.36
C GLU N 213 -32.38 -44.55 -28.94
N LEU N 214 -32.89 -45.77 -29.08
CA LEU N 214 -32.06 -46.92 -29.50
C LEU N 214 -32.74 -47.79 -30.55
N GLU N 215 -32.16 -47.84 -31.75
CA GLU N 215 -32.66 -48.66 -32.85
C GLU N 215 -31.77 -49.86 -33.14
N SER N 216 -32.40 -50.97 -33.54
CA SER N 216 -31.77 -52.30 -33.59
C SER N 216 -31.05 -52.67 -32.28
N PRO N 217 -31.80 -52.77 -31.17
CA PRO N 217 -31.24 -53.04 -29.84
C PRO N 217 -31.31 -54.51 -29.38
N PHE N 218 -30.38 -54.89 -28.50
CA PHE N 218 -30.38 -56.21 -27.88
C PHE N 218 -30.97 -56.16 -26.48
N ILE N 219 -31.80 -57.14 -26.15
CA ILE N 219 -32.54 -57.17 -24.88
C ILE N 219 -32.04 -58.27 -23.94
N LEU N 220 -31.87 -57.92 -22.67
CA LEU N 220 -31.44 -58.87 -21.61
C LEU N 220 -32.49 -59.00 -20.51
N LEU N 221 -32.49 -60.14 -19.83
CA LEU N 221 -33.43 -60.41 -18.74
C LEU N 221 -32.72 -61.07 -17.53
N ALA N 222 -33.14 -60.68 -16.32
CA ALA N 222 -32.58 -61.25 -15.07
C ALA N 222 -33.52 -61.11 -13.87
N ASP N 223 -33.53 -62.13 -13.01
CA ASP N 223 -34.39 -62.16 -11.82
C ASP N 223 -33.61 -62.02 -10.50
N LYS N 224 -32.48 -61.31 -10.57
CA LYS N 224 -31.63 -61.02 -9.40
C LYS N 224 -30.80 -59.74 -9.60
N LYS N 225 -30.29 -59.20 -8.49
CA LYS N 225 -29.48 -57.99 -8.52
C LYS N 225 -28.03 -58.28 -8.89
N ILE N 226 -27.57 -57.60 -9.94
CA ILE N 226 -26.23 -57.78 -10.48
C ILE N 226 -25.29 -56.71 -9.96
N SER N 227 -24.08 -57.11 -9.57
CA SER N 227 -23.10 -56.17 -9.01
C SER N 227 -21.65 -56.53 -9.36
N ASN N 228 -21.45 -57.29 -10.43
CA ASN N 228 -20.11 -57.72 -10.84
C ASN N 228 -19.84 -57.51 -12.33
N ILE N 229 -18.75 -56.81 -12.63
CA ILE N 229 -18.33 -56.58 -14.02
C ILE N 229 -17.25 -57.58 -14.49
N ARG N 230 -16.66 -58.31 -13.53
CA ARG N 230 -15.67 -59.36 -13.84
C ARG N 230 -16.35 -60.63 -14.36
N GLU N 231 -17.61 -60.80 -13.99
CA GLU N 231 -18.46 -61.88 -14.52
C GLU N 231 -19.41 -61.34 -15.61
N MET N 232 -19.05 -60.17 -16.16
CA MET N 232 -19.80 -59.56 -17.25
C MET N 232 -18.85 -58.91 -18.27
N LEU N 233 -18.02 -59.74 -18.89
CA LEU N 233 -17.14 -59.31 -19.98
C LEU N 233 -17.47 -59.98 -21.32
N PRO N 234 -17.97 -61.24 -21.31
CA PRO N 234 -18.43 -61.85 -22.56
C PRO N 234 -19.70 -61.19 -23.13
N VAL N 235 -20.26 -60.24 -22.38
CA VAL N 235 -21.37 -59.41 -22.87
C VAL N 235 -20.84 -58.42 -23.91
N LEU N 236 -19.61 -57.95 -23.71
CA LEU N 236 -18.95 -57.03 -24.64
C LEU N 236 -18.08 -57.77 -25.66
N GLU N 237 -18.56 -58.92 -26.12
CA GLU N 237 -17.87 -59.75 -27.13
C GLU N 237 -18.83 -60.28 -28.20
N ALA N 238 -20.13 -60.22 -27.91
CA ALA N 238 -21.17 -60.62 -28.87
C ALA N 238 -22.02 -59.42 -29.28
N VAL N 239 -21.85 -58.31 -28.57
CA VAL N 239 -22.55 -57.05 -28.84
C VAL N 239 -21.71 -56.13 -29.73
N ALA N 240 -20.40 -56.22 -29.59
CA ALA N 240 -19.46 -55.47 -30.43
C ALA N 240 -18.88 -56.32 -31.57
N LYS N 241 -19.37 -57.56 -31.67
CA LYS N 241 -18.94 -58.49 -32.73
C LYS N 241 -19.48 -58.05 -34.09
N ALA N 242 -20.72 -57.57 -34.10
CA ALA N 242 -21.35 -57.05 -35.32
C ALA N 242 -21.47 -55.52 -35.30
N GLY N 243 -21.64 -54.95 -34.10
CA GLY N 243 -21.69 -53.50 -33.91
C GLY N 243 -23.10 -52.94 -33.75
N LYS N 244 -23.72 -53.23 -32.60
CA LYS N 244 -25.08 -52.78 -32.30
C LYS N 244 -25.25 -52.32 -30.85
N PRO N 245 -26.20 -51.41 -30.58
CA PRO N 245 -26.45 -50.93 -29.21
C PRO N 245 -27.00 -52.00 -28.26
N LEU N 246 -26.95 -51.71 -26.95
CA LEU N 246 -27.30 -52.67 -25.91
C LEU N 246 -28.40 -52.16 -24.98
N LEU N 247 -29.26 -53.07 -24.54
CA LEU N 247 -30.29 -52.76 -23.54
C LEU N 247 -30.38 -53.86 -22.49
N ILE N 248 -30.37 -53.45 -21.22
CA ILE N 248 -30.50 -54.38 -20.10
C ILE N 248 -31.86 -54.20 -19.43
N ILE N 249 -32.69 -55.24 -19.47
CA ILE N 249 -33.96 -55.23 -18.76
C ILE N 249 -33.91 -56.26 -17.61
N ALA N 250 -33.30 -55.84 -16.50
CA ALA N 250 -33.11 -56.69 -15.31
C ALA N 250 -33.74 -56.05 -14.06
N GLU N 251 -33.55 -56.69 -12.91
CA GLU N 251 -34.03 -56.15 -11.64
C GLU N 251 -33.25 -54.89 -11.30
N ASP N 252 -31.92 -54.95 -11.44
CA ASP N 252 -31.03 -53.81 -11.22
C ASP N 252 -29.61 -54.10 -11.72
N VAL N 253 -28.85 -53.03 -11.94
CA VAL N 253 -27.41 -53.12 -12.24
C VAL N 253 -26.64 -52.26 -11.23
N GLU N 254 -25.73 -52.90 -10.51
CA GLU N 254 -24.97 -52.26 -9.44
C GLU N 254 -23.48 -52.64 -9.46
N GLY N 255 -22.81 -52.41 -8.33
CA GLY N 255 -21.42 -52.81 -8.14
C GLY N 255 -20.42 -51.95 -8.87
N GLU N 256 -19.59 -52.61 -9.70
CA GLU N 256 -18.62 -51.92 -10.54
C GLU N 256 -19.26 -51.51 -11.87
N ALA N 257 -20.29 -52.25 -12.29
CA ALA N 257 -21.07 -51.93 -13.48
C ALA N 257 -22.01 -50.73 -13.25
N LEU N 258 -22.06 -50.27 -11.99
CA LEU N 258 -22.80 -49.07 -11.61
C LEU N 258 -22.06 -47.82 -12.13
N ALA N 259 -20.74 -47.78 -11.94
CA ALA N 259 -19.93 -46.60 -12.25
C ALA N 259 -18.85 -46.82 -13.33
N THR N 260 -19.02 -47.87 -14.16
CA THR N 260 -18.11 -48.12 -15.29
C THR N 260 -18.89 -48.20 -16.62
N LEU N 261 -20.17 -48.58 -16.54
CA LEU N 261 -21.06 -48.55 -17.70
C LEU N 261 -21.51 -47.12 -18.03
N VAL N 262 -21.14 -46.18 -17.15
CA VAL N 262 -21.40 -44.74 -17.34
C VAL N 262 -20.28 -44.08 -18.15
N VAL N 263 -19.04 -44.52 -17.91
CA VAL N 263 -17.86 -44.05 -18.66
C VAL N 263 -17.80 -44.75 -20.04
N ASN N 264 -18.55 -45.84 -20.18
CA ASN N 264 -18.68 -46.56 -21.46
C ASN N 264 -19.81 -46.04 -22.36
N THR N 265 -20.16 -44.77 -22.21
CA THR N 265 -21.19 -44.12 -23.03
C THR N 265 -20.75 -42.77 -23.59
N MET N 266 -20.03 -42.00 -22.79
CA MET N 266 -19.52 -40.68 -23.22
C MET N 266 -18.36 -40.82 -24.22
N ARG N 267 -17.55 -41.86 -24.04
CA ARG N 267 -16.41 -42.12 -24.92
C ARG N 267 -16.85 -42.73 -26.25
N GLY N 268 -17.70 -43.76 -26.19
CA GLY N 268 -18.33 -44.32 -27.39
C GLY N 268 -18.20 -45.82 -27.60
N ILE N 269 -17.48 -46.50 -26.71
CA ILE N 269 -17.31 -47.94 -26.82
C ILE N 269 -18.57 -48.66 -26.35
N VAL N 270 -19.40 -49.05 -27.33
CA VAL N 270 -20.64 -49.80 -27.08
C VAL N 270 -21.65 -49.05 -26.19
N LYS N 271 -22.73 -48.57 -26.81
CA LYS N 271 -23.82 -47.90 -26.10
C LYS N 271 -24.53 -48.84 -25.13
N VAL N 272 -24.56 -48.46 -23.86
CA VAL N 272 -25.18 -49.25 -22.79
C VAL N 272 -26.42 -48.52 -22.26
N ALA N 273 -27.43 -49.28 -21.84
CA ALA N 273 -28.66 -48.73 -21.26
C ALA N 273 -29.40 -49.76 -20.42
N ALA N 274 -29.79 -49.38 -19.20
CA ALA N 274 -30.43 -50.30 -18.25
C ALA N 274 -31.66 -49.73 -17.55
N VAL N 275 -32.72 -50.51 -17.51
CA VAL N 275 -33.98 -50.12 -16.86
C VAL N 275 -34.21 -50.88 -15.55
N LYS N 276 -35.45 -50.84 -15.06
CA LYS N 276 -35.86 -51.64 -13.89
C LYS N 276 -36.77 -52.79 -14.35
N ALA N 277 -37.11 -53.68 -13.41
CA ALA N 277 -38.06 -54.76 -13.68
C ALA N 277 -39.38 -54.50 -12.94
N PRO N 278 -40.49 -54.35 -13.70
CA PRO N 278 -41.80 -54.04 -13.11
C PRO N 278 -42.32 -55.15 -12.19
N GLY N 279 -42.52 -54.80 -10.92
CA GLY N 279 -42.98 -55.75 -9.91
C GLY N 279 -42.10 -55.80 -8.68
N PHE N 280 -42.40 -56.74 -7.78
CA PHE N 280 -41.59 -56.96 -6.56
C PHE N 280 -41.56 -58.42 -6.10
N GLY N 281 -42.46 -59.25 -6.63
CA GLY N 281 -42.51 -60.67 -6.30
C GLY N 281 -43.62 -61.44 -6.99
N ASP N 282 -44.86 -60.99 -6.79
CA ASP N 282 -46.04 -61.61 -7.41
C ASP N 282 -46.25 -61.16 -8.85
N ARG N 283 -46.22 -59.84 -9.07
CA ARG N 283 -46.42 -59.27 -10.42
C ARG N 283 -45.13 -59.13 -11.24
N ARG N 284 -44.02 -59.62 -10.68
CA ARG N 284 -42.71 -59.60 -11.34
C ARG N 284 -42.41 -60.93 -12.06
N LYS N 285 -42.74 -62.03 -11.40
CA LYS N 285 -42.53 -63.37 -11.94
C LYS N 285 -43.54 -63.74 -13.04
N ALA N 286 -44.27 -62.73 -13.52
CA ALA N 286 -45.25 -62.90 -14.60
C ALA N 286 -45.12 -61.82 -15.70
N MET N 287 -44.67 -60.63 -15.31
CA MET N 287 -44.44 -59.54 -16.27
C MET N 287 -43.07 -59.61 -16.94
N LEU N 288 -42.16 -60.41 -16.38
CA LEU N 288 -40.83 -60.63 -16.95
C LEU N 288 -40.79 -61.81 -17.92
N GLN N 289 -41.86 -62.60 -17.93
CA GLN N 289 -42.04 -63.65 -18.93
C GLN N 289 -42.64 -63.04 -20.20
N ASP N 290 -43.19 -61.83 -20.04
CA ASP N 290 -43.83 -61.09 -21.14
C ASP N 290 -42.81 -60.40 -22.05
N ILE N 291 -41.52 -60.65 -21.83
CA ILE N 291 -40.44 -60.04 -22.62
C ILE N 291 -39.70 -61.08 -23.48
N ALA N 292 -39.31 -62.19 -22.87
CA ALA N 292 -38.57 -63.26 -23.56
C ALA N 292 -39.45 -64.06 -24.53
N THR N 293 -40.75 -64.07 -24.27
CA THR N 293 -41.73 -64.66 -25.17
C THR N 293 -42.10 -63.67 -26.28
N LEU N 294 -42.03 -62.38 -25.94
CA LEU N 294 -42.39 -61.30 -26.86
C LEU N 294 -41.28 -60.94 -27.85
N THR N 295 -40.03 -61.22 -27.48
CA THR N 295 -38.89 -60.88 -28.34
C THR N 295 -38.16 -62.11 -28.93
N GLY N 296 -38.41 -63.29 -28.37
CA GLY N 296 -37.93 -64.55 -28.96
C GLY N 296 -36.77 -65.23 -28.23
N GLY N 297 -37.09 -66.25 -27.43
CA GLY N 297 -36.07 -66.99 -26.69
C GLY N 297 -36.53 -67.48 -25.33
N THR N 298 -35.72 -67.20 -24.30
CA THR N 298 -35.98 -67.61 -22.91
C THR N 298 -35.51 -66.51 -21.92
N VAL N 299 -35.96 -66.60 -20.66
CA VAL N 299 -35.50 -65.70 -19.59
C VAL N 299 -34.26 -66.29 -18.89
N ILE N 300 -33.36 -65.43 -18.42
CA ILE N 300 -32.11 -65.88 -17.77
C ILE N 300 -32.08 -65.58 -16.26
N SER N 301 -31.82 -66.63 -15.48
CA SER N 301 -31.57 -66.51 -14.04
C SER N 301 -30.72 -67.70 -13.55
N GLU N 302 -30.22 -67.59 -12.30
CA GLU N 302 -29.25 -68.55 -11.75
C GLU N 302 -29.86 -69.81 -11.12
N GLU N 303 -31.18 -69.96 -11.26
CA GLU N 303 -31.90 -71.11 -10.70
C GLU N 303 -31.78 -72.36 -11.56
N ILE N 304 -31.62 -72.17 -12.87
CA ILE N 304 -31.54 -73.27 -13.83
C ILE N 304 -30.09 -73.72 -14.06
N GLY N 305 -29.22 -72.77 -14.37
CA GLY N 305 -27.82 -73.03 -14.69
C GLY N 305 -27.15 -71.88 -15.42
N MET N 306 -27.96 -71.09 -16.13
CA MET N 306 -27.47 -69.92 -16.87
C MET N 306 -27.10 -68.79 -15.92
N GLU N 307 -26.21 -67.90 -16.38
CA GLU N 307 -25.66 -66.85 -15.52
C GLU N 307 -25.50 -65.51 -16.27
N LEU N 308 -24.58 -64.68 -15.81
CA LEU N 308 -24.28 -63.37 -16.41
C LEU N 308 -23.25 -63.50 -17.54
N GLU N 309 -22.67 -64.70 -17.67
CA GLU N 309 -21.61 -64.99 -18.63
C GLU N 309 -22.11 -65.75 -19.88
N LYS N 310 -23.01 -66.71 -19.66
CA LYS N 310 -23.51 -67.59 -20.73
C LYS N 310 -24.82 -67.08 -21.35
N ALA N 311 -24.69 -66.18 -22.33
CA ALA N 311 -25.83 -65.61 -23.04
C ALA N 311 -25.46 -65.25 -24.48
N THR N 312 -25.85 -66.11 -25.42
CA THR N 312 -25.52 -65.92 -26.84
C THR N 312 -26.45 -64.91 -27.54
N LEU N 313 -27.31 -65.41 -28.44
CA LEU N 313 -28.23 -64.56 -29.21
C LEU N 313 -29.63 -65.14 -29.38
N GLU N 314 -29.75 -66.46 -29.42
CA GLU N 314 -31.04 -67.16 -29.56
C GLU N 314 -31.92 -67.01 -28.31
N ASP N 315 -31.29 -67.02 -27.14
CA ASP N 315 -31.99 -66.90 -25.86
C ASP N 315 -32.39 -65.45 -25.53
N LEU N 316 -31.71 -64.49 -26.15
CA LEU N 316 -31.94 -63.06 -25.88
C LEU N 316 -33.28 -62.54 -26.42
N GLY N 317 -33.27 -62.04 -27.65
CA GLY N 317 -34.48 -61.49 -28.27
C GLY N 317 -34.35 -60.04 -28.73
N GLN N 318 -34.40 -59.84 -30.03
CA GLN N 318 -34.20 -58.52 -30.64
C GLN N 318 -35.51 -57.75 -30.87
N ALA N 319 -35.39 -56.45 -31.09
CA ALA N 319 -36.54 -55.58 -31.36
C ALA N 319 -36.23 -54.55 -32.43
N LYS N 320 -37.17 -53.61 -32.66
CA LYS N 320 -36.97 -52.56 -33.65
C LYS N 320 -36.55 -51.20 -33.07
N ARG N 321 -37.28 -50.73 -32.06
CA ARG N 321 -36.99 -49.44 -31.42
C ARG N 321 -37.41 -49.39 -29.95
N VAL N 322 -36.55 -48.86 -29.10
CA VAL N 322 -36.86 -48.66 -27.68
C VAL N 322 -36.66 -47.21 -27.25
N VAL N 323 -37.54 -46.76 -26.36
CA VAL N 323 -37.49 -45.40 -25.81
C VAL N 323 -37.60 -45.48 -24.28
N ILE N 324 -36.73 -44.73 -23.59
CA ILE N 324 -36.67 -44.74 -22.12
C ILE N 324 -36.72 -43.32 -21.54
N ASN N 325 -37.88 -42.95 -21.00
CA ASN N 325 -38.06 -41.65 -20.34
C ASN N 325 -37.38 -41.59 -18.97
N LYS N 326 -37.80 -40.65 -18.13
CA LYS N 326 -37.31 -40.58 -16.74
C LYS N 326 -37.90 -41.75 -15.95
N ASP N 327 -39.17 -42.05 -16.19
CA ASP N 327 -39.83 -43.23 -15.61
C ASP N 327 -40.87 -43.83 -16.57
N THR N 328 -40.50 -43.96 -17.85
CA THR N 328 -41.33 -44.62 -18.87
C THR N 328 -40.42 -45.32 -19.86
N THR N 329 -40.86 -46.47 -20.38
CA THR N 329 -40.07 -47.23 -21.35
C THR N 329 -40.96 -48.01 -22.33
N THR N 330 -40.85 -47.70 -23.61
CA THR N 330 -41.66 -48.38 -24.64
C THR N 330 -40.80 -49.20 -25.61
N ILE N 331 -41.36 -50.34 -26.05
CA ILE N 331 -40.72 -51.23 -27.03
C ILE N 331 -41.60 -51.35 -28.28
N ILE N 332 -40.98 -51.14 -29.44
CA ILE N 332 -41.69 -51.24 -30.71
C ILE N 332 -41.18 -52.41 -31.57
N ASP N 333 -42.13 -53.22 -32.04
CA ASP N 333 -41.89 -54.44 -32.83
C ASP N 333 -40.87 -55.41 -32.24
N GLY N 334 -41.37 -56.31 -31.39
CA GLY N 334 -40.55 -57.40 -30.87
C GLY N 334 -40.48 -58.50 -31.92
N VAL N 335 -39.25 -58.90 -32.25
CA VAL N 335 -39.04 -59.98 -33.22
C VAL N 335 -39.26 -61.33 -32.53
N GLY N 336 -40.42 -61.45 -31.87
CA GLY N 336 -40.80 -62.67 -31.17
C GLY N 336 -41.80 -63.48 -31.97
N GLU N 337 -41.60 -64.80 -31.97
CA GLU N 337 -42.42 -65.74 -32.72
C GLU N 337 -43.92 -65.51 -32.53
N GLU N 338 -44.65 -65.44 -33.64
CA GLU N 338 -46.11 -65.33 -33.61
C GLU N 338 -46.73 -66.72 -33.46
N ALA N 339 -46.52 -67.32 -32.29
CA ALA N 339 -47.03 -68.65 -31.95
C ALA N 339 -47.24 -68.79 -30.43
N ALA N 340 -46.43 -68.07 -29.66
CA ALA N 340 -46.53 -68.09 -28.20
C ALA N 340 -46.94 -66.72 -27.61
N ILE N 341 -47.08 -65.73 -28.48
CA ILE N 341 -47.58 -64.39 -28.11
C ILE N 341 -49.11 -64.32 -28.35
N GLN N 342 -49.55 -64.89 -29.46
CA GLN N 342 -50.97 -64.98 -29.81
C GLN N 342 -51.70 -65.93 -28.86
N GLY N 343 -50.99 -66.95 -28.39
CA GLY N 343 -51.52 -67.91 -27.43
C GLY N 343 -51.19 -67.60 -25.97
N ARG N 344 -50.68 -66.40 -25.72
CA ARG N 344 -50.41 -65.92 -24.36
C ARG N 344 -51.65 -65.27 -23.75
N VAL N 345 -52.56 -64.82 -24.63
CA VAL N 345 -53.86 -64.28 -24.22
C VAL N 345 -54.73 -65.38 -23.59
N ALA N 346 -54.42 -66.63 -23.95
CA ALA N 346 -55.17 -67.81 -23.48
C ALA N 346 -54.61 -68.43 -22.19
N GLN N 347 -53.53 -67.85 -21.66
CA GLN N 347 -52.96 -68.28 -20.38
C GLN N 347 -53.29 -67.32 -19.24
N ILE N 348 -53.77 -66.12 -19.59
CA ILE N 348 -54.04 -65.07 -18.62
C ILE N 348 -55.54 -64.96 -18.31
N ARG N 349 -56.36 -64.98 -19.35
CA ARG N 349 -57.82 -64.91 -19.21
C ARG N 349 -58.40 -66.22 -18.64
N GLN N 350 -57.60 -67.28 -18.72
CA GLN N 350 -57.97 -68.60 -18.19
C GLN N 350 -57.62 -68.70 -16.69
N GLN N 351 -57.00 -67.65 -16.16
CA GLN N 351 -56.55 -67.62 -14.77
C GLN N 351 -57.17 -66.49 -13.92
N ILE N 352 -58.28 -65.91 -14.40
CA ILE N 352 -59.00 -64.87 -13.65
C ILE N 352 -60.03 -65.48 -12.69
N GLU N 353 -60.67 -66.56 -13.14
CA GLU N 353 -61.71 -67.26 -12.35
C GLU N 353 -61.17 -68.05 -11.16
N GLU N 354 -59.85 -68.19 -11.06
CA GLU N 354 -59.21 -68.98 -10.01
C GLU N 354 -59.20 -68.28 -8.64
N ALA N 355 -58.34 -67.28 -8.49
CA ALA N 355 -58.17 -66.60 -7.20
C ALA N 355 -59.20 -65.47 -7.00
N THR N 356 -60.16 -65.71 -6.11
CA THR N 356 -61.19 -64.73 -5.77
C THR N 356 -60.59 -63.63 -4.87
N SER N 357 -59.84 -62.73 -5.48
CA SER N 357 -59.08 -61.70 -4.75
C SER N 357 -59.44 -60.29 -5.23
N ASP N 358 -58.95 -59.28 -4.50
CA ASP N 358 -59.23 -57.86 -4.79
C ASP N 358 -58.10 -57.16 -5.55
N TYR N 359 -57.12 -57.95 -6.03
CA TYR N 359 -55.92 -57.43 -6.68
C TYR N 359 -55.42 -58.38 -7.78
N ASP N 360 -55.72 -59.66 -7.64
CA ASP N 360 -55.48 -60.64 -8.71
C ASP N 360 -56.35 -60.30 -9.91
N ARG N 361 -57.42 -59.56 -9.65
CA ARG N 361 -58.32 -59.06 -10.69
C ARG N 361 -57.79 -57.75 -11.29
N GLU N 362 -57.13 -56.93 -10.46
CA GLU N 362 -56.67 -55.59 -10.87
C GLU N 362 -55.28 -55.56 -11.50
N LYS N 363 -54.65 -56.73 -11.66
CA LYS N 363 -53.34 -56.83 -12.29
C LYS N 363 -53.27 -57.81 -13.46
N LEU N 364 -54.36 -58.56 -13.68
CA LEU N 364 -54.52 -59.35 -14.89
C LEU N 364 -55.30 -58.56 -15.95
N GLN N 365 -55.55 -57.29 -15.64
CA GLN N 365 -56.22 -56.33 -16.54
C GLN N 365 -55.22 -55.38 -17.22
N GLU N 366 -54.13 -55.08 -16.54
CA GLU N 366 -53.07 -54.20 -17.07
C GLU N 366 -52.05 -54.97 -17.91
N ARG N 367 -52.05 -56.29 -17.76
CA ARG N 367 -51.17 -57.17 -18.53
C ARG N 367 -51.84 -57.65 -19.83
N VAL N 368 -53.08 -57.22 -20.04
CA VAL N 368 -53.83 -57.56 -21.27
C VAL N 368 -54.26 -56.32 -22.07
N ALA N 369 -54.31 -55.17 -21.42
CA ALA N 369 -54.65 -53.91 -22.09
C ALA N 369 -53.39 -53.21 -22.64
N LYS N 370 -52.22 -53.80 -22.37
CA LYS N 370 -50.95 -53.26 -22.85
C LYS N 370 -50.11 -54.28 -23.61
N LEU N 371 -50.18 -55.55 -23.21
CA LEU N 371 -49.50 -56.64 -23.92
C LEU N 371 -50.31 -57.11 -25.14
N ALA N 372 -51.64 -57.15 -24.98
CA ALA N 372 -52.54 -57.46 -26.08
C ALA N 372 -53.24 -56.20 -26.61
N GLY N 373 -53.14 -55.10 -25.86
CA GLY N 373 -53.71 -53.81 -26.25
C GLY N 373 -53.02 -53.18 -27.43
N GLY N 374 -51.70 -53.32 -27.49
CA GLY N 374 -50.91 -52.92 -28.67
C GLY N 374 -50.24 -51.56 -28.59
N VAL N 375 -49.32 -51.33 -29.53
CA VAL N 375 -48.63 -50.04 -29.65
C VAL N 375 -48.79 -49.47 -31.06
N ALA N 376 -49.34 -48.26 -31.12
CA ALA N 376 -49.50 -47.53 -32.37
C ALA N 376 -48.21 -46.80 -32.74
N VAL N 377 -47.99 -46.63 -34.04
CA VAL N 377 -46.81 -45.95 -34.56
C VAL N 377 -47.19 -44.94 -35.65
N ILE N 378 -46.83 -43.68 -35.42
CA ILE N 378 -47.04 -42.62 -36.40
C ILE N 378 -45.73 -42.25 -37.07
N LYS N 379 -45.71 -42.35 -38.39
CA LYS N 379 -44.56 -41.91 -39.18
C LYS N 379 -44.78 -40.52 -39.77
N VAL N 380 -43.72 -39.73 -39.81
CA VAL N 380 -43.78 -38.33 -40.25
C VAL N 380 -43.39 -38.22 -41.73
N GLY N 381 -44.39 -37.95 -42.57
CA GLY N 381 -44.17 -37.79 -44.02
C GLY N 381 -43.95 -36.36 -44.43
N ALA N 382 -42.92 -36.13 -45.26
CA ALA N 382 -42.57 -34.80 -45.75
C ALA N 382 -41.80 -34.86 -47.06
N ALA N 383 -41.79 -33.74 -47.79
CA ALA N 383 -41.13 -33.65 -49.10
C ALA N 383 -39.62 -33.84 -49.00
N THR N 384 -38.96 -33.04 -48.15
CA THR N 384 -37.53 -33.14 -47.94
C THR N 384 -37.16 -33.09 -46.45
N GLU N 385 -35.88 -33.33 -46.16
CA GLU N 385 -35.35 -33.40 -44.80
C GLU N 385 -35.53 -32.10 -44.01
N VAL N 386 -35.27 -30.97 -44.67
CA VAL N 386 -35.31 -29.66 -44.03
C VAL N 386 -36.67 -29.38 -43.37
N GLU N 387 -37.74 -29.81 -44.03
CA GLU N 387 -39.10 -29.67 -43.48
C GLU N 387 -39.62 -30.95 -42.79
N MET N 388 -38.83 -32.03 -42.89
CA MET N 388 -39.12 -33.25 -42.14
C MET N 388 -38.70 -33.05 -40.68
N LYS N 389 -37.51 -32.48 -40.50
CA LYS N 389 -36.95 -32.18 -39.18
C LYS N 389 -37.88 -31.31 -38.33
N GLU N 390 -38.27 -30.17 -38.89
CA GLU N 390 -39.07 -29.17 -38.17
C GLU N 390 -40.48 -29.66 -37.85
N LYS N 391 -40.99 -30.60 -38.67
CA LYS N 391 -42.28 -31.21 -38.41
C LYS N 391 -42.17 -32.33 -37.38
N LYS N 392 -41.07 -33.08 -37.45
CA LYS N 392 -40.79 -34.17 -36.51
C LYS N 392 -40.90 -33.71 -35.06
N ALA N 393 -40.20 -32.63 -34.72
CA ALA N 393 -40.19 -32.07 -33.38
C ALA N 393 -41.57 -31.55 -32.95
N ARG N 394 -42.41 -31.20 -33.92
CA ARG N 394 -43.74 -30.68 -33.65
C ARG N 394 -44.80 -31.77 -33.44
N VAL N 395 -44.54 -32.98 -33.92
CA VAL N 395 -45.47 -34.09 -33.73
C VAL N 395 -45.37 -34.65 -32.30
N GLU N 396 -44.20 -34.52 -31.69
CA GLU N 396 -43.96 -34.98 -30.32
C GLU N 396 -44.70 -34.13 -29.27
N ASP N 397 -44.38 -32.84 -29.21
CA ASP N 397 -44.90 -31.94 -28.18
C ASP N 397 -46.40 -31.66 -28.31
N ALA N 398 -46.94 -31.78 -29.51
CA ALA N 398 -48.39 -31.63 -29.73
C ALA N 398 -49.16 -32.83 -29.19
N LEU N 399 -48.57 -34.02 -29.31
CA LEU N 399 -49.12 -35.24 -28.74
C LEU N 399 -49.17 -35.14 -27.22
N HIS N 400 -48.11 -34.60 -26.63
CA HIS N 400 -48.00 -34.39 -25.20
C HIS N 400 -49.12 -33.51 -24.63
N ALA N 401 -49.54 -32.52 -25.41
CA ALA N 401 -50.63 -31.64 -25.02
C ALA N 401 -51.98 -32.34 -25.11
N THR N 402 -52.15 -33.17 -26.13
CA THR N 402 -53.36 -33.94 -26.34
C THR N 402 -53.53 -35.02 -25.27
N ARG N 403 -52.42 -35.63 -24.87
CA ARG N 403 -52.41 -36.60 -23.77
C ARG N 403 -52.99 -36.02 -22.49
N ALA N 404 -52.55 -34.81 -22.15
CA ALA N 404 -53.00 -34.11 -20.96
C ALA N 404 -54.42 -33.59 -21.12
N ALA N 405 -54.82 -33.35 -22.37
CA ALA N 405 -56.18 -32.88 -22.68
C ALA N 405 -57.23 -33.97 -22.46
N VAL N 406 -56.79 -35.22 -22.50
CA VAL N 406 -57.68 -36.36 -22.29
C VAL N 406 -57.77 -36.73 -20.81
N GLU N 407 -56.62 -36.72 -20.12
CA GLU N 407 -56.53 -37.17 -18.73
C GLU N 407 -57.28 -36.27 -17.75
N GLU N 408 -57.08 -34.96 -17.87
CA GLU N 408 -57.69 -34.00 -16.94
C GLU N 408 -58.52 -32.93 -17.62
N GLY N 409 -58.27 -32.71 -18.91
CA GLY N 409 -59.03 -31.73 -19.69
C GLY N 409 -58.24 -30.48 -20.00
N VAL N 410 -58.94 -29.45 -20.47
CA VAL N 410 -58.31 -28.17 -20.82
C VAL N 410 -59.02 -26.99 -20.17
N VAL N 411 -58.24 -26.11 -19.54
CA VAL N 411 -58.78 -24.89 -18.96
C VAL N 411 -58.50 -23.70 -19.86
N ALA N 412 -59.02 -22.53 -19.47
CA ALA N 412 -58.84 -21.32 -20.25
C ALA N 412 -57.41 -20.83 -20.13
N GLY N 413 -56.76 -20.61 -21.27
CA GLY N 413 -55.36 -20.19 -21.31
C GLY N 413 -55.10 -18.74 -20.90
N GLY N 414 -53.91 -18.24 -21.22
CA GLY N 414 -53.52 -16.84 -20.94
C GLY N 414 -53.32 -16.55 -19.47
N GLY N 415 -53.22 -17.62 -18.69
CA GLY N 415 -53.06 -17.53 -17.24
C GLY N 415 -54.32 -17.06 -16.55
N VAL N 416 -55.43 -17.10 -17.27
CA VAL N 416 -56.71 -16.62 -16.74
C VAL N 416 -57.35 -17.68 -15.84
N ALA N 417 -57.00 -18.93 -16.08
CA ALA N 417 -57.55 -20.04 -15.29
C ALA N 417 -57.22 -19.84 -13.82
N LEU N 418 -55.97 -19.50 -13.54
CA LEU N 418 -55.52 -19.28 -12.18
C LEU N 418 -56.10 -17.99 -11.60
N ILE N 419 -56.15 -16.95 -12.41
CA ILE N 419 -56.66 -15.65 -11.95
C ILE N 419 -58.17 -15.70 -11.71
N ARG N 420 -58.83 -16.65 -12.36
CA ARG N 420 -60.27 -16.90 -12.17
C ARG N 420 -60.48 -17.66 -10.86
N VAL N 421 -59.57 -18.59 -10.57
CA VAL N 421 -59.59 -19.34 -9.33
C VAL N 421 -59.33 -18.40 -8.16
N ALA N 422 -58.46 -17.43 -8.38
CA ALA N 422 -58.09 -16.46 -7.34
C ALA N 422 -59.29 -15.69 -6.79
N SER N 423 -60.17 -15.22 -7.68
CA SER N 423 -61.33 -14.44 -7.26
C SER N 423 -62.38 -15.31 -6.58
N LYS N 424 -62.35 -16.62 -6.88
CA LYS N 424 -63.33 -17.58 -6.35
C LYS N 424 -62.92 -18.17 -5.00
N LEU N 425 -61.71 -17.85 -4.55
CA LEU N 425 -61.21 -18.32 -3.26
C LEU N 425 -60.92 -17.16 -2.30
N ALA N 426 -61.53 -16.00 -2.57
CA ALA N 426 -61.32 -14.81 -1.75
C ALA N 426 -61.90 -14.92 -0.34
N ASP N 427 -62.87 -15.81 -0.18
CA ASP N 427 -63.53 -16.06 1.09
C ASP N 427 -62.83 -17.15 1.93
N LEU N 428 -61.79 -17.75 1.37
CA LEU N 428 -61.08 -18.84 2.03
C LEU N 428 -60.25 -18.32 3.20
N ARG N 429 -60.39 -18.98 4.34
CA ARG N 429 -59.68 -18.61 5.57
C ARG N 429 -59.02 -19.83 6.21
N GLY N 430 -58.04 -19.58 7.07
CA GLY N 430 -57.31 -20.64 7.77
C GLY N 430 -57.77 -20.80 9.21
N GLN N 431 -56.81 -21.00 10.11
CA GLN N 431 -57.12 -21.18 11.54
C GLN N 431 -56.71 -19.97 12.38
N ASN N 432 -55.58 -19.37 12.03
CA ASN N 432 -55.14 -18.13 12.67
C ASN N 432 -54.74 -17.09 11.63
N GLU N 433 -54.43 -15.88 12.10
CA GLU N 433 -54.07 -14.76 11.22
C GLU N 433 -52.90 -15.08 10.29
N ASP N 434 -51.92 -15.80 10.82
CA ASP N 434 -50.73 -16.17 10.05
C ASP N 434 -51.06 -17.10 8.89
N GLN N 435 -52.01 -18.00 9.10
CA GLN N 435 -52.47 -18.89 8.02
C GLN N 435 -53.26 -18.12 6.97
N ASN N 436 -54.02 -17.11 7.43
CA ASN N 436 -54.84 -16.27 6.56
C ASN N 436 -54.02 -15.50 5.54
N VAL N 437 -52.84 -15.05 5.95
CA VAL N 437 -51.91 -14.35 5.06
C VAL N 437 -51.28 -15.34 4.09
N GLY N 438 -51.01 -16.55 4.57
CA GLY N 438 -50.49 -17.62 3.74
C GLY N 438 -51.35 -17.93 2.52
N ILE N 439 -52.66 -17.85 2.70
CA ILE N 439 -53.61 -18.02 1.61
C ILE N 439 -53.54 -16.85 0.63
N LYS N 440 -53.57 -15.62 1.16
CA LYS N 440 -53.51 -14.40 0.34
C LYS N 440 -52.21 -14.26 -0.44
N VAL N 441 -51.15 -14.86 0.08
CA VAL N 441 -49.87 -14.94 -0.63
C VAL N 441 -50.03 -15.82 -1.86
N ALA N 442 -50.68 -16.98 -1.68
CA ALA N 442 -50.89 -17.91 -2.78
C ALA N 442 -51.84 -17.37 -3.84
N LEU N 443 -52.85 -16.62 -3.41
CA LEU N 443 -53.84 -16.06 -4.34
C LEU N 443 -53.29 -14.91 -5.17
N ARG N 444 -52.40 -14.13 -4.57
CA ARG N 444 -51.73 -13.04 -5.29
C ARG N 444 -50.58 -13.57 -6.16
N ALA N 445 -50.21 -14.82 -5.93
CA ALA N 445 -49.19 -15.48 -6.74
C ALA N 445 -49.79 -16.01 -8.03
N MET N 446 -51.09 -16.31 -7.98
CA MET N 446 -51.80 -16.85 -9.14
C MET N 446 -52.03 -15.79 -10.21
N GLU N 447 -51.93 -14.52 -9.82
CA GLU N 447 -52.06 -13.42 -10.75
C GLU N 447 -50.80 -13.24 -11.59
N ALA N 448 -49.66 -13.68 -11.06
CA ALA N 448 -48.35 -13.41 -11.67
C ALA N 448 -48.13 -13.96 -13.08
N PRO N 449 -48.55 -15.21 -13.36
CA PRO N 449 -48.40 -15.72 -14.71
C PRO N 449 -49.00 -14.81 -15.78
N LEU N 450 -50.25 -14.40 -15.58
CA LEU N 450 -50.89 -13.47 -16.51
C LEU N 450 -50.13 -12.14 -16.56
N ARG N 451 -49.85 -11.59 -15.40
CA ARG N 451 -49.13 -10.31 -15.28
C ARG N 451 -47.77 -10.32 -15.99
N GLN N 452 -47.12 -11.47 -16.01
CA GLN N 452 -45.81 -11.63 -16.67
C GLN N 452 -45.96 -11.66 -18.20
N ILE N 453 -47.03 -12.27 -18.69
CA ILE N 453 -47.27 -12.33 -20.13
C ILE N 453 -47.56 -10.95 -20.67
N VAL N 454 -48.35 -10.19 -19.92
CA VAL N 454 -48.67 -8.80 -20.28
C VAL N 454 -47.43 -7.90 -20.26
N LEU N 455 -46.52 -8.18 -19.32
CA LEU N 455 -45.28 -7.41 -19.19
C LEU N 455 -44.41 -7.57 -20.44
N ASN N 456 -44.36 -8.79 -20.96
CA ASN N 456 -43.62 -9.09 -22.18
C ASN N 456 -44.27 -8.47 -23.41
N CYS N 457 -45.59 -8.30 -23.34
CA CYS N 457 -46.37 -7.70 -24.43
C CYS N 457 -46.25 -6.18 -24.45
N GLY N 458 -45.55 -5.63 -23.46
CA GLY N 458 -45.30 -4.18 -23.37
C GLY N 458 -46.39 -3.38 -22.68
N GLU N 459 -47.60 -3.95 -22.58
CA GLU N 459 -48.72 -3.32 -21.88
C GLU N 459 -48.56 -3.42 -20.37
N GLU N 460 -49.20 -2.49 -19.64
CA GLU N 460 -49.14 -2.47 -18.17
C GLU N 460 -49.93 -3.63 -17.58
N PRO N 461 -49.26 -4.52 -16.83
CA PRO N 461 -49.89 -5.74 -16.30
C PRO N 461 -51.03 -5.43 -15.34
N SER N 462 -50.86 -4.39 -14.54
CA SER N 462 -51.85 -3.96 -13.56
C SER N 462 -53.20 -3.61 -14.20
N VAL N 463 -53.16 -2.93 -15.34
CA VAL N 463 -54.36 -2.53 -16.07
C VAL N 463 -55.09 -3.74 -16.66
N VAL N 464 -54.34 -4.63 -17.30
CA VAL N 464 -54.90 -5.80 -17.96
C VAL N 464 -55.49 -6.80 -16.96
N ALA N 465 -54.74 -7.10 -15.91
CA ALA N 465 -55.19 -8.00 -14.85
C ALA N 465 -56.46 -7.48 -14.15
N ASN N 466 -56.54 -6.16 -13.98
CA ASN N 466 -57.71 -5.53 -13.41
C ASN N 466 -58.95 -5.65 -14.31
N THR N 467 -58.73 -5.66 -15.62
CA THR N 467 -59.82 -5.78 -16.59
C THR N 467 -60.33 -7.23 -16.69
N VAL N 468 -59.40 -8.18 -16.61
CA VAL N 468 -59.76 -9.60 -16.66
C VAL N 468 -60.55 -10.03 -15.42
N LYS N 469 -60.19 -9.46 -14.26
CA LYS N 469 -60.89 -9.77 -13.01
C LYS N 469 -62.32 -9.22 -12.96
N GLY N 470 -62.54 -8.07 -13.61
CA GLY N 470 -63.86 -7.44 -13.68
C GLY N 470 -64.88 -8.25 -14.46
N GLY N 471 -64.45 -8.75 -15.62
CA GLY N 471 -65.25 -9.69 -16.42
C GLY N 471 -65.18 -11.09 -15.83
N ASP N 472 -66.13 -11.94 -16.24
CA ASP N 472 -66.24 -13.28 -15.67
C ASP N 472 -66.13 -14.37 -16.73
N GLY N 473 -65.79 -15.58 -16.27
CA GLY N 473 -65.73 -16.74 -17.12
C GLY N 473 -64.40 -16.96 -17.80
N ASN N 474 -64.46 -17.32 -19.08
CA ASN N 474 -63.26 -17.62 -19.89
C ASN N 474 -62.80 -16.39 -20.67
N TYR N 475 -63.13 -15.22 -20.13
CA TYR N 475 -62.79 -13.94 -20.72
C TYR N 475 -61.39 -13.56 -20.30
N GLY N 476 -60.51 -13.36 -21.27
CA GLY N 476 -59.12 -13.04 -20.98
C GLY N 476 -58.43 -12.15 -21.99
N TYR N 477 -57.10 -12.08 -21.90
CA TYR N 477 -56.32 -11.23 -22.78
C TYR N 477 -55.48 -12.04 -23.73
N ASN N 478 -55.64 -11.75 -25.02
CA ASN N 478 -54.80 -12.32 -26.07
C ASN N 478 -53.60 -11.42 -26.32
N ALA N 479 -52.42 -11.88 -25.89
CA ALA N 479 -51.19 -11.10 -26.01
C ALA N 479 -50.67 -11.01 -27.45
N ALA N 480 -50.97 -12.03 -28.25
CA ALA N 480 -50.54 -12.05 -29.67
C ALA N 480 -51.23 -10.98 -30.50
N THR N 481 -52.53 -10.80 -30.28
CA THR N 481 -53.33 -9.87 -31.08
C THR N 481 -53.65 -8.57 -30.34
N GLU N 482 -53.29 -8.51 -29.04
CA GLU N 482 -53.58 -7.37 -28.17
C GLU N 482 -55.09 -7.11 -28.07
N GLU N 483 -55.87 -8.18 -28.15
CA GLU N 483 -57.34 -8.13 -28.12
C GLU N 483 -57.89 -8.93 -26.92
N TYR N 484 -58.96 -8.43 -26.33
CA TYR N 484 -59.67 -9.18 -25.29
C TYR N 484 -60.70 -10.10 -25.94
N GLY N 485 -61.19 -11.07 -25.17
CA GLY N 485 -62.27 -11.94 -25.63
C GLY N 485 -62.29 -13.31 -24.99
N ASN N 486 -63.17 -14.18 -25.49
CA ASN N 486 -63.25 -15.55 -25.02
C ASN N 486 -62.03 -16.33 -25.45
N MET N 487 -61.33 -16.89 -24.47
CA MET N 487 -60.06 -17.58 -24.73
C MET N 487 -60.27 -18.89 -25.50
N ILE N 488 -61.28 -19.65 -25.10
CA ILE N 488 -61.57 -20.93 -25.76
C ILE N 488 -61.90 -20.71 -27.23
N ASP N 489 -62.70 -19.68 -27.52
CA ASP N 489 -63.08 -19.33 -28.90
C ASP N 489 -61.89 -18.85 -29.72
N MET N 490 -60.89 -18.28 -29.05
CA MET N 490 -59.68 -17.77 -29.70
C MET N 490 -58.58 -18.83 -29.82
N GLY N 491 -58.85 -20.03 -29.32
CA GLY N 491 -57.91 -21.14 -29.43
C GLY N 491 -56.78 -21.10 -28.42
N ILE N 492 -56.84 -20.16 -27.49
CA ILE N 492 -55.87 -20.05 -26.40
C ILE N 492 -56.30 -20.90 -25.21
N LEU N 493 -55.64 -22.04 -25.03
CA LEU N 493 -56.00 -22.94 -23.94
C LEU N 493 -54.82 -23.74 -23.43
N ASP N 494 -54.88 -24.06 -22.14
CA ASP N 494 -53.86 -24.85 -21.49
C ASP N 494 -54.46 -26.12 -20.93
N PRO N 495 -53.79 -27.27 -21.14
CA PRO N 495 -54.26 -28.51 -20.54
C PRO N 495 -54.33 -28.37 -19.03
N THR N 496 -55.44 -28.78 -18.43
CA THR N 496 -55.64 -28.64 -16.99
C THR N 496 -54.48 -29.25 -16.20
N LYS N 497 -53.99 -30.40 -16.68
CA LYS N 497 -52.90 -31.13 -16.05
C LYS N 497 -51.64 -30.28 -15.87
N VAL N 498 -51.28 -29.53 -16.91
CA VAL N 498 -50.07 -28.71 -16.86
C VAL N 498 -50.19 -27.54 -15.87
N THR N 499 -51.37 -26.94 -15.80
CA THR N 499 -51.59 -25.84 -14.86
C THR N 499 -51.65 -26.35 -13.42
N ARG N 500 -52.21 -27.53 -13.24
CA ARG N 500 -52.27 -28.18 -11.93
C ARG N 500 -50.85 -28.52 -11.45
N SER N 501 -50.05 -29.06 -12.36
CA SER N 501 -48.66 -29.40 -12.05
C SER N 501 -47.86 -28.13 -11.75
N ALA N 502 -48.02 -27.12 -12.59
CA ALA N 502 -47.28 -25.89 -12.40
C ALA N 502 -47.55 -25.24 -11.06
N LEU N 503 -48.80 -25.31 -10.59
CA LEU N 503 -49.14 -24.68 -9.32
C LEU N 503 -48.67 -25.52 -8.14
N GLN N 504 -48.96 -26.82 -8.17
CA GLN N 504 -48.66 -27.70 -7.05
C GLN N 504 -47.17 -27.77 -6.75
N TYR N 505 -46.37 -27.97 -7.79
CA TYR N 505 -44.94 -28.09 -7.64
C TYR N 505 -44.34 -26.79 -7.12
N ALA N 506 -44.76 -25.67 -7.69
CA ALA N 506 -44.26 -24.34 -7.28
C ALA N 506 -44.59 -24.02 -5.83
N ALA N 507 -45.72 -24.50 -5.34
CA ALA N 507 -46.10 -24.34 -3.95
C ALA N 507 -45.29 -25.29 -3.05
N SER N 508 -45.03 -26.50 -3.54
CA SER N 508 -44.30 -27.51 -2.78
C SER N 508 -42.92 -27.00 -2.36
N VAL N 509 -42.19 -26.43 -3.32
CA VAL N 509 -40.85 -25.92 -3.06
C VAL N 509 -40.89 -24.64 -2.21
N ALA N 510 -41.80 -23.74 -2.52
CA ALA N 510 -41.92 -22.50 -1.77
C ALA N 510 -42.21 -22.80 -0.30
N GLY N 511 -43.02 -23.82 -0.07
CA GLY N 511 -43.36 -24.26 1.28
C GLY N 511 -42.13 -24.73 2.03
N LEU N 512 -41.28 -25.50 1.36
CA LEU N 512 -40.04 -25.96 1.96
C LEU N 512 -39.07 -24.82 2.19
N MET N 513 -39.04 -23.86 1.27
CA MET N 513 -38.10 -22.75 1.35
C MET N 513 -38.49 -21.71 2.38
N ILE N 514 -39.78 -21.57 2.62
CA ILE N 514 -40.26 -20.62 3.63
C ILE N 514 -39.93 -21.13 5.04
N THR N 515 -39.92 -22.45 5.20
CA THR N 515 -39.64 -23.07 6.49
C THR N 515 -38.15 -23.31 6.70
N THR N 516 -37.31 -22.66 5.90
CA THR N 516 -35.85 -22.80 6.03
C THR N 516 -35.26 -21.79 7.03
N GLU N 517 -34.48 -22.33 7.97
CA GLU N 517 -33.82 -21.52 8.99
C GLU N 517 -32.30 -21.63 8.95
N CYS N 518 -31.78 -22.74 8.45
CA CYS N 518 -30.35 -22.96 8.44
C CYS N 518 -29.85 -23.53 7.13
N MET N 519 -28.74 -22.99 6.64
CA MET N 519 -28.14 -23.47 5.41
C MET N 519 -26.68 -23.85 5.60
N VAL N 520 -26.33 -25.02 5.10
CA VAL N 520 -24.97 -25.56 5.22
C VAL N 520 -24.39 -25.89 3.85
N THR N 521 -23.29 -25.21 3.50
CA THR N 521 -22.62 -25.41 2.22
C THR N 521 -21.10 -25.39 2.36
N ASP N 522 -20.42 -25.78 1.28
CA ASP N 522 -18.96 -25.78 1.22
C ASP N 522 -18.36 -24.38 1.25
N LEU N 523 -17.15 -24.28 1.79
CA LEU N 523 -16.46 -23.01 1.97
C LEU N 523 -15.82 -22.53 0.65
N PRO N 524 -16.00 -21.25 0.30
CA PRO N 524 -15.39 -20.68 -0.92
C PRO N 524 -13.86 -20.67 -0.87
PG AGS O . -2.45 7.52 52.52
S1G AGS O . -3.28 9.31 52.18
O2G AGS O . -2.14 7.52 53.96
O3G AGS O . -1.37 7.34 51.52
PB AGS O . -3.74 5.03 53.00
O1B AGS O . -3.88 5.31 54.44
O2B AGS O . -4.79 4.24 52.33
O3B AGS O . -3.62 6.45 52.20
PA AGS O . -1.18 4.03 53.81
O1A AGS O . 0.12 3.97 53.12
O2A AGS O . -1.36 4.97 54.93
O3A AGS O . -2.33 4.29 52.70
O5' AGS O . -1.53 2.56 54.28
C5' AGS O . -2.31 2.37 55.45
C4' AGS O . -2.22 0.93 55.98
O4' AGS O . -0.90 0.63 56.43
C3' AGS O . -3.06 0.90 57.25
O3' AGS O . -4.29 0.23 56.98
C2' AGS O . -2.21 0.11 58.25
O2' AGS O . -2.98 -1.00 58.71
C1' AGS O . -1.06 -0.41 57.40
N9 AGS O . 0.19 -0.54 58.17
C8 AGS O . 0.86 0.43 58.80
N7 AGS O . 1.95 -0.07 59.37
C5 AGS O . 1.98 -1.37 59.09
C6 AGS O . 2.87 -2.39 59.39
N6 AGS O . 3.95 -2.17 60.13
N1 AGS O . 2.60 -3.63 58.96
C2 AGS O . 1.53 -3.88 58.22
N3 AGS O . 0.67 -2.91 57.90
C4 AGS O . 0.87 -1.66 58.33
TL TL P . -4.90 42.76 59.58
TL TL Q . 10.34 -9.61 52.60
TL TL R . 0.30 4.63 50.16
MG MG S . -2.62 6.52 55.88
TL TL T . -16.30 0.09 71.52
PG AGS U . 33.88 17.08 36.80
S1G AGS U . 32.58 18.50 37.18
O2G AGS U . 35.14 17.53 37.44
O3G AGS U . 33.88 16.80 35.34
PB AGS U . 34.25 14.65 38.23
O1B AGS U . 35.12 15.29 39.23
O2B AGS U . 33.37 13.56 38.67
O3B AGS U . 33.29 15.80 37.58
PA AGS U . 36.71 14.36 36.73
O1A AGS U . 36.97 14.33 35.28
O2A AGS U . 37.15 15.54 37.51
O3A AGS U . 35.11 14.12 36.96
O5' AGS U . 37.32 13.02 37.37
C5' AGS U . 37.76 13.03 38.73
C4' AGS U . 38.66 11.83 39.04
O4' AGS U . 39.87 11.89 38.28
C3' AGS U . 39.12 12.04 40.48
O3' AGS U . 38.41 11.12 41.32
C2' AGS U . 40.59 11.70 40.47
O2' AGS U . 40.83 10.66 41.42
C1' AGS U . 40.82 11.16 39.07
N9 AGS U . 42.18 11.44 38.56
C8 AGS U . 42.74 12.64 38.38
N7 AGS U . 43.97 12.49 37.90
C5 AGS U . 44.20 11.19 37.76
C6 AGS U . 45.27 10.45 37.31
N6 AGS U . 46.38 11.05 36.89
N1 AGS U . 45.18 9.11 37.29
C2 AGS U . 44.08 8.50 37.70
N3 AGS U . 43.04 9.18 38.13
C4 AGS U . 43.06 10.52 38.17
TL TL V . 46.84 3.59 27.15
TL TL W . 34.25 14.73 33.63
TL TL X . 25.29 51.64 46.23
MG MG Y . 36.54 16.94 39.02
TL TL Z . 40.98 10.55 59.79
PG AGS AA . 42.61 32.51 0.93
S1G AGS AA . 41.67 33.64 2.33
O2G AGS AA . 43.79 33.32 0.54
O3G AGS AA . 41.61 32.09 -0.08
PB AGS AA . 44.45 30.41 1.37
O1B AGS AA . 45.58 31.33 1.50
O2B AGS AA . 44.45 29.17 2.15
O3B AGS AA . 43.10 31.19 1.75
PA AGS AA . 45.03 30.59 -1.44
O1A AGS AA . 44.17 30.49 -2.64
O2A AGS AA . 45.61 31.91 -1.07
O3A AGS AA . 44.22 29.98 -0.18
O5' AGS AA . 46.21 29.50 -1.62
C5' AGS AA . 47.49 29.75 -1.02
C4' AGS AA . 48.59 28.86 -1.60
O4' AGS AA . 48.83 29.16 -2.97
C3' AGS AA . 49.87 29.29 -0.90
O3' AGS AA . 50.23 28.29 0.06
C2' AGS AA . 50.92 29.35 -2.02
O2' AGS AA . 52.00 28.51 -1.68
C1' AGS AA . 50.18 28.75 -3.19
N9 AGS AA . 50.63 29.32 -4.48
C8 AGS AA . 50.58 30.60 -4.85
N7 AGS AA . 51.05 30.74 -6.09
C5 AGS AA . 51.41 29.53 -6.51
C6 AGS AA . 51.95 29.03 -7.68
N6 AGS AA . 52.24 29.86 -8.69
N1 AGS AA . 52.20 27.72 -7.80
C2 AGS AA . 51.92 26.88 -6.79
N3 AGS AA . 51.41 27.33 -5.66
C4 AGS AA . 51.14 28.63 -5.49
TL TL BA . 47.83 22.11 -16.07
TL TL CA . 41.13 29.69 -2.19
TL TL DA . 31.70 64.30 14.40
MG MG EA . 45.89 33.30 0.35
PG AGS FA . 17.01 41.03 -29.78
S1G AGS FA . 17.03 42.09 -28.12
O2G AGS FA . 17.11 42.02 -30.87
O3G AGS FA . 15.86 40.09 -29.73
PB AGS FA . 19.19 39.71 -31.06
O1B AGS FA . 19.62 40.94 -31.76
O2B AGS FA . 20.21 38.75 -30.61
O3B AGS FA . 18.37 40.15 -29.72
PA AGS FA . 17.45 39.36 -33.33
O1A AGS FA . 16.13 38.73 -33.47
O2A AGS FA . 17.56 40.84 -33.42
O3A AGS FA . 18.10 38.87 -31.93
O5' AGS FA . 18.43 38.70 -34.39
C5' AGS FA . 19.52 39.45 -34.94
C4' AGS FA . 20.08 38.81 -36.21
O4' AGS FA . 19.13 38.81 -37.27
C3' AGS FA . 21.17 39.76 -36.68
O3' AGS FA . 22.43 39.18 -36.39
C2' AGS FA . 20.96 39.85 -38.19
O2' AGS FA . 22.16 39.46 -38.84
C1' AGS FA . 19.92 38.78 -38.46
N9 AGS FA . 19.04 39.13 -39.60
C8 AGS FA . 18.26 40.20 -39.72
N7 AGS FA . 17.62 40.15 -40.89
C5 AGS FA . 17.97 39.04 -41.50
C6 AGS FA . 17.65 38.46 -42.71
N6 AGS FA . 16.78 39.06 -43.54
N1 AGS FA . 18.20 37.30 -43.06
C2 AGS FA . 19.07 36.70 -42.25
N3 AGS FA . 19.41 37.23 -41.08
C4 AGS FA . 18.87 38.39 -40.69
TL TL GA . 9.91 70.95 -11.24
TL TL HA . 11.44 28.21 -45.70
TL TL IA . 14.72 37.74 -31.06
MG MG JA . 18.26 42.47 -32.53
TL TL KA . 37.71 49.09 -40.18
PG AGS LA . -23.61 37.12 -30.78
S1G AGS LA . -22.81 38.49 -29.61
O2G AGS LA . -24.62 37.84 -31.57
O3G AGS LA . -24.03 35.95 -29.96
PB AGS LA . -22.59 36.18 -33.27
O1B AGS LA . -23.20 37.30 -34.00
O2B AGS LA . -21.30 35.66 -33.72
O3B AGS LA . -22.37 36.65 -31.72
PA AGS LA . -25.15 34.92 -33.64
O1A AGS LA . -25.90 33.95 -32.81
O2A AGS LA . -25.65 36.31 -33.72
O3A AGS LA . -23.60 34.92 -33.13
O5' AGS LA . -25.01 34.31 -35.10
C5' AGS LA . -24.93 35.19 -36.23
C4' AGS LA . -25.20 34.46 -37.54
O4' AGS LA . -26.54 33.98 -37.60
C3' AGS LA . -25.14 35.55 -38.61
O3' AGS LA . -23.92 35.42 -39.32
C2' AGS LA . -26.33 35.24 -39.52
O2' AGS LA . -25.87 35.07 -40.85
C1' AGS LA . -26.83 33.90 -38.99
N9 AGS LA . -28.30 33.75 -39.16
C8 AGS LA . -29.25 34.53 -38.64
N7 AGS LA . -30.45 34.07 -39.01
C5 AGS LA . -30.26 32.99 -39.75
C6 AGS LA . -31.11 32.10 -40.39
N6 AGS LA . -32.42 32.25 -40.32
N1 AGS LA . -30.58 31.08 -41.08
C2 AGS LA . -29.26 30.91 -41.16
N3 AGS LA . -28.43 31.74 -40.56
C4 AGS LA . -28.89 32.78 -39.85
TL TL MA . -34.14 20.50 -38.37
TL TL NA . -24.17 32.78 -30.13
TL TL OA . -24.08 67.99 -12.12
MG MG PA . -25.16 38.35 -33.65
PG AGS QA . -48.13 23.00 -2.07
S1G AGS QA . -47.19 24.75 -1.79
O2G AGS QA . -49.54 23.28 -1.76
O3G AGS QA . -47.41 21.94 -1.32
PB AGS QA . -49.10 21.93 -4.52
O1B AGS QA . -50.36 22.70 -4.44
O2B AGS QA . -48.50 21.66 -5.83
O3B AGS QA . -47.96 22.71 -3.66
PA AGS QA . -50.54 20.02 -2.90
O1A AGS QA . -50.07 19.05 -1.88
O2A AGS QA . -51.32 21.20 -2.46
O3A AGS QA . -49.25 20.50 -3.76
O5' AGS QA . -51.36 19.19 -3.98
C5' AGS QA . -52.41 19.83 -4.70
C4' AGS QA . -53.34 18.84 -5.40
O4' AGS QA . -54.04 18.03 -4.46
C3' AGS QA . -54.41 19.69 -6.06
O3' AGS QA . -54.17 19.71 -7.47
C2' AGS QA . -55.71 18.93 -5.76
O2' AGS QA . -56.35 18.64 -7.00
C1' AGS QA . -55.22 17.64 -5.15
N9 AGS QA . -56.17 17.09 -4.16
C8 AGS QA . -56.59 17.70 -3.04
N7 AGS QA . -57.44 16.89 -2.39
C5 AGS QA . -57.54 15.77 -3.10
C6 AGS QA . -58.26 14.59 -2.95
N6 AGS QA . -59.05 14.43 -1.89
N1 AGS QA . -58.15 13.63 -3.87
C2 AGS QA . -57.37 13.79 -4.93
N3 AGS QA . -56.68 14.90 -5.11
C4 AGS QA . -56.75 15.90 -4.22
TL TL RA . -44.51 55.46 13.27
TL TL SA . -54.69 3.21 0.00
TL TL TA . -47.07 19.24 -1.10
MG MG UA . -51.40 23.28 -2.66
TL TL VA . -66.82 25.39 -21.84
PG AGS WA . -39.15 9.74 35.29
S1G AGS WA . -38.98 11.70 34.86
O2G AGS WA . -39.98 9.67 36.52
O3G AGS WA . -37.79 9.16 35.28
PB AGS WA . -40.99 7.86 34.20
O1B AGS WA . -42.04 8.22 35.17
O2B AGS WA . -41.38 7.46 32.84
O3B AGS WA . -39.98 9.12 34.02
PA AGS WA . -40.10 6.08 36.30
O1A AGS WA . -38.76 5.56 36.67
O2A AGS WA . -40.78 7.05 37.20
O3A AGS WA . -40.03 6.67 34.80
O5' AGS WA . -41.05 4.81 36.08
C5' AGS WA . -42.45 4.93 36.34
C4' AGS WA . -43.13 3.56 36.47
O4' AGS WA . -42.66 2.85 37.63
C3' AGS WA . -44.59 3.88 36.79
O3' AGS WA . -45.39 3.63 35.64
C2' AGS WA . -44.94 2.88 37.90
O2' AGS WA . -46.07 2.13 37.49
C1' AGS WA . -43.72 1.97 37.96
N9 AGS WA . -43.48 1.45 39.30
C8 AGS WA . -43.24 2.16 40.41
N7 AGS WA . -43.05 1.33 41.43
C5 AGS WA . -43.18 0.09 40.98
C6 AGS WA . -43.08 -1.17 41.57
N6 AGS WA . -42.83 -1.29 42.87
N1 AGS WA . -43.27 -2.25 40.81
C2 AGS WA . -43.52 -2.14 39.51
N3 AGS WA . -43.61 -0.96 38.92
C4 AGS WA . -43.44 0.16 39.63
TL TL XA . -37.24 45.18 44.77
TL TL YA . -35.01 -10.52 40.08
TL TL ZA . -36.20 6.54 34.76
MG MG AB . -41.80 8.93 37.36
PG AGS BB . -15.97 -9.97 -49.65
S1G AGS BB . -15.92 -11.87 -49.15
O2G AGS BB . -16.01 -9.97 -51.13
O3G AGS BB . -14.88 -9.26 -48.95
PB AGS BB . -18.27 -8.29 -49.82
O1B AGS BB . -18.61 -8.75 -51.18
O2B AGS BB . -19.36 -7.97 -48.89
O3B AGS BB . -17.39 -9.45 -49.07
PA AGS BB . -16.57 -6.40 -51.21
O1A AGS BB . -15.30 -5.75 -50.85
O2A AGS BB . -16.57 -7.43 -52.28
O3A AGS BB . -17.26 -7.01 -49.87
O5' AGS BB . -17.60 -5.23 -51.58
C5' AGS BB . -18.65 -5.49 -52.51
C4' AGS BB . -19.28 -4.20 -53.05
O4' AGS BB . -18.34 -3.45 -53.80
C3' AGS BB . -20.31 -4.66 -54.08
O3' AGS BB . -21.61 -4.51 -53.53
C2' AGS BB . -20.11 -3.69 -55.25
O2' AGS BB . -21.35 -3.04 -55.51
C1' AGS BB . -19.14 -2.67 -54.70
N9 AGS BB . -18.25 -2.11 -55.76
C8 AGS BB . -17.39 -2.77 -56.53
N7 AGS BB . -16.77 -1.92 -57.34
C5 AGS BB . -17.23 -0.70 -57.07
C6 AGS BB . -16.96 0.56 -57.57
N6 AGS BB . -16.07 0.73 -58.54
N1 AGS BB . -17.60 1.62 -57.07
C2 AGS BB . -18.50 1.47 -56.10
N3 AGS BB . -18.79 0.27 -55.60
C4 AGS BB . -18.17 -0.82 -56.06
TL TL CB . -10.57 10.31 -53.01
TL TL DB . -13.79 -6.72 -48.41
TL TL EB . -9.17 -45.04 -55.90
MG MG FB . -17.19 -9.37 -52.79
TL TL GB . -47.54 -3.93 -27.72
PG AGS HB . 23.95 -6.84 -46.95
S1G AGS HB . 23.13 -8.65 -47.00
O2G AGS HB . 24.98 -6.85 -48.01
O3G AGS HB . 24.36 -6.55 -45.55
PB AGS HB . 23.06 -4.48 -48.18
O1B AGS HB . 23.68 -4.82 -49.47
O2B AGS HB . 21.78 -3.73 -48.17
O3B AGS HB . 22.77 -5.84 -47.35
PA AGS HB . 25.63 -3.37 -47.57
O1A AGS HB . 26.37 -3.22 -46.31
O2A AGS HB . 26.11 -4.35 -48.59
O3A AGS HB . 24.09 -3.66 -47.22
O5' AGS HB . 25.55 -1.92 -48.24
C5' AGS HB . 25.50 -1.81 -49.67
C4' AGS HB . 25.81 -0.39 -50.14
O4' AGS HB . 27.17 -0.04 -49.86
C3' AGS HB . 25.75 -0.45 -51.67
O3' AGS HB . 24.53 0.19 -52.12
C2' AGS HB . 26.97 0.35 -52.12
O2' AGS HB . 26.54 1.41 -52.98
C1' AGS HB . 27.48 0.96 -50.83
N9 AGS HB . 28.95 1.15 -50.83
C8 AGS HB . 29.87 0.19 -50.98
N7 AGS HB . 31.09 0.74 -50.93
C5 AGS HB . 30.93 2.05 -50.74
C6 AGS HB . 31.81 3.11 -50.61
N6 AGS HB . 33.12 2.90 -50.65
N1 AGS HB . 31.32 4.34 -50.43
C2 AGS HB . 30.02 4.55 -50.38
N3 AGS HB . 29.15 3.56 -50.50
C4 AGS HB . 29.58 2.30 -50.68
TL TL IB . 25.50 -42.62 -53.73
TL TL JB . 34.77 10.05 -41.32
TL TL KB . 24.90 -4.24 -43.73
MG MG LB . 25.61 -5.82 -49.91
PG AGS MB . 48.21 -15.93 -15.35
S1G AGS MB . 47.29 -17.48 -16.31
O2G AGS MB . 49.65 -16.32 -15.27
O3G AGS MB . 47.46 -15.61 -14.11
PB AGS MB . 49.16 -13.52 -16.53
O1B AGS MB . 50.45 -14.14 -16.92
O2B AGS MB . 48.57 -12.49 -17.39
O3B AGS MB . 48.04 -14.68 -16.40
PA AGS MB . 50.53 -13.09 -14.00
O1A AGS MB . 50.04 -13.01 -12.62
O2A AGS MB . 51.35 -14.24 -14.43
O3A AGS MB . 49.26 -12.92 -15.01
O5' AGS MB . 51.35 -11.74 -14.30
C5' AGS MB . 52.43 -11.76 -15.23
C4' AGS MB . 53.32 -10.53 -15.10
O4' AGS MB . 54.00 -10.52 -13.85
C3' AGS MB . 54.43 -10.74 -16.11
O3' AGS MB . 54.21 -9.87 -17.23
C2' AGS MB . 55.70 -10.33 -15.38
O2' AGS MB . 56.35 -9.30 -16.12
C1' AGS MB . 55.16 -9.74 -14.09
N9 AGS MB . 56.10 -9.96 -12.95
C8 AGS MB . 56.53 -11.13 -12.47
N7 AGS MB . 57.35 -10.92 -11.44
C5 AGS MB . 57.43 -9.61 -11.26
C6 AGS MB . 58.11 -8.81 -10.36
N6 AGS MB . 58.89 -9.34 -9.43
N1 AGS MB . 57.98 -7.47 -10.44
C2 AGS MB . 57.21 -6.91 -11.37
N3 AGS MB . 56.55 -7.66 -12.25
C4 AGS MB . 56.63 -9.00 -12.21
TL TL NB . 46.10 -51.19 -26.81
TL TL OB . 54.64 -3.72 -1.00
TL TL PB . 46.76 -13.84 -12.47
MG MG QB . 51.50 -15.91 -16.05
PG AGS RB . 37.46 -31.37 20.40
S1G AGS RB . 37.14 -32.59 18.81
O2G AGS RB . 38.13 -32.23 21.41
O3G AGS RB . 36.19 -30.69 20.74
PB AGS RB . 39.64 -29.60 20.77
O1B AGS RB . 40.52 -30.65 21.30
O2B AGS RB . 40.24 -28.51 19.98
O3B AGS RB . 38.52 -30.27 19.83
PA AGS RB . 38.72 -29.41 23.51
O1A AGS RB . 37.41 -29.03 24.09
O2A AGS RB . 39.15 -30.83 23.59
O3A AGS RB . 38.76 -28.92 21.95
O5' AGS RB . 39.84 -28.47 24.16
C5' AGS RB . 41.18 -28.94 24.31
C4' AGS RB . 41.99 -28.09 25.27
O4' AGS RB . 41.46 -28.20 26.60
C3' AGS RB . 43.36 -28.78 25.36
O3' AGS RB . 44.31 -28.00 24.63
C2' AGS RB . 43.69 -28.76 26.85
O2' AGS RB . 44.94 -28.09 27.05
C1' AGS RB . 42.57 -27.91 27.45
N9 AGS RB . 42.23 -28.31 28.82
C8 AGS RB . 41.77 -29.50 29.23
N7 AGS RB . 41.57 -29.47 30.54
C5 AGS RB . 41.89 -28.26 30.98
C6 AGS RB . 41.89 -27.66 32.23
N6 AGS RB . 41.49 -28.33 33.31
N1 AGS RB . 42.28 -26.37 32.33
C2 AGS RB . 42.69 -25.69 31.27
N3 AGS RB . 42.70 -26.24 30.07
C4 AGS RB . 42.31 -27.52 29.89
TL TL SB . 33.87 -20.94 37.39
TL TL TB . 35.10 -28.88 22.11
TL TL UB . 36.43 -64.16 3.57
MG MG VB . 40.09 -32.46 22.33
PG AGS WB . 0.84 -41.02 34.00
S1G AGS WB . 1.59 -42.17 32.52
O2G AGS WB . 0.38 -41.98 35.03
O3G AGS WB . -0.13 -40.06 33.40
PB AGS WB . 2.26 -39.73 36.11
O1B AGS WB . 2.27 -40.95 36.94
O2B AGS WB . 3.41 -38.82 36.16
O3B AGS WB . 2.11 -40.17 34.55
PA AGS WB . -0.31 -39.29 37.36
O1A AGS WB . -1.54 -38.60 36.88
O2A AGS WB . -0.32 -40.77 37.52
O3A AGS WB . 0.93 -38.84 36.40
O5' AGS WB . 0.09 -38.61 38.74
C5' AGS WB . 0.78 -39.38 39.71
C4' AGS WB . 0.76 -38.72 41.08
O4' AGS WB . -0.58 -38.65 41.59
C3' AGS WB . 1.47 -39.68 42.03
O3' AGS WB . 2.78 -39.17 42.32
C2' AGS WB . 0.60 -39.71 43.29
O2' AGS WB . 1.38 -39.35 44.43
C1' AGS WB . -0.43 -38.61 43.02
N9 AGS WB . -1.74 -38.91 43.64
C8 AGS WB . -2.53 -39.97 43.41
N7 AGS WB . -3.63 -39.86 44.15
C5 AGS WB . -3.54 -38.74 44.86
C6 AGS WB . -4.37 -38.12 45.78
N6 AGS WB . -5.53 -38.67 46.13
N1 AGS WB . -3.97 -36.96 46.33
C2 AGS WB . -2.82 -36.40 46.00
N3 AGS WB . -2.01 -36.98 45.11
C4 AGS WB . -2.35 -38.14 44.53
TL TL XB . 4.42 -72.65 15.30
TL TL YB . -11.56 -29.77 44.58
TL TL ZB . -1.79 -37.54 34.13
MG MG AC . 0.65 -42.53 37.04
PG AGS BC . -34.57 -37.42 15.19
S1G AGS BC . -33.19 -38.66 14.63
O2G AGS BC . -35.83 -38.16 15.36
O3G AGS BC . -34.53 -36.25 14.29
PB AGS BC . -35.09 -36.59 17.80
O1B AGS BC . -36.06 -37.70 17.93
O2B AGS BC . -34.33 -36.14 18.99
O3B AGS BC . -34.03 -36.96 16.63
PA AGS BC . -37.40 -35.41 16.79
O1A AGS BC . -37.71 -34.41 15.74
O2A AGS BC . -37.75 -36.83 16.56
O3A AGS BC . -35.84 -35.31 17.16
O5' AGS BC . -38.10 -34.94 18.16
C5' AGS BC . -38.63 -35.91 19.06
C4' AGS BC . -39.59 -35.26 20.07
O4' AGS BC . -40.73 -34.73 19.38
C3' AGS BC . -40.17 -36.33 21.00
O3' AGS BC . -39.47 -36.33 22.23
C2' AGS BC . -41.61 -35.88 21.21
O2' AGS BC . -41.82 -35.60 22.60
C1' AGS BC . -41.72 -34.59 20.41
N9 AGS BC . -43.06 -34.49 19.79
C8 AGS BC . -43.55 -35.30 18.84
N7 AGS BC . -44.78 -34.92 18.53
C5 AGS BC . -45.09 -33.87 19.28
C6 AGS BC . -46.21 -33.06 19.38
N6 AGS BC . -47.29 -33.29 18.63
N1 AGS BC . -46.20 -32.04 20.25
C2 AGS BC . -45.13 -31.81 21.01
N3 AGS BC . -44.05 -32.56 20.92
C4 AGS BC . -44.00 -33.59 20.07
TL TL CC . -47.91 -20.85 16.73
TL TL DC . -35.57 -33.53 13.74
TL TL EC . -26.27 -69.37 -1.44
MG MG FC . -37.35 -38.93 16.77
PG AGS GC . -42.34 -24.00 -22.41
S1G AGS GC . -41.33 -25.79 -22.22
O2G AGS GC . -43.49 -24.29 -23.31
O3G AGS GC . -41.36 -22.95 -22.77
PB AGS GC . -44.28 -22.91 -20.61
O1B AGS GC . -45.39 -23.66 -21.22
O2B AGS GC . -44.32 -22.63 -19.17
O3B AGS GC . -42.89 -23.70 -20.90
PA AGS GC . -44.81 -20.99 -22.70
O1A AGS GC . -43.93 -20.04 -23.41
O2A AGS GC . -45.33 -22.18 -23.42
O3A AGS GC . -44.03 -21.49 -21.35
O5' AGS GC . -46.03 -20.16 -22.07
C5' AGS GC . -47.29 -20.80 -21.86
C4' AGS GC . -48.41 -19.79 -21.64
O4' AGS GC . -48.62 -18.98 -22.80
C3' AGS GC . -49.69 -20.62 -21.51
O3' AGS GC . -50.08 -20.67 -20.13
C2' AGS GC . -50.72 -19.84 -22.33
O2' AGS GC . -51.84 -19.53 -21.52
C1' AGS GC . -49.98 -18.55 -22.70
N9 AGS GC . -50.40 -18.02 -24.01
C8 AGS GC . -50.30 -18.61 -25.20
N7 AGS GC . -50.77 -17.80 -26.15
C5 AGS GC . -51.18 -16.69 -25.56
C6 AGS GC . -51.76 -15.51 -26.02
N6 AGS GC . -51.99 -15.34 -27.32
N1 AGS GC . -52.07 -14.55 -25.13
C2 AGS GC . -51.83 -14.71 -23.84
N3 AGS GC . -51.28 -15.82 -23.37
C4 AGS GC . -50.95 -16.82 -24.20
TL TL HC . -41.19 -19.83 -22.96
TL TL IC . -30.70 -56.27 -32.07
MG MG JC . -45.67 -24.22 -23.36
#